data_6TCZ
#
_entry.id   6TCZ
#
_cell.length_a   1.00
_cell.length_b   1.00
_cell.length_c   1.00
_cell.angle_alpha   90.00
_cell.angle_beta   90.00
_cell.angle_gamma   90.00
#
_symmetry.space_group_name_H-M   'P 1'
#
loop_
_entity.id
_entity.type
_entity.pdbx_description
1 polymer 'Proteasome subunit alpha type'
2 polymer 'Proteasome subunit alpha type'
3 polymer 'Proteasome subunit alpha type'
4 polymer 'Proteasome endopeptidase complex'
5 polymer 'Proteasome subunit alpha type'
6 polymer 'Proteasome subunit alpha type'
7 polymer 'Proteasome endopeptidase complex'
8 polymer 'Proteasome subunit beta'
9 polymer 'Proteasome subunit beta'
10 polymer 'Proteasome subunit beta'
11 polymer 'Proteasome subunit family protein'
12 polymer 'Proteasome subunit beta'
13 polymer 'Proteasome subunit beta'
14 polymer 'Proteasome subunit beta'
15 non-polymer ~{N}-[4-fluoranyl-3-[6-(3-methylpyridin-2-yl)-[1,2,4]triazolo[1,5-a]pyrimidin-2-yl]phenyl]-2,4-dimethyl-1,3-oxazole-5-carboxamide
#
loop_
_entity_poly.entity_id
_entity_poly.type
_entity_poly.pdbx_seq_one_letter_code
_entity_poly.pdbx_strand_id
1 'polypeptide(L)'
;MNRAGFDKYITVFSPEGSLYQVEYAFKAVTYPGLLTVAIRCKDAVLVVTQHLIPDRLMRPDSVTALYEVTPNIGCCMTGR
APDGRALVQRAREEASDYQYRYGVEIPIAVLAKRMGDKAQVRTQQAGLRPMGVVSTFIGMDQSDQDGSLKPQIYTVDPAG
WTGGHIACAAGKKQVEAMAFLEKRQKSTELDALTQKEAAMIALAALQSAIGTAVKAKEVEVGRCTAANPAFQRVPNSEVE
EWLTAVAEAD
;
A,a
2 'polypeptide(L)'
;MSEAFYGLTTFSPSGKLIQIEYATTAAGKGTTALGVKATDGVVIAAKKKAPSTLVDASSIQKVFVLDEHVGCTYSGMGPD
CRVLIDSARKNCQQYKLMYNEPIPISQLVRKISAIYQEFTQSGGVRPFGCSLLVAGVDANGYHLYQVDPSGTFWAWKATA
IGTGSPDAKAFLEKRYTVDMELEDAVHTALLTLKEGFDGQMTSENTQVGRVVENRFEILSVDQLRDYLDQI
;
B,b
3 'polypeptide(L)'
;MSHRYDSRTTTFSPEGRLYQVEYAVEAIQQAGTVIGVCTKDGVVLAGEKMVPHPLFDSESMQDKNTSGEKMYKIAEHIGC
SVAGVTSDAYALLNYARLSALRHQYTFQEPMAIEDLCRILCDEKQLYTQYGGVRPYGVSFLLVGWDRYYGYQLYSTEPSG
DYSAWSAYAIGQNDQVAHALLKKDWHESMTLEDGMLLALRVLGKTMDTAKIDLDRVEVAVMRKVPASNIDQLLDPFKHHP
KTTPRFQILTRSELKPHAERADQAREAEEKAEAERQRQQEQALES
;
C,c
4 'polypeptide(L)'
;MSYDRAITVFSPDGHLFQVEYAQEAVKKGLAAVGVLGSDSVVIAVEKKSAVKLQDSRTIRKIYKVDANIYLAFAGLSADA
RVLINKAQLECQRFSLNYEDTMDVDMLVRYVAGVQQKSTQSGGSRPFGVATVIGGFNEDGKPHLWKTDPSGMCSAWRAVA
IGRHDQTVIEYMEKSYKDGMSRDECVHFAIKSLLEVVESGSRNIELLVLQYKEARYLTEEELQKFVVEVEKEREEEAAAK
KKRQAEQE
;
D,d
5 'polypeptide(L)'
;MLLPRLFSFPVCWSRALSLVCVYHVSLSFPSNSRRLCATPLLPLPCLCKLPAGHSPRKRCLFSFLSCFLDLTYFCIISFL
HSVSCHLCFPLRRTRARHPIMFTSKSEYDRGVNTFSPEGRIFQIEYAVEAIKLGSTSLGIRTPEGVVLAAEKRVPSTLVV
PSSMSKIMEVDSHIAAVMSGMVADARILVEHARVESQNHRFTYNEPMSVESCTLATCDLSIQFGESGGRRKLMSRPFGVS
LLIAGVDEKGPQLWQTDPSGTHTRYDAQAIGGGAEAAQSVFTERYHRNMTLEEGETLAVDILKQVMEDQLSPENIEVAVV
RADDGKLHMYTPTEIKAIMSRMPE
;
E,e
6 'polypeptide(L)'
;MQSRKGEGWRDTGTDSLPPFSFCCSPAFSSPLAFGGEGADGCAYILTHVCRYACIAALTLHSEGAERHMRVCVCVRRCAY
NEMVLHQVVAFASLAPALHPLSPLPLPCMATTHACCGLRVRSFSLKKSEKKNQQRRLQAPDLSQKTRTRTQKEKQTLQIY
LRCVMFKNEYDSDITTWSPTGRLFQIEYANEAVNNGSATVGVKGKNFVVLAALKRSPVAELSSYQEKVFEIDEHVGMSIS
GLVADGRVLARYLRTECMNYRYMYSNGMPMNQMADMIGEKHQRHIQCSGKRPFGVGLLLAGYDRQGPHLYQTVPSGDVYD
YKATAMGVRSQASRTYLERHFEHFSDCTLDELVTHALKALASATSEGIELNVKNTTIAIVGKDTPFTIFEEESARKYLDG
FKMRPEDRVAVAEEDEEMLHEQPLDVEE
;
F,f
7 'polypeptide(L)'
;MAGTGSGHDQSTDVFSAEGRVFQVEYAGKAVDNSSTAVAACCKDGVVVAVEKVHTSRMLEKGSNNRIHAVDRQAGICICG
LLPDGRAIVSRARQEAENSRDIFATPIRGSVLANRVGEFMHAYTTHFAYRPFGCSAIIASYADDGPQLFVSDPSGTVAGY
YGVALGKAKTVAKSELEKLDFSSLTCDEAVGKLASILHEVHDKQKDKLYEVEVAWVCDKSDRKFVHVPADMVPAETSH
;
G,g
8 'polypeptide(L)'
;MLQRPDHTLLQEPAYPKDIAQKLTENGPAQAGKQLFQPDPAVIDPQLSKAVSLGTTILAVSYNGGVVLAADSRTSSGTYV
VNRASNKLTKLTKKIYCCRSGSAADTQALAERVSNYLGSYQTDIGAGVNVATAANLFQKMCYMNRWNISAGIIVAGYDPI
NGGSVYSIPSGGSCVKLDYALGGSGSIFLYSFFDANYKPGMSKSECVAFCQRAVAHAYSRDGSSGGLIRTITLDADEPED
QTIPWNRSPYCMEKDPKYVTQATQNQPFSSSAKITGNRMSSTG
;
H,h
9 'polypeptide(L)'
;MPGFNFENVQRNLNLEGEGYSAPRTLKTGTTIVGVVYRDGVVLGADTRATEGSIVADKRCRKIHYMAPNIMCCGAGTSAD
TEAVTNMVSSHLALHRLETGKQSRVLEALTLLKRHLYRYQGHVSAALVLGGVDVEGPFLATIAPHGSTDRLPFVTMGSGS
IAAMAQLEAAYKDNMTCEEAKELVASAIRKGIFNDPYSGTQVDVCVITKDKTELTIGYDKPNERMYPRQEVLLPPGTTPV
LKEEIRQLVDIVDA
;
I,i
10 'polypeptide(L)'
;MSIMAYSGGSVMAMAGKECFVIISDNRLGEQLKTISTEVPKLHVVNDSIVYGLTGLRTDQQTFANKVQFRTEMYKLREER
DITGKAFAAMITSMLYEARFGPWFVEPVIGSIDKSTGEVYLCATDLIGAPCEPEDYVCAGTAAESLHGMCEALWRPGMSP
EELFEIAAQAMLSACDRDSLSGYGAVAMIVTKDKVTTRLIKGRKD
;
J,j
11 'polypeptide(L)'
;MAETAIAFRCKDYVMVAAAGLNAFYYIKITDAEDKITQLDTHQLVACTGENGPRVNFTEYIKCNLALNRMRQHGRHSSCE
STANFMRNCLASAIRSREGAYQVNCLFAGYDTPVSEDDDGVVGPQLFYMDYLGTLQAVPYGCHGYGACFVTALLDRLWRP
DLSQQEGLELMQKCCDEVKRRVIISNSYFFVKAVTKNGVEVITAVH
;
K,k
12 'polypeptide(L)'
;MFADFEAVTSSNFTLDDCPRVGPFTYHNMDEDTLEEPLSLCSYRRAPQQTDERSPASCDAVTADPLDSSRYLHGENRCWT
LKVSCPVPRAIPKLDMKKGTTTLAFRFNGGIIVAVDSRASTGQYIASQTVMKVLEINDYLLGTLAGGAADCQYWERVLGM
ECRLWELRNGSRITVAAASKILANITYAYRNHGLSMGTMVAGWDQFGPSLYYVDDKGSRVKQDLFSVGSGSIYAYGVLDT
GYRKDLSVEDACDLARRSIFHATYRDGASGGIVTVYHVHEKGWTKISRDDQTKLYHRYFPSQ
;
L,l
13 'polypeptide(L)'
;MASSSPPLLPFSSFVVAVVAIHLSFRVFCVGAQSLCKCCSCVPACALPLCFSSSPSVSAEDVALALFAHPKVLTHRPTAR
YSPILSLLHYAVMIEDHAEYGHNYYPQKLASSTLTLPQQGAKQQQWSPYQDNGGTTAAIAGKDFVILAGDTRLNGDFCLH
SRHDQSKIFQLTPYTYMASNGMQADRLQLQQMLKYRVKWYKYNNGGKVPSTKAIAQLMSTMLYHRRFFPYYTFNMVVGLD
EEGHGVCYSYDAVGSTEPFLYGTRGSAASFVEPLLDCLINRQHMTSQAPPEMTKEETLAMLKNAFTGAAERDIYTGDSVS
FFIITKDGVQQESFELRKD
;
M,m
14 'polypeptide(L)'
;MASGGSVIAIKYKGGVLMAADTLLSYGSLAKWPNIPRIRLLGSHSAVCATGSYADFQMMAKQVEDNIERQKMYHNVDELS
PSEVFSYLHRSIYQKRCDFDPCLCQMVFIGVRDGETFLAGVDDVGTRWEDDCIATGYGAYIALPLLRQALEKNPDGLSRG
EAMRILTDCLRVLFYRECRAINKFQVADAASDGVRISEPFDVETHWEYEGYCFEKTAIIR
;
N,n
#
loop_
_chem_comp.id
_chem_comp.type
_chem_comp.name
_chem_comp.formula
N2E non-polymer ~{N}-[4-fluoranyl-3-[6-(3-methylpyridin-2-yl)-[1,2,4]triazolo[1,5-a]pyrimidin-2-yl]phenyl]-2,4-dimethyl-1,3-oxazole-5-carboxamide 'C23 H18 F N7 O2'
#
# COMPACT_ATOMS: atom_id res chain seq x y z
N ALA A 4 25.79 -44.41 -55.87
CA ALA A 4 26.72 -44.56 -56.98
C ALA A 4 25.98 -44.88 -58.28
N GLY A 5 24.67 -45.07 -58.17
CA GLY A 5 23.86 -45.36 -59.33
C GLY A 5 23.21 -44.14 -59.92
N PHE A 6 22.63 -43.30 -59.08
CA PHE A 6 21.86 -42.16 -59.56
C PHE A 6 22.78 -40.98 -59.87
N ASP A 7 23.34 -40.36 -58.84
CA ASP A 7 24.34 -39.31 -58.94
C ASP A 7 23.78 -38.06 -59.61
N LYS A 8 22.53 -38.11 -60.09
CA LYS A 8 21.96 -36.99 -60.82
C LYS A 8 20.49 -36.76 -60.53
N TYR A 9 19.94 -37.31 -59.45
CA TYR A 9 18.56 -37.06 -59.09
C TYR A 9 18.43 -36.22 -57.83
N ILE A 10 19.54 -35.95 -57.16
CA ILE A 10 19.58 -35.08 -55.99
C ILE A 10 20.86 -34.26 -56.06
N THR A 11 21.08 -33.46 -55.02
CA THR A 11 22.25 -32.58 -54.96
C THR A 11 23.41 -33.34 -54.34
N VAL A 12 24.18 -34.00 -55.21
CA VAL A 12 25.40 -34.71 -54.84
C VAL A 12 26.43 -34.47 -55.92
N PHE A 13 27.69 -34.66 -55.58
CA PHE A 13 28.74 -34.53 -56.57
C PHE A 13 28.84 -35.80 -57.40
N SER A 14 28.96 -35.63 -58.71
CA SER A 14 29.23 -36.76 -59.57
C SER A 14 30.74 -36.93 -59.74
N PRO A 15 31.19 -38.13 -60.14
CA PRO A 15 32.63 -38.43 -60.12
C PRO A 15 33.55 -37.35 -60.65
N GLU A 16 33.16 -36.63 -61.69
CA GLU A 16 34.08 -35.68 -62.29
C GLU A 16 33.98 -34.32 -61.59
N GLY A 17 33.13 -34.19 -60.57
CA GLY A 17 33.06 -32.99 -59.78
C GLY A 17 32.03 -31.98 -60.22
N SER A 18 30.82 -32.41 -60.55
CA SER A 18 29.77 -31.52 -61.01
C SER A 18 28.47 -31.81 -60.27
N LEU A 19 27.64 -30.78 -60.18
CA LEU A 19 26.30 -30.85 -59.60
C LEU A 19 25.29 -30.90 -60.74
N TYR A 20 24.86 -32.10 -61.11
CA TYR A 20 24.07 -32.24 -62.33
C TYR A 20 22.75 -31.49 -62.27
N GLN A 21 22.18 -31.32 -61.08
CA GLN A 21 20.94 -30.56 -60.98
C GLN A 21 21.15 -29.08 -61.28
N VAL A 22 22.35 -28.57 -61.05
CA VAL A 22 22.64 -27.19 -61.40
C VAL A 22 23.11 -27.09 -62.84
N GLU A 23 23.49 -28.23 -63.43
CA GLU A 23 23.87 -28.23 -64.84
C GLU A 23 22.66 -28.40 -65.74
N TYR A 24 21.59 -29.01 -65.23
CA TYR A 24 20.33 -29.11 -65.96
C TYR A 24 19.46 -27.89 -65.77
N ALA A 25 19.65 -27.15 -64.68
CA ALA A 25 18.92 -25.90 -64.50
C ALA A 25 19.36 -24.81 -65.47
N PHE A 26 20.51 -24.97 -66.11
CA PHE A 26 20.90 -24.03 -67.16
C PHE A 26 20.21 -24.36 -68.47
N LYS A 27 19.66 -25.56 -68.60
CA LYS A 27 18.88 -25.91 -69.78
C LYS A 27 17.42 -25.57 -69.65
N ALA A 28 16.97 -25.19 -68.45
CA ALA A 28 15.60 -24.74 -68.29
C ALA A 28 15.42 -23.27 -68.66
N VAL A 29 16.46 -22.45 -68.48
CA VAL A 29 16.36 -21.04 -68.87
C VAL A 29 16.27 -20.91 -70.38
N THR A 30 17.04 -21.71 -71.11
CA THR A 30 17.04 -21.67 -72.56
C THR A 30 15.90 -22.47 -73.18
N TYR A 31 14.99 -22.99 -72.37
CA TYR A 31 13.89 -23.81 -72.88
C TYR A 31 12.75 -22.97 -73.44
N PRO A 32 12.23 -21.96 -72.71
CA PRO A 32 11.04 -21.25 -73.21
C PRO A 32 11.29 -20.40 -74.44
N GLY A 33 12.49 -20.37 -74.98
CA GLY A 33 12.73 -19.65 -76.21
C GLY A 33 12.73 -18.14 -76.09
N LEU A 34 12.75 -17.59 -74.88
CA LEU A 34 12.82 -16.16 -74.69
C LEU A 34 14.27 -15.71 -74.67
N LEU A 35 14.49 -14.41 -74.86
CA LEU A 35 15.82 -13.84 -74.86
C LEU A 35 15.77 -12.38 -74.43
N THR A 36 16.57 -12.03 -73.44
CA THR A 36 16.61 -10.68 -72.92
C THR A 36 18.03 -10.14 -73.03
N VAL A 37 18.13 -8.82 -73.20
CA VAL A 37 19.41 -8.12 -73.28
C VAL A 37 19.33 -6.90 -72.38
N ALA A 38 20.27 -6.79 -71.45
CA ALA A 38 20.35 -5.62 -70.60
C ALA A 38 21.67 -4.90 -70.84
N ILE A 39 21.61 -3.58 -70.95
CA ILE A 39 22.79 -2.78 -71.27
C ILE A 39 22.73 -1.52 -70.43
N ARG A 40 23.88 -0.90 -70.22
CA ARG A 40 23.95 0.34 -69.48
C ARG A 40 24.84 1.34 -70.20
N CYS A 41 24.31 2.53 -70.42
CA CYS A 41 25.02 3.64 -71.03
C CYS A 41 25.66 4.49 -69.94
N LYS A 42 26.09 5.70 -70.29
CA LYS A 42 26.66 6.58 -69.27
C LYS A 42 25.66 6.91 -68.18
N ASP A 43 24.40 7.21 -68.56
CA ASP A 43 23.45 7.78 -67.62
C ASP A 43 22.27 6.89 -67.29
N ALA A 44 22.10 5.75 -67.96
CA ALA A 44 20.88 5.00 -67.77
C ALA A 44 21.13 3.51 -67.98
N VAL A 45 20.20 2.71 -67.50
CA VAL A 45 20.18 1.26 -67.73
C VAL A 45 18.92 0.93 -68.51
N LEU A 46 19.06 0.11 -69.54
CA LEU A 46 17.94 -0.39 -70.31
C LEU A 46 17.94 -1.91 -70.26
N VAL A 47 16.75 -2.49 -70.26
CA VAL A 47 16.58 -3.93 -70.37
C VAL A 47 15.47 -4.18 -71.37
N VAL A 48 15.78 -4.92 -72.43
CA VAL A 48 14.80 -5.30 -73.45
C VAL A 48 14.59 -6.80 -73.35
N THR A 49 13.34 -7.22 -73.51
CA THR A 49 13.02 -8.64 -73.47
C THR A 49 12.08 -8.96 -74.61
N GLN A 50 12.17 -10.17 -75.13
CA GLN A 50 11.09 -10.66 -75.97
C GLN A 50 9.84 -10.81 -75.12
N HIS A 51 8.74 -10.26 -75.59
CA HIS A 51 7.44 -10.42 -74.96
C HIS A 51 6.49 -10.82 -76.08
N LEU A 52 6.49 -12.09 -76.44
CA LEU A 52 5.70 -12.58 -77.55
C LEU A 52 4.58 -13.43 -77.00
N ILE A 53 3.36 -13.11 -77.38
CA ILE A 53 2.20 -13.94 -77.09
C ILE A 53 1.70 -14.46 -78.42
N PRO A 54 2.16 -15.63 -78.86
CA PRO A 54 1.74 -16.15 -80.17
C PRO A 54 0.22 -16.34 -80.23
N ASP A 55 -0.37 -16.80 -79.13
CA ASP A 55 -1.82 -16.84 -79.01
C ASP A 55 -2.38 -15.43 -79.14
N ARG A 56 -3.52 -15.31 -79.79
CA ARG A 56 -4.13 -14.00 -80.00
C ARG A 56 -5.44 -13.82 -79.24
N LEU A 57 -5.71 -14.66 -78.25
CA LEU A 57 -6.82 -14.44 -77.34
C LEU A 57 -6.36 -13.97 -75.96
N MET A 58 -5.05 -13.85 -75.76
CA MET A 58 -4.50 -13.53 -74.45
C MET A 58 -4.31 -12.03 -74.30
N ARG A 59 -4.58 -11.52 -73.12
CA ARG A 59 -4.39 -10.11 -72.82
C ARG A 59 -2.93 -9.75 -73.00
N PRO A 60 -2.61 -8.83 -73.88
CA PRO A 60 -1.21 -8.50 -74.18
C PRO A 60 -0.53 -7.65 -73.10
N ASP A 61 -1.21 -7.47 -71.98
CA ASP A 61 -0.67 -6.65 -70.91
C ASP A 61 -0.77 -7.36 -69.57
N SER A 62 -1.04 -8.66 -69.61
CA SER A 62 -1.10 -9.45 -68.39
C SER A 62 0.21 -10.14 -68.06
N VAL A 63 0.72 -10.94 -68.98
CA VAL A 63 1.99 -11.64 -68.80
C VAL A 63 3.10 -10.65 -69.06
N THR A 64 4.12 -10.68 -68.22
CA THR A 64 5.24 -9.76 -68.31
C THR A 64 6.53 -10.49 -68.00
N ALA A 65 7.63 -9.75 -68.08
CA ALA A 65 8.91 -10.20 -67.56
C ALA A 65 9.52 -9.20 -66.59
N LEU A 66 9.27 -7.91 -66.78
CA LEU A 66 9.83 -6.90 -65.91
C LEU A 66 9.01 -6.79 -64.63
N TYR A 67 9.69 -6.89 -63.50
CA TYR A 67 9.06 -6.64 -62.21
C TYR A 67 9.85 -5.56 -61.51
N GLU A 68 9.20 -4.86 -60.58
CA GLU A 68 9.89 -3.87 -59.77
C GLU A 68 10.09 -4.43 -58.37
N VAL A 69 11.35 -4.68 -58.01
CA VAL A 69 11.65 -5.18 -56.68
C VAL A 69 11.52 -4.07 -55.64
N THR A 70 12.13 -2.92 -55.89
CA THR A 70 11.97 -1.77 -55.02
C THR A 70 11.69 -0.57 -55.90
N PRO A 71 11.13 0.51 -55.35
CA PRO A 71 10.92 1.74 -56.13
C PRO A 71 12.12 2.14 -56.99
N ASN A 72 13.30 1.66 -56.64
CA ASN A 72 14.53 2.07 -57.30
C ASN A 72 15.19 0.93 -58.07
N ILE A 73 14.81 -0.32 -57.80
CA ILE A 73 15.48 -1.48 -58.38
C ILE A 73 14.44 -2.31 -59.11
N GLY A 74 14.70 -2.63 -60.38
CA GLY A 74 13.84 -3.49 -61.15
C GLY A 74 14.60 -4.74 -61.55
N CYS A 75 13.90 -5.68 -62.18
CA CYS A 75 14.55 -6.90 -62.60
C CYS A 75 13.78 -7.53 -63.75
N CYS A 76 14.51 -8.25 -64.58
CA CYS A 76 13.91 -9.14 -65.56
C CYS A 76 14.24 -10.58 -65.19
N MET A 77 13.32 -11.48 -65.47
CA MET A 77 13.44 -12.88 -65.09
C MET A 77 13.36 -13.72 -66.37
N THR A 78 14.48 -14.28 -66.78
CA THR A 78 14.55 -15.12 -67.96
C THR A 78 14.45 -16.57 -67.51
N GLY A 79 13.60 -17.33 -68.17
CA GLY A 79 13.60 -18.77 -67.98
C GLY A 79 12.20 -19.27 -67.68
N ARG A 80 12.14 -20.27 -66.81
CA ARG A 80 10.86 -20.85 -66.41
C ARG A 80 9.98 -19.77 -65.80
N ALA A 81 8.84 -19.51 -66.42
CA ALA A 81 8.02 -18.35 -66.14
C ALA A 81 7.56 -18.27 -64.69
N PRO A 82 6.98 -19.31 -64.11
CA PRO A 82 6.54 -19.18 -62.71
C PRO A 82 7.68 -18.97 -61.74
N ASP A 83 8.77 -19.72 -61.89
CA ASP A 83 9.93 -19.58 -61.01
C ASP A 83 10.30 -18.12 -60.82
N GLY A 84 10.60 -17.43 -61.92
CA GLY A 84 10.92 -16.01 -61.84
C GLY A 84 9.99 -15.25 -60.93
N ARG A 85 8.68 -15.39 -61.16
CA ARG A 85 7.70 -14.72 -60.33
C ARG A 85 7.98 -14.98 -58.85
N ALA A 86 8.01 -16.26 -58.47
CA ALA A 86 8.31 -16.61 -57.09
C ALA A 86 9.57 -15.93 -56.61
N LEU A 87 10.64 -15.99 -57.40
CA LEU A 87 11.89 -15.36 -57.01
C LEU A 87 11.70 -13.89 -56.67
N VAL A 88 10.98 -13.15 -57.51
CA VAL A 88 10.73 -11.74 -57.22
C VAL A 88 10.16 -11.59 -55.82
N GLN A 89 9.14 -12.38 -55.48
CA GLN A 89 8.55 -12.26 -54.16
C GLN A 89 9.62 -12.35 -53.08
N ARG A 90 10.48 -13.36 -53.18
CA ARG A 90 11.57 -13.49 -52.22
C ARG A 90 12.39 -12.21 -52.16
N ALA A 91 12.86 -11.75 -53.32
CA ALA A 91 13.58 -10.49 -53.36
C ALA A 91 12.81 -9.39 -52.68
N ARG A 92 11.53 -9.23 -53.03
CA ARG A 92 10.74 -8.17 -52.43
C ARG A 92 10.73 -8.30 -50.92
N GLU A 93 10.54 -9.52 -50.41
CA GLU A 93 10.58 -9.73 -48.96
C GLU A 93 11.90 -9.23 -48.39
N GLU A 94 13.01 -9.65 -49.00
CA GLU A 94 14.32 -9.26 -48.47
C GLU A 94 14.48 -7.75 -48.48
N ALA A 95 13.81 -7.07 -49.40
CA ALA A 95 13.86 -5.62 -49.38
C ALA A 95 13.20 -5.08 -48.13
N SER A 96 11.96 -5.50 -47.88
CA SER A 96 11.20 -4.94 -46.76
C SER A 96 11.94 -5.10 -45.45
N ASP A 97 12.27 -6.35 -45.09
CA ASP A 97 13.16 -6.61 -43.97
C ASP A 97 14.30 -5.62 -43.94
N TYR A 98 15.11 -5.58 -45.00
CA TYR A 98 16.21 -4.63 -45.02
C TYR A 98 15.70 -3.21 -44.82
N GLN A 99 14.74 -2.80 -45.64
CA GLN A 99 14.19 -1.46 -45.52
C GLN A 99 13.67 -1.22 -44.10
N TYR A 100 13.12 -2.25 -43.47
CA TYR A 100 12.62 -2.07 -42.12
C TYR A 100 13.71 -2.09 -41.09
N ARG A 101 14.78 -2.86 -41.30
CA ARG A 101 15.72 -3.10 -40.22
C ARG A 101 16.87 -2.10 -40.18
N TYR A 102 17.23 -1.51 -41.32
CA TYR A 102 18.35 -0.58 -41.37
C TYR A 102 17.95 0.83 -41.73
N GLY A 103 16.74 1.06 -42.22
CA GLY A 103 16.22 2.39 -42.41
C GLY A 103 16.56 3.04 -43.75
N VAL A 104 17.38 2.41 -44.57
CA VAL A 104 17.66 2.91 -45.91
C VAL A 104 17.12 1.91 -46.92
N GLU A 105 16.94 2.37 -48.16
CA GLU A 105 16.53 1.47 -49.21
C GLU A 105 17.70 0.58 -49.60
N ILE A 106 17.39 -0.67 -49.90
CA ILE A 106 18.42 -1.71 -50.03
C ILE A 106 19.29 -1.43 -51.24
N PRO A 107 20.62 -1.48 -51.10
CA PRO A 107 21.49 -1.33 -52.27
C PRO A 107 21.24 -2.44 -53.28
N ILE A 108 21.84 -2.27 -54.46
CA ILE A 108 21.60 -3.25 -55.52
C ILE A 108 22.57 -4.41 -55.40
N ALA A 109 23.82 -4.14 -55.04
CA ALA A 109 24.78 -5.23 -54.87
C ALA A 109 24.40 -6.13 -53.71
N VAL A 110 23.84 -5.56 -52.65
CA VAL A 110 23.40 -6.35 -51.51
C VAL A 110 22.25 -7.26 -51.91
N LEU A 111 21.29 -6.74 -52.67
CA LEU A 111 20.20 -7.57 -53.14
C LEU A 111 20.70 -8.68 -54.05
N ALA A 112 21.63 -8.37 -54.95
CA ALA A 112 22.18 -9.43 -55.81
C ALA A 112 22.92 -10.48 -55.01
N LYS A 113 23.70 -10.07 -54.01
CA LYS A 113 24.42 -11.04 -53.20
C LYS A 113 23.47 -11.93 -52.41
N ARG A 114 22.43 -11.34 -51.81
CA ARG A 114 21.51 -12.16 -51.03
C ARG A 114 20.67 -13.08 -51.91
N MET A 115 20.22 -12.60 -53.06
CA MET A 115 19.47 -13.47 -53.94
C MET A 115 20.35 -14.53 -54.58
N GLY A 116 21.65 -14.31 -54.66
CA GLY A 116 22.54 -15.37 -55.07
C GLY A 116 22.73 -16.40 -53.97
N ASP A 117 22.94 -15.94 -52.74
CA ASP A 117 23.05 -16.86 -51.61
C ASP A 117 21.82 -17.74 -51.47
N LYS A 118 20.62 -17.15 -51.53
CA LYS A 118 19.41 -17.95 -51.46
C LYS A 118 19.39 -19.01 -52.54
N ALA A 119 20.01 -18.74 -53.69
CA ALA A 119 20.04 -19.72 -54.76
C ALA A 119 21.05 -20.82 -54.47
N GLN A 120 22.08 -20.50 -53.70
CA GLN A 120 23.09 -21.51 -53.38
C GLN A 120 22.59 -22.48 -52.33
N VAL A 121 21.66 -22.03 -51.48
CA VAL A 121 21.15 -22.91 -50.44
C VAL A 121 20.38 -24.07 -51.05
N ARG A 122 19.59 -23.80 -52.09
CA ARG A 122 18.84 -24.87 -52.73
C ARG A 122 19.74 -25.88 -53.41
N THR A 123 20.92 -25.47 -53.84
CA THR A 123 21.85 -26.39 -54.48
C THR A 123 22.66 -27.18 -53.47
N GLN A 124 22.32 -27.10 -52.20
CA GLN A 124 23.00 -27.85 -51.16
C GLN A 124 22.14 -28.89 -50.48
N GLN A 125 20.90 -28.54 -50.13
CA GLN A 125 20.02 -29.52 -49.54
C GLN A 125 19.39 -30.39 -50.61
N ALA A 126 19.05 -31.62 -50.23
CA ALA A 126 18.60 -32.60 -51.20
C ALA A 126 17.16 -32.33 -51.63
N GLY A 127 16.34 -31.83 -50.71
CA GLY A 127 14.93 -31.66 -50.98
C GLY A 127 14.57 -30.65 -52.04
N LEU A 128 14.98 -29.39 -51.84
CA LEU A 128 14.56 -28.29 -52.69
C LEU A 128 15.02 -28.49 -54.13
N ARG A 129 14.27 -27.89 -55.06
CA ARG A 129 14.63 -27.87 -56.47
C ARG A 129 15.21 -26.51 -56.84
N PRO A 130 16.31 -26.48 -57.57
CA PRO A 130 16.93 -25.20 -57.89
C PRO A 130 16.06 -24.38 -58.83
N MET A 131 16.03 -23.08 -58.61
CA MET A 131 15.22 -22.18 -59.42
C MET A 131 15.83 -22.06 -60.80
N GLY A 132 15.09 -22.53 -61.81
CA GLY A 132 15.55 -22.45 -63.18
C GLY A 132 15.28 -21.09 -63.80
N VAL A 133 16.00 -20.07 -63.36
CA VAL A 133 15.76 -18.71 -63.82
C VAL A 133 17.04 -17.91 -63.63
N VAL A 134 17.41 -17.16 -64.67
CA VAL A 134 18.58 -16.29 -64.65
C VAL A 134 18.06 -14.88 -64.40
N SER A 135 18.21 -14.41 -63.17
CA SER A 135 17.65 -13.11 -62.81
C SER A 135 18.62 -11.99 -63.13
N THR A 136 18.09 -10.87 -63.59
CA THR A 136 18.90 -9.68 -63.87
C THR A 136 18.27 -8.51 -63.13
N PHE A 137 18.96 -8.00 -62.12
CA PHE A 137 18.53 -6.82 -61.40
C PHE A 137 19.22 -5.60 -61.97
N ILE A 138 18.45 -4.61 -62.37
CA ILE A 138 18.99 -3.37 -62.89
C ILE A 138 18.59 -2.24 -61.97
N GLY A 139 19.47 -1.25 -61.87
CA GLY A 139 19.17 -0.10 -61.06
C GLY A 139 20.26 0.94 -61.16
N MET A 140 20.16 1.94 -60.31
CA MET A 140 21.18 2.97 -60.19
C MET A 140 21.47 3.18 -58.72
N ASP A 141 22.75 3.17 -58.37
CA ASP A 141 23.17 3.21 -56.98
C ASP A 141 23.85 4.53 -56.68
N GLN A 142 23.90 4.86 -55.39
CA GLN A 142 24.59 6.06 -54.94
C GLN A 142 26.08 5.84 -55.05
N SER A 143 26.77 6.66 -55.83
CA SER A 143 28.22 6.61 -55.88
C SER A 143 28.79 7.52 -54.80
N ASP A 144 29.83 7.04 -54.14
CA ASP A 144 30.40 7.71 -52.99
C ASP A 144 31.56 8.61 -53.40
N GLN A 145 31.86 9.58 -52.53
CA GLN A 145 32.91 10.58 -52.70
C GLN A 145 32.54 11.63 -53.73
N ASP A 146 31.42 11.42 -54.43
CA ASP A 146 30.84 12.46 -55.29
C ASP A 146 29.33 12.54 -55.25
N GLY A 147 28.62 11.56 -54.71
CA GLY A 147 27.19 11.63 -54.55
C GLY A 147 26.37 11.27 -55.77
N SER A 148 26.98 11.18 -56.95
CA SER A 148 26.21 10.91 -58.16
C SER A 148 25.67 9.49 -58.16
N LEU A 149 24.77 9.23 -59.09
CA LEU A 149 24.20 7.89 -59.28
C LEU A 149 24.90 7.19 -60.43
N LYS A 150 25.28 5.94 -60.20
CA LYS A 150 25.99 5.14 -61.18
C LYS A 150 25.11 3.96 -61.55
N PRO A 151 24.99 3.65 -62.84
CA PRO A 151 24.12 2.54 -63.26
C PRO A 151 24.74 1.19 -62.90
N GLN A 152 23.87 0.21 -62.66
CA GLN A 152 24.32 -1.12 -62.25
C GLN A 152 23.40 -2.19 -62.83
N ILE A 153 24.04 -3.28 -63.29
CA ILE A 153 23.37 -4.46 -63.82
C ILE A 153 23.97 -5.68 -63.14
N TYR A 154 23.14 -6.46 -62.45
CA TYR A 154 23.63 -7.61 -61.71
C TYR A 154 22.89 -8.85 -62.16
N THR A 155 23.61 -9.96 -62.31
CA THR A 155 23.04 -11.21 -62.75
C THR A 155 23.24 -12.26 -61.68
N VAL A 156 22.20 -13.06 -61.44
CA VAL A 156 22.28 -14.21 -60.55
C VAL A 156 21.73 -15.43 -61.26
N ASP A 157 22.52 -16.50 -61.25
CA ASP A 157 22.20 -17.73 -61.95
C ASP A 157 21.56 -18.73 -61.01
N PRO A 158 21.08 -19.88 -61.52
CA PRO A 158 20.61 -20.93 -60.61
C PRO A 158 21.65 -21.37 -59.60
N ALA A 159 22.94 -21.29 -59.93
CA ALA A 159 23.97 -21.68 -58.97
C ALA A 159 24.22 -20.59 -57.94
N GLY A 160 23.92 -19.35 -58.28
CA GLY A 160 24.26 -18.22 -57.44
C GLY A 160 25.47 -17.43 -57.88
N TRP A 161 25.84 -17.50 -59.15
CA TRP A 161 27.04 -16.82 -59.64
C TRP A 161 26.72 -15.37 -59.93
N THR A 162 26.48 -14.60 -58.87
CA THR A 162 26.16 -13.20 -59.04
C THR A 162 27.35 -12.45 -59.64
N GLY A 163 27.02 -11.45 -60.46
CA GLY A 163 28.06 -10.66 -61.07
C GLY A 163 27.57 -9.39 -61.74
N GLY A 164 28.36 -8.32 -61.63
CA GLY A 164 28.06 -7.11 -62.37
C GLY A 164 28.29 -7.30 -63.86
N HIS A 165 27.82 -6.34 -64.65
CA HIS A 165 27.94 -6.47 -66.09
C HIS A 165 28.01 -5.11 -66.75
N ILE A 166 28.47 -5.10 -68.00
CA ILE A 166 28.35 -3.93 -68.84
C ILE A 166 27.20 -4.12 -69.84
N ALA A 167 26.99 -5.36 -70.27
CA ALA A 167 25.86 -5.73 -71.09
C ALA A 167 25.71 -7.25 -71.04
N CYS A 168 24.57 -7.71 -70.57
CA CYS A 168 24.34 -9.13 -70.42
C CYS A 168 23.24 -9.57 -71.38
N ALA A 169 23.32 -10.83 -71.80
CA ALA A 169 22.28 -11.43 -72.61
C ALA A 169 21.93 -12.78 -72.00
N ALA A 170 20.65 -13.10 -71.98
CA ALA A 170 20.21 -14.31 -71.30
C ALA A 170 19.08 -14.97 -72.08
N GLY A 171 19.12 -16.28 -72.17
CA GLY A 171 18.02 -17.04 -72.72
C GLY A 171 18.39 -17.69 -74.04
N LYS A 172 17.36 -17.89 -74.87
CA LYS A 172 17.53 -18.54 -76.15
C LYS A 172 18.52 -17.80 -77.04
N LYS A 173 19.47 -18.54 -77.60
CA LYS A 173 20.50 -18.01 -78.49
C LYS A 173 21.22 -16.82 -77.83
N GLN A 174 21.56 -16.99 -76.57
CA GLN A 174 22.26 -15.94 -75.85
C GLN A 174 23.72 -15.83 -76.27
N VAL A 175 24.30 -16.90 -76.82
CA VAL A 175 25.68 -16.84 -77.27
C VAL A 175 25.84 -15.94 -78.48
N GLU A 176 24.93 -16.03 -79.45
CA GLU A 176 25.01 -15.14 -80.61
C GLU A 176 24.85 -13.68 -80.19
N ALA A 177 23.94 -13.43 -79.25
CA ALA A 177 23.75 -12.06 -78.76
C ALA A 177 25.01 -11.55 -78.07
N MET A 178 25.61 -12.38 -77.22
CA MET A 178 26.84 -11.96 -76.55
C MET A 178 27.97 -11.75 -77.55
N ALA A 179 28.02 -12.57 -78.59
CA ALA A 179 29.06 -12.40 -79.61
C ALA A 179 28.88 -11.09 -80.35
N PHE A 180 27.64 -10.76 -80.72
CA PHE A 180 27.37 -9.48 -81.37
C PHE A 180 27.74 -8.33 -80.46
N LEU A 181 27.36 -8.39 -79.18
CA LEU A 181 27.70 -7.32 -78.26
C LEU A 181 29.22 -7.17 -78.11
N GLU A 182 29.93 -8.29 -78.01
CA GLU A 182 31.37 -8.23 -77.90
C GLU A 182 32.00 -7.60 -79.13
N LYS A 183 31.51 -7.97 -80.32
CA LYS A 183 32.06 -7.41 -81.54
C LYS A 183 31.79 -5.93 -81.64
N ARG A 184 30.59 -5.50 -81.25
CA ARG A 184 30.28 -4.08 -81.21
C ARG A 184 31.11 -3.33 -80.19
N GLN A 185 31.52 -3.98 -79.11
CA GLN A 185 32.29 -3.30 -78.06
C GLN A 185 33.74 -3.11 -78.45
N LYS A 186 34.30 -3.98 -79.29
CA LYS A 186 35.70 -3.90 -79.65
C LYS A 186 36.04 -2.57 -80.34
N SER A 187 35.03 -1.89 -80.89
CA SER A 187 35.22 -0.61 -81.56
C SER A 187 34.96 0.57 -80.65
N THR A 188 33.75 0.68 -80.11
CA THR A 188 33.36 1.84 -79.32
C THR A 188 33.54 1.56 -77.82
N GLU A 189 33.09 2.49 -76.98
CA GLU A 189 33.21 2.38 -75.53
C GLU A 189 31.82 2.50 -74.92
N LEU A 190 31.31 1.38 -74.41
CA LEU A 190 29.93 1.32 -73.96
C LEU A 190 29.63 2.29 -72.83
N ASP A 191 30.59 2.54 -71.94
CA ASP A 191 30.35 3.44 -70.83
C ASP A 191 30.44 4.90 -71.24
N ALA A 192 30.40 5.18 -72.54
CA ALA A 192 30.37 6.56 -73.03
C ALA A 192 29.19 6.81 -73.96
N LEU A 193 28.40 5.80 -74.26
CA LEU A 193 27.26 5.96 -75.15
C LEU A 193 26.10 6.63 -74.42
N THR A 194 25.16 7.15 -75.21
CA THR A 194 23.95 7.74 -74.67
C THR A 194 22.80 6.76 -74.83
N GLN A 195 21.67 7.12 -74.22
CA GLN A 195 20.58 6.15 -74.07
C GLN A 195 20.05 5.67 -75.42
N LYS A 196 19.92 6.57 -76.39
CA LYS A 196 19.36 6.18 -77.68
C LYS A 196 20.32 5.25 -78.42
N GLU A 197 21.61 5.55 -78.40
CA GLU A 197 22.60 4.66 -79.01
C GLU A 197 22.59 3.30 -78.33
N ALA A 198 22.64 3.30 -77.00
CA ALA A 198 22.60 2.05 -76.25
C ALA A 198 21.39 1.21 -76.58
N ALA A 199 20.20 1.82 -76.64
CA ALA A 199 19.02 1.06 -77.00
C ALA A 199 19.10 0.57 -78.44
N MET A 200 19.69 1.37 -79.34
CA MET A 200 19.91 0.89 -80.69
C MET A 200 20.83 -0.32 -80.70
N ILE A 201 21.88 -0.32 -79.89
CA ILE A 201 22.78 -1.47 -79.84
C ILE A 201 22.07 -2.68 -79.25
N ALA A 202 21.27 -2.48 -78.21
CA ALA A 202 20.52 -3.59 -77.62
C ALA A 202 19.54 -4.20 -78.61
N LEU A 203 18.75 -3.37 -79.29
CA LEU A 203 17.84 -3.87 -80.31
C LEU A 203 18.55 -4.52 -81.47
N ALA A 204 19.70 -3.99 -81.88
CA ALA A 204 20.46 -4.62 -82.95
C ALA A 204 21.01 -5.97 -82.52
N ALA A 205 21.48 -6.08 -81.28
CA ALA A 205 21.91 -7.38 -80.78
C ALA A 205 20.77 -8.38 -80.74
N LEU A 206 19.60 -7.94 -80.26
CA LEU A 206 18.47 -8.86 -80.19
C LEU A 206 18.00 -9.27 -81.58
N GLN A 207 18.01 -8.35 -82.55
CA GLN A 207 17.61 -8.71 -83.91
C GLN A 207 18.69 -9.49 -84.63
N SER A 208 19.94 -9.44 -84.14
CA SER A 208 20.99 -10.28 -84.67
C SER A 208 20.93 -11.69 -84.13
N ALA A 209 20.44 -11.86 -82.89
CA ALA A 209 20.40 -13.17 -82.25
C ALA A 209 19.22 -14.00 -82.73
N ILE A 210 18.08 -13.39 -83.03
CA ILE A 210 16.94 -14.14 -83.53
C ILE A 210 16.74 -13.97 -85.03
N GLY A 211 17.07 -12.80 -85.58
CA GLY A 211 16.97 -12.57 -87.01
C GLY A 211 15.55 -12.47 -87.54
N THR A 212 14.73 -11.63 -86.91
CA THR A 212 13.34 -11.48 -87.34
C THR A 212 12.93 -10.03 -87.54
N ALA A 213 13.81 -9.09 -87.18
CA ALA A 213 13.51 -7.65 -87.28
C ALA A 213 12.24 -7.30 -86.48
N VAL A 214 12.39 -7.46 -85.16
CA VAL A 214 11.25 -7.36 -84.24
C VAL A 214 10.45 -6.09 -84.45
N LYS A 215 9.15 -6.18 -84.20
CA LYS A 215 8.28 -5.01 -84.20
C LYS A 215 8.08 -4.52 -82.77
N ALA A 216 7.27 -3.48 -82.61
CA ALA A 216 7.21 -2.78 -81.34
C ALA A 216 6.47 -3.56 -80.27
N LYS A 217 5.51 -4.40 -80.64
CA LYS A 217 4.64 -5.04 -79.67
C LYS A 217 5.20 -6.36 -79.14
N GLU A 218 6.33 -6.82 -79.70
CA GLU A 218 6.95 -8.05 -79.23
C GLU A 218 8.00 -7.83 -78.16
N VAL A 219 8.45 -6.59 -77.96
CA VAL A 219 9.46 -6.28 -76.97
C VAL A 219 8.91 -5.25 -76.00
N GLU A 220 9.24 -5.42 -74.72
CA GLU A 220 9.00 -4.41 -73.72
C GLU A 220 10.33 -3.94 -73.16
N VAL A 221 10.47 -2.63 -73.00
CA VAL A 221 11.74 -2.06 -72.57
C VAL A 221 11.54 -1.35 -71.24
N GLY A 222 12.44 -1.62 -70.29
CA GLY A 222 12.43 -0.96 -69.02
C GLY A 222 13.72 -0.19 -68.82
N ARG A 223 13.62 0.92 -68.11
CA ARG A 223 14.71 1.87 -68.06
C ARG A 223 14.80 2.47 -66.67
N CYS A 224 16.03 2.76 -66.25
CA CYS A 224 16.33 3.56 -65.08
C CYS A 224 17.28 4.66 -65.49
N THR A 225 16.97 5.90 -65.09
CA THR A 225 17.72 7.06 -65.54
C THR A 225 18.17 7.89 -64.33
N ALA A 226 19.35 8.50 -64.47
CA ALA A 226 19.84 9.41 -63.43
C ALA A 226 18.86 10.54 -63.16
N ALA A 227 18.13 10.98 -64.19
CA ALA A 227 17.15 12.05 -64.00
C ALA A 227 15.99 11.57 -63.13
N ASN A 228 15.29 10.53 -63.56
CA ASN A 228 14.25 9.88 -62.76
C ASN A 228 14.80 8.55 -62.26
N PRO A 229 15.20 8.46 -60.99
CA PRO A 229 15.91 7.26 -60.53
C PRO A 229 15.03 6.03 -60.45
N ALA A 230 13.72 6.16 -60.56
CA ALA A 230 12.85 5.00 -60.42
C ALA A 230 12.92 4.11 -61.66
N PHE A 231 12.72 2.81 -61.45
CA PHE A 231 12.56 1.90 -62.57
C PHE A 231 11.21 2.14 -63.22
N GLN A 232 11.18 2.18 -64.55
CA GLN A 232 9.91 2.37 -65.22
C GLN A 232 10.00 1.83 -66.63
N ARG A 233 8.89 1.34 -67.15
CA ARG A 233 8.90 0.82 -68.51
C ARG A 233 8.46 1.89 -69.48
N VAL A 234 9.07 1.87 -70.66
CA VAL A 234 8.90 2.95 -71.63
C VAL A 234 7.85 2.53 -72.66
N PRO A 235 7.00 3.46 -73.11
CA PRO A 235 5.88 3.08 -73.97
C PRO A 235 6.35 2.62 -75.34
N ASN A 236 5.39 2.09 -76.11
CA ASN A 236 5.70 1.65 -77.47
C ASN A 236 5.97 2.82 -78.40
N SER A 237 5.41 3.99 -78.10
CA SER A 237 5.69 5.18 -78.89
C SER A 237 7.16 5.59 -78.85
N GLU A 238 7.90 5.14 -77.84
CA GLU A 238 9.34 5.37 -77.79
C GLU A 238 10.13 4.25 -78.42
N VAL A 239 9.71 2.99 -78.24
CA VAL A 239 10.44 1.87 -78.84
C VAL A 239 10.33 1.92 -80.35
N GLU A 240 9.20 2.42 -80.88
CA GLU A 240 9.09 2.56 -82.33
C GLU A 240 10.11 3.52 -82.88
N GLU A 241 10.44 4.57 -82.12
CA GLU A 241 11.44 5.52 -82.57
C GLU A 241 12.83 4.90 -82.65
N TRP A 242 13.13 3.90 -81.83
CA TRP A 242 14.40 3.20 -81.93
C TRP A 242 14.36 2.13 -83.01
N LEU A 243 13.21 1.51 -83.23
CA LEU A 243 13.09 0.57 -84.32
C LEU A 243 13.29 1.23 -85.67
N THR A 244 12.60 2.34 -85.92
CA THR A 244 12.79 3.07 -87.16
C THR A 244 14.22 3.53 -87.36
N ALA A 245 14.93 3.84 -86.26
CA ALA A 245 16.31 4.29 -86.38
C ALA A 245 17.28 3.15 -86.62
N VAL A 246 17.01 1.98 -86.02
CA VAL A 246 17.80 0.80 -86.34
C VAL A 246 17.57 0.37 -87.77
N ALA A 247 16.37 0.62 -88.30
CA ALA A 247 16.02 0.17 -89.64
C ALA A 247 16.96 0.71 -90.70
N GLU A 248 17.59 1.86 -90.49
CA GLU A 248 18.46 2.43 -91.51
C GLU A 248 19.81 1.70 -91.52
N GLU B 3 12.27 -33.69 -43.83
CA GLU B 3 12.89 -32.69 -44.69
C GLU B 3 14.28 -33.17 -45.10
N ALA B 4 14.37 -34.45 -45.46
CA ALA B 4 15.62 -35.10 -45.83
C ALA B 4 16.64 -34.96 -44.70
N PHE B 5 16.32 -35.59 -43.58
CA PHE B 5 17.17 -35.57 -42.41
C PHE B 5 18.23 -36.67 -42.43
N TYR B 6 18.26 -37.50 -43.47
CA TYR B 6 19.25 -38.54 -43.51
C TYR B 6 20.54 -38.03 -44.12
N GLY B 7 21.59 -38.85 -44.01
CA GLY B 7 22.89 -38.44 -44.49
C GLY B 7 23.10 -38.82 -45.95
N LEU B 8 23.76 -37.93 -46.68
CA LEU B 8 24.11 -38.19 -48.07
C LEU B 8 25.46 -38.86 -48.23
N THR B 9 26.44 -38.45 -47.42
CA THR B 9 27.77 -39.04 -47.45
C THR B 9 27.86 -40.16 -46.41
N THR B 10 28.31 -41.32 -46.85
CA THR B 10 28.38 -42.50 -46.01
C THR B 10 29.63 -43.27 -46.36
N PHE B 11 30.16 -44.00 -45.38
CA PHE B 11 31.34 -44.81 -45.61
C PHE B 11 31.06 -45.87 -46.66
N SER B 12 32.11 -46.31 -47.33
CA SER B 12 32.05 -47.35 -48.34
C SER B 12 32.91 -48.53 -47.93
N PRO B 13 32.68 -49.71 -48.54
CA PRO B 13 33.42 -50.91 -48.13
C PRO B 13 34.93 -50.73 -47.99
N SER B 14 35.52 -49.86 -48.80
CA SER B 14 36.95 -49.57 -48.71
C SER B 14 37.27 -48.56 -47.63
N GLY B 15 36.27 -48.02 -46.94
CA GLY B 15 36.51 -47.06 -45.89
C GLY B 15 36.72 -45.63 -46.35
N LYS B 16 36.17 -45.25 -47.49
CA LYS B 16 36.38 -43.92 -48.04
C LYS B 16 35.06 -43.16 -48.08
N LEU B 17 35.06 -41.96 -47.51
CA LEU B 17 33.97 -41.02 -47.71
C LEU B 17 34.11 -40.48 -49.12
N ILE B 18 33.51 -41.19 -50.06
CA ILE B 18 33.84 -41.01 -51.45
C ILE B 18 33.15 -39.74 -51.94
N GLN B 19 32.05 -39.39 -51.29
CA GLN B 19 31.47 -38.07 -51.48
C GLN B 19 32.47 -36.96 -51.18
N ILE B 20 33.32 -37.14 -50.18
CA ILE B 20 34.34 -36.15 -49.88
C ILE B 20 35.41 -36.11 -50.96
N GLU B 21 35.71 -37.26 -51.57
CA GLU B 21 36.66 -37.24 -52.68
C GLU B 21 36.10 -36.52 -53.88
N TYR B 22 34.82 -36.74 -54.18
CA TYR B 22 34.18 -35.96 -55.24
C TYR B 22 34.16 -34.48 -54.92
N ALA B 23 33.92 -34.13 -53.66
CA ALA B 23 33.94 -32.72 -53.28
C ALA B 23 35.32 -32.11 -53.36
N THR B 24 36.37 -32.88 -53.07
CA THR B 24 37.72 -32.33 -53.15
C THR B 24 38.19 -32.25 -54.60
N THR B 25 37.67 -33.10 -55.49
CA THR B 25 37.94 -32.90 -56.90
C THR B 25 37.21 -31.68 -57.42
N ALA B 26 35.95 -31.49 -57.00
CA ALA B 26 35.19 -30.32 -57.40
C ALA B 26 35.80 -29.03 -56.88
N ALA B 27 36.52 -29.10 -55.77
CA ALA B 27 37.19 -27.94 -55.19
C ALA B 27 38.59 -27.74 -55.74
N GLY B 28 38.93 -28.39 -56.84
CA GLY B 28 40.24 -28.20 -57.43
C GLY B 28 40.14 -27.85 -58.90
N LYS B 29 38.93 -27.57 -59.36
CA LYS B 29 38.67 -27.28 -60.77
C LYS B 29 38.55 -25.80 -61.04
N GLY B 30 38.36 -24.99 -60.00
CA GLY B 30 38.20 -23.56 -60.18
C GLY B 30 39.48 -22.89 -60.66
N THR B 31 39.50 -21.58 -60.51
CA THR B 31 40.67 -20.81 -60.89
C THR B 31 41.84 -21.13 -59.97
N THR B 32 43.04 -20.77 -60.41
CA THR B 32 44.24 -20.99 -59.60
C THR B 32 44.47 -19.79 -58.68
N ALA B 33 44.61 -20.06 -57.40
CA ALA B 33 45.03 -19.08 -56.41
C ALA B 33 46.31 -19.57 -55.78
N LEU B 34 47.05 -18.67 -55.14
CA LEU B 34 48.26 -19.08 -54.44
C LEU B 34 48.60 -18.05 -53.38
N GLY B 35 49.47 -18.46 -52.47
CA GLY B 35 49.86 -17.59 -51.38
C GLY B 35 51.23 -17.98 -50.88
N VAL B 36 52.00 -16.96 -50.48
CA VAL B 36 53.34 -17.16 -49.98
C VAL B 36 53.52 -16.37 -48.70
N LYS B 37 54.50 -16.79 -47.91
CA LYS B 37 54.82 -16.13 -46.65
C LYS B 37 56.20 -15.49 -46.73
N ALA B 38 56.42 -14.55 -45.82
CA ALA B 38 57.72 -13.93 -45.64
C ALA B 38 57.78 -13.37 -44.23
N THR B 39 59.00 -13.18 -43.74
CA THR B 39 59.18 -12.71 -42.37
C THR B 39 58.45 -11.41 -42.09
N ASP B 40 58.03 -10.67 -43.12
CA ASP B 40 57.35 -9.41 -42.94
C ASP B 40 55.86 -9.46 -43.22
N GLY B 41 55.37 -10.49 -43.91
CA GLY B 41 53.95 -10.55 -44.19
C GLY B 41 53.62 -11.66 -45.14
N VAL B 42 52.34 -11.77 -45.45
CA VAL B 42 51.82 -12.81 -46.31
C VAL B 42 51.34 -12.16 -47.59
N VAL B 43 51.39 -12.88 -48.71
CA VAL B 43 50.89 -12.41 -49.99
C VAL B 43 49.93 -13.45 -50.53
N ILE B 44 48.74 -13.01 -50.92
CA ILE B 44 47.77 -13.85 -51.61
C ILE B 44 47.60 -13.29 -53.01
N ALA B 45 47.51 -14.18 -54.00
CA ALA B 45 47.32 -13.76 -55.37
C ALA B 45 46.37 -14.74 -56.05
N ALA B 46 45.29 -14.21 -56.60
CA ALA B 46 44.30 -14.99 -57.32
C ALA B 46 44.35 -14.62 -58.79
N LYS B 47 43.40 -15.15 -59.56
CA LYS B 47 43.33 -14.88 -61.00
C LYS B 47 41.86 -14.72 -61.37
N LYS B 48 41.44 -13.47 -61.60
CA LYS B 48 40.06 -13.17 -61.98
C LYS B 48 39.86 -13.52 -63.44
N LYS B 49 39.49 -14.78 -63.70
CA LYS B 49 39.21 -15.23 -65.06
C LYS B 49 37.83 -14.71 -65.43
N ALA B 50 37.81 -13.70 -66.30
CA ALA B 50 36.55 -13.06 -66.67
C ALA B 50 35.82 -13.93 -67.69
N PRO B 51 34.54 -14.25 -67.45
CA PRO B 51 33.81 -15.08 -68.43
C PRO B 51 33.61 -14.39 -69.77
N SER B 52 33.50 -13.07 -69.78
CA SER B 52 33.36 -12.30 -71.01
C SER B 52 33.81 -10.87 -70.75
N THR B 53 34.02 -10.13 -71.84
CA THR B 53 34.43 -8.73 -71.74
C THR B 53 33.33 -7.85 -71.17
N LEU B 54 32.14 -8.42 -70.97
CA LEU B 54 30.98 -7.74 -70.42
C LEU B 54 30.66 -8.18 -68.99
N VAL B 55 31.69 -8.34 -68.17
CA VAL B 55 31.52 -8.89 -66.83
C VAL B 55 31.80 -7.85 -65.76
N ASP B 56 32.29 -6.67 -66.14
CA ASP B 56 32.61 -5.61 -65.18
C ASP B 56 33.62 -6.10 -64.14
N ALA B 57 34.83 -6.36 -64.63
CA ALA B 57 35.89 -6.96 -63.82
C ALA B 57 36.11 -6.26 -62.49
N SER B 58 35.58 -5.05 -62.32
CA SER B 58 35.66 -4.37 -61.03
C SER B 58 34.88 -5.08 -59.94
N SER B 59 33.78 -5.74 -60.27
CA SER B 59 32.87 -6.25 -59.25
C SER B 59 33.16 -7.67 -58.82
N ILE B 60 33.69 -8.51 -59.71
CA ILE B 60 34.01 -9.86 -59.32
C ILE B 60 35.28 -9.82 -58.48
N GLN B 61 35.31 -10.62 -57.42
CA GLN B 61 36.39 -10.54 -56.44
C GLN B 61 36.70 -11.93 -55.93
N LYS B 62 37.99 -12.21 -55.75
CA LYS B 62 38.43 -13.49 -55.24
C LYS B 62 39.31 -13.37 -54.01
N VAL B 63 39.57 -12.16 -53.52
CA VAL B 63 40.32 -11.95 -52.29
C VAL B 63 39.39 -11.23 -51.32
N PHE B 64 38.90 -11.95 -50.33
CA PHE B 64 37.89 -11.44 -49.41
C PHE B 64 38.55 -11.04 -48.10
N VAL B 65 38.29 -9.83 -47.66
CA VAL B 65 38.70 -9.38 -46.33
C VAL B 65 37.77 -10.02 -45.32
N LEU B 66 38.34 -10.54 -44.23
CA LEU B 66 37.53 -11.10 -43.16
C LEU B 66 37.44 -10.18 -41.96
N ASP B 67 38.51 -9.46 -41.64
CA ASP B 67 38.46 -8.32 -40.76
C ASP B 67 39.72 -7.49 -41.00
N GLU B 68 40.01 -6.58 -40.10
CA GLU B 68 41.16 -5.70 -40.24
C GLU B 68 42.48 -6.44 -40.32
N HIS B 69 42.50 -7.76 -40.09
CA HIS B 69 43.76 -8.47 -40.02
C HIS B 69 43.78 -9.80 -40.74
N VAL B 70 42.67 -10.24 -41.33
CA VAL B 70 42.58 -11.56 -41.96
C VAL B 70 42.11 -11.40 -43.38
N GLY B 71 42.69 -12.18 -44.29
CA GLY B 71 42.25 -12.24 -45.66
C GLY B 71 41.88 -13.67 -46.03
N CYS B 72 41.38 -13.81 -47.24
CA CYS B 72 40.98 -15.13 -47.72
C CYS B 72 40.96 -15.13 -49.22
N THR B 73 41.04 -16.33 -49.79
CA THR B 73 40.77 -16.53 -51.20
C THR B 73 40.45 -18.00 -51.39
N TYR B 74 39.64 -18.31 -52.39
CA TYR B 74 39.19 -19.67 -52.57
C TYR B 74 39.61 -20.21 -53.93
N SER B 75 39.26 -21.47 -54.17
CA SER B 75 39.34 -22.03 -55.51
C SER B 75 38.37 -23.20 -55.59
N GLY B 76 37.22 -22.97 -56.20
CA GLY B 76 36.23 -24.01 -56.35
C GLY B 76 34.90 -23.40 -56.73
N MET B 77 33.84 -23.81 -56.05
CA MET B 77 32.54 -23.20 -56.26
C MET B 77 32.45 -21.91 -55.48
N GLY B 78 32.36 -20.79 -56.20
CA GLY B 78 32.19 -19.49 -55.59
C GLY B 78 30.98 -19.37 -54.69
N PRO B 79 29.80 -19.78 -55.19
CA PRO B 79 28.60 -19.74 -54.36
C PRO B 79 28.72 -20.49 -53.05
N ASP B 80 29.50 -21.57 -53.01
CA ASP B 80 29.75 -22.25 -51.75
C ASP B 80 30.67 -21.44 -50.86
N CYS B 81 31.71 -20.83 -51.44
CA CYS B 81 32.65 -20.08 -50.63
C CYS B 81 32.01 -18.85 -50.01
N ARG B 82 30.94 -18.33 -50.63
CA ARG B 82 30.24 -17.23 -50.00
C ARG B 82 29.69 -17.60 -48.64
N VAL B 83 29.21 -18.83 -48.46
CA VAL B 83 28.70 -19.26 -47.17
C VAL B 83 29.79 -19.23 -46.11
N LEU B 84 30.96 -19.79 -46.43
CA LEU B 84 32.04 -19.83 -45.48
C LEU B 84 32.56 -18.44 -45.16
N ILE B 85 32.64 -17.56 -46.15
CA ILE B 85 33.08 -16.20 -45.87
C ILE B 85 32.08 -15.50 -44.97
N ASP B 86 30.79 -15.67 -45.24
CA ASP B 86 29.78 -15.00 -44.43
C ASP B 86 29.76 -15.50 -43.00
N SER B 87 30.03 -16.78 -42.77
CA SER B 87 30.09 -17.25 -41.40
C SER B 87 31.42 -16.90 -40.73
N ALA B 88 32.51 -16.84 -41.50
CA ALA B 88 33.79 -16.48 -40.94
C ALA B 88 33.84 -15.05 -40.46
N ARG B 89 33.26 -14.12 -41.22
CA ARG B 89 33.22 -12.74 -40.73
C ARG B 89 32.38 -12.62 -39.47
N LYS B 90 31.29 -13.37 -39.39
CA LYS B 90 30.47 -13.34 -38.19
C LYS B 90 31.23 -13.87 -36.99
N ASN B 91 31.96 -14.98 -37.16
CA ASN B 91 32.74 -15.51 -36.05
C ASN B 91 33.92 -14.62 -35.71
N CYS B 92 34.41 -13.83 -36.66
CA CYS B 92 35.48 -12.89 -36.35
C CYS B 92 34.96 -11.68 -35.59
N GLN B 93 33.70 -11.30 -35.82
CA GLN B 93 33.15 -10.18 -35.08
C GLN B 93 32.64 -10.60 -33.71
N GLN B 94 32.12 -11.82 -33.58
CA GLN B 94 31.69 -12.30 -32.26
C GLN B 94 32.86 -12.44 -31.30
N TYR B 95 34.07 -12.68 -31.80
CA TYR B 95 35.23 -12.76 -30.94
C TYR B 95 35.64 -11.39 -30.43
N LYS B 96 35.69 -10.39 -31.31
CA LYS B 96 35.97 -9.04 -30.85
C LYS B 96 34.88 -8.53 -29.93
N LEU B 97 33.65 -9.00 -30.10
CA LEU B 97 32.61 -8.57 -29.19
C LEU B 97 32.81 -9.07 -27.77
N MET B 98 33.23 -10.32 -27.59
CA MET B 98 33.31 -10.92 -26.27
C MET B 98 34.68 -10.84 -25.64
N TYR B 99 35.76 -10.89 -26.41
CA TYR B 99 37.10 -10.79 -25.85
C TYR B 99 37.77 -9.46 -26.10
N ASN B 100 37.22 -8.60 -26.96
CA ASN B 100 37.83 -7.33 -27.31
C ASN B 100 39.30 -7.53 -27.72
N GLU B 101 39.51 -8.37 -28.72
CA GLU B 101 40.85 -8.62 -29.20
C GLU B 101 40.76 -9.20 -30.60
N PRO B 102 41.59 -8.75 -31.54
CA PRO B 102 41.59 -9.37 -32.86
C PRO B 102 41.80 -10.88 -32.77
N ILE B 103 40.84 -11.63 -33.29
CA ILE B 103 40.85 -13.09 -33.18
C ILE B 103 42.12 -13.64 -33.81
N PRO B 104 42.83 -14.56 -33.16
CA PRO B 104 43.99 -15.17 -33.80
C PRO B 104 43.56 -16.07 -34.95
N ILE B 105 44.46 -16.23 -35.91
CA ILE B 105 44.13 -16.97 -37.12
C ILE B 105 43.77 -18.40 -36.80
N SER B 106 44.48 -19.02 -35.86
CA SER B 106 44.28 -20.44 -35.61
C SER B 106 42.86 -20.72 -35.15
N GLN B 107 42.34 -19.89 -34.26
CA GLN B 107 40.96 -20.07 -33.82
C GLN B 107 39.99 -19.83 -34.96
N LEU B 108 40.30 -18.87 -35.84
CA LEU B 108 39.42 -18.62 -36.97
C LEU B 108 39.33 -19.84 -37.86
N VAL B 109 40.45 -20.47 -38.15
CA VAL B 109 40.42 -21.64 -39.00
C VAL B 109 39.76 -22.82 -38.31
N ARG B 110 40.04 -23.02 -37.03
CA ARG B 110 39.32 -24.05 -36.28
C ARG B 110 37.81 -23.82 -36.31
N LYS B 111 37.38 -22.57 -36.31
CA LYS B 111 35.95 -22.29 -36.35
C LYS B 111 35.36 -22.54 -37.71
N ILE B 112 36.04 -22.14 -38.79
CA ILE B 112 35.49 -22.38 -40.12
C ILE B 112 35.81 -23.77 -40.65
N SER B 113 36.83 -24.44 -40.10
CA SER B 113 37.01 -25.86 -40.39
C SER B 113 36.03 -26.71 -39.61
N ALA B 114 35.26 -26.11 -38.72
CA ALA B 114 34.21 -26.83 -38.01
C ALA B 114 32.90 -26.82 -38.77
N ILE B 115 32.78 -26.01 -39.81
CA ILE B 115 31.57 -26.03 -40.64
C ILE B 115 31.70 -27.01 -41.80
N TYR B 116 32.89 -27.07 -42.42
CA TYR B 116 33.17 -28.15 -43.35
C TYR B 116 32.77 -29.49 -42.77
N GLN B 117 33.26 -29.79 -41.57
CA GLN B 117 32.95 -31.05 -40.94
C GLN B 117 31.48 -31.17 -40.54
N GLU B 118 30.85 -30.07 -40.14
CA GLU B 118 29.44 -30.14 -39.79
C GLU B 118 28.56 -30.38 -41.00
N PHE B 119 29.03 -30.06 -42.20
CA PHE B 119 28.27 -30.35 -43.41
C PHE B 119 28.63 -31.70 -44.01
N THR B 120 29.81 -32.23 -43.70
CA THR B 120 30.13 -33.58 -44.12
C THR B 120 29.52 -34.63 -43.20
N GLN B 121 28.75 -34.22 -42.20
CA GLN B 121 28.14 -35.17 -41.28
C GLN B 121 26.74 -34.77 -40.86
N SER B 122 26.17 -33.77 -41.50
CA SER B 122 24.80 -33.38 -41.18
C SER B 122 23.82 -34.24 -41.98
N GLY B 123 22.54 -33.89 -41.86
CA GLY B 123 21.53 -34.63 -42.58
C GLY B 123 20.98 -33.86 -43.77
N GLY B 124 20.96 -34.51 -44.92
CA GLY B 124 20.36 -33.94 -46.10
C GLY B 124 21.15 -32.85 -46.77
N VAL B 125 22.42 -32.72 -46.48
CA VAL B 125 23.27 -31.72 -47.11
C VAL B 125 24.45 -32.41 -47.75
N ARG B 126 25.00 -31.79 -48.76
CA ARG B 126 26.21 -32.27 -49.39
C ARG B 126 27.40 -31.45 -48.93
N PRO B 127 28.60 -32.02 -48.93
CA PRO B 127 29.79 -31.28 -48.48
C PRO B 127 30.02 -30.04 -49.34
N PHE B 128 30.80 -29.12 -48.78
CA PHE B 128 31.18 -27.95 -49.54
C PHE B 128 32.18 -28.34 -50.62
N GLY B 129 32.30 -27.47 -51.62
CA GLY B 129 33.20 -27.75 -52.72
C GLY B 129 34.22 -26.67 -52.97
N CYS B 130 34.73 -26.06 -51.91
CA CYS B 130 35.69 -24.98 -52.05
C CYS B 130 36.74 -25.10 -50.97
N SER B 131 38.00 -24.90 -51.35
CA SER B 131 39.11 -24.90 -50.42
C SER B 131 39.64 -23.49 -50.26
N LEU B 132 39.71 -23.02 -49.02
CA LEU B 132 40.09 -21.65 -48.74
C LEU B 132 41.61 -21.53 -48.63
N LEU B 133 42.06 -20.28 -48.60
CA LEU B 133 43.45 -19.93 -48.33
C LEU B 133 43.40 -18.77 -47.34
N VAL B 134 43.36 -19.07 -46.06
CA VAL B 134 43.27 -18.02 -45.05
C VAL B 134 44.67 -17.48 -44.81
N ALA B 135 44.76 -16.19 -44.53
CA ALA B 135 46.05 -15.58 -44.24
C ALA B 135 45.83 -14.41 -43.31
N GLY B 136 46.87 -14.07 -42.54
CA GLY B 136 46.74 -12.88 -41.72
C GLY B 136 47.75 -12.84 -40.58
N VAL B 137 47.46 -11.96 -39.64
CA VAL B 137 48.37 -11.60 -38.57
C VAL B 137 47.69 -11.92 -37.24
N ASP B 138 48.50 -12.23 -36.24
CA ASP B 138 48.01 -12.28 -34.88
C ASP B 138 49.17 -11.93 -33.94
N ALA B 139 48.98 -12.15 -32.65
CA ALA B 139 50.01 -11.78 -31.69
C ALA B 139 51.30 -12.58 -31.85
N ASN B 140 51.25 -13.75 -32.48
CA ASN B 140 52.42 -14.60 -32.64
C ASN B 140 52.75 -14.79 -34.11
N GLY B 141 52.74 -13.71 -34.88
CA GLY B 141 53.32 -13.68 -36.19
C GLY B 141 52.30 -13.71 -37.30
N TYR B 142 52.77 -14.13 -38.47
CA TYR B 142 51.97 -14.19 -39.68
C TYR B 142 51.63 -15.64 -39.98
N HIS B 143 50.49 -15.86 -40.63
CA HIS B 143 50.03 -17.21 -40.86
C HIS B 143 49.37 -17.31 -42.22
N LEU B 144 49.43 -18.51 -42.78
CA LEU B 144 48.77 -18.85 -44.03
C LEU B 144 48.30 -20.29 -43.91
N TYR B 145 46.99 -20.49 -43.76
CA TYR B 145 46.41 -21.82 -43.68
C TYR B 145 45.65 -22.13 -44.97
N GLN B 146 45.36 -23.42 -45.16
CA GLN B 146 44.69 -23.87 -46.38
C GLN B 146 43.70 -24.98 -46.00
N VAL B 147 42.44 -24.61 -45.86
CA VAL B 147 41.41 -25.57 -45.46
C VAL B 147 40.97 -26.37 -46.69
N ASP B 148 40.21 -27.43 -46.45
CA ASP B 148 39.81 -28.37 -47.49
C ASP B 148 38.36 -28.81 -47.31
N PRO B 149 37.74 -29.37 -48.34
CA PRO B 149 36.36 -29.83 -48.21
C PRO B 149 36.16 -30.92 -47.17
N SER B 150 37.14 -31.80 -46.98
CA SER B 150 37.03 -32.79 -45.92
C SER B 150 37.02 -32.16 -44.53
N GLY B 151 37.53 -30.93 -44.42
CA GLY B 151 37.55 -30.21 -43.17
C GLY B 151 38.94 -30.00 -42.60
N THR B 152 39.94 -30.69 -43.13
CA THR B 152 41.28 -30.56 -42.58
C THR B 152 41.87 -29.20 -42.93
N PHE B 153 42.86 -28.77 -42.17
CA PHE B 153 43.56 -27.53 -42.43
C PHE B 153 45.05 -27.71 -42.18
N TRP B 154 45.85 -26.97 -42.93
CA TRP B 154 47.30 -27.12 -42.87
C TRP B 154 47.94 -25.75 -42.83
N ALA B 155 49.07 -25.67 -42.12
CA ALA B 155 49.78 -24.41 -41.92
C ALA B 155 50.92 -24.39 -42.91
N TRP B 156 50.63 -23.95 -44.13
CA TRP B 156 51.64 -23.97 -45.18
C TRP B 156 52.62 -22.82 -44.99
N LYS B 157 53.56 -22.75 -45.91
CA LYS B 157 54.47 -21.62 -46.05
C LYS B 157 54.40 -21.00 -47.43
N ALA B 158 54.05 -21.80 -48.44
CA ALA B 158 53.80 -21.29 -49.79
C ALA B 158 53.01 -22.37 -50.52
N THR B 159 51.79 -22.04 -50.93
CA THR B 159 50.90 -23.05 -51.49
C THR B 159 50.11 -22.47 -52.65
N ALA B 160 49.41 -23.35 -53.35
CA ALA B 160 48.64 -22.98 -54.53
C ALA B 160 47.54 -24.01 -54.75
N ILE B 161 46.35 -23.53 -55.07
CA ILE B 161 45.17 -24.36 -55.21
C ILE B 161 44.45 -24.03 -56.50
N GLY B 162 43.66 -24.97 -56.98
CA GLY B 162 42.91 -24.81 -58.20
C GLY B 162 43.46 -25.69 -59.31
N THR B 163 43.02 -25.38 -60.53
CA THR B 163 43.60 -26.02 -61.70
C THR B 163 44.98 -25.41 -61.93
N GLY B 164 45.95 -26.27 -62.18
CA GLY B 164 47.33 -25.81 -62.28
C GLY B 164 48.02 -25.67 -60.96
N SER B 165 47.57 -26.38 -59.93
CA SER B 165 48.23 -26.37 -58.63
C SER B 165 49.47 -27.27 -58.59
N PRO B 166 49.46 -28.49 -59.15
CA PRO B 166 50.65 -29.35 -59.01
C PRO B 166 51.91 -28.77 -59.63
N ASP B 167 51.79 -27.87 -60.59
CA ASP B 167 52.96 -27.21 -61.17
C ASP B 167 53.28 -25.89 -60.47
N ALA B 168 52.25 -25.15 -60.02
CA ALA B 168 52.52 -23.93 -59.28
C ALA B 168 53.25 -24.22 -57.98
N LYS B 169 52.86 -25.28 -57.27
CA LYS B 169 53.56 -25.62 -56.04
C LYS B 169 54.96 -26.13 -56.33
N ALA B 170 55.14 -26.83 -57.45
CA ALA B 170 56.48 -27.23 -57.85
C ALA B 170 57.38 -26.03 -58.09
N PHE B 171 56.89 -25.01 -58.81
CA PHE B 171 57.67 -23.80 -58.97
C PHE B 171 57.93 -23.13 -57.62
N LEU B 172 56.94 -23.12 -56.73
CA LEU B 172 57.12 -22.46 -55.44
C LEU B 172 58.16 -23.16 -54.58
N GLU B 173 58.35 -24.46 -54.76
CA GLU B 173 59.38 -25.17 -54.00
C GLU B 173 60.76 -24.57 -54.24
N LYS B 174 61.02 -24.10 -55.45
CA LYS B 174 62.36 -23.71 -55.86
C LYS B 174 62.69 -22.25 -55.59
N ARG B 175 61.73 -21.35 -55.78
CA ARG B 175 61.99 -19.92 -55.68
C ARG B 175 61.70 -19.36 -54.30
N TYR B 176 61.39 -20.21 -53.33
CA TYR B 176 61.15 -19.76 -51.97
C TYR B 176 62.47 -19.72 -51.20
N THR B 177 62.54 -18.81 -50.23
CA THR B 177 63.72 -18.65 -49.40
C THR B 177 63.30 -18.32 -47.97
N VAL B 178 64.01 -18.90 -47.01
CA VAL B 178 63.60 -18.81 -45.62
C VAL B 178 63.68 -17.40 -45.07
N ASP B 179 64.50 -16.54 -45.68
CA ASP B 179 64.66 -15.18 -45.18
C ASP B 179 64.17 -14.16 -46.19
N MET B 180 63.02 -14.43 -46.79
CA MET B 180 62.46 -13.54 -47.80
C MET B 180 61.82 -12.31 -47.15
N GLU B 181 62.11 -11.15 -47.71
CA GLU B 181 61.39 -9.95 -47.34
C GLU B 181 60.03 -9.95 -48.03
N LEU B 182 59.30 -8.84 -47.91
CA LEU B 182 57.91 -8.86 -48.36
C LEU B 182 57.79 -8.65 -49.86
N GLU B 183 58.51 -7.68 -50.42
CA GLU B 183 58.39 -7.40 -51.85
C GLU B 183 58.86 -8.57 -52.69
N ASP B 184 59.85 -9.31 -52.19
CA ASP B 184 60.24 -10.55 -52.86
C ASP B 184 59.05 -11.48 -52.99
N ALA B 185 58.21 -11.53 -51.96
CA ALA B 185 57.06 -12.42 -51.97
C ALA B 185 56.04 -11.99 -53.02
N VAL B 186 55.75 -10.69 -53.08
CA VAL B 186 54.84 -10.18 -54.09
C VAL B 186 55.35 -10.52 -55.48
N HIS B 187 56.65 -10.31 -55.69
CA HIS B 187 57.22 -10.58 -57.00
C HIS B 187 57.11 -12.05 -57.36
N THR B 188 57.42 -12.95 -56.41
CA THR B 188 57.39 -14.37 -56.75
C THR B 188 55.96 -14.86 -56.96
N ALA B 189 55.00 -14.32 -56.21
CA ALA B 189 53.61 -14.68 -56.45
C ALA B 189 53.18 -14.28 -57.84
N LEU B 190 53.42 -13.03 -58.22
CA LEU B 190 53.05 -12.57 -59.55
C LEU B 190 53.80 -13.35 -60.62
N LEU B 191 55.05 -13.72 -60.34
CA LEU B 191 55.86 -14.43 -61.34
C LEU B 191 55.35 -15.83 -61.58
N THR B 192 55.00 -16.57 -60.53
CA THR B 192 54.47 -17.90 -60.71
C THR B 192 53.04 -17.88 -61.23
N LEU B 193 52.31 -16.78 -61.06
CA LEU B 193 51.03 -16.67 -61.75
C LEU B 193 51.22 -16.42 -63.24
N LYS B 194 52.17 -15.57 -63.62
CA LYS B 194 52.42 -15.31 -65.03
C LYS B 194 52.85 -16.58 -65.76
N GLU B 195 53.79 -17.32 -65.18
CA GLU B 195 54.25 -18.58 -65.74
C GLU B 195 53.10 -19.55 -66.04
N GLY B 196 51.96 -19.41 -65.35
CA GLY B 196 50.81 -20.24 -65.62
C GLY B 196 49.67 -19.49 -66.24
N PHE B 197 49.85 -18.18 -66.42
CA PHE B 197 48.81 -17.35 -67.03
C PHE B 197 48.64 -17.71 -68.50
N ASP B 198 47.39 -17.73 -68.98
CA ASP B 198 47.15 -18.15 -70.35
C ASP B 198 47.48 -17.04 -71.34
N GLY B 199 47.37 -15.78 -70.92
CA GLY B 199 47.74 -14.66 -71.78
C GLY B 199 48.75 -13.79 -71.06
N GLN B 200 48.51 -12.49 -70.99
CA GLN B 200 49.27 -11.60 -70.13
C GLN B 200 48.31 -10.94 -69.16
N MET B 201 48.66 -10.96 -67.88
CA MET B 201 47.77 -10.46 -66.84
C MET B 201 47.79 -8.93 -66.80
N THR B 202 46.63 -8.35 -66.61
CA THR B 202 46.49 -6.91 -66.41
C THR B 202 46.03 -6.63 -64.99
N SER B 203 45.98 -5.35 -64.64
CA SER B 203 45.62 -4.98 -63.29
C SER B 203 44.18 -5.34 -62.96
N GLU B 204 43.38 -5.67 -63.97
CA GLU B 204 42.01 -6.08 -63.79
C GLU B 204 41.77 -7.54 -64.17
N ASN B 205 42.84 -8.31 -64.38
CA ASN B 205 42.71 -9.74 -64.61
C ASN B 205 43.18 -10.56 -63.41
N THR B 206 43.84 -9.92 -62.45
CA THR B 206 44.23 -10.55 -61.20
C THR B 206 43.80 -9.68 -60.03
N GLN B 207 44.01 -10.20 -58.82
CA GLN B 207 43.62 -9.51 -57.60
C GLN B 207 44.43 -10.07 -56.45
N VAL B 208 45.34 -9.27 -55.89
CA VAL B 208 46.21 -9.73 -54.82
C VAL B 208 45.90 -8.97 -53.54
N GLY B 209 46.25 -9.60 -52.43
CA GLY B 209 46.12 -8.98 -51.13
C GLY B 209 47.31 -9.30 -50.25
N ARG B 210 47.95 -8.28 -49.70
CA ARG B 210 49.18 -8.48 -48.94
C ARG B 210 48.99 -7.90 -47.56
N VAL B 211 49.10 -8.74 -46.54
CA VAL B 211 48.89 -8.32 -45.17
C VAL B 211 50.23 -7.81 -44.63
N VAL B 212 50.26 -6.57 -44.15
CA VAL B 212 51.50 -5.93 -43.73
C VAL B 212 51.31 -5.32 -42.35
N GLU B 213 51.87 -6.01 -41.36
CA GLU B 213 52.24 -5.54 -40.03
C GLU B 213 51.07 -5.22 -39.11
N ASN B 214 49.87 -5.01 -39.63
CA ASN B 214 48.71 -5.11 -38.76
C ASN B 214 47.42 -5.43 -39.51
N ARG B 215 47.46 -5.56 -40.84
CA ARG B 215 46.25 -5.39 -41.60
C ARG B 215 46.40 -5.99 -43.00
N PHE B 216 45.25 -6.27 -43.61
CA PHE B 216 45.22 -7.03 -44.87
C PHE B 216 45.33 -6.17 -46.12
N GLU B 217 44.46 -5.18 -46.28
CA GLU B 217 44.61 -4.16 -47.32
C GLU B 217 44.80 -4.72 -48.74
N ILE B 218 43.74 -5.29 -49.32
CA ILE B 218 43.73 -5.68 -50.72
C ILE B 218 44.39 -4.62 -51.58
N LEU B 219 45.32 -5.02 -52.44
CA LEU B 219 46.00 -4.04 -53.29
C LEU B 219 45.02 -3.41 -54.27
N SER B 220 45.19 -2.11 -54.49
CA SER B 220 44.34 -1.37 -55.41
C SER B 220 44.68 -1.73 -56.85
N VAL B 221 44.11 -0.99 -57.80
CA VAL B 221 44.45 -1.25 -59.18
C VAL B 221 45.78 -0.60 -59.54
N ASP B 222 46.05 0.60 -59.04
CA ASP B 222 47.32 1.26 -59.34
C ASP B 222 48.47 0.63 -58.59
N GLN B 223 48.25 0.28 -57.31
CA GLN B 223 49.29 -0.40 -56.55
C GLN B 223 49.63 -1.75 -57.16
N LEU B 224 48.59 -2.53 -57.52
CA LEU B 224 48.83 -3.79 -58.21
C LEU B 224 49.52 -3.58 -59.55
N ARG B 225 49.16 -2.54 -60.29
CA ARG B 225 49.85 -2.23 -61.52
C ARG B 225 51.32 -1.93 -61.31
N ASP B 226 51.66 -1.15 -60.29
CA ASP B 226 53.03 -0.76 -60.01
C ASP B 226 53.99 -1.95 -59.90
N TYR B 227 53.48 -3.13 -59.56
CA TYR B 227 54.28 -4.34 -59.52
C TYR B 227 54.16 -5.17 -60.79
N LEU B 228 53.03 -5.10 -61.48
CA LEU B 228 52.83 -5.91 -62.68
C LEU B 228 53.81 -5.53 -63.78
N ASP B 229 54.07 -4.24 -63.94
CA ASP B 229 54.94 -3.76 -65.01
C ASP B 229 56.36 -3.60 -64.48
N GLN B 230 56.69 -4.43 -63.49
CA GLN B 230 58.01 -4.46 -62.90
C GLN B 230 58.45 -5.91 -62.69
N ILE B 231 57.74 -6.84 -63.32
CA ILE B 231 58.12 -8.24 -63.28
C ILE B 231 58.32 -8.74 -64.70
N SER C 2 14.13 -37.27 -50.78
CA SER C 2 13.17 -38.36 -50.89
C SER C 2 13.66 -39.58 -50.14
N HIS C 3 12.74 -40.51 -49.86
CA HIS C 3 13.06 -41.68 -49.07
C HIS C 3 13.62 -42.82 -49.89
N ARG C 4 13.67 -42.71 -51.21
CA ARG C 4 14.17 -43.79 -52.04
C ARG C 4 15.68 -43.82 -52.12
N TYR C 5 16.35 -42.70 -51.89
CA TYR C 5 17.80 -42.65 -51.91
C TYR C 5 18.40 -42.76 -50.52
N ASP C 6 17.59 -43.11 -49.52
CA ASP C 6 18.09 -43.30 -48.17
C ASP C 6 19.08 -44.45 -48.14
N SER C 7 20.31 -44.13 -47.75
CA SER C 7 21.33 -45.16 -47.58
C SER C 7 21.08 -46.04 -46.37
N ARG C 8 20.32 -45.54 -45.39
CA ARG C 8 19.98 -46.29 -44.19
C ARG C 8 21.23 -46.79 -43.48
N THR C 9 22.03 -45.88 -42.96
CA THR C 9 23.26 -46.27 -42.29
C THR C 9 23.01 -47.15 -41.07
N THR C 10 22.01 -46.82 -40.27
CA THR C 10 21.73 -47.53 -39.02
C THR C 10 20.67 -48.61 -39.22
N THR C 11 21.09 -49.71 -39.84
CA THR C 11 20.23 -50.88 -39.98
C THR C 11 21.03 -52.13 -39.72
N PHE C 12 20.35 -53.15 -39.22
CA PHE C 12 20.98 -54.45 -39.02
C PHE C 12 20.98 -55.24 -40.32
N SER C 13 22.17 -55.65 -40.72
CA SER C 13 22.29 -56.46 -41.93
C SER C 13 21.85 -57.87 -41.59
N PRO C 14 21.63 -58.73 -42.59
CA PRO C 14 21.07 -60.07 -42.29
C PRO C 14 21.88 -60.89 -41.30
N GLU C 15 23.13 -60.51 -41.03
CA GLU C 15 23.98 -61.25 -40.10
C GLU C 15 24.33 -60.42 -38.87
N GLY C 16 23.41 -59.58 -38.42
CA GLY C 16 23.61 -58.78 -37.23
C GLY C 16 24.78 -57.81 -37.29
N ARG C 17 25.46 -57.71 -38.42
CA ARG C 17 26.60 -56.82 -38.57
C ARG C 17 26.14 -55.47 -39.07
N LEU C 18 26.72 -54.42 -38.51
CA LEU C 18 26.42 -53.05 -38.93
C LEU C 18 27.48 -52.68 -39.95
N TYR C 19 27.07 -52.58 -41.21
CA TYR C 19 27.99 -52.35 -42.30
C TYR C 19 28.78 -51.08 -42.13
N GLN C 20 28.12 -50.00 -41.72
CA GLN C 20 28.79 -48.71 -41.62
C GLN C 20 29.90 -48.74 -40.58
N VAL C 21 29.69 -49.45 -39.48
CA VAL C 21 30.71 -49.53 -38.46
C VAL C 21 31.90 -50.35 -38.94
N GLU C 22 31.64 -51.44 -39.67
CA GLU C 22 32.73 -52.21 -40.25
C GLU C 22 33.51 -51.37 -41.25
N TYR C 23 32.83 -50.52 -42.00
CA TYR C 23 33.52 -49.68 -42.98
C TYR C 23 34.33 -48.61 -42.27
N ALA C 24 33.84 -48.09 -41.15
CA ALA C 24 34.62 -47.15 -40.36
C ALA C 24 35.88 -47.81 -39.84
N VAL C 25 35.76 -49.03 -39.32
CA VAL C 25 36.94 -49.77 -38.89
C VAL C 25 37.93 -49.94 -40.02
N GLU C 26 37.47 -50.39 -41.18
CA GLU C 26 38.39 -50.53 -42.30
C GLU C 26 38.97 -49.19 -42.75
N ALA C 27 38.27 -48.09 -42.44
CA ALA C 27 38.81 -46.78 -42.77
C ALA C 27 39.94 -46.40 -41.84
N ILE C 28 39.80 -46.69 -40.54
CA ILE C 28 40.83 -46.35 -39.58
C ILE C 28 42.12 -47.12 -39.86
N GLN C 29 42.01 -48.30 -40.47
CA GLN C 29 43.20 -49.14 -40.66
C GLN C 29 44.24 -48.47 -41.55
N GLN C 30 43.81 -47.60 -42.46
CA GLN C 30 44.75 -46.92 -43.33
C GLN C 30 45.35 -45.67 -42.70
N ALA C 31 44.83 -45.22 -41.56
CA ALA C 31 45.37 -44.05 -40.90
C ALA C 31 46.74 -44.35 -40.29
N GLY C 32 47.30 -43.35 -39.64
CA GLY C 32 48.65 -43.50 -39.11
C GLY C 32 48.66 -44.33 -37.85
N THR C 33 49.67 -45.18 -37.73
CA THR C 33 49.82 -46.03 -36.55
C THR C 33 50.28 -45.20 -35.36
N VAL C 34 49.61 -45.36 -34.23
CA VAL C 34 50.03 -44.79 -32.97
C VAL C 34 49.96 -45.86 -31.90
N ILE C 35 50.98 -45.92 -31.06
CA ILE C 35 51.10 -46.93 -30.02
C ILE C 35 51.16 -46.22 -28.68
N GLY C 36 50.82 -46.92 -27.63
CA GLY C 36 50.82 -46.34 -26.30
C GLY C 36 51.10 -47.41 -25.27
N VAL C 37 52.12 -47.15 -24.43
CA VAL C 37 52.56 -48.10 -23.43
C VAL C 37 52.39 -47.50 -22.06
N CYS C 38 51.81 -48.27 -21.14
CA CYS C 38 51.49 -47.82 -19.80
C CYS C 38 52.50 -48.41 -18.82
N THR C 39 53.45 -47.59 -18.40
CA THR C 39 54.49 -48.02 -17.48
C THR C 39 54.01 -47.77 -16.05
N LYS C 40 54.91 -47.84 -15.08
CA LYS C 40 54.54 -47.66 -13.68
C LYS C 40 54.76 -46.25 -13.18
N ASP C 41 55.54 -45.44 -13.89
CA ASP C 41 55.79 -44.06 -13.48
C ASP C 41 55.60 -43.15 -14.69
N GLY C 42 54.58 -43.43 -15.47
CA GLY C 42 54.33 -42.66 -16.67
C GLY C 42 53.72 -43.53 -17.75
N VAL C 43 53.16 -42.87 -18.76
CA VAL C 43 52.54 -43.54 -19.89
C VAL C 43 52.89 -42.76 -21.17
N VAL C 44 53.30 -43.48 -22.21
CA VAL C 44 53.84 -42.87 -23.41
C VAL C 44 52.94 -43.15 -24.60
N LEU C 45 52.78 -42.15 -25.46
CA LEU C 45 52.11 -42.28 -26.74
C LEU C 45 53.11 -41.91 -27.84
N ALA C 46 53.43 -42.87 -28.69
CA ALA C 46 54.37 -42.65 -29.79
C ALA C 46 53.67 -42.98 -31.10
N GLY C 47 53.53 -41.98 -31.97
CA GLY C 47 52.87 -42.16 -33.23
C GLY C 47 53.72 -41.64 -34.37
N GLU C 48 53.23 -41.84 -35.58
CA GLU C 48 53.92 -41.41 -36.79
C GLU C 48 53.07 -40.41 -37.54
N LYS C 49 53.63 -39.25 -37.82
CA LYS C 49 52.97 -38.24 -38.63
C LYS C 49 53.59 -38.22 -40.03
N MET C 50 52.83 -37.68 -40.98
CA MET C 50 53.15 -37.80 -42.39
C MET C 50 54.51 -37.18 -42.73
N VAL C 51 55.02 -37.56 -43.90
CA VAL C 51 56.30 -37.08 -44.41
C VAL C 51 56.27 -35.56 -44.50
N PRO C 52 57.30 -34.86 -44.01
CA PRO C 52 57.25 -33.39 -44.03
C PRO C 52 57.64 -32.84 -45.39
N HIS C 53 56.66 -32.28 -46.09
CA HIS C 53 56.89 -31.54 -47.31
C HIS C 53 57.86 -30.40 -47.04
N PRO C 54 58.69 -30.03 -48.03
CA PRO C 54 59.69 -28.98 -47.80
C PRO C 54 59.10 -27.62 -47.50
N LEU C 55 57.81 -27.41 -47.73
CA LEU C 55 57.18 -26.11 -47.57
C LEU C 55 56.24 -26.05 -46.36
N PHE C 56 56.10 -27.14 -45.61
CA PHE C 56 55.29 -27.11 -44.41
C PHE C 56 55.84 -26.10 -43.41
N ASP C 57 54.96 -25.46 -42.67
CA ASP C 57 55.33 -24.61 -41.56
C ASP C 57 54.59 -25.08 -40.32
N SER C 58 55.07 -24.65 -39.17
CA SER C 58 54.42 -24.91 -37.90
C SER C 58 53.76 -23.62 -37.44
N GLU C 59 52.51 -23.70 -36.99
CA GLU C 59 51.92 -22.54 -36.34
C GLU C 59 52.76 -22.18 -35.14
N SER C 60 53.33 -20.98 -35.12
CA SER C 60 54.17 -20.61 -33.99
C SER C 60 53.27 -20.42 -32.77
N MET C 61 53.05 -21.51 -32.04
CA MET C 61 52.12 -21.50 -30.92
C MET C 61 52.90 -21.31 -29.63
N GLN C 62 52.46 -20.34 -28.82
CA GLN C 62 53.08 -20.17 -27.52
C GLN C 62 52.63 -21.31 -26.60
N ASP C 63 53.54 -21.76 -25.73
CA ASP C 63 53.25 -22.83 -24.80
C ASP C 63 52.82 -24.11 -25.53
N LYS C 64 53.72 -24.67 -26.33
CA LYS C 64 53.41 -25.84 -27.16
C LYS C 64 53.49 -27.13 -26.35
N ASN C 65 52.48 -27.36 -25.53
CA ASN C 65 52.35 -28.63 -24.82
C ASN C 65 50.95 -29.19 -24.86
N THR C 66 50.03 -28.56 -25.59
CA THR C 66 48.66 -29.05 -25.67
C THR C 66 48.38 -29.83 -26.94
N SER C 67 48.69 -29.28 -28.10
CA SER C 67 48.37 -29.92 -29.36
C SER C 67 49.62 -30.08 -30.19
N GLY C 68 49.98 -31.33 -30.50
CA GLY C 68 50.94 -31.64 -31.52
C GLY C 68 50.26 -31.91 -32.84
N GLU C 69 50.97 -32.62 -33.73
CA GLU C 69 50.35 -33.00 -34.99
C GLU C 69 49.48 -34.23 -34.83
N LYS C 70 49.71 -35.03 -33.79
CA LYS C 70 48.97 -36.27 -33.62
C LYS C 70 48.29 -36.36 -32.26
N MET C 71 48.94 -35.85 -31.23
CA MET C 71 48.44 -35.96 -29.86
C MET C 71 47.91 -34.62 -29.37
N TYR C 72 46.86 -34.67 -28.57
CA TYR C 72 46.19 -33.48 -28.07
C TYR C 72 45.96 -33.62 -26.57
N LYS C 73 45.62 -32.50 -25.94
CA LYS C 73 45.32 -32.48 -24.52
C LYS C 73 43.83 -32.26 -24.30
N ILE C 74 43.25 -33.05 -23.40
CA ILE C 74 41.82 -32.99 -23.14
C ILE C 74 41.56 -32.23 -21.85
N ALA C 75 42.48 -32.35 -20.91
CA ALA C 75 42.43 -31.59 -19.66
C ALA C 75 43.85 -31.59 -19.09
N GLU C 76 44.00 -31.02 -17.90
CA GLU C 76 45.35 -30.91 -17.33
C GLU C 76 46.00 -32.28 -17.17
N HIS C 77 45.19 -33.34 -17.07
CA HIS C 77 45.67 -34.66 -16.74
C HIS C 77 45.19 -35.73 -17.70
N ILE C 78 44.66 -35.36 -18.86
CA ILE C 78 44.21 -36.32 -19.86
C ILE C 78 44.73 -35.90 -21.21
N GLY C 79 45.56 -36.75 -21.82
CA GLY C 79 45.97 -36.57 -23.19
C GLY C 79 45.34 -37.65 -24.04
N CYS C 80 45.27 -37.38 -25.33
CA CYS C 80 44.66 -38.34 -26.24
C CYS C 80 45.41 -38.34 -27.55
N SER C 81 45.28 -39.43 -28.28
CA SER C 81 45.79 -39.53 -29.63
C SER C 81 44.69 -40.07 -30.52
N VAL C 82 44.70 -39.65 -31.78
CA VAL C 82 43.60 -39.90 -32.69
C VAL C 82 44.11 -40.69 -33.89
N ALA C 83 43.26 -41.54 -34.44
CA ALA C 83 43.55 -42.24 -35.68
C ALA C 83 42.27 -42.31 -36.50
N GLY C 84 42.36 -41.86 -37.74
CA GLY C 84 41.21 -41.92 -38.62
C GLY C 84 41.06 -40.59 -39.36
N VAL C 85 39.81 -40.31 -39.73
CA VAL C 85 39.49 -39.05 -40.41
C VAL C 85 39.84 -37.88 -39.50
N THR C 86 40.77 -37.05 -39.95
CA THR C 86 41.35 -36.03 -39.08
C THR C 86 40.31 -35.01 -38.64
N SER C 87 39.64 -34.37 -39.61
CA SER C 87 38.76 -33.26 -39.28
C SER C 87 37.53 -33.68 -38.50
N ASP C 88 37.19 -34.96 -38.52
CA ASP C 88 36.09 -35.44 -37.70
C ASP C 88 36.49 -35.61 -36.24
N ALA C 89 37.75 -35.90 -35.98
CA ALA C 89 38.22 -36.08 -34.62
C ALA C 89 38.13 -34.80 -33.81
N TYR C 90 38.20 -33.64 -34.47
CA TYR C 90 38.18 -32.38 -33.73
C TYR C 90 36.82 -32.09 -33.10
N ALA C 91 35.72 -32.50 -33.73
CA ALA C 91 34.42 -32.30 -33.10
C ALA C 91 34.32 -33.08 -31.80
N LEU C 92 34.67 -34.37 -31.82
CA LEU C 92 34.68 -35.16 -30.61
C LEU C 92 35.70 -34.65 -29.60
N LEU C 93 36.83 -34.13 -30.06
CA LEU C 93 37.82 -33.61 -29.13
C LEU C 93 37.29 -32.39 -28.40
N ASN C 94 36.62 -31.49 -29.11
CA ASN C 94 36.00 -30.36 -28.44
C ASN C 94 34.91 -30.83 -27.48
N TYR C 95 34.13 -31.82 -27.89
CA TYR C 95 33.10 -32.32 -26.99
C TYR C 95 33.70 -32.91 -25.72
N ALA C 96 34.80 -33.64 -25.86
CA ALA C 96 35.42 -34.25 -24.69
C ALA C 96 36.04 -33.20 -23.79
N ARG C 97 36.64 -32.16 -24.36
CA ARG C 97 37.13 -31.07 -23.54
C ARG C 97 35.99 -30.42 -22.75
N LEU C 98 34.86 -30.19 -23.41
CA LEU C 98 33.72 -29.61 -22.71
C LEU C 98 33.22 -30.53 -21.59
N SER C 99 33.20 -31.84 -21.84
CA SER C 99 32.76 -32.74 -20.79
C SER C 99 33.71 -32.74 -19.61
N ALA C 100 35.01 -32.88 -19.85
CA ALA C 100 35.97 -32.91 -18.77
C ALA C 100 36.14 -31.56 -18.10
N LEU C 101 35.56 -30.49 -18.66
CA LEU C 101 35.49 -29.23 -17.95
C LEU C 101 34.19 -29.03 -17.18
N ARG C 102 33.07 -29.55 -17.67
CA ARG C 102 31.82 -29.40 -16.94
C ARG C 102 31.78 -30.20 -15.66
N HIS C 103 32.42 -31.38 -15.65
CA HIS C 103 32.51 -32.14 -14.41
C HIS C 103 33.34 -31.41 -13.37
N GLN C 104 34.40 -30.73 -13.81
CA GLN C 104 35.18 -29.91 -12.88
C GLN C 104 34.45 -28.65 -12.48
N TYR C 105 33.53 -28.16 -13.31
CA TYR C 105 32.69 -27.05 -12.88
C TYR C 105 31.71 -27.49 -11.81
N THR C 106 31.14 -28.68 -11.96
CA THR C 106 30.15 -29.17 -11.00
C THR C 106 30.77 -29.71 -9.72
N PHE C 107 31.79 -30.54 -9.80
CA PHE C 107 32.32 -31.22 -8.62
C PHE C 107 33.65 -30.68 -8.12
N GLN C 108 34.32 -29.82 -8.86
CA GLN C 108 35.59 -29.24 -8.43
C GLN C 108 36.60 -30.33 -8.09
N GLU C 109 36.71 -31.32 -8.95
CA GLU C 109 37.69 -32.39 -8.84
C GLU C 109 38.01 -32.88 -10.24
N PRO C 110 39.27 -33.27 -10.49
CA PRO C 110 39.65 -33.72 -11.83
C PRO C 110 38.92 -35.01 -12.18
N MET C 111 38.32 -35.02 -13.37
CA MET C 111 37.54 -36.19 -13.79
C MET C 111 38.46 -37.36 -14.06
N ALA C 112 38.04 -38.53 -13.60
CA ALA C 112 38.86 -39.73 -13.79
C ALA C 112 38.73 -40.24 -15.21
N ILE C 113 39.81 -40.85 -15.71
CA ILE C 113 39.90 -41.23 -17.11
C ILE C 113 38.72 -42.08 -17.53
N GLU C 114 38.32 -43.04 -16.69
CA GLU C 114 37.27 -43.97 -17.08
C GLU C 114 35.91 -43.30 -17.17
N ASP C 115 35.70 -42.18 -16.48
CA ASP C 115 34.44 -41.47 -16.63
C ASP C 115 34.35 -40.77 -17.97
N LEU C 116 35.40 -40.05 -18.36
CA LEU C 116 35.43 -39.35 -19.62
C LEU C 116 35.42 -40.31 -20.79
N CYS C 117 36.21 -41.38 -20.70
CA CYS C 117 36.27 -42.38 -21.75
C CYS C 117 34.89 -42.97 -22.01
N ARG C 118 34.06 -43.03 -20.97
CA ARG C 118 32.70 -43.49 -21.17
C ARG C 118 31.82 -42.37 -21.72
N ILE C 119 32.04 -41.13 -21.27
CA ILE C 119 31.14 -40.06 -21.67
C ILE C 119 31.32 -39.66 -23.12
N LEU C 120 32.45 -39.99 -23.74
CA LEU C 120 32.62 -39.69 -25.16
C LEU C 120 32.49 -40.92 -26.03
N CYS C 121 32.30 -42.10 -25.43
CA CYS C 121 31.96 -43.27 -26.22
C CYS C 121 30.46 -43.44 -26.35
N ASP C 122 29.69 -42.94 -25.38
CA ASP C 122 28.24 -42.89 -25.53
C ASP C 122 27.85 -42.01 -26.72
N GLU C 123 28.59 -40.93 -26.95
CA GLU C 123 28.36 -40.09 -28.13
C GLU C 123 28.65 -40.86 -29.41
N LYS C 124 29.76 -41.58 -29.43
CA LYS C 124 30.12 -42.35 -30.63
C LYS C 124 29.10 -43.43 -30.91
N GLN C 125 28.50 -43.99 -29.86
CA GLN C 125 27.45 -44.99 -30.08
C GLN C 125 26.15 -44.35 -30.52
N LEU C 126 25.83 -43.18 -29.98
CA LEU C 126 24.54 -42.54 -30.24
C LEU C 126 24.25 -42.46 -31.73
N TYR C 127 25.26 -42.13 -32.52
CA TYR C 127 25.07 -41.99 -33.95
C TYR C 127 24.83 -43.33 -34.63
N THR C 128 25.27 -44.42 -34.02
CA THR C 128 25.07 -45.76 -34.57
C THR C 128 23.65 -46.25 -34.37
N GLN C 129 22.82 -45.48 -33.68
CA GLN C 129 21.47 -45.93 -33.37
C GLN C 129 20.38 -44.94 -33.74
N TYR C 130 20.68 -43.65 -33.87
CA TYR C 130 19.70 -42.65 -34.24
C TYR C 130 20.24 -41.84 -35.41
N GLY C 131 19.41 -40.92 -35.89
CA GLY C 131 19.84 -39.89 -36.81
C GLY C 131 19.98 -40.35 -38.24
N GLY C 132 20.45 -41.58 -38.46
CA GLY C 132 20.59 -42.06 -39.82
C GLY C 132 21.70 -41.39 -40.59
N VAL C 133 22.75 -40.95 -39.90
CA VAL C 133 23.91 -40.34 -40.54
C VAL C 133 25.13 -41.19 -40.17
N ARG C 134 26.19 -41.03 -40.96
CA ARG C 134 27.39 -41.85 -40.78
C ARG C 134 27.90 -41.75 -39.35
N PRO C 135 28.58 -42.77 -38.86
CA PRO C 135 29.18 -42.71 -37.53
C PRO C 135 30.54 -42.01 -37.58
N TYR C 136 30.98 -41.53 -36.42
CA TYR C 136 32.31 -40.95 -36.33
C TYR C 136 33.34 -42.03 -36.62
N GLY C 137 34.02 -41.92 -37.75
CA GLY C 137 35.01 -42.90 -38.11
C GLY C 137 36.38 -42.59 -37.54
N VAL C 138 36.50 -42.58 -36.21
CA VAL C 138 37.74 -42.21 -35.56
C VAL C 138 37.96 -43.13 -34.36
N SER C 139 39.22 -43.31 -33.98
CA SER C 139 39.58 -44.11 -32.82
C SER C 139 40.52 -43.30 -31.94
N PHE C 140 40.42 -43.51 -30.64
CA PHE C 140 41.20 -42.75 -29.67
C PHE C 140 42.24 -43.62 -28.99
N LEU C 141 43.10 -42.95 -28.24
CA LEU C 141 43.91 -43.54 -27.19
C LEU C 141 44.00 -42.48 -26.11
N LEU C 142 43.25 -42.65 -25.03
CA LEU C 142 43.31 -41.72 -23.92
C LEU C 142 44.32 -42.23 -22.90
N VAL C 143 45.19 -41.33 -22.44
CA VAL C 143 46.11 -41.64 -21.36
C VAL C 143 45.97 -40.56 -20.31
N GLY C 144 46.13 -40.95 -19.06
CA GLY C 144 45.98 -39.99 -17.99
C GLY C 144 46.20 -40.61 -16.64
N TRP C 145 46.10 -39.76 -15.62
CA TRP C 145 46.38 -40.11 -14.25
C TRP C 145 45.21 -39.68 -13.37
N ASP C 146 44.84 -40.52 -12.41
CA ASP C 146 43.82 -40.19 -11.45
C ASP C 146 44.09 -40.94 -10.16
N ARG C 147 43.54 -40.43 -9.06
CA ARG C 147 43.80 -41.02 -7.76
C ARG C 147 43.16 -42.40 -7.60
N TYR C 148 42.37 -42.84 -8.56
CA TYR C 148 41.65 -44.10 -8.41
C TYR C 148 42.48 -45.29 -8.89
N TYR C 149 43.10 -45.17 -10.06
CA TYR C 149 43.89 -46.26 -10.61
C TYR C 149 45.25 -45.84 -11.15
N GLY C 150 45.72 -44.64 -10.83
CA GLY C 150 47.02 -44.24 -11.34
C GLY C 150 47.00 -44.11 -12.85
N TYR C 151 48.16 -44.31 -13.48
CA TYR C 151 48.26 -44.15 -14.91
C TYR C 151 47.39 -45.15 -15.64
N GLN C 152 46.39 -44.66 -16.36
CA GLN C 152 45.48 -45.50 -17.13
C GLN C 152 45.76 -45.31 -18.62
N LEU C 153 45.16 -46.18 -19.42
CA LEU C 153 45.27 -46.07 -20.88
C LEU C 153 44.09 -46.82 -21.46
N TYR C 154 43.21 -46.11 -22.15
CA TYR C 154 42.04 -46.73 -22.75
C TYR C 154 42.14 -46.68 -24.26
N SER C 155 41.28 -47.44 -24.91
CA SER C 155 41.22 -47.50 -26.36
C SER C 155 39.78 -47.57 -26.80
N THR C 156 39.49 -46.94 -27.94
CA THR C 156 38.14 -46.71 -28.41
C THR C 156 37.99 -47.25 -29.83
N GLU C 157 36.82 -47.74 -30.14
CA GLU C 157 36.35 -48.22 -31.43
C GLU C 157 35.36 -47.23 -32.02
N PRO C 158 35.20 -47.19 -33.34
CA PRO C 158 34.18 -46.31 -33.91
C PRO C 158 32.79 -46.89 -33.79
N SER C 159 32.51 -47.48 -32.64
CA SER C 159 31.22 -48.08 -32.34
C SER C 159 30.79 -47.88 -30.91
N GLY C 160 31.56 -47.19 -30.08
CA GLY C 160 31.18 -46.87 -28.73
C GLY C 160 31.80 -47.75 -27.65
N ASP C 161 32.36 -48.89 -28.00
CA ASP C 161 32.96 -49.77 -27.01
C ASP C 161 34.38 -49.34 -26.74
N TYR C 162 34.78 -49.40 -25.47
CA TYR C 162 36.11 -49.01 -25.06
C TYR C 162 36.70 -50.12 -24.21
N SER C 163 38.02 -50.10 -24.08
CA SER C 163 38.70 -51.14 -23.32
C SER C 163 39.99 -50.59 -22.74
N ALA C 164 40.30 -51.00 -21.51
CA ALA C 164 41.53 -50.56 -20.87
C ALA C 164 42.68 -51.49 -21.24
N TRP C 165 43.77 -50.91 -21.71
CA TRP C 165 44.91 -51.67 -22.16
C TRP C 165 46.15 -51.26 -21.39
N SER C 166 47.11 -52.19 -21.28
CA SER C 166 48.40 -51.88 -20.72
C SER C 166 49.41 -51.45 -21.76
N ALA C 167 49.23 -51.87 -23.01
CA ALA C 167 50.04 -51.39 -24.11
C ALA C 167 49.32 -51.72 -25.41
N TYR C 168 48.91 -50.70 -26.16
CA TYR C 168 48.05 -50.92 -27.32
C TYR C 168 48.61 -50.17 -28.52
N ALA C 169 47.99 -50.41 -29.68
CA ALA C 169 48.43 -49.81 -30.93
C ALA C 169 47.31 -49.85 -31.94
N ILE C 170 47.13 -48.75 -32.67
CA ILE C 170 46.06 -48.65 -33.66
C ILE C 170 46.59 -48.01 -34.94
N GLY C 171 46.07 -48.48 -36.07
CA GLY C 171 46.40 -47.92 -37.36
C GLY C 171 46.99 -48.97 -38.30
N GLN C 172 47.91 -48.52 -39.15
CA GLN C 172 48.58 -49.40 -40.10
C GLN C 172 49.43 -50.43 -39.37
N ASN C 173 49.29 -51.70 -39.79
CA ASN C 173 50.14 -52.79 -39.31
C ASN C 173 49.98 -53.00 -37.81
N ASP C 174 48.80 -52.67 -37.28
CA ASP C 174 48.63 -52.71 -35.83
C ASP C 174 48.61 -54.15 -35.32
N GLN C 175 48.24 -55.11 -36.17
CA GLN C 175 48.36 -56.51 -35.78
C GLN C 175 49.82 -56.89 -35.58
N VAL C 176 50.74 -56.20 -36.23
CA VAL C 176 52.15 -56.45 -36.02
C VAL C 176 52.60 -55.92 -34.66
N ALA C 177 52.36 -54.62 -34.41
CA ALA C 177 52.66 -54.03 -33.12
C ALA C 177 51.98 -54.77 -31.98
N HIS C 178 50.83 -55.40 -32.23
CA HIS C 178 50.23 -56.23 -31.19
C HIS C 178 51.14 -57.39 -30.81
N ALA C 179 51.50 -58.21 -31.79
CA ALA C 179 52.34 -59.37 -31.52
C ALA C 179 53.71 -58.96 -30.98
N LEU C 180 54.10 -57.71 -31.24
CA LEU C 180 55.42 -57.26 -30.79
C LEU C 180 55.37 -56.69 -29.37
N LEU C 181 54.26 -56.03 -29.02
CA LEU C 181 54.13 -55.43 -27.69
C LEU C 181 53.80 -56.48 -26.65
N LYS C 182 52.91 -57.42 -26.98
CA LYS C 182 52.63 -58.53 -26.09
C LYS C 182 53.86 -59.44 -25.94
N LYS C 183 54.77 -59.38 -26.92
CA LYS C 183 56.02 -60.12 -26.81
C LYS C 183 56.88 -59.62 -25.66
N ASP C 184 57.17 -58.31 -25.65
CA ASP C 184 58.06 -57.72 -24.65
C ASP C 184 57.34 -56.57 -23.93
N TRP C 185 56.74 -56.90 -22.79
CA TRP C 185 56.24 -55.91 -21.85
C TRP C 185 56.08 -56.58 -20.49
N HIS C 186 56.76 -56.03 -19.49
CA HIS C 186 56.69 -56.53 -18.13
C HIS C 186 56.27 -55.41 -17.21
N GLU C 187 55.67 -55.78 -16.08
CA GLU C 187 55.16 -54.81 -15.13
C GLU C 187 56.28 -53.93 -14.59
N SER C 188 57.42 -54.54 -14.26
CA SER C 188 58.57 -53.81 -13.74
C SER C 188 59.32 -53.10 -14.86
N MET C 189 58.68 -52.15 -15.52
CA MET C 189 59.28 -51.38 -16.60
C MET C 189 59.14 -49.90 -16.29
N THR C 190 60.27 -49.21 -16.15
CA THR C 190 60.25 -47.80 -15.84
C THR C 190 59.71 -47.00 -17.03
N LEU C 191 59.64 -45.68 -16.85
CA LEU C 191 59.19 -44.82 -17.93
C LEU C 191 60.18 -44.78 -19.08
N GLU C 192 61.46 -44.57 -18.78
CA GLU C 192 62.44 -44.43 -19.85
C GLU C 192 62.66 -45.74 -20.60
N ASP C 193 62.52 -46.87 -19.91
CA ASP C 193 62.52 -48.15 -20.62
C ASP C 193 61.22 -48.37 -21.38
N GLY C 194 60.13 -47.75 -20.94
CA GLY C 194 58.89 -47.84 -21.67
C GLY C 194 59.02 -47.13 -23.00
N MET C 195 59.54 -45.90 -22.96
CA MET C 195 59.75 -45.16 -24.21
C MET C 195 60.64 -45.94 -25.17
N LEU C 196 61.68 -46.59 -24.65
CA LEU C 196 62.52 -47.43 -25.50
C LEU C 196 61.70 -48.54 -26.16
N LEU C 197 60.77 -49.15 -25.42
CA LEU C 197 59.92 -50.14 -26.04
C LEU C 197 59.06 -49.54 -27.13
N ALA C 198 58.64 -48.27 -26.96
CA ALA C 198 57.71 -47.68 -27.90
C ALA C 198 58.36 -47.45 -29.26
N LEU C 199 59.35 -46.56 -29.30
CA LEU C 199 60.00 -46.24 -30.56
C LEU C 199 60.50 -47.50 -31.25
N ARG C 200 61.10 -48.41 -30.49
CA ARG C 200 61.59 -49.66 -31.06
C ARG C 200 60.50 -50.37 -31.85
N VAL C 201 59.33 -50.55 -31.24
CA VAL C 201 58.26 -51.24 -31.97
C VAL C 201 57.58 -50.33 -32.96
N LEU C 202 57.76 -49.01 -32.83
CA LEU C 202 57.20 -48.11 -33.84
C LEU C 202 57.98 -48.23 -35.15
N GLY C 203 59.30 -48.10 -35.07
CA GLY C 203 60.11 -48.24 -36.26
C GLY C 203 59.90 -49.55 -36.98
N LYS C 204 59.63 -50.61 -36.21
CA LYS C 204 59.42 -51.93 -36.80
C LYS C 204 58.10 -51.98 -37.55
N THR C 205 57.13 -51.17 -37.14
CA THR C 205 55.81 -51.20 -37.76
C THR C 205 55.74 -50.40 -39.06
N MET C 206 56.57 -49.36 -39.19
CA MET C 206 56.69 -48.63 -40.44
C MET C 206 57.98 -48.98 -41.18
N ASP C 207 58.73 -49.96 -40.65
CA ASP C 207 59.94 -50.49 -41.28
C ASP C 207 60.99 -49.42 -41.51
N THR C 208 61.53 -48.87 -40.42
CA THR C 208 62.65 -47.92 -40.51
C THR C 208 63.76 -48.40 -39.57
N ALA C 209 64.94 -48.64 -40.16
CA ALA C 209 66.16 -48.75 -39.38
C ALA C 209 66.72 -47.35 -39.22
N LYS C 210 67.41 -47.07 -38.10
CA LYS C 210 67.88 -45.72 -37.82
C LYS C 210 66.69 -44.77 -37.80
N ILE C 211 65.82 -44.93 -36.80
CA ILE C 211 64.55 -44.21 -36.71
C ILE C 211 64.73 -42.72 -36.98
N ASP C 212 63.72 -42.12 -37.59
CA ASP C 212 63.83 -40.73 -38.01
C ASP C 212 63.10 -39.81 -37.04
N LEU C 213 63.47 -38.53 -37.06
CA LEU C 213 62.96 -37.56 -36.10
C LEU C 213 62.00 -36.56 -36.72
N ASP C 214 61.76 -36.61 -38.03
CA ASP C 214 60.73 -35.79 -38.65
C ASP C 214 59.41 -36.51 -38.81
N ARG C 215 59.41 -37.85 -38.74
CA ARG C 215 58.23 -38.65 -39.03
C ARG C 215 57.63 -39.27 -37.77
N VAL C 216 58.10 -38.87 -36.59
CA VAL C 216 57.67 -39.49 -35.33
C VAL C 216 57.26 -38.39 -34.37
N GLU C 217 56.29 -38.68 -33.52
CA GLU C 217 55.80 -37.76 -32.50
C GLU C 217 55.56 -38.52 -31.20
N VAL C 218 56.09 -38.01 -30.10
CA VAL C 218 55.99 -38.67 -28.81
C VAL C 218 55.42 -37.71 -27.78
N ALA C 219 54.59 -38.26 -26.90
CA ALA C 219 53.95 -37.49 -25.84
C ALA C 219 53.87 -38.34 -24.58
N VAL C 220 54.49 -37.85 -23.51
CA VAL C 220 54.61 -38.60 -22.27
C VAL C 220 53.73 -37.97 -21.21
N MET C 221 53.17 -38.81 -20.36
CA MET C 221 52.22 -38.40 -19.33
C MET C 221 52.73 -38.95 -18.01
N ARG C 222 53.25 -38.07 -17.16
CA ARG C 222 53.78 -38.49 -15.88
C ARG C 222 53.37 -37.51 -14.80
N LYS C 223 53.94 -37.63 -13.61
CA LYS C 223 53.68 -36.71 -12.52
C LYS C 223 54.92 -35.87 -12.27
N VAL C 224 54.75 -34.55 -12.27
CA VAL C 224 55.83 -33.63 -11.93
C VAL C 224 55.50 -33.04 -10.56
N PRO C 225 56.46 -32.48 -9.85
CA PRO C 225 56.14 -31.88 -8.54
C PRO C 225 55.22 -30.67 -8.71
N ALA C 226 54.25 -30.55 -7.81
CA ALA C 226 53.22 -29.52 -7.92
C ALA C 226 53.84 -28.13 -7.91
N SER C 227 53.19 -27.21 -8.62
CA SER C 227 53.82 -25.95 -8.99
C SER C 227 53.21 -24.71 -8.35
N ASN C 228 51.91 -24.47 -8.57
CA ASN C 228 51.28 -23.20 -8.19
C ASN C 228 50.53 -23.31 -6.87
N ILE C 229 51.11 -24.01 -5.90
CA ILE C 229 50.44 -24.21 -4.62
C ILE C 229 50.49 -22.89 -3.83
N ASP C 230 49.41 -22.13 -3.92
CA ASP C 230 49.26 -20.88 -3.16
C ASP C 230 48.35 -21.12 -1.96
N GLN C 231 48.92 -21.79 -0.96
CA GLN C 231 48.14 -22.17 0.21
C GLN C 231 47.59 -20.97 0.97
N LEU C 232 48.19 -19.80 0.82
CA LEU C 232 47.76 -18.64 1.58
C LEU C 232 46.47 -18.04 1.04
N LEU C 233 45.94 -18.57 -0.06
CA LEU C 233 44.71 -18.04 -0.65
C LEU C 233 43.51 -18.96 -0.48
N ASP C 234 43.67 -20.12 0.17
CA ASP C 234 42.56 -21.00 0.47
C ASP C 234 43.05 -21.91 1.58
N PRO C 235 43.16 -21.40 2.81
CA PRO C 235 43.93 -22.12 3.84
C PRO C 235 43.33 -23.46 4.24
N PHE C 236 42.23 -23.91 3.63
CA PHE C 236 41.65 -25.20 3.92
C PHE C 236 41.56 -26.08 2.68
N LYS C 237 42.45 -25.88 1.73
CA LYS C 237 42.46 -26.62 0.48
C LYS C 237 43.77 -27.38 0.35
N HIS C 238 43.71 -28.70 0.47
CA HIS C 238 44.89 -29.55 0.42
C HIS C 238 45.26 -29.79 -1.03
N HIS C 239 46.35 -29.15 -1.48
CA HIS C 239 46.92 -29.32 -2.80
C HIS C 239 47.92 -30.46 -2.78
N PRO C 240 47.82 -31.42 -3.68
CA PRO C 240 48.76 -32.54 -3.65
C PRO C 240 50.18 -32.08 -3.93
N LYS C 241 51.14 -32.85 -3.40
CA LYS C 241 52.53 -32.46 -3.52
C LYS C 241 53.04 -32.60 -4.95
N THR C 242 52.38 -33.42 -5.76
CA THR C 242 52.78 -33.64 -7.14
C THR C 242 51.56 -33.82 -8.02
N THR C 243 51.59 -33.17 -9.19
CA THR C 243 50.49 -33.14 -10.13
C THR C 243 50.89 -33.76 -11.46
N PRO C 244 49.98 -34.44 -12.15
CA PRO C 244 50.32 -34.98 -13.46
C PRO C 244 50.36 -33.91 -14.52
N ARG C 245 51.25 -34.09 -15.49
CA ARG C 245 51.45 -33.13 -16.57
C ARG C 245 51.70 -33.86 -17.88
N PHE C 246 50.84 -33.61 -18.86
CA PHE C 246 50.99 -34.18 -20.19
C PHE C 246 51.92 -33.31 -21.03
N GLN C 247 52.96 -33.92 -21.62
CA GLN C 247 54.00 -33.13 -22.26
C GLN C 247 54.40 -33.78 -23.58
N ILE C 248 54.48 -32.96 -24.62
CA ILE C 248 54.78 -33.42 -25.97
C ILE C 248 56.24 -33.14 -26.27
N LEU C 249 56.92 -34.11 -26.86
CA LEU C 249 58.37 -34.04 -27.00
C LEU C 249 58.79 -33.33 -28.28
N THR C 250 59.75 -32.41 -28.14
CA THR C 250 60.30 -31.65 -29.24
C THR C 250 61.38 -32.45 -29.97
N ARG C 251 62.18 -31.75 -30.76
CA ARG C 251 63.32 -32.38 -31.41
C ARG C 251 64.51 -32.47 -30.46
N SER C 252 64.69 -31.46 -29.61
CA SER C 252 65.85 -31.40 -28.73
C SER C 252 65.86 -32.51 -27.69
N GLU C 253 64.71 -33.11 -27.39
CA GLU C 253 64.64 -34.06 -26.30
C GLU C 253 64.23 -35.46 -26.75
N LEU C 254 63.85 -35.64 -28.01
CA LEU C 254 63.61 -36.98 -28.51
C LEU C 254 64.89 -37.61 -29.04
N LYS C 255 65.76 -36.82 -29.66
CA LYS C 255 67.00 -37.31 -30.27
C LYS C 255 67.84 -38.09 -29.27
N PRO C 256 67.99 -37.64 -28.01
CA PRO C 256 68.59 -38.52 -27.00
C PRO C 256 67.89 -39.85 -26.85
N HIS C 257 66.56 -39.88 -26.87
CA HIS C 257 65.85 -41.15 -26.81
C HIS C 257 65.81 -41.87 -28.15
N ALA C 258 66.13 -41.19 -29.25
CA ALA C 258 66.16 -41.86 -30.53
C ALA C 258 67.46 -42.59 -30.77
N GLU C 259 68.59 -41.98 -30.40
CA GLU C 259 69.90 -42.60 -30.57
C GLU C 259 70.07 -43.85 -29.72
N ARG C 260 69.36 -43.96 -28.60
CA ARG C 260 69.37 -45.19 -27.82
C ARG C 260 68.42 -46.24 -28.36
N ALA C 261 67.36 -45.83 -29.06
CA ALA C 261 66.47 -46.79 -29.70
C ALA C 261 67.12 -47.50 -30.87
N ASP C 262 67.74 -46.74 -31.78
CA ASP C 262 68.49 -47.37 -32.86
C ASP C 262 69.70 -48.13 -32.34
N GLN C 263 70.27 -47.69 -31.22
CA GLN C 263 71.39 -48.44 -30.64
C GLN C 263 70.91 -49.78 -30.08
N ALA C 264 69.76 -49.80 -29.41
CA ALA C 264 69.17 -51.08 -29.02
C ALA C 264 68.83 -51.92 -30.24
N ARG C 265 68.41 -51.26 -31.33
CA ARG C 265 68.15 -51.99 -32.57
C ARG C 265 69.40 -52.69 -33.06
N GLU C 266 70.51 -51.97 -33.18
CA GLU C 266 71.73 -52.62 -33.68
C GLU C 266 72.26 -53.63 -32.67
N ALA C 267 71.96 -53.43 -31.39
CA ALA C 267 72.35 -54.44 -30.40
C ALA C 267 71.60 -55.75 -30.61
N GLU C 268 70.28 -55.70 -30.70
CA GLU C 268 69.48 -56.90 -30.95
C GLU C 268 69.56 -57.36 -32.39
N GLU C 269 70.29 -56.62 -33.24
CA GLU C 269 70.54 -57.02 -34.61
C GLU C 269 71.88 -57.72 -34.79
N LYS C 270 72.91 -57.28 -34.07
CA LYS C 270 74.20 -57.95 -34.12
C LYS C 270 74.10 -59.40 -33.65
N ALA C 271 73.18 -59.69 -32.74
CA ALA C 271 73.02 -61.01 -32.16
C ALA C 271 72.01 -61.86 -32.92
N GLU C 272 71.84 -61.60 -34.21
CA GLU C 272 70.95 -62.41 -35.05
C GLU C 272 71.67 -63.59 -35.69
N ALA C 273 72.99 -63.52 -35.79
CA ALA C 273 73.77 -64.62 -36.36
C ALA C 273 74.11 -65.66 -35.30
N SER D 2 12.90 -34.50 -36.79
CA SER D 2 14.20 -35.07 -37.14
C SER D 2 14.02 -36.39 -37.90
N TYR D 3 15.14 -37.07 -38.16
CA TYR D 3 15.10 -38.32 -38.91
C TYR D 3 14.33 -39.38 -38.13
N ASP D 4 13.14 -39.71 -38.60
CA ASP D 4 12.34 -40.73 -37.93
C ASP D 4 11.69 -41.66 -38.94
N ARG D 5 12.41 -42.03 -39.98
CA ARG D 5 11.92 -43.00 -40.93
C ARG D 5 11.73 -44.35 -40.26
N ALA D 6 10.66 -45.04 -40.61
CA ALA D 6 10.38 -46.35 -40.04
C ALA D 6 11.42 -47.35 -40.50
N ILE D 7 12.10 -47.97 -39.54
CA ILE D 7 13.13 -48.96 -39.85
C ILE D 7 12.64 -50.39 -39.64
N THR D 8 12.10 -50.71 -38.47
CA THR D 8 11.58 -52.04 -38.18
C THR D 8 10.16 -52.11 -38.73
N VAL D 9 10.00 -52.73 -39.89
CA VAL D 9 8.70 -52.91 -40.51
C VAL D 9 8.53 -54.39 -40.86
N PHE D 10 7.28 -54.78 -41.06
CA PHE D 10 6.95 -56.18 -41.25
C PHE D 10 7.37 -56.66 -42.64
N SER D 11 7.87 -57.90 -42.68
CA SER D 11 8.26 -58.56 -43.91
C SER D 11 7.05 -59.25 -44.52
N PRO D 12 7.15 -59.65 -45.79
CA PRO D 12 6.02 -60.34 -46.43
C PRO D 12 5.63 -61.67 -45.81
N ASP D 13 6.21 -62.04 -44.66
CA ASP D 13 5.83 -63.24 -43.95
C ASP D 13 5.44 -62.95 -42.51
N GLY D 14 5.48 -61.69 -42.10
CA GLY D 14 5.19 -61.36 -40.72
C GLY D 14 6.36 -61.50 -39.78
N HIS D 15 7.58 -61.25 -40.26
CA HIS D 15 8.78 -61.35 -39.46
C HIS D 15 9.49 -60.01 -39.43
N LEU D 16 9.80 -59.53 -38.23
CA LEU D 16 10.50 -58.26 -38.06
C LEU D 16 11.97 -58.53 -38.35
N PHE D 17 12.42 -58.20 -39.56
CA PHE D 17 13.79 -58.49 -39.94
C PHE D 17 14.79 -57.82 -39.02
N GLN D 18 14.51 -56.60 -38.56
CA GLN D 18 15.44 -55.96 -37.64
C GLN D 18 15.57 -56.72 -36.34
N VAL D 19 14.47 -57.24 -35.80
CA VAL D 19 14.53 -57.99 -34.56
C VAL D 19 15.22 -59.33 -34.74
N GLU D 20 14.94 -60.05 -35.82
CA GLU D 20 15.66 -61.28 -36.08
C GLU D 20 17.15 -61.03 -36.28
N TYR D 21 17.50 -59.92 -36.93
CA TYR D 21 18.90 -59.60 -37.14
C TYR D 21 19.61 -59.21 -35.86
N ALA D 22 18.93 -58.52 -34.95
CA ALA D 22 19.51 -58.29 -33.63
C ALA D 22 19.72 -59.60 -32.88
N GLN D 23 18.70 -60.46 -32.87
CA GLN D 23 18.84 -61.76 -32.23
C GLN D 23 19.91 -62.62 -32.88
N GLU D 24 20.29 -62.32 -34.12
CA GLU D 24 21.46 -62.93 -34.71
C GLU D 24 22.76 -62.35 -34.17
N ALA D 25 22.84 -61.03 -34.02
CA ALA D 25 24.02 -60.42 -33.42
C ALA D 25 24.22 -60.82 -31.97
N VAL D 26 23.16 -61.23 -31.28
CA VAL D 26 23.32 -61.81 -29.95
C VAL D 26 24.07 -63.15 -30.02
N LYS D 27 23.71 -64.02 -30.95
CA LYS D 27 24.31 -65.34 -31.02
C LYS D 27 25.82 -65.28 -31.25
N LYS D 28 26.34 -64.16 -31.73
CA LYS D 28 27.77 -64.05 -31.99
C LYS D 28 28.52 -63.44 -30.83
N GLY D 29 27.91 -63.33 -29.65
CA GLY D 29 28.56 -62.74 -28.51
C GLY D 29 29.16 -63.77 -27.56
N LEU D 30 29.52 -63.28 -26.38
CA LEU D 30 30.05 -64.14 -25.34
C LEU D 30 28.92 -64.63 -24.43
N ALA D 31 28.95 -65.92 -24.12
CA ALA D 31 27.86 -66.54 -23.38
C ALA D 31 27.75 -65.98 -21.97
N ALA D 32 26.68 -66.34 -21.29
CA ALA D 32 26.45 -65.93 -19.91
C ALA D 32 25.40 -66.84 -19.31
N VAL D 33 25.78 -67.59 -18.28
CA VAL D 33 24.93 -68.61 -17.69
C VAL D 33 24.58 -68.19 -16.27
N GLY D 34 23.30 -68.01 -16.00
CA GLY D 34 22.89 -67.68 -14.65
C GLY D 34 21.92 -68.70 -14.11
N VAL D 35 22.21 -69.26 -12.93
CA VAL D 35 21.31 -70.24 -12.35
C VAL D 35 20.82 -69.74 -11.01
N LEU D 36 19.65 -70.26 -10.63
CA LEU D 36 18.93 -69.86 -9.43
C LEU D 36 19.01 -70.98 -8.41
N GLY D 37 19.54 -70.67 -7.24
CA GLY D 37 19.65 -71.63 -6.15
C GLY D 37 18.56 -71.46 -5.13
N SER D 38 18.78 -72.06 -3.95
CA SER D 38 17.81 -71.96 -2.87
C SER D 38 17.83 -70.60 -2.20
N ASP D 39 19.02 -70.11 -1.81
CA ASP D 39 19.14 -68.84 -1.10
C ASP D 39 20.17 -67.93 -1.73
N SER D 40 20.58 -68.21 -2.97
CA SER D 40 21.53 -67.37 -3.67
C SER D 40 21.46 -67.68 -5.15
N VAL D 41 21.71 -66.67 -5.96
CA VAL D 41 21.65 -66.78 -7.41
C VAL D 41 23.04 -66.49 -7.96
N VAL D 42 23.48 -67.25 -8.96
CA VAL D 42 24.83 -67.06 -9.46
C VAL D 42 24.78 -66.79 -10.95
N ILE D 43 25.76 -66.03 -11.42
CA ILE D 43 25.87 -65.61 -12.82
C ILE D 43 27.31 -65.75 -13.26
N ALA D 44 27.51 -66.36 -14.42
CA ALA D 44 28.85 -66.61 -14.95
C ALA D 44 28.95 -66.02 -16.34
N VAL D 45 30.09 -65.39 -16.65
CA VAL D 45 30.30 -64.66 -17.89
C VAL D 45 31.60 -65.14 -18.52
N GLU D 46 31.69 -65.01 -19.84
CA GLU D 46 32.73 -65.66 -20.62
C GLU D 46 34.05 -64.90 -20.62
N LYS D 47 34.05 -63.59 -20.35
CA LYS D 47 35.29 -62.85 -20.11
C LYS D 47 36.31 -63.09 -21.21
N LYS D 48 36.04 -62.50 -22.38
CA LYS D 48 36.53 -62.94 -23.68
C LYS D 48 37.89 -63.61 -23.66
N SER D 49 38.90 -62.97 -23.08
CA SER D 49 40.20 -63.62 -22.91
C SER D 49 41.11 -62.83 -21.98
N ALA D 50 42.17 -63.47 -21.50
CA ALA D 50 43.25 -62.82 -20.79
C ALA D 50 44.43 -62.71 -21.74
N VAL D 51 44.48 -61.61 -22.50
CA VAL D 51 45.37 -61.52 -23.65
C VAL D 51 46.78 -61.09 -23.27
N LYS D 52 47.12 -61.07 -21.98
CA LYS D 52 48.45 -60.64 -21.53
C LYS D 52 48.71 -59.18 -21.92
N LEU D 53 47.63 -58.47 -22.21
CA LEU D 53 47.80 -57.10 -22.65
C LEU D 53 46.74 -56.20 -22.03
N GLN D 54 45.69 -56.80 -21.48
CA GLN D 54 44.70 -56.04 -20.75
C GLN D 54 45.27 -55.60 -19.40
N ASP D 55 44.83 -54.43 -18.93
CA ASP D 55 45.36 -53.86 -17.70
C ASP D 55 45.26 -54.88 -16.57
N SER D 56 46.34 -54.98 -15.78
CA SER D 56 46.34 -55.91 -14.65
C SER D 56 45.22 -55.58 -13.68
N ARG D 57 44.86 -54.31 -13.57
CA ARG D 57 43.67 -53.90 -12.85
C ARG D 57 42.47 -54.68 -13.34
N THR D 58 41.58 -55.01 -12.41
CA THR D 58 40.39 -55.78 -12.74
C THR D 58 39.27 -54.90 -13.27
N ILE D 59 38.55 -55.41 -14.27
CA ILE D 59 37.32 -54.79 -14.74
C ILE D 59 36.24 -55.87 -14.80
N ARG D 60 35.07 -55.58 -14.28
CA ARG D 60 34.04 -56.60 -14.14
C ARG D 60 33.13 -56.61 -15.36
N LYS D 61 32.48 -57.74 -15.59
CA LYS D 61 31.54 -57.88 -16.68
C LYS D 61 30.11 -58.14 -16.20
N ILE D 62 29.91 -58.27 -14.90
CA ILE D 62 28.56 -58.31 -14.33
C ILE D 62 28.33 -56.98 -13.64
N TYR D 63 27.41 -56.19 -14.18
CA TYR D 63 27.26 -54.79 -13.79
C TYR D 63 26.21 -54.64 -12.69
N LYS D 64 26.53 -53.81 -11.72
CA LYS D 64 25.65 -53.56 -10.59
C LYS D 64 24.62 -52.51 -10.97
N VAL D 65 23.42 -52.95 -11.31
CA VAL D 65 22.36 -52.01 -11.66
C VAL D 65 21.77 -51.35 -10.42
N ASP D 66 21.65 -52.09 -9.32
CA ASP D 66 21.19 -51.50 -8.07
C ASP D 66 21.91 -52.25 -6.95
N ALA D 67 21.74 -51.76 -5.72
CA ALA D 67 22.48 -52.35 -4.60
C ALA D 67 22.17 -53.83 -4.44
N ASN D 68 21.05 -54.29 -4.98
CA ASN D 68 20.66 -55.68 -4.87
C ASN D 68 20.34 -56.34 -6.20
N ILE D 69 20.49 -55.64 -7.31
CA ILE D 69 20.15 -56.17 -8.63
C ILE D 69 21.36 -56.08 -9.53
N TYR D 70 21.83 -57.22 -10.02
CA TYR D 70 22.97 -57.30 -10.91
C TYR D 70 22.52 -57.76 -12.28
N LEU D 71 23.32 -57.45 -13.28
CA LEU D 71 22.96 -57.65 -14.67
C LEU D 71 24.16 -58.20 -15.43
N ALA D 72 23.87 -59.05 -16.42
CA ALA D 72 24.91 -59.58 -17.29
C ALA D 72 24.36 -59.65 -18.70
N PHE D 73 25.00 -58.97 -19.62
CA PHE D 73 24.46 -58.81 -20.96
C PHE D 73 25.12 -59.81 -21.92
N ALA D 74 24.56 -59.87 -23.12
CA ALA D 74 25.15 -60.62 -24.21
C ALA D 74 24.73 -59.95 -25.52
N GLY D 75 25.72 -59.58 -26.33
CA GLY D 75 25.43 -58.89 -27.57
C GLY D 75 26.44 -57.81 -27.90
N LEU D 76 25.98 -56.69 -28.45
CA LEU D 76 26.86 -55.57 -28.73
C LEU D 76 27.15 -54.81 -27.44
N SER D 77 28.41 -54.45 -27.23
CA SER D 77 28.85 -53.92 -25.96
C SER D 77 28.39 -52.50 -25.70
N ALA D 78 28.42 -51.63 -26.72
CA ALA D 78 28.06 -50.23 -26.51
C ALA D 78 26.58 -50.06 -26.18
N ASP D 79 25.71 -50.75 -26.91
CA ASP D 79 24.29 -50.70 -26.58
C ASP D 79 24.04 -51.31 -25.21
N ALA D 80 24.81 -52.33 -24.85
CA ALA D 80 24.70 -52.89 -23.51
C ALA D 80 25.00 -51.83 -22.45
N ARG D 81 26.05 -51.04 -22.64
CA ARG D 81 26.35 -50.01 -21.67
C ARG D 81 25.28 -48.93 -21.66
N VAL D 82 24.76 -48.55 -22.83
CA VAL D 82 23.76 -47.49 -22.85
C VAL D 82 22.44 -47.96 -22.24
N LEU D 83 22.21 -49.27 -22.21
CA LEU D 83 21.04 -49.81 -21.53
C LEU D 83 21.25 -49.92 -20.03
N ILE D 84 22.44 -50.32 -19.61
CA ILE D 84 22.75 -50.39 -18.19
C ILE D 84 22.66 -49.01 -17.56
N ASN D 85 23.10 -47.97 -18.27
CA ASN D 85 22.99 -46.64 -17.70
C ASN D 85 21.54 -46.21 -17.52
N LYS D 86 20.68 -46.52 -18.50
CA LYS D 86 19.27 -46.22 -18.33
C LYS D 86 18.68 -46.97 -17.15
N ALA D 87 19.04 -48.24 -16.97
CA ALA D 87 18.52 -49.00 -15.85
C ALA D 87 18.97 -48.42 -14.51
N GLN D 88 20.24 -48.00 -14.42
CA GLN D 88 20.73 -47.40 -13.18
C GLN D 88 20.06 -46.07 -12.90
N LEU D 89 19.76 -45.29 -13.93
CA LEU D 89 18.98 -44.07 -13.71
C LEU D 89 17.57 -44.37 -13.23
N GLU D 90 16.94 -45.41 -13.79
CA GLU D 90 15.59 -45.76 -13.39
C GLU D 90 15.50 -46.26 -11.96
N CYS D 91 16.45 -47.09 -11.52
CA CYS D 91 16.43 -47.54 -10.14
C CYS D 91 16.47 -46.36 -9.17
N GLN D 92 17.31 -45.36 -9.46
CA GLN D 92 17.47 -44.25 -8.53
C GLN D 92 16.32 -43.26 -8.63
N ARG D 93 15.65 -43.19 -9.77
CA ARG D 93 14.43 -42.38 -9.82
C ARG D 93 13.29 -43.06 -9.06
N PHE D 94 13.19 -44.39 -9.17
CA PHE D 94 12.19 -45.12 -8.41
C PHE D 94 12.43 -44.96 -6.92
N SER D 95 13.65 -45.19 -6.46
CA SER D 95 13.91 -44.96 -5.03
C SER D 95 14.13 -43.50 -4.75
N LEU D 96 13.32 -42.67 -5.40
CA LEU D 96 13.12 -41.26 -5.11
C LEU D 96 11.67 -40.85 -5.22
N ASN D 97 10.86 -41.58 -5.99
CA ASN D 97 9.43 -41.33 -6.04
C ASN D 97 8.62 -42.28 -5.17
N TYR D 98 9.24 -43.28 -4.56
CA TYR D 98 8.52 -44.17 -3.67
C TYR D 98 9.27 -44.60 -2.43
N GLU D 99 10.49 -44.11 -2.19
CA GLU D 99 11.26 -44.39 -0.98
C GLU D 99 11.50 -45.89 -0.78
N ASP D 100 11.07 -46.70 -1.74
CA ASP D 100 11.21 -48.14 -1.60
C ASP D 100 12.11 -48.66 -2.69
N THR D 101 13.03 -49.54 -2.31
CA THR D 101 13.97 -50.09 -3.26
C THR D 101 13.23 -50.84 -4.36
N MET D 102 13.71 -50.68 -5.59
CA MET D 102 13.09 -51.32 -6.73
C MET D 102 13.26 -52.83 -6.64
N ASP D 103 12.14 -53.54 -6.78
CA ASP D 103 12.22 -54.99 -6.90
C ASP D 103 12.94 -55.37 -8.18
N VAL D 104 13.31 -56.64 -8.28
CA VAL D 104 13.94 -57.11 -9.50
C VAL D 104 12.96 -57.06 -10.66
N ASP D 105 11.75 -57.59 -10.44
CA ASP D 105 10.76 -57.72 -11.49
C ASP D 105 10.39 -56.39 -12.13
N MET D 106 10.28 -55.32 -11.35
CA MET D 106 9.97 -54.02 -11.93
C MET D 106 11.10 -53.54 -12.82
N LEU D 107 12.34 -53.76 -12.41
CA LEU D 107 13.46 -53.39 -13.25
C LEU D 107 13.50 -54.18 -14.54
N VAL D 108 13.22 -55.49 -14.49
CA VAL D 108 13.16 -56.27 -15.71
C VAL D 108 12.07 -55.74 -16.61
N ARG D 109 10.92 -55.39 -16.04
CA ARG D 109 9.83 -54.86 -16.86
C ARG D 109 10.19 -53.55 -17.51
N TYR D 110 10.88 -52.66 -16.79
CA TYR D 110 11.27 -51.38 -17.38
C TYR D 110 12.30 -51.58 -18.49
N VAL D 111 13.27 -52.47 -18.27
CA VAL D 111 14.29 -52.71 -19.28
C VAL D 111 13.67 -53.35 -20.52
N ALA D 112 12.72 -54.26 -20.33
CA ALA D 112 12.04 -54.87 -21.47
C ALA D 112 11.16 -53.86 -22.17
N GLY D 113 10.60 -52.92 -21.43
CA GLY D 113 9.86 -51.84 -22.06
C GLY D 113 10.75 -50.99 -22.95
N VAL D 114 11.95 -50.67 -22.48
CA VAL D 114 12.88 -49.95 -23.34
C VAL D 114 13.25 -50.77 -24.57
N GLN D 115 13.61 -52.03 -24.37
CA GLN D 115 13.92 -52.93 -25.48
C GLN D 115 12.81 -52.92 -26.52
N GLN D 116 11.55 -53.04 -26.09
CA GLN D 116 10.45 -53.10 -27.03
C GLN D 116 10.18 -51.75 -27.68
N LYS D 117 10.22 -50.66 -26.91
CA LYS D 117 10.05 -49.34 -27.48
C LYS D 117 11.05 -49.07 -28.58
N SER D 118 12.24 -49.65 -28.47
CA SER D 118 13.21 -49.49 -29.55
C SER D 118 12.69 -50.06 -30.87
N THR D 119 11.98 -51.19 -30.84
CA THR D 119 11.53 -51.82 -32.08
C THR D 119 10.23 -51.24 -32.60
N GLN D 120 9.77 -50.13 -32.06
CA GLN D 120 8.56 -49.48 -32.54
C GLN D 120 8.70 -47.96 -32.53
N SER D 121 9.91 -47.47 -32.75
CA SER D 121 10.17 -46.05 -32.80
C SER D 121 10.79 -45.69 -34.14
N GLY D 122 10.70 -44.42 -34.51
CA GLY D 122 11.17 -43.99 -35.80
C GLY D 122 12.63 -43.64 -35.81
N GLY D 123 13.38 -44.20 -36.75
CA GLY D 123 14.78 -43.87 -36.93
C GLY D 123 15.71 -44.62 -36.01
N SER D 124 15.20 -45.50 -35.16
CA SER D 124 16.01 -46.26 -34.24
C SER D 124 15.88 -47.76 -34.52
N ARG D 125 17.01 -48.41 -34.64
CA ARG D 125 17.11 -49.87 -34.73
C ARG D 125 17.03 -50.48 -33.34
N PRO D 126 16.65 -51.74 -33.24
CA PRO D 126 16.56 -52.36 -31.91
C PRO D 126 17.93 -52.57 -31.29
N PHE D 127 17.97 -52.54 -29.96
CA PHE D 127 19.17 -52.88 -29.24
C PHE D 127 19.55 -54.33 -29.54
N GLY D 128 20.83 -54.56 -29.75
CA GLY D 128 21.30 -55.92 -29.98
C GLY D 128 21.78 -56.60 -28.72
N VAL D 129 21.00 -56.55 -27.65
CA VAL D 129 21.42 -57.11 -26.37
C VAL D 129 20.34 -58.02 -25.82
N ALA D 130 20.76 -59.12 -25.22
CA ALA D 130 19.91 -59.96 -24.39
C ALA D 130 20.55 -60.08 -23.03
N THR D 131 19.81 -59.79 -21.98
CA THR D 131 20.40 -59.65 -20.66
C THR D 131 19.79 -60.64 -19.69
N VAL D 132 20.56 -60.98 -18.67
CA VAL D 132 20.10 -61.77 -17.54
C VAL D 132 20.20 -60.88 -16.31
N ILE D 133 19.09 -60.74 -15.60
CA ILE D 133 18.99 -59.84 -14.46
C ILE D 133 18.67 -60.68 -13.24
N GLY D 134 19.57 -60.65 -12.26
CA GLY D 134 19.38 -61.42 -11.05
C GLY D 134 19.36 -60.51 -9.84
N GLY D 135 18.67 -60.94 -8.81
CA GLY D 135 18.68 -60.15 -7.60
C GLY D 135 17.74 -60.68 -6.55
N PHE D 136 17.64 -59.92 -5.47
CA PHE D 136 16.81 -60.23 -4.33
C PHE D 136 15.83 -59.09 -4.11
N ASN D 137 14.60 -59.44 -3.73
CA ASN D 137 13.67 -58.42 -3.25
C ASN D 137 14.05 -58.05 -1.83
N GLU D 138 13.28 -57.18 -1.19
CA GLU D 138 13.58 -56.85 0.19
C GLU D 138 13.05 -57.89 1.18
N ASP D 139 12.64 -59.06 0.70
CA ASP D 139 12.23 -60.14 1.58
C ASP D 139 12.83 -61.46 1.09
N GLY D 140 14.13 -61.44 0.78
CA GLY D 140 14.73 -62.63 0.20
C GLY D 140 14.26 -62.82 -1.23
N LYS D 141 13.68 -64.00 -1.49
CA LYS D 141 13.05 -64.29 -2.78
C LYS D 141 13.98 -64.00 -3.94
N PRO D 142 14.99 -64.83 -4.19
CA PRO D 142 15.86 -64.60 -5.34
C PRO D 142 15.09 -64.75 -6.65
N HIS D 143 15.32 -63.78 -7.54
CA HIS D 143 14.68 -63.76 -8.85
C HIS D 143 15.75 -63.72 -9.93
N LEU D 144 15.44 -64.37 -11.05
CA LEU D 144 16.33 -64.45 -12.20
C LEU D 144 15.48 -64.29 -13.46
N TRP D 145 15.76 -63.25 -14.24
CA TRP D 145 14.98 -62.93 -15.42
C TRP D 145 15.89 -62.80 -16.64
N LYS D 146 15.27 -62.87 -17.81
CA LYS D 146 16.00 -62.84 -19.07
C LYS D 146 15.19 -62.06 -20.08
N THR D 147 15.82 -61.09 -20.75
CA THR D 147 15.16 -60.31 -21.79
C THR D 147 15.79 -60.62 -23.14
N ASP D 148 15.09 -60.27 -24.19
CA ASP D 148 15.50 -60.48 -25.57
C ASP D 148 15.48 -59.17 -26.31
N PRO D 149 16.20 -59.07 -27.44
CA PRO D 149 16.09 -57.87 -28.27
C PRO D 149 14.67 -57.61 -28.72
N SER D 150 13.83 -58.65 -28.77
CA SER D 150 12.43 -58.49 -29.08
C SER D 150 11.64 -57.83 -27.94
N GLY D 151 12.21 -57.79 -26.75
CA GLY D 151 11.55 -57.16 -25.61
C GLY D 151 10.71 -58.07 -24.75
N MET D 152 10.74 -59.37 -24.99
CA MET D 152 9.93 -60.32 -24.24
C MET D 152 10.74 -60.81 -23.05
N CYS D 153 10.47 -60.25 -21.88
CA CYS D 153 11.10 -60.70 -20.66
C CYS D 153 10.40 -61.93 -20.11
N SER D 154 11.12 -62.73 -19.35
CA SER D 154 10.58 -63.96 -18.79
C SER D 154 11.46 -64.42 -17.65
N ALA D 155 10.84 -64.91 -16.59
CA ALA D 155 11.58 -65.42 -15.44
C ALA D 155 11.92 -66.89 -15.63
N TRP D 156 13.16 -67.24 -15.32
CA TRP D 156 13.66 -68.59 -15.53
C TRP D 156 14.08 -69.20 -14.20
N ARG D 157 14.72 -70.35 -14.30
CA ARG D 157 15.30 -71.04 -13.15
C ARG D 157 16.76 -71.38 -13.38
N ALA D 158 17.17 -71.55 -14.63
CA ALA D 158 18.57 -71.65 -15.01
C ALA D 158 18.66 -71.31 -16.48
N VAL D 159 19.25 -70.16 -16.79
CA VAL D 159 19.17 -69.59 -18.12
C VAL D 159 20.57 -69.41 -18.66
N ALA D 160 20.69 -69.41 -19.98
CA ALA D 160 21.95 -69.13 -20.65
C ALA D 160 21.65 -68.19 -21.80
N ILE D 161 22.58 -67.30 -22.10
CA ILE D 161 22.48 -66.41 -23.24
C ILE D 161 23.82 -66.39 -23.95
N GLY D 162 23.84 -65.77 -25.12
CA GLY D 162 25.06 -65.76 -25.90
C GLY D 162 25.14 -66.94 -26.84
N ARG D 163 26.32 -67.19 -27.38
CA ARG D 163 26.46 -68.22 -28.40
C ARG D 163 26.11 -69.60 -27.86
N HIS D 164 25.80 -70.51 -28.79
CA HIS D 164 25.41 -71.87 -28.48
C HIS D 164 24.39 -71.91 -27.34
N ASP D 165 23.34 -71.11 -27.50
CA ASP D 165 22.36 -70.90 -26.45
C ASP D 165 21.54 -72.16 -26.18
N GLN D 166 20.93 -72.69 -27.23
CA GLN D 166 20.09 -73.88 -27.11
C GLN D 166 20.85 -75.08 -26.60
N THR D 167 22.10 -75.27 -27.02
CA THR D 167 22.91 -76.36 -26.51
C THR D 167 23.02 -76.33 -24.99
N VAL D 168 23.48 -75.21 -24.44
CA VAL D 168 23.63 -75.11 -22.99
C VAL D 168 22.28 -75.22 -22.29
N ILE D 169 21.24 -74.56 -22.80
CA ILE D 169 19.95 -74.64 -22.12
C ILE D 169 19.45 -76.07 -22.07
N GLU D 170 19.37 -76.74 -23.22
CA GLU D 170 18.83 -78.09 -23.22
C GLU D 170 19.77 -79.10 -22.60
N TYR D 171 21.04 -78.76 -22.39
CA TYR D 171 21.89 -79.64 -21.60
C TYR D 171 21.59 -79.49 -20.12
N MET D 172 21.61 -78.27 -19.61
CA MET D 172 21.52 -78.06 -18.18
C MET D 172 20.09 -78.01 -17.68
N GLU D 173 19.10 -78.20 -18.55
CA GLU D 173 17.74 -78.40 -18.09
C GLU D 173 17.51 -79.81 -17.57
N LYS D 174 18.29 -80.78 -18.02
CA LYS D 174 18.13 -82.17 -17.62
C LYS D 174 19.11 -82.53 -16.51
N SER D 175 19.77 -81.52 -15.95
CA SER D 175 20.74 -81.73 -14.89
C SER D 175 20.59 -80.67 -13.81
N TYR D 176 19.43 -80.04 -13.74
CA TYR D 176 19.16 -79.02 -12.73
C TYR D 176 18.25 -79.62 -11.66
N LYS D 177 18.75 -79.69 -10.44
CA LYS D 177 17.96 -80.18 -9.32
C LYS D 177 17.39 -79.01 -8.53
N ASP D 178 16.10 -79.09 -8.21
CA ASP D 178 15.42 -77.99 -7.56
C ASP D 178 15.90 -77.82 -6.12
N GLY D 179 16.29 -76.60 -5.79
CA GLY D 179 16.80 -76.30 -4.47
C GLY D 179 18.23 -76.73 -4.22
N MET D 180 19.17 -76.13 -4.95
CA MET D 180 20.58 -76.43 -4.78
C MET D 180 21.17 -75.61 -3.64
N SER D 181 22.36 -75.99 -3.19
CA SER D 181 23.05 -75.29 -2.13
C SER D 181 24.01 -74.24 -2.72
N ARG D 182 24.58 -73.42 -1.86
CA ARG D 182 25.45 -72.34 -2.29
C ARG D 182 26.68 -72.82 -3.05
N ASP D 183 27.24 -73.98 -2.69
CA ASP D 183 28.37 -74.54 -3.41
C ASP D 183 27.96 -75.51 -4.51
N GLU D 184 26.68 -75.91 -4.53
CA GLU D 184 26.18 -76.63 -5.69
C GLU D 184 26.08 -75.71 -6.90
N CYS D 185 25.48 -74.53 -6.73
CA CYS D 185 25.28 -73.62 -7.84
C CYS D 185 26.60 -73.26 -8.51
N VAL D 186 27.61 -72.87 -7.72
CA VAL D 186 28.89 -72.53 -8.30
C VAL D 186 29.47 -73.71 -9.07
N HIS D 187 29.16 -74.94 -8.67
CA HIS D 187 29.57 -76.08 -9.46
C HIS D 187 28.65 -76.30 -10.65
N PHE D 188 27.36 -76.04 -10.50
CA PHE D 188 26.44 -76.25 -11.61
C PHE D 188 26.53 -75.11 -12.64
N ALA D 189 26.98 -73.93 -12.22
CA ALA D 189 27.17 -72.84 -13.16
C ALA D 189 28.38 -73.08 -14.05
N ILE D 190 29.51 -73.51 -13.47
CA ILE D 190 30.69 -73.80 -14.26
C ILE D 190 30.42 -74.99 -15.19
N LYS D 191 30.00 -76.12 -14.62
CA LYS D 191 29.85 -77.35 -15.37
C LYS D 191 28.95 -77.19 -16.58
N SER D 192 28.02 -76.23 -16.55
CA SER D 192 27.17 -75.97 -17.70
C SER D 192 27.78 -74.96 -18.64
N LEU D 193 28.39 -73.90 -18.11
CA LEU D 193 29.01 -72.90 -18.97
C LEU D 193 30.16 -73.47 -19.75
N LEU D 194 31.00 -74.26 -19.10
CA LEU D 194 32.21 -74.80 -19.71
C LEU D 194 31.89 -75.71 -20.89
N GLU D 195 30.64 -76.15 -21.04
CA GLU D 195 30.27 -76.97 -22.19
C GLU D 195 30.37 -76.19 -23.49
N VAL D 196 30.58 -74.87 -23.41
CA VAL D 196 30.72 -74.05 -24.59
C VAL D 196 32.05 -73.32 -24.65
N VAL D 197 32.68 -73.03 -23.52
CA VAL D 197 33.90 -72.25 -23.50
C VAL D 197 35.10 -73.18 -23.70
N GLU D 198 36.21 -72.60 -24.13
CA GLU D 198 37.46 -73.35 -24.24
C GLU D 198 37.97 -73.69 -22.84
N SER D 199 38.81 -74.73 -22.77
CA SER D 199 39.24 -75.27 -21.49
C SER D 199 40.00 -74.26 -20.64
N GLY D 200 40.54 -73.22 -21.28
CA GLY D 200 41.22 -72.15 -20.57
C GLY D 200 40.42 -71.66 -19.37
N SER D 201 41.04 -71.72 -18.19
CA SER D 201 40.34 -71.36 -16.95
C SER D 201 40.34 -69.87 -16.66
N ARG D 202 41.02 -69.07 -17.47
CA ARG D 202 41.14 -67.63 -17.23
C ARG D 202 40.13 -66.82 -18.02
N ASN D 203 39.22 -67.49 -18.72
CA ASN D 203 38.12 -66.81 -19.40
C ASN D 203 36.78 -67.16 -18.76
N ILE D 204 36.71 -67.15 -17.44
CA ILE D 204 35.47 -67.33 -16.71
C ILE D 204 35.43 -66.29 -15.61
N GLU D 205 34.27 -65.67 -15.45
CA GLU D 205 34.11 -64.64 -14.43
C GLU D 205 32.78 -64.91 -13.73
N LEU D 206 32.83 -65.29 -12.46
CA LEU D 206 31.65 -65.77 -11.76
C LEU D 206 31.26 -64.81 -10.64
N LEU D 207 29.97 -64.76 -10.35
CA LEU D 207 29.41 -63.98 -9.25
C LEU D 207 28.37 -64.80 -8.52
N VAL D 208 28.46 -64.82 -7.19
CA VAL D 208 27.42 -65.37 -6.34
C VAL D 208 26.71 -64.20 -5.68
N LEU D 209 25.40 -64.32 -5.47
CA LEU D 209 24.60 -63.23 -4.95
C LEU D 209 23.66 -63.78 -3.89
N GLN D 210 23.90 -63.39 -2.65
CA GLN D 210 23.08 -63.80 -1.51
C GLN D 210 22.34 -62.59 -0.98
N TYR D 211 21.45 -62.84 -0.01
CA TYR D 211 20.70 -61.77 0.61
C TYR D 211 21.63 -60.74 1.21
N LYS D 212 21.58 -59.50 0.69
CA LYS D 212 22.37 -58.39 1.19
C LYS D 212 23.87 -58.64 1.12
N GLU D 213 24.33 -59.50 0.20
CA GLU D 213 25.76 -59.75 0.04
C GLU D 213 26.00 -60.38 -1.32
N ALA D 214 26.81 -59.72 -2.15
CA ALA D 214 27.22 -60.26 -3.43
C ALA D 214 28.73 -60.08 -3.56
N ARG D 215 29.45 -61.20 -3.66
CA ARG D 215 30.90 -61.19 -3.74
C ARG D 215 31.34 -61.98 -4.95
N TYR D 216 32.40 -61.53 -5.60
CA TYR D 216 32.93 -62.19 -6.79
C TYR D 216 33.90 -63.28 -6.36
N LEU D 217 33.90 -64.39 -7.10
CA LEU D 217 34.80 -65.49 -6.77
C LEU D 217 36.17 -65.28 -7.39
N THR D 218 37.21 -65.33 -6.55
CA THR D 218 38.56 -65.00 -6.99
C THR D 218 39.14 -66.13 -7.83
N GLU D 219 40.38 -65.92 -8.28
CA GLU D 219 41.00 -66.82 -9.25
C GLU D 219 41.19 -68.22 -8.68
N GLU D 220 41.85 -68.32 -7.52
CA GLU D 220 42.04 -69.63 -6.91
C GLU D 220 40.74 -70.27 -6.46
N GLU D 221 39.79 -69.45 -5.96
CA GLU D 221 38.46 -69.99 -5.66
C GLU D 221 37.84 -70.62 -6.89
N LEU D 222 37.98 -69.97 -8.05
CA LEU D 222 37.40 -70.51 -9.27
C LEU D 222 38.15 -71.75 -9.72
N GLN D 223 39.46 -71.80 -9.47
CA GLN D 223 40.25 -72.97 -9.87
C GLN D 223 39.84 -74.20 -9.07
N LYS D 224 39.63 -74.01 -7.76
CA LYS D 224 39.20 -75.14 -6.92
C LYS D 224 37.98 -75.82 -7.50
N PHE D 225 37.07 -75.05 -8.11
CA PHE D 225 35.85 -75.61 -8.65
C PHE D 225 36.00 -76.07 -10.09
N VAL D 226 36.83 -75.40 -10.89
CA VAL D 226 36.97 -75.82 -12.28
C VAL D 226 37.63 -77.18 -12.34
N VAL D 227 38.53 -77.47 -11.39
CA VAL D 227 39.16 -78.80 -11.41
C VAL D 227 38.15 -79.88 -11.05
N GLU D 228 37.31 -79.61 -10.04
CA GLU D 228 36.23 -80.54 -9.71
C GLU D 228 35.28 -80.74 -10.89
N VAL D 229 35.00 -79.67 -11.63
CA VAL D 229 34.06 -79.76 -12.75
C VAL D 229 34.67 -80.60 -13.87
N GLU D 230 35.94 -80.34 -14.21
CA GLU D 230 36.55 -81.10 -15.29
C GLU D 230 36.69 -82.57 -14.92
N LYS D 231 36.97 -82.86 -13.64
CA LYS D 231 36.98 -84.26 -13.23
C LYS D 231 35.63 -84.93 -13.38
N GLU D 232 34.55 -84.28 -12.96
CA GLU D 232 33.22 -84.87 -13.13
C GLU D 232 32.88 -85.05 -14.60
N ARG D 233 33.26 -84.11 -15.44
CA ARG D 233 32.97 -84.24 -16.87
C ARG D 233 33.74 -85.41 -17.48
N GLU D 234 35.02 -85.56 -17.12
CA GLU D 234 35.80 -86.67 -17.67
C GLU D 234 35.29 -88.00 -17.14
N GLU D 235 34.76 -88.00 -15.91
CA GLU D 235 34.13 -89.21 -15.38
C GLU D 235 32.85 -89.55 -16.16
N GLU D 236 32.06 -88.53 -16.48
CA GLU D 236 30.88 -88.75 -17.32
C GLU D 236 31.28 -89.26 -18.70
N ALA D 237 32.44 -88.81 -19.20
CA ALA D 237 32.91 -89.30 -20.49
C ALA D 237 33.33 -90.76 -20.42
N ALA D 238 34.13 -91.12 -19.42
CA ALA D 238 34.48 -92.51 -19.21
C ALA D 238 33.23 -93.37 -19.00
N ALA D 239 32.15 -92.76 -18.50
CA ALA D 239 30.89 -93.47 -18.41
C ALA D 239 30.18 -93.56 -19.75
N LYS D 240 30.34 -92.55 -20.62
CA LYS D 240 29.82 -92.66 -21.97
C LYS D 240 30.45 -93.83 -22.71
N LYS D 241 31.74 -94.02 -22.52
CA LYS D 241 32.42 -95.11 -23.24
C LYS D 241 32.78 -96.26 -22.32
N GLU E 107 12.41 -55.69 -46.61
CA GLU E 107 12.35 -54.94 -47.87
C GLU E 107 11.56 -53.66 -47.68
N TYR E 108 12.07 -52.57 -48.25
CA TYR E 108 11.50 -51.25 -48.04
C TYR E 108 11.03 -50.57 -49.32
N ASP E 109 10.74 -51.31 -50.39
CA ASP E 109 10.35 -50.68 -51.64
C ASP E 109 9.05 -49.90 -51.46
N ARG E 110 7.99 -50.57 -51.04
CA ARG E 110 6.76 -49.87 -50.71
C ARG E 110 6.79 -49.41 -49.26
N GLY E 111 6.27 -48.21 -49.02
CA GLY E 111 6.34 -47.59 -47.73
C GLY E 111 5.52 -48.31 -46.68
N VAL E 112 5.29 -47.60 -45.57
CA VAL E 112 4.48 -48.14 -44.48
C VAL E 112 2.99 -47.87 -44.70
N ASN E 113 2.64 -46.97 -45.62
CA ASN E 113 1.27 -46.56 -45.82
C ASN E 113 0.76 -46.85 -47.23
N THR E 114 1.49 -47.65 -47.99
CA THR E 114 1.06 -47.91 -49.36
C THR E 114 -0.13 -48.86 -49.37
N PHE E 115 -0.94 -48.74 -50.41
CA PHE E 115 -2.09 -49.59 -50.62
C PHE E 115 -1.75 -50.66 -51.64
N SER E 116 -2.22 -51.87 -51.38
CA SER E 116 -2.12 -52.95 -52.35
C SER E 116 -3.19 -52.75 -53.42
N PRO E 117 -2.97 -53.29 -54.63
CA PRO E 117 -3.99 -53.18 -55.68
C PRO E 117 -5.34 -53.74 -55.28
N GLU E 118 -5.40 -54.59 -54.26
CA GLU E 118 -6.65 -55.09 -53.73
C GLU E 118 -7.23 -54.24 -52.61
N GLY E 119 -6.57 -53.15 -52.24
CA GLY E 119 -7.12 -52.18 -51.33
C GLY E 119 -6.68 -52.30 -49.88
N ARG E 120 -6.14 -53.43 -49.46
CA ARG E 120 -5.73 -53.59 -48.06
C ARG E 120 -4.29 -53.16 -47.90
N ILE E 121 -4.04 -52.38 -46.84
CA ILE E 121 -2.71 -51.83 -46.58
C ILE E 121 -1.73 -52.97 -46.36
N PHE E 122 -0.52 -52.82 -46.89
CA PHE E 122 0.45 -53.90 -46.84
C PHE E 122 0.84 -54.25 -45.42
N GLN E 123 1.15 -53.24 -44.61
CA GLN E 123 1.62 -53.50 -43.25
C GLN E 123 0.58 -54.20 -42.40
N ILE E 124 -0.69 -53.79 -42.50
CA ILE E 124 -1.71 -54.42 -41.69
C ILE E 124 -2.05 -55.80 -42.23
N GLU E 125 -1.82 -56.02 -43.52
CA GLU E 125 -2.02 -57.36 -44.06
C GLU E 125 -0.91 -58.30 -43.63
N TYR E 126 0.30 -57.79 -43.45
CA TYR E 126 1.39 -58.62 -42.94
C TYR E 126 1.30 -58.85 -41.43
N ALA E 127 0.89 -57.84 -40.68
CA ALA E 127 0.77 -57.99 -39.24
C ALA E 127 -0.32 -58.98 -38.85
N VAL E 128 -1.35 -59.13 -39.69
CA VAL E 128 -2.38 -60.13 -39.42
C VAL E 128 -1.83 -61.52 -39.69
N GLU E 129 -0.92 -61.65 -40.64
CA GLU E 129 -0.27 -62.93 -40.89
C GLU E 129 0.62 -63.35 -39.72
N ALA E 130 1.24 -62.39 -39.03
CA ALA E 130 2.08 -62.73 -37.88
C ALA E 130 1.28 -63.25 -36.70
N ILE E 131 -0.05 -63.15 -36.73
CA ILE E 131 -0.85 -63.62 -35.60
C ILE E 131 -0.92 -65.13 -35.59
N LYS E 132 -1.04 -65.74 -36.76
CA LYS E 132 -1.12 -67.20 -36.85
C LYS E 132 0.19 -67.90 -36.53
N LEU E 133 1.23 -67.16 -36.16
CA LEU E 133 2.48 -67.73 -35.70
C LEU E 133 2.54 -67.84 -34.18
N GLY E 134 1.53 -67.35 -33.47
CA GLY E 134 1.55 -67.26 -32.03
C GLY E 134 0.78 -68.40 -31.37
N SER E 135 0.66 -68.30 -30.06
CA SER E 135 -0.12 -69.28 -29.31
C SER E 135 -1.61 -69.04 -29.51
N THR E 136 -2.37 -70.13 -29.52
CA THR E 136 -3.80 -70.00 -29.65
C THR E 136 -4.41 -69.47 -28.35
N SER E 137 -5.67 -69.04 -28.46
CA SER E 137 -6.41 -68.53 -27.32
C SER E 137 -7.89 -68.65 -27.63
N LEU E 138 -8.71 -68.58 -26.60
CA LEU E 138 -10.15 -68.72 -26.74
C LEU E 138 -10.86 -67.62 -25.98
N GLY E 139 -12.17 -67.61 -26.11
CA GLY E 139 -13.04 -66.82 -25.27
C GLY E 139 -14.46 -67.26 -25.54
N ILE E 140 -15.19 -67.62 -24.51
CA ILE E 140 -16.56 -68.08 -24.64
C ILE E 140 -17.44 -67.23 -23.72
N ARG E 141 -18.47 -66.63 -24.29
CA ARG E 141 -19.42 -65.82 -23.55
C ARG E 141 -20.65 -66.66 -23.25
N THR E 142 -21.15 -66.58 -22.01
CA THR E 142 -22.26 -67.39 -21.55
C THR E 142 -23.09 -66.56 -20.58
N PRO E 143 -24.34 -66.94 -20.30
CA PRO E 143 -25.15 -66.15 -19.37
C PRO E 143 -24.60 -66.10 -17.96
N GLU E 144 -23.79 -67.08 -17.56
CA GLU E 144 -23.22 -67.07 -16.21
C GLU E 144 -21.95 -66.24 -16.15
N GLY E 145 -21.15 -66.28 -17.22
CA GLY E 145 -19.95 -65.49 -17.26
C GLY E 145 -19.20 -65.72 -18.56
N VAL E 146 -17.97 -65.26 -18.58
CA VAL E 146 -17.11 -65.37 -19.75
C VAL E 146 -15.85 -66.12 -19.35
N VAL E 147 -15.27 -66.87 -20.28
CA VAL E 147 -14.09 -67.70 -20.01
C VAL E 147 -13.03 -67.44 -21.08
N LEU E 148 -11.78 -67.30 -20.64
CA LEU E 148 -10.64 -67.04 -21.50
C LEU E 148 -9.62 -68.14 -21.24
N ALA E 149 -9.31 -68.93 -22.26
CA ALA E 149 -8.31 -69.98 -22.11
C ALA E 149 -7.16 -69.75 -23.08
N ALA E 150 -5.97 -70.15 -22.67
CA ALA E 150 -4.80 -69.94 -23.50
C ALA E 150 -3.68 -70.93 -23.17
N GLU E 151 -2.80 -71.17 -24.13
CA GLU E 151 -1.66 -72.06 -23.94
C GLU E 151 -0.39 -71.22 -23.80
N LYS E 152 0.33 -71.41 -22.69
CA LYS E 152 1.53 -70.59 -22.46
C LYS E 152 2.60 -70.89 -23.50
N ARG E 153 2.77 -72.16 -23.88
CA ARG E 153 3.75 -72.58 -24.86
C ARG E 153 5.16 -72.12 -24.45
N VAL E 154 5.59 -72.63 -23.30
CA VAL E 154 6.87 -72.25 -22.71
C VAL E 154 8.01 -72.67 -23.63
N PRO E 155 9.10 -71.91 -23.68
CA PRO E 155 10.25 -72.33 -24.50
C PRO E 155 11.06 -73.45 -23.89
N SER E 156 10.99 -73.64 -22.57
CA SER E 156 11.74 -74.71 -21.93
C SER E 156 11.02 -75.10 -20.64
N THR E 157 11.43 -76.24 -20.09
CA THR E 157 10.86 -76.72 -18.84
C THR E 157 11.40 -75.98 -17.63
N LEU E 158 12.33 -75.05 -17.83
CA LEU E 158 12.96 -74.37 -16.71
C LEU E 158 12.26 -73.06 -16.33
N VAL E 159 11.56 -72.42 -17.27
CA VAL E 159 10.92 -71.15 -16.99
C VAL E 159 9.96 -71.31 -15.83
N VAL E 160 9.98 -70.35 -14.91
CA VAL E 160 8.91 -70.24 -13.92
C VAL E 160 7.69 -69.76 -14.69
N PRO E 161 6.71 -70.61 -14.96
CA PRO E 161 5.68 -70.26 -15.93
C PRO E 161 4.79 -69.12 -15.51
N SER E 162 4.71 -68.81 -14.22
CA SER E 162 3.86 -67.73 -13.75
C SER E 162 4.36 -66.34 -14.15
N SER E 163 5.42 -66.27 -14.94
CA SER E 163 5.95 -65.00 -15.43
C SER E 163 5.54 -64.71 -16.86
N MET E 164 4.98 -65.70 -17.56
CA MET E 164 4.60 -65.53 -18.96
C MET E 164 3.09 -65.73 -19.08
N SER E 165 2.37 -65.16 -18.12
CA SER E 165 0.92 -65.26 -18.09
C SER E 165 0.34 -64.58 -19.32
N LYS E 166 -0.27 -65.37 -20.19
CA LYS E 166 -0.92 -64.83 -21.38
C LYS E 166 -2.22 -64.12 -21.05
N ILE E 167 -2.70 -64.20 -19.82
CA ILE E 167 -3.97 -63.62 -19.44
C ILE E 167 -3.73 -62.53 -18.40
N MET E 168 -3.85 -61.28 -18.83
CA MET E 168 -3.59 -60.14 -17.98
C MET E 168 -4.89 -59.55 -17.49
N GLU E 169 -4.90 -59.09 -16.25
CA GLU E 169 -6.05 -58.40 -15.69
C GLU E 169 -5.95 -56.92 -16.01
N VAL E 170 -6.99 -56.38 -16.63
CA VAL E 170 -7.05 -54.96 -16.93
C VAL E 170 -7.81 -54.22 -15.84
N ASP E 171 -8.77 -54.88 -15.22
CA ASP E 171 -9.50 -54.32 -14.09
C ASP E 171 -10.19 -55.46 -13.37
N SER E 172 -10.72 -55.17 -12.18
CA SER E 172 -11.32 -56.21 -11.35
C SER E 172 -12.45 -56.94 -12.07
N HIS E 173 -12.95 -56.40 -13.17
CA HIS E 173 -13.99 -57.06 -13.95
C HIS E 173 -13.66 -57.17 -15.43
N ILE E 174 -12.44 -56.82 -15.84
CA ILE E 174 -12.04 -56.86 -17.24
C ILE E 174 -10.74 -57.61 -17.36
N ALA E 175 -10.76 -58.72 -18.09
CA ALA E 175 -9.58 -59.52 -18.38
C ALA E 175 -9.25 -59.43 -19.85
N ALA E 176 -8.02 -59.77 -20.19
CA ALA E 176 -7.59 -59.68 -21.58
C ALA E 176 -6.58 -60.77 -21.87
N VAL E 177 -6.84 -61.57 -22.90
CA VAL E 177 -5.92 -62.60 -23.36
C VAL E 177 -5.43 -62.21 -24.74
N MET E 178 -4.16 -62.43 -25.01
CA MET E 178 -3.56 -62.00 -26.26
C MET E 178 -2.90 -63.15 -26.99
N SER E 179 -2.41 -62.85 -28.20
CA SER E 179 -1.71 -63.81 -29.03
C SER E 179 -0.86 -63.05 -30.04
N GLY E 180 0.08 -63.75 -30.65
CA GLY E 180 1.04 -63.12 -31.52
C GLY E 180 2.34 -62.84 -30.79
N MET E 181 2.86 -61.63 -30.93
CA MET E 181 4.07 -61.24 -30.22
C MET E 181 3.71 -60.58 -28.91
N VAL E 182 3.99 -61.27 -27.80
CA VAL E 182 3.59 -60.79 -26.49
C VAL E 182 4.42 -59.61 -26.02
N ALA E 183 5.38 -59.14 -26.83
CA ALA E 183 6.15 -57.98 -26.45
C ALA E 183 5.33 -56.71 -26.51
N ASP E 184 4.51 -56.56 -27.57
CA ASP E 184 3.68 -55.38 -27.69
C ASP E 184 2.48 -55.44 -26.77
N ALA E 185 1.79 -56.58 -26.74
CA ALA E 185 0.53 -56.70 -26.00
C ALA E 185 0.63 -56.16 -24.59
N ARG E 186 1.81 -56.19 -24.00
CA ARG E 186 1.97 -55.61 -22.68
C ARG E 186 1.71 -54.11 -22.69
N ILE E 187 2.14 -53.41 -23.75
CA ILE E 187 1.90 -51.97 -23.77
C ILE E 187 0.43 -51.65 -24.05
N LEU E 188 -0.25 -52.48 -24.85
CA LEU E 188 -1.69 -52.32 -25.01
C LEU E 188 -2.40 -52.53 -23.68
N VAL E 189 -1.95 -53.50 -22.89
CA VAL E 189 -2.58 -53.73 -21.60
C VAL E 189 -2.31 -52.60 -20.63
N GLU E 190 -1.10 -52.04 -20.59
CA GLU E 190 -0.90 -50.88 -19.74
C GLU E 190 -1.76 -49.70 -20.17
N HIS E 191 -1.94 -49.53 -21.48
CA HIS E 191 -2.82 -48.48 -21.96
C HIS E 191 -4.25 -48.69 -21.49
N ALA E 192 -4.77 -49.91 -21.64
CA ALA E 192 -6.14 -50.18 -21.21
C ALA E 192 -6.28 -49.99 -19.71
N ARG E 193 -5.26 -50.35 -18.94
CA ARG E 193 -5.32 -50.16 -17.50
C ARG E 193 -5.36 -48.69 -17.13
N VAL E 194 -4.52 -47.87 -17.78
CA VAL E 194 -4.55 -46.45 -17.46
C VAL E 194 -5.88 -45.83 -17.85
N GLU E 195 -6.41 -46.18 -19.02
CA GLU E 195 -7.69 -45.61 -19.43
C GLU E 195 -8.83 -46.07 -18.54
N SER E 196 -8.85 -47.33 -18.13
CA SER E 196 -9.88 -47.79 -17.21
C SER E 196 -9.79 -47.11 -15.85
N GLN E 197 -8.58 -46.94 -15.32
CA GLN E 197 -8.46 -46.25 -14.05
C GLN E 197 -8.85 -44.79 -14.17
N ASN E 198 -8.58 -44.15 -15.30
CA ASN E 198 -9.08 -42.80 -15.51
C ASN E 198 -10.59 -42.76 -15.55
N HIS E 199 -11.22 -43.73 -16.23
CA HIS E 199 -12.67 -43.72 -16.31
C HIS E 199 -13.30 -44.03 -14.96
N ARG E 200 -12.55 -44.69 -14.08
CA ARG E 200 -13.06 -44.87 -12.72
C ARG E 200 -12.83 -43.63 -11.87
N PHE E 201 -11.76 -42.89 -12.17
CA PHE E 201 -11.45 -41.71 -11.37
C PHE E 201 -12.36 -40.54 -11.73
N THR E 202 -12.73 -40.44 -13.00
CA THR E 202 -13.55 -39.33 -13.48
C THR E 202 -15.04 -39.58 -13.33
N TYR E 203 -15.52 -40.74 -13.77
CA TYR E 203 -16.94 -41.03 -13.77
C TYR E 203 -17.38 -41.90 -12.60
N ASN E 204 -16.44 -42.35 -11.77
CA ASN E 204 -16.77 -43.11 -10.55
C ASN E 204 -17.69 -44.29 -10.82
N GLU E 205 -17.26 -45.20 -11.69
CA GLU E 205 -17.95 -46.45 -11.93
C GLU E 205 -17.11 -47.28 -12.89
N PRO E 206 -17.28 -48.60 -12.87
CA PRO E 206 -16.46 -49.45 -13.75
C PRO E 206 -16.67 -49.11 -15.21
N MET E 207 -15.56 -49.04 -15.95
CA MET E 207 -15.63 -48.80 -17.38
C MET E 207 -16.39 -49.92 -18.07
N SER E 208 -16.94 -49.63 -19.23
CA SER E 208 -17.60 -50.66 -20.02
C SER E 208 -16.59 -51.31 -20.96
N VAL E 209 -16.75 -52.61 -21.15
CA VAL E 209 -15.78 -53.37 -21.92
C VAL E 209 -15.60 -52.81 -23.33
N GLU E 210 -16.70 -52.50 -24.00
CA GLU E 210 -16.60 -51.92 -25.34
C GLU E 210 -15.81 -50.61 -25.32
N SER E 211 -15.93 -49.86 -24.23
CA SER E 211 -15.14 -48.63 -24.13
C SER E 211 -13.66 -48.94 -23.96
N CYS E 212 -13.31 -49.99 -23.22
CA CYS E 212 -11.91 -50.39 -23.14
C CYS E 212 -11.38 -50.81 -24.50
N THR E 213 -12.18 -51.53 -25.28
CA THR E 213 -11.74 -51.94 -26.60
C THR E 213 -11.54 -50.74 -27.52
N LEU E 214 -12.45 -49.76 -27.43
CA LEU E 214 -12.27 -48.53 -28.18
C LEU E 214 -10.99 -47.84 -27.78
N ALA E 215 -10.72 -47.74 -26.47
CA ALA E 215 -9.52 -47.07 -26.01
C ALA E 215 -8.25 -47.79 -26.43
N THR E 216 -8.35 -49.11 -26.63
CA THR E 216 -7.20 -49.87 -27.11
C THR E 216 -6.96 -49.65 -28.61
N CYS E 217 -8.00 -49.80 -29.43
CA CYS E 217 -7.84 -49.53 -30.85
C CYS E 217 -7.42 -48.08 -31.12
N ASP E 218 -7.85 -47.13 -30.28
CA ASP E 218 -7.46 -45.75 -30.46
C ASP E 218 -5.95 -45.57 -30.42
N LEU E 219 -5.24 -46.36 -29.62
CA LEU E 219 -3.80 -46.38 -29.72
C LEU E 219 -3.32 -47.20 -30.90
N SER E 220 -3.94 -48.37 -31.12
CA SER E 220 -3.40 -49.30 -32.10
C SER E 220 -3.44 -48.73 -33.51
N ILE E 221 -4.26 -47.71 -33.76
CA ILE E 221 -4.30 -47.12 -35.11
C ILE E 221 -3.16 -46.13 -35.35
N GLN E 222 -2.55 -45.58 -34.31
CA GLN E 222 -1.68 -44.41 -34.45
C GLN E 222 -0.28 -44.84 -34.91
N PHE E 223 -0.20 -45.30 -36.16
CA PHE E 223 1.08 -45.64 -36.75
C PHE E 223 1.24 -44.91 -38.08
N GLY E 224 2.49 -44.62 -38.41
CA GLY E 224 2.85 -43.86 -39.58
C GLY E 224 4.34 -43.60 -39.56
N GLU E 225 4.85 -42.73 -40.44
CA GLU E 225 6.29 -42.50 -40.42
C GLU E 225 6.66 -41.04 -40.19
N SER E 226 5.93 -40.10 -40.80
CA SER E 226 6.29 -38.69 -40.67
C SER E 226 5.94 -38.17 -39.29
N GLY E 227 6.94 -37.81 -38.51
CA GLY E 227 6.71 -37.35 -37.17
C GLY E 227 6.02 -36.01 -37.12
N GLY E 228 6.73 -34.95 -37.51
CA GLY E 228 6.16 -33.62 -37.51
C GLY E 228 5.66 -33.20 -36.14
N ARG E 229 4.34 -33.18 -35.98
CA ARG E 229 3.74 -32.75 -34.72
C ARG E 229 3.78 -33.86 -33.67
N ARG E 230 3.20 -35.02 -33.96
CA ARG E 230 3.11 -36.10 -32.98
C ARG E 230 3.97 -37.28 -33.38
N LYS E 231 4.54 -37.95 -32.39
CA LYS E 231 5.36 -39.14 -32.60
C LYS E 231 4.41 -40.31 -32.85
N LEU E 232 4.73 -41.12 -33.86
CA LEU E 232 3.87 -42.23 -34.20
C LEU E 232 4.58 -43.56 -33.95
N MET E 233 3.83 -44.65 -34.09
CA MET E 233 4.46 -45.96 -34.13
C MET E 233 4.91 -46.24 -35.55
N SER E 234 6.10 -46.82 -35.69
CA SER E 234 6.61 -47.06 -37.03
C SER E 234 5.97 -48.28 -37.67
N ARG E 235 5.18 -49.03 -36.91
CA ARG E 235 4.52 -50.22 -37.42
C ARG E 235 3.32 -50.52 -36.55
N PRO E 236 2.35 -51.24 -37.07
CA PRO E 236 1.22 -51.69 -36.25
C PRO E 236 1.71 -52.67 -35.19
N PHE E 237 0.87 -52.90 -34.19
CA PHE E 237 1.15 -53.93 -33.22
C PHE E 237 0.87 -55.29 -33.82
N GLY E 238 1.84 -56.19 -33.73
CA GLY E 238 1.62 -57.52 -34.26
C GLY E 238 0.87 -58.43 -33.32
N VAL E 239 -0.17 -57.91 -32.68
CA VAL E 239 -0.90 -58.63 -31.64
C VAL E 239 -2.39 -58.41 -31.82
N SER E 240 -3.17 -59.47 -31.64
CA SER E 240 -4.63 -59.41 -31.65
C SER E 240 -5.15 -59.70 -30.25
N LEU E 241 -5.54 -58.67 -29.53
CA LEU E 241 -6.06 -58.85 -28.18
C LEU E 241 -7.39 -59.58 -28.21
N LEU E 242 -7.90 -59.84 -27.01
CA LEU E 242 -9.19 -60.47 -26.80
C LEU E 242 -9.63 -60.06 -25.39
N ILE E 243 -10.52 -59.07 -25.34
CA ILE E 243 -10.96 -58.53 -24.06
C ILE E 243 -12.26 -59.21 -23.66
N ALA E 244 -12.44 -59.45 -22.37
CA ALA E 244 -13.66 -60.04 -21.86
C ALA E 244 -14.01 -59.38 -20.54
N GLY E 245 -15.30 -59.27 -20.26
CA GLY E 245 -15.64 -58.58 -19.04
C GLY E 245 -17.12 -58.71 -18.72
N VAL E 246 -17.48 -58.16 -17.57
CA VAL E 246 -18.87 -58.12 -17.14
C VAL E 246 -19.21 -56.70 -16.73
N ASP E 247 -20.03 -56.04 -17.54
CA ASP E 247 -20.64 -54.79 -17.15
C ASP E 247 -22.15 -54.95 -17.23
N GLU E 248 -22.90 -53.88 -17.02
CA GLU E 248 -24.36 -53.95 -16.96
C GLU E 248 -24.98 -54.57 -18.20
N LYS E 249 -24.27 -54.59 -19.33
CA LYS E 249 -24.77 -55.23 -20.53
C LYS E 249 -24.49 -56.72 -20.55
N GLY E 250 -24.25 -57.32 -19.39
CA GLY E 250 -24.00 -58.73 -19.29
C GLY E 250 -22.56 -59.07 -19.63
N PRO E 251 -22.22 -60.35 -19.55
CA PRO E 251 -20.85 -60.78 -19.94
C PRO E 251 -20.64 -60.55 -21.43
N GLN E 252 -19.49 -59.97 -21.77
CA GLN E 252 -19.21 -59.53 -23.12
C GLN E 252 -17.80 -59.90 -23.51
N LEU E 253 -17.63 -60.32 -24.77
CA LEU E 253 -16.34 -60.69 -25.32
C LEU E 253 -16.10 -59.88 -26.58
N TRP E 254 -15.04 -59.08 -26.58
CA TRP E 254 -14.67 -58.26 -27.73
C TRP E 254 -13.31 -58.70 -28.24
N GLN E 255 -13.09 -58.49 -29.53
CA GLN E 255 -11.87 -58.88 -30.20
C GLN E 255 -11.28 -57.66 -30.89
N THR E 256 -9.96 -57.65 -31.04
CA THR E 256 -9.25 -56.53 -31.63
C THR E 256 -8.17 -57.05 -32.58
N ASP E 257 -8.07 -56.45 -33.75
CA ASP E 257 -7.01 -56.77 -34.68
C ASP E 257 -5.96 -55.67 -34.72
N PRO E 258 -4.82 -55.89 -35.37
CA PRO E 258 -3.89 -54.78 -35.59
C PRO E 258 -4.48 -53.70 -36.48
N SER E 259 -5.59 -53.98 -37.14
CA SER E 259 -6.23 -52.98 -37.99
C SER E 259 -6.65 -51.76 -37.20
N GLY E 260 -6.95 -51.93 -35.93
CA GLY E 260 -7.72 -50.97 -35.18
C GLY E 260 -9.20 -51.24 -35.24
N THR E 261 -9.61 -52.46 -35.57
CA THR E 261 -11.01 -52.81 -35.81
C THR E 261 -11.46 -53.73 -34.67
N HIS E 262 -12.35 -53.22 -33.84
CA HIS E 262 -12.89 -53.98 -32.72
C HIS E 262 -14.22 -54.61 -33.09
N THR E 263 -14.43 -55.82 -32.61
CA THR E 263 -15.60 -56.59 -33.01
C THR E 263 -16.10 -57.42 -31.84
N ARG E 264 -17.37 -57.26 -31.49
CA ARG E 264 -17.97 -58.05 -30.43
C ARG E 264 -18.31 -59.44 -30.97
N TYR E 265 -18.07 -60.46 -30.16
CA TYR E 265 -18.30 -61.84 -30.57
C TYR E 265 -19.12 -62.59 -29.52
N ASP E 266 -19.28 -63.88 -29.77
CA ASP E 266 -19.84 -64.82 -28.80
C ASP E 266 -18.91 -65.97 -28.48
N ALA E 267 -18.07 -66.37 -29.43
CA ALA E 267 -17.05 -67.38 -29.19
C ALA E 267 -16.02 -67.20 -30.30
N GLN E 268 -14.78 -66.90 -29.93
CA GLN E 268 -13.74 -66.60 -30.89
C GLN E 268 -12.46 -67.33 -30.53
N ALA E 269 -11.59 -67.51 -31.52
CA ALA E 269 -10.28 -68.07 -31.31
C ALA E 269 -9.26 -67.29 -32.13
N ILE E 270 -8.13 -67.00 -31.51
CA ILE E 270 -7.04 -66.29 -32.18
C ILE E 270 -5.83 -67.18 -32.15
N GLY E 271 -4.70 -66.69 -32.65
CA GLY E 271 -3.50 -67.48 -32.64
C GLY E 271 -3.52 -68.56 -33.70
N GLY E 272 -2.48 -69.38 -33.67
CA GLY E 272 -2.22 -70.34 -34.73
C GLY E 272 -3.37 -71.28 -35.06
N GLY E 273 -3.71 -72.17 -34.13
CA GLY E 273 -4.75 -73.14 -34.39
C GLY E 273 -6.15 -72.58 -34.22
N ALA E 274 -6.45 -71.48 -34.89
CA ALA E 274 -7.79 -70.92 -34.81
C ALA E 274 -8.68 -71.41 -35.95
N GLU E 275 -8.08 -71.92 -37.03
CA GLU E 275 -8.87 -72.40 -38.15
C GLU E 275 -9.74 -73.57 -37.76
N ALA E 276 -9.13 -74.66 -37.28
CA ALA E 276 -9.91 -75.78 -36.77
C ALA E 276 -10.68 -75.41 -35.52
N ALA E 277 -10.25 -74.38 -34.80
CA ALA E 277 -10.99 -73.93 -33.64
C ALA E 277 -12.35 -73.39 -34.05
N GLN E 278 -12.42 -72.64 -35.15
CA GLN E 278 -13.71 -72.17 -35.63
C GLN E 278 -14.57 -73.35 -36.08
N SER E 279 -13.95 -74.40 -36.61
CA SER E 279 -14.68 -75.61 -36.93
C SER E 279 -15.32 -76.21 -35.69
N VAL E 280 -14.56 -76.38 -34.62
CA VAL E 280 -15.10 -76.83 -33.34
C VAL E 280 -16.15 -75.87 -32.81
N PHE E 281 -16.06 -74.59 -33.15
CA PHE E 281 -17.02 -73.57 -32.74
C PHE E 281 -18.37 -73.69 -33.42
N THR E 282 -18.40 -73.91 -34.73
CA THR E 282 -19.66 -73.86 -35.47
C THR E 282 -20.70 -74.81 -34.87
N GLU E 283 -20.25 -75.90 -34.26
CA GLU E 283 -21.08 -76.81 -33.52
C GLU E 283 -20.66 -76.79 -32.06
N ARG E 284 -21.31 -77.64 -31.25
CA ARG E 284 -20.91 -77.85 -29.86
C ARG E 284 -21.05 -76.57 -29.04
N TYR E 285 -21.87 -75.63 -29.52
CA TYR E 285 -22.01 -74.35 -28.84
C TYR E 285 -23.39 -73.79 -29.09
N HIS E 286 -24.29 -73.95 -28.13
CA HIS E 286 -25.55 -73.22 -28.13
C HIS E 286 -25.36 -71.92 -27.39
N ARG E 287 -26.43 -71.13 -27.31
CA ARG E 287 -26.30 -69.78 -26.76
C ARG E 287 -26.43 -69.74 -25.24
N ASN E 288 -27.11 -70.70 -24.63
CA ASN E 288 -27.45 -70.61 -23.21
C ASN E 288 -26.78 -71.75 -22.44
N MET E 289 -25.50 -71.98 -22.70
CA MET E 289 -24.77 -73.02 -22.01
C MET E 289 -24.55 -72.64 -20.55
N THR E 290 -24.05 -73.61 -19.79
CA THR E 290 -23.62 -73.40 -18.42
C THR E 290 -22.11 -73.15 -18.40
N LEU E 291 -21.66 -72.43 -17.38
CA LEU E 291 -20.24 -72.13 -17.26
C LEU E 291 -19.39 -73.41 -17.27
N GLU E 292 -19.86 -74.45 -16.61
CA GLU E 292 -19.16 -75.74 -16.64
C GLU E 292 -19.07 -76.28 -18.06
N GLU E 293 -20.14 -76.09 -18.84
CA GLU E 293 -20.11 -76.53 -20.24
C GLU E 293 -19.06 -75.74 -21.02
N GLY E 294 -18.97 -74.44 -20.77
CA GLY E 294 -17.92 -73.66 -21.40
C GLY E 294 -16.54 -74.13 -21.00
N GLU E 295 -16.36 -74.48 -19.72
CA GLU E 295 -15.09 -75.02 -19.27
C GLU E 295 -14.71 -76.25 -20.07
N THR E 296 -15.62 -77.23 -20.10
CA THR E 296 -15.37 -78.46 -20.84
C THR E 296 -15.05 -78.18 -22.30
N LEU E 297 -15.83 -77.33 -22.96
CA LEU E 297 -15.63 -77.06 -24.37
C LEU E 297 -14.29 -76.38 -24.63
N ALA E 298 -13.94 -75.37 -23.84
CA ALA E 298 -12.69 -74.65 -24.05
C ALA E 298 -11.50 -75.57 -23.81
N VAL E 299 -11.52 -76.33 -22.73
CA VAL E 299 -10.41 -77.22 -22.44
C VAL E 299 -10.29 -78.29 -23.52
N ASP E 300 -11.42 -78.75 -24.05
CA ASP E 300 -11.38 -79.69 -25.17
C ASP E 300 -10.70 -79.07 -26.38
N ILE E 301 -11.09 -77.83 -26.72
CA ILE E 301 -10.48 -77.16 -27.86
C ILE E 301 -8.98 -77.07 -27.68
N LEU E 302 -8.54 -76.61 -26.51
CA LEU E 302 -7.12 -76.53 -26.22
C LEU E 302 -6.46 -77.89 -26.40
N LYS E 303 -7.13 -78.94 -25.93
CA LYS E 303 -6.63 -80.30 -26.08
C LYS E 303 -6.46 -80.66 -27.55
N GLN E 304 -7.31 -80.10 -28.41
CA GLN E 304 -7.37 -80.54 -29.80
C GLN E 304 -6.31 -79.87 -30.67
N VAL E 305 -5.93 -78.63 -30.35
CA VAL E 305 -5.16 -77.82 -31.30
C VAL E 305 -3.78 -77.45 -30.79
N MET E 306 -3.19 -78.29 -29.95
CA MET E 306 -1.90 -77.98 -29.35
C MET E 306 -0.96 -79.17 -29.53
N GLU E 307 0.30 -78.87 -29.85
CA GLU E 307 1.28 -79.94 -30.06
C GLU E 307 1.75 -80.53 -28.73
N ASP E 308 1.72 -79.75 -27.65
CA ASP E 308 2.10 -80.22 -26.34
C ASP E 308 0.95 -81.00 -25.70
N GLN E 309 1.24 -81.62 -24.56
CA GLN E 309 0.22 -82.36 -23.82
C GLN E 309 -0.39 -81.45 -22.76
N LEU E 310 -1.72 -81.40 -22.74
CA LEU E 310 -2.45 -80.52 -21.85
C LEU E 310 -2.19 -80.87 -20.39
N SER E 311 -1.49 -80.00 -19.68
CA SER E 311 -1.18 -80.17 -18.27
C SER E 311 -1.69 -78.99 -17.46
N PRO E 312 -2.04 -79.19 -16.19
CA PRO E 312 -2.56 -78.07 -15.39
C PRO E 312 -1.59 -76.91 -15.28
N GLU E 313 -0.30 -77.11 -15.53
CA GLU E 313 0.68 -76.04 -15.53
C GLU E 313 0.99 -75.55 -16.94
N ASN E 314 0.65 -76.34 -17.95
CA ASN E 314 0.84 -75.99 -19.35
C ASN E 314 0.04 -74.78 -19.79
N ILE E 315 -1.22 -74.65 -19.37
CA ILE E 315 -2.14 -73.66 -19.91
C ILE E 315 -2.55 -72.69 -18.81
N GLU E 316 -3.41 -71.75 -19.17
CA GLU E 316 -3.96 -70.79 -18.24
C GLU E 316 -5.41 -70.48 -18.60
N VAL E 317 -6.27 -70.51 -17.59
CA VAL E 317 -7.70 -70.25 -17.76
C VAL E 317 -8.14 -69.20 -16.76
N ALA E 318 -8.90 -68.22 -17.24
CA ALA E 318 -9.50 -67.21 -16.39
C ALA E 318 -10.99 -67.17 -16.65
N VAL E 319 -11.76 -66.84 -15.62
CA VAL E 319 -13.20 -66.82 -15.71
C VAL E 319 -13.71 -65.57 -15.01
N VAL E 320 -14.75 -64.96 -15.58
CA VAL E 320 -15.37 -63.77 -14.99
C VAL E 320 -16.86 -64.09 -14.88
N ARG E 321 -17.34 -64.24 -13.64
CA ARG E 321 -18.72 -64.66 -13.42
C ARG E 321 -19.65 -63.46 -13.30
N ALA E 322 -20.88 -63.62 -13.78
CA ALA E 322 -21.78 -62.48 -13.86
C ALA E 322 -22.22 -62.01 -12.47
N ASP E 323 -22.77 -62.91 -11.65
CA ASP E 323 -23.31 -62.49 -10.36
C ASP E 323 -22.21 -61.93 -9.45
N ASP E 324 -21.09 -62.65 -9.33
CA ASP E 324 -19.97 -62.13 -8.56
C ASP E 324 -19.45 -60.84 -9.21
N GLY E 325 -19.32 -60.83 -10.53
CA GLY E 325 -18.83 -59.67 -11.24
C GLY E 325 -17.36 -59.40 -11.05
N LYS E 326 -16.55 -60.42 -10.74
CA LYS E 326 -15.13 -60.27 -10.50
C LYS E 326 -14.35 -61.25 -11.35
N LEU E 327 -13.09 -60.91 -11.60
CA LEU E 327 -12.18 -61.77 -12.35
C LEU E 327 -11.56 -62.80 -11.42
N HIS E 328 -11.52 -64.06 -11.88
CA HIS E 328 -11.09 -65.17 -11.05
C HIS E 328 -10.16 -66.06 -11.86
N MET E 329 -8.86 -65.75 -11.81
CA MET E 329 -7.87 -66.54 -12.53
C MET E 329 -7.73 -67.92 -11.89
N TYR E 330 -7.64 -68.95 -12.72
CA TYR E 330 -7.56 -70.30 -12.20
C TYR E 330 -6.12 -70.69 -11.90
N THR E 331 -5.93 -71.37 -10.79
CA THR E 331 -4.69 -72.01 -10.38
C THR E 331 -4.62 -73.42 -10.95
N PRO E 332 -3.41 -73.96 -11.19
CA PRO E 332 -3.30 -75.27 -11.84
C PRO E 332 -4.24 -76.34 -11.31
N THR E 333 -4.47 -76.37 -10.00
CA THR E 333 -5.30 -77.42 -9.43
C THR E 333 -6.74 -77.31 -9.93
N GLU E 334 -7.23 -76.09 -10.11
CA GLU E 334 -8.59 -75.94 -10.61
C GLU E 334 -8.70 -76.40 -12.06
N ILE E 335 -7.64 -76.18 -12.85
CA ILE E 335 -7.61 -76.69 -14.21
C ILE E 335 -7.54 -78.20 -14.23
N LYS E 336 -6.81 -78.81 -13.29
CA LYS E 336 -6.84 -80.26 -13.11
C LYS E 336 -8.24 -80.76 -12.78
N ALA E 337 -8.96 -80.04 -11.94
CA ALA E 337 -10.35 -80.35 -11.64
C ALA E 337 -11.23 -80.31 -12.89
N ILE E 338 -10.92 -79.47 -13.86
CA ILE E 338 -11.70 -79.41 -15.10
C ILE E 338 -11.32 -80.54 -16.03
N MET E 339 -10.02 -80.82 -16.17
CA MET E 339 -9.57 -81.94 -16.99
C MET E 339 -10.15 -83.25 -16.50
N SER E 340 -10.38 -83.35 -15.18
CA SER E 340 -10.97 -84.54 -14.59
C SER E 340 -12.49 -84.40 -14.65
N ARG E 341 -13.00 -84.29 -15.86
CA ARG E 341 -14.44 -84.21 -16.10
C ARG E 341 -14.73 -84.37 -17.59
N ASN F 168 4.86 -51.83 -63.29
CA ASN F 168 4.17 -50.66 -62.77
C ASN F 168 4.89 -50.11 -61.53
N GLU F 169 5.57 -48.97 -61.71
CA GLU F 169 6.33 -48.34 -60.65
C GLU F 169 5.79 -46.97 -60.30
N TYR F 170 4.57 -46.66 -60.75
CA TYR F 170 3.96 -45.37 -60.50
C TYR F 170 2.82 -45.45 -59.50
N ASP F 171 2.86 -46.43 -58.59
CA ASP F 171 1.90 -46.51 -57.50
C ASP F 171 2.61 -46.65 -56.16
N SER F 172 3.92 -46.45 -56.16
CA SER F 172 4.71 -46.58 -54.94
C SER F 172 4.39 -45.52 -53.91
N ASP F 173 3.92 -44.35 -54.34
CA ASP F 173 3.63 -43.25 -53.44
C ASP F 173 2.31 -42.59 -53.81
N ILE F 174 1.74 -41.88 -52.84
CA ILE F 174 0.54 -41.08 -53.09
C ILE F 174 0.87 -39.74 -53.72
N THR F 175 2.16 -39.40 -53.85
CA THR F 175 2.60 -38.14 -54.42
C THR F 175 3.35 -38.34 -55.73
N THR F 176 2.81 -39.19 -56.60
CA THR F 176 3.43 -39.50 -57.87
C THR F 176 2.36 -39.61 -58.94
N TRP F 177 2.53 -38.85 -60.03
CA TRP F 177 1.60 -38.86 -61.14
C TRP F 177 2.09 -39.81 -62.22
N SER F 178 1.22 -40.69 -62.66
CA SER F 178 1.53 -41.55 -63.78
C SER F 178 1.56 -40.73 -65.06
N PRO F 179 2.30 -41.18 -66.08
CA PRO F 179 2.33 -40.43 -67.35
C PRO F 179 0.96 -40.11 -67.91
N THR F 180 -0.10 -40.76 -67.43
CA THR F 180 -1.46 -40.47 -67.86
C THR F 180 -2.23 -39.65 -66.83
N GLY F 181 -1.53 -38.97 -65.94
CA GLY F 181 -2.17 -38.09 -64.97
C GLY F 181 -3.07 -38.81 -64.00
N ARG F 182 -2.64 -39.98 -63.52
CA ARG F 182 -3.45 -40.77 -62.60
C ARG F 182 -2.73 -40.89 -61.27
N LEU F 183 -3.51 -40.87 -60.20
CA LEU F 183 -3.05 -41.15 -58.85
C LEU F 183 -3.44 -42.58 -58.55
N PHE F 184 -2.45 -43.48 -58.53
CA PHE F 184 -2.79 -44.88 -58.41
C PHE F 184 -3.10 -45.28 -56.97
N GLN F 185 -2.53 -44.57 -56.00
CA GLN F 185 -2.87 -44.89 -54.62
C GLN F 185 -4.33 -44.62 -54.33
N ILE F 186 -4.90 -43.57 -54.93
CA ILE F 186 -6.31 -43.28 -54.71
C ILE F 186 -7.19 -44.25 -55.50
N GLU F 187 -6.75 -44.65 -56.69
CA GLU F 187 -7.50 -45.66 -57.43
C GLU F 187 -7.44 -47.01 -56.72
N TYR F 188 -6.43 -47.23 -55.89
CA TYR F 188 -6.43 -48.42 -55.04
C TYR F 188 -7.35 -48.23 -53.84
N ALA F 189 -7.30 -47.06 -53.20
CA ALA F 189 -8.17 -46.81 -52.07
C ALA F 189 -9.64 -46.95 -52.44
N ASN F 190 -10.00 -46.63 -53.68
CA ASN F 190 -11.38 -46.85 -54.11
C ASN F 190 -11.75 -48.33 -54.09
N GLU F 191 -10.78 -49.22 -54.28
CA GLU F 191 -11.07 -50.65 -54.19
C GLU F 191 -11.35 -51.09 -52.76
N ALA F 192 -10.90 -50.32 -51.77
CA ALA F 192 -11.25 -50.63 -50.39
C ALA F 192 -12.72 -50.37 -50.13
N VAL F 193 -13.27 -49.32 -50.72
CA VAL F 193 -14.70 -49.07 -50.60
C VAL F 193 -15.49 -50.07 -51.44
N ASN F 194 -15.01 -50.37 -52.64
CA ASN F 194 -15.70 -51.32 -53.49
C ASN F 194 -15.72 -52.74 -52.93
N ASN F 195 -15.17 -52.97 -51.74
CA ASN F 195 -15.15 -54.29 -51.13
C ASN F 195 -15.69 -54.30 -49.71
N GLY F 196 -16.33 -53.21 -49.26
CA GLY F 196 -16.95 -53.19 -47.96
C GLY F 196 -18.38 -53.68 -47.98
N SER F 197 -18.99 -53.72 -46.79
CA SER F 197 -20.37 -54.18 -46.70
C SER F 197 -21.30 -53.19 -47.38
N ALA F 198 -22.29 -53.72 -48.09
CA ALA F 198 -23.17 -52.89 -48.89
C ALA F 198 -24.10 -52.07 -48.00
N THR F 199 -24.36 -50.83 -48.43
CA THR F 199 -25.27 -49.93 -47.77
C THR F 199 -26.03 -49.15 -48.81
N VAL F 200 -27.27 -48.79 -48.49
CA VAL F 200 -28.12 -48.07 -49.43
C VAL F 200 -28.82 -46.92 -48.72
N GLY F 201 -28.75 -45.74 -49.30
CA GLY F 201 -29.41 -44.56 -48.75
C GLY F 201 -30.47 -44.07 -49.70
N VAL F 202 -31.61 -43.66 -49.15
CA VAL F 202 -32.71 -43.18 -49.96
C VAL F 202 -33.28 -41.92 -49.30
N LYS F 203 -33.36 -40.85 -50.09
CA LYS F 203 -33.77 -39.54 -49.63
C LYS F 203 -35.20 -39.28 -50.08
N GLY F 204 -36.08 -38.97 -49.14
CA GLY F 204 -37.44 -38.62 -49.44
C GLY F 204 -37.66 -37.13 -49.38
N LYS F 205 -38.93 -36.73 -49.29
CA LYS F 205 -39.24 -35.31 -49.22
C LYS F 205 -39.00 -34.74 -47.83
N ASN F 206 -39.32 -35.50 -46.79
CA ASN F 206 -39.12 -35.05 -45.43
C ASN F 206 -38.29 -36.01 -44.59
N PHE F 207 -37.93 -37.18 -45.11
CA PHE F 207 -37.15 -38.17 -44.36
C PHE F 207 -36.03 -38.72 -45.22
N VAL F 208 -34.96 -39.13 -44.56
CA VAL F 208 -33.86 -39.87 -45.16
C VAL F 208 -33.71 -41.19 -44.42
N VAL F 209 -33.51 -42.26 -45.20
CA VAL F 209 -33.45 -43.61 -44.66
C VAL F 209 -32.16 -44.26 -45.15
N LEU F 210 -31.31 -44.66 -44.21
CA LEU F 210 -30.15 -45.48 -44.53
C LEU F 210 -30.43 -46.93 -44.11
N ALA F 211 -29.98 -47.87 -44.93
CA ALA F 211 -30.16 -49.29 -44.65
C ALA F 211 -28.84 -49.98 -44.91
N ALA F 212 -28.24 -50.52 -43.86
CA ALA F 212 -26.93 -51.14 -43.94
C ALA F 212 -27.05 -52.64 -43.70
N LEU F 213 -26.25 -53.41 -44.43
CA LEU F 213 -26.26 -54.87 -44.32
C LEU F 213 -25.04 -55.27 -43.50
N LYS F 214 -25.28 -55.61 -42.23
CA LYS F 214 -24.19 -56.05 -41.37
C LYS F 214 -23.83 -57.50 -41.64
N ARG F 215 -23.04 -58.11 -40.77
CA ARG F 215 -22.53 -59.46 -40.95
C ARG F 215 -23.49 -60.47 -40.33
N SER F 216 -23.68 -61.59 -41.01
CA SER F 216 -24.66 -62.60 -40.61
C SER F 216 -24.09 -63.53 -39.54
N PRO F 217 -24.95 -64.04 -38.66
CA PRO F 217 -24.47 -64.94 -37.61
C PRO F 217 -24.15 -66.31 -38.16
N VAL F 218 -23.09 -66.93 -37.62
CA VAL F 218 -22.67 -68.25 -38.08
C VAL F 218 -23.45 -69.27 -37.27
N ALA F 219 -24.74 -69.39 -37.58
CA ALA F 219 -25.63 -70.50 -37.22
C ALA F 219 -25.88 -70.54 -35.72
N GLU F 220 -25.04 -69.95 -34.88
CA GLU F 220 -25.34 -69.79 -33.45
C GLU F 220 -24.76 -68.52 -32.85
N LEU F 221 -23.79 -67.91 -33.51
CA LEU F 221 -22.95 -66.88 -32.90
C LEU F 221 -23.05 -65.61 -33.70
N SER F 222 -23.07 -64.47 -33.02
CA SER F 222 -23.40 -63.19 -33.61
C SER F 222 -22.24 -62.22 -33.46
N SER F 223 -21.51 -62.00 -34.55
CA SER F 223 -20.53 -60.93 -34.59
C SER F 223 -21.21 -59.62 -34.97
N TYR F 224 -20.95 -58.57 -34.19
CA TYR F 224 -21.67 -57.32 -34.31
C TYR F 224 -20.68 -56.18 -34.35
N GLN F 225 -20.69 -55.41 -35.45
CA GLN F 225 -19.78 -54.29 -35.64
C GLN F 225 -20.58 -53.05 -36.01
N GLU F 226 -20.18 -51.91 -35.45
CA GLU F 226 -20.90 -50.66 -35.66
C GLU F 226 -20.52 -50.05 -37.00
N LYS F 227 -21.44 -50.07 -37.95
CA LYS F 227 -21.30 -49.36 -39.21
C LYS F 227 -22.06 -48.04 -39.24
N VAL F 228 -23.20 -47.95 -38.58
CA VAL F 228 -24.00 -46.73 -38.56
C VAL F 228 -23.64 -45.91 -37.33
N PHE F 229 -23.50 -44.61 -37.51
CA PHE F 229 -23.10 -43.70 -36.45
C PHE F 229 -24.08 -42.53 -36.42
N GLU F 230 -24.25 -41.97 -35.23
CA GLU F 230 -24.98 -40.73 -35.08
C GLU F 230 -24.00 -39.61 -34.76
N ILE F 231 -24.10 -38.50 -35.49
CA ILE F 231 -23.12 -37.43 -35.38
C ILE F 231 -23.71 -36.29 -34.55
N ASP F 232 -25.00 -36.11 -34.63
CA ASP F 232 -25.72 -35.10 -33.85
C ASP F 232 -27.20 -35.45 -33.91
N GLU F 233 -28.03 -34.55 -33.41
CA GLU F 233 -29.46 -34.83 -33.40
C GLU F 233 -30.03 -34.96 -34.80
N HIS F 234 -29.45 -34.27 -35.78
CA HIS F 234 -30.01 -34.25 -37.13
C HIS F 234 -29.14 -34.91 -38.17
N VAL F 235 -27.94 -35.38 -37.80
CA VAL F 235 -27.01 -35.95 -38.78
C VAL F 235 -26.84 -37.42 -38.48
N GLY F 236 -26.08 -38.12 -39.31
CA GLY F 236 -25.79 -39.52 -39.11
C GLY F 236 -25.00 -40.02 -40.29
N MET F 237 -24.29 -41.13 -40.16
CA MET F 237 -23.46 -41.56 -41.27
C MET F 237 -23.28 -43.07 -41.24
N SER F 238 -23.36 -43.67 -42.43
CA SER F 238 -23.07 -45.08 -42.58
C SER F 238 -21.81 -45.27 -43.41
N ILE F 239 -20.81 -45.91 -42.81
CA ILE F 239 -19.50 -46.03 -43.45
C ILE F 239 -19.41 -47.36 -44.16
N SER F 240 -18.47 -47.44 -45.09
CA SER F 240 -18.20 -48.67 -45.80
C SER F 240 -16.73 -48.71 -46.15
N GLY F 241 -16.10 -49.87 -45.97
CA GLY F 241 -14.68 -49.99 -46.19
C GLY F 241 -13.96 -50.31 -44.91
N LEU F 242 -12.84 -49.64 -44.65
CA LEU F 242 -12.09 -49.86 -43.42
C LEU F 242 -12.70 -49.04 -42.30
N VAL F 243 -13.29 -49.72 -41.31
CA VAL F 243 -13.88 -49.03 -40.16
C VAL F 243 -12.84 -48.28 -39.33
N ALA F 244 -11.62 -48.76 -39.29
CA ALA F 244 -10.56 -48.10 -38.55
C ALA F 244 -10.24 -46.71 -39.07
N ASP F 245 -10.85 -46.31 -40.18
CA ASP F 245 -10.82 -44.94 -40.66
C ASP F 245 -12.16 -44.25 -40.45
N GLY F 246 -13.25 -45.00 -40.59
CA GLY F 246 -14.55 -44.45 -40.29
C GLY F 246 -14.66 -43.89 -38.90
N ARG F 247 -14.00 -44.52 -37.92
CA ARG F 247 -14.01 -43.94 -36.59
C ARG F 247 -13.15 -42.68 -36.50
N VAL F 248 -12.02 -42.65 -37.21
CA VAL F 248 -11.21 -41.43 -37.27
C VAL F 248 -12.03 -40.27 -37.81
N LEU F 249 -12.90 -40.53 -38.78
CA LEU F 249 -13.72 -39.46 -39.33
C LEU F 249 -14.94 -39.14 -38.48
N ALA F 250 -15.53 -40.14 -37.82
CA ALA F 250 -16.68 -39.88 -36.98
C ALA F 250 -16.31 -39.08 -35.74
N ARG F 251 -15.14 -39.35 -35.16
CA ARG F 251 -14.68 -38.51 -34.06
C ARG F 251 -14.55 -37.05 -34.50
N TYR F 252 -14.00 -36.81 -35.68
CA TYR F 252 -13.82 -35.46 -36.16
C TYR F 252 -15.15 -34.79 -36.47
N LEU F 253 -16.06 -35.51 -37.12
CA LEU F 253 -17.37 -34.94 -37.43
C LEU F 253 -18.14 -34.60 -36.17
N ARG F 254 -18.08 -35.49 -35.17
CA ARG F 254 -18.75 -35.20 -33.91
C ARG F 254 -18.14 -33.99 -33.23
N THR F 255 -16.81 -33.93 -33.17
CA THR F 255 -16.13 -32.78 -32.60
C THR F 255 -16.53 -31.49 -33.29
N GLU F 256 -16.65 -31.51 -34.62
CA GLU F 256 -16.97 -30.29 -35.35
C GLU F 256 -18.43 -29.88 -35.23
N CYS F 257 -19.36 -30.83 -35.30
CA CYS F 257 -20.75 -30.48 -35.05
C CYS F 257 -20.97 -30.00 -33.63
N MET F 258 -20.14 -30.44 -32.68
CA MET F 258 -20.23 -29.90 -31.33
C MET F 258 -19.62 -28.51 -31.23
N ASN F 259 -18.48 -28.28 -31.87
CA ASN F 259 -17.90 -26.95 -31.86
C ASN F 259 -18.82 -25.95 -32.55
N TYR F 260 -19.61 -26.42 -33.50
CA TYR F 260 -20.57 -25.53 -34.15
C TYR F 260 -21.80 -25.30 -33.30
N ARG F 261 -22.38 -26.37 -32.73
CA ARG F 261 -23.53 -26.18 -31.87
C ARG F 261 -23.19 -25.41 -30.60
N TYR F 262 -21.91 -25.31 -30.26
CA TYR F 262 -21.54 -24.53 -29.08
C TYR F 262 -21.51 -23.05 -29.41
N MET F 263 -21.04 -22.70 -30.61
CA MET F 263 -20.99 -21.29 -30.98
C MET F 263 -22.38 -20.78 -31.35
N TYR F 264 -22.99 -21.36 -32.37
CA TYR F 264 -24.23 -20.82 -32.92
C TYR F 264 -25.49 -21.43 -32.31
N SER F 265 -25.36 -22.41 -31.43
CA SER F 265 -26.49 -23.04 -30.75
C SER F 265 -27.56 -23.48 -31.74
N ASN F 266 -27.11 -24.14 -32.81
CA ASN F 266 -28.04 -24.71 -33.77
C ASN F 266 -27.28 -25.73 -34.62
N GLY F 267 -28.05 -26.65 -35.20
CA GLY F 267 -27.44 -27.76 -35.92
C GLY F 267 -26.70 -27.30 -37.16
N MET F 268 -25.52 -27.87 -37.35
CA MET F 268 -24.68 -27.49 -38.48
C MET F 268 -25.37 -27.89 -39.79
N PRO F 269 -25.44 -26.99 -40.76
CA PRO F 269 -26.09 -27.32 -42.02
C PRO F 269 -25.30 -28.34 -42.82
N MET F 270 -26.02 -29.16 -43.58
CA MET F 270 -25.37 -30.23 -44.32
C MET F 270 -24.45 -29.69 -45.41
N ASN F 271 -24.85 -28.59 -46.04
CA ASN F 271 -24.04 -28.03 -47.12
C ASN F 271 -22.71 -27.53 -46.60
N GLN F 272 -22.60 -27.30 -45.30
CA GLN F 272 -21.34 -26.92 -44.70
C GLN F 272 -20.56 -28.11 -44.17
N MET F 273 -21.24 -29.16 -43.73
CA MET F 273 -20.56 -30.34 -43.21
C MET F 273 -19.97 -31.19 -44.32
N ALA F 274 -20.67 -31.30 -45.45
CA ALA F 274 -20.11 -32.01 -46.58
C ALA F 274 -18.81 -31.38 -47.04
N ASP F 275 -18.73 -30.06 -47.07
CA ASP F 275 -17.50 -29.40 -47.45
C ASP F 275 -16.40 -29.65 -46.44
N MET F 276 -16.74 -29.72 -45.16
CA MET F 276 -15.75 -30.03 -44.14
C MET F 276 -15.17 -31.42 -44.35
N ILE F 277 -16.03 -32.39 -44.63
CA ILE F 277 -15.55 -33.75 -44.90
C ILE F 277 -14.67 -33.76 -46.13
N GLY F 278 -15.07 -33.02 -47.17
CA GLY F 278 -14.26 -32.97 -48.37
C GLY F 278 -12.87 -32.44 -48.11
N GLU F 279 -12.77 -31.35 -47.35
CA GLU F 279 -11.46 -30.79 -47.05
C GLU F 279 -10.64 -31.72 -46.16
N LYS F 280 -11.28 -32.33 -45.16
CA LYS F 280 -10.57 -33.26 -44.29
C LYS F 280 -10.00 -34.43 -45.09
N HIS F 281 -10.75 -34.92 -46.08
CA HIS F 281 -10.20 -35.94 -46.97
C HIS F 281 -9.04 -35.40 -47.78
N GLN F 282 -9.23 -34.29 -48.48
CA GLN F 282 -8.21 -33.78 -49.39
C GLN F 282 -6.90 -33.48 -48.69
N ARG F 283 -6.95 -33.05 -47.43
CA ARG F 283 -5.70 -32.76 -46.72
C ARG F 283 -4.79 -33.96 -46.64
N HIS F 284 -5.31 -35.17 -46.87
CA HIS F 284 -4.55 -36.41 -46.69
C HIS F 284 -4.16 -37.05 -48.02
N ILE F 285 -4.28 -36.34 -49.13
CA ILE F 285 -3.91 -36.92 -50.42
C ILE F 285 -2.90 -36.02 -51.12
N GLN F 286 -2.13 -35.27 -50.36
CA GLN F 286 -1.19 -34.35 -50.99
C GLN F 286 0.19 -34.33 -50.36
N CYS F 287 0.42 -35.04 -49.26
CA CYS F 287 1.72 -35.08 -48.63
C CYS F 287 2.30 -36.49 -48.74
N SER F 288 3.60 -36.59 -48.47
CA SER F 288 4.26 -37.88 -48.56
C SER F 288 3.94 -38.78 -47.37
N GLY F 289 4.04 -38.26 -46.16
CA GLY F 289 3.80 -39.06 -44.97
C GLY F 289 2.34 -39.13 -44.57
N LYS F 290 1.47 -39.47 -45.53
CA LYS F 290 0.05 -39.60 -45.27
C LYS F 290 -0.48 -40.74 -46.14
N ARG F 291 -1.76 -40.99 -46.03
CA ARG F 291 -2.44 -41.99 -46.85
C ARG F 291 -3.92 -41.66 -46.88
N PRO F 292 -4.61 -41.96 -47.98
CA PRO F 292 -6.00 -41.58 -48.10
C PRO F 292 -6.89 -42.50 -47.28
N PHE F 293 -7.94 -41.93 -46.73
CA PHE F 293 -8.89 -42.73 -45.98
C PHE F 293 -9.57 -43.72 -46.91
N GLY F 294 -9.38 -45.01 -46.65
CA GLY F 294 -10.04 -46.02 -47.45
C GLY F 294 -11.43 -46.32 -46.96
N VAL F 295 -12.25 -45.27 -46.80
CA VAL F 295 -13.59 -45.42 -46.24
C VAL F 295 -14.50 -44.43 -46.94
N GLY F 296 -15.69 -44.90 -47.31
CA GLY F 296 -16.69 -44.05 -47.91
C GLY F 296 -17.84 -43.86 -46.94
N LEU F 297 -18.41 -42.66 -46.94
CA LEU F 297 -19.47 -42.31 -46.02
C LEU F 297 -20.79 -42.15 -46.76
N LEU F 298 -21.87 -42.36 -46.04
CA LEU F 298 -23.21 -41.97 -46.48
C LEU F 298 -23.76 -41.07 -45.39
N LEU F 299 -23.72 -39.76 -45.64
CA LEU F 299 -24.20 -38.77 -44.69
C LEU F 299 -25.70 -38.64 -44.86
N ALA F 300 -26.41 -38.50 -43.75
CA ALA F 300 -27.85 -38.34 -43.77
C ALA F 300 -28.22 -37.23 -42.81
N GLY F 301 -28.85 -36.19 -43.32
CA GLY F 301 -29.12 -35.05 -42.47
C GLY F 301 -30.45 -34.37 -42.75
N TYR F 302 -30.84 -33.49 -41.84
CA TYR F 302 -32.01 -32.66 -42.03
C TYR F 302 -31.78 -31.32 -41.36
N ASP F 303 -32.08 -30.24 -42.08
CA ASP F 303 -31.95 -28.90 -41.53
C ASP F 303 -33.03 -28.02 -42.15
N ARG F 304 -32.86 -26.71 -42.05
CA ARG F 304 -33.86 -25.78 -42.57
C ARG F 304 -34.27 -26.12 -44.00
N GLN F 305 -33.32 -26.52 -44.84
CA GLN F 305 -33.58 -26.74 -46.25
C GLN F 305 -34.08 -28.15 -46.56
N GLY F 306 -34.23 -29.00 -45.56
CA GLY F 306 -34.76 -30.32 -45.78
C GLY F 306 -33.70 -31.39 -45.86
N PRO F 307 -34.11 -32.60 -46.21
CA PRO F 307 -33.22 -33.76 -46.11
C PRO F 307 -32.13 -33.77 -47.16
N HIS F 308 -30.93 -34.15 -46.72
CA HIS F 308 -29.75 -34.21 -47.56
C HIS F 308 -29.08 -35.57 -47.42
N LEU F 309 -28.67 -36.14 -48.55
CA LEU F 309 -27.99 -37.43 -48.58
C LEU F 309 -26.75 -37.28 -49.43
N TYR F 310 -25.58 -37.36 -48.80
CA TYR F 310 -24.32 -37.22 -49.50
C TYR F 310 -23.64 -38.57 -49.59
N GLN F 311 -22.50 -38.60 -50.26
CA GLN F 311 -21.67 -39.80 -50.32
C GLN F 311 -20.24 -39.38 -50.60
N THR F 312 -19.33 -39.70 -49.70
CA THR F 312 -17.94 -39.34 -49.81
C THR F 312 -17.13 -40.53 -50.30
N VAL F 313 -16.09 -40.24 -51.08
CA VAL F 313 -15.18 -41.26 -51.60
C VAL F 313 -13.80 -41.00 -51.02
N PRO F 314 -12.86 -41.93 -51.21
CA PRO F 314 -11.50 -41.69 -50.73
C PRO F 314 -10.80 -40.53 -51.39
N SER F 315 -11.07 -40.26 -52.67
CA SER F 315 -10.41 -39.17 -53.38
C SER F 315 -10.73 -37.81 -52.80
N GLY F 316 -11.81 -37.71 -52.03
CA GLY F 316 -12.19 -36.46 -51.41
C GLY F 316 -13.45 -35.82 -51.95
N ASP F 317 -14.04 -36.36 -53.00
CA ASP F 317 -15.24 -35.78 -53.58
C ASP F 317 -16.40 -35.91 -52.61
N VAL F 318 -17.45 -35.13 -52.86
CA VAL F 318 -18.72 -35.26 -52.15
C VAL F 318 -19.83 -35.07 -53.18
N TYR F 319 -20.82 -35.95 -53.15
CA TYR F 319 -21.91 -35.92 -54.12
C TYR F 319 -23.25 -35.82 -53.40
N ASP F 320 -23.99 -34.75 -53.68
CA ASP F 320 -25.35 -34.66 -53.20
C ASP F 320 -26.24 -35.55 -54.06
N TYR F 321 -26.75 -36.62 -53.45
CA TYR F 321 -27.51 -37.64 -54.16
C TYR F 321 -28.99 -37.53 -53.84
N LYS F 322 -29.80 -38.16 -54.69
CA LYS F 322 -31.20 -38.43 -54.40
C LYS F 322 -31.42 -39.81 -53.83
N ALA F 323 -30.59 -40.77 -54.23
CA ALA F 323 -30.64 -42.14 -53.76
C ALA F 323 -29.38 -42.83 -54.24
N THR F 324 -28.72 -43.57 -53.36
CA THR F 324 -27.43 -44.14 -53.71
C THR F 324 -27.24 -45.47 -53.00
N ALA F 325 -26.19 -46.18 -53.40
CA ALA F 325 -25.84 -47.46 -52.80
C ALA F 325 -24.37 -47.72 -53.08
N MET F 326 -23.65 -48.21 -52.08
CA MET F 326 -22.24 -48.48 -52.27
C MET F 326 -21.84 -49.72 -51.48
N GLY F 327 -20.72 -50.32 -51.88
CA GLY F 327 -20.26 -51.54 -51.25
C GLY F 327 -20.11 -52.67 -52.24
N VAL F 328 -19.81 -53.87 -51.74
CA VAL F 328 -19.61 -55.00 -52.63
C VAL F 328 -20.92 -55.36 -53.32
N ARG F 329 -20.87 -55.53 -54.65
CA ARG F 329 -22.03 -55.89 -55.45
C ARG F 329 -23.19 -54.92 -55.24
N SER F 330 -22.87 -53.64 -55.10
CA SER F 330 -23.88 -52.60 -54.99
C SER F 330 -24.39 -52.15 -56.35
N GLN F 331 -23.78 -52.64 -57.43
CA GLN F 331 -24.24 -52.29 -58.76
C GLN F 331 -25.68 -52.73 -58.98
N ALA F 332 -26.08 -53.88 -58.44
CA ALA F 332 -27.46 -54.32 -58.56
C ALA F 332 -28.40 -53.44 -57.75
N SER F 333 -27.97 -53.02 -56.56
CA SER F 333 -28.77 -52.06 -55.80
C SER F 333 -29.00 -50.79 -56.59
N ARG F 334 -27.96 -50.26 -57.23
CA ARG F 334 -28.14 -49.08 -58.07
C ARG F 334 -29.02 -49.36 -59.28
N THR F 335 -28.93 -50.56 -59.87
CA THR F 335 -29.77 -50.89 -61.01
C THR F 335 -31.24 -50.95 -60.60
N TYR F 336 -31.52 -51.35 -59.36
CA TYR F 336 -32.90 -51.27 -58.87
C TYR F 336 -33.31 -49.83 -58.59
N LEU F 337 -32.46 -49.09 -57.88
CA LEU F 337 -32.78 -47.72 -57.51
C LEU F 337 -33.00 -46.82 -58.71
N GLU F 338 -32.34 -47.10 -59.83
CA GLU F 338 -32.47 -46.26 -61.01
C GLU F 338 -33.74 -46.55 -61.79
N ARG F 339 -34.74 -47.14 -61.16
CA ARG F 339 -36.08 -47.26 -61.71
C ARG F 339 -37.13 -46.60 -60.86
N HIS F 340 -36.92 -46.53 -59.54
CA HIS F 340 -37.90 -45.98 -58.61
C HIS F 340 -37.49 -44.63 -58.05
N PHE F 341 -36.34 -44.09 -58.44
CA PHE F 341 -35.83 -42.88 -57.79
C PHE F 341 -36.58 -41.63 -58.23
N GLU F 342 -37.53 -41.75 -59.14
CA GLU F 342 -38.28 -40.58 -59.58
C GLU F 342 -39.52 -40.33 -58.73
N HIS F 343 -39.94 -41.30 -57.92
CA HIS F 343 -41.18 -41.21 -57.15
C HIS F 343 -40.93 -41.10 -55.66
N PHE F 344 -39.68 -40.88 -55.25
CA PHE F 344 -39.34 -40.82 -53.83
C PHE F 344 -39.90 -39.59 -53.13
N SER F 345 -40.03 -38.46 -53.82
CA SER F 345 -40.54 -37.24 -53.22
C SER F 345 -42.00 -37.37 -52.79
N ASP F 346 -42.64 -38.49 -53.09
CA ASP F 346 -44.04 -38.69 -52.77
C ASP F 346 -44.31 -39.90 -51.89
N CYS F 347 -43.53 -40.96 -52.01
CA CYS F 347 -43.69 -42.11 -51.12
C CYS F 347 -43.43 -41.71 -49.68
N THR F 348 -44.21 -42.27 -48.76
CA THR F 348 -44.12 -41.90 -47.36
C THR F 348 -43.08 -42.76 -46.64
N LEU F 349 -43.00 -42.59 -45.32
CA LEU F 349 -41.90 -43.16 -44.55
C LEU F 349 -41.82 -44.67 -44.73
N ASP F 350 -42.91 -45.38 -44.47
CA ASP F 350 -42.91 -46.82 -44.66
C ASP F 350 -42.53 -47.20 -46.08
N GLU F 351 -43.03 -46.46 -47.06
CA GLU F 351 -42.69 -46.76 -48.44
C GLU F 351 -41.21 -46.49 -48.71
N LEU F 352 -40.65 -45.46 -48.08
CA LEU F 352 -39.22 -45.21 -48.23
C LEU F 352 -38.40 -46.36 -47.67
N VAL F 353 -38.73 -46.82 -46.46
CA VAL F 353 -37.93 -47.88 -45.86
C VAL F 353 -38.10 -49.17 -46.63
N THR F 354 -39.28 -49.37 -47.23
CA THR F 354 -39.46 -50.56 -48.05
C THR F 354 -38.65 -50.49 -49.34
N HIS F 355 -38.64 -49.34 -50.00
CA HIS F 355 -37.77 -49.18 -51.17
C HIS F 355 -36.31 -49.42 -50.82
N ALA F 356 -35.86 -48.84 -49.70
CA ALA F 356 -34.47 -49.01 -49.29
C ALA F 356 -34.13 -50.47 -48.99
N LEU F 357 -35.01 -51.18 -48.28
CA LEU F 357 -34.75 -52.58 -48.00
C LEU F 357 -34.79 -53.44 -49.25
N LYS F 358 -35.72 -53.19 -50.17
CA LYS F 358 -35.75 -53.94 -51.41
C LYS F 358 -34.50 -53.69 -52.23
N ALA F 359 -34.00 -52.47 -52.24
CA ALA F 359 -32.76 -52.19 -52.96
C ALA F 359 -31.57 -52.86 -52.29
N LEU F 360 -31.54 -52.87 -50.96
CA LEU F 360 -30.44 -53.50 -50.24
C LEU F 360 -30.41 -55.01 -50.42
N ALA F 361 -31.54 -55.68 -50.24
CA ALA F 361 -31.58 -57.13 -50.40
C ALA F 361 -31.21 -57.58 -51.80
N SER F 362 -31.10 -56.65 -52.75
CA SER F 362 -30.70 -56.98 -54.10
C SER F 362 -29.20 -56.99 -54.27
N ALA F 363 -28.44 -56.88 -53.17
CA ALA F 363 -26.99 -56.91 -53.21
C ALA F 363 -26.41 -58.03 -52.38
N THR F 364 -27.22 -58.74 -51.61
CA THR F 364 -26.74 -59.83 -50.78
C THR F 364 -26.34 -61.00 -51.66
N SER F 365 -25.89 -62.09 -51.05
CA SER F 365 -25.56 -63.30 -51.78
C SER F 365 -26.83 -63.94 -52.35
N GLU F 366 -26.65 -65.07 -53.02
CA GLU F 366 -27.78 -65.76 -53.62
C GLU F 366 -28.77 -66.29 -52.58
N GLY F 367 -28.33 -67.23 -51.75
CA GLY F 367 -29.24 -67.91 -50.84
C GLY F 367 -29.42 -67.24 -49.51
N ILE F 368 -29.20 -65.93 -49.45
CA ILE F 368 -29.35 -65.16 -48.22
C ILE F 368 -30.44 -64.12 -48.44
N GLU F 369 -31.29 -63.94 -47.43
CA GLU F 369 -32.36 -62.95 -47.49
C GLU F 369 -32.29 -62.03 -46.27
N LEU F 370 -32.97 -60.89 -46.37
CA LEU F 370 -32.95 -59.92 -45.30
C LEU F 370 -33.79 -60.39 -44.13
N ASN F 371 -33.28 -60.11 -42.93
CA ASN F 371 -33.99 -60.39 -41.68
C ASN F 371 -33.34 -59.53 -40.61
N VAL F 372 -33.98 -59.47 -39.44
CA VAL F 372 -33.54 -58.59 -38.38
C VAL F 372 -32.11 -58.83 -37.94
N LYS F 373 -31.56 -60.01 -38.22
CA LYS F 373 -30.23 -60.35 -37.73
C LYS F 373 -29.12 -59.62 -38.47
N ASN F 374 -29.33 -59.24 -39.72
CA ASN F 374 -28.27 -58.70 -40.55
C ASN F 374 -28.74 -57.44 -41.27
N THR F 375 -29.35 -56.51 -40.54
CA THR F 375 -29.76 -55.25 -41.15
C THR F 375 -29.94 -54.14 -40.12
N THR F 376 -29.40 -52.98 -40.41
CA THR F 376 -29.58 -51.79 -39.60
C THR F 376 -30.33 -50.73 -40.41
N ILE F 377 -31.29 -50.06 -39.77
CA ILE F 377 -32.10 -49.07 -40.47
C ILE F 377 -32.05 -47.77 -39.68
N ALA F 378 -31.42 -46.75 -40.24
CA ALA F 378 -31.36 -45.45 -39.61
C ALA F 378 -32.28 -44.48 -40.32
N ILE F 379 -32.90 -43.60 -39.56
CA ILE F 379 -33.90 -42.68 -40.10
C ILE F 379 -33.67 -41.30 -39.52
N VAL F 380 -33.79 -40.27 -40.34
CA VAL F 380 -33.68 -38.89 -39.86
C VAL F 380 -34.54 -37.98 -40.74
N GLY F 381 -35.40 -37.21 -40.11
CA GLY F 381 -36.40 -36.42 -40.83
C GLY F 381 -36.71 -35.12 -40.15
N LYS F 382 -37.89 -34.58 -40.44
CA LYS F 382 -38.22 -33.22 -40.00
C LYS F 382 -38.43 -33.14 -38.49
N ASP F 383 -39.35 -33.94 -37.97
CA ASP F 383 -39.66 -33.94 -36.55
C ASP F 383 -39.02 -35.15 -35.86
N THR F 384 -38.12 -35.82 -36.55
CA THR F 384 -37.55 -37.07 -36.08
C THR F 384 -36.04 -36.92 -35.94
N PRO F 385 -35.50 -36.93 -34.73
CA PRO F 385 -34.04 -36.99 -34.58
C PRO F 385 -33.52 -38.28 -35.16
N PHE F 386 -32.20 -38.35 -35.31
CA PHE F 386 -31.59 -39.52 -35.94
C PHE F 386 -31.77 -40.75 -35.06
N THR F 387 -32.54 -41.72 -35.55
CA THR F 387 -32.77 -42.95 -34.80
C THR F 387 -32.21 -44.12 -35.58
N ILE F 388 -31.34 -44.87 -34.93
CA ILE F 388 -30.88 -46.16 -35.44
C ILE F 388 -31.93 -47.20 -35.09
N PHE F 389 -32.01 -48.26 -35.89
CA PHE F 389 -32.93 -49.37 -35.64
C PHE F 389 -32.17 -50.66 -35.84
N GLU F 390 -32.03 -51.42 -34.75
CA GLU F 390 -31.46 -52.74 -34.72
C GLU F 390 -32.58 -53.74 -34.44
N GLU F 391 -32.19 -55.01 -34.24
CA GLU F 391 -33.09 -56.16 -34.14
C GLU F 391 -34.41 -55.87 -33.43
N GLU F 392 -34.35 -55.12 -32.33
CA GLU F 392 -35.51 -54.89 -31.47
C GLU F 392 -36.70 -54.31 -32.23
N SER F 393 -36.56 -53.10 -32.78
CA SER F 393 -37.68 -52.49 -33.48
C SER F 393 -37.49 -52.46 -35.00
N ALA F 394 -36.54 -53.22 -35.53
CA ALA F 394 -36.46 -53.35 -36.99
C ALA F 394 -37.61 -54.16 -37.53
N ARG F 395 -38.24 -54.99 -36.67
CA ARG F 395 -39.27 -55.92 -37.10
C ARG F 395 -40.48 -55.23 -37.71
N LYS F 396 -40.71 -53.96 -37.35
CA LYS F 396 -41.82 -53.24 -37.95
C LYS F 396 -41.61 -53.04 -39.44
N TYR F 397 -40.34 -52.90 -39.87
CA TYR F 397 -40.00 -52.78 -41.28
C TYR F 397 -39.40 -54.05 -41.87
N LEU F 398 -38.96 -54.99 -41.03
CA LEU F 398 -38.22 -56.15 -41.49
C LEU F 398 -38.97 -57.47 -41.40
N ASP F 399 -39.82 -57.67 -40.39
CA ASP F 399 -40.43 -58.99 -40.22
C ASP F 399 -41.40 -59.31 -41.36
N GLY F 400 -42.09 -58.30 -41.88
CA GLY F 400 -42.82 -58.48 -43.12
C GLY F 400 -42.05 -57.90 -44.30
N PHE F 401 -41.37 -58.77 -45.05
CA PHE F 401 -40.53 -58.31 -46.15
C PHE F 401 -40.19 -59.50 -47.03
N LYS F 402 -40.53 -59.40 -48.31
CA LYS F 402 -40.26 -60.46 -49.28
C LYS F 402 -39.65 -59.83 -50.53
N MET F 403 -38.57 -60.43 -51.04
CA MET F 403 -37.95 -59.96 -52.27
C MET F 403 -38.77 -60.49 -53.43
N ARG F 404 -39.87 -59.81 -53.72
CA ARG F 404 -40.78 -60.24 -54.78
C ARG F 404 -40.24 -59.79 -56.13
N PRO F 405 -39.77 -60.70 -56.99
CA PRO F 405 -39.24 -60.31 -58.29
C PRO F 405 -40.33 -59.91 -59.28
N SER G 6 13.21 -43.46 -66.52
CA SER G 6 14.01 -43.90 -65.39
C SER G 6 13.37 -43.49 -64.06
N GLY G 7 14.15 -42.82 -63.23
CA GLY G 7 13.67 -42.29 -61.98
C GLY G 7 13.64 -40.78 -61.99
N HIS G 8 14.04 -40.20 -63.12
CA HIS G 8 14.09 -38.75 -63.28
C HIS G 8 12.72 -38.14 -63.49
N ASP G 9 11.66 -38.92 -63.36
CA ASP G 9 10.30 -38.42 -63.56
C ASP G 9 9.39 -38.93 -62.45
N GLN G 10 9.95 -39.07 -61.25
CA GLN G 10 9.20 -39.56 -60.10
C GLN G 10 8.92 -38.50 -59.06
N SER G 11 9.70 -37.43 -59.02
CA SER G 11 9.52 -36.39 -58.01
C SER G 11 9.58 -35.04 -58.69
N THR G 12 9.01 -34.05 -58.01
CA THR G 12 8.87 -32.71 -58.54
C THR G 12 10.17 -31.91 -58.48
N ASP G 13 11.20 -32.43 -57.82
CA ASP G 13 12.44 -31.70 -57.65
C ASP G 13 13.56 -32.23 -58.56
N VAL G 14 13.21 -32.71 -59.74
CA VAL G 14 14.16 -33.36 -60.62
C VAL G 14 13.98 -32.81 -62.02
N PHE G 15 14.94 -32.01 -62.47
CA PHE G 15 14.98 -31.57 -63.85
C PHE G 15 15.36 -32.71 -64.77
N SER G 16 14.62 -32.86 -65.85
CA SER G 16 14.97 -33.83 -66.88
C SER G 16 16.28 -33.42 -67.53
N ALA G 17 16.77 -34.28 -68.43
CA ALA G 17 18.01 -33.96 -69.13
C ALA G 17 17.88 -32.71 -69.98
N GLU G 18 16.66 -32.36 -70.38
CA GLU G 18 16.41 -31.15 -71.14
C GLU G 18 15.72 -30.07 -70.32
N GLY G 19 15.86 -30.11 -69.00
CA GLY G 19 15.36 -29.04 -68.17
C GLY G 19 13.86 -28.99 -68.04
N ARG G 20 13.17 -30.12 -68.16
CA ARG G 20 11.74 -30.19 -67.96
C ARG G 20 11.43 -30.90 -66.66
N VAL G 21 10.42 -30.40 -65.96
CA VAL G 21 9.94 -31.02 -64.74
C VAL G 21 8.80 -31.94 -65.16
N PHE G 22 9.12 -33.23 -65.34
CA PHE G 22 8.14 -34.16 -65.89
C PHE G 22 6.86 -34.23 -65.08
N GLN G 23 6.96 -34.17 -63.75
CA GLN G 23 5.78 -34.38 -62.94
C GLN G 23 4.72 -33.31 -63.20
N VAL G 24 5.15 -32.08 -63.50
CA VAL G 24 4.18 -31.05 -63.80
C VAL G 24 3.56 -31.23 -65.17
N GLU G 25 4.31 -31.75 -66.14
CA GLU G 25 3.70 -32.09 -67.40
C GLU G 25 2.68 -33.20 -67.25
N TYR G 26 2.98 -34.20 -66.43
CA TYR G 26 2.00 -35.24 -66.14
C TYR G 26 0.78 -34.67 -65.42
N ALA G 27 0.98 -33.72 -64.52
CA ALA G 27 -0.14 -33.07 -63.87
C ALA G 27 -1.03 -32.35 -64.87
N GLY G 28 -0.44 -31.50 -65.72
CA GLY G 28 -1.22 -30.84 -66.75
C GLY G 28 -1.92 -31.80 -67.69
N LYS G 29 -1.32 -32.96 -67.92
CA LYS G 29 -2.00 -34.01 -68.68
C LYS G 29 -3.30 -34.45 -68.03
N ALA G 30 -3.40 -34.39 -66.71
CA ALA G 30 -4.65 -34.76 -66.05
C ALA G 30 -5.70 -33.66 -66.18
N VAL G 31 -5.27 -32.42 -66.32
CA VAL G 31 -6.24 -31.34 -66.57
C VAL G 31 -6.71 -31.39 -68.02
N ASP G 32 -5.84 -31.77 -68.96
CA ASP G 32 -6.25 -31.89 -70.35
C ASP G 32 -7.36 -32.91 -70.55
N ASN G 33 -7.69 -33.70 -69.54
CA ASN G 33 -8.69 -34.74 -69.67
C ASN G 33 -9.92 -34.48 -68.83
N SER G 34 -10.12 -33.26 -68.35
CA SER G 34 -11.25 -32.94 -67.51
C SER G 34 -12.40 -32.35 -68.30
N SER G 35 -13.50 -32.08 -67.58
CA SER G 35 -14.71 -31.54 -68.18
C SER G 35 -14.46 -30.16 -68.77
N THR G 36 -15.25 -29.78 -69.78
CA THR G 36 -15.00 -28.55 -70.51
C THR G 36 -15.40 -27.34 -69.69
N ALA G 37 -14.63 -26.27 -69.83
CA ALA G 37 -14.96 -24.98 -69.27
C ALA G 37 -14.59 -23.90 -70.26
N VAL G 38 -15.24 -22.75 -70.18
CA VAL G 38 -14.97 -21.65 -71.09
C VAL G 38 -15.30 -20.36 -70.37
N ALA G 39 -14.68 -19.26 -70.80
CA ALA G 39 -14.87 -18.01 -70.09
C ALA G 39 -14.59 -16.84 -71.01
N ALA G 40 -15.28 -15.74 -70.75
CA ALA G 40 -15.19 -14.54 -71.58
C ALA G 40 -15.19 -13.30 -70.70
N CYS G 41 -14.21 -12.42 -70.94
CA CYS G 41 -14.11 -11.12 -70.30
C CYS G 41 -14.69 -10.08 -71.25
N CYS G 42 -15.91 -9.60 -70.95
CA CYS G 42 -16.75 -8.92 -71.93
C CYS G 42 -16.79 -7.40 -71.73
N LYS G 43 -15.73 -6.80 -71.22
CA LYS G 43 -15.47 -5.37 -71.03
C LYS G 43 -16.48 -4.70 -70.11
N ASP G 44 -17.49 -5.42 -69.62
CA ASP G 44 -18.40 -4.91 -68.62
C ASP G 44 -18.80 -6.02 -67.64
N GLY G 45 -18.00 -7.06 -67.56
CA GLY G 45 -18.32 -8.22 -66.77
C GLY G 45 -17.63 -9.45 -67.33
N VAL G 46 -17.68 -10.52 -66.56
CA VAL G 46 -17.04 -11.77 -66.94
C VAL G 46 -18.09 -12.87 -66.86
N VAL G 47 -17.96 -13.88 -67.72
CA VAL G 47 -18.87 -15.02 -67.71
C VAL G 47 -18.05 -16.29 -67.80
N VAL G 48 -18.21 -17.17 -66.82
CA VAL G 48 -17.58 -18.47 -66.81
C VAL G 48 -18.67 -19.50 -66.95
N ALA G 49 -18.41 -20.56 -67.72
CA ALA G 49 -19.40 -21.60 -67.93
C ALA G 49 -18.68 -22.93 -67.97
N VAL G 50 -19.15 -23.88 -67.18
CA VAL G 50 -18.45 -25.14 -67.01
C VAL G 50 -19.39 -26.28 -67.37
N GLU G 51 -18.80 -27.36 -67.87
CA GLU G 51 -19.52 -28.59 -68.13
C GLU G 51 -19.39 -29.49 -66.92
N LYS G 52 -20.53 -30.02 -66.45
CA LYS G 52 -20.55 -31.00 -65.37
C LYS G 52 -20.98 -32.33 -65.96
N VAL G 53 -20.08 -33.30 -65.94
CA VAL G 53 -20.33 -34.63 -66.49
C VAL G 53 -20.80 -35.52 -65.35
N HIS G 54 -22.09 -35.77 -65.29
CA HIS G 54 -22.62 -36.67 -64.27
C HIS G 54 -22.34 -38.12 -64.64
N THR G 55 -21.81 -38.86 -63.68
CA THR G 55 -21.62 -40.30 -63.82
C THR G 55 -22.85 -41.06 -63.36
N SER G 56 -23.85 -40.37 -62.83
CA SER G 56 -25.02 -41.02 -62.28
C SER G 56 -26.22 -40.12 -62.46
N ARG G 57 -27.35 -40.73 -62.82
CA ARG G 57 -28.57 -39.98 -63.07
C ARG G 57 -29.42 -39.81 -61.82
N MET G 58 -28.91 -40.19 -60.65
CA MET G 58 -29.58 -39.92 -59.38
C MET G 58 -28.98 -38.73 -58.66
N LEU G 59 -27.99 -38.08 -59.27
CA LEU G 59 -27.33 -36.94 -58.63
C LEU G 59 -28.26 -35.73 -58.59
N GLU G 60 -28.42 -35.19 -57.40
CA GLU G 60 -29.19 -33.97 -57.20
C GLU G 60 -28.55 -32.81 -57.93
N LYS G 61 -29.38 -31.97 -58.54
CA LYS G 61 -28.86 -30.76 -59.18
C LYS G 61 -28.31 -29.83 -58.11
N GLY G 62 -27.09 -29.37 -58.33
CA GLY G 62 -26.36 -28.63 -57.31
C GLY G 62 -25.20 -29.39 -56.72
N SER G 63 -25.01 -30.66 -57.11
CA SER G 63 -23.87 -31.42 -56.64
C SER G 63 -22.71 -31.27 -57.59
N ASN G 64 -21.51 -31.35 -57.04
CA ASN G 64 -20.28 -31.20 -57.83
C ASN G 64 -20.29 -29.92 -58.65
N ASN G 65 -20.71 -28.83 -58.03
CA ASN G 65 -20.59 -27.54 -58.70
C ASN G 65 -19.16 -27.06 -58.58
N ARG G 66 -18.57 -26.72 -59.72
CA ARG G 66 -17.16 -26.39 -59.78
C ARG G 66 -16.89 -24.90 -59.64
N ILE G 67 -17.90 -24.07 -59.74
CA ILE G 67 -17.75 -22.62 -59.67
C ILE G 67 -17.99 -22.19 -58.24
N HIS G 68 -16.96 -21.65 -57.59
CA HIS G 68 -17.04 -21.28 -56.18
C HIS G 68 -16.76 -19.81 -56.01
N ALA G 69 -17.54 -19.14 -55.16
CA ALA G 69 -17.30 -17.74 -54.89
C ALA G 69 -16.13 -17.59 -53.92
N VAL G 70 -15.29 -16.59 -54.18
CA VAL G 70 -14.08 -16.37 -53.39
C VAL G 70 -14.14 -15.09 -52.59
N ASP G 71 -14.63 -14.00 -53.17
CA ASP G 71 -14.98 -12.81 -52.43
C ASP G 71 -16.36 -12.39 -52.93
N ARG G 72 -16.80 -11.18 -52.59
CA ARG G 72 -18.05 -10.71 -53.16
C ARG G 72 -17.98 -10.69 -54.68
N GLN G 73 -16.84 -10.28 -55.24
CA GLN G 73 -16.74 -9.99 -56.66
C GLN G 73 -15.91 -10.98 -57.45
N ALA G 74 -15.21 -11.90 -56.81
CA ALA G 74 -14.32 -12.81 -57.52
C ALA G 74 -14.77 -14.24 -57.33
N GLY G 75 -14.63 -15.03 -58.38
CA GLY G 75 -15.04 -16.43 -58.35
C GLY G 75 -14.03 -17.28 -59.06
N ILE G 76 -14.05 -18.57 -58.78
CA ILE G 76 -13.06 -19.50 -59.29
C ILE G 76 -13.76 -20.71 -59.87
N CYS G 77 -13.44 -21.04 -61.11
CA CYS G 77 -13.92 -22.25 -61.75
C CYS G 77 -12.74 -23.19 -61.91
N ILE G 78 -12.80 -24.35 -61.26
CA ILE G 78 -11.69 -25.28 -61.21
C ILE G 78 -11.92 -26.39 -62.22
N CYS G 79 -11.21 -26.33 -63.34
CA CYS G 79 -11.25 -27.38 -64.34
C CYS G 79 -10.15 -28.38 -64.01
N GLY G 80 -10.52 -29.61 -63.70
CA GLY G 80 -9.55 -30.59 -63.31
C GLY G 80 -9.98 -31.41 -62.12
N LEU G 81 -9.04 -31.78 -61.25
CA LEU G 81 -9.36 -32.55 -60.06
C LEU G 81 -10.13 -31.70 -59.08
N LEU G 82 -11.35 -32.12 -58.74
CA LEU G 82 -12.21 -31.34 -57.86
C LEU G 82 -11.65 -31.19 -56.45
N PRO G 83 -11.16 -32.25 -55.79
CA PRO G 83 -10.63 -32.05 -54.43
C PRO G 83 -9.48 -31.07 -54.35
N ASP G 84 -8.55 -31.10 -55.30
CA ASP G 84 -7.44 -30.15 -55.27
C ASP G 84 -7.93 -28.74 -55.54
N GLY G 85 -8.91 -28.60 -56.44
CA GLY G 85 -9.53 -27.32 -56.65
C GLY G 85 -10.16 -26.78 -55.38
N ARG G 86 -10.70 -27.67 -54.55
CA ARG G 86 -11.22 -27.21 -53.27
C ARG G 86 -10.13 -26.63 -52.38
N ALA G 87 -8.95 -27.23 -52.35
CA ALA G 87 -7.85 -26.66 -51.59
C ALA G 87 -7.47 -25.29 -52.11
N ILE G 88 -7.39 -25.14 -53.43
CA ILE G 88 -7.03 -23.83 -53.99
C ILE G 88 -8.11 -22.81 -53.70
N VAL G 89 -9.39 -23.22 -53.73
CA VAL G 89 -10.46 -22.28 -53.44
C VAL G 89 -10.40 -21.84 -51.99
N SER G 90 -10.11 -22.75 -51.08
CA SER G 90 -9.95 -22.37 -49.69
C SER G 90 -8.75 -21.46 -49.48
N ARG G 91 -7.66 -21.66 -50.22
CA ARG G 91 -6.51 -20.77 -50.08
C ARG G 91 -6.81 -19.39 -50.64
N ALA G 92 -7.51 -19.31 -51.77
CA ALA G 92 -7.91 -18.03 -52.31
C ALA G 92 -8.87 -17.32 -51.37
N ARG G 93 -9.72 -18.07 -50.69
CA ARG G 93 -10.61 -17.46 -49.71
C ARG G 93 -9.84 -16.92 -48.52
N GLN G 94 -8.79 -17.61 -48.09
CA GLN G 94 -7.95 -17.06 -47.03
C GLN G 94 -7.18 -15.84 -47.49
N GLU G 95 -6.83 -15.77 -48.78
CA GLU G 95 -6.13 -14.59 -49.27
C GLU G 95 -7.05 -13.40 -49.46
N ALA G 96 -8.29 -13.63 -49.86
CA ALA G 96 -9.23 -12.54 -50.08
C ALA G 96 -9.79 -11.99 -48.79
N GLU G 97 -9.89 -12.81 -47.74
CA GLU G 97 -10.41 -12.32 -46.46
C GLU G 97 -9.36 -11.49 -45.74
N ASN G 98 -8.09 -11.72 -46.01
CA ASN G 98 -7.05 -10.94 -45.34
C ASN G 98 -7.04 -9.50 -45.85
N SER G 99 -7.07 -9.31 -47.17
CA SER G 99 -7.13 -7.96 -47.70
C SER G 99 -8.40 -7.23 -47.28
N ARG G 100 -9.49 -7.97 -47.05
CA ARG G 100 -10.69 -7.35 -46.53
C ARG G 100 -10.57 -7.11 -45.02
N ASP G 101 -9.64 -7.79 -44.37
CA ASP G 101 -9.43 -7.61 -42.94
C ASP G 101 -8.26 -6.71 -42.62
N ILE G 102 -7.07 -7.05 -43.08
CA ILE G 102 -5.90 -6.20 -42.83
C ILE G 102 -5.98 -4.86 -43.55
N PHE G 103 -6.33 -4.86 -44.84
CA PHE G 103 -6.18 -3.69 -45.67
C PHE G 103 -7.49 -2.99 -46.03
N ALA G 104 -8.61 -3.41 -45.45
CA ALA G 104 -9.88 -2.71 -45.58
C ALA G 104 -10.22 -2.39 -47.04
N THR G 105 -9.98 -3.36 -47.91
CA THR G 105 -10.21 -3.12 -49.33
C THR G 105 -10.44 -4.43 -50.07
N PRO G 106 -11.28 -4.43 -51.09
CA PRO G 106 -11.47 -5.65 -51.87
C PRO G 106 -10.21 -5.98 -52.64
N ILE G 107 -9.87 -7.27 -52.67
CA ILE G 107 -8.63 -7.68 -53.32
C ILE G 107 -8.75 -7.48 -54.82
N ARG G 108 -7.75 -6.83 -55.40
CA ARG G 108 -7.73 -6.59 -56.83
C ARG G 108 -7.54 -7.90 -57.57
N GLY G 109 -8.19 -8.04 -58.72
CA GLY G 109 -8.24 -9.32 -59.40
C GLY G 109 -6.86 -9.88 -59.73
N SER G 110 -6.00 -9.04 -60.30
CA SER G 110 -4.65 -9.48 -60.65
C SER G 110 -3.86 -9.94 -59.44
N VAL G 111 -4.00 -9.27 -58.30
CA VAL G 111 -3.31 -9.71 -57.10
C VAL G 111 -3.80 -11.07 -56.67
N LEU G 112 -5.10 -11.32 -56.72
CA LEU G 112 -5.61 -12.63 -56.39
C LEU G 112 -5.07 -13.70 -57.32
N ALA G 113 -5.00 -13.42 -58.61
CA ALA G 113 -4.44 -14.40 -59.53
C ALA G 113 -2.98 -14.66 -59.25
N ASN G 114 -2.20 -13.60 -58.97
CA ASN G 114 -0.81 -13.77 -58.61
C ASN G 114 -0.64 -14.64 -57.38
N ARG G 115 -1.44 -14.42 -56.33
CA ARG G 115 -1.33 -15.22 -55.12
C ARG G 115 -1.73 -16.66 -55.34
N VAL G 116 -2.81 -16.90 -56.10
CA VAL G 116 -3.20 -18.28 -56.37
C VAL G 116 -2.12 -19.00 -57.16
N GLY G 117 -1.53 -18.36 -58.16
CA GLY G 117 -0.41 -18.96 -58.84
C GLY G 117 0.78 -19.24 -57.95
N GLU G 118 1.14 -18.27 -57.10
CA GLU G 118 2.24 -18.48 -56.16
C GLU G 118 1.99 -19.66 -55.25
N PHE G 119 0.75 -19.86 -54.81
CA PHE G 119 0.45 -21.00 -53.94
C PHE G 119 0.47 -22.30 -54.73
N MET G 120 0.02 -22.26 -55.99
CA MET G 120 0.07 -23.47 -56.82
C MET G 120 1.50 -23.85 -57.15
N HIS G 121 2.42 -22.90 -57.10
CA HIS G 121 3.81 -23.20 -57.45
C HIS G 121 4.64 -23.64 -56.27
N ALA G 122 4.22 -23.37 -55.03
CA ALA G 122 4.97 -23.87 -53.90
C ALA G 122 4.81 -25.36 -53.71
N TYR G 123 4.04 -26.03 -54.57
CA TYR G 123 3.86 -27.47 -54.53
C TYR G 123 4.65 -28.17 -55.63
N THR G 124 5.31 -27.43 -56.50
CA THR G 124 6.12 -28.01 -57.57
C THR G 124 7.59 -27.72 -57.38
N THR G 125 8.01 -27.40 -56.17
CA THR G 125 9.42 -27.25 -55.85
C THR G 125 9.91 -28.29 -54.86
N HIS G 126 9.06 -28.80 -53.99
CA HIS G 126 9.47 -29.65 -52.89
C HIS G 126 9.35 -31.11 -53.29
N PHE G 127 10.20 -31.95 -52.69
CA PHE G 127 10.18 -33.38 -52.97
C PHE G 127 9.06 -34.11 -52.26
N ALA G 128 8.37 -33.45 -51.32
CA ALA G 128 7.37 -34.11 -50.51
C ALA G 128 5.94 -33.72 -50.87
N TYR G 129 5.73 -33.03 -51.98
CA TYR G 129 4.39 -32.66 -52.40
C TYR G 129 4.20 -33.04 -53.86
N ARG G 130 2.95 -33.06 -54.29
CA ARG G 130 2.64 -33.31 -55.69
C ARG G 130 1.89 -32.12 -56.25
N PRO G 131 2.11 -31.78 -57.51
CA PRO G 131 1.50 -30.58 -58.08
C PRO G 131 -0.01 -30.70 -58.16
N PHE G 132 -0.71 -29.61 -57.97
CA PHE G 132 -2.16 -29.61 -58.03
C PHE G 132 -2.63 -30.10 -59.40
N GLY G 133 -3.61 -30.99 -59.39
CA GLY G 133 -4.13 -31.52 -60.64
C GLY G 133 -5.33 -30.76 -61.14
N CYS G 134 -5.29 -29.44 -61.07
CA CYS G 134 -6.44 -28.64 -61.47
C CYS G 134 -5.96 -27.27 -61.94
N SER G 135 -6.57 -26.78 -63.00
CA SER G 135 -6.32 -25.43 -63.51
C SER G 135 -7.48 -24.54 -63.09
N ALA G 136 -7.15 -23.38 -62.56
CA ALA G 136 -8.15 -22.45 -62.05
C ALA G 136 -8.44 -21.37 -63.08
N ILE G 137 -9.69 -20.96 -63.14
CA ILE G 137 -10.11 -19.78 -63.90
C ILE G 137 -10.66 -18.78 -62.90
N ILE G 138 -9.94 -17.69 -62.68
CA ILE G 138 -10.33 -16.66 -61.73
C ILE G 138 -11.03 -15.55 -62.49
N ALA G 139 -12.27 -15.28 -62.15
CA ALA G 139 -13.04 -14.21 -62.75
C ALA G 139 -13.35 -13.18 -61.68
N SER G 140 -12.77 -11.99 -61.81
CA SER G 140 -12.92 -10.96 -60.80
C SER G 140 -13.38 -9.66 -61.45
N TYR G 141 -14.09 -8.86 -60.66
CA TYR G 141 -14.45 -7.51 -61.08
C TYR G 141 -14.27 -6.56 -59.91
N ALA G 142 -13.05 -6.07 -59.73
CA ALA G 142 -12.72 -5.16 -58.65
C ALA G 142 -12.83 -3.72 -59.18
N ASP G 143 -12.30 -2.71 -58.49
CA ASP G 143 -12.30 -1.35 -58.98
C ASP G 143 -11.33 -1.11 -60.13
N ASP G 144 -10.80 -2.17 -60.72
CA ASP G 144 -9.88 -2.07 -61.85
C ASP G 144 -10.44 -2.66 -63.12
N GLY G 145 -11.74 -2.94 -63.17
CA GLY G 145 -12.35 -3.48 -64.36
C GLY G 145 -12.47 -4.99 -64.34
N PRO G 146 -13.13 -5.56 -65.34
CA PRO G 146 -13.29 -7.01 -65.39
C PRO G 146 -11.98 -7.70 -65.74
N GLN G 147 -11.70 -8.79 -65.03
CA GLN G 147 -10.44 -9.50 -65.18
C GLN G 147 -10.69 -11.00 -65.20
N LEU G 148 -10.04 -11.67 -66.15
CA LEU G 148 -10.17 -13.12 -66.30
C LEU G 148 -8.77 -13.71 -66.39
N PHE G 149 -8.38 -14.49 -65.39
CA PHE G 149 -7.06 -15.07 -65.33
C PHE G 149 -7.18 -16.59 -65.32
N VAL G 150 -6.09 -17.25 -65.71
CA VAL G 150 -6.03 -18.70 -65.71
C VAL G 150 -4.72 -19.11 -65.05
N SER G 151 -4.77 -20.15 -64.23
CA SER G 151 -3.60 -20.71 -63.57
C SER G 151 -3.52 -22.20 -63.89
N ASP G 152 -2.39 -22.62 -64.43
CA ASP G 152 -2.11 -23.99 -64.81
C ASP G 152 -1.42 -24.67 -63.63
N PRO G 153 -1.44 -26.01 -63.54
CA PRO G 153 -0.68 -26.69 -62.47
C PRO G 153 0.77 -26.28 -62.41
N SER G 154 1.33 -25.71 -63.47
CA SER G 154 2.69 -25.20 -63.42
C SER G 154 2.82 -23.99 -62.50
N GLY G 155 1.70 -23.37 -62.13
CA GLY G 155 1.73 -22.16 -61.36
C GLY G 155 1.80 -20.89 -62.16
N THR G 156 1.62 -20.97 -63.48
CA THR G 156 1.71 -19.80 -64.35
C THR G 156 0.34 -19.20 -64.59
N VAL G 157 0.20 -17.91 -64.34
CA VAL G 157 -1.05 -17.19 -64.51
C VAL G 157 -0.98 -16.41 -65.81
N ALA G 158 -2.15 -16.20 -66.42
CA ALA G 158 -2.21 -15.38 -67.62
C ALA G 158 -3.63 -14.84 -67.78
N GLY G 159 -3.73 -13.56 -68.15
CA GLY G 159 -5.02 -12.93 -68.35
C GLY G 159 -5.48 -13.07 -69.79
N TYR G 160 -6.78 -13.33 -69.95
CA TYR G 160 -7.34 -13.64 -71.26
C TYR G 160 -8.51 -12.70 -71.56
N TYR G 161 -8.96 -12.75 -72.80
CA TYR G 161 -10.29 -12.28 -73.18
C TYR G 161 -11.28 -13.43 -73.29
N GLY G 162 -10.83 -14.57 -73.78
CA GLY G 162 -11.67 -15.75 -73.85
C GLY G 162 -10.80 -16.98 -73.78
N VAL G 163 -11.15 -17.86 -72.85
CA VAL G 163 -10.30 -19.02 -72.54
C VAL G 163 -11.15 -20.28 -72.57
N ALA G 164 -10.54 -21.38 -73.00
CA ALA G 164 -11.19 -22.68 -73.05
C ALA G 164 -10.31 -23.73 -72.38
N LEU G 165 -10.94 -24.60 -71.60
CA LEU G 165 -10.27 -25.68 -70.90
C LEU G 165 -11.10 -26.94 -71.01
N GLY G 166 -10.48 -28.07 -70.69
CA GLY G 166 -11.19 -29.32 -70.66
C GLY G 166 -10.64 -30.28 -71.68
N LYS G 167 -11.32 -31.43 -71.81
CA LYS G 167 -10.89 -32.43 -72.78
C LYS G 167 -10.97 -31.89 -74.20
N ALA G 168 -12.11 -31.31 -74.56
CA ALA G 168 -12.30 -30.69 -75.87
C ALA G 168 -11.94 -29.21 -75.79
N LYS G 169 -10.64 -28.95 -75.96
CA LYS G 169 -10.09 -27.62 -75.69
C LYS G 169 -9.73 -26.89 -76.98
N THR G 170 -9.37 -27.61 -78.02
CA THR G 170 -8.98 -26.95 -79.27
C THR G 170 -10.20 -26.50 -80.06
N VAL G 171 -11.12 -27.42 -80.35
CA VAL G 171 -12.30 -27.06 -81.13
C VAL G 171 -13.17 -26.06 -80.36
N ALA G 172 -13.20 -26.18 -79.03
CA ALA G 172 -13.94 -25.22 -78.22
C ALA G 172 -13.26 -23.86 -78.14
N LYS G 173 -11.95 -23.81 -78.36
CA LYS G 173 -11.24 -22.54 -78.46
C LYS G 173 -11.41 -21.91 -79.84
N SER G 174 -11.47 -22.71 -80.89
CA SER G 174 -11.73 -22.19 -82.23
C SER G 174 -13.07 -21.47 -82.32
N GLU G 175 -13.98 -21.70 -81.38
CA GLU G 175 -15.22 -20.93 -81.33
C GLU G 175 -15.00 -19.52 -80.79
N LEU G 176 -14.09 -19.35 -79.85
CA LEU G 176 -13.91 -18.07 -79.20
C LEU G 176 -13.13 -17.07 -80.03
N GLU G 177 -12.41 -17.52 -81.06
CA GLU G 177 -11.71 -16.61 -81.95
C GLU G 177 -12.65 -15.67 -82.69
N LYS G 178 -13.87 -16.13 -82.99
CA LYS G 178 -14.77 -15.41 -83.88
C LYS G 178 -15.76 -14.52 -83.14
N LEU G 179 -15.78 -14.56 -81.81
CA LEU G 179 -16.50 -13.53 -81.08
C LEU G 179 -15.71 -12.23 -81.12
N ASP G 180 -16.38 -11.14 -80.75
CA ASP G 180 -15.80 -9.82 -80.90
C ASP G 180 -15.01 -9.37 -79.68
N PHE G 181 -15.55 -9.56 -78.48
CA PHE G 181 -14.86 -9.31 -77.22
C PHE G 181 -14.56 -7.82 -76.99
N SER G 182 -14.89 -6.99 -77.96
CA SER G 182 -14.82 -5.54 -77.78
C SER G 182 -16.20 -4.92 -77.69
N SER G 183 -17.19 -5.51 -78.36
CA SER G 183 -18.58 -5.12 -78.25
C SER G 183 -19.45 -6.19 -77.61
N LEU G 184 -18.87 -7.36 -77.32
CA LEU G 184 -19.63 -8.45 -76.73
C LEU G 184 -20.09 -8.10 -75.32
N THR G 185 -21.39 -8.26 -75.09
CA THR G 185 -21.99 -7.98 -73.80
C THR G 185 -22.30 -9.30 -73.08
N CYS G 186 -22.21 -9.27 -71.74
CA CYS G 186 -22.45 -10.48 -70.96
C CYS G 186 -23.85 -11.04 -71.21
N ASP G 187 -24.83 -10.15 -71.38
CA ASP G 187 -26.21 -10.60 -71.54
C ASP G 187 -26.36 -11.53 -72.73
N GLU G 188 -25.55 -11.34 -73.77
CA GLU G 188 -25.54 -12.27 -74.88
C GLU G 188 -24.46 -13.33 -74.77
N ALA G 189 -23.39 -13.06 -74.00
CA ALA G 189 -22.36 -14.06 -73.81
C ALA G 189 -22.86 -15.27 -73.04
N VAL G 190 -23.79 -15.07 -72.10
CA VAL G 190 -24.34 -16.21 -71.37
C VAL G 190 -25.08 -17.15 -72.32
N GLY G 191 -25.48 -16.66 -73.49
CA GLY G 191 -26.03 -17.53 -74.50
C GLY G 191 -24.97 -18.12 -75.39
N LYS G 192 -24.03 -17.25 -75.80
CA LYS G 192 -22.99 -17.67 -76.75
C LYS G 192 -22.14 -18.79 -76.18
N LEU G 193 -21.55 -18.59 -75.00
CA LEU G 193 -20.67 -19.61 -74.42
C LEU G 193 -21.43 -20.89 -74.08
N ALA G 194 -22.64 -20.75 -73.53
CA ALA G 194 -23.46 -21.90 -73.24
C ALA G 194 -23.76 -22.72 -74.49
N SER G 195 -24.01 -22.08 -75.63
CA SER G 195 -24.20 -22.81 -76.87
C SER G 195 -22.89 -23.42 -77.38
N ILE G 196 -21.77 -22.73 -77.17
CA ILE G 196 -20.48 -23.28 -77.55
C ILE G 196 -20.22 -24.61 -76.86
N LEU G 197 -20.50 -24.68 -75.56
CA LEU G 197 -20.28 -25.95 -74.85
C LEU G 197 -21.18 -27.07 -75.38
N HIS G 198 -22.42 -26.76 -75.74
CA HIS G 198 -23.26 -27.82 -76.30
C HIS G 198 -22.76 -28.24 -77.66
N GLU G 199 -22.21 -27.31 -78.45
CA GLU G 199 -21.68 -27.68 -79.76
C GLU G 199 -20.44 -28.54 -79.63
N VAL G 200 -19.59 -28.27 -78.64
CA VAL G 200 -18.34 -29.00 -78.54
C VAL G 200 -18.50 -30.31 -77.78
N HIS G 201 -19.60 -30.45 -77.03
CA HIS G 201 -19.79 -31.62 -76.19
C HIS G 201 -20.21 -32.84 -76.99
N ASP G 202 -19.45 -33.92 -76.83
CA ASP G 202 -19.77 -35.21 -77.42
C ASP G 202 -20.71 -35.97 -76.49
N LYS G 203 -21.69 -36.65 -77.06
CA LYS G 203 -22.74 -37.28 -76.26
C LYS G 203 -22.82 -38.78 -76.44
N GLN G 204 -21.89 -39.40 -77.15
CA GLN G 204 -21.81 -40.86 -77.22
C GLN G 204 -20.69 -41.39 -76.33
N LYS G 205 -20.26 -40.59 -75.36
CA LYS G 205 -19.35 -41.07 -74.34
C LYS G 205 -20.03 -40.98 -72.98
N ASP G 206 -20.52 -39.79 -72.66
CA ASP G 206 -21.18 -39.53 -71.38
C ASP G 206 -22.66 -39.26 -71.66
N LYS G 207 -23.52 -40.12 -71.13
CA LYS G 207 -24.95 -39.96 -71.37
C LYS G 207 -25.54 -38.85 -70.52
N LEU G 208 -24.87 -38.47 -69.43
CA LEU G 208 -25.36 -37.44 -68.52
C LEU G 208 -24.36 -36.29 -68.49
N TYR G 209 -24.83 -35.10 -68.82
CA TYR G 209 -24.05 -33.88 -68.76
C TYR G 209 -24.98 -32.70 -68.54
N GLU G 210 -24.44 -31.61 -68.01
CA GLU G 210 -25.23 -30.42 -67.72
C GLU G 210 -24.30 -29.22 -67.61
N VAL G 211 -24.78 -28.07 -68.09
CA VAL G 211 -23.94 -26.87 -68.14
C VAL G 211 -24.32 -25.94 -66.99
N GLU G 212 -23.31 -25.47 -66.27
CA GLU G 212 -23.51 -24.56 -65.15
C GLU G 212 -22.69 -23.32 -65.35
N VAL G 213 -23.33 -22.16 -65.32
CA VAL G 213 -22.69 -20.92 -65.73
C VAL G 213 -22.88 -19.87 -64.65
N ALA G 214 -21.84 -19.06 -64.44
CA ALA G 214 -21.89 -17.96 -63.48
C ALA G 214 -21.29 -16.72 -64.14
N TRP G 215 -21.51 -15.57 -63.50
CA TRP G 215 -21.15 -14.30 -64.10
C TRP G 215 -21.08 -13.23 -63.02
N VAL G 216 -20.29 -12.21 -63.31
CA VAL G 216 -20.19 -11.03 -62.46
C VAL G 216 -20.10 -9.78 -63.32
N CYS G 217 -21.18 -9.02 -63.39
CA CYS G 217 -21.13 -7.75 -64.10
C CYS G 217 -21.95 -6.73 -63.33
N ASP G 218 -22.27 -5.63 -64.00
CA ASP G 218 -22.96 -4.53 -63.33
C ASP G 218 -24.39 -4.91 -62.95
N LYS G 219 -25.04 -5.76 -63.74
CA LYS G 219 -26.43 -6.10 -63.46
C LYS G 219 -26.58 -6.82 -62.11
N SER G 220 -25.59 -7.62 -61.74
CA SER G 220 -25.60 -8.33 -60.47
C SER G 220 -24.94 -7.53 -59.35
N ASP G 221 -24.91 -6.20 -59.46
CA ASP G 221 -24.27 -5.34 -58.48
C ASP G 221 -22.80 -5.69 -58.29
N ARG G 222 -22.12 -6.01 -59.40
CA ARG G 222 -20.71 -6.40 -59.37
C ARG G 222 -20.45 -7.50 -58.34
N LYS G 223 -21.29 -8.53 -58.35
CA LYS G 223 -21.18 -9.65 -57.43
C LYS G 223 -21.14 -10.94 -58.23
N PHE G 224 -20.29 -11.87 -57.81
CA PHE G 224 -20.17 -13.16 -58.50
C PHE G 224 -21.28 -14.09 -58.04
N VAL G 225 -22.29 -14.30 -58.89
CA VAL G 225 -23.41 -15.16 -58.56
C VAL G 225 -23.60 -16.18 -59.68
N HIS G 226 -24.44 -17.17 -59.40
CA HIS G 226 -24.82 -18.14 -60.42
C HIS G 226 -25.90 -17.55 -61.31
N VAL G 227 -25.91 -17.94 -62.58
CA VAL G 227 -26.85 -17.36 -63.55
C VAL G 227 -28.27 -17.67 -63.10
N PRO G 228 -29.22 -16.75 -63.26
CA PRO G 228 -30.64 -17.12 -63.16
C PRO G 228 -30.96 -18.32 -64.04
N ALA G 229 -31.72 -19.27 -63.51
CA ALA G 229 -31.94 -20.56 -64.16
C ALA G 229 -32.50 -20.42 -65.57
N ASP G 230 -33.40 -19.47 -65.78
CA ASP G 230 -34.05 -19.29 -67.08
C ASP G 230 -33.29 -18.24 -67.88
N MET G 231 -31.98 -18.42 -68.00
CA MET G 231 -31.15 -17.53 -68.81
C MET G 231 -30.19 -18.34 -69.66
N VAL G 232 -30.12 -19.64 -69.40
CA VAL G 232 -29.32 -20.55 -70.22
C VAL G 232 -30.22 -21.18 -71.28
N PRO G 233 -29.86 -21.13 -72.56
CA PRO G 233 -30.64 -21.84 -73.56
C PRO G 233 -30.74 -23.32 -73.24
N ALA G 234 -31.85 -23.93 -73.66
CA ALA G 234 -32.16 -25.29 -73.24
C ALA G 234 -31.07 -26.27 -73.65
N GLU G 235 -30.65 -26.21 -74.91
CA GLU G 235 -29.62 -27.12 -75.41
C GLU G 235 -28.69 -26.39 -76.36
N THR H 55 1.55 19.54 -27.18
CA THR H 55 1.40 18.86 -28.47
C THR H 55 0.01 19.09 -29.04
N THR H 56 -0.05 19.80 -30.16
CA THR H 56 -1.31 20.06 -30.84
C THR H 56 -1.16 19.66 -32.30
N ILE H 57 -2.09 18.87 -32.79
CA ILE H 57 -2.12 18.45 -34.19
C ILE H 57 -3.54 18.55 -34.67
N LEU H 58 -3.72 18.84 -35.96
CA LEU H 58 -5.05 18.89 -36.51
C LEU H 58 -4.99 18.67 -38.00
N ALA H 59 -6.14 18.32 -38.56
CA ALA H 59 -6.28 18.09 -39.98
C ALA H 59 -7.65 18.59 -40.40
N VAL H 60 -7.72 19.29 -41.51
CA VAL H 60 -8.97 19.83 -42.00
C VAL H 60 -9.10 19.46 -43.47
N SER H 61 -10.28 18.98 -43.84
CA SER H 61 -10.53 18.52 -45.20
C SER H 61 -11.22 19.61 -46.00
N TYR H 62 -10.80 19.80 -47.25
CA TYR H 62 -11.50 20.70 -48.15
C TYR H 62 -11.81 19.93 -49.44
N ASN H 63 -12.23 20.66 -50.48
CA ASN H 63 -12.66 20.02 -51.71
C ASN H 63 -11.56 19.13 -52.29
N GLY H 64 -10.43 19.73 -52.65
CA GLY H 64 -9.36 18.99 -53.30
C GLY H 64 -8.71 17.92 -52.45
N GLY H 65 -8.25 18.30 -51.27
CA GLY H 65 -7.56 17.37 -50.40
C GLY H 65 -7.67 17.71 -48.94
N VAL H 66 -6.54 17.63 -48.24
CA VAL H 66 -6.50 17.88 -46.80
C VAL H 66 -5.34 18.79 -46.45
N VAL H 67 -5.46 19.42 -45.29
CA VAL H 67 -4.44 20.29 -44.72
C VAL H 67 -4.10 19.78 -43.33
N LEU H 68 -2.84 19.46 -43.10
CA LEU H 68 -2.36 19.01 -41.80
C LEU H 68 -1.59 20.15 -41.17
N ALA H 69 -1.83 20.40 -39.88
CA ALA H 69 -1.07 21.39 -39.15
C ALA H 69 -0.68 20.82 -37.80
N ALA H 70 0.44 21.30 -37.27
CA ALA H 70 0.89 20.80 -35.98
C ALA H 70 1.90 21.77 -35.39
N ASP H 71 2.07 21.67 -34.08
CA ASP H 71 3.15 22.41 -33.45
C ASP H 71 4.47 21.69 -33.64
N SER H 72 5.54 22.27 -33.09
CA SER H 72 6.84 21.62 -33.07
C SER H 72 7.48 21.84 -31.72
N ARG H 73 7.17 20.97 -30.76
CA ARG H 73 7.85 21.02 -29.47
C ARG H 73 7.57 19.75 -28.69
N THR H 74 8.60 18.95 -28.45
CA THR H 74 8.52 17.81 -27.56
C THR H 74 9.09 18.22 -26.21
N SER H 75 8.34 17.95 -25.15
CA SER H 75 8.62 18.45 -23.82
C SER H 75 8.71 17.29 -22.84
N SER H 76 9.59 17.44 -21.85
CA SER H 76 9.70 16.47 -20.75
C SER H 76 8.92 17.00 -19.55
N GLY H 77 7.62 17.12 -19.72
CA GLY H 77 6.76 17.60 -18.66
C GLY H 77 6.78 19.10 -18.50
N THR H 78 7.95 19.65 -18.16
CA THR H 78 8.08 21.08 -17.96
C THR H 78 9.37 21.63 -18.58
N TYR H 79 10.06 20.84 -19.39
CA TYR H 79 11.27 21.28 -20.06
C TYR H 79 11.21 20.93 -21.54
N VAL H 80 11.56 21.91 -22.37
CA VAL H 80 11.48 21.77 -23.81
C VAL H 80 12.66 20.94 -24.29
N VAL H 81 12.43 19.65 -24.49
CA VAL H 81 13.49 18.76 -24.97
C VAL H 81 13.89 19.14 -26.38
N ASN H 82 12.93 19.18 -27.30
CA ASN H 82 13.20 19.49 -28.70
C ASN H 82 12.23 20.56 -29.14
N ARG H 83 12.74 21.70 -29.58
CA ARG H 83 11.89 22.82 -29.92
C ARG H 83 11.66 22.98 -31.42
N ALA H 84 12.09 22.03 -32.23
CA ALA H 84 11.84 22.09 -33.67
C ALA H 84 11.47 20.72 -34.20
N SER H 85 10.69 19.97 -33.43
CA SER H 85 10.31 18.63 -33.83
C SER H 85 9.45 18.64 -35.08
N ASN H 86 9.17 17.45 -35.59
CA ASN H 86 8.40 17.28 -36.82
C ASN H 86 7.42 16.13 -36.61
N LYS H 87 6.17 16.45 -36.32
CA LYS H 87 5.17 15.46 -36.02
C LYS H 87 4.38 15.00 -37.24
N LEU H 88 4.68 15.52 -38.42
CA LEU H 88 4.03 15.09 -39.65
C LEU H 88 4.91 14.06 -40.32
N THR H 89 4.60 12.79 -40.14
CA THR H 89 5.38 11.70 -40.69
C THR H 89 4.73 11.21 -41.96
N LYS H 90 5.49 11.16 -43.05
CA LYS H 90 4.93 10.64 -44.29
C LYS H 90 4.93 9.12 -44.25
N LEU H 91 3.87 8.52 -44.77
CA LEU H 91 3.82 7.08 -44.93
C LEU H 91 4.05 6.72 -46.39
N THR H 92 3.21 7.28 -47.26
CA THR H 92 3.33 7.19 -48.70
C THR H 92 3.61 8.60 -49.22
N LYS H 93 3.62 8.77 -50.54
CA LYS H 93 3.84 10.10 -51.08
C LYS H 93 2.67 11.03 -50.78
N LYS H 94 1.46 10.49 -50.68
CA LYS H 94 0.25 11.29 -50.55
C LYS H 94 -0.51 11.04 -49.27
N ILE H 95 0.03 10.26 -48.34
CA ILE H 95 -0.64 9.96 -47.07
C ILE H 95 0.33 10.28 -45.95
N TYR H 96 -0.11 11.09 -45.00
CA TYR H 96 0.71 11.51 -43.88
C TYR H 96 -0.02 11.19 -42.59
N CYS H 97 0.70 11.26 -41.48
CA CYS H 97 0.11 11.05 -40.17
C CYS H 97 0.70 12.05 -39.19
N CYS H 98 -0.17 12.65 -38.39
CA CYS H 98 0.25 13.45 -37.26
C CYS H 98 0.13 12.58 -36.03
N ARG H 99 1.21 12.49 -35.27
CA ARG H 99 1.29 11.58 -34.14
C ARG H 99 1.43 12.36 -32.85
N SER H 100 0.73 11.93 -31.81
CA SER H 100 0.73 12.62 -30.54
C SER H 100 0.73 11.60 -29.42
N GLY H 101 1.11 12.07 -28.23
CA GLY H 101 1.32 11.16 -27.12
C GLY H 101 2.80 10.91 -26.94
N SER H 102 3.19 9.67 -26.69
CA SER H 102 4.59 9.35 -26.56
C SER H 102 5.28 9.45 -27.91
N ALA H 103 6.59 9.67 -27.90
CA ALA H 103 7.30 9.84 -29.16
C ALA H 103 7.90 8.52 -29.65
N ALA H 104 8.45 7.70 -28.76
CA ALA H 104 9.03 6.44 -29.18
C ALA H 104 7.98 5.51 -29.78
N ASP H 105 6.84 5.37 -29.12
CA ASP H 105 5.80 4.46 -29.60
C ASP H 105 5.26 4.90 -30.95
N THR H 106 4.91 6.17 -31.09
CA THR H 106 4.39 6.64 -32.36
C THR H 106 5.43 6.63 -33.46
N GLN H 107 6.71 6.84 -33.15
CA GLN H 107 7.71 6.70 -34.20
C GLN H 107 7.86 5.27 -34.67
N ALA H 108 7.92 4.32 -33.73
CA ALA H 108 7.96 2.91 -34.13
C ALA H 108 6.74 2.52 -34.95
N LEU H 109 5.54 2.94 -34.53
CA LEU H 109 4.35 2.62 -35.30
C LEU H 109 4.35 3.25 -36.67
N ALA H 110 4.70 4.53 -36.77
CA ALA H 110 4.70 5.18 -38.07
C ALA H 110 5.67 4.50 -39.02
N GLU H 111 6.88 4.19 -38.56
CA GLU H 111 7.82 3.56 -39.47
C GLU H 111 7.46 2.11 -39.79
N ARG H 112 6.85 1.38 -38.85
CA ARG H 112 6.40 0.03 -39.19
C ARG H 112 5.26 0.06 -40.20
N VAL H 113 4.28 0.95 -40.01
CA VAL H 113 3.18 1.02 -40.96
C VAL H 113 3.65 1.51 -42.31
N SER H 114 4.60 2.46 -42.35
CA SER H 114 5.07 2.92 -43.65
C SER H 114 5.86 1.82 -44.35
N ASN H 115 6.58 1.00 -43.59
CA ASN H 115 7.25 -0.13 -44.20
C ASN H 115 6.25 -1.14 -44.74
N TYR H 116 5.11 -1.31 -44.08
CA TYR H 116 4.07 -2.16 -44.64
C TYR H 116 3.49 -1.57 -45.91
N LEU H 117 3.17 -0.27 -45.88
CA LEU H 117 2.55 0.39 -47.02
C LEU H 117 3.45 0.39 -48.26
N GLY H 118 4.76 0.51 -48.07
CA GLY H 118 5.64 0.47 -49.21
C GLY H 118 5.61 -0.88 -49.91
N SER H 119 5.38 -1.95 -49.16
CA SER H 119 5.40 -3.28 -49.74
C SER H 119 4.08 -3.62 -50.41
N TYR H 120 2.96 -3.19 -49.81
CA TYR H 120 1.67 -3.43 -50.42
C TYR H 120 1.55 -2.72 -51.75
N GLN H 121 1.94 -1.45 -51.81
CA GLN H 121 1.89 -0.65 -53.02
C GLN H 121 2.78 -1.19 -54.12
N THR H 122 3.98 -1.66 -53.79
CA THR H 122 4.82 -2.30 -54.79
C THR H 122 4.18 -3.58 -55.31
N ASP H 123 3.53 -4.33 -54.43
CA ASP H 123 2.94 -5.61 -54.82
C ASP H 123 1.77 -5.42 -55.76
N ILE H 124 0.83 -4.54 -55.39
CA ILE H 124 -0.37 -4.39 -56.21
C ILE H 124 -0.10 -3.49 -57.42
N GLY H 125 0.84 -2.56 -57.31
CA GLY H 125 1.23 -1.75 -58.45
C GLY H 125 0.39 -0.53 -58.70
N ALA H 126 -0.48 -0.16 -57.76
CA ALA H 126 -1.32 1.02 -57.90
C ALA H 126 -1.40 1.70 -56.55
N GLY H 127 -1.79 2.98 -56.56
CA GLY H 127 -1.79 3.79 -55.36
C GLY H 127 -2.60 3.19 -54.25
N VAL H 128 -2.36 3.64 -53.05
CA VAL H 128 -2.99 3.10 -51.87
C VAL H 128 -4.06 4.06 -51.39
N ASN H 129 -5.20 3.53 -50.97
CA ASN H 129 -6.21 4.38 -50.37
C ASN H 129 -5.74 4.84 -49.00
N VAL H 130 -6.53 5.71 -48.37
CA VAL H 130 -6.26 6.08 -47.00
C VAL H 130 -6.89 5.09 -46.03
N ALA H 131 -7.96 4.43 -46.44
CA ALA H 131 -8.56 3.41 -45.60
C ALA H 131 -7.58 2.30 -45.25
N THR H 132 -6.74 1.90 -46.19
CA THR H 132 -5.73 0.89 -45.90
C THR H 132 -4.83 1.30 -44.75
N ALA H 133 -4.21 2.47 -44.86
CA ALA H 133 -3.30 2.94 -43.82
C ALA H 133 -4.01 3.16 -42.50
N ALA H 134 -5.20 3.74 -42.52
CA ALA H 134 -5.96 3.91 -41.28
C ALA H 134 -6.30 2.59 -40.62
N ASN H 135 -6.66 1.57 -41.40
CA ASN H 135 -6.95 0.26 -40.81
C ASN H 135 -5.71 -0.38 -40.24
N LEU H 136 -4.57 -0.26 -40.92
CA LEU H 136 -3.33 -0.80 -40.37
C LEU H 136 -2.99 -0.14 -39.05
N PHE H 137 -3.07 1.20 -39.00
CA PHE H 137 -2.82 1.91 -37.75
C PHE H 137 -3.78 1.47 -36.66
N GLN H 138 -5.06 1.36 -36.98
CA GLN H 138 -6.02 0.97 -35.96
C GLN H 138 -5.72 -0.40 -35.41
N LYS H 139 -5.41 -1.36 -36.28
CA LYS H 139 -5.06 -2.69 -35.82
C LYS H 139 -3.85 -2.68 -34.90
N MET H 140 -2.78 -2.00 -35.31
CA MET H 140 -1.59 -1.97 -34.47
C MET H 140 -1.84 -1.26 -33.15
N CYS H 141 -2.31 -0.02 -33.18
CA CYS H 141 -2.60 0.70 -31.95
C CYS H 141 -3.73 0.08 -31.15
N TYR H 142 -4.37 -0.97 -31.67
CA TYR H 142 -5.35 -1.68 -30.87
C TYR H 142 -4.77 -2.90 -30.17
N MET H 143 -3.88 -3.65 -30.79
CA MET H 143 -3.29 -4.74 -30.00
C MET H 143 -2.08 -4.32 -29.19
N ASN H 144 -1.81 -3.02 -29.07
CA ASN H 144 -0.84 -2.54 -28.11
C ASN H 144 -1.44 -1.49 -27.18
N ARG H 145 -2.76 -1.51 -27.00
CA ARG H 145 -3.43 -0.36 -26.38
C ARG H 145 -3.06 -0.22 -24.91
N TRP H 146 -2.53 -1.28 -24.30
CA TRP H 146 -2.17 -1.20 -22.88
C TRP H 146 -0.76 -0.66 -22.70
N ASN H 147 0.09 -0.84 -23.70
CA ASN H 147 1.50 -0.51 -23.57
C ASN H 147 1.87 0.83 -24.16
N ILE H 148 1.11 1.35 -25.11
CA ILE H 148 1.44 2.60 -25.77
C ILE H 148 0.36 3.62 -25.46
N SER H 149 0.75 4.89 -25.53
CA SER H 149 -0.19 6.00 -25.45
C SER H 149 0.00 6.81 -26.72
N ALA H 150 -0.78 6.50 -27.76
CA ALA H 150 -0.47 7.01 -29.09
C ALA H 150 -1.75 7.41 -29.80
N GLY H 151 -1.91 8.70 -30.06
CA GLY H 151 -3.06 9.22 -30.76
C GLY H 151 -2.65 9.71 -32.14
N ILE H 152 -3.29 9.16 -33.16
CA ILE H 152 -2.86 9.36 -34.54
C ILE H 152 -3.96 10.05 -35.32
N ILE H 153 -3.55 10.84 -36.30
CA ILE H 153 -4.44 11.46 -37.26
C ILE H 153 -3.89 11.16 -38.64
N VAL H 154 -4.53 10.24 -39.35
CA VAL H 154 -4.05 9.80 -40.65
C VAL H 154 -4.83 10.55 -41.71
N ALA H 155 -4.14 11.35 -42.51
CA ALA H 155 -4.83 12.14 -43.51
C ALA H 155 -4.13 12.00 -44.84
N GLY H 156 -4.91 11.99 -45.91
CA GLY H 156 -4.30 11.84 -47.21
C GLY H 156 -5.29 12.06 -48.32
N TYR H 157 -4.84 11.77 -49.53
CA TYR H 157 -5.63 11.94 -50.73
C TYR H 157 -5.41 10.75 -51.65
N ASP H 158 -6.50 10.19 -52.14
CA ASP H 158 -6.46 9.12 -53.11
C ASP H 158 -7.43 9.47 -54.23
N PRO H 159 -7.13 9.08 -55.47
CA PRO H 159 -7.99 9.49 -56.58
C PRO H 159 -9.41 8.97 -56.48
N ILE H 160 -9.61 7.88 -55.73
CA ILE H 160 -10.94 7.28 -55.62
C ILE H 160 -11.86 8.13 -54.76
N ASN H 161 -11.51 8.34 -53.50
CA ASN H 161 -12.39 9.02 -52.56
C ASN H 161 -11.93 10.43 -52.22
N GLY H 162 -11.05 11.01 -53.01
CA GLY H 162 -10.66 12.39 -52.76
C GLY H 162 -9.78 12.51 -51.53
N GLY H 163 -10.09 13.48 -50.68
CA GLY H 163 -9.33 13.71 -49.46
C GLY H 163 -10.04 13.09 -48.28
N SER H 164 -9.26 12.49 -47.38
CA SER H 164 -9.82 11.76 -46.27
C SER H 164 -8.98 11.97 -45.01
N VAL H 165 -9.68 12.00 -43.87
CA VAL H 165 -9.06 12.20 -42.57
C VAL H 165 -9.66 11.19 -41.59
N TYR H 166 -8.79 10.40 -40.96
CA TYR H 166 -9.18 9.42 -39.97
C TYR H 166 -8.53 9.78 -38.65
N SER H 167 -9.26 9.60 -37.56
CA SER H 167 -8.75 9.87 -36.23
C SER H 167 -8.72 8.56 -35.45
N ILE H 168 -7.54 8.23 -34.92
CA ILE H 168 -7.36 7.04 -34.12
C ILE H 168 -6.92 7.47 -32.73
N PRO H 169 -7.83 7.57 -31.78
CA PRO H 169 -7.48 8.13 -30.47
C PRO H 169 -6.65 7.17 -29.64
N SER H 170 -6.45 7.52 -28.36
CA SER H 170 -5.73 6.65 -27.44
C SER H 170 -6.36 5.27 -27.37
N GLY H 171 -7.69 5.20 -27.30
CA GLY H 171 -8.34 3.92 -27.07
C GLY H 171 -8.06 2.91 -28.16
N GLY H 172 -7.92 3.36 -29.40
CA GLY H 172 -7.68 2.49 -30.52
C GLY H 172 -8.80 2.39 -31.55
N SER H 173 -9.83 3.22 -31.45
CA SER H 173 -10.87 3.23 -32.45
C SER H 173 -10.38 3.90 -33.73
N CYS H 174 -11.27 4.07 -34.69
CA CYS H 174 -10.91 4.72 -35.94
C CYS H 174 -12.14 5.38 -36.52
N VAL H 175 -12.23 6.70 -36.43
CA VAL H 175 -13.40 7.42 -36.88
C VAL H 175 -13.02 8.29 -38.07
N LYS H 176 -13.72 8.10 -39.18
CA LYS H 176 -13.46 8.87 -40.39
C LYS H 176 -14.26 10.15 -40.35
N LEU H 177 -13.56 11.28 -40.29
CA LEU H 177 -14.20 12.56 -40.00
C LEU H 177 -14.00 13.54 -41.14
N ASP H 178 -14.60 14.71 -40.97
CA ASP H 178 -14.39 15.84 -41.85
C ASP H 178 -13.27 16.75 -41.38
N TYR H 179 -13.00 16.77 -40.08
CA TYR H 179 -11.87 17.49 -39.53
C TYR H 179 -11.53 16.86 -38.19
N ALA H 180 -10.24 16.71 -37.92
CA ALA H 180 -9.79 16.00 -36.72
C ALA H 180 -8.83 16.86 -35.93
N LEU H 181 -8.92 16.76 -34.61
CA LEU H 181 -8.02 17.43 -33.68
C LEU H 181 -7.41 16.41 -32.75
N GLY H 182 -6.21 16.70 -32.24
CA GLY H 182 -5.57 15.76 -31.34
C GLY H 182 -4.43 16.41 -30.59
N GLY H 183 -4.02 15.72 -29.55
CA GLY H 183 -2.91 16.17 -28.73
C GLY H 183 -3.41 16.81 -27.45
N SER H 184 -2.45 17.07 -26.56
CA SER H 184 -2.78 17.66 -25.27
C SER H 184 -3.39 19.03 -25.39
N GLY H 185 -2.96 19.82 -26.37
CA GLY H 185 -3.49 21.15 -26.54
C GLY H 185 -4.69 21.25 -27.45
N SER H 186 -5.33 20.14 -27.78
CA SER H 186 -6.48 20.15 -28.68
C SER H 186 -7.72 20.74 -28.04
N ILE H 187 -8.01 20.38 -26.79
CA ILE H 187 -9.27 20.75 -26.16
C ILE H 187 -9.55 22.24 -26.19
N PHE H 188 -8.54 23.08 -26.44
CA PHE H 188 -8.76 24.49 -26.65
C PHE H 188 -9.24 24.80 -28.05
N LEU H 189 -9.28 23.82 -28.94
CA LEU H 189 -9.66 24.08 -30.32
C LEU H 189 -11.09 23.71 -30.65
N TYR H 190 -11.71 22.83 -29.87
CA TYR H 190 -13.08 22.45 -30.16
C TYR H 190 -13.99 23.67 -30.20
N SER H 191 -14.08 24.40 -29.11
CA SER H 191 -14.88 25.61 -29.09
C SER H 191 -14.31 26.71 -29.97
N PHE H 192 -13.16 26.50 -30.61
CA PHE H 192 -12.73 27.40 -31.65
C PHE H 192 -13.27 26.99 -33.01
N PHE H 193 -13.39 25.69 -33.26
CA PHE H 193 -13.95 25.20 -34.52
C PHE H 193 -15.45 25.30 -34.56
N ASP H 194 -16.12 25.17 -33.42
CA ASP H 194 -17.56 25.34 -33.42
C ASP H 194 -17.98 26.75 -33.79
N ALA H 195 -17.09 27.72 -33.62
CA ALA H 195 -17.43 29.11 -33.87
C ALA H 195 -16.97 29.62 -35.22
N ASN H 196 -15.69 29.44 -35.54
CA ASN H 196 -15.06 30.15 -36.65
C ASN H 196 -14.85 29.29 -37.88
N TYR H 197 -15.42 28.08 -37.91
CA TYR H 197 -15.14 27.13 -38.99
C TYR H 197 -16.42 26.85 -39.76
N LYS H 198 -16.33 26.91 -41.08
CA LYS H 198 -17.41 26.51 -41.95
C LYS H 198 -16.90 25.59 -43.05
N PRO H 199 -17.54 24.46 -43.30
CA PRO H 199 -17.08 23.56 -44.35
C PRO H 199 -17.23 24.19 -45.73
N GLY H 200 -16.51 23.63 -46.68
CA GLY H 200 -16.49 24.13 -48.03
C GLY H 200 -15.50 25.24 -48.29
N MET H 201 -14.41 25.30 -47.53
CA MET H 201 -13.43 26.35 -47.71
C MET H 201 -12.53 26.05 -48.90
N SER H 202 -11.77 27.06 -49.32
CA SER H 202 -10.81 26.89 -50.38
C SER H 202 -9.48 26.39 -49.81
N LYS H 203 -8.53 26.13 -50.69
CA LYS H 203 -7.23 25.64 -50.26
C LYS H 203 -6.46 26.66 -49.43
N SER H 204 -6.39 27.91 -49.86
CA SER H 204 -5.64 28.93 -49.16
C SER H 204 -6.31 29.32 -47.84
N GLU H 205 -7.62 29.54 -47.87
CA GLU H 205 -8.33 29.88 -46.64
C GLU H 205 -8.28 28.74 -45.64
N CYS H 206 -8.15 27.50 -46.13
CA CYS H 206 -8.02 26.37 -45.22
C CYS H 206 -6.68 26.40 -44.50
N VAL H 207 -5.58 26.67 -45.20
CA VAL H 207 -4.30 26.69 -44.50
C VAL H 207 -4.24 27.89 -43.58
N ALA H 208 -4.87 29.01 -43.97
CA ALA H 208 -4.91 30.15 -43.06
C ALA H 208 -5.67 29.80 -41.78
N PHE H 209 -6.83 29.14 -41.92
CA PHE H 209 -7.57 28.75 -40.73
C PHE H 209 -6.81 27.74 -39.88
N CYS H 210 -6.09 26.81 -40.51
CA CYS H 210 -5.33 25.83 -39.75
C CYS H 210 -4.20 26.48 -38.96
N GLN H 211 -3.42 27.36 -39.60
CA GLN H 211 -2.38 28.07 -38.87
C GLN H 211 -2.98 28.89 -37.74
N ARG H 212 -4.13 29.52 -37.97
CA ARG H 212 -4.73 30.33 -36.93
C ARG H 212 -5.18 29.47 -35.76
N ALA H 213 -5.75 28.30 -36.04
CA ALA H 213 -6.18 27.40 -34.98
C ALA H 213 -4.99 26.93 -34.17
N VAL H 214 -3.90 26.55 -34.82
CA VAL H 214 -2.75 26.08 -34.05
C VAL H 214 -2.14 27.21 -33.24
N ALA H 215 -2.12 28.43 -33.78
CA ALA H 215 -1.57 29.54 -33.02
C ALA H 215 -2.44 29.91 -31.84
N HIS H 216 -3.76 29.68 -31.93
CA HIS H 216 -4.61 29.89 -30.78
C HIS H 216 -4.53 28.74 -29.79
N ALA H 217 -4.10 27.56 -30.23
CA ALA H 217 -3.97 26.43 -29.33
C ALA H 217 -2.67 26.46 -28.55
N TYR H 218 -1.56 26.82 -29.18
CA TYR H 218 -0.29 26.79 -28.46
C TYR H 218 0.00 28.09 -27.74
N SER H 219 -0.81 29.13 -27.92
CA SER H 219 -0.65 30.33 -27.13
C SER H 219 -1.07 30.14 -25.69
N ARG H 220 -2.14 29.38 -25.44
CA ARG H 220 -2.64 29.15 -24.11
C ARG H 220 -2.12 27.89 -23.47
N ASP H 221 -1.69 26.91 -24.26
CA ASP H 221 -1.23 25.64 -23.75
C ASP H 221 0.26 25.73 -23.42
N GLY H 222 0.66 25.08 -22.32
CA GLY H 222 2.06 25.09 -21.95
C GLY H 222 2.87 24.03 -22.67
N SER H 223 2.25 22.89 -22.96
CA SER H 223 2.96 21.79 -23.58
C SER H 223 3.19 21.97 -25.07
N SER H 224 2.64 23.02 -25.68
CA SER H 224 2.73 23.21 -27.12
C SER H 224 3.39 24.54 -27.43
N GLY H 225 3.91 24.68 -28.64
CA GLY H 225 4.53 25.92 -29.04
C GLY H 225 5.47 25.69 -30.22
N GLY H 226 6.33 26.68 -30.44
CA GLY H 226 7.33 26.58 -31.48
C GLY H 226 6.80 26.86 -32.86
N LEU H 227 7.46 26.29 -33.87
CA LEU H 227 7.06 26.45 -35.26
C LEU H 227 5.66 25.89 -35.49
N ILE H 228 4.97 26.45 -36.48
CA ILE H 228 3.74 25.87 -36.98
C ILE H 228 4.04 25.20 -38.30
N ARG H 229 3.91 23.88 -38.34
CA ARG H 229 4.22 23.12 -39.54
C ARG H 229 2.93 22.62 -40.17
N THR H 230 2.68 23.05 -41.40
CA THR H 230 1.51 22.61 -42.14
C THR H 230 1.97 21.96 -43.43
N ILE H 231 1.12 21.10 -43.98
CA ILE H 231 1.34 20.47 -45.26
C ILE H 231 -0.01 20.27 -45.93
N THR H 232 -0.06 20.53 -47.22
CA THR H 232 -1.28 20.36 -48.01
C THR H 232 -1.10 19.19 -48.96
N LEU H 233 -2.04 18.26 -48.90
CA LEU H 233 -2.03 17.06 -49.74
C LEU H 233 -3.25 17.10 -50.64
N ASP H 234 -3.02 17.16 -51.95
CA ASP H 234 -4.10 17.17 -52.93
C ASP H 234 -3.55 16.65 -54.24
N ALA H 235 -4.31 16.83 -55.33
CA ALA H 235 -3.94 16.30 -56.62
C ALA H 235 -2.56 16.72 -57.08
N ASP H 236 -2.14 17.94 -56.77
CA ASP H 236 -0.84 18.43 -57.17
C ASP H 236 0.22 17.83 -56.25
N GLU H 237 1.44 18.33 -56.31
CA GLU H 237 2.48 17.86 -55.41
C GLU H 237 2.12 18.25 -53.97
N PRO H 238 2.45 17.41 -52.99
CA PRO H 238 2.23 17.78 -51.59
C PRO H 238 3.18 18.90 -51.18
N GLU H 239 2.64 19.99 -50.65
CA GLU H 239 3.45 21.17 -50.37
C GLU H 239 3.51 21.44 -48.88
N ASP H 240 4.68 21.84 -48.41
CA ASP H 240 4.96 22.02 -47.00
C ASP H 240 5.14 23.50 -46.68
N GLN H 241 5.05 23.83 -45.40
CA GLN H 241 5.21 25.20 -44.95
C GLN H 241 5.44 25.21 -43.46
N THR H 242 6.35 26.06 -43.00
CA THR H 242 6.69 26.15 -41.58
C THR H 242 6.80 27.62 -41.21
N ILE H 243 5.76 28.16 -40.56
CA ILE H 243 5.86 29.56 -40.17
C ILE H 243 6.41 29.62 -38.76
N PRO H 244 7.38 30.47 -38.49
CA PRO H 244 8.00 30.52 -37.17
C PRO H 244 7.06 31.10 -36.13
N TRP H 245 7.58 31.26 -34.93
CA TRP H 245 6.80 31.89 -33.87
C TRP H 245 6.78 33.41 -34.00
N ASN H 246 7.85 34.01 -34.50
CA ASN H 246 7.88 35.46 -34.64
C ASN H 246 7.11 35.94 -35.86
N ARG H 247 6.28 35.11 -36.47
CA ARG H 247 5.39 35.50 -37.55
C ARG H 247 4.01 34.87 -37.40
N SER H 248 3.70 34.32 -36.23
CA SER H 248 2.49 33.56 -36.06
C SER H 248 1.26 34.46 -36.20
N PRO H 249 0.15 33.92 -36.69
CA PRO H 249 -1.06 34.74 -36.86
C PRO H 249 -1.76 35.07 -35.55
N TYR H 250 -1.20 34.69 -34.40
CA TYR H 250 -1.73 35.11 -33.11
C TYR H 250 -0.73 34.82 -32.00
N CYS H 251 -0.71 35.66 -30.97
CA CYS H 251 0.14 35.44 -29.81
C CYS H 251 -0.29 36.38 -28.70
N MET H 252 -0.35 35.84 -27.48
CA MET H 252 -0.92 36.59 -26.36
C MET H 252 -0.04 37.74 -25.91
N GLU H 253 1.15 37.92 -26.49
CA GLU H 253 1.93 39.10 -26.18
C GLU H 253 1.56 40.28 -27.07
N LYS H 254 1.18 40.03 -28.32
CA LYS H 254 0.80 41.08 -29.25
C LYS H 254 -0.71 41.26 -29.33
N ASP H 255 -1.46 40.66 -28.42
CA ASP H 255 -2.90 40.82 -28.40
C ASP H 255 -3.25 42.02 -27.53
N PRO H 256 -3.80 43.10 -28.10
CA PRO H 256 -3.88 44.37 -27.35
C PRO H 256 -4.83 44.34 -26.17
N LYS H 257 -5.59 43.27 -25.96
CA LYS H 257 -6.42 43.18 -24.76
C LYS H 257 -5.63 42.66 -23.56
N TYR H 258 -4.42 42.16 -23.77
CA TYR H 258 -3.53 41.73 -22.70
C TYR H 258 -2.34 42.66 -22.56
N VAL H 259 -2.54 43.94 -22.86
CA VAL H 259 -1.47 44.91 -22.70
C VAL H 259 -1.54 45.63 -21.36
N THR H 260 -2.73 46.05 -20.95
CA THR H 260 -2.91 46.71 -19.66
C THR H 260 -2.94 45.67 -18.54
N GLN H 261 -2.17 45.91 -17.50
CA GLN H 261 -1.91 44.89 -16.50
C GLN H 261 -2.94 44.92 -15.38
N ALA H 262 -3.00 43.80 -14.66
CA ALA H 262 -3.92 43.70 -13.53
C ALA H 262 -3.44 44.57 -12.37
N THR H 263 -4.36 45.34 -11.82
CA THR H 263 -4.04 46.24 -10.71
C THR H 263 -3.91 45.42 -9.44
N GLN H 264 -2.71 44.88 -9.21
CA GLN H 264 -2.44 44.00 -8.08
C GLN H 264 -1.68 44.68 -6.95
N ASN H 265 -0.64 45.43 -7.26
CA ASN H 265 0.21 46.06 -6.24
C ASN H 265 -0.31 47.46 -5.99
N GLN H 266 -1.33 47.55 -5.17
CA GLN H 266 -1.88 48.84 -4.84
C GLN H 266 -0.91 49.64 -3.98
N PRO H 267 -0.68 50.91 -4.31
CA PRO H 267 0.08 51.77 -3.42
C PRO H 267 -0.63 51.93 -2.09
N PHE H 268 0.16 52.03 -1.02
CA PHE H 268 -0.43 52.30 0.28
C PHE H 268 -1.06 53.68 0.26
N SER H 269 -2.38 53.73 0.22
CA SER H 269 -3.08 54.97 -0.04
C SER H 269 -4.09 55.24 1.06
N SER H 270 -4.78 56.37 0.95
CA SER H 270 -5.73 56.84 1.94
C SER H 270 -7.17 56.63 1.54
N SER H 271 -7.45 56.46 0.25
CA SER H 271 -8.81 56.25 -0.23
C SER H 271 -8.94 54.84 -0.78
N ALA H 272 -10.19 54.44 -1.01
CA ALA H 272 -10.47 53.13 -1.56
C ALA H 272 -10.59 53.14 -3.07
N LYS H 273 -10.13 54.19 -3.74
CA LYS H 273 -10.13 54.23 -5.19
C LYS H 273 -8.95 53.44 -5.74
N ILE H 274 -9.22 52.52 -6.64
CA ILE H 274 -8.17 51.74 -7.29
C ILE H 274 -7.61 52.56 -8.45
N THR H 275 -6.29 52.64 -8.53
CA THR H 275 -5.63 53.51 -9.50
C THR H 275 -4.42 52.86 -10.14
N GLY H 276 -4.39 51.54 -10.24
CA GLY H 276 -3.29 50.87 -10.89
C GLY H 276 -2.19 50.49 -9.91
N ASN H 277 -1.15 49.87 -10.46
CA ASN H 277 -0.08 49.32 -9.64
C ASN H 277 0.84 50.40 -9.11
N ARG H 278 1.76 49.97 -8.25
CA ARG H 278 2.85 50.81 -7.78
C ARG H 278 4.10 50.47 -8.57
N MET H 279 4.54 51.38 -9.43
CA MET H 279 5.60 51.09 -10.39
C MET H 279 6.94 51.74 -10.05
N SER H 280 7.10 52.28 -8.85
CA SER H 280 8.38 52.85 -8.43
C SER H 280 8.37 53.06 -6.93
N SER H 281 9.57 53.24 -6.37
CA SER H 281 9.68 53.44 -4.93
C SER H 281 9.22 54.83 -4.52
N THR H 282 9.58 55.84 -5.31
CA THR H 282 9.14 57.20 -5.04
C THR H 282 7.62 57.29 -5.09
N GLY H 283 7.00 56.55 -6.00
CA GLY H 283 5.56 56.55 -6.13
C GLY H 283 4.91 55.30 -5.59
N THR I 30 27.14 12.89 -16.40
CA THR I 30 27.48 12.82 -17.81
C THR I 30 26.86 14.00 -18.54
N THR I 31 27.63 14.61 -19.43
CA THR I 31 27.17 15.73 -20.24
C THR I 31 27.78 15.60 -21.63
N ILE I 32 26.95 15.29 -22.62
CA ILE I 32 27.40 15.12 -23.99
C ILE I 32 26.70 16.14 -24.86
N VAL I 33 27.47 16.81 -25.73
CA VAL I 33 26.92 17.80 -26.62
C VAL I 33 27.39 17.49 -28.04
N GLY I 34 26.60 17.90 -29.00
CA GLY I 34 26.95 17.73 -30.40
C GLY I 34 26.46 18.92 -31.19
N VAL I 35 27.35 19.44 -32.04
CA VAL I 35 27.11 20.64 -32.81
C VAL I 35 27.44 20.36 -34.27
N VAL I 36 26.49 20.61 -35.16
CA VAL I 36 26.72 20.51 -36.59
C VAL I 36 27.32 21.81 -37.07
N TYR I 37 28.53 21.76 -37.64
CA TYR I 37 29.18 22.95 -38.11
C TYR I 37 29.26 22.92 -39.64
N ARG I 38 30.02 23.86 -40.21
CA ARG I 38 30.05 24.08 -41.66
C ARG I 38 30.13 22.79 -42.46
N ASP I 39 31.10 21.94 -42.14
CA ASP I 39 31.31 20.69 -42.85
C ASP I 39 31.75 19.61 -41.86
N GLY I 40 30.80 18.85 -41.37
CA GLY I 40 31.10 17.82 -40.39
C GLY I 40 30.32 18.05 -39.13
N VAL I 41 30.76 17.41 -38.05
CA VAL I 41 30.13 17.58 -36.74
C VAL I 41 31.22 17.62 -35.68
N VAL I 42 30.87 18.17 -34.52
CA VAL I 42 31.78 18.25 -33.39
C VAL I 42 31.05 17.73 -32.16
N LEU I 43 31.59 16.66 -31.56
CA LEU I 43 31.00 16.07 -30.37
C LEU I 43 31.91 16.31 -29.19
N GLY I 44 31.29 16.47 -28.02
CA GLY I 44 32.03 16.72 -26.81
C GLY I 44 31.38 16.04 -25.64
N ALA I 45 32.19 15.73 -24.63
CA ALA I 45 31.69 15.06 -23.44
C ALA I 45 32.61 15.37 -22.27
N ASP I 46 32.17 15.00 -21.08
CA ASP I 46 32.98 15.11 -19.89
C ASP I 46 33.82 13.85 -19.75
N THR I 47 34.43 13.65 -18.58
CA THR I 47 35.18 12.42 -18.34
C THR I 47 34.91 11.78 -17.00
N ARG I 48 34.28 12.48 -16.06
CA ARG I 48 34.06 11.94 -14.73
C ARG I 48 32.97 10.89 -14.77
N ALA I 49 33.24 9.74 -14.17
CA ALA I 49 32.25 8.69 -14.04
C ALA I 49 32.07 8.38 -12.56
N THR I 50 30.85 8.55 -12.07
CA THR I 50 30.52 8.37 -10.66
C THR I 50 29.74 7.09 -10.47
N GLU I 51 30.17 6.25 -9.53
CA GLU I 51 29.44 5.04 -9.16
C GLU I 51 28.74 5.28 -7.82
N GLY I 52 27.55 5.87 -7.91
CA GLY I 52 26.70 6.06 -6.76
C GLY I 52 27.21 7.10 -5.78
N SER I 53 27.26 8.36 -6.22
CA SER I 53 27.66 9.52 -5.43
C SER I 53 29.13 9.51 -5.05
N ILE I 54 29.96 8.76 -5.76
CA ILE I 54 31.40 8.75 -5.52
C ILE I 54 32.11 8.67 -6.86
N VAL I 55 33.09 9.54 -7.08
CA VAL I 55 33.84 9.55 -8.32
C VAL I 55 34.68 8.28 -8.41
N ALA I 56 34.27 7.35 -9.27
CA ALA I 56 35.03 6.12 -9.44
C ALA I 56 36.26 6.37 -10.27
N ASP I 57 36.09 6.80 -11.52
CA ASP I 57 37.22 7.11 -12.39
C ASP I 57 37.15 8.57 -12.81
N LYS I 58 38.32 9.18 -12.96
CA LYS I 58 38.43 10.59 -13.30
C LYS I 58 38.70 10.84 -14.77
N ARG I 59 38.95 9.79 -15.56
CA ARG I 59 39.26 10.02 -16.96
C ARG I 59 38.60 8.95 -17.82
N CYS I 60 37.34 8.64 -17.53
CA CYS I 60 36.63 7.71 -18.39
C CYS I 60 36.34 8.36 -19.75
N ARG I 61 36.20 7.51 -20.77
CA ARG I 61 36.02 7.96 -22.15
C ARG I 61 34.61 7.59 -22.58
N LYS I 62 33.81 8.61 -22.92
CA LYS I 62 32.43 8.39 -23.29
C LYS I 62 32.14 8.66 -24.76
N ILE I 63 33.15 8.94 -25.57
CA ILE I 63 32.98 9.06 -27.01
C ILE I 63 33.44 7.76 -27.63
N HIS I 64 32.51 6.85 -27.85
CA HIS I 64 32.83 5.56 -28.43
C HIS I 64 33.05 5.70 -29.93
N TYR I 65 33.36 4.56 -30.55
CA TYR I 65 33.61 4.50 -31.98
C TYR I 65 32.58 3.58 -32.62
N MET I 66 32.10 3.97 -33.78
CA MET I 66 31.06 3.24 -34.50
C MET I 66 31.48 2.87 -35.91
N ALA I 67 32.21 3.73 -36.57
CA ALA I 67 32.63 3.55 -37.94
C ALA I 67 33.76 4.52 -38.21
N PRO I 68 34.46 4.42 -39.34
CA PRO I 68 35.45 5.44 -39.66
C PRO I 68 34.90 6.85 -39.71
N ASN I 69 33.57 7.01 -39.76
CA ASN I 69 32.96 8.33 -39.88
C ASN I 69 31.71 8.50 -39.03
N ILE I 70 31.56 7.73 -37.96
CA ILE I 70 30.37 7.79 -37.10
C ILE I 70 30.83 7.63 -35.67
N MET I 71 30.63 8.66 -34.85
CA MET I 71 30.94 8.55 -33.43
C MET I 71 29.65 8.65 -32.63
N CYS I 72 29.72 8.22 -31.38
CA CYS I 72 28.51 8.02 -30.60
C CYS I 72 28.82 8.27 -29.13
N CYS I 73 28.45 9.44 -28.63
CA CYS I 73 28.55 9.70 -27.21
C CYS I 73 27.38 9.05 -26.48
N GLY I 74 27.60 8.69 -25.23
CA GLY I 74 26.56 8.04 -24.46
C GLY I 74 26.44 8.54 -23.04
N ALA I 75 25.21 8.61 -22.54
CA ALA I 75 24.94 9.07 -21.19
C ALA I 75 23.98 8.11 -20.52
N GLY I 76 24.02 8.09 -19.19
CA GLY I 76 23.21 7.17 -18.43
C GLY I 76 24.04 6.02 -17.92
N THR I 77 23.43 4.85 -17.77
CA THR I 77 24.15 3.68 -17.29
C THR I 77 25.23 3.28 -18.27
N SER I 78 26.48 3.24 -17.79
CA SER I 78 27.59 2.94 -18.68
C SER I 78 27.50 1.54 -19.25
N ALA I 79 26.89 0.61 -18.51
CA ALA I 79 26.76 -0.76 -19.00
C ALA I 79 26.07 -0.79 -20.34
N ASP I 80 24.83 -0.33 -20.39
CA ASP I 80 24.04 -0.36 -21.61
C ASP I 80 24.60 0.53 -22.70
N THR I 81 25.05 1.73 -22.35
CA THR I 81 25.71 2.60 -23.31
C THR I 81 26.86 1.92 -24.01
N GLU I 82 27.68 1.14 -23.31
CA GLU I 82 28.74 0.41 -23.98
C GLU I 82 28.24 -0.82 -24.71
N ALA I 83 27.27 -1.53 -24.14
CA ALA I 83 26.80 -2.77 -24.75
C ALA I 83 26.14 -2.54 -26.09
N VAL I 84 25.14 -1.66 -26.14
CA VAL I 84 24.42 -1.45 -27.39
C VAL I 84 25.33 -0.80 -28.44
N THR I 85 26.21 0.10 -28.01
CA THR I 85 27.14 0.71 -28.96
C THR I 85 28.06 -0.33 -29.57
N ASN I 86 28.63 -1.21 -28.75
CA ASN I 86 29.50 -2.24 -29.31
C ASN I 86 28.73 -3.18 -30.22
N MET I 87 27.51 -3.53 -29.83
CA MET I 87 26.70 -4.43 -30.64
C MET I 87 26.49 -3.86 -32.04
N VAL I 88 25.93 -2.65 -32.12
CA VAL I 88 25.68 -2.09 -33.45
C VAL I 88 26.96 -1.67 -34.15
N SER I 89 28.04 -1.42 -33.42
CA SER I 89 29.30 -1.12 -34.07
C SER I 89 29.90 -2.34 -34.75
N SER I 90 29.71 -3.52 -34.19
CA SER I 90 30.11 -4.73 -34.89
C SER I 90 29.18 -5.04 -36.04
N HIS I 91 27.89 -4.78 -35.87
CA HIS I 91 26.95 -5.03 -36.95
C HIS I 91 27.25 -4.15 -38.15
N LEU I 92 27.56 -2.87 -37.93
CA LEU I 92 27.88 -1.99 -39.05
C LEU I 92 29.13 -2.44 -39.76
N ALA I 93 30.11 -2.98 -39.02
CA ALA I 93 31.34 -3.44 -39.67
C ALA I 93 31.08 -4.66 -40.52
N LEU I 94 30.34 -5.63 -39.98
CA LEU I 94 29.88 -6.76 -40.79
C LEU I 94 29.20 -6.28 -42.05
N HIS I 95 28.30 -5.30 -41.91
CA HIS I 95 27.54 -4.83 -43.06
C HIS I 95 28.42 -4.16 -44.10
N ARG I 96 29.32 -3.26 -43.69
CA ARG I 96 30.13 -2.58 -44.70
C ARG I 96 31.19 -3.50 -45.29
N LEU I 97 31.51 -4.61 -44.63
CA LEU I 97 32.29 -5.63 -45.32
C LEU I 97 31.44 -6.32 -46.37
N GLU I 98 30.17 -6.54 -46.07
CA GLU I 98 29.27 -7.12 -47.07
C GLU I 98 29.16 -6.21 -48.29
N THR I 99 28.60 -5.01 -48.12
CA THR I 99 28.34 -4.12 -49.24
C THR I 99 29.61 -3.57 -49.87
N GLY I 100 30.55 -3.12 -49.06
CA GLY I 100 31.77 -2.51 -49.55
C GLY I 100 31.79 -1.01 -49.51
N LYS I 101 30.66 -0.37 -49.23
CA LYS I 101 30.57 1.08 -49.15
C LYS I 101 30.74 1.53 -47.70
N GLN I 102 31.01 2.82 -47.53
CA GLN I 102 30.99 3.38 -46.19
C GLN I 102 29.57 3.30 -45.62
N SER I 103 29.49 3.28 -44.30
CA SER I 103 28.20 3.07 -43.64
C SER I 103 27.49 4.40 -43.40
N ARG I 104 26.17 4.37 -43.52
CA ARG I 104 25.34 5.55 -43.38
C ARG I 104 24.87 5.72 -41.95
N VAL I 105 24.73 6.98 -41.52
CA VAL I 105 24.34 7.22 -40.14
C VAL I 105 22.88 6.87 -39.91
N LEU I 106 22.05 6.88 -40.94
CA LEU I 106 20.67 6.45 -40.77
C LEU I 106 20.56 4.97 -40.44
N GLU I 107 21.47 4.14 -40.95
CA GLU I 107 21.49 2.73 -40.56
C GLU I 107 21.85 2.53 -39.10
N ALA I 108 22.89 3.19 -38.61
CA ALA I 108 23.23 3.11 -37.20
C ALA I 108 22.08 3.62 -36.34
N LEU I 109 21.48 4.75 -36.73
CA LEU I 109 20.38 5.30 -35.95
C LEU I 109 19.19 4.35 -35.92
N THR I 110 18.86 3.73 -37.04
CA THR I 110 17.76 2.77 -37.06
C THR I 110 18.05 1.55 -36.20
N LEU I 111 19.25 0.98 -36.31
CA LEU I 111 19.59 -0.16 -35.48
C LEU I 111 19.49 0.18 -34.00
N LEU I 112 20.09 1.30 -33.60
CA LEU I 112 20.06 1.71 -32.21
C LEU I 112 18.63 1.89 -31.71
N LYS I 113 17.80 2.60 -32.48
CA LYS I 113 16.46 2.88 -32.00
C LYS I 113 15.60 1.62 -31.97
N ARG I 114 15.79 0.70 -32.92
CA ARG I 114 15.07 -0.56 -32.83
C ARG I 114 15.43 -1.31 -31.57
N HIS I 115 16.73 -1.50 -31.32
CA HIS I 115 17.15 -2.24 -30.14
C HIS I 115 16.63 -1.59 -28.87
N LEU I 116 16.72 -0.26 -28.79
CA LEU I 116 16.31 0.42 -27.56
C LEU I 116 14.82 0.32 -27.34
N TYR I 117 14.02 0.46 -28.40
CA TYR I 117 12.57 0.40 -28.21
C TYR I 117 12.10 -1.01 -27.92
N ARG I 118 12.85 -2.02 -28.36
CA ARG I 118 12.45 -3.38 -28.07
C ARG I 118 12.46 -3.71 -26.58
N TYR I 119 13.17 -2.93 -25.77
CA TYR I 119 13.34 -3.23 -24.35
C TYR I 119 12.58 -2.26 -23.44
N GLN I 120 11.77 -1.38 -24.01
CA GLN I 120 10.93 -0.47 -23.24
C GLN I 120 11.71 0.39 -22.27
N GLY I 121 12.91 0.82 -22.67
CA GLY I 121 13.67 1.74 -21.87
C GLY I 121 14.43 1.15 -20.72
N HIS I 122 14.34 -0.18 -20.50
CA HIS I 122 15.18 -0.81 -19.50
C HIS I 122 16.65 -0.71 -19.87
N VAL I 123 16.95 -0.60 -21.16
CA VAL I 123 18.31 -0.37 -21.61
C VAL I 123 18.53 1.14 -21.59
N SER I 124 18.85 1.67 -20.41
CA SER I 124 18.81 3.12 -20.22
C SER I 124 20.09 3.79 -20.69
N ALA I 125 20.18 4.07 -21.99
CA ALA I 125 21.34 4.73 -22.56
C ALA I 125 20.86 5.82 -23.52
N ALA I 126 21.04 7.07 -23.13
CA ALA I 126 20.71 8.20 -23.99
C ALA I 126 21.92 8.51 -24.85
N LEU I 127 21.75 8.39 -26.17
CA LEU I 127 22.89 8.43 -27.07
C LEU I 127 22.84 9.66 -27.97
N VAL I 128 24.03 10.14 -28.32
CA VAL I 128 24.17 11.22 -29.30
C VAL I 128 25.03 10.68 -30.43
N LEU I 129 24.40 10.45 -31.58
CA LEU I 129 25.02 9.74 -32.69
C LEU I 129 25.28 10.73 -33.81
N GLY I 130 26.54 10.88 -34.20
CA GLY I 130 26.86 11.87 -35.20
C GLY I 130 27.90 11.41 -36.19
N GLY I 131 27.65 11.67 -37.47
CA GLY I 131 28.56 11.24 -38.51
C GLY I 131 28.47 12.15 -39.73
N VAL I 132 29.22 11.78 -40.76
CA VAL I 132 29.25 12.50 -42.02
C VAL I 132 29.00 11.52 -43.14
N ASP I 133 28.13 11.88 -44.07
CA ASP I 133 27.78 11.01 -45.19
C ASP I 133 27.98 11.70 -46.52
N VAL I 134 27.50 11.08 -47.60
CA VAL I 134 27.39 11.79 -48.86
C VAL I 134 26.28 12.83 -48.80
N GLU I 135 25.39 12.74 -47.83
CA GLU I 135 24.30 13.69 -47.65
C GLU I 135 24.67 14.83 -46.73
N GLY I 136 25.94 14.99 -46.40
CA GLY I 136 26.36 16.01 -45.46
C GLY I 136 26.35 15.48 -44.04
N PRO I 137 26.65 16.33 -43.07
CA PRO I 137 26.69 15.88 -41.69
C PRO I 137 25.32 15.40 -41.21
N PHE I 138 25.32 14.72 -40.08
CA PHE I 138 24.11 14.13 -39.52
C PHE I 138 24.34 14.01 -38.02
N LEU I 139 23.44 14.55 -37.22
CA LEU I 139 23.57 14.52 -35.78
C LEU I 139 22.21 14.29 -35.15
N ALA I 140 22.03 13.13 -34.52
CA ALA I 140 20.75 12.76 -33.95
C ALA I 140 20.94 12.33 -32.51
N THR I 141 19.84 12.24 -31.79
CA THR I 141 19.84 11.87 -30.39
C THR I 141 18.75 10.84 -30.12
N ILE I 142 19.11 9.80 -29.37
CA ILE I 142 18.18 8.74 -29.03
C ILE I 142 17.93 8.80 -27.53
N ALA I 143 16.68 9.01 -27.15
CA ALA I 143 16.26 8.88 -25.78
C ALA I 143 16.27 7.41 -25.38
N PRO I 144 16.30 7.11 -24.08
CA PRO I 144 16.36 5.70 -23.67
C PRO I 144 15.13 4.91 -24.07
N HIS I 145 14.01 5.56 -24.38
CA HIS I 145 12.80 4.87 -24.79
C HIS I 145 12.78 4.49 -26.27
N GLY I 146 13.63 5.10 -27.09
CA GLY I 146 13.71 4.79 -28.50
C GLY I 146 13.42 5.95 -29.42
N SER I 147 12.96 7.08 -28.92
CA SER I 147 12.62 8.21 -29.78
C SER I 147 13.87 8.93 -30.25
N THR I 148 13.85 9.37 -31.51
CA THR I 148 14.97 10.04 -32.12
C THR I 148 14.57 11.43 -32.60
N ASP I 149 15.54 12.34 -32.58
CA ASP I 149 15.38 13.69 -33.11
C ASP I 149 16.63 14.04 -33.90
N ARG I 150 16.47 14.66 -35.05
CA ARG I 150 17.59 15.16 -35.83
C ARG I 150 17.60 16.68 -35.73
N LEU I 151 18.64 17.23 -35.14
CA LEU I 151 18.72 18.65 -34.82
C LEU I 151 20.06 19.23 -35.25
N PRO I 152 20.17 20.55 -35.31
CA PRO I 152 21.48 21.15 -35.51
C PRO I 152 22.41 20.95 -34.33
N PHE I 153 21.91 20.99 -33.11
CA PHE I 153 22.73 20.72 -31.94
C PHE I 153 21.89 19.96 -30.93
N VAL I 154 22.52 19.03 -30.22
CA VAL I 154 21.83 18.23 -29.22
C VAL I 154 22.69 18.09 -27.99
N THR I 155 22.05 17.92 -26.85
CA THR I 155 22.75 17.70 -25.58
C THR I 155 21.98 16.68 -24.77
N MET I 156 22.70 15.75 -24.17
CA MET I 156 22.10 14.75 -23.31
C MET I 156 22.93 14.60 -22.04
N GLY I 157 22.30 14.03 -21.03
CA GLY I 157 22.92 13.78 -19.76
C GLY I 157 22.25 14.56 -18.65
N SER I 158 22.88 14.51 -17.48
CA SER I 158 22.41 15.27 -16.33
C SER I 158 22.59 16.76 -16.49
N GLY I 159 23.76 17.20 -16.94
CA GLY I 159 24.00 18.59 -17.25
C GLY I 159 23.66 18.89 -18.68
N SER I 160 22.55 18.36 -19.16
CA SER I 160 22.07 18.68 -20.49
C SER I 160 21.26 19.96 -20.51
N ILE I 161 20.73 20.38 -19.38
CA ILE I 161 19.99 21.63 -19.32
C ILE I 161 20.94 22.82 -19.16
N ALA I 162 22.03 22.65 -18.43
CA ALA I 162 22.97 23.74 -18.26
C ALA I 162 23.89 23.90 -19.46
N ALA I 163 24.07 22.86 -20.26
CA ALA I 163 24.89 22.98 -21.45
C ALA I 163 24.09 23.51 -22.62
N MET I 164 22.85 23.05 -22.79
CA MET I 164 22.00 23.56 -23.85
C MET I 164 21.82 25.06 -23.71
N ALA I 165 21.69 25.54 -22.47
CA ALA I 165 21.56 26.97 -22.24
C ALA I 165 22.66 27.75 -22.94
N GLN I 166 23.85 27.17 -23.06
CA GLN I 166 24.91 27.87 -23.75
C GLN I 166 24.73 27.82 -25.26
N LEU I 167 24.40 26.65 -25.80
CA LEU I 167 24.30 26.51 -27.25
C LEU I 167 23.22 27.41 -27.82
N GLU I 168 22.09 27.52 -27.11
CA GLU I 168 21.03 28.42 -27.57
C GLU I 168 21.52 29.85 -27.63
N ALA I 169 22.43 30.22 -26.73
CA ALA I 169 22.90 31.59 -26.64
C ALA I 169 24.04 31.90 -27.58
N ALA I 170 24.64 30.90 -28.22
CA ALA I 170 25.85 31.15 -29.00
C ALA I 170 25.92 30.41 -30.32
N TYR I 171 24.90 29.66 -30.71
CA TYR I 171 24.97 28.92 -31.96
C TYR I 171 24.52 29.79 -33.12
N LYS I 172 25.46 30.08 -34.02
CA LYS I 172 25.13 30.71 -35.29
C LYS I 172 25.38 29.69 -36.39
N ASP I 173 24.76 29.91 -37.54
CA ASP I 173 24.81 28.91 -38.60
C ASP I 173 26.13 29.00 -39.34
N ASN I 174 26.59 27.84 -39.83
CA ASN I 174 27.78 27.74 -40.66
C ASN I 174 29.02 28.25 -39.92
N MET I 175 29.24 27.68 -38.73
CA MET I 175 30.44 28.03 -37.99
C MET I 175 31.63 27.26 -38.52
N THR I 176 32.81 27.86 -38.37
CA THR I 176 34.05 27.21 -38.75
C THR I 176 34.44 26.20 -37.66
N CYS I 177 35.41 25.35 -37.97
CA CYS I 177 35.80 24.31 -37.02
C CYS I 177 36.28 24.91 -35.71
N GLU I 178 37.10 25.96 -35.77
CA GLU I 178 37.59 26.57 -34.54
C GLU I 178 36.43 27.11 -33.70
N GLU I 179 35.43 27.70 -34.34
CA GLU I 179 34.29 28.22 -33.60
C GLU I 179 33.45 27.10 -33.01
N ALA I 180 33.27 26.01 -33.75
CA ALA I 180 32.53 24.89 -33.20
C ALA I 180 33.26 24.28 -32.01
N LYS I 181 34.59 24.23 -32.05
CA LYS I 181 35.31 23.65 -30.92
C LYS I 181 35.29 24.57 -29.70
N GLU I 182 35.48 25.87 -29.90
CA GLU I 182 35.27 26.80 -28.80
C GLU I 182 33.88 26.67 -28.21
N LEU I 183 32.86 26.53 -29.06
CA LEU I 183 31.48 26.47 -28.57
C LEU I 183 31.22 25.18 -27.81
N VAL I 184 31.79 24.07 -28.28
CA VAL I 184 31.57 22.81 -27.56
C VAL I 184 32.33 22.81 -26.25
N ALA I 185 33.56 23.32 -26.24
CA ALA I 185 34.29 23.42 -24.98
C ALA I 185 33.55 24.30 -23.98
N SER I 186 33.01 25.44 -24.43
CA SER I 186 32.27 26.31 -23.52
C SER I 186 30.99 25.65 -23.04
N ALA I 187 30.28 24.95 -23.92
CA ALA I 187 29.05 24.29 -23.51
C ALA I 187 29.31 23.14 -22.55
N ILE I 188 30.48 22.53 -22.61
CA ILE I 188 30.82 21.50 -21.62
C ILE I 188 31.23 22.13 -20.30
N ARG I 189 32.04 23.19 -20.34
CA ARG I 189 32.46 23.82 -19.10
C ARG I 189 31.30 24.40 -18.32
N LYS I 190 30.10 24.41 -18.91
CA LYS I 190 28.93 24.85 -18.15
C LYS I 190 28.35 23.69 -17.34
N GLY I 191 28.50 22.48 -17.82
CA GLY I 191 28.04 21.32 -17.07
C GLY I 191 29.09 20.87 -16.10
N ILE I 192 30.35 21.15 -16.42
CA ILE I 192 31.45 20.77 -15.55
C ILE I 192 31.35 21.49 -14.21
N PHE I 193 31.07 22.79 -14.25
CA PHE I 193 31.11 23.60 -13.05
C PHE I 193 29.78 23.65 -12.33
N ASN I 194 28.67 23.47 -13.04
CA ASN I 194 27.35 23.61 -12.44
C ASN I 194 26.62 22.29 -12.28
N ASP I 195 27.24 21.18 -12.59
CA ASP I 195 26.62 19.90 -12.31
C ASP I 195 27.55 19.04 -11.48
N PRO I 196 27.02 18.33 -10.48
CA PRO I 196 27.88 17.47 -9.66
C PRO I 196 28.30 16.19 -10.36
N TYR I 197 27.49 15.66 -11.27
CA TYR I 197 27.79 14.37 -11.89
C TYR I 197 28.58 14.49 -13.18
N SER I 198 29.34 15.56 -13.35
CA SER I 198 30.14 15.79 -14.55
C SER I 198 31.39 16.58 -14.22
N GLY I 199 32.43 16.39 -15.03
CA GLY I 199 33.52 17.34 -14.98
C GLY I 199 34.88 16.70 -15.17
N THR I 200 35.90 17.47 -14.77
CA THR I 200 37.32 17.15 -14.74
C THR I 200 38.03 17.18 -16.08
N GLN I 201 37.32 17.29 -17.20
CA GLN I 201 37.93 17.34 -18.53
C GLN I 201 36.88 17.57 -19.60
N VAL I 202 37.35 17.76 -20.83
CA VAL I 202 36.52 17.98 -22.00
C VAL I 202 37.06 17.14 -23.14
N ASP I 203 36.30 16.16 -23.59
CA ASP I 203 36.62 15.38 -24.77
C ASP I 203 35.94 15.99 -25.98
N VAL I 204 36.70 16.27 -27.02
CA VAL I 204 36.17 16.90 -28.22
C VAL I 204 36.68 16.15 -29.44
N CYS I 205 35.76 15.52 -30.17
CA CYS I 205 36.10 14.86 -31.42
C CYS I 205 35.45 15.62 -32.58
N VAL I 206 36.20 15.80 -33.65
CA VAL I 206 35.73 16.50 -34.85
C VAL I 206 35.67 15.49 -35.98
N ILE I 207 34.52 15.39 -36.64
CA ILE I 207 34.36 14.50 -37.77
C ILE I 207 34.15 15.36 -39.00
N THR I 208 34.88 15.05 -40.06
CA THR I 208 34.77 15.66 -41.37
C THR I 208 34.36 14.58 -42.37
N LYS I 209 34.42 14.90 -43.65
CA LYS I 209 34.13 13.89 -44.66
C LYS I 209 35.25 12.88 -44.77
N ASP I 210 36.50 13.34 -44.76
CA ASP I 210 37.63 12.43 -44.86
C ASP I 210 38.01 11.90 -43.48
N LYS I 211 38.44 12.81 -42.60
CA LYS I 211 39.14 12.43 -41.39
C LYS I 211 38.20 12.39 -40.19
N THR I 212 38.77 12.02 -39.05
CA THR I 212 38.07 12.10 -37.77
C THR I 212 39.13 12.16 -36.68
N GLU I 213 39.35 13.35 -36.12
CA GLU I 213 40.41 13.57 -35.15
C GLU I 213 39.80 13.73 -33.77
N LEU I 214 40.26 12.90 -32.83
CA LEU I 214 39.71 12.84 -31.48
C LEU I 214 40.76 13.33 -30.48
N THR I 215 40.65 14.59 -30.07
CA THR I 215 41.52 15.15 -29.05
C THR I 215 40.93 14.89 -27.68
N ILE I 216 41.72 14.31 -26.78
CA ILE I 216 41.18 13.87 -25.49
C ILE I 216 41.16 15.01 -24.48
N GLY I 217 42.28 15.70 -24.32
CA GLY I 217 42.39 16.70 -23.27
C GLY I 217 42.23 18.11 -23.79
N TYR I 218 41.24 18.33 -24.65
CA TYR I 218 41.10 19.62 -25.33
C TYR I 218 41.13 20.78 -24.35
N ASP I 219 40.51 20.60 -23.18
CA ASP I 219 40.56 21.59 -22.12
C ASP I 219 40.46 20.89 -20.79
N LYS I 220 41.34 21.24 -19.86
CA LYS I 220 41.35 20.71 -18.51
C LYS I 220 41.32 21.90 -17.54
N PRO I 221 40.14 22.42 -17.23
CA PRO I 221 40.06 23.60 -16.38
C PRO I 221 40.48 23.33 -14.93
N ASN I 222 39.93 22.29 -14.33
CA ASN I 222 40.21 21.99 -12.94
C ASN I 222 41.62 21.42 -12.83
N GLU I 223 42.60 22.29 -12.63
CA GLU I 223 43.99 21.86 -12.64
C GLU I 223 44.43 21.33 -11.28
N ARG I 224 45.59 20.67 -11.26
CA ARG I 224 46.04 19.85 -10.15
C ARG I 224 46.68 20.74 -9.09
N MET I 225 45.86 21.19 -8.14
CA MET I 225 46.28 22.16 -7.15
C MET I 225 46.63 21.47 -5.84
N TYR I 226 47.35 22.20 -4.97
CA TYR I 226 47.82 21.71 -3.67
C TYR I 226 48.54 20.38 -3.82
N PRO I 227 49.79 20.39 -4.29
CA PRO I 227 50.48 19.14 -4.62
C PRO I 227 50.53 18.17 -3.44
N ARG I 228 50.65 16.89 -3.78
CA ARG I 228 50.68 15.81 -2.80
C ARG I 228 51.86 15.97 -1.85
N GLN I 229 51.75 15.39 -0.65
CA GLN I 229 52.83 15.46 0.33
C GLN I 229 53.65 14.18 0.41
N GLU I 230 53.21 13.12 -0.25
CA GLU I 230 53.91 11.82 -0.33
C GLU I 230 54.41 11.38 1.06
N VAL I 231 53.43 11.07 1.91
CA VAL I 231 53.73 10.51 3.23
C VAL I 231 54.66 9.32 3.06
N LEU I 232 55.71 9.27 3.88
CA LEU I 232 56.77 8.30 3.74
C LEU I 232 56.63 7.20 4.79
N LEU I 233 56.64 5.95 4.32
CA LEU I 233 56.52 4.77 5.17
C LEU I 233 57.64 3.80 4.80
N PRO I 234 58.74 3.77 5.56
CA PRO I 234 59.91 2.96 5.14
C PRO I 234 59.60 1.47 5.20
N PRO I 235 59.66 0.78 4.05
CA PRO I 235 59.12 -0.58 3.95
C PRO I 235 59.41 -1.53 5.10
N GLY I 236 58.33 -2.05 5.69
CA GLY I 236 58.41 -2.98 6.80
C GLY I 236 57.48 -2.61 7.94
N THR I 237 56.92 -1.40 7.91
CA THR I 237 56.11 -0.92 9.02
C THR I 237 54.81 -1.69 9.20
N THR I 238 54.34 -2.36 8.15
CA THR I 238 53.12 -3.14 8.21
C THR I 238 53.48 -4.59 8.50
N PRO I 239 53.24 -5.11 9.70
CA PRO I 239 53.73 -6.44 10.06
C PRO I 239 53.14 -7.53 9.17
N VAL I 240 53.93 -8.54 8.89
CA VAL I 240 53.55 -9.67 8.05
C VAL I 240 53.75 -10.95 8.84
N LEU I 241 52.80 -11.89 8.71
CA LEU I 241 52.90 -13.14 9.42
C LEU I 241 53.73 -14.19 8.67
N LYS I 242 53.35 -14.50 7.43
CA LYS I 242 54.06 -15.54 6.69
C LYS I 242 53.89 -15.28 5.21
N GLU I 243 54.97 -15.51 4.46
CA GLU I 243 55.03 -15.10 3.07
C GLU I 243 55.58 -16.24 2.22
N GLU I 244 54.92 -16.46 1.08
CA GLU I 244 55.39 -17.39 0.08
C GLU I 244 55.62 -16.62 -1.22
N ILE I 245 56.88 -16.49 -1.61
CA ILE I 245 57.26 -15.86 -2.86
C ILE I 245 57.35 -16.94 -3.93
N ARG I 246 56.88 -16.63 -5.14
CA ARG I 246 56.90 -17.59 -6.23
C ARG I 246 57.60 -16.98 -7.45
N GLN I 247 58.78 -17.50 -7.75
CA GLN I 247 59.51 -17.09 -8.94
C GLN I 247 58.92 -17.76 -10.18
N LEU I 248 59.12 -17.14 -11.34
CA LEU I 248 58.42 -17.58 -12.54
C LEU I 248 59.36 -17.97 -13.67
N SER J 2 21.55 -3.97 2.42
CA SER J 2 20.87 -4.46 1.24
C SER J 2 21.20 -5.92 0.97
N ILE J 3 21.63 -6.23 -0.25
CA ILE J 3 22.05 -7.57 -0.60
C ILE J 3 23.53 -7.65 -0.93
N MET J 4 24.14 -6.56 -1.39
CA MET J 4 25.55 -6.54 -1.69
C MET J 4 26.43 -6.45 -0.46
N ALA J 5 25.91 -5.94 0.65
CA ALA J 5 26.66 -5.86 1.91
C ALA J 5 26.33 -7.02 2.84
N TYR J 6 25.74 -8.07 2.32
CA TYR J 6 25.38 -9.21 3.15
C TYR J 6 26.63 -9.89 3.71
N SER J 7 27.54 -10.32 2.85
CA SER J 7 28.69 -11.12 3.27
C SER J 7 29.91 -10.30 3.63
N GLY J 8 29.84 -8.97 3.53
CA GLY J 8 31.00 -8.17 3.87
C GLY J 8 32.09 -8.33 2.85
N GLY J 9 33.31 -7.92 3.19
CA GLY J 9 34.44 -8.12 2.30
C GLY J 9 34.85 -6.87 1.58
N SER J 10 36.15 -6.72 1.32
CA SER J 10 36.65 -5.59 0.56
C SER J 10 37.98 -5.95 -0.08
N VAL J 11 38.14 -5.50 -1.32
CA VAL J 11 39.32 -5.77 -2.14
C VAL J 11 39.81 -4.45 -2.69
N MET J 12 41.13 -4.36 -2.90
CA MET J 12 41.71 -3.11 -3.38
C MET J 12 43.01 -3.41 -4.10
N ALA J 13 43.16 -2.80 -5.27
CA ALA J 13 44.33 -3.02 -6.11
C ALA J 13 45.01 -1.69 -6.38
N MET J 14 46.34 -1.71 -6.37
CA MET J 14 47.16 -0.54 -6.61
C MET J 14 48.24 -0.89 -7.61
N ALA J 15 48.57 0.07 -8.47
CA ALA J 15 49.55 -0.12 -9.51
C ALA J 15 50.85 0.57 -9.14
N GLY J 16 51.95 -0.16 -9.28
CA GLY J 16 53.26 0.43 -9.03
C GLY J 16 53.94 0.82 -10.33
N LYS J 17 55.25 0.69 -10.41
CA LYS J 17 55.87 1.00 -11.68
C LYS J 17 55.79 -0.21 -12.61
N GLU J 18 56.60 -1.23 -12.35
CA GLU J 18 56.48 -2.52 -13.03
C GLU J 18 55.89 -3.59 -12.13
N CYS J 19 54.72 -3.36 -11.54
CA CYS J 19 54.17 -4.28 -10.56
C CYS J 19 52.82 -3.77 -10.11
N PHE J 20 52.14 -4.58 -9.30
CA PHE J 20 50.93 -4.12 -8.66
C PHE J 20 50.60 -5.03 -7.49
N VAL J 21 49.85 -4.50 -6.53
CA VAL J 21 49.48 -5.23 -5.33
C VAL J 21 47.97 -5.26 -5.22
N ILE J 22 47.43 -6.44 -4.97
CA ILE J 22 46.00 -6.60 -4.74
C ILE J 22 45.80 -7.23 -3.38
N ILE J 23 44.96 -6.61 -2.56
CA ILE J 23 44.83 -7.00 -1.16
C ILE J 23 43.35 -7.11 -0.83
N SER J 24 43.02 -8.08 0.02
CA SER J 24 41.64 -8.30 0.40
C SER J 24 41.55 -8.55 1.89
N ASP J 25 40.36 -8.37 2.44
CA ASP J 25 40.16 -8.68 3.85
C ASP J 25 39.94 -10.18 4.03
N ASN J 26 39.49 -10.61 5.21
CA ASN J 26 39.36 -12.02 5.52
C ASN J 26 37.98 -12.43 6.01
N ARG J 27 37.11 -11.49 6.34
CA ARG J 27 35.91 -11.79 7.08
C ARG J 27 34.83 -12.37 6.18
N LEU J 28 34.15 -13.40 6.65
CA LEU J 28 32.94 -13.92 6.04
C LEU J 28 31.88 -14.05 7.11
N GLY J 29 30.76 -13.35 6.94
CA GLY J 29 29.71 -13.39 7.93
C GLY J 29 28.35 -13.43 7.29
N GLU J 30 27.32 -13.28 8.11
CA GLU J 30 25.95 -13.17 7.64
C GLU J 30 25.40 -11.88 8.22
N GLN J 31 25.75 -10.79 7.58
CA GLN J 31 25.16 -9.47 7.75
C GLN J 31 25.45 -8.83 9.10
N LEU J 32 25.82 -9.61 10.11
CA LEU J 32 26.48 -9.08 11.30
C LEU J 32 27.46 -10.05 11.93
N LYS J 33 27.25 -11.35 11.74
CA LYS J 33 27.86 -12.36 12.58
C LYS J 33 28.89 -13.16 11.80
N THR J 34 30.14 -13.07 12.23
CA THR J 34 31.24 -13.70 11.52
C THR J 34 31.02 -15.21 11.45
N ILE J 35 30.82 -15.71 10.24
CA ILE J 35 30.79 -17.15 10.02
C ILE J 35 32.18 -17.74 10.12
N SER J 36 33.13 -17.14 9.41
CA SER J 36 34.52 -17.55 9.48
C SER J 36 35.41 -16.34 9.30
N THR J 37 36.63 -16.45 9.82
CA THR J 37 37.58 -15.37 9.81
C THR J 37 38.81 -15.64 8.96
N GLU J 38 38.80 -16.66 8.12
CA GLU J 38 39.99 -17.04 7.37
C GLU J 38 39.63 -17.35 5.91
N VAL J 39 38.88 -16.47 5.28
CA VAL J 39 38.60 -16.63 3.86
C VAL J 39 39.09 -15.42 3.08
N PRO J 40 40.14 -15.56 2.28
CA PRO J 40 40.54 -14.48 1.37
C PRO J 40 39.62 -14.40 0.17
N LYS J 41 39.78 -13.33 -0.60
CA LYS J 41 38.92 -13.03 -1.73
C LYS J 41 39.64 -13.15 -3.06
N LEU J 42 40.90 -13.57 -3.04
CA LEU J 42 41.75 -13.50 -4.22
C LEU J 42 41.75 -14.82 -4.97
N HIS J 43 41.85 -14.71 -6.30
CA HIS J 43 41.95 -15.86 -7.17
C HIS J 43 43.01 -15.55 -8.21
N VAL J 44 43.95 -16.47 -8.40
CA VAL J 44 45.01 -16.29 -9.37
C VAL J 44 44.72 -17.17 -10.57
N VAL J 45 44.73 -16.60 -11.77
CA VAL J 45 44.46 -17.40 -12.96
C VAL J 45 45.75 -17.78 -13.68
N ASN J 46 46.74 -16.88 -13.74
CA ASN J 46 48.06 -17.26 -14.21
C ASN J 46 49.08 -16.28 -13.63
N ASP J 47 50.33 -16.42 -14.04
CA ASP J 47 51.44 -15.71 -13.41
C ASP J 47 51.44 -14.21 -13.65
N SER J 48 50.42 -13.68 -14.32
CA SER J 48 50.34 -12.25 -14.57
C SER J 48 48.97 -11.64 -14.32
N ILE J 49 47.94 -12.43 -14.07
CA ILE J 49 46.62 -11.92 -13.74
C ILE J 49 46.27 -12.39 -12.33
N VAL J 50 45.48 -11.59 -11.64
CA VAL J 50 44.86 -12.01 -10.39
C VAL J 50 43.65 -11.11 -10.16
N TYR J 51 42.52 -11.72 -9.82
CA TYR J 51 41.31 -10.95 -9.60
C TYR J 51 40.67 -11.37 -8.29
N GLY J 52 39.86 -10.49 -7.75
CA GLY J 52 39.16 -10.73 -6.51
C GLY J 52 37.73 -10.29 -6.62
N LEU J 53 36.81 -11.14 -6.18
CA LEU J 53 35.39 -10.87 -6.29
C LEU J 53 34.88 -10.28 -4.99
N THR J 54 33.69 -9.70 -5.04
CA THR J 54 33.08 -9.15 -3.85
C THR J 54 31.59 -8.97 -4.08
N GLY J 55 30.80 -9.32 -3.09
CA GLY J 55 29.36 -9.22 -3.14
C GLY J 55 28.75 -10.27 -2.25
N LEU J 56 27.62 -10.81 -2.69
CA LEU J 56 27.08 -11.98 -2.05
C LEU J 56 28.09 -13.12 -2.18
N ARG J 57 28.17 -13.97 -1.15
CA ARG J 57 29.22 -14.99 -1.16
C ARG J 57 28.86 -16.15 -2.07
N THR J 58 27.59 -16.54 -2.13
CA THR J 58 27.20 -17.60 -3.04
C THR J 58 27.43 -17.19 -4.49
N ASP J 59 27.20 -15.92 -4.81
CA ASP J 59 27.46 -15.46 -6.16
C ASP J 59 28.94 -15.25 -6.41
N GLN J 60 29.71 -14.87 -5.40
CA GLN J 60 31.16 -14.93 -5.53
C GLN J 60 31.64 -16.31 -5.95
N GLN J 61 31.17 -17.35 -5.26
CA GLN J 61 31.64 -18.70 -5.60
C GLN J 61 31.14 -19.16 -6.95
N THR J 62 29.86 -18.91 -7.27
CA THR J 62 29.34 -19.29 -8.57
C THR J 62 30.10 -18.61 -9.69
N PHE J 63 30.31 -17.30 -9.57
CA PHE J 63 31.03 -16.59 -10.60
C PHE J 63 32.48 -17.02 -10.69
N ALA J 64 33.12 -17.34 -9.57
CA ALA J 64 34.48 -17.83 -9.66
C ALA J 64 34.56 -19.17 -10.36
N ASN J 65 33.60 -20.06 -10.12
CA ASN J 65 33.56 -21.31 -10.87
C ASN J 65 33.37 -21.06 -12.35
N LYS J 66 32.46 -20.17 -12.72
CA LYS J 66 32.24 -19.89 -14.14
C LYS J 66 33.49 -19.31 -14.79
N VAL J 67 34.14 -18.37 -14.11
CA VAL J 67 35.35 -17.77 -14.65
C VAL J 67 36.46 -18.78 -14.79
N GLN J 68 36.59 -19.72 -13.84
CA GLN J 68 37.64 -20.73 -13.98
C GLN J 68 37.33 -21.70 -15.10
N PHE J 69 36.09 -22.18 -15.19
CA PHE J 69 35.64 -22.94 -16.36
C PHE J 69 36.06 -22.26 -17.65
N ARG J 70 35.74 -20.97 -17.77
CA ARG J 70 35.98 -20.26 -19.02
C ARG J 70 37.45 -20.03 -19.29
N THR J 71 38.24 -19.78 -18.25
CA THR J 71 39.67 -19.58 -18.46
C THR J 71 40.35 -20.87 -18.87
N GLU J 72 40.04 -21.98 -18.21
CA GLU J 72 40.62 -23.24 -18.62
C GLU J 72 40.17 -23.63 -20.02
N MET J 73 38.93 -23.33 -20.38
CA MET J 73 38.47 -23.58 -21.74
C MET J 73 39.23 -22.73 -22.73
N TYR J 74 39.54 -21.49 -22.39
CA TYR J 74 40.29 -20.62 -23.30
C TYR J 74 41.70 -21.15 -23.50
N LYS J 75 42.38 -21.51 -22.42
CA LYS J 75 43.75 -21.99 -22.57
C LYS J 75 43.82 -23.29 -23.36
N LEU J 76 42.73 -24.03 -23.45
CA LEU J 76 42.73 -25.27 -24.24
C LEU J 76 42.51 -24.97 -25.72
N ARG J 77 41.41 -24.29 -26.05
CA ARG J 77 41.13 -23.95 -27.43
C ARG J 77 42.26 -23.15 -28.04
N GLU J 78 42.61 -22.04 -27.40
CA GLU J 78 43.72 -21.21 -27.83
C GLU J 78 44.93 -21.57 -27.00
N GLU J 79 46.00 -22.03 -27.64
CA GLU J 79 47.14 -22.48 -26.88
C GLU J 79 47.94 -21.30 -26.36
N ARG J 80 47.41 -20.57 -25.37
CA ARG J 80 48.14 -19.46 -24.77
C ARG J 80 47.46 -18.93 -23.52
N ASP J 81 48.22 -18.22 -22.70
CA ASP J 81 47.69 -17.63 -21.48
C ASP J 81 46.82 -16.42 -21.82
N ILE J 82 45.59 -16.44 -21.29
CA ILE J 82 44.67 -15.34 -21.50
C ILE J 82 45.23 -14.07 -20.88
N THR J 83 45.32 -13.02 -21.67
CA THR J 83 45.89 -11.75 -21.22
C THR J 83 44.91 -11.03 -20.31
N GLY J 84 45.34 -9.87 -19.81
CA GLY J 84 44.50 -9.13 -18.87
C GLY J 84 43.27 -8.52 -19.51
N LYS J 85 43.47 -7.76 -20.59
CA LYS J 85 42.36 -7.04 -21.20
C LYS J 85 41.30 -8.00 -21.73
N ALA J 86 41.73 -9.08 -22.38
CA ALA J 86 40.78 -10.08 -22.83
C ALA J 86 40.02 -10.69 -21.67
N PHE J 87 40.67 -10.90 -20.54
CA PHE J 87 40.00 -11.45 -19.37
C PHE J 87 38.96 -10.47 -18.84
N ALA J 88 39.30 -9.20 -18.74
CA ALA J 88 38.35 -8.21 -18.24
C ALA J 88 37.15 -8.07 -19.17
N ALA J 89 37.39 -8.00 -20.48
CA ALA J 89 36.28 -7.94 -21.42
C ALA J 89 35.43 -9.20 -21.37
N MET J 90 36.06 -10.35 -21.16
CA MET J 90 35.31 -11.60 -21.06
C MET J 90 34.37 -11.58 -19.88
N ILE J 91 34.88 -11.21 -18.70
CA ILE J 91 33.98 -11.21 -17.54
C ILE J 91 32.97 -10.08 -17.62
N THR J 92 33.28 -9.00 -18.34
CA THR J 92 32.27 -7.97 -18.57
C THR J 92 31.11 -8.51 -19.40
N SER J 93 31.40 -9.23 -20.48
CA SER J 93 30.32 -9.84 -21.24
C SER J 93 29.56 -10.86 -20.40
N MET J 94 30.27 -11.67 -19.63
CA MET J 94 29.62 -12.63 -18.75
C MET J 94 28.65 -11.95 -17.80
N LEU J 95 29.04 -10.81 -17.25
CA LEU J 95 28.19 -10.12 -16.29
C LEU J 95 26.99 -9.49 -16.99
N TYR J 96 27.18 -8.94 -18.17
CA TYR J 96 26.07 -8.25 -18.83
C TYR J 96 25.09 -9.22 -19.44
N GLU J 97 25.50 -10.47 -19.68
CA GLU J 97 24.55 -11.46 -20.19
C GLU J 97 23.30 -11.52 -19.33
N ALA J 98 23.45 -11.92 -18.06
CA ALA J 98 22.36 -11.87 -17.11
C ALA J 98 22.25 -10.46 -16.55
N ARG J 99 21.61 -9.60 -17.35
CA ARG J 99 21.47 -8.20 -16.99
C ARG J 99 20.24 -7.91 -16.16
N PHE J 100 19.20 -8.72 -16.30
CA PHE J 100 18.01 -8.59 -15.46
C PHE J 100 17.88 -9.74 -14.46
N GLY J 101 18.81 -10.69 -14.47
CA GLY J 101 18.94 -11.68 -13.43
C GLY J 101 20.29 -11.54 -12.76
N PRO J 102 20.67 -10.32 -12.41
CA PRO J 102 22.08 -9.98 -12.30
C PRO J 102 22.80 -10.80 -11.24
N TRP J 103 24.07 -11.07 -11.51
CA TRP J 103 24.96 -11.53 -10.47
C TRP J 103 25.18 -10.41 -9.47
N PHE J 104 25.42 -10.78 -8.23
CA PHE J 104 25.69 -9.80 -7.17
C PHE J 104 27.16 -9.76 -6.83
N VAL J 105 28.03 -9.86 -7.82
CA VAL J 105 29.45 -9.71 -7.62
C VAL J 105 29.88 -8.36 -8.13
N GLU J 106 31.10 -7.98 -7.80
CA GLU J 106 31.71 -6.73 -8.27
C GLU J 106 33.21 -6.98 -8.40
N PRO J 107 33.65 -7.62 -9.47
CA PRO J 107 35.02 -8.10 -9.53
C PRO J 107 36.04 -6.98 -9.62
N VAL J 108 37.27 -7.33 -9.31
CA VAL J 108 38.40 -6.40 -9.29
C VAL J 108 39.58 -7.13 -9.90
N ILE J 109 39.97 -6.75 -11.10
CA ILE J 109 40.99 -7.46 -11.86
C ILE J 109 42.27 -6.64 -11.83
N GLY J 110 43.39 -7.31 -11.65
CA GLY J 110 44.69 -6.68 -11.85
C GLY J 110 45.55 -7.59 -12.69
N SER J 111 46.35 -6.99 -13.56
CA SER J 111 47.14 -7.79 -14.48
C SER J 111 48.37 -7.00 -14.91
N ILE J 112 49.34 -7.72 -15.47
CA ILE J 112 50.58 -7.11 -15.93
C ILE J 112 51.04 -7.86 -17.18
N ASP J 113 51.66 -7.14 -18.11
CA ASP J 113 52.25 -7.78 -19.27
C ASP J 113 53.62 -8.34 -18.90
N LYS J 114 53.82 -9.62 -19.23
CA LYS J 114 55.00 -10.33 -18.75
C LYS J 114 56.29 -9.67 -19.25
N SER J 115 56.42 -9.49 -20.56
CA SER J 115 57.62 -8.89 -21.13
C SER J 115 57.48 -7.40 -21.35
N THR J 116 56.27 -6.92 -21.65
CA THR J 116 56.11 -5.50 -21.96
C THR J 116 56.26 -4.64 -20.71
N GLY J 117 55.69 -5.09 -19.60
CA GLY J 117 55.77 -4.36 -18.35
C GLY J 117 54.62 -3.43 -18.05
N GLU J 118 53.52 -3.51 -18.79
CA GLU J 118 52.41 -2.61 -18.57
C GLU J 118 51.41 -3.21 -17.60
N VAL J 119 51.03 -2.42 -16.62
CA VAL J 119 50.06 -2.82 -15.60
C VAL J 119 48.68 -2.43 -16.09
N TYR J 120 47.66 -3.13 -15.61
CA TYR J 120 46.29 -2.94 -16.08
C TYR J 120 45.34 -3.31 -14.95
N LEU J 121 44.57 -2.34 -14.48
CA LEU J 121 43.59 -2.55 -13.43
C LEU J 121 42.20 -2.36 -13.99
N CYS J 122 41.22 -3.02 -13.37
CA CYS J 122 39.85 -2.87 -13.82
C CYS J 122 38.92 -3.24 -12.67
N ALA J 123 37.73 -2.65 -12.64
CA ALA J 123 36.77 -2.91 -11.59
C ALA J 123 35.37 -2.66 -12.11
N THR J 124 34.68 -3.72 -12.51
CA THR J 124 33.37 -3.57 -13.12
C THR J 124 32.31 -3.39 -12.04
N ASP J 125 31.17 -2.84 -12.45
CA ASP J 125 29.98 -2.78 -11.61
C ASP J 125 29.34 -4.15 -11.61
N LEU J 126 28.20 -4.31 -10.94
CA LEU J 126 27.56 -5.61 -10.94
C LEU J 126 26.80 -5.90 -12.22
N ILE J 127 26.60 -4.88 -13.07
CA ILE J 127 25.91 -5.07 -14.33
C ILE J 127 26.83 -4.90 -15.52
N GLY J 128 28.14 -4.87 -15.29
CA GLY J 128 29.11 -5.00 -16.36
C GLY J 128 29.84 -3.73 -16.75
N ALA J 129 29.54 -2.59 -16.14
CA ALA J 129 30.19 -1.34 -16.52
C ALA J 129 31.67 -1.35 -16.18
N PRO J 130 32.56 -1.41 -17.18
CA PRO J 130 34.00 -1.47 -16.88
C PRO J 130 34.58 -0.10 -16.64
N CYS J 131 35.57 -0.06 -15.73
CA CYS J 131 36.10 1.21 -15.24
C CYS J 131 37.59 1.01 -14.94
N GLU J 132 38.43 1.38 -15.90
CA GLU J 132 39.86 1.10 -15.81
C GLU J 132 40.64 2.37 -15.50
N PRO J 133 41.05 2.60 -14.27
CA PRO J 133 41.90 3.75 -13.97
C PRO J 133 43.37 3.41 -14.09
N GLU J 134 44.23 4.38 -13.78
CA GLU J 134 45.67 4.22 -13.91
C GLU J 134 46.38 4.11 -12.58
N ASP J 135 45.68 4.31 -11.47
CA ASP J 135 46.30 4.34 -10.15
C ASP J 135 45.85 3.18 -9.28
N TYR J 136 44.54 3.02 -9.05
CA TYR J 136 44.07 2.02 -8.11
C TYR J 136 42.57 1.84 -8.27
N VAL J 137 42.10 0.68 -7.85
CA VAL J 137 40.67 0.39 -7.79
C VAL J 137 40.37 -0.18 -6.42
N CYS J 138 39.10 -0.20 -6.06
CA CYS J 138 38.69 -0.75 -4.78
C CYS J 138 37.21 -1.07 -4.85
N ALA J 139 36.80 -2.13 -4.19
CA ALA J 139 35.40 -2.52 -4.13
C ALA J 139 35.09 -3.18 -2.79
N GLY J 140 33.83 -3.18 -2.45
CA GLY J 140 33.35 -3.84 -1.25
C GLY J 140 32.64 -2.89 -0.32
N THR J 141 32.44 -3.36 0.92
CA THR J 141 31.78 -2.55 1.92
C THR J 141 32.59 -1.32 2.29
N ALA J 142 33.92 -1.42 2.22
CA ALA J 142 34.82 -0.35 2.59
C ALA J 142 35.28 0.44 1.37
N ALA J 143 34.39 0.65 0.40
CA ALA J 143 34.78 1.33 -0.83
C ALA J 143 35.19 2.77 -0.56
N GLU J 144 34.31 3.55 0.07
CA GLU J 144 34.57 4.97 0.25
C GLU J 144 35.81 5.20 1.11
N SER J 145 35.95 4.44 2.20
CA SER J 145 37.10 4.62 3.07
C SER J 145 38.40 4.28 2.35
N LEU J 146 38.38 3.21 1.54
CA LEU J 146 39.56 2.85 0.78
C LEU J 146 39.91 3.93 -0.24
N HIS J 147 38.89 4.45 -0.94
CA HIS J 147 39.12 5.58 -1.85
C HIS J 147 39.80 6.72 -1.12
N GLY J 148 39.30 7.07 0.06
CA GLY J 148 39.87 8.19 0.79
C GLY J 148 41.31 7.96 1.18
N MET J 149 41.61 6.78 1.72
CA MET J 149 42.99 6.48 2.08
C MET J 149 43.91 6.47 0.87
N CYS J 150 43.45 5.91 -0.25
CA CYS J 150 44.33 5.74 -1.39
C CYS J 150 44.60 7.05 -2.10
N GLU J 151 43.56 7.86 -2.32
CA GLU J 151 43.74 9.14 -2.99
C GLU J 151 44.70 10.05 -2.23
N ALA J 152 45.01 9.72 -0.99
CA ALA J 152 45.97 10.48 -0.20
C ALA J 152 47.33 9.79 -0.09
N LEU J 153 47.36 8.46 -0.08
CA LEU J 153 48.61 7.73 0.13
C LEU J 153 49.35 7.37 -1.15
N TRP J 154 48.64 7.20 -2.26
CA TRP J 154 49.26 6.69 -3.48
C TRP J 154 49.91 7.81 -4.28
N ARG J 155 51.04 7.51 -4.91
CA ARG J 155 51.69 8.46 -5.78
C ARG J 155 52.27 7.72 -6.98
N PRO J 156 52.47 8.39 -8.13
CA PRO J 156 52.67 7.68 -9.40
C PRO J 156 53.64 6.51 -9.40
N GLY J 157 54.91 6.75 -9.06
CA GLY J 157 55.94 5.80 -9.42
C GLY J 157 56.44 4.89 -8.31
N MET J 158 55.52 4.35 -7.52
CA MET J 158 55.92 3.58 -6.34
C MET J 158 56.58 2.26 -6.75
N SER J 159 57.52 1.83 -5.92
CA SER J 159 58.23 0.57 -6.10
C SER J 159 57.51 -0.51 -5.31
N PRO J 160 57.84 -1.79 -5.54
CA PRO J 160 57.08 -2.86 -4.86
C PRO J 160 57.14 -2.81 -3.35
N GLU J 161 58.35 -2.81 -2.78
CA GLU J 161 58.47 -2.88 -1.33
C GLU J 161 57.88 -1.63 -0.67
N GLU J 162 57.73 -0.55 -1.44
CA GLU J 162 57.03 0.61 -0.91
C GLU J 162 55.53 0.57 -1.19
N LEU J 163 55.13 0.03 -2.34
CA LEU J 163 53.71 -0.06 -2.65
C LEU J 163 52.97 -0.97 -1.69
N PHE J 164 53.64 -2.04 -1.25
CA PHE J 164 53.02 -2.94 -0.29
C PHE J 164 52.69 -2.21 1.01
N GLU J 165 53.56 -1.28 1.41
CA GLU J 165 53.32 -0.50 2.62
C GLU J 165 52.03 0.30 2.53
N ILE J 166 51.90 1.08 1.46
CA ILE J 166 50.70 1.89 1.27
C ILE J 166 49.46 1.02 1.17
N ALA J 167 49.57 -0.11 0.47
CA ALA J 167 48.42 -0.99 0.33
C ALA J 167 47.97 -1.53 1.68
N ALA J 168 48.92 -2.03 2.48
CA ALA J 168 48.59 -2.57 3.79
C ALA J 168 47.97 -1.50 4.69
N GLN J 169 48.59 -0.32 4.72
CA GLN J 169 48.11 0.74 5.59
C GLN J 169 46.71 1.19 5.19
N ALA J 170 46.47 1.35 3.89
CA ALA J 170 45.14 1.73 3.44
C ALA J 170 44.10 0.69 3.82
N MET J 171 44.38 -0.59 3.57
CA MET J 171 43.37 -1.60 3.89
C MET J 171 43.10 -1.65 5.39
N LEU J 172 44.14 -1.57 6.21
CA LEU J 172 43.91 -1.63 7.66
C LEU J 172 43.11 -0.43 8.13
N SER J 173 43.56 0.78 7.80
CA SER J 173 42.87 1.97 8.28
C SER J 173 41.47 2.07 7.73
N ALA J 174 41.20 1.46 6.57
CA ALA J 174 39.86 1.51 6.01
C ALA J 174 38.93 0.47 6.60
N CYS J 175 39.43 -0.73 6.90
CA CYS J 175 38.62 -1.74 7.57
C CYS J 175 38.40 -1.46 9.03
N ASP J 176 39.24 -0.62 9.64
CA ASP J 176 39.03 -0.21 11.02
C ASP J 176 37.74 0.57 11.20
N ARG J 177 37.36 1.40 10.23
CA ARG J 177 36.14 2.18 10.30
C ARG J 177 34.94 1.47 9.67
N ASP J 178 35.00 0.15 9.53
CA ASP J 178 33.94 -0.62 8.90
C ASP J 178 33.63 -1.84 9.76
N SER J 179 32.34 -2.12 9.95
CA SER J 179 31.93 -3.21 10.80
C SER J 179 31.83 -4.54 10.07
N LEU J 180 31.81 -4.53 8.74
CA LEU J 180 31.66 -5.75 7.96
C LEU J 180 32.96 -6.19 7.28
N SER J 181 34.11 -5.74 7.78
CA SER J 181 35.40 -6.18 7.27
C SER J 181 36.38 -6.24 8.42
N GLY J 182 37.50 -6.91 8.19
CA GLY J 182 38.58 -6.90 9.15
C GLY J 182 39.21 -8.28 9.26
N TYR J 183 39.71 -8.55 10.46
CA TYR J 183 40.33 -9.83 10.78
C TYR J 183 41.57 -10.07 9.93
N GLY J 184 42.48 -9.10 9.94
CA GLY J 184 43.69 -9.24 9.16
C GLY J 184 43.42 -8.99 7.69
N ALA J 185 44.43 -9.30 6.87
CA ALA J 185 44.25 -9.15 5.44
C ALA J 185 45.23 -10.06 4.73
N VAL J 186 45.01 -10.26 3.44
CA VAL J 186 45.93 -11.03 2.61
C VAL J 186 46.24 -10.21 1.37
N ALA J 187 47.52 -10.06 1.07
CA ALA J 187 47.97 -9.22 -0.02
C ALA J 187 48.80 -10.06 -0.98
N MET J 188 48.73 -9.71 -2.24
CA MET J 188 49.53 -10.37 -3.27
C MET J 188 50.17 -9.28 -4.11
N ILE J 189 51.49 -9.20 -4.03
CA ILE J 189 52.25 -8.24 -4.80
C ILE J 189 52.90 -9.00 -5.95
N VAL J 190 52.49 -8.68 -7.17
CA VAL J 190 52.94 -9.41 -8.34
C VAL J 190 53.67 -8.46 -9.26
N THR J 191 54.81 -8.90 -9.77
CA THR J 191 55.68 -8.14 -10.63
C THR J 191 55.83 -8.89 -11.94
N LYS J 192 56.74 -8.41 -12.79
CA LYS J 192 57.03 -9.12 -14.03
C LYS J 192 57.68 -10.46 -13.78
N ASP J 193 58.55 -10.54 -12.76
CA ASP J 193 59.37 -11.72 -12.54
C ASP J 193 58.82 -12.66 -11.48
N LYS J 194 58.06 -12.18 -10.51
CA LYS J 194 57.67 -13.02 -9.39
C LYS J 194 56.35 -12.55 -8.81
N VAL J 195 55.70 -13.44 -8.08
CA VAL J 195 54.46 -13.15 -7.36
C VAL J 195 54.65 -13.53 -5.91
N THR J 196 54.26 -12.64 -5.00
CA THR J 196 54.49 -12.81 -3.58
C THR J 196 53.18 -12.69 -2.82
N THR J 197 52.97 -13.58 -1.86
CA THR J 197 51.79 -13.54 -1.00
C THR J 197 52.21 -13.20 0.41
N ARG J 198 51.44 -12.35 1.07
CA ARG J 198 51.79 -11.89 2.41
C ARG J 198 50.52 -11.77 3.23
N LEU J 199 50.51 -12.38 4.41
CA LEU J 199 49.39 -12.18 5.32
C LEU J 199 49.73 -11.04 6.28
N ILE J 200 48.77 -10.15 6.48
CA ILE J 200 48.99 -8.89 7.18
C ILE J 200 48.18 -8.91 8.46
N LYS J 201 48.88 -8.73 9.59
CA LYS J 201 48.24 -8.74 10.89
C LYS J 201 47.31 -7.56 11.06
N GLY J 202 46.04 -7.85 11.26
CA GLY J 202 45.06 -6.81 11.51
C GLY J 202 44.40 -6.98 12.86
N ARG J 203 43.51 -6.06 13.22
CA ARG J 203 42.80 -6.19 14.47
C ARG J 203 41.89 -7.40 14.43
N LYS J 204 41.84 -8.13 15.54
CA LYS J 204 40.93 -9.25 15.70
C LYS J 204 39.55 -8.81 16.14
N ASP J 205 39.18 -7.58 15.83
CA ASP J 205 37.97 -6.95 16.32
C ASP J 205 36.75 -7.57 15.67
N MET K 1 15.32 -22.45 11.48
CA MET K 1 15.91 -21.53 12.44
C MET K 1 15.63 -21.96 13.88
N ALA K 2 14.54 -22.68 14.08
CA ALA K 2 14.24 -23.18 15.42
C ALA K 2 15.19 -24.30 15.82
N GLU K 3 15.40 -25.26 14.94
CA GLU K 3 16.17 -26.46 15.23
C GLU K 3 17.64 -26.18 14.96
N THR K 4 18.47 -26.39 15.99
CA THR K 4 19.88 -26.07 15.93
C THR K 4 20.68 -27.31 15.56
N ALA K 5 21.67 -27.13 14.71
CA ALA K 5 22.60 -28.18 14.36
C ALA K 5 23.99 -27.76 14.79
N ILE K 6 24.58 -28.51 15.71
CA ILE K 6 25.93 -28.25 16.18
C ILE K 6 26.85 -29.23 15.51
N ALA K 7 28.05 -28.78 15.17
CA ALA K 7 29.00 -29.73 14.58
C ALA K 7 30.39 -29.21 14.82
N PHE K 8 31.28 -30.09 15.25
CA PHE K 8 32.65 -29.65 15.41
C PHE K 8 33.61 -30.79 15.08
N ARG K 9 34.73 -30.41 14.47
CA ARG K 9 35.77 -31.33 14.07
C ARG K 9 36.86 -31.39 15.12
N CYS K 10 37.34 -32.59 15.39
CA CYS K 10 38.52 -32.81 16.22
C CYS K 10 39.56 -33.52 15.38
N LYS K 11 40.62 -34.01 16.01
CA LYS K 11 41.70 -34.63 15.24
C LYS K 11 41.22 -35.85 14.46
N ASP K 12 40.53 -36.77 15.12
CA ASP K 12 40.25 -38.05 14.49
C ASP K 12 38.76 -38.37 14.50
N TYR K 13 37.93 -37.32 14.47
CA TYR K 13 36.49 -37.52 14.34
C TYR K 13 35.83 -36.17 14.11
N VAL K 14 34.63 -36.23 13.55
CA VAL K 14 33.70 -35.11 13.52
C VAL K 14 32.51 -35.49 14.37
N MET K 15 31.93 -34.53 15.08
CA MET K 15 30.68 -34.75 15.77
C MET K 15 29.63 -33.82 15.23
N VAL K 16 28.42 -34.32 15.04
CA VAL K 16 27.27 -33.49 14.73
C VAL K 16 26.17 -33.83 15.72
N ALA K 17 25.26 -32.89 15.91
CA ALA K 17 24.18 -33.04 16.87
C ALA K 17 23.00 -32.22 16.41
N ALA K 18 21.88 -32.89 16.17
CA ALA K 18 20.76 -32.19 15.55
C ALA K 18 19.52 -32.30 16.43
N ALA K 19 18.98 -31.15 16.82
CA ALA K 19 17.76 -31.13 17.61
C ALA K 19 16.62 -31.74 16.82
N GLY K 20 16.06 -32.82 17.36
CA GLY K 20 15.04 -33.57 16.66
C GLY K 20 13.65 -32.98 16.76
N LEU K 21 13.58 -31.68 17.06
CA LEU K 21 12.30 -31.00 17.19
C LEU K 21 11.55 -30.97 15.86
N ASN K 22 10.23 -31.06 15.93
CA ASN K 22 9.37 -30.98 14.76
C ASN K 22 8.04 -30.36 15.20
N ALA K 23 7.68 -29.24 14.60
CA ALA K 23 6.63 -28.41 15.16
C ALA K 23 5.61 -28.01 14.11
N PHE K 24 4.42 -27.66 14.57
CA PHE K 24 3.38 -27.07 13.74
C PHE K 24 2.89 -25.79 14.41
N TYR K 25 3.53 -24.68 14.08
CA TYR K 25 3.17 -23.30 14.40
C TYR K 25 3.35 -22.94 15.87
N TYR K 26 3.04 -23.85 16.77
CA TYR K 26 3.63 -23.91 18.10
C TYR K 26 3.45 -25.27 18.75
N ILE K 27 2.82 -26.20 18.07
CA ILE K 27 2.47 -27.49 18.64
C ILE K 27 3.57 -28.47 18.30
N LYS K 28 4.19 -29.04 19.32
CA LYS K 28 5.27 -29.99 19.11
C LYS K 28 4.70 -31.24 18.46
N ILE K 29 4.95 -31.41 17.16
CA ILE K 29 4.54 -32.63 16.49
C ILE K 29 5.31 -33.81 17.06
N THR K 30 6.61 -33.63 17.30
CA THR K 30 7.45 -34.68 17.82
C THR K 30 8.70 -34.07 18.43
N ASP K 31 9.28 -34.76 19.40
CA ASP K 31 10.55 -34.36 19.97
C ASP K 31 11.66 -35.34 19.67
N ALA K 32 11.46 -36.27 18.73
CA ALA K 32 12.46 -37.22 18.30
C ALA K 32 12.24 -37.53 16.82
N GLU K 33 12.97 -36.84 15.97
CA GLU K 33 12.99 -37.11 14.53
C GLU K 33 14.42 -36.94 14.06
N ASP K 34 14.97 -37.96 13.41
CA ASP K 34 16.38 -37.95 13.02
C ASP K 34 16.63 -36.97 11.88
N LYS K 35 17.28 -35.85 12.19
CA LYS K 35 17.57 -34.83 11.19
C LYS K 35 18.95 -34.99 10.58
N ILE K 36 19.74 -35.97 11.02
CA ILE K 36 21.06 -36.23 10.47
C ILE K 36 20.95 -37.34 9.46
N THR K 37 21.00 -37.01 8.18
CA THR K 37 20.85 -37.98 7.11
C THR K 37 22.22 -38.40 6.60
N GLN K 38 22.46 -39.70 6.59
CA GLN K 38 23.72 -40.25 6.13
C GLN K 38 23.69 -40.37 4.62
N LEU K 39 24.72 -39.88 3.95
CA LEU K 39 24.79 -39.98 2.50
C LEU K 39 25.59 -41.20 2.06
N ASP K 40 26.87 -41.24 2.39
CA ASP K 40 27.70 -42.39 2.09
C ASP K 40 28.20 -42.98 3.39
N THR K 41 29.00 -44.04 3.32
CA THR K 41 29.42 -44.72 4.53
C THR K 41 30.30 -43.88 5.44
N HIS K 42 30.86 -42.78 4.95
CA HIS K 42 31.76 -41.96 5.75
C HIS K 42 31.31 -40.51 5.79
N GLN K 43 30.13 -40.21 5.28
CA GLN K 43 29.68 -38.83 5.20
C GLN K 43 28.27 -38.74 5.73
N LEU K 44 27.95 -37.61 6.36
CA LEU K 44 26.59 -37.34 6.77
C LEU K 44 26.31 -35.85 6.66
N VAL K 45 25.03 -35.52 6.69
CA VAL K 45 24.58 -34.14 6.50
C VAL K 45 23.57 -33.82 7.58
N ALA K 46 23.78 -32.72 8.28
CA ALA K 46 22.81 -32.22 9.25
C ALA K 46 22.08 -31.05 8.61
N CYS K 47 20.82 -31.27 8.24
CA CYS K 47 19.98 -30.24 7.64
C CYS K 47 19.02 -29.69 8.67
N THR K 48 18.73 -28.40 8.53
CA THR K 48 17.73 -27.73 9.35
C THR K 48 16.84 -26.91 8.44
N GLY K 49 15.54 -27.01 8.66
CA GLY K 49 14.58 -26.28 7.87
C GLY K 49 13.22 -26.95 7.96
N GLU K 50 12.31 -26.49 7.12
CA GLU K 50 11.02 -27.15 7.03
C GLU K 50 11.21 -28.59 6.58
N ASN K 51 10.20 -29.42 6.82
CA ASN K 51 10.36 -30.84 6.56
C ASN K 51 10.28 -31.16 5.07
N GLY K 52 9.42 -30.45 4.35
CA GLY K 52 9.31 -30.65 2.93
C GLY K 52 10.62 -30.46 2.20
N PRO K 53 11.15 -29.25 2.24
CA PRO K 53 12.45 -28.99 1.59
C PRO K 53 13.55 -29.87 2.11
N ARG K 54 13.62 -30.07 3.43
CA ARG K 54 14.68 -30.89 3.99
C ARG K 54 14.68 -32.29 3.40
N VAL K 55 13.55 -32.98 3.47
CA VAL K 55 13.47 -34.35 3.00
C VAL K 55 13.70 -34.42 1.50
N ASN K 56 13.07 -33.52 0.74
CA ASN K 56 13.25 -33.59 -0.71
C ASN K 56 14.70 -33.35 -1.11
N PHE K 57 15.33 -32.32 -0.56
CA PHE K 57 16.71 -32.02 -0.92
C PHE K 57 17.64 -33.16 -0.52
N THR K 58 17.47 -33.69 0.69
CA THR K 58 18.37 -34.76 1.11
C THR K 58 18.19 -36.02 0.29
N GLU K 59 16.94 -36.38 -0.02
CA GLU K 59 16.73 -37.55 -0.87
C GLU K 59 17.32 -37.35 -2.26
N TYR K 60 17.17 -36.15 -2.83
CA TYR K 60 17.76 -35.86 -4.12
C TYR K 60 19.27 -36.01 -4.10
N ILE K 61 19.93 -35.40 -3.12
CA ILE K 61 21.38 -35.52 -3.00
C ILE K 61 21.82 -36.97 -2.83
N LYS K 62 21.13 -37.71 -1.96
CA LYS K 62 21.51 -39.10 -1.72
C LYS K 62 21.37 -39.95 -2.97
N CYS K 63 20.25 -39.80 -3.69
CA CYS K 63 20.09 -40.56 -4.93
C CYS K 63 21.13 -40.21 -5.97
N ASN K 64 21.51 -38.93 -6.09
CA ASN K 64 22.52 -38.59 -7.09
C ASN K 64 23.91 -39.11 -6.72
N LEU K 65 24.30 -39.04 -5.44
CA LEU K 65 25.57 -39.65 -5.06
C LEU K 65 25.55 -41.16 -5.28
N ALA K 66 24.45 -41.81 -4.96
CA ALA K 66 24.37 -43.26 -5.18
C ALA K 66 24.50 -43.60 -6.65
N LEU K 67 23.78 -42.88 -7.51
CA LEU K 67 23.88 -43.13 -8.93
C LEU K 67 25.31 -42.92 -9.42
N ASN K 68 25.95 -41.83 -9.01
CA ASN K 68 27.33 -41.61 -9.42
C ASN K 68 28.23 -42.75 -8.98
N ARG K 69 28.04 -43.28 -7.77
CA ARG K 69 28.85 -44.42 -7.35
C ARG K 69 28.58 -45.65 -8.19
N MET K 70 27.33 -45.81 -8.67
CA MET K 70 27.03 -46.93 -9.55
C MET K 70 27.75 -46.76 -10.89
N ARG K 71 27.76 -45.54 -11.42
CA ARG K 71 28.39 -45.26 -12.70
C ARG K 71 29.90 -45.30 -12.65
N GLN K 72 30.50 -45.64 -11.51
CA GLN K 72 31.95 -45.65 -11.39
C GLN K 72 32.44 -46.93 -10.73
N HIS K 73 31.56 -47.92 -10.63
CA HIS K 73 31.89 -49.26 -10.13
C HIS K 73 32.50 -49.19 -8.73
N GLY K 74 31.72 -48.65 -7.80
CA GLY K 74 32.13 -48.62 -6.41
C GLY K 74 33.26 -47.66 -6.11
N ARG K 75 33.30 -46.52 -6.77
CA ARG K 75 34.30 -45.50 -6.50
C ARG K 75 33.67 -44.44 -5.60
N HIS K 76 34.10 -44.40 -4.34
CA HIS K 76 33.60 -43.37 -3.43
C HIS K 76 34.12 -42.00 -3.83
N SER K 77 33.29 -40.99 -3.65
CA SER K 77 33.68 -39.62 -3.92
C SER K 77 34.20 -38.97 -2.64
N SER K 78 35.17 -38.07 -2.80
CA SER K 78 35.70 -37.37 -1.65
C SER K 78 34.69 -36.37 -1.13
N CYS K 79 35.03 -35.71 -0.02
CA CYS K 79 34.07 -34.82 0.62
C CYS K 79 34.03 -33.46 -0.04
N GLU K 80 35.14 -33.01 -0.65
CA GLU K 80 35.09 -31.77 -1.40
C GLU K 80 34.13 -31.88 -2.56
N SER K 81 34.09 -33.04 -3.23
CA SER K 81 33.18 -33.20 -4.36
C SER K 81 31.74 -33.18 -3.91
N THR K 82 31.39 -33.93 -2.87
CA THR K 82 30.03 -33.95 -2.39
C THR K 82 29.62 -32.57 -1.89
N ALA K 83 30.53 -31.87 -1.22
CA ALA K 83 30.22 -30.53 -0.72
C ALA K 83 29.93 -29.58 -1.86
N ASN K 84 30.82 -29.54 -2.86
CA ASN K 84 30.61 -28.66 -4.00
C ASN K 84 29.35 -29.02 -4.77
N PHE K 85 29.04 -30.31 -4.84
CA PHE K 85 27.86 -30.74 -5.60
C PHE K 85 26.57 -30.40 -4.86
N MET K 86 26.59 -30.47 -3.53
CA MET K 86 25.45 -29.97 -2.77
C MET K 86 25.30 -28.47 -2.95
N ARG K 87 26.40 -27.75 -2.83
CA ARG K 87 26.40 -26.30 -2.98
C ARG K 87 25.88 -25.89 -4.35
N ASN K 88 26.15 -26.69 -5.38
CA ASN K 88 25.72 -26.32 -6.72
C ASN K 88 24.21 -26.38 -6.87
N CYS K 89 23.57 -27.40 -6.30
CA CYS K 89 22.11 -27.45 -6.31
C CYS K 89 21.51 -26.33 -5.47
N LEU K 90 22.04 -26.13 -4.26
CA LEU K 90 21.56 -25.07 -3.40
C LEU K 90 21.64 -23.72 -4.09
N ALA K 91 22.70 -23.50 -4.88
CA ALA K 91 22.91 -22.20 -5.51
C ALA K 91 22.07 -22.04 -6.77
N SER K 92 21.99 -23.08 -7.60
CA SER K 92 21.16 -22.97 -8.79
C SER K 92 19.68 -22.91 -8.48
N ALA K 93 19.28 -23.32 -7.28
CA ALA K 93 17.88 -23.22 -6.90
C ALA K 93 17.40 -21.77 -6.74
N ILE K 94 18.27 -20.86 -6.29
CA ILE K 94 17.84 -19.48 -6.03
C ILE K 94 17.68 -18.66 -7.29
N ARG K 95 17.96 -19.22 -8.45
CA ARG K 95 17.71 -18.54 -9.72
C ARG K 95 16.88 -19.44 -10.62
N SER K 96 15.98 -20.21 -10.01
CA SER K 96 15.03 -21.03 -10.73
C SER K 96 13.63 -20.52 -10.43
N ARG K 97 12.63 -21.18 -11.01
CA ARG K 97 11.26 -20.78 -10.77
C ARG K 97 10.79 -21.21 -9.39
N GLU K 98 11.13 -22.44 -9.00
CA GLU K 98 10.65 -22.96 -7.73
C GLU K 98 11.31 -22.27 -6.54
N GLY K 99 12.45 -21.63 -6.73
CA GLY K 99 13.05 -20.83 -5.69
C GLY K 99 14.05 -21.61 -4.85
N ALA K 100 14.39 -21.02 -3.70
CA ALA K 100 15.47 -21.53 -2.88
C ALA K 100 15.05 -22.75 -2.09
N TYR K 101 16.00 -23.65 -1.88
CA TYR K 101 15.85 -24.70 -0.87
C TYR K 101 16.07 -24.07 0.50
N GLN K 102 14.99 -23.77 1.20
CA GLN K 102 15.11 -23.03 2.46
C GLN K 102 15.59 -23.96 3.56
N VAL K 103 16.81 -24.46 3.39
CA VAL K 103 17.40 -25.43 4.31
C VAL K 103 18.90 -25.18 4.43
N ASN K 104 19.40 -25.16 5.66
CA ASN K 104 20.82 -24.93 5.93
C ASN K 104 21.44 -26.24 6.40
N CYS K 105 22.66 -26.52 5.96
CA CYS K 105 23.24 -27.82 6.24
C CYS K 105 24.68 -27.70 6.73
N LEU K 106 25.09 -28.75 7.45
CA LEU K 106 26.47 -28.97 7.85
C LEU K 106 26.88 -30.32 7.30
N PHE K 107 27.85 -30.33 6.40
CA PHE K 107 28.30 -31.57 5.79
C PHE K 107 29.54 -32.05 6.51
N ALA K 108 29.49 -33.25 7.06
CA ALA K 108 30.61 -33.80 7.80
C ALA K 108 31.06 -35.08 7.13
N GLY K 109 32.36 -35.34 7.18
CA GLY K 109 32.86 -36.57 6.58
C GLY K 109 34.28 -36.85 7.03
N TYR K 110 34.75 -38.04 6.71
CA TYR K 110 36.11 -38.45 7.00
C TYR K 110 36.71 -39.04 5.73
N ASP K 111 37.74 -38.40 5.20
CA ASP K 111 38.29 -38.78 3.92
C ASP K 111 39.31 -39.91 4.09
N THR K 112 39.07 -41.02 3.41
CA THR K 112 39.91 -42.19 3.48
C THR K 112 40.69 -42.38 2.18
N PRO K 113 41.98 -42.68 2.25
CA PRO K 113 42.76 -42.92 1.03
C PRO K 113 42.17 -44.08 0.23
N VAL K 114 41.70 -43.77 -0.97
CA VAL K 114 40.94 -44.75 -1.75
C VAL K 114 41.84 -45.78 -2.41
N SER K 115 43.09 -45.46 -2.69
CA SER K 115 43.99 -46.40 -3.34
C SER K 115 45.40 -46.16 -2.85
N GLU K 116 46.36 -46.89 -3.42
CA GLU K 116 47.76 -46.70 -3.11
C GLU K 116 48.33 -45.43 -3.74
N ASP K 117 47.84 -45.07 -4.93
CA ASP K 117 48.27 -43.84 -5.58
C ASP K 117 47.64 -42.61 -4.96
N ASP K 118 46.53 -42.79 -4.24
CA ASP K 118 45.82 -41.67 -3.64
C ASP K 118 46.74 -40.88 -2.73
N ASP K 119 46.69 -39.55 -2.87
CA ASP K 119 47.48 -38.66 -2.04
C ASP K 119 46.63 -37.45 -1.62
N GLY K 120 45.37 -37.71 -1.33
CA GLY K 120 44.44 -36.67 -0.94
C GLY K 120 44.41 -36.44 0.56
N VAL K 121 43.35 -35.77 1.01
CA VAL K 121 43.21 -35.51 2.44
C VAL K 121 42.87 -36.81 3.17
N VAL K 122 43.36 -36.94 4.39
CA VAL K 122 43.12 -38.14 5.18
C VAL K 122 42.28 -37.78 6.40
N GLY K 123 42.25 -36.50 6.75
CA GLY K 123 41.61 -36.07 7.95
C GLY K 123 40.12 -35.84 7.78
N PRO K 124 39.46 -35.51 8.87
CA PRO K 124 38.02 -35.21 8.81
C PRO K 124 37.76 -33.84 8.20
N GLN K 125 36.56 -33.69 7.65
CA GLN K 125 36.16 -32.46 7.00
C GLN K 125 34.77 -32.04 7.47
N LEU K 126 34.63 -30.75 7.77
CA LEU K 126 33.35 -30.16 8.09
C LEU K 126 33.14 -28.96 7.19
N PHE K 127 31.94 -28.83 6.64
CA PHE K 127 31.60 -27.78 5.70
C PHE K 127 30.30 -27.13 6.11
N TYR K 128 30.36 -25.84 6.42
CA TYR K 128 29.19 -25.04 6.71
C TYR K 128 28.55 -24.62 5.40
N MET K 129 27.24 -24.80 5.27
CA MET K 129 26.55 -24.48 4.04
C MET K 129 25.25 -23.75 4.33
N ASP K 130 25.15 -22.53 3.84
CA ASP K 130 23.97 -21.70 3.98
C ASP K 130 22.94 -22.12 2.95
N TYR K 131 21.74 -21.54 3.05
CA TYR K 131 20.69 -21.87 2.10
C TYR K 131 20.87 -21.17 0.77
N LEU K 132 21.62 -20.07 0.74
CA LEU K 132 21.85 -19.34 -0.49
C LEU K 132 22.92 -19.98 -1.36
N GLY K 133 23.69 -20.90 -0.78
CA GLY K 133 24.74 -21.56 -1.53
C GLY K 133 26.12 -21.25 -1.00
N THR K 134 26.21 -20.57 0.13
CA THR K 134 27.51 -20.35 0.74
C THR K 134 28.10 -21.70 1.14
N LEU K 135 29.43 -21.79 1.08
CA LEU K 135 30.13 -23.02 1.40
C LEU K 135 31.47 -22.68 2.01
N GLN K 136 31.71 -23.14 3.24
CA GLN K 136 32.96 -22.76 3.88
C GLN K 136 33.45 -23.90 4.76
N ALA K 137 34.70 -24.30 4.58
CA ALA K 137 35.32 -25.29 5.45
C ALA K 137 35.63 -24.67 6.81
N VAL K 138 34.94 -25.14 7.85
CA VAL K 138 35.07 -24.54 9.19
C VAL K 138 35.59 -25.58 10.15
N PRO K 139 36.12 -25.14 11.29
CA PRO K 139 36.48 -26.09 12.35
C PRO K 139 35.27 -26.52 13.17
N TYR K 140 34.30 -25.62 13.28
CA TYR K 140 33.06 -25.92 13.97
C TYR K 140 32.01 -24.95 13.48
N GLY K 141 30.79 -25.46 13.32
CA GLY K 141 29.72 -24.64 12.83
C GLY K 141 28.45 -24.97 13.57
N CYS K 142 27.50 -24.03 13.50
CA CYS K 142 26.24 -24.21 14.19
C CYS K 142 25.16 -23.46 13.44
N HIS K 143 23.98 -24.04 13.41
CA HIS K 143 22.86 -23.50 12.66
C HIS K 143 21.63 -23.39 13.56
N GLY K 144 20.85 -22.37 13.32
CA GLY K 144 19.59 -22.17 14.00
C GLY K 144 19.67 -21.07 15.04
N TYR K 145 18.74 -21.13 15.98
CA TYR K 145 18.69 -20.15 17.06
C TYR K 145 19.86 -20.27 18.01
N GLY K 146 20.09 -21.46 18.58
CA GLY K 146 21.20 -21.65 19.49
C GLY K 146 22.55 -21.54 18.85
N ALA K 147 22.59 -21.46 17.53
CA ALA K 147 23.84 -21.43 16.78
C ALA K 147 24.84 -20.45 17.37
N CYS K 148 24.36 -19.29 17.81
CA CYS K 148 25.27 -18.31 18.38
C CYS K 148 25.77 -18.75 19.75
N PHE K 149 24.85 -19.12 20.65
CA PHE K 149 25.24 -19.45 22.01
C PHE K 149 26.36 -20.47 22.04
N VAL K 150 26.22 -21.56 21.27
CA VAL K 150 27.26 -22.58 21.27
C VAL K 150 28.51 -22.15 20.53
N THR K 151 28.38 -21.33 19.48
CA THR K 151 29.58 -20.92 18.75
C THR K 151 30.57 -20.23 19.67
N ALA K 152 30.14 -19.19 20.37
CA ALA K 152 30.97 -18.59 21.40
C ALA K 152 31.44 -19.65 22.38
N LEU K 153 30.53 -20.51 22.83
CA LEU K 153 30.91 -21.55 23.77
C LEU K 153 32.06 -22.39 23.23
N LEU K 154 32.06 -22.65 21.92
CA LEU K 154 33.12 -23.48 21.36
C LEU K 154 34.42 -22.72 21.27
N ASP K 155 34.38 -21.40 21.05
CA ASP K 155 35.63 -20.65 20.98
C ASP K 155 36.39 -20.73 22.29
N ARG K 156 35.68 -20.79 23.40
CA ARG K 156 36.32 -20.80 24.71
C ARG K 156 36.93 -22.16 25.02
N LEU K 157 36.34 -23.24 24.49
CA LEU K 157 36.67 -24.57 24.97
C LEU K 157 37.22 -25.52 23.91
N TRP K 158 37.07 -25.20 22.62
CA TRP K 158 37.50 -26.13 21.60
C TRP K 158 39.01 -26.11 21.44
N ARG K 159 39.60 -27.29 21.27
CA ARG K 159 41.02 -27.45 21.08
C ARG K 159 41.22 -28.37 19.88
N PRO K 160 42.31 -28.19 19.13
CA PRO K 160 42.48 -28.99 17.90
C PRO K 160 42.55 -30.48 18.15
N ASP K 161 42.99 -30.92 19.33
CA ASP K 161 43.27 -32.33 19.59
C ASP K 161 42.50 -32.87 20.79
N LEU K 162 41.19 -32.62 20.84
CA LEU K 162 40.35 -33.26 21.82
C LEU K 162 40.17 -34.73 21.50
N SER K 163 40.14 -35.56 22.53
CA SER K 163 39.92 -36.97 22.31
C SER K 163 38.43 -37.25 22.17
N GLN K 164 38.09 -38.54 22.11
CA GLN K 164 36.69 -38.93 21.98
C GLN K 164 35.88 -38.53 23.20
N GLN K 165 36.40 -38.79 24.40
CA GLN K 165 35.61 -38.53 25.60
C GLN K 165 35.48 -37.04 25.88
N GLU K 166 36.54 -36.27 25.65
CA GLU K 166 36.41 -34.84 25.82
C GLU K 166 35.47 -34.25 24.78
N GLY K 167 35.42 -34.85 23.59
CA GLY K 167 34.38 -34.48 22.65
C GLY K 167 32.98 -34.77 23.15
N LEU K 168 32.79 -35.94 23.77
CA LEU K 168 31.51 -36.23 24.40
C LEU K 168 31.12 -35.17 25.42
N GLU K 169 32.03 -34.83 26.33
CA GLU K 169 31.69 -33.88 27.37
C GLU K 169 31.48 -32.46 26.83
N LEU K 170 32.25 -32.06 25.82
CA LEU K 170 32.02 -30.77 25.20
C LEU K 170 30.67 -30.71 24.50
N MET K 171 30.27 -31.79 23.82
CA MET K 171 28.95 -31.84 23.23
C MET K 171 27.85 -31.80 24.28
N GLN K 172 28.05 -32.47 25.41
CA GLN K 172 27.09 -32.35 26.51
C GLN K 172 26.95 -30.92 26.96
N LYS K 173 28.07 -30.22 27.14
CA LYS K 173 28.03 -28.80 27.53
C LYS K 173 27.27 -27.94 26.54
N CYS K 174 27.60 -28.05 25.26
CA CYS K 174 26.91 -27.24 24.25
C CYS K 174 25.43 -27.55 24.17
N CYS K 175 25.06 -28.83 24.24
CA CYS K 175 23.66 -29.19 24.18
C CYS K 175 22.89 -28.64 25.38
N ASP K 176 23.43 -28.79 26.58
CA ASP K 176 22.74 -28.26 27.74
C ASP K 176 22.64 -26.73 27.68
N GLU K 177 23.67 -26.08 27.13
CA GLU K 177 23.59 -24.64 26.96
C GLU K 177 22.44 -24.25 26.04
N VAL K 178 22.33 -24.92 24.90
CA VAL K 178 21.21 -24.63 24.00
C VAL K 178 19.89 -24.84 24.70
N LYS K 179 19.78 -25.89 25.51
CA LYS K 179 18.53 -26.11 26.23
C LYS K 179 18.26 -25.02 27.26
N ARG K 180 19.32 -24.44 27.83
CA ARG K 180 19.12 -23.53 28.96
C ARG K 180 18.87 -22.10 28.51
N ARG K 181 19.32 -21.72 27.32
CA ARG K 181 19.22 -20.32 26.91
C ARG K 181 18.29 -20.03 25.76
N VAL K 182 17.72 -21.04 25.11
CA VAL K 182 16.82 -20.82 23.98
C VAL K 182 15.39 -21.05 24.45
N ILE K 183 14.47 -20.23 23.97
CA ILE K 183 13.07 -20.35 24.37
C ILE K 183 12.43 -21.57 23.73
N ILE K 184 13.03 -22.08 22.66
CA ILE K 184 12.44 -23.18 21.92
C ILE K 184 12.76 -24.50 22.62
N SER K 185 11.81 -25.41 22.61
CA SER K 185 11.97 -26.67 23.34
C SER K 185 12.83 -27.63 22.53
N ASN K 186 14.15 -27.58 22.75
CA ASN K 186 15.10 -28.49 22.13
C ASN K 186 15.65 -29.43 23.19
N SER K 187 14.96 -30.55 23.40
CA SER K 187 15.31 -31.43 24.50
C SER K 187 16.17 -32.61 24.07
N TYR K 188 15.86 -33.22 22.93
CA TYR K 188 16.56 -34.39 22.44
C TYR K 188 17.41 -34.00 21.24
N PHE K 189 18.67 -34.46 21.22
CA PHE K 189 19.66 -33.82 20.36
C PHE K 189 20.34 -34.70 19.35
N PHE K 190 20.21 -36.04 19.41
CA PHE K 190 20.63 -36.85 18.25
C PHE K 190 22.08 -36.59 17.85
N VAL K 191 23.02 -37.07 18.64
CA VAL K 191 24.45 -36.93 18.39
C VAL K 191 24.96 -38.10 17.57
N LYS K 192 25.68 -37.79 16.49
CA LYS K 192 26.34 -38.79 15.67
C LYS K 192 27.78 -38.37 15.47
N ALA K 193 28.64 -39.35 15.21
CA ALA K 193 30.07 -39.09 15.09
C ALA K 193 30.63 -39.84 13.90
N VAL K 194 31.48 -39.16 13.13
CA VAL K 194 32.14 -39.72 11.96
C VAL K 194 33.60 -39.95 12.29
N THR K 195 34.06 -41.19 12.09
CA THR K 195 35.44 -41.54 12.35
C THR K 195 35.87 -42.52 11.25
N LYS K 196 37.15 -42.89 11.20
CA LYS K 196 37.65 -43.77 10.15
C LYS K 196 36.89 -45.07 10.04
N ASN K 197 36.07 -45.41 11.03
CA ASN K 197 35.28 -46.63 11.02
C ASN K 197 33.91 -46.43 10.38
N GLY K 198 33.54 -45.18 10.12
CA GLY K 198 32.21 -44.87 9.64
C GLY K 198 31.47 -43.95 10.59
N VAL K 199 30.15 -44.02 10.50
CA VAL K 199 29.29 -43.20 11.33
C VAL K 199 28.78 -44.02 12.51
N GLU K 200 28.73 -43.39 13.68
CA GLU K 200 28.36 -44.05 14.92
C GLU K 200 27.37 -43.18 15.67
N VAL K 201 26.25 -43.78 16.06
CA VAL K 201 25.20 -43.05 16.76
C VAL K 201 25.58 -43.00 18.23
N ILE K 202 26.00 -41.83 18.69
CA ILE K 202 26.39 -41.67 20.10
C ILE K 202 25.11 -41.56 20.92
N THR K 203 24.95 -42.45 21.89
CA THR K 203 23.71 -42.53 22.64
C THR K 203 23.77 -41.82 23.98
N ALA K 204 24.96 -41.71 24.58
CA ALA K 204 25.06 -41.16 25.94
C ALA K 204 24.50 -39.75 26.01
N VAL K 205 25.12 -38.81 25.30
CA VAL K 205 24.72 -37.41 25.40
C VAL K 205 23.48 -37.17 24.56
N HIS K 206 22.68 -36.21 25.00
CA HIS K 206 21.46 -35.82 24.29
C HIS K 206 20.89 -34.54 24.89
N THR L 100 -12.66 -28.79 12.07
CA THR L 100 -12.10 -30.09 11.74
C THR L 100 -11.31 -30.65 12.92
N THR L 101 -11.58 -31.91 13.26
CA THR L 101 -10.77 -32.64 14.21
C THR L 101 -10.60 -34.06 13.70
N THR L 102 -9.36 -34.50 13.63
CA THR L 102 -9.01 -35.80 13.09
C THR L 102 -7.89 -36.36 13.93
N LEU L 103 -7.98 -37.62 14.32
CA LEU L 103 -6.86 -38.18 15.06
C LEU L 103 -6.68 -39.63 14.68
N ALA L 104 -5.46 -40.11 14.86
CA ALA L 104 -5.16 -41.50 14.65
C ALA L 104 -3.95 -41.85 15.50
N PHE L 105 -4.06 -42.94 16.24
CA PHE L 105 -2.94 -43.36 17.05
C PHE L 105 -2.72 -44.86 16.88
N ARG L 106 -1.46 -45.24 17.03
CA ARG L 106 -1.01 -46.61 16.81
C ARG L 106 -0.86 -47.30 18.16
N PHE L 107 -1.24 -48.56 18.23
CA PHE L 107 -1.01 -49.32 19.45
C PHE L 107 -0.77 -50.79 19.13
N ASN L 108 -0.69 -51.62 20.16
CA ASN L 108 -0.50 -53.06 19.97
C ASN L 108 -1.87 -53.68 19.67
N GLY L 109 -2.16 -53.79 18.39
CA GLY L 109 -3.45 -54.26 17.94
C GLY L 109 -3.92 -53.52 16.70
N GLY L 110 -3.16 -52.52 16.30
CA GLY L 110 -3.45 -51.82 15.06
C GLY L 110 -3.36 -50.32 15.13
N ILE L 111 -4.16 -49.66 14.31
CA ILE L 111 -4.24 -48.20 14.27
C ILE L 111 -5.69 -47.83 14.47
N ILE L 112 -5.94 -46.72 15.16
CA ILE L 112 -7.30 -46.24 15.35
C ILE L 112 -7.40 -44.83 14.81
N VAL L 113 -8.38 -44.62 13.93
CA VAL L 113 -8.68 -43.32 13.35
C VAL L 113 -10.01 -42.88 13.93
N ALA L 114 -10.18 -41.57 14.10
CA ALA L 114 -11.42 -41.03 14.62
C ALA L 114 -11.58 -39.60 14.10
N VAL L 115 -12.82 -39.26 13.74
CA VAL L 115 -13.09 -37.97 13.11
C VAL L 115 -14.43 -37.44 13.58
N ASP L 116 -14.60 -36.14 13.45
CA ASP L 116 -15.88 -35.47 13.52
C ASP L 116 -16.43 -35.32 12.10
N SER L 117 -17.61 -34.73 11.98
CA SER L 117 -18.29 -34.66 10.69
C SER L 117 -18.90 -33.29 10.43
N ARG L 118 -18.15 -32.22 10.63
CA ARG L 118 -18.70 -30.89 10.40
C ARG L 118 -17.77 -30.05 9.55
N ALA L 119 -18.34 -29.28 8.63
CA ALA L 119 -17.59 -28.41 7.73
C ALA L 119 -18.15 -27.00 7.80
N SER L 120 -17.45 -26.12 8.50
CA SER L 120 -17.90 -24.75 8.74
C SER L 120 -17.22 -23.82 7.74
N THR L 121 -18.00 -23.00 7.05
CA THR L 121 -17.47 -22.01 6.13
C THR L 121 -17.37 -20.68 6.87
N GLY L 122 -16.38 -20.57 7.74
CA GLY L 122 -16.21 -19.35 8.52
C GLY L 122 -17.02 -19.40 9.81
N GLN L 123 -18.20 -18.79 9.80
CA GLN L 123 -19.11 -18.85 10.92
C GLN L 123 -20.42 -19.55 10.61
N TYR L 124 -20.66 -19.94 9.37
CA TYR L 124 -21.87 -20.67 9.00
C TYR L 124 -21.52 -22.15 8.81
N ILE L 125 -22.38 -23.02 9.32
CA ILE L 125 -22.17 -24.46 9.25
C ILE L 125 -22.75 -24.94 7.92
N ALA L 126 -21.88 -25.36 7.00
CA ALA L 126 -22.36 -25.86 5.72
C ALA L 126 -23.14 -27.15 5.89
N SER L 127 -22.55 -28.12 6.59
CA SER L 127 -23.15 -29.43 6.73
C SER L 127 -22.64 -30.09 8.00
N GLN L 128 -23.41 -31.04 8.50
CA GLN L 128 -23.07 -31.79 9.71
C GLN L 128 -22.83 -33.27 9.40
N THR L 129 -22.56 -33.61 8.14
CA THR L 129 -22.39 -35.01 7.75
C THR L 129 -21.23 -35.24 6.80
N VAL L 130 -20.31 -34.29 6.68
CA VAL L 130 -19.12 -34.49 5.86
C VAL L 130 -18.41 -35.75 6.30
N MET L 131 -17.88 -36.50 5.34
CA MET L 131 -17.19 -37.75 5.62
C MET L 131 -15.69 -37.49 5.54
N LYS L 132 -15.04 -37.38 6.70
CA LYS L 132 -13.64 -37.00 6.76
C LYS L 132 -12.69 -38.15 6.45
N VAL L 133 -13.08 -39.40 6.67
CA VAL L 133 -12.22 -40.54 6.41
C VAL L 133 -12.52 -41.05 5.01
N LEU L 134 -11.58 -40.84 4.10
CA LEU L 134 -11.72 -41.28 2.72
C LEU L 134 -10.98 -42.59 2.60
N GLU L 135 -11.72 -43.69 2.59
CA GLU L 135 -11.08 -44.99 2.44
C GLU L 135 -10.46 -45.07 1.05
N ILE L 136 -9.14 -44.95 1.00
CA ILE L 136 -8.44 -45.01 -0.28
C ILE L 136 -8.65 -46.36 -0.93
N ASN L 137 -8.36 -47.44 -0.21
CA ASN L 137 -8.54 -48.78 -0.71
C ASN L 137 -8.99 -49.68 0.42
N ASP L 138 -8.94 -50.99 0.23
CA ASP L 138 -9.35 -51.92 1.27
C ASP L 138 -8.28 -52.07 2.35
N TYR L 139 -7.18 -51.35 2.25
CA TYR L 139 -6.07 -51.52 3.18
C TYR L 139 -5.48 -50.22 3.68
N LEU L 140 -5.79 -49.09 3.07
CA LEU L 140 -5.25 -47.79 3.46
C LEU L 140 -6.39 -46.88 3.85
N LEU L 141 -6.14 -46.01 4.83
CA LEU L 141 -7.10 -45.00 5.23
C LEU L 141 -6.45 -43.63 5.18
N GLY L 142 -7.09 -42.72 4.47
CA GLY L 142 -6.64 -41.34 4.44
C GLY L 142 -7.72 -40.46 5.03
N THR L 143 -7.29 -39.42 5.71
CA THR L 143 -8.20 -38.51 6.39
C THR L 143 -8.16 -37.14 5.72
N LEU L 144 -9.27 -36.43 5.87
CA LEU L 144 -9.52 -35.19 5.15
C LEU L 144 -9.47 -34.05 6.17
N ALA L 145 -8.52 -33.14 5.99
CA ALA L 145 -8.41 -31.97 6.84
C ALA L 145 -7.88 -30.81 6.02
N GLY L 146 -8.48 -29.65 6.23
CA GLY L 146 -8.13 -28.48 5.45
C GLY L 146 -9.13 -28.23 4.35
N GLY L 147 -8.64 -27.97 3.13
CA GLY L 147 -9.52 -27.81 2.00
C GLY L 147 -10.16 -29.11 1.59
N ALA L 148 -11.49 -29.19 1.67
CA ALA L 148 -12.18 -30.43 1.32
C ALA L 148 -11.99 -30.79 -0.14
N ALA L 149 -12.04 -29.79 -1.03
CA ALA L 149 -11.79 -30.05 -2.44
C ALA L 149 -10.41 -30.63 -2.67
N ASP L 150 -9.37 -29.99 -2.14
CA ASP L 150 -8.01 -30.44 -2.35
C ASP L 150 -7.79 -31.85 -1.82
N CYS L 151 -8.26 -32.11 -0.59
CA CYS L 151 -8.08 -33.41 0.01
C CYS L 151 -8.82 -34.48 -0.78
N GLN L 152 -10.09 -34.26 -1.08
CA GLN L 152 -10.84 -35.22 -1.85
C GLN L 152 -10.15 -35.53 -3.16
N TYR L 153 -9.77 -34.50 -3.91
CA TYR L 153 -9.18 -34.71 -5.22
C TYR L 153 -7.87 -35.47 -5.14
N TRP L 154 -6.94 -35.02 -4.29
CA TRP L 154 -5.64 -35.63 -4.27
C TRP L 154 -5.65 -37.02 -3.65
N GLU L 155 -6.49 -37.28 -2.66
CA GLU L 155 -6.61 -38.65 -2.18
C GLU L 155 -7.30 -39.56 -3.18
N ARG L 156 -8.21 -39.06 -4.01
CA ARG L 156 -8.72 -39.88 -5.08
C ARG L 156 -7.65 -40.19 -6.12
N VAL L 157 -6.80 -39.22 -6.44
CA VAL L 157 -5.67 -39.49 -7.32
C VAL L 157 -4.76 -40.55 -6.71
N LEU L 158 -4.49 -40.45 -5.42
CA LEU L 158 -3.64 -41.44 -4.77
C LEU L 158 -4.28 -42.82 -4.77
N GLY L 159 -5.60 -42.90 -4.61
CA GLY L 159 -6.28 -44.17 -4.71
C GLY L 159 -6.32 -44.74 -6.11
N MET L 160 -6.21 -43.89 -7.12
CA MET L 160 -6.00 -44.40 -8.48
C MET L 160 -4.59 -44.94 -8.65
N GLU L 161 -3.60 -44.24 -8.09
CA GLU L 161 -2.22 -44.67 -8.29
C GLU L 161 -1.87 -45.92 -7.49
N CYS L 162 -2.40 -46.09 -6.28
CA CYS L 162 -2.20 -47.35 -5.57
C CYS L 162 -2.80 -48.53 -6.32
N ARG L 163 -3.99 -48.36 -6.88
CA ARG L 163 -4.60 -49.43 -7.66
C ARG L 163 -3.80 -49.75 -8.90
N LEU L 164 -3.29 -48.74 -9.59
CA LEU L 164 -2.40 -48.99 -10.72
C LEU L 164 -1.16 -49.76 -10.30
N TRP L 165 -0.49 -49.33 -9.22
CA TRP L 165 0.65 -50.07 -8.70
C TRP L 165 0.30 -51.53 -8.48
N GLU L 166 -0.81 -51.79 -7.79
CA GLU L 166 -1.19 -53.17 -7.55
C GLU L 166 -1.40 -53.93 -8.85
N LEU L 167 -2.01 -53.30 -9.85
CA LEU L 167 -2.24 -53.99 -11.12
C LEU L 167 -0.93 -54.37 -11.77
N ARG L 168 0.03 -53.44 -11.83
CA ARG L 168 1.27 -53.72 -12.54
C ARG L 168 2.07 -54.82 -11.88
N ASN L 169 2.50 -54.60 -10.63
CA ASN L 169 3.40 -55.52 -9.96
C ASN L 169 2.69 -56.74 -9.39
N GLY L 170 1.38 -56.67 -9.19
CA GLY L 170 0.66 -57.78 -8.61
C GLY L 170 0.74 -57.88 -7.10
N SER L 171 1.26 -56.85 -6.43
CA SER L 171 1.31 -56.83 -4.97
C SER L 171 0.77 -55.50 -4.47
N ARG L 172 0.18 -55.54 -3.28
CA ARG L 172 -0.35 -54.32 -2.68
C ARG L 172 0.76 -53.31 -2.49
N ILE L 173 0.41 -52.04 -2.60
CA ILE L 173 1.37 -50.98 -2.30
C ILE L 173 1.55 -50.89 -0.80
N THR L 174 2.74 -50.44 -0.40
CA THR L 174 3.03 -50.27 1.02
C THR L 174 2.68 -48.86 1.46
N VAL L 175 2.58 -48.68 2.77
CA VAL L 175 2.21 -47.35 3.28
C VAL L 175 3.33 -46.36 3.07
N ALA L 176 4.58 -46.80 3.23
CA ALA L 176 5.70 -45.87 3.09
C ALA L 176 5.79 -45.31 1.68
N ALA L 177 5.40 -46.10 0.69
CA ALA L 177 5.41 -45.62 -0.69
C ALA L 177 4.12 -44.94 -1.07
N ALA L 178 3.00 -45.41 -0.52
CA ALA L 178 1.72 -44.74 -0.78
C ALA L 178 1.70 -43.36 -0.15
N SER L 179 2.52 -43.15 0.87
CA SER L 179 2.62 -41.83 1.48
C SER L 179 3.61 -40.93 0.77
N LYS L 180 4.62 -41.50 0.12
CA LYS L 180 5.57 -40.69 -0.63
C LYS L 180 4.96 -40.14 -1.90
N ILE L 181 4.06 -40.87 -2.53
CA ILE L 181 3.33 -40.35 -3.68
C ILE L 181 2.65 -39.05 -3.32
N LEU L 182 1.91 -39.04 -2.22
CA LEU L 182 1.18 -37.84 -1.83
C LEU L 182 2.11 -36.72 -1.44
N ALA L 183 3.23 -37.04 -0.80
CA ALA L 183 4.22 -36.01 -0.49
C ALA L 183 4.80 -35.37 -1.73
N ASN L 184 5.10 -36.15 -2.77
CA ASN L 184 5.58 -35.54 -4.00
C ASN L 184 4.50 -34.71 -4.68
N ILE L 185 3.28 -35.24 -4.77
CA ILE L 185 2.16 -34.49 -5.33
C ILE L 185 2.04 -33.14 -4.66
N THR L 186 2.08 -33.13 -3.32
CA THR L 186 1.89 -31.90 -2.58
C THR L 186 3.09 -30.97 -2.68
N TYR L 187 4.29 -31.54 -2.70
CA TYR L 187 5.49 -30.72 -2.76
C TYR L 187 5.66 -30.05 -4.10
N ALA L 188 5.17 -30.68 -5.18
CA ALA L 188 5.24 -30.03 -6.47
C ALA L 188 4.42 -28.75 -6.51
N TYR L 189 3.31 -28.71 -5.78
CA TYR L 189 2.43 -27.55 -5.73
C TYR L 189 2.62 -26.74 -4.46
N ARG L 190 3.84 -26.67 -3.93
CA ARG L 190 4.02 -25.96 -2.67
C ARG L 190 3.83 -24.46 -2.84
N ASN L 191 3.85 -23.97 -4.08
CA ASN L 191 3.68 -22.55 -4.34
C ASN L 191 2.43 -22.24 -5.14
N HIS L 192 1.39 -23.06 -5.01
CA HIS L 192 0.12 -22.81 -5.67
C HIS L 192 -1.02 -22.65 -4.68
N GLY L 193 -0.74 -22.71 -3.38
CA GLY L 193 -1.75 -22.42 -2.39
C GLY L 193 -2.68 -23.56 -2.04
N LEU L 194 -2.18 -24.79 -2.02
CA LEU L 194 -2.98 -25.87 -1.48
C LEU L 194 -3.15 -25.70 0.02
N SER L 195 -4.17 -26.35 0.57
CA SER L 195 -4.40 -26.37 2.00
C SER L 195 -4.93 -27.75 2.36
N MET L 196 -4.03 -28.65 2.73
CA MET L 196 -4.42 -30.00 3.08
C MET L 196 -3.37 -30.61 4.00
N GLY L 197 -3.86 -31.19 5.10
CA GLY L 197 -3.03 -32.04 5.92
C GLY L 197 -3.75 -33.34 6.14
N THR L 198 -3.20 -34.43 5.63
CA THR L 198 -3.87 -35.73 5.69
C THR L 198 -3.00 -36.71 6.46
N MET L 199 -3.61 -37.83 6.83
CA MET L 199 -2.93 -38.88 7.56
C MET L 199 -3.22 -40.20 6.88
N VAL L 200 -2.19 -40.85 6.36
CA VAL L 200 -2.31 -42.14 5.70
C VAL L 200 -1.96 -43.22 6.72
N ALA L 201 -2.89 -44.13 6.96
CA ALA L 201 -2.73 -45.17 7.95
C ALA L 201 -3.01 -46.52 7.32
N GLY L 202 -2.06 -47.42 7.40
CA GLY L 202 -2.25 -48.69 6.74
C GLY L 202 -1.53 -49.81 7.48
N TRP L 203 -1.76 -51.02 7.00
CA TRP L 203 -1.16 -52.22 7.57
C TRP L 203 -0.53 -53.01 6.43
N ASP L 204 0.69 -52.65 6.06
CA ASP L 204 1.42 -53.36 5.02
C ASP L 204 2.14 -54.58 5.59
N GLN L 205 3.05 -55.17 4.82
CA GLN L 205 3.80 -56.35 5.24
C GLN L 205 4.94 -56.01 6.20
N PHE L 206 4.96 -54.79 6.74
CA PHE L 206 5.89 -54.43 7.81
C PHE L 206 5.15 -53.95 9.05
N GLY L 207 3.96 -54.49 9.30
CA GLY L 207 3.15 -54.02 10.38
C GLY L 207 2.50 -52.69 10.05
N PRO L 208 1.80 -52.11 11.02
CA PRO L 208 1.05 -50.88 10.75
C PRO L 208 1.97 -49.67 10.70
N SER L 209 1.62 -48.75 9.81
CA SER L 209 2.37 -47.52 9.65
C SER L 209 1.39 -46.37 9.52
N LEU L 210 1.79 -45.21 10.04
CA LEU L 210 0.91 -44.05 10.11
C LEU L 210 1.74 -42.80 9.81
N TYR L 211 1.47 -42.19 8.66
CA TYR L 211 2.21 -41.02 8.22
C TYR L 211 1.28 -39.82 8.16
N TYR L 212 1.87 -38.64 8.35
CA TYR L 212 1.18 -37.37 8.20
C TYR L 212 1.82 -36.64 7.04
N VAL L 213 1.00 -36.20 6.08
CA VAL L 213 1.45 -35.51 4.89
C VAL L 213 0.78 -34.15 4.83
N ASP L 214 1.59 -33.10 4.80
CA ASP L 214 1.13 -31.73 4.97
C ASP L 214 0.84 -31.10 3.61
N ASP L 215 0.61 -29.79 3.59
CA ASP L 215 0.33 -29.08 2.35
C ASP L 215 1.58 -28.43 1.74
N LYS L 216 2.72 -28.54 2.41
CA LYS L 216 3.99 -28.11 1.85
C LYS L 216 4.93 -29.27 1.56
N GLY L 217 4.44 -30.49 1.60
CA GLY L 217 5.26 -31.65 1.36
C GLY L 217 5.80 -32.33 2.59
N SER L 218 5.52 -31.78 3.77
CA SER L 218 5.99 -32.40 5.01
C SER L 218 5.44 -33.81 5.12
N ARG L 219 6.25 -34.73 5.62
CA ARG L 219 5.86 -36.12 5.69
C ARG L 219 6.56 -36.74 6.90
N VAL L 220 5.80 -36.97 7.95
CA VAL L 220 6.36 -37.47 9.20
C VAL L 220 5.74 -38.82 9.51
N LYS L 221 6.45 -39.61 10.29
CA LYS L 221 5.98 -40.93 10.73
C LYS L 221 6.03 -40.99 12.25
N GLN L 222 4.88 -40.83 12.88
CA GLN L 222 4.75 -40.96 14.33
C GLN L 222 3.55 -41.85 14.63
N ASP L 223 3.42 -42.22 15.90
CA ASP L 223 2.35 -43.12 16.30
C ASP L 223 1.20 -42.40 16.98
N LEU L 224 1.12 -41.07 16.85
CA LEU L 224 0.09 -40.31 17.53
C LEU L 224 -0.10 -38.99 16.80
N PHE L 225 -1.22 -38.83 16.10
CA PHE L 225 -1.47 -37.60 15.39
C PHE L 225 -2.89 -37.14 15.67
N SER L 226 -3.07 -35.83 15.66
CA SER L 226 -4.40 -35.24 15.68
C SER L 226 -4.30 -33.89 14.97
N VAL L 227 -4.82 -33.84 13.75
CA VAL L 227 -4.78 -32.64 12.93
C VAL L 227 -6.17 -32.00 12.98
N GLY L 228 -6.21 -30.73 12.67
CA GLY L 228 -7.44 -29.97 12.66
C GLY L 228 -7.37 -28.75 13.54
N SER L 229 -8.49 -28.03 13.59
CA SER L 229 -8.57 -26.81 14.39
C SER L 229 -8.87 -27.11 15.85
N GLY L 230 -9.55 -28.22 16.11
CA GLY L 230 -9.80 -28.63 17.47
C GLY L 230 -8.74 -29.60 17.96
N SER L 231 -7.69 -29.77 17.16
CA SER L 231 -6.62 -30.69 17.52
C SER L 231 -6.01 -30.37 18.87
N ILE L 232 -5.89 -29.08 19.20
CA ILE L 232 -5.28 -28.66 20.45
C ILE L 232 -6.11 -29.14 21.64
N TYR L 233 -7.35 -29.55 21.41
CA TYR L 233 -8.14 -30.12 22.48
C TYR L 233 -8.09 -31.64 22.51
N ALA L 234 -7.66 -32.27 21.43
CA ALA L 234 -7.49 -33.71 21.44
C ALA L 234 -6.23 -34.11 22.19
N TYR L 235 -5.09 -33.52 21.83
CA TYR L 235 -3.81 -33.83 22.46
C TYR L 235 -3.93 -33.86 23.98
N GLY L 236 -4.59 -32.86 24.57
CA GLY L 236 -4.70 -32.81 26.01
C GLY L 236 -5.30 -34.08 26.59
N VAL L 237 -6.40 -34.54 26.00
CA VAL L 237 -7.02 -35.76 26.50
C VAL L 237 -6.42 -37.00 25.85
N LEU L 238 -5.57 -36.82 24.84
CA LEU L 238 -4.95 -37.95 24.17
C LEU L 238 -3.63 -38.33 24.79
N ASP L 239 -2.79 -37.34 25.11
CA ASP L 239 -1.47 -37.63 25.65
C ASP L 239 -1.51 -38.23 27.05
N THR L 240 -2.54 -37.95 27.82
CA THR L 240 -2.57 -38.38 29.22
C THR L 240 -3.25 -39.73 29.42
N GLY L 241 -3.78 -40.33 28.37
CA GLY L 241 -4.40 -41.62 28.50
C GLY L 241 -3.81 -42.64 27.57
N TYR L 242 -2.95 -42.18 26.65
CA TYR L 242 -2.39 -43.04 25.62
C TYR L 242 -1.21 -43.84 26.16
N ARG L 243 -1.23 -45.14 25.91
CA ARG L 243 -0.12 -46.03 26.19
C ARG L 243 -0.18 -47.17 25.19
N LYS L 244 0.95 -47.82 24.95
CA LYS L 244 1.02 -48.82 23.89
C LYS L 244 0.00 -49.94 24.10
N ASP L 245 0.00 -50.54 25.28
CA ASP L 245 -0.77 -51.76 25.53
C ASP L 245 -2.22 -51.46 25.88
N LEU L 246 -2.96 -50.93 24.92
CA LEU L 246 -4.38 -50.72 25.10
C LEU L 246 -5.17 -51.81 24.39
N SER L 247 -6.20 -52.30 25.06
CA SER L 247 -7.13 -53.20 24.40
C SER L 247 -7.88 -52.46 23.32
N VAL L 248 -8.32 -53.20 22.31
CA VAL L 248 -8.93 -52.56 21.14
C VAL L 248 -10.12 -51.72 21.56
N GLU L 249 -10.97 -52.23 22.45
CA GLU L 249 -12.09 -51.44 22.92
C GLU L 249 -11.66 -50.29 23.81
N ASP L 250 -10.70 -50.50 24.71
CA ASP L 250 -10.18 -49.41 25.51
C ASP L 250 -9.56 -48.30 24.67
N ALA L 251 -8.81 -48.66 23.63
CA ALA L 251 -8.23 -47.63 22.77
C ALA L 251 -9.28 -46.94 21.92
N CYS L 252 -10.25 -47.69 21.39
CA CYS L 252 -11.35 -47.04 20.69
C CYS L 252 -12.10 -46.08 21.58
N ASP L 253 -12.30 -46.43 22.85
CA ASP L 253 -12.95 -45.51 23.77
C ASP L 253 -12.09 -44.29 24.03
N LEU L 254 -10.78 -44.48 24.14
CA LEU L 254 -9.91 -43.31 24.29
C LEU L 254 -10.06 -42.37 23.11
N ALA L 255 -10.09 -42.91 21.89
CA ALA L 255 -10.22 -42.06 20.72
C ALA L 255 -11.58 -41.38 20.67
N ARG L 256 -12.66 -42.09 21.00
CA ARG L 256 -13.97 -41.49 20.96
C ARG L 256 -14.12 -40.39 22.01
N ARG L 257 -13.72 -40.68 23.25
CA ARG L 257 -13.74 -39.69 24.32
C ARG L 257 -12.78 -38.55 24.09
N SER L 258 -11.77 -38.74 23.23
CA SER L 258 -10.87 -37.64 22.90
C SER L 258 -11.39 -36.75 21.79
N ILE L 259 -12.08 -37.31 20.80
CA ILE L 259 -12.73 -36.46 19.81
C ILE L 259 -13.91 -35.72 20.44
N PHE L 260 -14.64 -36.37 21.34
CA PHE L 260 -15.81 -35.73 21.93
C PHE L 260 -15.43 -34.47 22.68
N HIS L 261 -14.24 -34.44 23.28
CA HIS L 261 -13.84 -33.25 24.01
C HIS L 261 -13.34 -32.17 23.08
N ALA L 262 -12.91 -32.52 21.88
CA ALA L 262 -12.57 -31.51 20.89
C ALA L 262 -13.81 -30.92 20.27
N THR L 263 -14.87 -31.69 20.12
CA THR L 263 -16.11 -31.16 19.57
C THR L 263 -16.81 -30.23 20.54
N TYR L 264 -16.56 -30.39 21.83
CA TYR L 264 -17.31 -29.66 22.84
C TYR L 264 -16.74 -28.28 23.12
N ARG L 265 -15.43 -28.10 22.98
CA ARG L 265 -14.81 -26.81 23.25
C ARG L 265 -14.55 -25.98 22.01
N ASP L 266 -14.63 -26.57 20.83
CA ASP L 266 -14.29 -25.87 19.61
C ASP L 266 -15.54 -25.60 18.79
N GLY L 267 -15.59 -24.42 18.16
CA GLY L 267 -16.71 -24.09 17.33
C GLY L 267 -16.61 -24.59 15.91
N ALA L 268 -15.42 -25.03 15.50
CA ALA L 268 -15.21 -25.52 14.14
C ALA L 268 -15.31 -27.03 14.05
N SER L 269 -15.68 -27.72 15.10
CA SER L 269 -15.78 -29.18 15.10
C SER L 269 -17.05 -29.63 15.80
N GLY L 270 -17.50 -30.81 15.42
CA GLY L 270 -18.69 -31.39 16.02
C GLY L 270 -19.43 -32.25 15.02
N GLY L 271 -20.60 -32.70 15.44
CA GLY L 271 -21.43 -33.48 14.56
C GLY L 271 -21.57 -34.94 14.96
N ILE L 272 -20.98 -35.85 14.18
CA ILE L 272 -21.01 -37.27 14.46
C ILE L 272 -19.59 -37.78 14.57
N VAL L 273 -19.28 -38.37 15.71
CA VAL L 273 -17.94 -38.91 15.96
C VAL L 273 -17.90 -40.32 15.40
N THR L 274 -16.90 -40.60 14.57
CA THR L 274 -16.79 -41.89 13.93
C THR L 274 -15.40 -42.46 14.14
N VAL L 275 -15.33 -43.76 14.42
CA VAL L 275 -14.10 -44.42 14.81
C VAL L 275 -13.85 -45.61 13.90
N TYR L 276 -12.68 -45.63 13.27
CA TYR L 276 -12.26 -46.70 12.36
C TYR L 276 -11.08 -47.43 12.95
N HIS L 277 -10.96 -48.71 12.63
CA HIS L 277 -9.92 -49.58 13.16
C HIS L 277 -9.18 -50.22 12.01
N VAL L 278 -7.86 -50.19 12.06
CA VAL L 278 -7.00 -50.72 11.00
C VAL L 278 -6.21 -51.87 11.60
N HIS L 279 -6.51 -53.09 11.17
CA HIS L 279 -5.79 -54.28 11.56
C HIS L 279 -5.24 -54.98 10.32
N GLU L 280 -4.61 -56.14 10.52
CA GLU L 280 -3.88 -56.80 9.43
C GLU L 280 -4.82 -57.28 8.32
N LYS L 281 -6.08 -57.53 8.64
CA LYS L 281 -7.02 -58.03 7.64
C LYS L 281 -7.64 -56.93 6.80
N GLY L 282 -7.44 -55.66 7.16
CA GLY L 282 -8.06 -54.56 6.45
C GLY L 282 -8.42 -53.42 7.37
N TRP L 283 -9.68 -52.99 7.34
CA TRP L 283 -10.16 -51.98 8.27
C TRP L 283 -11.67 -52.09 8.38
N THR L 284 -12.20 -51.76 9.55
CA THR L 284 -13.62 -51.83 9.83
C THR L 284 -14.07 -50.59 10.59
N LYS L 285 -15.21 -50.04 10.20
CA LYS L 285 -15.79 -48.92 10.94
C LYS L 285 -16.32 -49.42 12.27
N ILE L 286 -15.68 -49.03 13.36
CA ILE L 286 -16.09 -49.50 14.68
C ILE L 286 -17.45 -48.94 15.05
N SER L 287 -17.57 -47.61 15.08
CA SER L 287 -18.80 -47.00 15.58
C SER L 287 -18.96 -45.63 14.94
N ARG L 288 -20.19 -45.12 14.98
CA ARG L 288 -20.57 -43.85 14.39
C ARG L 288 -21.73 -43.24 15.17
N ASP L 289 -21.45 -42.32 16.08
CA ASP L 289 -22.45 -41.88 17.04
C ASP L 289 -22.52 -40.36 17.12
N ASP L 290 -23.72 -39.85 17.39
CA ASP L 290 -23.94 -38.42 17.47
C ASP L 290 -23.17 -37.83 18.64
N GLN L 291 -22.74 -36.58 18.47
CA GLN L 291 -21.88 -35.95 19.47
C GLN L 291 -22.63 -35.60 20.75
N THR L 292 -23.94 -35.44 20.70
CA THR L 292 -24.69 -35.11 21.90
C THR L 292 -25.15 -36.34 22.67
N LYS L 293 -25.50 -37.42 21.98
CA LYS L 293 -25.80 -38.66 22.68
C LYS L 293 -24.59 -39.16 23.44
N LEU L 294 -23.39 -38.73 23.05
CA LEU L 294 -22.19 -39.03 23.81
C LEU L 294 -22.11 -38.19 25.07
N TYR L 295 -22.60 -36.96 25.02
CA TYR L 295 -22.48 -36.07 26.18
C TYR L 295 -23.21 -36.63 27.38
N HIS L 296 -24.43 -37.10 27.19
CA HIS L 296 -25.15 -37.69 28.31
C HIS L 296 -24.69 -39.11 28.62
N ARG L 297 -23.72 -39.63 27.87
CA ARG L 297 -23.15 -40.93 28.16
C ARG L 297 -21.84 -40.83 28.93
N TYR L 298 -21.11 -39.71 28.76
CA TYR L 298 -19.87 -39.52 29.49
C TYR L 298 -20.07 -38.72 30.78
N PHE L 299 -20.94 -37.70 30.75
CA PHE L 299 -21.28 -36.91 31.92
C PHE L 299 -22.76 -37.09 32.21
N PRO L 300 -23.15 -38.22 32.79
CA PRO L 300 -24.57 -38.45 33.08
C PRO L 300 -25.04 -37.61 34.25
N SER L 301 -26.35 -37.62 34.46
CA SER L 301 -26.96 -36.87 35.53
C SER L 301 -26.80 -35.37 35.38
N TRP M 126 -12.14 -3.08 -13.07
CA TRP M 126 -12.75 -4.23 -13.74
C TRP M 126 -12.28 -5.53 -13.15
N SER M 127 -13.19 -6.29 -12.59
CA SER M 127 -12.92 -7.63 -12.11
C SER M 127 -13.76 -8.64 -12.88
N PRO M 128 -13.20 -9.77 -13.25
CA PRO M 128 -13.92 -10.69 -14.14
C PRO M 128 -15.04 -11.44 -13.43
N TYR M 129 -15.36 -11.07 -12.20
CA TYR M 129 -16.36 -11.76 -11.42
C TYR M 129 -17.53 -10.83 -11.15
N GLN M 130 -18.65 -11.45 -10.77
CA GLN M 130 -19.91 -10.76 -10.53
C GLN M 130 -20.86 -11.77 -9.92
N ASP M 131 -21.75 -11.31 -9.04
CA ASP M 131 -22.76 -12.17 -8.44
C ASP M 131 -24.13 -11.74 -8.90
N ASN M 132 -24.80 -12.62 -9.66
CA ASN M 132 -26.13 -12.33 -10.17
C ASN M 132 -27.23 -12.90 -9.28
N GLY M 133 -27.00 -12.95 -7.97
CA GLY M 133 -28.02 -13.31 -7.02
C GLY M 133 -28.69 -14.64 -7.32
N GLY M 134 -29.98 -14.68 -7.05
CA GLY M 134 -30.77 -15.87 -7.27
C GLY M 134 -30.56 -16.90 -6.17
N THR M 135 -31.35 -17.95 -6.24
CA THR M 135 -31.25 -19.04 -5.29
C THR M 135 -31.90 -20.29 -5.86
N THR M 136 -31.46 -21.43 -5.36
CA THR M 136 -32.05 -22.71 -5.72
C THR M 136 -32.11 -23.59 -4.48
N ALA M 137 -32.95 -24.61 -4.54
CA ALA M 137 -33.21 -25.47 -3.40
C ALA M 137 -33.87 -26.75 -3.87
N ALA M 138 -33.39 -27.87 -3.37
CA ALA M 138 -33.95 -29.15 -3.76
C ALA M 138 -34.27 -29.97 -2.51
N ILE M 139 -35.25 -30.85 -2.65
CA ILE M 139 -35.60 -31.83 -1.63
C ILE M 139 -35.75 -33.16 -2.33
N ALA M 140 -34.98 -34.16 -1.91
CA ALA M 140 -35.13 -35.49 -2.47
C ALA M 140 -36.11 -36.28 -1.63
N GLY M 141 -36.94 -37.07 -2.29
CA GLY M 141 -37.92 -37.87 -1.63
C GLY M 141 -37.60 -39.35 -1.69
N LYS M 142 -38.65 -40.17 -1.75
CA LYS M 142 -38.48 -41.60 -1.88
C LYS M 142 -38.30 -42.03 -3.33
N ASP M 143 -39.11 -41.49 -4.24
CA ASP M 143 -39.00 -41.83 -5.65
C ASP M 143 -39.18 -40.59 -6.51
N PHE M 144 -38.62 -39.46 -6.07
CA PHE M 144 -38.78 -38.20 -6.77
C PHE M 144 -37.77 -37.23 -6.20
N VAL M 145 -37.59 -36.11 -6.89
CA VAL M 145 -36.86 -34.97 -6.32
C VAL M 145 -37.56 -33.70 -6.78
N ILE M 146 -37.72 -32.76 -5.84
CA ILE M 146 -38.30 -31.46 -6.13
C ILE M 146 -37.16 -30.47 -6.21
N LEU M 147 -36.89 -29.96 -7.40
CA LEU M 147 -35.87 -28.95 -7.60
C LEU M 147 -36.57 -27.61 -7.79
N ALA M 148 -35.96 -26.53 -7.30
CA ALA M 148 -36.59 -25.23 -7.41
C ALA M 148 -35.54 -24.17 -7.61
N GLY M 149 -35.82 -23.26 -8.53
CA GLY M 149 -34.91 -22.14 -8.75
C GLY M 149 -35.67 -20.86 -8.99
N ASP M 150 -35.23 -19.74 -8.40
CA ASP M 150 -35.95 -18.50 -8.63
C ASP M 150 -35.50 -17.86 -9.94
N THR M 151 -36.48 -17.40 -10.71
CA THR M 151 -36.22 -16.80 -12.02
C THR M 151 -36.12 -15.30 -11.83
N ARG M 152 -34.90 -14.83 -11.62
CA ARG M 152 -34.63 -13.41 -11.40
C ARG M 152 -33.15 -13.18 -11.65
N LEU M 153 -32.84 -12.21 -12.49
CA LEU M 153 -31.47 -11.89 -12.84
C LEU M 153 -31.21 -10.41 -12.61
N ASN M 154 -30.26 -10.11 -11.73
CA ASN M 154 -29.93 -8.74 -11.40
C ASN M 154 -28.45 -8.51 -11.63
N GLY M 155 -28.13 -7.33 -12.13
CA GLY M 155 -26.77 -6.93 -12.46
C GLY M 155 -26.10 -6.21 -11.31
N ASP M 156 -25.42 -5.12 -11.64
CA ASP M 156 -24.69 -4.37 -10.62
C ASP M 156 -25.64 -3.77 -9.60
N PHE M 157 -26.50 -2.85 -10.03
CA PHE M 157 -27.50 -2.27 -9.14
C PHE M 157 -28.90 -2.32 -9.71
N CYS M 158 -29.07 -2.55 -11.00
CA CYS M 158 -30.37 -2.61 -11.63
C CYS M 158 -30.88 -4.06 -11.59
N LEU M 159 -31.96 -4.33 -12.32
CA LEU M 159 -32.55 -5.66 -12.38
C LEU M 159 -32.68 -6.01 -13.86
N HIS M 160 -31.82 -6.91 -14.31
CA HIS M 160 -31.80 -7.24 -15.73
C HIS M 160 -33.11 -7.87 -16.17
N SER M 161 -33.47 -8.99 -15.58
CA SER M 161 -34.65 -9.72 -16.05
C SER M 161 -35.39 -10.31 -14.87
N ARG M 162 -36.66 -10.63 -15.10
CA ARG M 162 -37.47 -11.40 -14.17
C ARG M 162 -37.87 -12.75 -14.73
N HIS M 163 -37.38 -13.11 -15.92
CA HIS M 163 -37.73 -14.37 -16.57
C HIS M 163 -36.49 -15.16 -16.91
N ASP M 164 -35.50 -15.11 -16.03
CA ASP M 164 -34.23 -15.82 -16.25
C ASP M 164 -34.44 -17.30 -15.99
N GLN M 165 -34.31 -18.11 -17.04
CA GLN M 165 -34.44 -19.56 -16.93
C GLN M 165 -33.10 -20.27 -17.04
N SER M 166 -32.00 -19.57 -16.77
CA SER M 166 -30.66 -20.11 -16.96
C SER M 166 -30.07 -20.64 -15.67
N LYS M 167 -30.91 -21.14 -14.77
CA LYS M 167 -30.45 -21.75 -13.54
C LYS M 167 -30.49 -23.26 -13.58
N ILE M 168 -31.62 -23.84 -13.97
CA ILE M 168 -31.84 -25.27 -13.93
C ILE M 168 -31.66 -25.82 -15.34
N PHE M 169 -30.63 -26.65 -15.53
CA PHE M 169 -30.29 -27.16 -16.84
C PHE M 169 -30.36 -28.68 -16.82
N GLN M 170 -31.11 -29.25 -17.75
CA GLN M 170 -31.37 -30.68 -17.79
C GLN M 170 -30.26 -31.38 -18.56
N LEU M 171 -29.49 -32.23 -17.88
CA LEU M 171 -28.43 -32.98 -18.54
C LEU M 171 -28.96 -34.27 -19.15
N THR M 172 -29.55 -35.11 -18.34
CA THR M 172 -30.12 -36.37 -18.81
C THR M 172 -31.56 -36.43 -18.33
N PRO M 173 -32.40 -37.30 -18.91
CA PRO M 173 -33.81 -37.30 -18.54
C PRO M 173 -34.09 -37.44 -17.05
N TYR M 174 -33.13 -37.91 -16.25
CA TYR M 174 -33.30 -38.03 -14.82
C TYR M 174 -32.29 -37.23 -14.02
N THR M 175 -31.61 -36.27 -14.62
CA THR M 175 -30.57 -35.52 -13.92
C THR M 175 -30.62 -34.06 -14.32
N TYR M 176 -30.45 -33.17 -13.36
CA TYR M 176 -30.44 -31.74 -13.58
C TYR M 176 -29.27 -31.13 -12.83
N MET M 177 -28.82 -29.98 -13.29
CA MET M 177 -27.89 -29.19 -12.51
C MET M 177 -28.44 -27.79 -12.30
N ALA M 178 -28.51 -27.38 -11.04
CA ALA M 178 -29.00 -26.06 -10.69
C ALA M 178 -27.87 -25.30 -10.03
N SER M 179 -27.50 -24.18 -10.61
CA SER M 179 -26.31 -23.46 -10.19
C SER M 179 -26.64 -21.99 -9.98
N ASN M 180 -25.94 -21.36 -9.04
CA ASN M 180 -26.11 -19.95 -8.75
C ASN M 180 -24.75 -19.27 -8.76
N GLY M 181 -24.77 -17.95 -8.74
CA GLY M 181 -23.54 -17.20 -8.71
C GLY M 181 -23.41 -16.31 -9.93
N MET M 182 -22.29 -16.43 -10.64
CA MET M 182 -22.11 -15.65 -11.85
C MET M 182 -22.80 -16.33 -13.01
N GLN M 183 -23.43 -15.55 -13.87
CA GLN M 183 -24.30 -16.13 -14.90
C GLN M 183 -23.50 -16.62 -16.09
N ALA M 184 -22.45 -15.90 -16.48
CA ALA M 184 -21.62 -16.35 -17.59
C ALA M 184 -20.92 -17.66 -17.25
N ASP M 185 -20.44 -17.79 -16.02
CA ASP M 185 -19.76 -19.01 -15.61
C ASP M 185 -20.69 -20.21 -15.63
N ARG M 186 -21.95 -20.04 -15.24
CA ARG M 186 -22.83 -21.20 -15.29
C ARG M 186 -23.30 -21.48 -16.70
N LEU M 187 -23.43 -20.45 -17.55
CA LEU M 187 -23.74 -20.72 -18.95
C LEU M 187 -22.58 -21.43 -19.64
N GLN M 188 -21.36 -21.25 -19.14
CA GLN M 188 -20.22 -21.97 -19.70
C GLN M 188 -20.14 -23.39 -19.17
N LEU M 189 -20.30 -23.53 -17.86
CA LEU M 189 -20.22 -24.85 -17.24
C LEU M 189 -21.32 -25.77 -17.72
N GLN M 190 -22.51 -25.23 -18.00
CA GLN M 190 -23.57 -26.06 -18.53
C GLN M 190 -23.20 -26.67 -19.87
N GLN M 191 -22.59 -25.88 -20.75
CA GLN M 191 -22.17 -26.43 -22.03
C GLN M 191 -21.04 -27.43 -21.88
N MET M 192 -20.09 -27.16 -20.99
CA MET M 192 -19.01 -28.13 -20.78
C MET M 192 -19.56 -29.46 -20.29
N LEU M 193 -20.49 -29.42 -19.32
CA LEU M 193 -21.08 -30.65 -18.82
C LEU M 193 -21.94 -31.34 -19.88
N LYS M 194 -22.66 -30.58 -20.69
CA LYS M 194 -23.48 -31.18 -21.73
C LYS M 194 -22.62 -31.89 -22.77
N TYR M 195 -21.48 -31.32 -23.12
CA TYR M 195 -20.61 -32.01 -24.05
C TYR M 195 -19.91 -33.21 -23.44
N ARG M 196 -19.53 -33.14 -22.17
CA ARG M 196 -18.98 -34.34 -21.54
C ARG M 196 -20.00 -35.46 -21.49
N VAL M 197 -21.26 -35.14 -21.19
CA VAL M 197 -22.31 -36.14 -21.21
C VAL M 197 -22.48 -36.71 -22.61
N LYS M 198 -22.38 -35.87 -23.63
CA LYS M 198 -22.54 -36.39 -24.99
C LYS M 198 -21.38 -37.31 -25.38
N TRP M 199 -20.16 -36.97 -24.98
CA TRP M 199 -19.04 -37.89 -25.23
C TRP M 199 -19.28 -39.22 -24.54
N TYR M 200 -19.67 -39.18 -23.26
CA TYR M 200 -19.92 -40.42 -22.54
C TYR M 200 -21.00 -41.23 -23.22
N LYS M 201 -22.00 -40.56 -23.81
CA LYS M 201 -23.07 -41.28 -24.47
C LYS M 201 -22.59 -41.90 -25.78
N TYR M 202 -21.67 -41.24 -26.48
CA TYR M 202 -21.20 -41.77 -27.76
C TYR M 202 -20.19 -42.89 -27.59
N ASN M 203 -19.35 -42.82 -26.57
CA ASN M 203 -18.37 -43.88 -26.34
C ASN M 203 -18.97 -45.14 -25.76
N ASN M 204 -20.08 -45.05 -25.04
CA ASN M 204 -20.65 -46.20 -24.34
C ASN M 204 -21.88 -46.76 -25.05
N GLY M 205 -21.95 -46.59 -26.36
CA GLY M 205 -23.02 -47.21 -27.13
C GLY M 205 -24.41 -46.78 -26.75
N GLY M 206 -24.64 -45.50 -26.51
CA GLY M 206 -25.97 -45.01 -26.19
C GLY M 206 -26.37 -45.14 -24.74
N LYS M 207 -25.43 -45.35 -23.83
CA LYS M 207 -25.76 -45.51 -22.43
C LYS M 207 -25.70 -44.16 -21.72
N VAL M 208 -26.87 -43.63 -21.37
CA VAL M 208 -26.97 -42.35 -20.69
C VAL M 208 -26.38 -42.48 -19.28
N PRO M 209 -25.46 -41.61 -18.89
CA PRO M 209 -24.79 -41.79 -17.60
C PRO M 209 -25.76 -41.65 -16.43
N SER M 210 -25.31 -42.12 -15.27
CA SER M 210 -26.11 -42.07 -14.06
C SER M 210 -25.86 -40.77 -13.32
N THR M 211 -26.66 -40.52 -12.28
CA THR M 211 -26.48 -39.31 -11.49
C THR M 211 -25.15 -39.32 -10.76
N LYS M 212 -24.76 -40.48 -10.23
CA LYS M 212 -23.50 -40.59 -9.52
C LYS M 212 -22.32 -40.25 -10.42
N ALA M 213 -22.33 -40.77 -11.65
CA ALA M 213 -21.27 -40.48 -12.59
C ALA M 213 -21.23 -39.00 -12.95
N ILE M 214 -22.41 -38.40 -13.15
CA ILE M 214 -22.45 -36.99 -13.50
C ILE M 214 -21.92 -36.14 -12.35
N ALA M 215 -22.25 -36.50 -11.11
CA ALA M 215 -21.78 -35.72 -9.98
C ALA M 215 -20.27 -35.81 -9.83
N GLN M 216 -19.72 -37.01 -9.93
CA GLN M 216 -18.26 -37.13 -9.86
C GLN M 216 -17.58 -36.41 -11.01
N LEU M 217 -18.15 -36.51 -12.21
CA LEU M 217 -17.61 -35.79 -13.35
C LEU M 217 -17.60 -34.29 -13.09
N MET M 218 -18.66 -33.77 -12.49
CA MET M 218 -18.73 -32.33 -12.27
C MET M 218 -17.73 -31.90 -11.23
N SER M 219 -17.52 -32.72 -10.20
CA SER M 219 -16.47 -32.38 -9.24
C SER M 219 -15.11 -32.31 -9.91
N THR M 220 -14.78 -33.34 -10.70
CA THR M 220 -13.53 -33.33 -11.46
C THR M 220 -13.39 -32.13 -12.37
N MET M 221 -14.49 -31.71 -13.01
CA MET M 221 -14.43 -30.54 -13.88
C MET M 221 -14.23 -29.27 -13.09
N LEU M 222 -14.87 -29.16 -11.94
CA LEU M 222 -14.76 -27.96 -11.13
C LEU M 222 -13.35 -27.80 -10.58
N TYR M 223 -12.67 -28.91 -10.31
CA TYR M 223 -11.35 -28.77 -9.72
C TYR M 223 -10.26 -28.51 -10.75
N HIS M 224 -10.51 -28.81 -12.03
CA HIS M 224 -9.47 -28.55 -13.02
C HIS M 224 -9.25 -27.05 -13.19
N ARG M 225 -10.32 -26.28 -13.21
CA ARG M 225 -10.22 -24.82 -13.22
C ARG M 225 -10.12 -24.33 -11.77
N ARG M 226 -9.07 -24.78 -11.09
CA ARG M 226 -8.91 -24.47 -9.68
C ARG M 226 -8.23 -23.14 -9.43
N PHE M 227 -7.43 -22.67 -10.38
CA PHE M 227 -6.64 -21.46 -10.17
C PHE M 227 -7.29 -20.22 -10.79
N PHE M 228 -8.22 -20.39 -11.72
CA PHE M 228 -9.08 -19.30 -12.19
C PHE M 228 -10.50 -19.84 -12.17
N PRO M 229 -11.10 -19.92 -10.99
CA PRO M 229 -12.24 -20.82 -10.81
C PRO M 229 -13.51 -20.34 -11.49
N TYR M 230 -14.51 -21.20 -11.44
CA TYR M 230 -15.87 -20.81 -11.75
C TYR M 230 -16.52 -20.19 -10.53
N TYR M 231 -17.28 -19.12 -10.73
CA TYR M 231 -17.97 -18.48 -9.61
C TYR M 231 -19.40 -18.99 -9.54
N THR M 232 -19.53 -20.30 -9.39
CA THR M 232 -20.84 -20.91 -9.26
C THR M 232 -20.89 -21.81 -8.04
N PHE M 233 -22.10 -21.95 -7.51
CA PHE M 233 -22.41 -22.92 -6.46
C PHE M 233 -23.51 -23.82 -6.99
N ASN M 234 -23.23 -25.12 -7.05
CA ASN M 234 -23.95 -26.04 -7.90
C ASN M 234 -24.67 -27.10 -7.06
N MET M 235 -25.66 -27.72 -7.70
CA MET M 235 -26.35 -28.87 -7.14
C MET M 235 -26.68 -29.80 -8.30
N VAL M 236 -26.22 -31.03 -8.23
CA VAL M 236 -26.60 -32.02 -9.23
C VAL M 236 -27.72 -32.88 -8.65
N VAL M 237 -28.93 -32.65 -9.12
CA VAL M 237 -30.11 -33.28 -8.56
C VAL M 237 -30.60 -34.34 -9.53
N GLY M 238 -30.69 -35.57 -9.06
CA GLY M 238 -31.12 -36.64 -9.94
C GLY M 238 -31.55 -37.85 -9.16
N LEU M 239 -31.91 -38.90 -9.88
CA LEU M 239 -32.36 -40.16 -9.30
C LEU M 239 -31.25 -41.20 -9.36
N ASP M 240 -31.17 -41.99 -8.29
CA ASP M 240 -30.19 -43.06 -8.21
C ASP M 240 -30.67 -44.26 -9.00
N GLU M 241 -29.99 -45.39 -8.83
CA GLU M 241 -30.29 -46.58 -9.61
C GLU M 241 -31.43 -47.39 -9.02
N GLU M 242 -31.51 -47.47 -7.69
CA GLU M 242 -32.60 -48.19 -7.06
C GLU M 242 -33.92 -47.43 -7.10
N GLY M 243 -33.93 -46.24 -7.68
CA GLY M 243 -35.11 -45.41 -7.78
C GLY M 243 -35.12 -44.25 -6.80
N HIS M 244 -34.39 -44.35 -5.70
CA HIS M 244 -34.37 -43.29 -4.71
C HIS M 244 -33.75 -42.03 -5.30
N GLY M 245 -34.23 -40.87 -4.87
CA GLY M 245 -33.70 -39.61 -5.33
C GLY M 245 -32.67 -39.07 -4.36
N VAL M 246 -31.63 -38.45 -4.90
CA VAL M 246 -30.51 -37.95 -4.11
C VAL M 246 -30.09 -36.59 -4.65
N CYS M 247 -29.60 -35.73 -3.79
CA CYS M 247 -29.07 -34.46 -4.24
C CYS M 247 -27.59 -34.35 -3.90
N TYR M 248 -26.87 -33.54 -4.66
CA TYR M 248 -25.48 -33.28 -4.38
C TYR M 248 -25.29 -31.79 -4.22
N SER M 249 -24.25 -31.40 -3.50
CA SER M 249 -23.97 -29.99 -3.28
C SER M 249 -22.47 -29.77 -3.38
N TYR M 250 -22.09 -28.71 -4.06
CA TYR M 250 -20.71 -28.39 -4.36
C TYR M 250 -20.35 -27.02 -3.80
N ASP M 251 -19.07 -26.83 -3.55
CA ASP M 251 -18.50 -25.54 -3.26
C ASP M 251 -18.05 -24.93 -4.58
N ALA M 252 -17.26 -23.86 -4.51
CA ALA M 252 -16.77 -23.23 -5.73
C ALA M 252 -15.71 -24.05 -6.42
N VAL M 253 -15.02 -24.93 -5.68
CA VAL M 253 -13.88 -25.67 -6.21
C VAL M 253 -14.17 -27.15 -6.36
N GLY M 254 -15.21 -27.67 -5.73
CA GLY M 254 -15.67 -29.02 -5.99
C GLY M 254 -15.78 -29.92 -4.78
N SER M 255 -16.00 -29.40 -3.59
CA SER M 255 -16.20 -30.28 -2.44
C SER M 255 -17.62 -30.83 -2.44
N THR M 256 -17.84 -31.94 -3.12
CA THR M 256 -19.18 -32.52 -3.22
C THR M 256 -19.57 -33.23 -1.94
N GLU M 257 -20.87 -33.19 -1.66
CA GLU M 257 -21.37 -34.06 -0.58
C GLU M 257 -22.80 -34.49 -0.86
N PRO M 258 -23.06 -35.79 -0.94
CA PRO M 258 -24.42 -36.25 -1.20
C PRO M 258 -25.30 -36.06 0.02
N PHE M 259 -26.55 -35.69 -0.23
CA PHE M 259 -27.46 -35.39 0.87
C PHE M 259 -28.89 -35.47 0.34
N LEU M 260 -29.85 -35.31 1.25
CA LEU M 260 -31.25 -35.51 0.92
C LEU M 260 -32.01 -34.24 0.63
N TYR M 261 -31.56 -33.10 1.15
CA TYR M 261 -32.10 -31.83 0.69
C TYR M 261 -30.96 -30.85 0.52
N GLY M 262 -31.29 -29.58 0.28
CA GLY M 262 -30.22 -28.60 0.25
C GLY M 262 -30.51 -27.37 -0.58
N THR M 263 -30.11 -26.21 -0.08
CA THR M 263 -30.34 -24.95 -0.76
C THR M 263 -29.01 -24.24 -0.96
N ARG M 264 -28.92 -23.49 -2.05
CA ARG M 264 -27.76 -22.67 -2.34
C ARG M 264 -28.22 -21.32 -2.84
N GLY M 265 -27.34 -20.33 -2.67
CA GLY M 265 -27.61 -18.99 -3.14
C GLY M 265 -27.64 -18.03 -1.98
N SER M 266 -28.00 -16.78 -2.28
CA SER M 266 -28.06 -15.74 -1.27
C SER M 266 -29.09 -16.05 -0.19
N ALA M 267 -30.13 -16.80 -0.51
CA ALA M 267 -31.16 -17.18 0.44
C ALA M 267 -30.90 -18.54 1.07
N ALA M 268 -29.63 -18.91 1.24
CA ALA M 268 -29.33 -20.22 1.82
C ALA M 268 -29.61 -20.23 3.32
N SER M 269 -29.06 -19.27 4.05
CA SER M 269 -29.19 -19.25 5.50
C SER M 269 -30.60 -18.93 5.96
N PHE M 270 -31.52 -18.65 5.05
CA PHE M 270 -32.93 -18.57 5.37
C PHE M 270 -33.63 -19.90 5.25
N VAL M 271 -33.47 -20.57 4.12
CA VAL M 271 -34.24 -21.77 3.81
C VAL M 271 -33.67 -23.00 4.50
N GLU M 272 -32.34 -23.07 4.65
CA GLU M 272 -31.71 -24.28 5.18
C GLU M 272 -32.19 -24.61 6.59
N PRO M 273 -32.17 -23.67 7.54
CA PRO M 273 -32.63 -24.02 8.89
C PRO M 273 -34.10 -24.32 8.98
N LEU M 274 -34.92 -23.79 8.08
CA LEU M 274 -36.33 -24.14 8.08
C LEU M 274 -36.53 -25.59 7.64
N LEU M 275 -35.88 -26.01 6.55
CA LEU M 275 -35.99 -27.39 6.14
C LEU M 275 -35.37 -28.33 7.16
N ASP M 276 -34.26 -27.92 7.77
CA ASP M 276 -33.63 -28.71 8.82
C ASP M 276 -34.60 -29.04 9.94
N CYS M 277 -35.62 -28.19 10.13
CA CYS M 277 -36.51 -28.30 11.28
C CYS M 277 -37.79 -29.07 10.97
N LEU M 278 -38.19 -29.12 9.70
CA LEU M 278 -39.41 -29.83 9.32
C LEU M 278 -39.14 -31.20 8.70
N ILE M 279 -37.91 -31.46 8.31
CA ILE M 279 -37.56 -32.75 7.71
C ILE M 279 -36.86 -33.66 8.71
N ASN M 280 -35.76 -33.21 9.28
CA ASN M 280 -35.03 -34.01 10.25
C ASN M 280 -35.79 -34.18 11.55
N ARG M 281 -36.70 -33.27 11.85
CA ARG M 281 -37.60 -33.36 13.01
C ARG M 281 -36.80 -33.60 14.30
N GLN M 282 -35.66 -32.94 14.40
CA GLN M 282 -34.92 -32.90 15.65
C GLN M 282 -35.53 -31.86 16.57
N HIS M 283 -35.17 -31.95 17.86
CA HIS M 283 -35.62 -31.00 18.87
C HIS M 283 -37.15 -30.91 18.94
N MET M 284 -37.82 -32.05 18.75
CA MET M 284 -39.27 -32.11 18.94
C MET M 284 -39.63 -33.47 19.50
N THR M 285 -40.11 -33.50 20.75
CA THR M 285 -40.52 -34.74 21.39
C THR M 285 -41.90 -35.15 20.88
N SER M 286 -41.92 -35.51 19.60
CA SER M 286 -43.13 -35.96 18.93
C SER M 286 -42.72 -36.99 17.90
N GLN M 287 -43.31 -38.19 17.96
CA GLN M 287 -42.93 -39.30 17.08
C GLN M 287 -42.91 -38.85 15.63
N ALA M 288 -41.95 -39.38 14.86
CA ALA M 288 -41.71 -38.91 13.51
C ALA M 288 -42.97 -39.03 12.65
N PRO M 289 -43.33 -38.02 11.88
CA PRO M 289 -44.53 -38.08 11.04
C PRO M 289 -44.33 -39.09 9.92
N PRO M 290 -45.36 -39.33 9.09
CA PRO M 290 -45.17 -40.23 7.94
C PRO M 290 -44.24 -39.64 6.89
N GLU M 291 -43.83 -40.46 5.93
CA GLU M 291 -42.92 -39.99 4.91
C GLU M 291 -43.63 -39.02 3.96
N MET M 292 -43.00 -37.90 3.69
CA MET M 292 -43.61 -36.84 2.89
C MET M 292 -43.65 -37.22 1.43
N THR M 293 -44.79 -36.94 0.78
CA THR M 293 -44.98 -37.26 -0.63
C THR M 293 -44.66 -36.06 -1.50
N LYS M 294 -45.01 -36.15 -2.78
CA LYS M 294 -44.73 -35.09 -3.74
C LYS M 294 -45.47 -33.81 -3.37
N GLU M 295 -46.77 -33.91 -3.13
CA GLU M 295 -47.57 -32.71 -2.86
C GLU M 295 -47.14 -32.03 -1.57
N GLU M 296 -46.89 -32.81 -0.52
CA GLU M 296 -46.52 -32.22 0.76
C GLU M 296 -45.17 -31.52 0.66
N THR M 297 -44.20 -32.17 0.02
CA THR M 297 -42.90 -31.56 -0.16
C THR M 297 -42.98 -30.30 -1.01
N LEU M 298 -43.80 -30.34 -2.06
CA LEU M 298 -43.99 -29.15 -2.89
C LEU M 298 -44.54 -28.01 -2.05
N ALA M 299 -45.52 -28.28 -1.20
CA ALA M 299 -46.11 -27.23 -0.37
C ALA M 299 -45.09 -26.69 0.63
N MET M 300 -44.28 -27.57 1.20
CA MET M 300 -43.25 -27.13 2.15
C MET M 300 -42.23 -26.22 1.46
N LEU M 301 -41.79 -26.59 0.27
CA LEU M 301 -40.83 -25.76 -0.44
C LEU M 301 -41.43 -24.44 -0.88
N LYS M 302 -42.72 -24.44 -1.24
CA LYS M 302 -43.40 -23.19 -1.53
C LYS M 302 -43.44 -22.29 -0.30
N ASN M 303 -43.72 -22.85 0.87
CA ASN M 303 -43.64 -22.07 2.11
C ASN M 303 -42.27 -21.44 2.26
N ALA M 304 -41.22 -22.25 2.09
CA ALA M 304 -39.87 -21.74 2.29
C ALA M 304 -39.58 -20.59 1.34
N PHE M 305 -40.02 -20.69 0.10
CA PHE M 305 -39.71 -19.65 -0.87
C PHE M 305 -40.55 -18.40 -0.65
N THR M 306 -41.81 -18.56 -0.27
CA THR M 306 -42.62 -17.40 0.07
C THR M 306 -42.10 -16.69 1.32
N GLY M 307 -41.47 -17.42 2.22
CA GLY M 307 -40.85 -16.79 3.36
C GLY M 307 -39.53 -16.13 3.06
N ALA M 308 -38.76 -16.68 2.12
CA ALA M 308 -37.47 -16.09 1.75
C ALA M 308 -37.60 -14.94 0.77
N ALA M 309 -38.72 -14.82 0.06
CA ALA M 309 -38.95 -13.72 -0.86
C ALA M 309 -39.34 -12.44 -0.14
N GLU M 310 -39.58 -12.53 1.16
CA GLU M 310 -40.04 -11.39 1.94
C GLU M 310 -38.97 -10.82 2.84
N ARG M 311 -37.82 -11.49 2.97
CA ARG M 311 -36.73 -10.97 3.78
C ARG M 311 -35.42 -10.83 3.02
N ASP M 312 -35.27 -11.42 1.84
CA ASP M 312 -34.07 -11.22 1.03
C ASP M 312 -34.38 -10.25 -0.09
N ILE M 313 -33.51 -9.25 -0.28
CA ILE M 313 -33.74 -8.22 -1.29
C ILE M 313 -33.48 -8.73 -2.70
N TYR M 314 -32.59 -9.70 -2.87
CA TYR M 314 -32.21 -10.17 -4.20
C TYR M 314 -32.96 -11.39 -4.66
N THR M 315 -33.92 -11.88 -3.89
CA THR M 315 -34.54 -13.16 -4.16
C THR M 315 -36.02 -12.99 -4.49
N GLY M 316 -36.45 -13.62 -5.58
CA GLY M 316 -37.86 -13.89 -5.79
C GLY M 316 -38.59 -12.93 -6.70
N ASP M 317 -38.82 -13.36 -7.94
CA ASP M 317 -39.80 -12.71 -8.81
C ASP M 317 -40.76 -13.77 -9.32
N SER M 318 -40.24 -14.98 -9.53
CA SER M 318 -41.03 -16.16 -9.84
C SER M 318 -40.14 -17.39 -9.76
N VAL M 319 -40.60 -18.43 -9.08
CA VAL M 319 -39.78 -19.64 -8.89
C VAL M 319 -40.32 -20.73 -9.80
N SER M 320 -39.42 -21.59 -10.26
CA SER M 320 -39.77 -22.71 -11.10
C SER M 320 -39.43 -24.01 -10.38
N PHE M 321 -40.41 -24.91 -10.30
CA PHE M 321 -40.28 -26.20 -9.67
C PHE M 321 -40.22 -27.28 -10.73
N PHE M 322 -39.35 -28.25 -10.50
CA PHE M 322 -39.18 -29.41 -11.37
C PHE M 322 -39.36 -30.66 -10.53
N ILE M 323 -40.42 -31.40 -10.79
CA ILE M 323 -40.72 -32.63 -10.08
C ILE M 323 -40.15 -33.76 -10.94
N ILE M 324 -39.01 -34.31 -10.53
CA ILE M 324 -38.38 -35.41 -11.25
C ILE M 324 -38.88 -36.71 -10.65
N THR M 325 -39.59 -37.49 -11.45
CA THR M 325 -40.06 -38.81 -11.09
C THR M 325 -39.54 -39.81 -12.11
N LYS M 326 -39.99 -41.06 -11.99
CA LYS M 326 -39.47 -42.09 -12.88
C LYS M 326 -40.11 -42.02 -14.26
N ASP M 327 -41.38 -41.66 -14.35
CA ASP M 327 -42.07 -41.58 -15.63
C ASP M 327 -41.91 -40.17 -16.20
N GLY M 328 -40.66 -39.72 -16.25
CA GLY M 328 -40.36 -38.39 -16.74
C GLY M 328 -40.41 -37.33 -15.65
N VAL M 329 -40.41 -36.08 -16.09
CA VAL M 329 -40.32 -34.92 -15.21
C VAL M 329 -41.48 -34.00 -15.54
N GLN M 330 -42.05 -33.38 -14.53
CA GLN M 330 -42.99 -32.29 -14.80
C GLN M 330 -42.47 -30.98 -14.22
N GLN M 331 -43.14 -29.89 -14.59
CA GLN M 331 -42.64 -28.55 -14.36
C GLN M 331 -43.78 -27.62 -13.98
N GLU M 332 -43.54 -26.77 -13.00
CA GLU M 332 -44.55 -25.83 -12.53
C GLU M 332 -43.91 -24.50 -12.19
N SER M 333 -44.72 -23.46 -12.15
CA SER M 333 -44.26 -22.12 -11.82
C SER M 333 -45.04 -21.60 -10.62
N PHE M 334 -44.44 -20.64 -9.92
CA PHE M 334 -45.07 -20.07 -8.74
C PHE M 334 -44.62 -18.63 -8.61
N GLU M 335 -45.56 -17.72 -8.35
CA GLU M 335 -45.30 -16.30 -8.46
C GLU M 335 -45.12 -15.66 -7.09
N LEU M 336 -44.10 -14.81 -6.97
CA LEU M 336 -43.75 -14.15 -5.73
C LEU M 336 -43.98 -12.64 -5.84
N ARG M 337 -43.54 -11.92 -4.81
CA ARG M 337 -43.59 -10.47 -4.84
C ARG M 337 -42.53 -9.93 -5.79
N LYS M 338 -42.90 -8.91 -6.57
CA LYS M 338 -42.00 -8.32 -7.55
C LYS M 338 -41.28 -7.09 -7.02
N ASP M 339 -41.03 -7.01 -5.72
CA ASP M 339 -40.30 -5.87 -5.16
C ASP M 339 -38.92 -6.26 -4.69
N ALA N 2 -12.62 6.82 -26.50
CA ALA N 2 -13.97 7.12 -26.94
C ALA N 2 -14.95 6.15 -26.31
N SER N 3 -16.20 6.54 -26.19
CA SER N 3 -17.20 5.69 -25.56
C SER N 3 -18.60 6.20 -25.90
N GLY N 4 -19.47 5.27 -26.26
CA GLY N 4 -20.84 5.60 -26.60
C GLY N 4 -21.65 5.94 -25.37
N GLY N 5 -22.91 6.27 -25.58
CA GLY N 5 -23.79 6.62 -24.50
C GLY N 5 -24.65 5.46 -24.02
N SER N 6 -25.95 5.69 -23.94
CA SER N 6 -26.89 4.67 -23.54
C SER N 6 -27.70 4.20 -24.73
N VAL N 7 -28.26 3.00 -24.61
CA VAL N 7 -29.08 2.38 -25.64
C VAL N 7 -30.36 1.90 -24.98
N ILE N 8 -31.49 2.05 -25.65
CA ILE N 8 -32.72 1.45 -25.17
C ILE N 8 -33.40 0.74 -26.31
N ALA N 9 -34.22 -0.24 -25.99
CA ALA N 9 -34.86 -1.04 -27.02
C ALA N 9 -36.11 -1.69 -26.45
N ILE N 10 -37.11 -1.85 -27.30
CA ILE N 10 -38.41 -2.35 -26.86
C ILE N 10 -39.07 -3.11 -28.01
N LYS N 11 -39.78 -4.17 -27.66
CA LYS N 11 -40.53 -4.96 -28.63
C LYS N 11 -41.99 -4.51 -28.66
N TYR N 12 -42.50 -4.27 -29.86
CA TYR N 12 -43.90 -3.95 -30.04
C TYR N 12 -44.57 -5.07 -30.81
N LYS N 13 -45.83 -4.86 -31.18
CA LYS N 13 -46.59 -5.89 -31.88
C LYS N 13 -46.08 -5.98 -33.31
N GLY N 14 -45.09 -6.84 -33.52
CA GLY N 14 -44.63 -7.12 -34.87
C GLY N 14 -43.17 -6.82 -35.13
N GLY N 15 -42.51 -6.13 -34.22
CA GLY N 15 -41.14 -5.74 -34.48
C GLY N 15 -40.44 -5.21 -33.25
N VAL N 16 -39.25 -4.68 -33.47
CA VAL N 16 -38.37 -4.18 -32.41
C VAL N 16 -37.98 -2.75 -32.73
N LEU N 17 -37.71 -1.96 -31.71
CA LEU N 17 -37.22 -0.59 -31.87
C LEU N 17 -36.04 -0.37 -30.96
N MET N 18 -34.93 0.12 -31.51
CA MET N 18 -33.73 0.38 -30.73
C MET N 18 -33.28 1.80 -30.96
N ALA N 19 -33.25 2.60 -29.90
CA ALA N 19 -32.88 4.00 -29.99
C ALA N 19 -31.55 4.23 -29.27
N ALA N 20 -30.75 5.11 -29.87
CA ALA N 20 -29.42 5.42 -29.35
C ALA N 20 -29.02 6.82 -29.80
N ASP N 21 -28.33 7.54 -28.93
CA ASP N 21 -27.85 8.86 -29.29
C ASP N 21 -26.60 8.75 -30.14
N THR N 22 -26.43 9.73 -31.04
CA THR N 22 -25.33 9.70 -32.00
C THR N 22 -24.16 10.56 -31.53
N LEU N 23 -23.48 10.10 -30.50
CA LEU N 23 -22.41 10.89 -29.89
C LEU N 23 -21.35 9.98 -29.30
N LEU N 24 -20.09 10.35 -29.50
CA LEU N 24 -18.97 9.68 -28.87
C LEU N 24 -18.19 10.66 -28.02
N SER N 25 -17.98 10.31 -26.77
CA SER N 25 -17.35 11.15 -25.77
C SER N 25 -15.95 10.64 -25.46
N TYR N 26 -15.10 11.54 -25.00
CA TYR N 26 -13.77 11.19 -24.51
C TYR N 26 -13.70 11.61 -23.06
N GLY N 27 -14.19 10.79 -22.18
CA GLY N 27 -14.29 11.15 -20.78
C GLY N 27 -15.47 12.09 -20.55
N SER N 28 -15.18 13.36 -20.30
CA SER N 28 -16.21 14.36 -20.11
C SER N 28 -16.46 15.21 -21.35
N LEU N 29 -15.60 15.12 -22.34
CA LEU N 29 -15.68 15.95 -23.54
C LEU N 29 -16.55 15.27 -24.58
N ALA N 30 -17.57 15.98 -25.07
CA ALA N 30 -18.36 15.50 -26.20
C ALA N 30 -17.55 15.66 -27.47
N LYS N 31 -16.93 14.57 -27.92
CA LYS N 31 -15.99 14.70 -29.03
C LYS N 31 -16.72 14.74 -30.36
N TRP N 32 -17.41 13.67 -30.72
CA TRP N 32 -17.99 13.57 -32.06
C TRP N 32 -19.49 13.41 -31.98
N PRO N 33 -20.27 14.44 -32.30
CA PRO N 33 -21.74 14.37 -32.18
C PRO N 33 -22.47 13.92 -33.43
N ASN N 34 -21.79 13.42 -34.45
CA ASN N 34 -22.46 13.10 -35.71
C ASN N 34 -21.97 11.79 -36.27
N ILE N 35 -21.83 10.77 -35.43
CA ILE N 35 -21.40 9.45 -35.88
C ILE N 35 -22.51 8.45 -35.64
N PRO N 36 -22.65 7.42 -36.46
CA PRO N 36 -23.71 6.43 -36.27
C PRO N 36 -23.26 5.32 -35.33
N ARG N 37 -24.05 5.07 -34.30
CA ARG N 37 -23.69 4.03 -33.34
C ARG N 37 -24.45 2.74 -33.57
N ILE N 38 -25.54 2.78 -34.34
CA ILE N 38 -26.31 1.58 -34.65
C ILE N 38 -25.62 0.88 -35.83
N ARG N 39 -25.11 -0.31 -35.62
CA ARG N 39 -24.68 -1.12 -36.76
C ARG N 39 -25.75 -2.14 -37.06
N LEU N 40 -25.73 -2.69 -38.26
CA LEU N 40 -26.65 -3.76 -38.59
C LEU N 40 -25.92 -4.88 -39.32
N LEU N 41 -26.16 -6.10 -38.86
CA LEU N 41 -25.40 -7.28 -39.24
C LEU N 41 -26.29 -8.18 -40.09
N GLY N 42 -25.74 -8.69 -41.19
CA GLY N 42 -26.57 -9.52 -42.03
C GLY N 42 -27.75 -8.73 -42.58
N SER N 43 -28.84 -9.45 -42.85
CA SER N 43 -30.04 -8.83 -43.39
C SER N 43 -31.25 -9.01 -42.48
N HIS N 44 -31.03 -9.29 -41.20
CA HIS N 44 -32.13 -9.42 -40.26
C HIS N 44 -31.89 -8.78 -38.91
N SER N 45 -30.67 -8.40 -38.58
CA SER N 45 -30.32 -8.08 -37.20
C SER N 45 -29.52 -6.79 -37.14
N ALA N 46 -29.47 -6.22 -35.94
CA ALA N 46 -28.77 -4.97 -35.69
C ALA N 46 -28.23 -5.00 -34.27
N VAL N 47 -27.24 -4.17 -34.01
CA VAL N 47 -26.56 -4.15 -32.73
C VAL N 47 -26.17 -2.73 -32.38
N CYS N 48 -26.06 -2.47 -31.07
CA CYS N 48 -25.60 -1.16 -30.59
C CYS N 48 -24.98 -1.31 -29.22
N ALA N 49 -23.81 -0.71 -29.03
CA ALA N 49 -23.02 -0.94 -27.83
C ALA N 49 -22.82 0.33 -27.01
N THR N 50 -22.68 0.13 -25.71
CA THR N 50 -22.41 1.18 -24.74
C THR N 50 -20.99 1.02 -24.23
N GLY N 51 -20.32 2.13 -23.99
CA GLY N 51 -18.97 2.04 -23.49
C GLY N 51 -17.97 2.17 -24.61
N SER N 52 -16.76 1.66 -24.39
CA SER N 52 -15.66 1.85 -25.32
C SER N 52 -16.08 1.56 -26.74
N TYR N 53 -15.59 2.36 -27.68
CA TYR N 53 -15.99 2.22 -29.07
C TYR N 53 -15.05 1.29 -29.83
N ALA N 54 -13.78 1.27 -29.46
CA ALA N 54 -12.85 0.38 -30.15
C ALA N 54 -13.28 -1.07 -30.02
N ASP N 55 -13.68 -1.48 -28.82
CA ASP N 55 -14.06 -2.87 -28.60
C ASP N 55 -15.31 -3.23 -29.39
N PHE N 56 -16.32 -2.35 -29.38
CA PHE N 56 -17.50 -2.59 -30.19
C PHE N 56 -17.16 -2.59 -31.67
N GLN N 57 -16.29 -1.69 -32.10
CA GLN N 57 -15.90 -1.61 -33.50
C GLN N 57 -15.19 -2.87 -33.97
N MET N 58 -14.35 -3.46 -33.14
CA MET N 58 -13.68 -4.70 -33.47
C MET N 58 -14.61 -5.88 -33.42
N MET N 59 -15.44 -5.98 -32.37
CA MET N 59 -16.32 -7.13 -32.23
C MET N 59 -17.38 -7.16 -33.32
N ALA N 60 -17.99 -6.02 -33.63
CA ALA N 60 -18.98 -5.99 -34.69
C ALA N 60 -18.37 -6.31 -36.04
N LYS N 61 -17.14 -5.88 -36.28
CA LYS N 61 -16.46 -6.25 -37.51
C LYS N 61 -16.20 -7.75 -37.56
N GLN N 62 -15.74 -8.32 -36.47
CA GLN N 62 -15.45 -9.74 -36.41
C GLN N 62 -16.70 -10.61 -36.55
N VAL N 63 -17.85 -10.14 -36.09
CA VAL N 63 -19.08 -10.90 -36.28
C VAL N 63 -19.83 -10.52 -37.55
N GLU N 64 -19.38 -9.48 -38.26
CA GLU N 64 -19.94 -9.23 -39.58
C GLU N 64 -19.14 -9.90 -40.67
N ASP N 65 -17.85 -10.16 -40.44
CA ASP N 65 -17.10 -10.99 -41.38
C ASP N 65 -17.61 -12.42 -41.36
N ASN N 66 -17.95 -12.91 -40.18
CA ASN N 66 -18.36 -14.31 -40.06
C ASN N 66 -19.69 -14.58 -40.77
N ILE N 67 -20.62 -13.64 -40.72
CA ILE N 67 -21.92 -13.87 -41.34
C ILE N 67 -21.80 -13.94 -42.85
N GLU N 68 -21.15 -12.95 -43.46
CA GLU N 68 -21.12 -12.88 -44.91
C GLU N 68 -20.30 -14.00 -45.51
N ARG N 69 -19.17 -14.34 -44.89
CA ARG N 69 -18.37 -15.46 -45.38
C ARG N 69 -19.18 -16.76 -45.37
N GLN N 70 -19.75 -17.10 -44.21
CA GLN N 70 -20.54 -18.32 -44.10
C GLN N 70 -21.58 -18.42 -45.19
N LYS N 71 -22.24 -17.31 -45.52
CA LYS N 71 -23.29 -17.33 -46.52
C LYS N 71 -22.73 -17.39 -47.94
N MET N 72 -21.57 -16.79 -48.17
CA MET N 72 -20.96 -16.72 -49.49
C MET N 72 -20.20 -17.98 -49.86
N TYR N 73 -19.46 -18.56 -48.92
CA TYR N 73 -18.70 -19.77 -49.22
C TYR N 73 -19.63 -20.93 -49.55
N HIS N 74 -20.46 -21.32 -48.58
CA HIS N 74 -21.37 -22.45 -48.72
C HIS N 74 -22.76 -21.99 -49.11
N ASN N 75 -23.51 -22.88 -49.75
CA ASN N 75 -24.91 -22.63 -50.07
C ASN N 75 -25.77 -22.95 -48.85
N VAL N 76 -25.79 -22.01 -47.91
CA VAL N 76 -26.57 -22.14 -46.70
C VAL N 76 -27.37 -20.86 -46.48
N ASP N 77 -28.39 -20.97 -45.64
CA ASP N 77 -29.17 -19.82 -45.25
C ASP N 77 -28.36 -18.96 -44.28
N GLU N 78 -28.58 -17.65 -44.34
CA GLU N 78 -27.88 -16.77 -43.43
C GLU N 78 -28.34 -17.02 -41.99
N LEU N 79 -27.44 -16.77 -41.06
CA LEU N 79 -27.69 -17.03 -39.65
C LEU N 79 -28.89 -16.24 -39.14
N SER N 80 -29.74 -16.90 -38.37
CA SER N 80 -30.86 -16.27 -37.69
C SER N 80 -30.35 -15.28 -36.65
N PRO N 81 -31.19 -14.35 -36.20
CA PRO N 81 -30.76 -13.45 -35.12
C PRO N 81 -30.23 -14.17 -33.90
N SER N 82 -30.94 -15.16 -33.38
CA SER N 82 -30.51 -15.82 -32.15
C SER N 82 -29.16 -16.49 -32.30
N GLU N 83 -28.82 -16.99 -33.48
CA GLU N 83 -27.55 -17.68 -33.65
C GLU N 83 -26.38 -16.71 -33.79
N VAL N 84 -26.55 -15.61 -34.52
CA VAL N 84 -25.49 -14.62 -34.55
C VAL N 84 -25.31 -13.97 -33.19
N PHE N 85 -26.38 -13.82 -32.42
CA PHE N 85 -26.21 -13.33 -31.06
C PHE N 85 -25.47 -14.35 -30.20
N SER N 86 -25.78 -15.63 -30.35
CA SER N 86 -25.06 -16.66 -29.62
C SER N 86 -23.57 -16.61 -29.92
N TYR N 87 -23.22 -16.45 -31.19
CA TYR N 87 -21.80 -16.34 -31.55
C TYR N 87 -21.18 -15.10 -30.93
N LEU N 88 -21.92 -13.99 -30.91
CA LEU N 88 -21.44 -12.77 -30.28
C LEU N 88 -21.13 -13.02 -28.81
N HIS N 89 -22.05 -13.68 -28.11
CA HIS N 89 -21.88 -13.95 -26.69
C HIS N 89 -20.70 -14.87 -26.42
N ARG N 90 -20.57 -15.95 -27.19
CA ARG N 90 -19.43 -16.84 -27.00
C ARG N 90 -18.12 -16.13 -27.25
N SER N 91 -18.04 -15.25 -28.26
CA SER N 91 -16.80 -14.53 -28.50
C SER N 91 -16.49 -13.54 -27.39
N ILE N 92 -17.51 -12.85 -26.86
CA ILE N 92 -17.25 -11.95 -25.74
C ILE N 92 -16.75 -12.73 -24.53
N TYR N 93 -17.38 -13.85 -24.21
CA TYR N 93 -16.90 -14.63 -23.08
C TYR N 93 -15.48 -15.12 -23.31
N GLN N 94 -15.16 -15.55 -24.53
CA GLN N 94 -13.82 -16.04 -24.79
C GLN N 94 -12.78 -14.94 -24.67
N LYS N 95 -13.12 -13.72 -25.08
CA LYS N 95 -12.20 -12.61 -24.86
C LYS N 95 -12.05 -12.28 -23.39
N ARG N 96 -13.10 -12.49 -22.60
CA ARG N 96 -13.00 -12.20 -21.17
C ARG N 96 -12.12 -13.20 -20.43
N CYS N 97 -12.14 -14.48 -20.81
CA CYS N 97 -11.29 -15.46 -20.16
C CYS N 97 -9.81 -15.19 -20.39
N ASP N 98 -9.46 -14.43 -21.43
CA ASP N 98 -8.08 -14.10 -21.73
C ASP N 98 -7.64 -12.82 -21.04
N PHE N 99 -8.41 -12.33 -20.07
CA PHE N 99 -8.21 -11.00 -19.49
C PHE N 99 -8.01 -9.95 -20.58
N ASP N 100 -8.80 -10.07 -21.63
CA ASP N 100 -8.74 -9.13 -22.73
C ASP N 100 -10.18 -8.71 -22.99
N PRO N 101 -10.82 -8.06 -22.03
CA PRO N 101 -12.27 -7.89 -22.08
C PRO N 101 -12.72 -7.02 -23.23
N CYS N 102 -13.95 -7.27 -23.67
CA CYS N 102 -14.60 -6.48 -24.71
C CYS N 102 -15.55 -5.55 -23.98
N LEU N 103 -15.01 -4.43 -23.48
CA LEU N 103 -15.65 -3.66 -22.43
C LEU N 103 -16.85 -2.86 -22.91
N CYS N 104 -17.87 -3.54 -23.41
CA CYS N 104 -19.03 -2.82 -23.92
C CYS N 104 -20.27 -3.70 -23.80
N GLN N 105 -21.31 -3.13 -23.21
CA GLN N 105 -22.61 -3.78 -23.10
C GLN N 105 -23.37 -3.54 -24.39
N MET N 106 -23.75 -4.62 -25.05
CA MET N 106 -24.42 -4.55 -26.34
C MET N 106 -25.89 -4.87 -26.21
N VAL N 107 -26.68 -4.24 -27.05
CA VAL N 107 -28.09 -4.56 -27.25
C VAL N 107 -28.24 -5.04 -28.68
N PHE N 108 -28.91 -6.18 -28.85
CA PHE N 108 -28.98 -6.85 -30.13
C PHE N 108 -30.44 -7.08 -30.48
N ILE N 109 -30.87 -6.61 -31.64
CA ILE N 109 -32.25 -6.80 -32.08
C ILE N 109 -32.23 -7.56 -33.39
N GLY N 110 -33.35 -8.17 -33.72
CA GLY N 110 -33.45 -8.87 -34.99
C GLY N 110 -34.84 -9.41 -35.19
N VAL N 111 -35.21 -9.54 -36.46
CA VAL N 111 -36.48 -10.15 -36.83
C VAL N 111 -36.24 -11.04 -38.03
N ARG N 112 -36.75 -12.26 -37.97
CA ARG N 112 -36.75 -13.17 -39.11
C ARG N 112 -38.11 -13.86 -39.15
N ASP N 113 -38.89 -13.54 -40.18
CA ASP N 113 -40.20 -14.13 -40.49
C ASP N 113 -41.04 -14.48 -39.27
N GLY N 114 -41.36 -13.49 -38.45
CA GLY N 114 -42.20 -13.72 -37.29
C GLY N 114 -41.52 -13.88 -35.94
N GLU N 115 -40.49 -14.71 -35.85
CA GLU N 115 -39.81 -14.86 -34.57
C GLU N 115 -38.91 -13.66 -34.29
N THR N 116 -39.46 -12.68 -33.59
CA THR N 116 -38.73 -11.46 -33.24
C THR N 116 -37.88 -11.69 -32.00
N PHE N 117 -36.66 -11.16 -32.02
CA PHE N 117 -35.65 -11.45 -31.03
C PHE N 117 -35.03 -10.17 -30.54
N LEU N 118 -34.89 -10.04 -29.23
CA LEU N 118 -34.25 -8.89 -28.60
C LEU N 118 -33.48 -9.36 -27.40
N ALA N 119 -32.16 -9.21 -27.44
CA ALA N 119 -31.32 -9.69 -26.34
C ALA N 119 -30.31 -8.63 -25.98
N GLY N 120 -29.62 -8.86 -24.88
CA GLY N 120 -28.56 -7.97 -24.46
C GLY N 120 -27.44 -8.79 -23.86
N VAL N 121 -26.23 -8.29 -24.00
CA VAL N 121 -25.07 -8.98 -23.49
C VAL N 121 -24.16 -7.98 -22.79
N ASP N 122 -23.66 -8.36 -21.64
CA ASP N 122 -22.71 -7.53 -20.93
C ASP N 122 -21.33 -7.77 -21.51
N ASP N 123 -20.30 -7.30 -20.82
CA ASP N 123 -18.94 -7.55 -21.24
C ASP N 123 -18.27 -8.67 -20.46
N VAL N 124 -18.77 -8.97 -19.26
CA VAL N 124 -18.26 -10.08 -18.49
C VAL N 124 -18.77 -11.42 -19.01
N GLY N 125 -19.67 -11.40 -19.98
CA GLY N 125 -20.25 -12.61 -20.53
C GLY N 125 -21.71 -12.82 -20.22
N THR N 126 -22.30 -12.05 -19.31
CA THR N 126 -23.71 -12.21 -18.99
C THR N 126 -24.57 -11.86 -20.19
N ARG N 127 -25.59 -12.69 -20.44
CA ARG N 127 -26.53 -12.44 -21.51
C ARG N 127 -27.94 -12.58 -20.97
N TRP N 128 -28.87 -11.82 -21.53
CA TRP N 128 -30.26 -11.94 -21.14
C TRP N 128 -31.15 -11.56 -22.31
N GLU N 129 -32.44 -11.74 -22.12
CA GLU N 129 -33.45 -11.44 -23.13
C GLU N 129 -34.73 -11.02 -22.45
N ASP N 130 -35.39 -9.99 -22.97
CA ASP N 130 -36.61 -9.47 -22.38
C ASP N 130 -37.53 -8.96 -23.47
N ASP N 131 -38.53 -8.18 -23.07
CA ASP N 131 -39.30 -7.34 -23.96
C ASP N 131 -38.87 -5.88 -23.90
N CYS N 132 -37.79 -5.59 -23.19
CA CYS N 132 -37.28 -4.22 -23.07
C CYS N 132 -35.88 -4.31 -22.51
N ILE N 133 -34.92 -3.69 -23.20
CA ILE N 133 -33.52 -3.74 -22.81
C ILE N 133 -33.02 -2.31 -22.76
N ALA N 134 -31.99 -2.08 -21.97
CA ALA N 134 -31.38 -0.76 -21.90
C ALA N 134 -30.03 -0.88 -21.20
N THR N 135 -29.04 -0.20 -21.76
CA THR N 135 -27.69 -0.26 -21.23
C THR N 135 -27.25 1.14 -20.82
N GLY N 136 -26.02 1.22 -20.31
CA GLY N 136 -25.54 2.49 -19.83
C GLY N 136 -26.39 2.95 -18.67
N TYR N 137 -26.73 4.23 -18.65
CA TYR N 137 -27.64 4.76 -17.65
C TYR N 137 -29.10 4.51 -18.01
N GLY N 138 -29.39 4.12 -19.25
CA GLY N 138 -30.76 3.79 -19.60
C GLY N 138 -31.32 2.64 -18.79
N ALA N 139 -30.47 1.85 -18.15
CA ALA N 139 -30.95 0.75 -17.33
C ALA N 139 -31.59 1.24 -16.06
N TYR N 140 -31.22 2.42 -15.59
CA TYR N 140 -31.78 3.02 -14.38
C TYR N 140 -32.87 4.03 -14.67
N ILE N 141 -32.65 4.93 -15.62
CA ILE N 141 -33.58 6.00 -15.90
C ILE N 141 -34.66 5.51 -16.84
N ALA N 142 -34.26 4.93 -17.97
CA ALA N 142 -35.22 4.60 -19.00
C ALA N 142 -35.99 3.32 -18.70
N LEU N 143 -35.29 2.28 -18.26
CA LEU N 143 -35.89 0.95 -18.14
C LEU N 143 -37.16 0.91 -17.30
N PRO N 144 -37.25 1.57 -16.14
CA PRO N 144 -38.52 1.56 -15.40
C PRO N 144 -39.72 2.06 -16.19
N LEU N 145 -39.53 3.12 -16.99
CA LEU N 145 -40.63 3.63 -17.79
C LEU N 145 -41.07 2.62 -18.84
N LEU N 146 -40.11 1.99 -19.51
CA LEU N 146 -40.47 0.97 -20.49
C LEU N 146 -41.19 -0.19 -19.82
N ARG N 147 -40.74 -0.60 -18.64
CA ARG N 147 -41.39 -1.72 -17.97
C ARG N 147 -42.82 -1.37 -17.59
N GLN N 148 -43.06 -0.17 -17.08
CA GLN N 148 -44.45 0.19 -16.78
C GLN N 148 -45.28 0.30 -18.04
N ALA N 149 -44.72 0.84 -19.12
CA ALA N 149 -45.50 0.96 -20.35
C ALA N 149 -45.78 -0.40 -20.95
N LEU N 150 -44.96 -1.40 -20.63
CA LEU N 150 -45.27 -2.76 -21.04
C LEU N 150 -46.39 -3.34 -20.21
N GLU N 151 -46.29 -3.23 -18.88
CA GLU N 151 -47.25 -3.90 -18.02
C GLU N 151 -48.61 -3.23 -17.97
N LYS N 152 -48.71 -1.94 -18.28
CA LYS N 152 -50.00 -1.27 -18.36
C LYS N 152 -50.86 -1.79 -19.49
N ASN N 153 -50.30 -2.58 -20.40
CA ASN N 153 -51.02 -3.23 -21.47
C ASN N 153 -50.19 -4.40 -21.99
N PRO N 154 -50.33 -5.58 -21.37
CA PRO N 154 -49.46 -6.71 -21.74
C PRO N 154 -49.85 -7.38 -23.05
N ASP N 155 -50.92 -6.95 -23.70
CA ASP N 155 -51.33 -7.57 -24.96
C ASP N 155 -50.32 -7.30 -26.06
N GLY N 156 -49.63 -6.17 -25.99
CA GLY N 156 -48.62 -5.79 -26.97
C GLY N 156 -48.87 -4.36 -27.38
N LEU N 157 -47.83 -3.56 -27.36
CA LEU N 157 -47.94 -2.18 -27.78
C LEU N 157 -48.12 -2.10 -29.29
N SER N 158 -48.57 -0.94 -29.77
CA SER N 158 -48.56 -0.66 -31.19
C SER N 158 -47.23 -0.03 -31.58
N ARG N 159 -47.04 0.20 -32.88
CA ARG N 159 -45.80 0.81 -33.33
C ARG N 159 -45.76 2.29 -32.94
N GLY N 160 -46.83 3.02 -33.19
CA GLY N 160 -46.87 4.41 -32.76
C GLY N 160 -46.94 4.55 -31.26
N GLU N 161 -47.70 3.66 -30.61
CA GLU N 161 -47.82 3.70 -29.16
C GLU N 161 -46.54 3.30 -28.46
N ALA N 162 -45.61 2.65 -29.15
CA ALA N 162 -44.30 2.38 -28.59
C ALA N 162 -43.28 3.44 -28.97
N MET N 163 -43.36 3.99 -30.17
CA MET N 163 -42.52 5.13 -30.51
C MET N 163 -42.78 6.30 -29.58
N ARG N 164 -44.02 6.49 -29.16
CA ARG N 164 -44.33 7.53 -28.19
C ARG N 164 -43.52 7.36 -26.91
N ILE N 165 -43.55 6.17 -26.33
CA ILE N 165 -42.84 5.98 -25.07
C ILE N 165 -41.34 5.97 -25.28
N LEU N 166 -40.87 5.58 -26.47
CA LEU N 166 -39.44 5.70 -26.75
C LEU N 166 -39.03 7.17 -26.73
N THR N 167 -39.83 8.05 -27.32
CA THR N 167 -39.55 9.47 -27.23
C THR N 167 -39.61 9.96 -25.79
N ASP N 168 -40.59 9.47 -25.02
CA ASP N 168 -40.75 9.95 -23.65
C ASP N 168 -39.61 9.50 -22.74
N CYS N 169 -38.99 8.36 -23.03
CA CYS N 169 -37.81 7.96 -22.27
C CYS N 169 -36.53 8.59 -22.78
N LEU N 170 -36.40 8.81 -24.09
CA LEU N 170 -35.25 9.53 -24.61
C LEU N 170 -35.21 10.93 -24.04
N ARG N 171 -36.37 11.55 -23.87
CA ARG N 171 -36.40 12.90 -23.28
C ARG N 171 -35.79 12.90 -21.89
N VAL N 172 -36.19 11.96 -21.05
CA VAL N 172 -35.67 11.91 -19.68
C VAL N 172 -34.19 11.57 -19.70
N LEU N 173 -33.77 10.69 -20.59
CA LEU N 173 -32.35 10.37 -20.68
C LEU N 173 -31.55 11.60 -21.04
N PHE N 174 -32.11 12.46 -21.90
CA PHE N 174 -31.43 13.72 -22.21
C PHE N 174 -31.38 14.62 -20.98
N TYR N 175 -32.50 14.73 -20.26
CA TYR N 175 -32.53 15.59 -19.08
C TYR N 175 -31.47 15.17 -18.07
N ARG N 176 -31.42 13.89 -17.71
CA ARG N 176 -30.76 13.45 -16.50
C ARG N 176 -29.43 12.73 -16.72
N GLU N 177 -28.95 12.62 -17.94
CA GLU N 177 -27.64 12.04 -18.19
C GLU N 177 -26.68 13.13 -18.65
N CYS N 178 -25.54 13.24 -17.97
CA CYS N 178 -24.58 14.28 -18.31
C CYS N 178 -24.10 14.12 -19.74
N ARG N 179 -23.44 13.01 -20.04
CA ARG N 179 -22.80 12.81 -21.34
C ARG N 179 -23.84 12.30 -22.34
N ALA N 180 -24.70 13.20 -22.77
CA ALA N 180 -25.71 12.91 -23.77
C ALA N 180 -26.11 14.20 -24.49
N ILE N 181 -26.57 14.06 -25.73
CA ILE N 181 -27.02 15.18 -26.53
C ILE N 181 -28.37 14.85 -27.12
N ASN N 182 -29.03 15.87 -27.66
CA ASN N 182 -30.39 15.74 -28.15
C ASN N 182 -30.41 15.51 -29.66
N LYS N 183 -29.85 14.37 -30.07
CA LYS N 183 -29.93 13.97 -31.48
C LYS N 183 -29.83 12.45 -31.54
N PHE N 184 -30.96 11.76 -31.64
CA PHE N 184 -31.01 10.32 -31.50
C PHE N 184 -31.29 9.65 -32.84
N GLN N 185 -31.26 8.32 -32.82
CA GLN N 185 -31.58 7.50 -33.97
C GLN N 185 -32.35 6.27 -33.52
N VAL N 186 -33.32 5.86 -34.32
CA VAL N 186 -34.22 4.77 -34.00
C VAL N 186 -34.16 3.74 -35.12
N ALA N 187 -33.57 2.59 -34.83
CA ALA N 187 -33.56 1.48 -35.78
C ALA N 187 -34.76 0.59 -35.54
N ASP N 188 -35.60 0.47 -36.56
CA ASP N 188 -36.87 -0.25 -36.47
C ASP N 188 -36.74 -1.54 -37.27
N ALA N 189 -36.93 -2.67 -36.60
CA ALA N 189 -36.76 -3.98 -37.23
C ALA N 189 -38.12 -4.65 -37.34
N ALA N 190 -38.61 -4.77 -38.56
CA ALA N 190 -39.86 -5.48 -38.85
C ALA N 190 -39.57 -6.67 -39.76
N SER N 191 -40.60 -7.32 -40.28
CA SER N 191 -40.41 -8.56 -41.02
C SER N 191 -39.55 -8.34 -42.26
N ASP N 192 -39.75 -7.22 -42.98
CA ASP N 192 -38.92 -6.93 -44.14
C ASP N 192 -37.45 -6.87 -43.76
N GLY N 193 -37.13 -6.16 -42.68
CA GLY N 193 -35.76 -6.05 -42.23
C GLY N 193 -35.49 -4.76 -41.48
N VAL N 194 -34.35 -4.71 -40.82
CA VAL N 194 -33.96 -3.55 -40.02
C VAL N 194 -33.91 -2.32 -40.90
N ARG N 195 -34.29 -1.17 -40.34
CA ARG N 195 -34.31 0.09 -41.06
C ARG N 195 -33.97 1.20 -40.09
N ILE N 196 -32.86 1.85 -40.31
CA ILE N 196 -32.40 2.92 -39.42
C ILE N 196 -33.01 4.23 -39.87
N SER N 197 -33.50 5.02 -38.93
CA SER N 197 -34.13 6.28 -39.27
C SER N 197 -33.11 7.40 -39.31
N GLU N 198 -33.51 8.49 -39.92
CA GLU N 198 -32.69 9.69 -39.92
C GLU N 198 -32.66 10.28 -38.51
N PRO N 199 -31.58 10.93 -38.14
CA PRO N 199 -31.52 11.55 -36.82
C PRO N 199 -32.70 12.48 -36.60
N PHE N 200 -33.23 12.45 -35.39
CA PHE N 200 -34.32 13.33 -35.01
C PHE N 200 -34.06 13.85 -33.61
N ASP N 201 -34.80 14.89 -33.23
CA ASP N 201 -34.65 15.51 -31.93
C ASP N 201 -35.99 15.48 -31.22
N VAL N 202 -35.94 15.19 -29.93
CA VAL N 202 -37.13 15.21 -29.10
C VAL N 202 -37.21 16.57 -28.43
N GLU N 203 -38.41 17.11 -28.37
CA GLU N 203 -38.63 18.43 -27.79
C GLU N 203 -38.54 18.34 -26.28
N THR N 204 -38.18 19.46 -25.65
CA THR N 204 -37.99 19.51 -24.20
C THR N 204 -38.83 20.62 -23.59
N HIS N 205 -38.71 20.75 -22.27
CA HIS N 205 -39.43 21.76 -21.51
C HIS N 205 -38.53 22.26 -20.39
N TRP N 206 -38.23 23.55 -20.38
CA TRP N 206 -37.37 24.15 -19.37
C TRP N 206 -38.01 25.37 -18.76
N GLU N 207 -39.34 25.46 -18.80
CA GLU N 207 -40.04 26.67 -18.39
C GLU N 207 -40.97 26.44 -17.20
N TYR N 208 -40.61 25.52 -16.32
CA TYR N 208 -41.34 25.42 -15.05
C TYR N 208 -41.21 26.74 -14.31
N GLU N 209 -42.22 27.08 -13.53
CA GLU N 209 -42.12 28.31 -12.76
C GLU N 209 -41.14 28.16 -11.60
N GLY N 210 -40.92 26.95 -11.12
CA GLY N 210 -40.04 26.72 -10.00
C GLY N 210 -38.58 26.89 -10.31
N TYR N 211 -38.24 27.19 -11.56
CA TYR N 211 -36.86 27.41 -11.96
C TYR N 211 -36.50 28.88 -12.01
N CYS N 212 -37.43 29.77 -11.67
CA CYS N 212 -37.20 31.19 -11.76
C CYS N 212 -36.02 31.59 -10.88
N PHE N 213 -35.36 32.67 -11.28
CA PHE N 213 -34.13 33.09 -10.63
C PHE N 213 -34.35 33.36 -9.14
N GLU N 214 -35.45 34.02 -8.81
CA GLU N 214 -35.69 34.37 -7.41
C GLU N 214 -35.88 33.13 -6.55
N LYS N 215 -36.57 32.12 -7.05
CA LYS N 215 -36.90 30.95 -6.25
C LYS N 215 -35.72 30.05 -5.99
N THR N 216 -34.93 29.74 -7.01
CA THR N 216 -33.79 28.85 -6.85
C THR N 216 -32.62 29.52 -6.15
N ALA N 217 -32.84 30.68 -5.56
CA ALA N 217 -31.77 31.48 -5.00
C ALA N 217 -31.46 31.05 -3.57
N ILE N 218 -30.17 30.88 -3.29
CA ILE N 218 -29.67 30.66 -1.95
C ILE N 218 -28.93 31.93 -1.55
N ILE N 219 -29.64 32.86 -0.93
CA ILE N 219 -29.09 34.18 -0.69
C ILE N 219 -28.12 34.17 0.48
N ALA O 4 -25.73 44.66 55.56
CA ALA O 4 -26.87 45.31 56.16
C ALA O 4 -26.65 46.82 56.26
N GLY O 5 -25.46 47.26 55.91
CA GLY O 5 -25.14 48.68 55.95
C GLY O 5 -25.34 49.37 54.63
N PHE O 6 -24.84 48.75 53.56
CA PHE O 6 -24.87 49.40 52.26
C PHE O 6 -26.22 49.21 51.56
N ASP O 7 -26.51 47.99 51.14
CA ASP O 7 -27.80 47.59 50.59
C ASP O 7 -28.11 48.30 49.28
N LYS O 8 -27.25 49.26 48.88
CA LYS O 8 -27.51 50.05 47.69
C LYS O 8 -26.28 50.36 46.86
N TYR O 9 -25.18 49.65 47.06
CA TYR O 9 -23.99 49.85 46.24
C TYR O 9 -23.71 48.68 45.31
N ILE O 10 -24.46 47.59 45.45
CA ILE O 10 -24.38 46.44 44.58
C ILE O 10 -25.78 45.92 44.34
N THR O 11 -25.88 44.80 43.61
CA THR O 11 -27.16 44.21 43.26
C THR O 11 -27.56 43.25 44.37
N VAL O 12 -28.28 43.79 45.36
CA VAL O 12 -28.85 43.02 46.45
C VAL O 12 -30.23 43.58 46.75
N PHE O 13 -31.07 42.77 47.39
CA PHE O 13 -32.38 43.24 47.78
C PHE O 13 -32.29 44.07 49.05
N SER O 14 -32.98 45.20 49.06
CA SER O 14 -33.10 45.97 50.27
C SER O 14 -34.34 45.53 51.05
N PRO O 15 -34.40 45.83 52.35
CA PRO O 15 -35.45 45.25 53.20
C PRO O 15 -36.86 45.28 52.63
N GLU O 16 -37.24 46.32 51.90
CA GLU O 16 -38.62 46.41 51.45
C GLU O 16 -38.81 45.69 50.11
N GLY O 17 -37.74 45.10 49.57
CA GLY O 17 -37.85 44.30 48.37
C GLY O 17 -37.58 45.02 47.08
N SER O 18 -36.53 45.84 47.02
CA SER O 18 -36.21 46.60 45.82
C SER O 18 -34.73 46.48 45.50
N LEU O 19 -34.42 46.65 44.22
CA LEU O 19 -33.05 46.66 43.72
C LEU O 19 -32.66 48.11 43.45
N TYR O 20 -31.97 48.73 44.41
CA TYR O 20 -31.76 50.17 44.32
C TYR O 20 -30.94 50.57 43.11
N GLN O 21 -30.06 49.71 42.62
CA GLN O 21 -29.30 50.04 41.42
C GLN O 21 -30.19 50.10 40.19
N VAL O 22 -31.30 49.36 40.18
CA VAL O 22 -32.23 49.44 39.06
C VAL O 22 -33.23 50.56 39.29
N GLU O 23 -33.32 51.05 40.53
CA GLU O 23 -34.20 52.17 40.81
C GLU O 23 -33.50 53.50 40.55
N TYR O 24 -32.16 53.52 40.64
CA TYR O 24 -31.39 54.70 40.29
C TYR O 24 -31.07 54.77 38.81
N ALA O 25 -31.08 53.64 38.11
CA ALA O 25 -30.91 53.66 36.67
C ALA O 25 -32.10 54.26 35.94
N PHE O 26 -33.24 54.40 36.61
CA PHE O 26 -34.35 55.12 35.99
C PHE O 26 -34.18 56.62 36.13
N LYS O 27 -33.30 57.06 37.01
CA LYS O 27 -33.01 58.48 37.13
C LYS O 27 -31.88 58.91 36.22
N ALA O 28 -31.18 57.97 35.59
CA ALA O 28 -30.16 58.33 34.62
C ALA O 28 -30.75 58.62 33.24
N VAL O 29 -31.86 57.97 32.89
CA VAL O 29 -32.49 58.23 31.60
C VAL O 29 -33.08 59.63 31.58
N THR O 30 -33.69 60.06 32.67
CA THR O 30 -34.28 61.38 32.76
C THR O 30 -33.28 62.47 33.10
N TYR O 31 -31.99 62.15 33.14
CA TYR O 31 -30.98 63.12 33.48
C TYR O 31 -30.58 64.01 32.31
N PRO O 32 -30.28 63.47 31.12
CA PRO O 32 -29.78 64.35 30.05
C PRO O 32 -30.81 65.30 29.48
N GLY O 33 -32.04 65.30 29.97
CA GLY O 33 -33.02 66.26 29.52
C GLY O 33 -33.56 66.01 28.13
N LEU O 34 -33.31 64.85 27.54
CA LEU O 34 -33.87 64.53 26.23
C LEU O 34 -35.24 63.89 26.40
N LEU O 35 -36.00 63.85 25.32
CA LEU O 35 -37.34 63.27 25.34
C LEU O 35 -37.70 62.79 23.95
N THR O 36 -38.10 61.53 23.86
CA THR O 36 -38.48 60.91 22.59
C THR O 36 -39.90 60.39 22.68
N VAL O 37 -40.56 60.38 21.53
CA VAL O 37 -41.93 59.88 21.40
C VAL O 37 -41.99 58.98 20.18
N ALA O 38 -42.45 57.76 20.37
CA ALA O 38 -42.64 56.84 19.26
C ALA O 38 -44.11 56.48 19.16
N ILE O 39 -44.63 56.48 17.94
CA ILE O 39 -46.03 56.23 17.71
C ILE O 39 -46.16 55.38 16.46
N ARG O 40 -47.28 54.66 16.33
CA ARG O 40 -47.52 53.85 15.16
C ARG O 40 -48.94 54.07 14.67
N CYS O 41 -49.07 54.38 13.39
CA CYS O 41 -50.35 54.55 12.72
C CYS O 41 -50.77 53.22 12.10
N LYS O 42 -51.75 53.26 11.19
CA LYS O 42 -52.17 52.03 10.52
C LYS O 42 -51.03 51.41 9.73
N ASP O 43 -50.27 52.22 9.00
CA ASP O 43 -49.34 51.71 8.01
C ASP O 43 -47.87 51.96 8.33
N ALA O 44 -47.55 52.73 9.36
CA ALA O 44 -46.17 53.13 9.55
C ALA O 44 -45.87 53.34 11.02
N VAL O 45 -44.58 53.35 11.34
CA VAL O 45 -44.09 53.70 12.67
C VAL O 45 -43.23 54.93 12.53
N LEU O 46 -43.43 55.88 13.43
CA LEU O 46 -42.62 57.09 13.51
C LEU O 46 -41.99 57.17 14.89
N VAL O 47 -40.77 57.70 14.95
CA VAL O 47 -40.11 58.00 16.20
C VAL O 47 -39.49 59.39 16.07
N VAL O 48 -39.88 60.30 16.95
CA VAL O 48 -39.33 61.64 17.00
C VAL O 48 -38.52 61.76 18.28
N THR O 49 -37.39 62.46 18.19
CA THR O 49 -36.54 62.67 19.35
C THR O 49 -36.10 64.12 19.36
N GLN O 50 -35.90 64.67 20.55
CA GLN O 50 -35.14 65.91 20.64
C GLN O 50 -33.72 65.65 20.21
N HIS O 51 -33.22 66.48 19.30
CA HIS O 51 -31.83 66.43 18.88
C HIS O 51 -31.33 67.87 18.95
N LEU O 52 -30.98 68.31 20.15
CA LEU O 52 -30.58 69.68 20.38
C LEU O 52 -29.09 69.71 20.67
N ILE O 53 -28.37 70.51 19.90
CA ILE O 53 -26.96 70.78 20.17
C ILE O 53 -26.89 72.25 20.57
N PRO O 54 -26.97 72.56 21.86
CA PRO O 54 -26.93 73.97 22.29
C PRO O 54 -25.64 74.65 21.86
N ASP O 55 -24.53 73.92 21.95
CA ASP O 55 -23.27 74.40 21.39
C ASP O 55 -23.41 74.62 19.89
N ARG O 56 -22.78 75.67 19.39
CA ARG O 56 -22.88 75.99 17.96
C ARG O 56 -21.58 75.81 17.21
N LEU O 57 -20.62 75.09 17.79
CA LEU O 57 -19.43 74.67 17.07
C LEU O 57 -19.45 73.20 16.70
N MET O 58 -20.48 72.48 17.09
CA MET O 58 -20.55 71.04 16.91
C MET O 58 -21.24 70.70 15.61
N ARG O 59 -20.74 69.67 14.93
CA ARG O 59 -21.34 69.20 13.68
C ARG O 59 -22.77 68.75 13.95
N PRO O 60 -23.74 69.34 13.32
CA PRO O 60 -25.15 69.03 13.60
C PRO O 60 -25.62 67.70 13.00
N ASP O 61 -24.68 66.92 12.47
CA ASP O 61 -25.02 65.65 11.84
C ASP O 61 -24.12 64.54 12.34
N SER O 62 -23.40 64.80 13.42
CA SER O 62 -22.53 63.79 14.01
C SER O 62 -23.22 63.02 15.13
N VAL O 63 -23.69 63.72 16.15
CA VAL O 63 -24.37 63.11 17.28
C VAL O 63 -25.80 62.82 16.83
N THR O 64 -26.29 61.63 17.19
CA THR O 64 -27.61 61.20 16.81
C THR O 64 -28.26 60.46 17.97
N ALA O 65 -29.49 60.02 17.73
CA ALA O 65 -30.16 59.08 18.61
C ALA O 65 -30.67 57.86 17.87
N LEU O 66 -31.05 58.01 16.60
CA LEU O 66 -31.56 56.90 15.81
C LEU O 66 -30.42 56.06 15.29
N TYR O 67 -30.48 54.77 15.55
CA TYR O 67 -29.55 53.83 14.96
C TYR O 67 -30.35 52.78 14.22
N GLU O 68 -29.72 52.12 13.25
CA GLU O 68 -30.35 51.02 12.54
C GLU O 68 -29.73 49.71 13.01
N VAL O 69 -30.53 48.90 13.72
CA VAL O 69 -30.05 47.61 14.17
C VAL O 69 -29.96 46.62 13.03
N THR O 70 -31.02 46.49 12.24
CA THR O 70 -31.00 45.67 11.04
C THR O 70 -31.61 46.47 9.91
N PRO O 71 -31.36 46.10 8.66
CA PRO O 71 -31.99 46.80 7.52
C PRO O 71 -33.47 47.05 7.70
N ASN O 72 -34.13 46.31 8.59
CA ASN O 72 -35.57 46.38 8.76
C ASN O 72 -35.95 46.94 10.13
N ILE O 73 -35.04 46.93 11.10
CA ILE O 73 -35.36 47.30 12.48
C ILE O 73 -34.46 48.45 12.88
N GLY O 74 -35.07 49.53 13.38
CA GLY O 74 -34.33 50.66 13.90
C GLY O 74 -34.61 50.83 15.38
N CYS O 75 -33.91 51.77 16.01
CA CYS O 75 -34.13 52.00 17.42
C CYS O 75 -33.71 53.41 17.79
N CYS O 76 -34.34 53.94 18.81
CA CYS O 76 -33.89 55.15 19.46
C CYS O 76 -33.45 54.80 20.88
N MET O 77 -32.44 55.51 21.37
CA MET O 77 -31.82 55.25 22.66
C MET O 77 -31.94 56.51 23.50
N THR O 78 -32.80 56.47 24.49
CA THR O 78 -33.00 57.60 25.39
C THR O 78 -32.16 57.37 26.64
N GLY O 79 -31.41 58.37 27.05
CA GLY O 79 -30.78 58.33 28.34
C GLY O 79 -29.29 58.66 28.21
N ARG O 80 -28.50 57.99 29.03
CA ARG O 80 -27.05 58.18 29.02
C ARG O 80 -26.51 57.88 27.63
N ALA O 81 -25.93 58.89 27.00
CA ALA O 81 -25.60 58.86 25.57
C ALA O 81 -24.67 57.72 25.19
N PRO O 82 -23.54 57.50 25.86
CA PRO O 82 -22.67 56.39 25.44
C PRO O 82 -23.31 55.03 25.61
N ASP O 83 -23.96 54.80 26.76
CA ASP O 83 -24.62 53.52 27.01
C ASP O 83 -25.43 53.07 25.81
N GLY O 84 -26.39 53.90 25.40
CA GLY O 84 -27.20 53.57 24.22
C GLY O 84 -26.36 53.05 23.08
N ARG O 85 -25.32 53.80 22.71
CA ARG O 85 -24.44 53.36 21.63
C ARG O 85 -23.98 51.94 21.85
N ALA O 86 -23.34 51.68 22.99
CA ALA O 86 -22.89 50.33 23.30
C ALA O 86 -24.01 49.33 23.15
N LEU O 87 -25.19 49.63 23.70
CA LEU O 87 -26.31 48.71 23.59
C LEU O 87 -26.60 48.35 22.15
N VAL O 88 -26.64 49.34 21.25
CA VAL O 88 -26.88 49.06 19.84
C VAL O 88 -25.92 48.00 19.36
N GLN O 89 -24.62 48.16 19.63
CA GLN O 89 -23.64 47.18 19.18
C GLN O 89 -24.06 45.78 19.59
N ARG O 90 -24.42 45.62 20.87
CA ARG O 90 -24.88 44.32 21.34
C ARG O 90 -26.04 43.82 20.49
N ALA O 91 -27.07 44.65 20.35
CA ALA O 91 -28.19 44.29 19.50
C ALA O 91 -27.71 43.87 18.12
N ARG O 92 -26.86 44.69 17.51
CA ARG O 92 -26.39 44.37 16.17
C ARG O 92 -25.73 42.99 16.15
N GLU O 93 -24.88 42.72 17.15
CA GLU O 93 -24.25 41.41 17.22
C GLU O 93 -25.30 40.31 17.25
N GLU O 94 -26.30 40.46 18.13
CA GLU O 94 -27.31 39.43 18.25
C GLU O 94 -28.05 39.22 16.93
N ALA O 95 -28.14 40.28 16.13
CA ALA O 95 -28.76 40.11 14.82
C ALA O 95 -27.93 39.19 13.96
N SER O 96 -26.63 39.48 13.81
CA SER O 96 -25.78 38.73 12.90
C SER O 96 -25.80 37.25 13.24
N ASP O 97 -25.43 36.91 14.48
CA ASP O 97 -25.61 35.55 14.98
C ASP O 97 -26.93 34.98 14.52
N TYR O 98 -28.04 35.61 14.90
CA TYR O 98 -29.35 35.11 14.48
C TYR O 98 -29.41 35.00 12.97
N GLN O 99 -29.11 36.10 12.28
CA GLN O 99 -29.13 36.09 10.81
C GLN O 99 -28.25 34.99 10.27
N TYR O 100 -27.12 34.72 10.93
CA TYR O 100 -26.24 33.69 10.44
C TYR O 100 -26.71 32.30 10.81
N ARG O 101 -27.36 32.13 11.96
CA ARG O 101 -27.61 30.80 12.46
C ARG O 101 -28.94 30.20 12.00
N TYR O 102 -29.94 31.04 11.72
CA TYR O 102 -31.25 30.56 11.31
C TYR O 102 -31.62 30.93 9.89
N GLY O 103 -30.91 31.84 9.25
CA GLY O 103 -31.10 32.11 7.84
C GLY O 103 -32.17 33.12 7.50
N VAL O 104 -32.93 33.61 8.47
CA VAL O 104 -33.90 34.66 8.25
C VAL O 104 -33.45 35.90 9.03
N GLU O 105 -33.99 37.05 8.65
CA GLU O 105 -33.72 38.27 9.40
C GLU O 105 -34.49 38.23 10.71
N ILE O 106 -33.85 38.73 11.76
CA ILE O 106 -34.33 38.53 13.12
C ILE O 106 -35.66 39.25 13.32
N PRO O 107 -36.66 38.60 13.89
CA PRO O 107 -37.91 39.30 14.20
C PRO O 107 -37.67 40.42 15.20
N ILE O 108 -38.71 41.23 15.39
CA ILE O 108 -38.56 42.39 16.27
C ILE O 108 -38.83 42.00 17.72
N ALA O 109 -39.84 41.14 17.95
CA ALA O 109 -40.13 40.69 19.30
C ALA O 109 -38.98 39.87 19.86
N VAL O 110 -38.32 39.07 19.03
CA VAL O 110 -37.18 38.29 19.48
C VAL O 110 -36.02 39.18 19.88
N LEU O 111 -35.75 40.22 19.09
CA LEU O 111 -34.72 41.17 19.46
C LEU O 111 -35.05 41.89 20.75
N ALA O 112 -36.30 42.32 20.92
CA ALA O 112 -36.69 42.97 22.17
C ALA O 112 -36.54 42.03 23.36
N LYS O 113 -36.95 40.77 23.21
CA LYS O 113 -36.83 39.83 24.32
C LYS O 113 -35.37 39.56 24.67
N ARG O 114 -34.51 39.39 23.67
CA ARG O 114 -33.11 39.12 23.98
C ARG O 114 -32.41 40.33 24.56
N MET O 115 -32.69 41.52 24.04
CA MET O 115 -32.08 42.71 24.62
C MET O 115 -32.64 43.03 26.00
N GLY O 116 -33.84 42.55 26.32
CA GLY O 116 -34.30 42.67 27.69
C GLY O 116 -33.61 41.68 28.60
N ASP O 117 -33.46 40.44 28.16
CA ASP O 117 -32.75 39.45 28.94
C ASP O 117 -31.32 39.89 29.24
N LYS O 118 -30.59 40.37 28.23
CA LYS O 118 -29.24 40.86 28.47
C LYS O 118 -29.24 41.95 29.53
N ALA O 119 -30.32 42.72 29.62
CA ALA O 119 -30.39 43.78 30.63
C ALA O 119 -30.66 43.20 32.01
N GLN O 120 -31.34 42.05 32.06
CA GLN O 120 -31.64 41.45 33.35
C GLN O 120 -30.41 40.78 33.95
N VAL O 121 -29.49 40.35 33.10
CA VAL O 121 -28.29 39.68 33.61
C VAL O 121 -27.43 40.65 34.41
N ARG O 122 -27.30 41.88 33.93
CA ARG O 122 -26.53 42.86 34.67
C ARG O 122 -27.15 43.20 36.01
N THR O 123 -28.46 43.09 36.14
CA THR O 123 -29.11 43.38 37.41
C THR O 123 -29.06 42.22 38.37
N GLN O 124 -28.29 41.19 38.06
CA GLN O 124 -28.15 40.02 38.92
C GLN O 124 -26.74 39.84 39.45
N GLN O 125 -25.72 39.99 38.61
CA GLN O 125 -24.36 39.89 39.10
C GLN O 125 -23.93 41.20 39.75
N ALA O 126 -23.01 41.09 40.70
CA ALA O 126 -22.63 42.25 41.50
C ALA O 126 -21.72 43.20 40.72
N GLY O 127 -20.88 42.64 39.85
CA GLY O 127 -19.88 43.44 39.15
C GLY O 127 -20.43 44.46 38.17
N LEU O 128 -21.17 44.00 37.18
CA LEU O 128 -21.63 44.85 36.08
C LEU O 128 -22.49 45.99 36.56
N ARG O 129 -22.50 47.09 35.81
CA ARG O 129 -23.36 48.23 36.05
C ARG O 129 -24.53 48.22 35.09
N PRO O 130 -25.75 48.44 35.56
CA PRO O 130 -26.90 48.36 34.65
C PRO O 130 -26.90 49.51 33.65
N MET O 131 -27.30 49.18 32.43
CA MET O 131 -27.31 50.17 31.36
C MET O 131 -28.41 51.18 31.61
N GLY O 132 -28.02 52.44 31.84
CA GLY O 132 -28.98 53.49 32.06
C GLY O 132 -29.54 54.05 30.78
N VAL O 133 -30.38 53.27 30.08
CA VAL O 133 -30.91 53.66 28.78
C VAL O 133 -32.21 52.91 28.54
N VAL O 134 -33.22 53.65 28.11
CA VAL O 134 -34.52 53.08 27.77
C VAL O 134 -34.57 52.92 26.26
N SER O 135 -34.38 51.70 25.78
CA SER O 135 -34.29 51.49 24.34
C SER O 135 -35.66 51.29 23.74
N THR O 136 -35.86 51.83 22.54
CA THR O 136 -37.11 51.66 21.81
C THR O 136 -36.77 51.14 20.42
N PHE O 137 -37.12 49.88 20.15
CA PHE O 137 -36.95 49.30 18.83
C PHE O 137 -38.25 49.43 18.04
N ILE O 138 -38.16 50.02 16.87
CA ILE O 138 -39.31 50.18 15.99
C ILE O 138 -39.07 49.39 14.72
N GLY O 139 -40.14 48.86 14.16
CA GLY O 139 -40.02 48.14 12.92
C GLY O 139 -41.38 47.70 12.42
N MET O 140 -41.35 46.88 11.39
CA MET O 140 -42.55 46.26 10.86
C MET O 140 -42.29 44.78 10.64
N ASP O 141 -43.20 43.95 11.13
CA ASP O 141 -43.00 42.52 11.13
C ASP O 141 -43.97 41.85 10.18
N GLN O 142 -43.63 40.64 9.78
CA GLN O 142 -44.49 39.84 8.92
C GLN O 142 -45.68 39.35 9.73
N SER O 143 -46.89 39.72 9.33
CA SER O 143 -48.08 39.18 9.96
C SER O 143 -48.49 37.89 9.26
N ASP O 144 -48.88 36.91 10.06
CA ASP O 144 -49.16 35.58 9.56
C ASP O 144 -50.64 35.41 9.24
N GLN O 145 -50.92 34.40 8.41
CA GLN O 145 -52.25 34.05 7.93
C GLN O 145 -52.78 35.06 6.92
N ASP O 146 -52.05 36.15 6.72
CA ASP O 146 -52.34 37.08 5.62
C ASP O 146 -51.11 37.65 4.93
N GLY O 147 -49.92 37.53 5.51
CA GLY O 147 -48.71 37.94 4.85
C GLY O 147 -48.36 39.42 4.95
N SER O 148 -49.30 40.26 5.38
CA SER O 148 -49.06 41.69 5.42
C SER O 148 -48.04 42.03 6.50
N LEU O 149 -47.57 43.27 6.47
CA LEU O 149 -46.65 43.78 7.48
C LEU O 149 -47.40 44.62 8.49
N LYS O 150 -47.13 44.36 9.77
CA LYS O 150 -47.79 45.04 10.86
C LYS O 150 -46.75 45.85 11.63
N PRO O 151 -47.03 47.09 11.98
CA PRO O 151 -46.05 47.92 12.68
C PRO O 151 -45.87 47.47 14.12
N GLN O 152 -44.67 47.68 14.67
CA GLN O 152 -44.35 47.24 16.01
C GLN O 152 -43.40 48.22 16.68
N ILE O 153 -43.67 48.50 17.96
CA ILE O 153 -42.86 49.34 18.82
C ILE O 153 -42.59 48.60 20.11
N TYR O 154 -41.33 48.38 20.43
CA TYR O 154 -40.97 47.60 21.61
C TYR O 154 -40.05 48.42 22.49
N THR O 155 -40.26 48.35 23.80
CA THR O 155 -39.47 49.11 24.76
C THR O 155 -38.78 48.15 25.70
N VAL O 156 -37.50 48.41 26.00
CA VAL O 156 -36.76 47.66 26.99
C VAL O 156 -36.11 48.65 27.96
N ASP O 157 -36.32 48.41 29.25
CA ASP O 157 -35.85 49.29 30.31
C ASP O 157 -34.54 48.77 30.87
N PRO O 158 -33.90 49.53 31.78
CA PRO O 158 -32.73 48.98 32.47
C PRO O 158 -33.00 47.69 33.20
N ALA O 159 -34.22 47.46 33.67
CA ALA O 159 -34.53 46.21 34.35
C ALA O 159 -34.77 45.08 33.37
N GLY O 160 -35.14 45.39 32.14
CA GLY O 160 -35.54 44.39 31.18
C GLY O 160 -37.03 44.24 30.98
N TRP O 161 -37.82 45.25 31.31
CA TRP O 161 -39.27 45.17 31.20
C TRP O 161 -39.70 45.42 29.77
N THR O 162 -39.39 44.49 28.88
CA THR O 162 -39.76 44.65 27.48
C THR O 162 -41.27 44.65 27.33
N GLY O 163 -41.73 45.44 26.37
CA GLY O 163 -43.15 45.51 26.11
C GLY O 163 -43.52 46.20 24.82
N GLY O 164 -44.55 45.69 24.14
CA GLY O 164 -45.08 46.38 22.98
C GLY O 164 -45.79 47.66 23.38
N HIS O 165 -46.12 48.48 22.39
CA HIS O 165 -46.74 49.76 22.68
C HIS O 165 -47.61 50.22 21.52
N ILE O 166 -48.49 51.16 21.81
CA ILE O 166 -49.20 51.89 20.76
C ILE O 166 -48.58 53.26 20.57
N ALA O 167 -48.08 53.85 21.65
CA ALA O 167 -47.32 55.09 21.61
C ALA O 167 -46.58 55.24 22.93
N CYS O 168 -45.26 55.30 22.85
CA CYS O 168 -44.44 55.39 24.05
C CYS O 168 -43.75 56.74 24.09
N ALA O 169 -43.48 57.20 25.30
CA ALA O 169 -42.71 58.41 25.51
C ALA O 169 -41.65 58.12 26.56
N ALA O 170 -40.44 58.65 26.33
CA ALA O 170 -39.34 58.31 27.20
C ALA O 170 -38.46 59.53 27.42
N GLY O 171 -37.99 59.72 28.64
CA GLY O 171 -37.01 60.72 28.95
C GLY O 171 -37.59 61.83 29.81
N LYS O 172 -36.99 63.02 29.65
CA LYS O 172 -37.38 64.19 30.43
C LYS O 172 -38.85 64.53 30.22
N LYS O 173 -39.56 64.72 31.33
CA LYS O 173 -40.99 65.07 31.32
C LYS O 173 -41.79 64.09 30.47
N GLN O 174 -41.50 62.81 30.65
CA GLN O 174 -42.21 61.77 29.91
C GLN O 174 -43.61 61.55 30.43
N VAL O 175 -43.88 61.92 31.68
CA VAL O 175 -45.22 61.77 32.22
C VAL O 175 -46.21 62.74 31.57
N GLU O 176 -45.81 64.00 31.37
CA GLU O 176 -46.70 64.93 30.69
C GLU O 176 -46.98 64.49 29.26
N ALA O 177 -45.96 63.98 28.57
CA ALA O 177 -46.15 63.48 27.22
C ALA O 177 -47.11 62.31 27.19
N MET O 178 -46.94 61.36 28.11
CA MET O 178 -47.85 60.22 28.16
C MET O 178 -49.26 60.66 28.50
N ALA O 179 -49.40 61.66 29.37
CA ALA O 179 -50.72 62.15 29.72
C ALA O 179 -51.40 62.79 28.50
N PHE O 180 -50.66 63.60 27.75
CA PHE O 180 -51.20 64.19 26.53
C PHE O 180 -51.62 63.11 25.55
N LEU O 181 -50.76 62.10 25.35
CA LEU O 181 -51.10 61.03 24.42
C LEU O 181 -52.33 60.27 24.88
N GLU O 182 -52.45 60.00 26.18
CA GLU O 182 -53.62 59.30 26.69
C GLU O 182 -54.87 60.13 26.47
N LYS O 183 -54.80 61.43 26.72
CA LYS O 183 -55.97 62.27 26.54
C LYS O 183 -56.37 62.33 25.07
N ARG O 184 -55.40 62.44 24.17
CA ARG O 184 -55.69 62.39 22.76
C ARG O 184 -56.27 61.06 22.31
N GLN O 185 -55.91 59.96 22.97
CA GLN O 185 -56.39 58.65 22.58
C GLN O 185 -57.83 58.40 23.00
N LYS O 186 -58.27 59.02 24.10
CA LYS O 186 -59.62 58.78 24.61
C LYS O 186 -60.69 59.16 23.59
N SER O 187 -60.35 60.00 22.62
CA SER O 187 -61.30 60.43 21.59
C SER O 187 -61.19 59.59 20.31
N THR O 188 -60.01 59.58 19.69
CA THR O 188 -59.83 58.91 18.41
C THR O 188 -59.26 57.50 18.61
N GLU O 189 -58.93 56.83 17.50
CA GLU O 189 -58.41 55.47 17.52
C GLU O 189 -57.07 55.47 16.81
N LEU O 190 -55.99 55.30 17.59
CA LEU O 190 -54.64 55.46 17.06
C LEU O 190 -54.33 54.45 15.94
N ASP O 191 -54.87 53.24 16.02
CA ASP O 191 -54.57 52.25 15.01
C ASP O 191 -55.40 52.46 13.74
N ALA O 192 -56.00 53.62 13.59
CA ALA O 192 -56.72 53.96 12.36
C ALA O 192 -56.23 55.26 11.74
N LEU O 193 -55.28 55.94 12.38
CA LEU O 193 -54.78 57.19 11.86
C LEU O 193 -53.80 56.94 10.71
N THR O 194 -53.55 57.98 9.93
CA THR O 194 -52.56 57.92 8.87
C THR O 194 -51.29 58.63 9.31
N GLN O 195 -50.25 58.49 8.49
CA GLN O 195 -48.91 58.88 8.91
C GLN O 195 -48.83 60.36 9.27
N LYS O 196 -49.47 61.21 8.47
CA LYS O 196 -49.37 62.66 8.72
C LYS O 196 -50.08 63.03 10.02
N GLU O 197 -51.27 62.46 10.25
CA GLU O 197 -51.96 62.71 11.51
C GLU O 197 -51.15 62.20 12.69
N ALA O 198 -50.64 60.96 12.60
CA ALA O 198 -49.82 60.40 13.66
C ALA O 198 -48.62 61.28 13.96
N ALA O 199 -47.91 61.75 12.94
CA ALA O 199 -46.78 62.63 13.19
C ALA O 199 -47.23 63.95 13.80
N MET O 200 -48.39 64.45 13.38
CA MET O 200 -48.92 65.64 14.03
C MET O 200 -49.20 65.40 15.50
N ILE O 201 -49.74 64.23 15.86
CA ILE O 201 -50.00 63.93 17.25
C ILE O 201 -48.70 63.77 18.02
N ALA O 202 -47.70 63.13 17.44
CA ALA O 202 -46.41 62.99 18.10
C ALA O 202 -45.75 64.34 18.34
N LEU O 203 -45.71 65.21 17.33
CA LEU O 203 -45.15 66.54 17.51
C LEU O 203 -45.96 67.39 18.49
N ALA O 204 -47.28 67.25 18.51
CA ALA O 204 -48.09 67.97 19.47
C ALA O 204 -47.84 67.47 20.89
N ALA O 205 -47.68 66.17 21.08
CA ALA O 205 -47.31 65.64 22.38
C ALA O 205 -45.95 66.17 22.83
N LEU O 206 -44.97 66.16 21.94
CA LEU O 206 -43.65 66.62 22.31
C LEU O 206 -43.65 68.11 22.62
N GLN O 207 -44.41 68.91 21.87
CA GLN O 207 -44.49 70.34 22.15
C GLN O 207 -45.36 70.64 23.36
N SER O 208 -46.21 69.69 23.77
CA SER O 208 -46.96 69.83 25.00
C SER O 208 -46.12 69.48 26.22
N ALA O 209 -45.17 68.56 26.07
CA ALA O 209 -44.35 68.11 27.19
C ALA O 209 -43.23 69.10 27.53
N ILE O 210 -42.65 69.77 26.53
CA ILE O 210 -41.62 70.75 26.81
C ILE O 210 -42.13 72.19 26.71
N GLY O 211 -43.08 72.46 25.83
CA GLY O 211 -43.67 73.78 25.70
C GLY O 211 -42.75 74.81 25.07
N THR O 212 -42.15 74.51 23.93
CA THR O 212 -41.24 75.44 23.28
C THR O 212 -41.56 75.65 21.80
N ALA O 213 -42.52 74.89 21.27
CA ALA O 213 -42.88 74.97 19.85
C ALA O 213 -41.66 74.72 18.95
N VAL O 214 -41.18 73.49 19.03
CA VAL O 214 -39.92 73.09 18.41
C VAL O 214 -39.85 73.50 16.94
N LYS O 215 -38.64 73.79 16.49
CA LYS O 215 -38.38 74.03 15.08
C LYS O 215 -37.84 72.77 14.43
N ALA O 216 -37.54 72.87 13.14
CA ALA O 216 -37.25 71.66 12.37
C ALA O 216 -35.90 71.05 12.70
N LYS O 217 -34.92 71.85 13.10
CA LYS O 217 -33.56 71.37 13.27
C LYS O 217 -33.29 70.79 14.64
N GLU O 218 -34.26 70.87 15.56
CA GLU O 218 -34.08 70.31 16.89
C GLU O 218 -34.62 68.90 17.01
N VAL O 219 -35.39 68.42 16.05
CA VAL O 219 -35.95 67.08 16.09
C VAL O 219 -35.53 66.33 14.83
N GLU O 220 -35.22 65.06 15.01
CA GLU O 220 -35.01 64.14 13.90
C GLU O 220 -36.07 63.05 13.96
N VAL O 221 -36.65 62.74 12.81
CA VAL O 221 -37.75 61.78 12.75
C VAL O 221 -37.33 60.59 11.90
N GLY O 222 -37.59 59.40 12.43
CA GLY O 222 -37.33 58.18 11.71
C GLY O 222 -38.62 57.41 11.50
N ARG O 223 -38.69 56.71 10.39
CA ARG O 223 -39.95 56.13 9.96
C ARG O 223 -39.70 54.77 9.32
N CYS O 224 -40.67 53.88 9.51
CA CYS O 224 -40.76 52.62 8.80
C CYS O 224 -42.15 52.51 8.20
N THR O 225 -42.23 52.15 6.92
CA THR O 225 -43.49 52.17 6.20
C THR O 225 -43.70 50.83 5.52
N ALA O 226 -44.97 50.41 5.44
CA ALA O 226 -45.32 49.18 4.72
C ALA O 226 -44.85 49.23 3.27
N ALA O 227 -44.85 50.43 2.66
CA ALA O 227 -44.39 50.55 1.29
C ALA O 227 -42.89 50.27 1.18
N ASN O 228 -42.08 51.04 1.89
CA ASN O 228 -40.64 50.78 2.00
C ASN O 228 -40.36 50.22 3.39
N PRO O 229 -40.15 48.92 3.52
CA PRO O 229 -40.07 48.31 4.86
C PRO O 229 -38.82 48.70 5.63
N ALA O 230 -37.84 49.32 5.00
CA ALA O 230 -36.60 49.64 5.69
C ALA O 230 -36.79 50.82 6.63
N PHE O 231 -36.03 50.82 7.72
CA PHE O 231 -35.99 51.99 8.59
C PHE O 231 -35.23 53.10 7.89
N GLN O 232 -35.76 54.32 7.95
CA GLN O 232 -35.04 55.43 7.33
C GLN O 232 -35.48 56.72 7.98
N ARG O 233 -34.58 57.70 8.03
CA ARG O 233 -34.92 58.97 8.64
C ARG O 233 -35.38 59.94 7.56
N VAL O 234 -36.35 60.77 7.92
CA VAL O 234 -37.02 61.63 6.96
C VAL O 234 -36.41 63.03 7.01
N PRO O 235 -36.26 63.69 5.87
CA PRO O 235 -35.53 64.97 5.85
C PRO O 235 -36.28 66.06 6.58
N ASN O 236 -35.60 67.20 6.75
CA ASN O 236 -36.21 68.35 7.38
C ASN O 236 -37.29 68.99 6.50
N SER O 237 -37.18 68.83 5.18
CA SER O 237 -38.20 69.34 4.29
C SER O 237 -39.55 68.67 4.50
N GLU O 238 -39.57 67.49 5.11
CA GLU O 238 -40.83 66.85 5.46
C GLU O 238 -41.29 67.21 6.87
N VAL O 239 -40.37 67.32 7.82
CA VAL O 239 -40.75 67.68 9.19
C VAL O 239 -41.30 69.10 9.24
N GLU O 240 -40.79 69.98 8.38
CA GLU O 240 -41.32 71.34 8.33
C GLU O 240 -42.78 71.35 7.91
N GLU O 241 -43.16 70.43 7.02
CA GLU O 241 -44.54 70.35 6.59
C GLU O 241 -45.49 69.92 7.71
N TRP O 242 -44.99 69.13 8.67
CA TRP O 242 -45.80 68.78 9.83
C TRP O 242 -45.78 69.87 10.89
N LEU O 243 -44.66 70.59 11.00
CA LEU O 243 -44.63 71.73 11.93
C LEU O 243 -45.60 72.82 11.51
N THR O 244 -45.58 73.22 10.24
CA THR O 244 -46.52 74.22 9.77
C THR O 244 -47.96 73.77 9.94
N ALA O 245 -48.23 72.47 9.85
CA ALA O 245 -49.61 71.98 9.98
C ALA O 245 -50.03 71.91 11.44
N VAL O 246 -49.11 71.57 12.34
CA VAL O 246 -49.42 71.64 13.77
C VAL O 246 -49.63 73.09 14.20
N ALA O 247 -48.95 74.02 13.53
CA ALA O 247 -49.03 75.43 13.91
C ALA O 247 -50.44 75.98 13.89
N GLU O 248 -51.33 75.42 13.08
CA GLU O 248 -52.69 75.95 13.00
C GLU O 248 -53.51 75.49 14.20
N GLU P 3 -14.35 38.37 39.46
CA GLU P 3 -15.61 38.81 38.87
C GLU P 3 -16.74 38.67 39.89
N ALA P 4 -16.43 39.08 41.12
CA ALA P 4 -17.36 38.98 42.25
C ALA P 4 -17.81 37.53 42.44
N PHE P 5 -16.83 36.70 42.79
CA PHE P 5 -17.08 35.28 43.01
C PHE P 5 -17.52 34.99 44.44
N TYR P 6 -17.64 36.00 45.28
CA TYR P 6 -18.07 35.73 46.64
C TYR P 6 -19.59 35.72 46.74
N GLY P 7 -20.08 35.27 47.88
CA GLY P 7 -21.51 35.16 48.07
C GLY P 7 -22.11 36.44 48.63
N LEU P 8 -23.31 36.76 48.15
CA LEU P 8 -24.05 37.91 48.63
C LEU P 8 -24.97 37.57 49.79
N THR P 9 -25.61 36.41 49.74
CA THR P 9 -26.49 35.96 50.81
C THR P 9 -25.71 35.09 51.77
N THR P 10 -25.79 35.41 53.06
CA THR P 10 -25.05 34.73 54.10
C THR P 10 -25.91 34.62 55.34
N PHE P 11 -25.67 33.57 56.13
CA PHE P 11 -26.41 33.39 57.36
C PHE P 11 -26.18 34.57 58.30
N SER P 12 -27.15 34.79 59.18
CA SER P 12 -27.10 35.83 60.18
C SER P 12 -27.18 35.22 61.57
N PRO P 13 -26.76 35.97 62.61
CA PRO P 13 -26.74 35.41 63.97
C PRO P 13 -27.99 34.66 64.38
N SER P 14 -29.15 35.09 63.90
CA SER P 14 -30.40 34.41 64.19
C SER P 14 -30.65 33.20 63.30
N GLY P 15 -29.75 32.92 62.36
CA GLY P 15 -29.91 31.78 61.49
C GLY P 15 -30.83 31.98 60.30
N LYS P 16 -30.99 33.22 59.83
CA LYS P 16 -31.90 33.51 58.75
C LYS P 16 -31.13 34.00 57.53
N LEU P 17 -31.38 33.36 56.38
CA LEU P 17 -30.92 33.90 55.10
C LEU P 17 -31.82 35.08 54.78
N ILE P 18 -31.42 36.24 55.27
CA ILE P 18 -32.33 37.37 55.35
C ILE P 18 -32.46 37.97 53.96
N GLN P 19 -31.43 37.78 53.15
CA GLN P 19 -31.55 38.06 51.72
C GLN P 19 -32.69 37.29 51.09
N ILE P 20 -32.92 36.05 51.51
CA ILE P 20 -34.03 35.28 50.98
C ILE P 20 -35.36 35.84 51.47
N GLU P 21 -35.41 36.38 52.69
CA GLU P 21 -36.64 37.00 53.14
C GLU P 21 -36.94 38.26 52.34
N TYR P 22 -35.92 39.06 52.06
CA TYR P 22 -36.14 40.22 51.19
C TYR P 22 -36.58 39.79 49.80
N ALA P 23 -36.01 38.71 49.28
CA ALA P 23 -36.42 38.22 47.97
C ALA P 23 -37.85 37.69 47.97
N THR P 24 -38.29 37.07 49.06
CA THR P 24 -39.65 36.57 49.11
C THR P 24 -40.66 37.68 49.33
N THR P 25 -40.25 38.77 49.97
CA THR P 25 -41.11 39.94 50.02
C THR P 25 -41.20 40.60 48.65
N ALA P 26 -40.07 40.69 47.96
CA ALA P 26 -40.07 41.27 46.61
C ALA P 26 -40.87 40.41 45.63
N ALA P 27 -41.00 39.12 45.90
CA ALA P 27 -41.77 38.23 45.06
C ALA P 27 -43.23 38.14 45.47
N GLY P 28 -43.70 39.07 46.29
CA GLY P 28 -45.10 39.07 46.68
C GLY P 28 -45.73 40.42 46.46
N LYS P 29 -45.03 41.30 45.75
CA LYS P 29 -45.50 42.65 45.50
C LYS P 29 -46.10 42.82 44.11
N GLY P 30 -45.85 41.87 43.22
CA GLY P 30 -46.35 41.96 41.86
C GLY P 30 -47.85 41.82 41.80
N THR P 31 -48.34 41.56 40.60
CA THR P 31 -49.76 41.37 40.39
C THR P 31 -50.23 40.09 41.07
N THR P 32 -51.54 39.97 41.25
CA THR P 32 -52.11 38.77 41.86
C THR P 32 -52.41 37.74 40.78
N ALA P 33 -51.90 36.53 40.98
CA ALA P 33 -52.24 35.38 40.18
C ALA P 33 -52.85 34.33 41.08
N LEU P 34 -53.57 33.38 40.50
CA LEU P 34 -54.11 32.30 41.30
C LEU P 34 -54.37 31.10 40.41
N GLY P 35 -54.56 29.95 41.05
CA GLY P 35 -54.79 28.72 40.32
C GLY P 35 -55.57 27.75 41.18
N VAL P 36 -56.44 27.00 40.52
CA VAL P 36 -57.28 26.01 41.21
C VAL P 36 -57.22 24.71 40.45
N LYS P 37 -57.55 23.63 41.15
CA LYS P 37 -57.57 22.29 40.58
C LYS P 37 -58.99 21.74 40.54
N ALA P 38 -59.18 20.75 39.69
CA ALA P 38 -60.42 20.01 39.64
C ALA P 38 -60.12 18.65 39.03
N THR P 39 -61.01 17.69 39.30
CA THR P 39 -60.80 16.33 38.84
C THR P 39 -60.59 16.24 37.33
N ASP P 40 -60.95 17.28 36.58
CA ASP P 40 -60.81 17.28 35.13
C ASP P 40 -59.68 18.14 34.61
N GLY P 41 -59.14 19.04 35.41
CA GLY P 41 -58.07 19.88 34.92
C GLY P 41 -57.74 20.98 35.89
N VAL P 42 -56.76 21.78 35.51
CA VAL P 42 -56.26 22.87 36.32
C VAL P 42 -56.64 24.18 35.63
N VAL P 43 -56.84 25.24 36.41
CA VAL P 43 -57.13 26.55 35.89
C VAL P 43 -56.14 27.54 36.50
N ILE P 44 -55.49 28.32 35.65
CA ILE P 44 -54.63 29.42 36.09
C ILE P 44 -55.29 30.72 35.63
N ALA P 45 -55.25 31.74 36.48
CA ALA P 45 -55.81 33.03 36.15
C ALA P 45 -54.92 34.11 36.71
N ALA P 46 -54.45 35.00 35.83
CA ALA P 46 -53.61 36.12 36.22
C ALA P 46 -54.40 37.41 36.03
N LYS P 47 -53.72 38.54 36.19
CA LYS P 47 -54.35 39.85 36.03
C LYS P 47 -53.34 40.76 35.33
N LYS P 48 -53.57 41.03 34.05
CA LYS P 48 -52.72 41.90 33.25
C LYS P 48 -53.00 43.35 33.62
N LYS P 49 -52.31 43.85 34.64
CA LYS P 49 -52.43 45.24 35.04
C LYS P 49 -51.66 46.09 34.05
N ALA P 50 -52.39 46.78 33.19
CA ALA P 50 -51.75 47.57 32.15
C ALA P 50 -51.21 48.86 32.73
N PRO P 51 -49.94 49.20 32.49
CA PRO P 51 -49.40 50.45 33.04
C PRO P 51 -50.04 51.69 32.44
N SER P 52 -50.48 51.62 31.19
CA SER P 52 -51.16 52.73 30.53
C SER P 52 -51.99 52.19 29.39
N THR P 53 -52.89 53.02 28.87
CA THR P 53 -53.75 52.65 27.76
C THR P 53 -52.96 52.48 26.47
N LEU P 54 -51.67 52.82 26.50
CA LEU P 54 -50.75 52.72 25.37
C LEU P 54 -49.76 51.59 25.54
N VAL P 55 -50.20 50.44 26.02
CA VAL P 55 -49.31 49.33 26.34
C VAL P 55 -49.52 48.15 25.41
N ASP P 56 -50.54 48.20 24.56
CA ASP P 56 -50.85 47.10 23.64
C ASP P 56 -51.07 45.79 24.41
N ALA P 57 -52.16 45.78 25.17
CA ALA P 57 -52.48 44.67 26.07
C ALA P 57 -52.39 43.31 25.40
N SER P 58 -52.36 43.25 24.08
CA SER P 58 -52.18 41.98 23.39
C SER P 58 -50.82 41.36 23.62
N SER P 59 -49.78 42.16 23.82
CA SER P 59 -48.42 41.65 23.84
C SER P 59 -47.93 41.27 25.22
N ILE P 60 -48.38 41.95 26.27
CA ILE P 60 -47.97 41.59 27.61
C ILE P 60 -48.69 40.31 28.01
N GLN P 61 -47.97 39.40 28.65
CA GLN P 61 -48.50 38.08 28.94
C GLN P 61 -48.00 37.62 30.29
N LYS P 62 -48.88 36.96 31.03
CA LYS P 62 -48.53 36.43 32.34
C LYS P 62 -48.81 34.95 32.47
N VAL P 63 -49.31 34.29 31.44
CA VAL P 63 -49.52 32.85 31.44
C VAL P 63 -48.64 32.28 30.34
N PHE P 64 -47.55 31.63 30.73
CA PHE P 64 -46.56 31.15 29.78
C PHE P 64 -46.73 29.65 29.57
N VAL P 65 -46.81 29.24 28.31
CA VAL P 65 -46.80 27.82 27.97
C VAL P 65 -45.37 27.33 28.10
N LEU P 66 -45.19 26.16 28.70
CA LEU P 66 -43.87 25.56 28.82
C LEU P 66 -43.68 24.41 27.83
N ASP P 67 -44.72 23.63 27.58
CA ASP P 67 -44.78 22.74 26.44
C ASP P 67 -46.23 22.39 26.21
N GLU P 68 -46.47 21.35 25.41
CA GLU P 68 -47.82 20.95 25.08
C GLU P 68 -48.65 20.56 26.30
N HIS P 69 -48.07 20.46 27.48
CA HIS P 69 -48.79 19.96 28.64
C HIS P 69 -48.57 20.74 29.92
N VAL P 70 -47.72 21.76 29.93
CA VAL P 70 -47.38 22.48 31.15
C VAL P 70 -47.63 23.97 30.93
N GLY P 71 -48.17 24.62 31.95
CA GLY P 71 -48.31 26.06 31.94
C GLY P 71 -47.61 26.67 33.13
N CYS P 72 -47.61 28.00 33.15
CA CYS P 72 -46.97 28.70 34.24
C CYS P 72 -47.55 30.09 34.35
N THR P 73 -47.37 30.68 35.53
CA THR P 73 -47.63 32.10 35.72
C THR P 73 -46.86 32.53 36.96
N TYR P 74 -46.48 33.79 37.00
CA TYR P 74 -45.64 34.27 38.08
C TYR P 74 -46.32 35.39 38.85
N SER P 75 -45.64 35.87 39.88
CA SER P 75 -46.01 37.11 40.53
C SER P 75 -44.78 37.68 41.22
N GLY P 76 -44.17 38.67 40.60
CA GLY P 76 -43.00 39.31 41.17
C GLY P 76 -42.30 40.13 40.12
N MET P 77 -40.99 39.96 40.01
CA MET P 77 -40.24 40.63 38.96
C MET P 77 -40.36 39.83 37.67
N GLY P 78 -41.01 40.41 36.68
CA GLY P 78 -41.14 39.80 35.37
C GLY P 78 -39.82 39.46 34.71
N PRO P 79 -38.90 40.42 34.66
CA PRO P 79 -37.59 40.14 34.07
C PRO P 79 -36.87 38.97 34.70
N ASP P 80 -37.07 38.73 36.00
CA ASP P 80 -36.50 37.54 36.61
C ASP P 80 -37.22 36.28 36.16
N CYS P 81 -38.55 36.34 36.07
CA CYS P 81 -39.31 35.15 35.69
C CYS P 81 -39.00 34.74 34.26
N ARG P 82 -38.58 35.68 33.42
CA ARG P 82 -38.19 35.28 32.07
C ARG P 82 -37.03 34.29 32.08
N VAL P 83 -36.09 34.44 33.00
CA VAL P 83 -34.96 33.50 33.08
C VAL P 83 -35.45 32.10 33.41
N LEU P 84 -36.31 31.98 34.41
CA LEU P 84 -36.82 30.67 34.79
C LEU P 84 -37.67 30.05 33.71
N ILE P 85 -38.48 30.85 33.02
CA ILE P 85 -39.28 30.28 31.93
C ILE P 85 -38.36 29.79 30.81
N ASP P 86 -37.34 30.58 30.47
CA ASP P 86 -36.44 30.18 29.40
C ASP P 86 -35.66 28.93 29.73
N SER P 87 -35.28 28.74 30.99
CA SER P 87 -34.59 27.51 31.33
C SER P 87 -35.55 26.33 31.48
N ALA P 88 -36.78 26.59 31.92
CA ALA P 88 -37.77 25.53 32.07
C ALA P 88 -38.17 24.95 30.73
N ARG P 89 -38.37 25.78 29.70
CA ARG P 89 -38.69 25.23 28.40
C ARG P 89 -37.54 24.39 27.85
N LYS P 90 -36.31 24.83 28.09
CA LYS P 90 -35.16 24.06 27.64
C LYS P 90 -35.09 22.71 28.34
N ASN P 91 -35.33 22.68 29.65
CA ASN P 91 -35.32 21.40 30.36
C ASN P 91 -36.51 20.54 29.98
N CYS P 92 -37.60 21.13 29.54
CA CYS P 92 -38.73 20.34 29.08
C CYS P 92 -38.47 19.74 27.71
N GLN P 93 -37.69 20.42 26.87
CA GLN P 93 -37.37 19.86 25.56
C GLN P 93 -36.23 18.85 25.64
N GLN P 94 -35.26 19.05 26.53
CA GLN P 94 -34.19 18.07 26.69
C GLN P 94 -34.71 16.74 27.20
N TYR P 95 -35.82 16.74 27.95
CA TYR P 95 -36.40 15.49 28.42
C TYR P 95 -37.07 14.73 27.28
N LYS P 96 -37.87 15.42 26.47
CA LYS P 96 -38.45 14.77 25.30
C LYS P 96 -37.38 14.32 24.33
N LEU P 97 -36.25 15.01 24.28
CA LEU P 97 -35.18 14.56 23.39
C LEU P 97 -34.58 13.24 23.82
N MET P 98 -34.37 13.01 25.11
CA MET P 98 -33.67 11.83 25.58
C MET P 98 -34.58 10.70 26.00
N TYR P 99 -35.76 10.98 26.54
CA TYR P 99 -36.67 9.92 26.93
C TYR P 99 -37.85 9.75 26.01
N ASN P 100 -38.08 10.67 25.08
CA ASN P 100 -39.24 10.64 24.19
C ASN P 100 -40.53 10.44 24.99
N GLU P 101 -40.77 11.35 25.92
CA GLU P 101 -41.98 11.27 26.72
C GLU P 101 -42.23 12.64 27.32
N PRO P 102 -43.47 13.13 27.33
CA PRO P 102 -43.76 14.39 28.01
C PRO P 102 -43.31 14.35 29.45
N ILE P 103 -42.42 15.28 29.80
CA ILE P 103 -41.81 15.32 31.14
C ILE P 103 -42.90 15.44 32.19
N PRO P 104 -42.86 14.65 33.26
CA PRO P 104 -43.83 14.82 34.34
C PRO P 104 -43.58 16.11 35.08
N ILE P 105 -44.65 16.65 35.66
CA ILE P 105 -44.57 17.95 36.31
C ILE P 105 -43.57 17.94 37.46
N SER P 106 -43.54 16.85 38.22
CA SER P 106 -42.71 16.83 39.42
C SER P 106 -41.24 17.02 39.07
N GLN P 107 -40.78 16.33 38.04
CA GLN P 107 -39.39 16.51 37.61
C GLN P 107 -39.15 17.91 37.10
N LEU P 108 -40.13 18.50 36.42
CA LEU P 108 -39.96 19.86 35.93
C LEU P 108 -39.77 20.83 37.08
N VAL P 109 -40.57 20.68 38.13
CA VAL P 109 -40.42 21.59 39.26
C VAL P 109 -39.13 21.33 40.00
N ARG P 110 -38.76 20.06 40.21
CA ARG P 110 -37.46 19.77 40.80
C ARG P 110 -36.32 20.38 39.99
N LYS P 111 -36.45 20.44 38.68
CA LYS P 111 -35.40 21.01 37.86
C LYS P 111 -35.36 22.52 37.96
N ILE P 112 -36.51 23.20 37.95
CA ILE P 112 -36.51 24.65 38.06
C ILE P 112 -36.44 25.13 39.51
N SER P 113 -36.79 24.28 40.48
CA SER P 113 -36.50 24.61 41.86
C SER P 113 -35.03 24.37 42.20
N ALA P 114 -34.27 23.81 41.25
CA ALA P 114 -32.84 23.65 41.45
C ALA P 114 -32.07 24.87 40.98
N ILE P 115 -32.70 25.79 40.27
CA ILE P 115 -32.04 27.02 39.88
C ILE P 115 -32.22 28.12 40.92
N TYR P 116 -33.42 28.22 41.49
CA TYR P 116 -33.62 29.06 42.67
C TYR P 116 -32.52 28.82 43.69
N GLN P 117 -32.31 27.56 44.06
CA GLN P 117 -31.30 27.21 45.04
C GLN P 117 -29.89 27.45 44.53
N GLU P 118 -29.64 27.24 43.24
CA GLU P 118 -28.31 27.49 42.71
C GLU P 118 -27.97 28.96 42.68
N PHE P 119 -28.96 29.84 42.68
CA PHE P 119 -28.71 31.27 42.75
C PHE P 119 -28.72 31.80 44.17
N THR P 120 -29.36 31.09 45.10
CA THR P 120 -29.26 31.47 46.49
C THR P 120 -27.97 30.97 47.14
N GLN P 121 -27.10 30.33 46.37
CA GLN P 121 -25.85 29.82 46.91
C GLN P 121 -24.68 29.97 45.96
N SER P 122 -24.85 30.70 44.87
CA SER P 122 -23.76 30.91 43.95
C SER P 122 -22.93 32.11 44.40
N GLY P 123 -21.97 32.48 43.57
CA GLY P 123 -21.12 33.61 43.88
C GLY P 123 -21.44 34.84 43.08
N GLY P 124 -21.65 35.96 43.75
CA GLY P 124 -21.84 37.23 43.09
C GLY P 124 -23.20 37.43 42.46
N VAL P 125 -24.18 36.63 42.84
CA VAL P 125 -25.53 36.78 42.30
C VAL P 125 -26.50 36.94 43.46
N ARG P 126 -27.60 37.60 43.19
CA ARG P 126 -28.67 37.72 44.17
C ARG P 126 -29.78 36.75 43.84
N PRO P 127 -30.54 36.33 44.85
CA PRO P 127 -31.63 35.38 44.60
C PRO P 127 -32.67 35.95 43.65
N PHE P 128 -33.44 35.05 43.06
CA PHE P 128 -34.54 35.48 42.20
C PHE P 128 -35.64 36.11 43.05
N GLY P 129 -36.48 36.88 42.39
CA GLY P 129 -37.55 37.56 43.09
C GLY P 129 -38.92 37.27 42.52
N CYS P 130 -39.16 36.05 42.09
CA CYS P 130 -40.44 35.69 41.49
C CYS P 130 -40.84 34.29 41.93
N SER P 131 -42.10 34.12 42.27
CA SER P 131 -42.64 32.82 42.65
C SER P 131 -43.57 32.34 41.55
N LEU P 132 -43.31 31.14 41.05
CA LEU P 132 -44.06 30.60 39.93
C LEU P 132 -45.31 29.88 40.41
N LEU P 133 -46.17 29.55 39.45
CA LEU P 133 -47.35 28.71 39.66
C LEU P 133 -47.36 27.73 38.50
N VAL P 134 -46.70 26.61 38.65
CA VAL P 134 -46.63 25.63 37.59
C VAL P 134 -47.90 24.80 37.61
N ALA P 135 -48.38 24.39 36.45
CA ALA P 135 -49.57 23.56 36.39
C ALA P 135 -49.48 22.68 35.15
N GLY P 136 -50.16 21.54 35.18
CA GLY P 136 -50.19 20.73 33.99
C GLY P 136 -50.58 19.29 34.26
N VAL P 137 -50.31 18.46 33.26
CA VAL P 137 -50.76 17.08 33.20
C VAL P 137 -49.56 16.17 33.12
N ASP P 138 -49.70 14.96 33.65
CA ASP P 138 -48.72 13.92 33.39
C ASP P 138 -49.45 12.58 33.45
N ALA P 139 -48.68 11.49 33.48
CA ALA P 139 -49.30 10.17 33.46
C ALA P 139 -50.11 9.87 34.72
N ASN P 140 -49.85 10.58 35.81
CA ASN P 140 -50.54 10.34 37.07
C ASN P 140 -51.34 11.56 37.50
N GLY P 141 -52.05 12.17 36.57
CA GLY P 141 -53.09 13.12 36.88
C GLY P 141 -52.67 14.54 36.59
N TYR P 142 -53.36 15.47 37.25
CA TYR P 142 -53.17 16.89 37.10
C TYR P 142 -52.43 17.44 38.31
N HIS P 143 -51.68 18.50 38.11
CA HIS P 143 -50.86 19.03 39.19
C HIS P 143 -50.82 20.54 39.12
N LEU P 144 -50.61 21.14 40.30
CA LEU P 144 -50.44 22.58 40.44
C LEU P 144 -49.42 22.79 41.55
N TYR P 145 -48.21 23.19 41.21
CA TYR P 145 -47.17 23.48 42.18
C TYR P 145 -46.94 24.98 42.27
N GLN P 146 -46.27 25.39 43.34
CA GLN P 146 -46.03 26.81 43.58
C GLN P 146 -44.63 26.96 44.18
N VAL P 147 -43.67 27.30 43.33
CA VAL P 147 -42.28 27.45 43.77
C VAL P 147 -42.09 28.81 44.43
N ASP P 148 -40.95 29.01 45.07
CA ASP P 148 -40.66 30.19 45.86
C ASP P 148 -39.23 30.64 45.66
N PRO P 149 -38.91 31.89 46.02
CA PRO P 149 -37.53 32.36 45.87
C PRO P 149 -36.52 31.59 46.70
N SER P 150 -36.90 31.11 47.88
CA SER P 150 -35.99 30.28 48.66
C SER P 150 -35.68 28.97 47.96
N GLY P 151 -36.53 28.54 47.03
CA GLY P 151 -36.33 27.32 46.28
C GLY P 151 -37.32 26.24 46.60
N THR P 152 -38.10 26.38 47.66
CA THR P 152 -39.04 25.33 48.04
C THR P 152 -40.20 25.30 47.06
N PHE P 153 -40.88 24.16 47.00
CA PHE P 153 -42.05 24.01 46.17
C PHE P 153 -43.11 23.20 46.90
N TRP P 154 -44.37 23.49 46.62
CA TRP P 154 -45.48 22.87 47.32
C TRP P 154 -46.55 22.45 46.32
N ALA P 155 -47.21 21.34 46.62
CA ALA P 155 -48.23 20.76 45.75
C ALA P 155 -49.57 21.21 46.27
N TRP P 156 -50.00 22.40 45.85
CA TRP P 156 -51.24 22.94 46.35
C TRP P 156 -52.43 22.28 45.67
N LYS P 157 -53.61 22.73 46.07
CA LYS P 157 -54.85 22.39 45.40
C LYS P 157 -55.60 23.61 44.92
N ALA P 158 -55.41 24.75 45.59
CA ALA P 158 -55.94 26.03 45.13
C ALA P 158 -55.15 27.11 45.86
N THR P 159 -54.44 27.95 45.12
CA THR P 159 -53.54 28.92 45.73
C THR P 159 -53.58 30.23 44.98
N ALA P 160 -52.93 31.23 45.56
CA ALA P 160 -52.92 32.59 45.02
C ALA P 160 -51.70 33.32 45.54
N ILE P 161 -51.03 34.04 44.65
CA ILE P 161 -49.78 34.71 44.95
C ILE P 161 -49.84 36.15 44.47
N GLY P 162 -49.01 36.99 45.06
CA GLY P 162 -48.95 38.39 44.72
C GLY P 162 -49.49 39.27 45.82
N THR P 163 -49.73 40.52 45.47
CA THR P 163 -50.45 41.41 46.37
C THR P 163 -51.91 41.02 46.39
N GLY P 164 -52.48 40.94 47.59
CA GLY P 164 -53.83 40.44 47.73
C GLY P 164 -53.93 38.93 47.76
N SER P 165 -52.86 38.25 48.15
CA SER P 165 -52.90 36.80 48.30
C SER P 165 -53.55 36.34 49.61
N PRO P 166 -53.28 36.97 50.76
CA PRO P 166 -53.86 36.45 52.01
C PRO P 166 -55.38 36.45 52.03
N ASP P 167 -56.03 37.30 51.24
CA ASP P 167 -57.48 37.29 51.14
C ASP P 167 -57.99 36.41 50.01
N ALA P 168 -57.26 36.35 48.90
CA ALA P 168 -57.66 35.45 47.82
C ALA P 168 -57.62 33.99 48.27
N LYS P 169 -56.59 33.61 49.02
CA LYS P 169 -56.54 32.24 49.51
C LYS P 169 -57.61 31.98 50.56
N ALA P 170 -57.94 33.00 51.36
CA ALA P 170 -59.05 32.87 52.29
C ALA P 170 -60.37 32.61 51.57
N PHE P 171 -60.65 33.38 50.52
CA PHE P 171 -61.83 33.08 49.72
C PHE P 171 -61.77 31.70 49.11
N LEU P 172 -60.60 31.28 48.63
CA LEU P 172 -60.50 29.97 48.00
C LEU P 172 -60.73 28.84 48.97
N GLU P 173 -60.44 29.04 50.26
CA GLU P 173 -60.71 28.00 51.26
C GLU P 173 -62.18 27.62 51.27
N LYS P 174 -63.07 28.57 51.05
CA LYS P 174 -64.50 28.37 51.26
C LYS P 174 -65.23 27.87 50.03
N ARG P 175 -64.88 28.34 48.84
CA ARG P 175 -65.62 28.00 47.63
C ARG P 175 -65.04 26.81 46.89
N TYR P 176 -64.06 26.13 47.47
CA TYR P 176 -63.50 24.94 46.84
C TYR P 176 -64.28 23.71 47.26
N THR P 177 -64.32 22.71 46.39
CA THR P 177 -65.02 21.46 46.65
C THR P 177 -64.23 20.31 46.05
N VAL P 178 -64.19 19.20 46.79
CA VAL P 178 -63.32 18.08 46.43
C VAL P 178 -63.75 17.41 45.13
N ASP P 179 -65.00 17.58 44.72
CA ASP P 179 -65.47 16.92 43.50
C ASP P 179 -65.88 17.95 42.45
N MET P 180 -65.06 18.98 42.29
CA MET P 180 -65.35 20.04 41.34
C MET P 180 -65.05 19.59 39.92
N GLU P 181 -65.98 19.88 39.02
CA GLU P 181 -65.71 19.71 37.59
C GLU P 181 -64.86 20.89 37.11
N LEU P 182 -64.65 20.97 35.80
CA LEU P 182 -63.68 21.93 35.30
C LEU P 182 -64.25 23.34 35.18
N GLU P 183 -65.47 23.47 34.63
CA GLU P 183 -66.05 24.80 34.43
C GLU P 183 -66.33 25.48 35.76
N ASP P 184 -66.64 24.71 36.80
CA ASP P 184 -66.74 25.26 38.14
C ASP P 184 -65.44 25.94 38.53
N ALA P 185 -64.32 25.35 38.16
CA ALA P 185 -63.02 25.90 38.51
C ALA P 185 -62.77 27.22 37.80
N VAL P 186 -63.07 27.27 36.50
CA VAL P 186 -62.92 28.51 35.75
C VAL P 186 -63.77 29.61 36.38
N HIS P 187 -65.02 29.27 36.72
CA HIS P 187 -65.91 30.25 37.31
C HIS P 187 -65.38 30.76 38.63
N THR P 188 -64.89 29.86 39.50
CA THR P 188 -64.45 30.32 40.81
C THR P 188 -63.16 31.11 40.71
N ALA P 189 -62.27 30.76 39.78
CA ALA P 189 -61.07 31.57 39.57
C ALA P 189 -61.45 32.98 39.15
N LEU P 190 -62.29 33.10 38.13
CA LEU P 190 -62.69 34.43 37.68
C LEU P 190 -63.45 35.18 38.77
N LEU P 191 -64.21 34.46 39.59
CA LEU P 191 -65.00 35.11 40.63
C LEU P 191 -64.13 35.66 41.73
N THR P 192 -63.12 34.91 42.18
CA THR P 192 -62.22 35.42 43.20
C THR P 192 -61.26 36.46 42.66
N LEU P 193 -61.03 36.50 41.35
CA LEU P 193 -60.30 37.62 40.79
C LEU P 193 -61.15 38.89 40.77
N LYS P 194 -62.43 38.76 40.39
CA LYS P 194 -63.30 39.93 40.38
C LYS P 194 -63.44 40.54 41.76
N GLU P 195 -63.70 39.71 42.77
CA GLU P 195 -63.80 40.15 44.16
C GLU P 195 -62.59 40.97 44.60
N GLY P 196 -61.43 40.79 43.97
CA GLY P 196 -60.26 41.57 44.29
C GLY P 196 -59.86 42.52 43.19
N PHE P 197 -60.60 42.50 42.09
CA PHE P 197 -60.32 43.40 40.97
C PHE P 197 -60.63 44.84 41.35
N ASP P 198 -59.78 45.76 40.91
CA ASP P 198 -59.97 47.16 41.30
C ASP P 198 -61.08 47.82 40.51
N GLY P 199 -61.32 47.37 39.28
CA GLY P 199 -62.40 47.90 38.47
C GLY P 199 -63.29 46.76 38.02
N GLN P 200 -63.59 46.68 36.73
CA GLN P 200 -64.22 45.50 36.15
C GLN P 200 -63.30 44.94 35.09
N MET P 201 -63.06 43.63 35.13
CA MET P 201 -62.11 42.99 34.24
C MET P 201 -62.71 42.81 32.86
N THR P 202 -61.91 43.05 31.83
CA THR P 202 -62.29 42.79 30.46
C THR P 202 -61.45 41.65 29.90
N SER P 203 -61.76 41.24 28.68
CA SER P 203 -61.07 40.11 28.08
C SER P 203 -59.60 40.42 27.81
N GLU P 204 -59.23 41.70 27.88
CA GLU P 204 -57.85 42.11 27.70
C GLU P 204 -57.24 42.69 28.97
N ASN P 205 -57.90 42.53 30.11
CA ASN P 205 -57.32 42.92 31.39
C ASN P 205 -56.90 41.71 32.22
N THR P 206 -57.32 40.52 31.83
CA THR P 206 -56.88 39.28 32.46
C THR P 206 -56.40 38.30 31.39
N GLN P 207 -55.89 37.16 31.85
CA GLN P 207 -55.35 36.15 30.96
C GLN P 207 -55.31 34.82 31.71
N VAL P 208 -56.16 33.88 31.28
CA VAL P 208 -56.28 32.60 31.98
C VAL P 208 -55.81 31.48 31.05
N GLY P 209 -55.40 30.38 31.67
CA GLY P 209 -54.99 29.19 30.95
C GLY P 209 -55.51 27.95 31.64
N ARG P 210 -56.23 27.10 30.93
CA ARG P 210 -56.86 25.93 31.53
C ARG P 210 -56.37 24.69 30.81
N VAL P 211 -55.72 23.79 31.55
CA VAL P 211 -55.16 22.58 30.95
C VAL P 211 -56.25 21.51 30.99
N VAL P 212 -56.57 20.95 29.81
CA VAL P 212 -57.68 20.02 29.69
C VAL P 212 -57.20 18.77 28.95
N GLU P 213 -57.00 17.72 29.72
CA GLU P 213 -56.95 16.31 29.33
C GLU P 213 -55.75 15.90 28.50
N ASN P 214 -55.05 16.85 27.87
CA ASN P 214 -53.70 16.52 27.43
C ASN P 214 -52.81 17.75 27.27
N ARG P 215 -53.33 18.95 27.52
CA ARG P 215 -52.70 20.13 26.94
C ARG P 215 -53.15 21.39 27.65
N PHE P 216 -52.34 22.44 27.52
CA PHE P 216 -52.51 23.66 28.29
C PHE P 216 -53.46 24.68 27.65
N GLU P 217 -53.19 25.09 26.41
CA GLU P 217 -54.14 25.89 25.63
C GLU P 217 -54.65 27.14 26.33
N ILE P 218 -53.78 28.15 26.48
CA ILE P 218 -54.17 29.48 26.95
C ILE P 218 -55.49 29.88 26.30
N LEU P 219 -56.45 30.34 27.11
CA LEU P 219 -57.73 30.75 26.57
C LEU P 219 -57.57 31.98 25.68
N SER P 220 -58.31 31.99 24.58
CA SER P 220 -58.28 33.10 23.63
C SER P 220 -59.00 34.31 24.22
N VAL P 221 -59.19 35.34 23.39
CA VAL P 221 -59.93 36.49 23.87
C VAL P 221 -61.42 36.23 23.85
N ASP P 222 -61.93 35.54 22.81
CA ASP P 222 -63.35 35.26 22.73
C ASP P 222 -63.75 34.16 23.70
N GLN P 223 -62.92 33.12 23.83
CA GLN P 223 -63.20 32.07 24.81
C GLN P 223 -63.19 32.62 26.23
N LEU P 224 -62.18 33.43 26.56
CA LEU P 224 -62.15 34.08 27.86
C LEU P 224 -63.34 35.01 28.06
N ARG P 225 -63.76 35.73 27.03
CA ARG P 225 -64.95 36.55 27.11
C ARG P 225 -66.19 35.74 27.40
N ASP P 226 -66.36 34.60 26.74
CA ASP P 226 -67.55 33.76 26.91
C ASP P 226 -67.82 33.40 28.36
N TYR P 227 -66.80 33.40 29.22
CA TYR P 227 -66.96 33.16 30.65
C TYR P 227 -67.04 34.43 31.46
N LEU P 228 -66.41 35.51 31.00
CA LEU P 228 -66.41 36.75 31.76
C LEU P 228 -67.81 37.32 31.89
N ASP P 229 -68.60 37.26 30.82
CA ASP P 229 -69.94 37.84 30.82
C ASP P 229 -70.97 36.78 31.20
N GLN P 230 -70.50 35.82 32.01
CA GLN P 230 -71.36 34.75 32.51
C GLN P 230 -71.06 34.52 33.98
N ILE P 231 -70.36 35.46 34.61
CA ILE P 231 -70.11 35.40 36.04
C ILE P 231 -70.64 36.67 36.68
N SER Q 2 -17.07 44.04 43.89
CA SER Q 2 -15.88 44.62 44.51
C SER Q 2 -15.50 43.85 45.76
N HIS Q 3 -14.26 44.03 46.20
CA HIS Q 3 -13.73 43.29 47.33
C HIS Q 3 -14.07 43.92 48.68
N ARG Q 4 -14.67 45.10 48.70
CA ARG Q 4 -14.97 45.75 49.96
C ARG Q 4 -16.24 45.24 50.61
N TYR Q 5 -17.16 44.66 49.83
CA TYR Q 5 -18.38 44.10 50.38
C TYR Q 5 -18.28 42.60 50.60
N ASP Q 6 -17.09 42.04 50.49
CA ASP Q 6 -16.88 40.62 50.75
C ASP Q 6 -17.22 40.30 52.19
N SER Q 7 -18.22 39.44 52.38
CA SER Q 7 -18.57 38.97 53.70
C SER Q 7 -17.54 38.04 54.30
N ARG Q 8 -16.72 37.40 53.46
CA ARG Q 8 -15.66 36.50 53.90
C ARG Q 8 -16.21 35.40 54.80
N THR Q 9 -17.03 34.52 54.24
CA THR Q 9 -17.63 33.47 55.03
C THR Q 9 -16.59 32.53 55.62
N THR Q 10 -15.58 32.15 54.85
CA THR Q 10 -14.58 31.19 55.29
C THR Q 10 -13.34 31.89 55.86
N THR Q 11 -13.48 32.39 57.08
CA THR Q 11 -12.37 32.96 57.81
C THR Q 11 -12.42 32.50 59.26
N PHE Q 12 -11.24 32.41 59.87
CA PHE Q 12 -11.16 32.09 61.29
C PHE Q 12 -11.36 33.34 62.12
N SER Q 13 -12.32 33.28 63.01
CA SER Q 13 -12.59 34.41 63.90
C SER Q 13 -11.52 34.40 64.97
N PRO Q 14 -11.37 35.48 65.76
CA PRO Q 14 -10.27 35.54 66.73
C PRO Q 14 -10.21 34.39 67.71
N GLU Q 15 -11.29 33.61 67.85
CA GLU Q 15 -11.32 32.49 68.79
C GLU Q 15 -11.47 31.16 68.07
N GLY Q 16 -10.86 31.04 66.89
CA GLY Q 16 -10.89 29.80 66.14
C GLY Q 16 -12.25 29.30 65.73
N ARG Q 17 -13.31 30.06 66.01
CA ARG Q 17 -14.66 29.67 65.67
C ARG Q 17 -15.02 30.19 64.30
N LEU Q 18 -15.71 29.36 63.53
CA LEU Q 18 -16.18 29.74 62.20
C LEU Q 18 -17.61 30.23 62.37
N TYR Q 19 -17.80 31.53 62.23
CA TYR Q 19 -19.09 32.15 62.49
C TYR Q 19 -20.20 31.56 61.62
N GLN Q 20 -19.91 31.35 60.34
CA GLN Q 20 -20.95 30.89 59.43
C GLN Q 20 -21.45 29.50 59.82
N VAL Q 21 -20.55 28.64 60.28
CA VAL Q 21 -20.96 27.30 60.68
C VAL Q 21 -21.80 27.35 61.95
N GLU Q 22 -21.43 28.22 62.89
CA GLU Q 22 -22.25 28.38 64.09
C GLU Q 22 -23.64 28.91 63.73
N TYR Q 23 -23.70 29.80 62.74
CA TYR Q 23 -24.99 30.34 62.34
C TYR Q 23 -25.82 29.28 61.64
N ALA Q 24 -25.17 28.40 60.86
CA ALA Q 24 -25.89 27.30 60.25
C ALA Q 24 -26.47 26.37 61.32
N VAL Q 25 -25.66 26.06 62.34
CA VAL Q 25 -26.17 25.26 63.45
C VAL Q 25 -27.37 25.91 64.10
N GLU Q 26 -27.26 27.21 64.42
CA GLU Q 26 -28.41 27.88 65.02
C GLU Q 26 -29.60 27.94 64.07
N ALA Q 27 -29.35 27.83 62.77
CA ALA Q 27 -30.46 27.81 61.82
C ALA Q 27 -31.18 26.47 61.84
N ILE Q 28 -30.42 25.38 61.94
CA ILE Q 28 -31.02 24.05 61.96
C ILE Q 28 -31.90 23.86 63.20
N GLN Q 29 -31.58 24.57 64.30
CA GLN Q 29 -32.29 24.36 65.55
C GLN Q 29 -33.76 24.70 65.43
N GLN Q 30 -34.12 25.62 64.55
CA GLN Q 30 -35.53 25.99 64.39
C GLN Q 30 -36.27 25.06 63.43
N ALA Q 31 -35.57 24.20 62.72
CA ALA Q 31 -36.23 23.27 61.81
C ALA Q 31 -37.00 22.21 62.59
N GLY Q 32 -37.61 21.29 61.84
CA GLY Q 32 -38.45 20.29 62.47
C GLY Q 32 -37.62 19.20 63.13
N THR Q 33 -38.08 18.77 64.30
CA THR Q 33 -37.39 17.71 65.03
C THR Q 33 -37.63 16.36 64.36
N VAL Q 34 -36.56 15.61 64.13
CA VAL Q 34 -36.65 14.24 63.67
C VAL Q 34 -35.73 13.39 64.53
N ILE Q 35 -36.22 12.22 64.93
CA ILE Q 35 -35.50 11.31 65.81
C ILE Q 35 -35.31 10.00 65.06
N GLY Q 36 -34.33 9.23 65.47
CA GLY Q 36 -34.04 7.96 64.83
C GLY Q 36 -33.43 7.00 65.82
N VAL Q 37 -34.04 5.82 65.93
CA VAL Q 37 -33.63 4.81 66.89
C VAL Q 37 -33.19 3.57 66.14
N CYS Q 38 -32.04 3.03 66.54
CA CYS Q 38 -31.42 1.89 65.88
C CYS Q 38 -31.64 0.65 66.75
N THR Q 39 -32.59 -0.19 66.35
CA THR Q 39 -32.91 -1.41 67.08
C THR Q 39 -32.05 -2.55 66.52
N LYS Q 40 -32.38 -3.78 66.87
CA LYS Q 40 -31.59 -4.93 66.45
C LYS Q 40 -32.14 -5.60 65.20
N ASP Q 41 -33.39 -5.33 64.84
CA ASP Q 41 -34.00 -5.92 63.65
C ASP Q 41 -34.69 -4.82 62.84
N GLY Q 42 -34.03 -3.68 62.75
CA GLY Q 42 -34.61 -2.55 62.05
C GLY Q 42 -34.19 -1.24 62.69
N VAL Q 43 -34.39 -0.15 61.95
CA VAL Q 43 -34.06 1.18 62.42
C VAL Q 43 -35.16 2.13 61.96
N VAL Q 44 -35.62 2.99 62.87
CA VAL Q 44 -36.78 3.82 62.63
C VAL Q 44 -36.39 5.30 62.63
N LEU Q 45 -37.01 6.06 61.73
CA LEU Q 45 -36.92 7.51 61.69
C LEU Q 45 -38.31 8.08 61.85
N ALA Q 46 -38.54 8.82 62.93
CA ALA Q 46 -39.84 9.44 63.20
C ALA Q 46 -39.64 10.93 63.34
N GLY Q 47 -40.27 11.69 62.43
CA GLY Q 47 -40.15 13.14 62.46
C GLY Q 47 -41.52 13.79 62.42
N GLU Q 48 -41.51 15.11 62.50
CA GLU Q 48 -42.73 15.90 62.50
C GLU Q 48 -42.71 16.84 61.31
N LYS Q 49 -43.77 16.78 60.49
CA LYS Q 49 -43.95 17.69 59.39
C LYS Q 49 -45.02 18.72 59.74
N MET Q 50 -44.99 19.84 59.02
CA MET Q 50 -45.76 21.02 59.39
C MET Q 50 -47.26 20.73 59.39
N VAL Q 51 -48.00 21.63 60.05
CA VAL Q 51 -49.45 21.55 60.18
C VAL Q 51 -50.07 21.52 58.78
N PRO Q 52 -51.01 20.60 58.51
CA PRO Q 52 -51.57 20.51 57.16
C PRO Q 52 -52.65 21.55 56.93
N HIS Q 53 -52.34 22.52 56.10
CA HIS Q 53 -53.31 23.49 55.62
C HIS Q 53 -54.48 22.76 54.94
N PRO Q 54 -55.69 23.31 55.03
CA PRO Q 54 -56.85 22.59 54.45
C PRO Q 54 -56.79 22.44 52.94
N LEU Q 55 -55.90 23.15 52.26
CA LEU Q 55 -55.83 23.12 50.80
C LEU Q 55 -54.62 22.39 50.27
N PHE Q 56 -53.76 21.86 51.14
CA PHE Q 56 -52.63 21.08 50.67
C PHE Q 56 -53.10 19.85 49.90
N ASP Q 57 -52.33 19.48 48.90
CA ASP Q 57 -52.55 18.23 48.17
C ASP Q 57 -51.25 17.44 48.19
N SER Q 58 -51.37 16.16 47.90
CA SER Q 58 -50.22 15.27 47.76
C SER Q 58 -50.03 15.00 46.28
N GLU Q 59 -48.77 15.08 45.81
CA GLU Q 59 -48.51 14.63 44.46
C GLU Q 59 -48.87 13.15 44.36
N SER Q 60 -49.81 12.82 43.49
CA SER Q 60 -50.21 11.42 43.41
C SER Q 60 -49.07 10.65 42.76
N MET Q 61 -48.15 10.16 43.61
CA MET Q 61 -46.95 9.49 43.13
C MET Q 61 -47.16 7.99 43.14
N GLN Q 62 -46.87 7.34 42.03
CA GLN Q 62 -46.92 5.89 42.01
C GLN Q 62 -45.74 5.34 42.78
N ASP Q 63 -45.96 4.22 43.48
CA ASP Q 63 -44.92 3.57 44.27
C ASP Q 63 -44.35 4.52 45.31
N LYS Q 64 -45.18 4.95 46.26
CA LYS Q 64 -44.77 5.93 47.26
C LYS Q 64 -44.01 5.27 48.41
N ASN Q 65 -42.74 4.94 48.14
CA ASN Q 65 -41.87 4.45 49.19
C ASN Q 65 -40.49 5.10 49.13
N THR Q 66 -40.27 6.06 48.25
CA THR Q 66 -38.98 6.73 48.14
C THR Q 66 -38.92 8.06 48.86
N SER Q 67 -39.87 8.96 48.58
CA SER Q 67 -39.84 10.30 49.15
C SER Q 67 -41.14 10.57 49.88
N GLY Q 68 -41.05 10.82 51.18
CA GLY Q 68 -42.12 11.41 51.94
C GLY Q 68 -41.98 12.91 52.02
N GLU Q 69 -42.62 13.49 53.03
CA GLU Q 69 -42.46 14.92 53.23
C GLU Q 69 -41.18 15.24 53.99
N LYS Q 70 -40.64 14.26 54.72
CA LYS Q 70 -39.47 14.52 55.55
C LYS Q 70 -38.33 13.54 55.23
N MET Q 71 -38.66 12.29 54.94
CA MET Q 71 -37.67 11.25 54.71
C MET Q 71 -37.57 10.89 53.25
N TYR Q 72 -36.36 10.58 52.80
CA TYR Q 72 -36.09 10.28 51.40
C TYR Q 72 -35.26 9.01 51.30
N LYS Q 73 -35.18 8.48 50.08
CA LYS Q 73 -34.39 7.29 49.83
C LYS Q 73 -33.16 7.67 49.01
N ILE Q 74 -32.01 7.13 49.41
CA ILE Q 74 -30.74 7.46 48.76
C ILE Q 74 -30.32 6.31 47.86
N ALA Q 75 -30.67 5.10 48.25
CA ALA Q 75 -30.43 3.91 47.44
C ALA Q 75 -31.37 2.84 47.96
N GLU Q 76 -31.27 1.63 47.40
CA GLU Q 76 -32.19 0.58 47.79
C GLU Q 76 -32.11 0.28 49.28
N HIS Q 77 -30.98 0.61 49.91
CA HIS Q 77 -30.72 0.23 51.28
C HIS Q 77 -30.26 1.40 52.14
N ILE Q 78 -30.44 2.64 51.70
CA ILE Q 78 -30.06 3.80 52.47
C ILE Q 78 -31.21 4.80 52.43
N GLY Q 79 -31.79 5.10 53.58
CA GLY Q 79 -32.74 6.17 53.69
C GLY Q 79 -32.12 7.30 54.50
N CYS Q 80 -32.68 8.49 54.34
CA CYS Q 80 -32.16 9.64 55.05
C CYS Q 80 -33.30 10.54 55.47
N SER Q 81 -33.02 11.36 56.47
CA SER Q 81 -33.95 12.40 56.90
C SER Q 81 -33.17 13.70 57.01
N VAL Q 82 -33.85 14.81 56.74
CA VAL Q 82 -33.19 16.10 56.60
C VAL Q 82 -33.78 17.05 57.63
N ALA Q 83 -32.95 17.97 58.11
CA ALA Q 83 -33.39 19.05 58.97
C ALA Q 83 -32.65 20.32 58.59
N GLY Q 84 -33.38 21.37 58.32
CA GLY Q 84 -32.76 22.65 57.99
C GLY Q 84 -33.45 23.26 56.79
N VAL Q 85 -32.69 24.08 56.06
CA VAL Q 85 -33.20 24.70 54.85
C VAL Q 85 -33.59 23.63 53.85
N THR Q 86 -34.89 23.60 53.50
CA THR Q 86 -35.43 22.49 52.73
C THR Q 86 -34.80 22.42 51.33
N SER Q 87 -34.89 23.51 50.57
CA SER Q 87 -34.49 23.45 49.17
C SER Q 87 -32.99 23.26 48.99
N ASP Q 88 -32.19 23.52 50.02
CA ASP Q 88 -30.77 23.26 49.95
C ASP Q 88 -30.46 21.78 50.13
N ALA Q 89 -31.28 21.07 50.90
CA ALA Q 89 -31.06 19.66 51.12
C ALA Q 89 -31.18 18.83 49.85
N TYR Q 90 -31.96 19.31 48.87
CA TYR Q 90 -32.16 18.54 47.65
C TYR Q 90 -30.90 18.46 46.79
N ALA Q 91 -30.09 19.51 46.77
CA ALA Q 91 -28.85 19.43 46.02
C ALA Q 91 -27.94 18.34 46.57
N LEU Q 92 -27.71 18.35 47.89
CA LEU Q 92 -26.92 17.30 48.51
C LEU Q 92 -27.57 15.93 48.37
N LEU Q 93 -28.90 15.86 48.39
CA LEU Q 93 -29.56 14.57 48.23
C LEU Q 93 -29.32 14.01 46.85
N ASN Q 94 -29.41 14.84 45.81
CA ASN Q 94 -29.09 14.37 44.48
C ASN Q 94 -27.63 13.97 44.38
N TYR Q 95 -26.73 14.73 45.01
CA TYR Q 95 -25.33 14.37 44.97
C TYR Q 95 -25.09 13.02 45.63
N ALA Q 96 -25.75 12.77 46.76
CA ALA Q 96 -25.56 11.51 47.47
C ALA Q 96 -26.13 10.35 46.69
N ARG Q 97 -27.27 10.55 46.02
CA ARG Q 97 -27.80 9.50 45.15
C ARG Q 97 -26.81 9.18 44.05
N LEU Q 98 -26.22 10.21 43.43
CA LEU Q 98 -25.24 9.96 42.37
C LEU Q 98 -24.03 9.22 42.92
N SER Q 99 -23.57 9.57 44.12
CA SER Q 99 -22.43 8.86 44.69
C SER Q 99 -22.75 7.40 44.97
N ALA Q 100 -23.86 7.13 45.64
CA ALA Q 100 -24.21 5.76 45.95
C ALA Q 100 -24.64 4.96 44.73
N LEU Q 101 -24.80 5.61 43.57
CA LEU Q 101 -24.98 4.87 42.34
C LEU Q 101 -23.68 4.67 41.56
N ARG Q 102 -22.75 5.61 41.63
CA ARG Q 102 -21.49 5.42 40.93
C ARG Q 102 -20.63 4.33 41.53
N HIS Q 103 -20.66 4.17 42.85
CA HIS Q 103 -19.95 3.07 43.48
C HIS Q 103 -20.51 1.73 43.05
N GLN Q 104 -21.83 1.65 42.90
CA GLN Q 104 -22.44 0.43 42.39
C GLN Q 104 -22.19 0.24 40.91
N TYR Q 105 -21.96 1.31 40.17
CA TYR Q 105 -21.54 1.16 38.79
C TYR Q 105 -20.13 0.61 38.69
N THR Q 106 -19.23 1.07 39.56
CA THR Q 106 -17.85 0.63 39.53
C THR Q 106 -17.63 -0.74 40.15
N PHE Q 107 -18.18 -1.00 41.34
CA PHE Q 107 -17.87 -2.22 42.06
C PHE Q 107 -18.99 -3.25 42.06
N GLN Q 108 -20.19 -2.92 41.62
CA GLN Q 108 -21.30 -3.88 41.56
C GLN Q 108 -21.56 -4.48 42.94
N GLU Q 109 -21.59 -3.64 43.95
CA GLU Q 109 -21.92 -4.03 45.31
C GLU Q 109 -22.55 -2.84 46.02
N PRO Q 110 -23.52 -3.08 46.90
CA PRO Q 110 -24.18 -1.97 47.57
C PRO Q 110 -23.20 -1.23 48.48
N MET Q 111 -23.16 0.08 48.36
CA MET Q 111 -22.22 0.88 49.13
C MET Q 111 -22.62 0.86 50.60
N ALA Q 112 -21.62 0.72 51.46
CA ALA Q 112 -21.88 0.67 52.89
C ALA Q 112 -22.14 2.07 53.43
N ILE Q 113 -22.98 2.14 54.47
CA ILE Q 113 -23.45 3.43 54.97
C ILE Q 113 -22.30 4.35 55.31
N GLU Q 114 -21.25 3.83 55.96
CA GLU Q 114 -20.17 4.68 56.41
C GLU Q 114 -19.34 5.24 55.26
N ASP Q 115 -19.35 4.60 54.09
CA ASP Q 115 -18.66 5.16 52.95
C ASP Q 115 -19.40 6.37 52.39
N LEU Q 116 -20.70 6.23 52.19
CA LEU Q 116 -21.52 7.33 51.67
C LEU Q 116 -21.58 8.48 52.66
N CYS Q 117 -21.76 8.18 53.94
CA CYS Q 117 -21.83 9.20 54.96
C CYS Q 117 -20.56 10.03 54.97
N ARG Q 118 -19.43 9.42 54.60
CA ARG Q 118 -18.20 10.18 54.48
C ARG Q 118 -18.14 10.93 53.16
N ILE Q 119 -18.64 10.33 52.08
CA ILE Q 119 -18.50 10.95 50.77
C ILE Q 119 -19.38 12.17 50.60
N LEU Q 120 -20.42 12.32 51.41
CA LEU Q 120 -21.24 13.53 51.33
C LEU Q 120 -20.99 14.48 52.48
N CYS Q 121 -20.12 14.11 53.42
CA CYS Q 121 -19.67 15.07 54.41
C CYS Q 121 -18.42 15.80 53.97
N ASP Q 122 -17.60 15.16 53.13
CA ASP Q 122 -16.49 15.88 52.51
C ASP Q 122 -16.99 17.04 51.66
N GLU Q 123 -18.12 16.86 50.99
CA GLU Q 123 -18.73 17.96 50.24
C GLU Q 123 -19.17 19.09 51.17
N LYS Q 124 -19.81 18.73 52.29
CA LYS Q 124 -20.27 19.75 53.21
C LYS Q 124 -19.09 20.51 53.82
N GLN Q 125 -17.96 19.84 54.00
CA GLN Q 125 -16.78 20.53 54.50
C GLN Q 125 -16.15 21.39 53.43
N LEU Q 126 -16.13 20.92 52.19
CA LEU Q 126 -15.42 21.61 51.12
C LEU Q 126 -15.81 23.08 51.04
N TYR Q 127 -17.10 23.38 51.23
CA TYR Q 127 -17.56 24.75 51.15
C TYR Q 127 -17.08 25.58 52.33
N THR Q 128 -16.76 24.95 53.45
CA THR Q 128 -16.29 25.64 54.64
C THR Q 128 -14.84 26.07 54.48
N GLN Q 129 -14.18 25.69 53.39
CA GLN Q 129 -12.76 25.99 53.23
C GLN Q 129 -12.42 26.67 51.92
N TYR Q 130 -13.23 26.55 50.89
CA TYR Q 130 -12.97 27.18 49.61
C TYR Q 130 -14.19 27.97 49.18
N GLY Q 131 -14.08 28.66 48.06
CA GLY Q 131 -15.21 29.25 47.38
C GLY Q 131 -15.71 30.54 47.99
N GLY Q 132 -15.69 30.66 49.31
CA GLY Q 132 -16.15 31.89 49.92
C GLY Q 132 -17.65 32.09 49.83
N VAL Q 133 -18.41 31.01 49.78
CA VAL Q 133 -19.87 31.09 49.75
C VAL Q 133 -20.38 30.34 50.97
N ARG Q 134 -21.63 30.63 51.34
CA ARG Q 134 -22.22 30.07 52.54
C ARG Q 134 -22.13 28.54 52.53
N PRO Q 135 -22.09 27.92 53.70
CA PRO Q 135 -22.07 26.46 53.78
C PRO Q 135 -23.50 25.92 53.70
N TYR Q 136 -23.60 24.64 53.32
CA TYR Q 136 -24.88 23.97 53.33
C TYR Q 136 -25.42 23.93 54.75
N GLY Q 137 -26.47 24.69 55.02
CA GLY Q 137 -27.05 24.71 56.34
C GLY Q 137 -28.08 23.62 56.56
N VAL Q 138 -27.65 22.36 56.50
CA VAL Q 138 -28.57 21.23 56.60
C VAL Q 138 -27.89 20.14 57.40
N SER Q 139 -28.71 19.31 58.06
CA SER Q 139 -28.23 18.17 58.83
C SER Q 139 -28.99 16.93 58.40
N PHE Q 140 -28.31 15.79 58.43
CA PHE Q 140 -28.87 14.53 57.97
C PHE Q 140 -29.11 13.58 59.12
N LEU Q 141 -29.80 12.49 58.79
CA LEU Q 141 -29.81 11.26 59.57
C LEU Q 141 -29.89 10.15 58.54
N LEU Q 142 -28.78 9.47 58.30
CA LEU Q 142 -28.76 8.34 57.39
C LEU Q 142 -28.99 7.06 58.16
N VAL Q 143 -29.88 6.22 57.67
CA VAL Q 143 -30.09 4.89 58.23
C VAL Q 143 -30.00 3.90 57.09
N GLY Q 144 -29.48 2.72 57.40
CA GLY Q 144 -29.31 1.73 56.37
C GLY Q 144 -28.72 0.45 56.90
N TRP Q 145 -28.58 -0.51 56.01
CA TRP Q 145 -28.12 -1.85 56.32
C TRP Q 145 -26.98 -2.23 55.37
N ASP Q 146 -25.96 -2.89 55.91
CA ASP Q 146 -24.87 -3.39 55.11
C ASP Q 146 -24.29 -4.61 55.80
N ARG Q 147 -23.59 -5.43 55.02
CA ARG Q 147 -23.06 -6.68 55.56
C ARG Q 147 -21.92 -6.46 56.53
N TYR Q 148 -21.45 -5.22 56.69
CA TYR Q 148 -20.30 -4.97 57.54
C TYR Q 148 -20.71 -4.75 58.99
N TYR Q 149 -21.73 -3.94 59.24
CA TYR Q 149 -22.15 -3.66 60.60
C TYR Q 149 -23.66 -3.73 60.82
N GLY Q 150 -24.40 -4.32 59.90
CA GLY Q 150 -25.84 -4.40 60.10
C GLY Q 150 -26.47 -3.03 60.08
N TYR Q 151 -27.59 -2.89 60.80
CA TYR Q 151 -28.31 -1.63 60.81
C TYR Q 151 -27.47 -0.53 61.44
N GLN Q 152 -27.12 0.48 60.64
CA GLN Q 152 -26.35 1.62 61.11
C GLN Q 152 -27.24 2.84 61.18
N LEU Q 153 -26.72 3.89 61.80
CA LEU Q 153 -27.42 5.17 61.87
C LEU Q 153 -26.38 6.24 62.13
N TYR Q 154 -26.21 7.16 61.20
CA TYR Q 154 -25.24 8.22 61.33
C TYR Q 154 -25.93 9.56 61.47
N SER Q 155 -25.16 10.56 61.87
CA SER Q 155 -25.67 11.92 62.03
C SER Q 155 -24.62 12.90 61.54
N THR Q 156 -25.09 13.99 60.95
CA THR Q 156 -24.26 14.94 60.24
C THR Q 156 -24.47 16.34 60.80
N GLU Q 157 -23.42 17.13 60.79
CA GLU Q 157 -23.36 18.53 61.16
C GLU Q 157 -23.17 19.38 59.91
N PRO Q 158 -23.57 20.65 59.92
CA PRO Q 158 -23.33 21.50 58.75
C PRO Q 158 -21.89 21.99 58.71
N SER Q 159 -20.96 21.09 59.04
CA SER Q 159 -19.55 21.39 59.03
C SER Q 159 -18.70 20.23 58.55
N GLY Q 160 -19.30 19.10 58.15
CA GLY Q 160 -18.56 17.98 57.60
C GLY Q 160 -18.30 16.84 58.55
N ASP Q 161 -18.45 17.04 59.85
CA ASP Q 161 -18.19 15.97 60.80
C ASP Q 161 -19.44 15.12 60.97
N TYR Q 162 -19.23 13.81 61.08
CA TYR Q 162 -20.32 12.87 61.22
C TYR Q 162 -20.04 11.95 62.40
N SER Q 163 -21.08 11.31 62.90
CA SER Q 163 -20.92 10.45 64.05
C SER Q 163 -21.98 9.36 64.03
N ALA Q 164 -21.59 8.15 64.41
CA ALA Q 164 -22.53 7.04 64.45
C ALA Q 164 -23.25 7.01 65.80
N TRP Q 165 -24.56 6.95 65.76
CA TRP Q 165 -25.38 6.97 66.95
C TRP Q 165 -26.26 5.74 66.99
N SER Q 166 -26.63 5.36 68.22
CA SER Q 166 -27.60 4.30 68.41
C SER Q 166 -29.02 4.82 68.52
N ALA Q 167 -29.20 6.07 68.94
CA ALA Q 167 -30.50 6.72 68.93
C ALA Q 167 -30.28 8.22 69.05
N TYR Q 168 -30.65 8.97 68.02
CA TYR Q 168 -30.31 10.39 67.98
C TYR Q 168 -31.55 11.20 67.63
N ALA Q 169 -31.40 12.53 67.69
CA ALA Q 169 -32.50 13.44 67.44
C ALA Q 169 -31.95 14.82 67.09
N ILE Q 170 -32.54 15.47 66.09
CA ILE Q 170 -32.08 16.78 65.65
C ILE Q 170 -33.28 17.69 65.39
N GLY Q 171 -33.11 18.97 65.70
CA GLY Q 171 -34.13 19.97 65.45
C GLY Q 171 -34.56 20.68 66.72
N GLN Q 172 -35.84 21.06 66.76
CA GLN Q 172 -36.40 21.73 67.91
C GLN Q 172 -36.40 20.82 69.14
N ASN Q 173 -35.95 21.38 70.26
CA ASN Q 173 -36.02 20.70 71.55
C ASN Q 173 -35.21 19.42 71.55
N ASP Q 174 -34.16 19.36 70.73
CA ASP Q 174 -33.42 18.11 70.58
C ASP Q 174 -32.62 17.77 71.84
N GLN Q 175 -32.27 18.78 72.63
CA GLN Q 175 -31.66 18.51 73.92
C GLN Q 175 -32.62 17.78 74.85
N VAL Q 176 -33.93 17.95 74.63
CA VAL Q 176 -34.91 17.21 75.42
C VAL Q 176 -34.95 15.76 74.99
N ALA Q 177 -35.18 15.50 73.70
CA ALA Q 177 -35.16 14.15 73.17
C ALA Q 177 -33.84 13.44 73.46
N HIS Q 178 -32.74 14.17 73.60
CA HIS Q 178 -31.49 13.54 74.03
C HIS Q 178 -31.64 12.94 75.41
N ALA Q 179 -31.99 13.76 76.40
CA ALA Q 179 -32.11 13.28 77.77
C ALA Q 179 -33.19 12.22 77.89
N LEU Q 180 -34.12 12.19 76.94
CA LEU Q 180 -35.21 11.21 77.02
C LEU Q 180 -34.84 9.89 76.35
N LEU Q 181 -34.05 9.95 75.27
CA LEU Q 181 -33.66 8.73 74.56
C LEU Q 181 -32.55 8.00 75.30
N LYS Q 182 -31.56 8.75 75.82
CA LYS Q 182 -30.54 8.12 76.66
C LYS Q 182 -31.13 7.59 77.95
N LYS Q 183 -32.28 8.12 78.35
CA LYS Q 183 -32.98 7.59 79.53
C LYS Q 183 -33.43 6.16 79.31
N ASP Q 184 -34.20 5.92 78.23
CA ASP Q 184 -34.78 4.60 77.97
C ASP Q 184 -34.36 4.12 76.57
N TRP Q 185 -33.29 3.34 76.54
CA TRP Q 185 -32.90 2.60 75.35
C TRP Q 185 -31.97 1.47 75.77
N HIS Q 186 -32.35 0.25 75.45
CA HIS Q 186 -31.55 -0.92 75.77
C HIS Q 186 -31.29 -1.71 74.49
N GLU Q 187 -30.20 -2.47 74.50
CA GLU Q 187 -29.80 -3.23 73.33
C GLU Q 187 -30.87 -4.23 72.93
N SER Q 188 -31.43 -4.93 73.91
CA SER Q 188 -32.47 -5.93 73.67
C SER Q 188 -33.81 -5.26 73.42
N MET Q 189 -33.92 -4.48 72.36
CA MET Q 189 -35.16 -3.80 71.99
C MET Q 189 -35.51 -4.16 70.56
N THR Q 190 -36.67 -4.79 70.38
CA THR Q 190 -37.10 -5.19 69.05
C THR Q 190 -37.45 -3.97 68.21
N LEU Q 191 -37.85 -4.21 66.96
CA LEU Q 191 -38.26 -3.12 66.09
C LEU Q 191 -39.54 -2.46 66.56
N GLU Q 192 -40.57 -3.26 66.86
CA GLU Q 192 -41.86 -2.69 67.21
C GLU Q 192 -41.80 -1.97 68.56
N ASP Q 193 -40.96 -2.45 69.47
CA ASP Q 193 -40.72 -1.70 70.69
C ASP Q 193 -39.87 -0.46 70.44
N GLY Q 194 -39.05 -0.49 69.40
CA GLY Q 194 -38.27 0.67 69.05
C GLY Q 194 -39.18 1.78 68.57
N MET Q 195 -40.10 1.44 67.65
CA MET Q 195 -41.06 2.42 67.17
C MET Q 195 -41.85 3.02 68.33
N LEU Q 196 -42.26 2.19 69.30
CA LEU Q 196 -42.94 2.72 70.47
C LEU Q 196 -42.08 3.74 71.20
N LEU Q 197 -40.78 3.47 71.32
CA LEU Q 197 -39.92 4.47 71.94
C LEU Q 197 -39.88 5.75 71.12
N ALA Q 198 -39.98 5.65 69.80
CA ALA Q 198 -39.81 6.83 68.96
C ALA Q 198 -40.99 7.79 69.14
N LEU Q 199 -42.17 7.36 68.73
CA LEU Q 199 -43.34 8.23 68.81
C LEU Q 199 -43.52 8.77 70.21
N ARG Q 200 -43.35 7.92 71.22
CA ARG Q 200 -43.47 8.36 72.61
C ARG Q 200 -42.60 9.58 72.88
N VAL Q 201 -41.32 9.50 72.52
CA VAL Q 201 -40.44 10.64 72.79
C VAL Q 201 -40.65 11.74 71.76
N LEU Q 202 -41.26 11.44 70.62
CA LEU Q 202 -41.57 12.50 69.66
C LEU Q 202 -42.68 13.40 70.19
N GLY Q 203 -43.80 12.80 70.61
CA GLY Q 203 -44.89 13.58 71.16
C GLY Q 203 -44.45 14.43 72.34
N LYS Q 204 -43.51 13.92 73.12
CA LYS Q 204 -43.03 14.67 74.29
C LYS Q 204 -42.21 15.88 73.88
N THR Q 205 -41.58 15.81 72.71
CA THR Q 205 -40.72 16.91 72.26
C THR Q 205 -41.51 18.04 71.61
N MET Q 206 -42.66 17.75 71.01
CA MET Q 206 -43.55 18.79 70.51
C MET Q 206 -44.76 18.98 71.41
N ASP Q 207 -44.78 18.28 72.56
CA ASP Q 207 -45.81 18.44 73.58
C ASP Q 207 -47.20 18.12 73.05
N THR Q 208 -47.45 16.87 72.68
CA THR Q 208 -48.78 16.42 72.27
C THR Q 208 -49.14 15.18 73.08
N ALA Q 209 -50.24 15.26 73.82
CA ALA Q 209 -50.90 14.08 74.35
C ALA Q 209 -51.86 13.59 73.27
N LYS Q 210 -52.10 12.27 73.20
CA LYS Q 210 -52.93 11.71 72.14
C LYS Q 210 -52.32 12.07 70.79
N ILE Q 211 -51.14 11.52 70.49
CA ILE Q 211 -50.34 11.88 69.33
C ILE Q 211 -51.19 11.92 68.07
N ASP Q 212 -50.86 12.83 67.16
CA ASP Q 212 -51.67 13.05 65.97
C ASP Q 212 -51.06 12.37 64.76
N LEU Q 213 -51.88 12.13 63.75
CA LEU Q 213 -51.46 11.37 62.58
C LEU Q 213 -51.33 12.22 61.32
N ASP Q 214 -51.62 13.52 61.40
CA ASP Q 214 -51.36 14.42 60.29
C ASP Q 214 -50.04 15.16 60.42
N ARG Q 215 -49.47 15.20 61.63
CA ARG Q 215 -48.29 16.00 61.91
C ARG Q 215 -47.04 15.14 62.13
N VAL Q 216 -47.11 13.84 61.85
CA VAL Q 216 -46.03 12.92 62.13
C VAL Q 216 -45.75 12.11 60.87
N GLU Q 217 -44.49 11.73 60.69
CA GLU Q 217 -44.06 10.92 59.56
C GLU Q 217 -43.04 9.89 60.04
N VAL Q 218 -43.25 8.63 59.69
CA VAL Q 218 -42.39 7.55 60.14
C VAL Q 218 -41.89 6.75 58.95
N ALA Q 219 -40.64 6.32 59.04
CA ALA Q 219 -40.00 5.54 57.98
C ALA Q 219 -39.11 4.49 58.62
N VAL Q 220 -39.39 3.22 58.33
CA VAL Q 220 -38.69 2.10 58.95
C VAL Q 220 -37.80 1.43 57.93
N MET Q 221 -36.66 0.94 58.39
CA MET Q 221 -35.64 0.34 57.55
C MET Q 221 -35.32 -1.02 58.14
N ARG Q 222 -35.77 -2.08 57.48
CA ARG Q 222 -35.53 -3.42 57.97
C ARG Q 222 -35.16 -4.33 56.81
N LYS Q 223 -35.12 -5.64 57.04
CA LYS Q 223 -34.83 -6.62 56.01
C LYS Q 223 -36.10 -7.40 55.73
N VAL Q 224 -36.49 -7.45 54.45
CA VAL Q 224 -37.61 -8.27 54.03
C VAL Q 224 -37.04 -9.44 53.24
N PRO Q 225 -37.78 -10.52 53.05
CA PRO Q 225 -37.26 -11.64 52.25
C PRO Q 225 -37.04 -11.23 50.80
N ALA Q 226 -35.93 -11.67 50.23
CA ALA Q 226 -35.54 -11.26 48.88
C ALA Q 226 -36.60 -11.64 47.86
N SER Q 227 -36.73 -10.81 46.83
CA SER Q 227 -37.89 -10.83 45.96
C SER Q 227 -37.63 -11.28 44.53
N ASN Q 228 -36.75 -10.60 43.80
CA ASN Q 228 -36.59 -10.81 42.37
C ASN Q 228 -35.40 -11.71 42.05
N ILE Q 229 -35.21 -12.76 42.84
CA ILE Q 229 -34.07 -13.65 42.63
C ILE Q 229 -34.33 -14.50 41.39
N ASP Q 230 -33.78 -14.07 40.26
CA ASP Q 230 -33.87 -14.81 39.01
C ASP Q 230 -32.55 -15.54 38.75
N GLN Q 231 -32.35 -16.62 39.50
CA GLN Q 231 -31.09 -17.34 39.43
C GLN Q 231 -30.82 -17.92 38.06
N LEU Q 232 -31.85 -18.13 37.25
CA LEU Q 232 -31.66 -18.75 35.94
C LEU Q 232 -31.05 -17.80 34.93
N LEU Q 233 -30.82 -16.53 35.29
CA LEU Q 233 -30.26 -15.56 34.36
C LEU Q 233 -28.83 -15.17 34.70
N ASP Q 234 -28.25 -15.72 35.75
CA ASP Q 234 -26.84 -15.48 36.09
C ASP Q 234 -26.45 -16.61 37.03
N PRO Q 235 -26.27 -17.82 36.50
CA PRO Q 235 -26.20 -19.00 37.38
C PRO Q 235 -25.01 -19.01 38.32
N PHE Q 236 -24.17 -17.98 38.33
CA PHE Q 236 -23.04 -17.91 39.26
C PHE Q 236 -23.10 -16.66 40.13
N LYS Q 237 -24.30 -16.16 40.39
CA LYS Q 237 -24.50 -14.95 41.17
C LYS Q 237 -25.33 -15.29 42.41
N HIS Q 238 -24.70 -15.25 43.57
CA HIS Q 238 -25.34 -15.60 44.82
C HIS Q 238 -26.14 -14.40 45.32
N HIS Q 239 -27.47 -14.48 45.21
CA HIS Q 239 -28.40 -13.47 45.71
C HIS Q 239 -28.74 -13.79 47.16
N PRO Q 240 -28.64 -12.85 48.07
CA PRO Q 240 -28.95 -13.13 49.47
C PRO Q 240 -30.42 -13.49 49.64
N LYS Q 241 -30.68 -14.28 50.68
CA LYS Q 241 -32.05 -14.76 50.90
C LYS Q 241 -32.97 -13.64 51.34
N THR Q 242 -32.41 -12.56 51.90
CA THR Q 242 -33.20 -11.45 52.40
C THR Q 242 -32.47 -10.14 52.13
N THR Q 243 -33.22 -9.14 51.66
CA THR Q 243 -32.69 -7.85 51.27
C THR Q 243 -33.30 -6.74 52.11
N PRO Q 244 -32.56 -5.69 52.42
CA PRO Q 244 -33.12 -4.58 53.17
C PRO Q 244 -34.02 -3.71 52.29
N ARG Q 245 -35.06 -3.16 52.91
CA ARG Q 245 -36.04 -2.34 52.21
C ARG Q 245 -36.47 -1.18 53.08
N PHE Q 246 -36.25 0.04 52.59
CA PHE Q 246 -36.68 1.24 53.29
C PHE Q 246 -38.11 1.56 52.94
N GLN Q 247 -38.95 1.74 53.97
CA GLN Q 247 -40.39 1.86 53.73
C GLN Q 247 -40.98 2.96 54.58
N ILE Q 248 -41.79 3.81 53.97
CA ILE Q 248 -42.38 4.97 54.63
C ILE Q 248 -43.83 4.64 54.99
N LEU Q 249 -44.23 4.99 56.19
CA LEU Q 249 -45.50 4.54 56.73
C LEU Q 249 -46.64 5.49 56.35
N THR Q 250 -47.75 4.91 55.90
CA THR Q 250 -48.95 5.62 55.52
C THR Q 250 -49.80 5.94 56.75
N ARG Q 251 -51.05 6.29 56.50
CA ARG Q 251 -52.00 6.48 57.60
C ARG Q 251 -52.58 5.15 58.07
N SER Q 252 -52.79 4.21 57.15
CA SER Q 252 -53.42 2.94 57.49
C SER Q 252 -52.58 2.09 58.41
N GLU Q 253 -51.28 2.32 58.48
CA GLU Q 253 -50.39 1.43 59.22
C GLU Q 253 -49.67 2.12 60.36
N LEU Q 254 -49.78 3.44 60.48
CA LEU Q 254 -49.24 4.12 61.65
C LEU Q 254 -50.26 4.16 62.79
N LYS Q 255 -51.54 4.30 62.47
CA LYS Q 255 -52.60 4.41 63.46
C LYS Q 255 -52.59 3.23 64.43
N PRO Q 256 -52.40 1.99 63.97
CA PRO Q 256 -52.14 0.90 64.93
C PRO Q 256 -50.97 1.16 65.84
N HIS Q 257 -49.87 1.72 65.34
CA HIS Q 257 -48.75 2.04 66.20
C HIS Q 257 -48.94 3.34 66.96
N ALA Q 258 -49.92 4.16 66.56
CA ALA Q 258 -50.18 5.39 67.29
C ALA Q 258 -51.05 5.15 68.51
N GLU Q 259 -52.08 4.31 68.38
CA GLU Q 259 -52.98 4.00 69.48
C GLU Q 259 -52.29 3.27 70.62
N ARG Q 260 -51.21 2.55 70.33
CA ARG Q 260 -50.41 1.92 71.39
C ARG Q 260 -49.42 2.90 72.01
N ALA Q 261 -48.98 3.92 71.27
CA ALA Q 261 -48.11 4.94 71.84
C ALA Q 261 -48.84 5.81 72.84
N ASP Q 262 -50.02 6.33 72.49
CA ASP Q 262 -50.80 7.08 73.45
C ASP Q 262 -51.29 6.19 74.59
N GLN Q 263 -51.50 4.90 74.32
CA GLN Q 263 -51.89 4.00 75.41
C GLN Q 263 -50.73 3.80 76.39
N ALA Q 264 -49.51 3.64 75.89
CA ALA Q 264 -48.36 3.63 76.78
C ALA Q 264 -48.22 4.95 77.51
N ARG Q 265 -48.56 6.06 76.84
CA ARG Q 265 -48.55 7.36 77.49
C ARG Q 265 -49.48 7.37 78.70
N GLU Q 266 -50.74 6.98 78.49
CA GLU Q 266 -51.68 7.01 79.60
C GLU Q 266 -51.32 5.97 80.66
N ALA Q 267 -50.64 4.89 80.26
CA ALA Q 267 -50.17 3.92 81.23
C ALA Q 267 -49.12 4.52 82.16
N GLU Q 268 -48.07 5.13 81.58
CA GLU Q 268 -47.03 5.78 82.37
C GLU Q 268 -47.48 7.11 82.95
N GLU Q 269 -48.70 7.53 82.64
CA GLU Q 269 -49.30 8.72 83.23
C GLU Q 269 -50.20 8.41 84.42
N LYS Q 270 -50.94 7.30 84.38
CA LYS Q 270 -51.76 6.90 85.51
C LYS Q 270 -50.91 6.64 86.75
N ALA Q 271 -49.66 6.21 86.55
CA ALA Q 271 -48.77 5.85 87.65
C ALA Q 271 -47.90 7.02 88.08
N GLU Q 272 -48.36 8.25 87.89
CA GLU Q 272 -47.64 9.43 88.34
C GLU Q 272 -48.01 9.83 89.76
N ALA Q 273 -49.17 9.39 90.25
CA ALA Q 273 -49.58 9.71 91.61
C ALA Q 273 -49.03 8.70 92.60
N SER R 2 -11.52 31.68 39.83
CA SER R 2 -12.50 31.54 40.90
C SER R 2 -12.13 32.40 42.10
N TYR R 3 -12.88 32.26 43.18
CA TYR R 3 -12.65 33.08 44.38
C TYR R 3 -11.29 32.76 44.97
N ASP R 4 -10.35 33.69 44.84
CA ASP R 4 -9.02 33.48 45.39
C ASP R 4 -8.50 34.75 46.07
N ARG R 5 -9.37 35.44 46.78
CA ARG R 5 -8.96 36.59 47.55
C ARG R 5 -7.99 36.16 48.65
N ALA R 6 -6.96 36.97 48.88
CA ALA R 6 -5.99 36.67 49.92
C ALA R 6 -6.63 36.76 51.29
N ILE R 7 -6.58 35.67 52.04
CA ILE R 7 -7.14 35.64 53.38
C ILE R 7 -6.08 35.76 54.48
N THR R 8 -5.05 34.93 54.45
CA THR R 8 -3.98 34.99 55.43
C THR R 8 -2.99 36.06 54.97
N VAL R 9 -3.07 37.24 55.58
CA VAL R 9 -2.16 38.34 55.27
C VAL R 9 -1.58 38.84 56.58
N PHE R 10 -0.47 39.55 56.47
CA PHE R 10 0.30 39.98 57.63
C PHE R 10 -0.41 41.12 58.36
N SER R 11 -0.34 41.07 59.68
CA SER R 11 -0.89 42.09 60.54
C SER R 11 0.15 43.19 60.76
N PRO R 12 -0.27 44.35 61.26
CA PRO R 12 0.68 45.44 61.50
C PRO R 12 1.79 45.14 62.50
N ASP R 13 1.89 43.90 62.96
CA ASP R 13 2.98 43.50 63.85
C ASP R 13 3.75 42.30 63.31
N GLY R 14 3.37 41.80 62.14
CA GLY R 14 4.03 40.64 61.60
C GLY R 14 3.49 39.32 62.12
N HIS R 15 2.19 39.26 62.42
CA HIS R 15 1.54 38.06 62.93
C HIS R 15 0.44 37.64 61.97
N LEU R 16 0.46 36.38 61.56
CA LEU R 16 -0.56 35.83 60.67
C LEU R 16 -1.78 35.54 61.52
N PHE R 17 -2.75 36.45 61.51
CA PHE R 17 -3.93 36.28 62.35
C PHE R 17 -4.66 34.98 62.06
N GLN R 18 -4.73 34.57 60.80
CA GLN R 18 -5.40 33.30 60.50
C GLN R 18 -4.68 32.12 61.14
N VAL R 19 -3.35 32.12 61.13
CA VAL R 19 -2.61 31.02 61.72
C VAL R 19 -2.72 31.02 63.24
N GLU R 20 -2.62 32.18 63.88
CA GLU R 20 -2.83 32.25 65.32
C GLU R 20 -4.25 31.82 65.69
N TYR R 21 -5.23 32.18 64.88
CA TYR R 21 -6.60 31.81 65.16
C TYR R 21 -6.84 30.31 64.97
N ALA R 22 -6.19 29.69 64.00
CA ALA R 22 -6.24 28.23 63.91
C ALA R 22 -5.60 27.58 65.12
N GLN R 23 -4.41 28.04 65.51
CA GLN R 23 -3.75 27.51 66.69
C GLN R 23 -4.55 27.77 67.95
N GLU R 24 -5.48 28.72 67.93
CA GLU R 24 -6.44 28.85 69.02
C GLU R 24 -7.53 27.79 68.96
N ALA R 25 -8.06 27.50 67.77
CA ALA R 25 -9.05 26.44 67.63
C ALA R 25 -8.48 25.07 67.95
N VAL R 26 -7.17 24.90 67.85
CA VAL R 26 -6.55 23.67 68.33
C VAL R 26 -6.65 23.54 69.85
N LYS R 27 -6.38 24.62 70.58
CA LYS R 27 -6.38 24.56 72.04
C LYS R 27 -7.74 24.17 72.60
N LYS R 28 -8.81 24.31 71.83
CA LYS R 28 -10.13 23.97 72.32
C LYS R 28 -10.55 22.55 71.96
N GLY R 29 -9.62 21.71 71.52
CA GLY R 29 -9.94 20.36 71.15
C GLY R 29 -9.65 19.35 72.24
N LEU R 30 -9.68 18.08 71.84
CA LEU R 30 -9.36 16.98 72.75
C LEU R 30 -7.87 16.65 72.67
N ALA R 31 -7.26 16.47 73.83
CA ALA R 31 -5.82 16.27 73.90
C ALA R 31 -5.40 14.98 73.21
N ALA R 32 -4.09 14.81 73.06
CA ALA R 32 -3.53 13.60 72.47
C ALA R 32 -2.06 13.54 72.83
N VAL R 33 -1.66 12.52 73.58
CA VAL R 33 -0.32 12.40 74.13
C VAL R 33 0.36 11.20 73.49
N GLY R 34 1.46 11.45 72.78
CA GLY R 34 2.19 10.34 72.20
C GLY R 34 3.62 10.31 72.69
N VAL R 35 4.07 9.18 73.22
CA VAL R 35 5.43 9.08 73.71
C VAL R 35 6.18 8.01 72.94
N LEU R 36 7.49 8.17 72.91
CA LEU R 36 8.40 7.32 72.16
C LEU R 36 9.19 6.46 73.12
N GLY R 37 9.09 5.15 72.95
CA GLY R 37 9.81 4.20 73.77
C GLY R 37 11.05 3.66 73.10
N SER R 38 11.57 2.56 73.62
CA SER R 38 12.76 1.94 73.06
C SER R 38 12.46 1.20 71.76
N ASP R 39 11.44 0.34 71.77
CA ASP R 39 11.12 -0.47 70.59
C ASP R 39 9.65 -0.37 70.22
N SER R 40 8.93 0.62 70.75
CA SER R 40 7.53 0.81 70.42
C SER R 40 7.13 2.23 70.81
N VAL R 41 6.20 2.78 70.05
CA VAL R 41 5.71 4.14 70.26
C VAL R 41 4.23 4.06 70.59
N VAL R 42 3.79 4.86 71.55
CA VAL R 42 2.38 4.78 71.96
C VAL R 42 1.74 6.14 71.81
N ILE R 43 0.43 6.12 71.56
CA ILE R 43 -0.37 7.31 71.34
C ILE R 43 -1.68 7.17 72.08
N ALA R 44 -2.07 8.20 72.82
CA ALA R 44 -3.28 8.19 73.63
C ALA R 44 -4.15 9.36 73.24
N VAL R 45 -5.46 9.13 73.16
CA VAL R 45 -6.42 10.12 72.68
C VAL R 45 -7.56 10.22 73.69
N GLU R 46 -8.19 11.40 73.72
CA GLU R 46 -9.11 11.74 74.79
C GLU R 46 -10.50 11.16 74.63
N LYS R 47 -10.91 10.79 73.41
CA LYS R 47 -12.15 10.02 73.21
C LYS R 47 -13.33 10.66 73.94
N LYS R 48 -13.80 11.77 73.38
CA LYS R 48 -14.55 12.82 74.10
C LYS R 48 -15.40 12.32 75.26
N SER R 49 -16.26 11.32 75.02
CA SER R 49 -17.01 10.72 76.12
C SER R 49 -17.71 9.44 75.67
N ALA R 50 -18.14 8.64 76.64
CA ALA R 50 -19.02 7.51 76.41
C ALA R 50 -20.41 7.91 76.87
N VAL R 51 -21.19 8.48 75.95
CA VAL R 51 -22.43 9.17 76.31
C VAL R 51 -23.62 8.23 76.46
N LYS R 52 -23.40 6.92 76.46
CA LYS R 52 -24.48 5.93 76.57
C LYS R 52 -25.43 6.07 75.38
N LEU R 53 -24.94 6.70 74.32
CA LEU R 53 -25.81 6.92 73.17
C LEU R 53 -25.04 6.70 71.87
N GLN R 54 -23.71 6.65 71.96
CA GLN R 54 -22.91 6.30 70.80
C GLN R 54 -23.02 4.82 70.50
N ASP R 55 -22.94 4.46 69.23
CA ASP R 55 -23.12 3.07 68.82
C ASP R 55 -22.19 2.17 69.60
N SER R 56 -22.72 1.03 70.06
CA SER R 56 -21.91 0.08 70.81
C SER R 56 -20.73 -0.39 69.99
N ARG R 57 -20.90 -0.47 68.68
CA ARG R 57 -19.79 -0.69 67.76
C ARG R 57 -18.67 0.30 68.03
N THR R 58 -17.44 -0.17 67.90
CA THR R 58 -16.28 0.66 68.16
C THR R 58 -15.92 1.52 66.95
N ILE R 59 -15.51 2.75 67.22
CA ILE R 59 -14.92 3.62 66.20
C ILE R 59 -13.63 4.19 66.77
N ARG R 60 -12.56 4.16 65.97
CA ARG R 60 -11.25 4.53 66.49
C ARG R 60 -10.98 6.00 66.23
N LYS R 61 -10.07 6.56 67.03
CA LYS R 61 -9.67 7.94 66.89
C LYS R 61 -8.20 8.09 66.50
N ILE R 62 -7.47 7.00 66.42
CA ILE R 62 -6.12 7.00 65.88
C ILE R 62 -6.17 6.34 64.51
N TYR R 63 -5.95 7.13 63.47
CA TYR R 63 -6.22 6.72 62.10
C TYR R 63 -4.99 6.12 61.46
N LYS R 64 -5.20 5.04 60.73
CA LYS R 64 -4.11 4.32 60.06
C LYS R 64 -3.83 4.98 58.72
N VAL R 65 -2.79 5.81 58.67
CA VAL R 65 -2.45 6.46 57.42
C VAL R 65 -1.73 5.51 56.48
N ASP R 66 -0.89 4.62 57.00
CA ASP R 66 -0.26 3.60 56.19
C ASP R 66 -0.11 2.36 57.06
N ALA R 67 0.32 1.25 56.45
CA ALA R 67 0.38 -0.01 57.18
C ALA R 67 1.29 0.09 58.39
N ASN R 68 2.20 1.08 58.41
CA ASN R 68 3.12 1.25 59.51
C ASN R 68 3.12 2.64 60.10
N ILE R 69 2.27 3.54 59.62
CA ILE R 69 2.24 4.93 60.08
C ILE R 69 0.85 5.26 60.55
N TYR R 70 0.73 5.62 61.83
CA TYR R 70 -0.54 6.00 62.43
C TYR R 70 -0.52 7.47 62.79
N LEU R 71 -1.71 8.04 62.91
CA LEU R 71 -1.87 9.48 63.07
C LEU R 71 -2.94 9.75 64.11
N ALA R 72 -2.76 10.82 64.86
CA ALA R 72 -3.74 11.27 65.83
C ALA R 72 -3.82 12.77 65.80
N PHE R 73 -4.99 13.31 65.52
CA PHE R 73 -5.14 14.74 65.28
C PHE R 73 -5.65 15.43 66.53
N ALA R 74 -5.65 16.76 66.46
CA ALA R 74 -6.27 17.60 67.48
C ALA R 74 -6.70 18.89 66.81
N GLY R 75 -7.99 19.21 66.93
CA GLY R 75 -8.52 20.41 66.30
C GLY R 75 -9.91 20.21 65.75
N LEU R 76 -10.19 20.80 64.59
CA LEU R 76 -11.49 20.61 63.94
C LEU R 76 -11.51 19.26 63.25
N SER R 77 -12.62 18.54 63.41
CA SER R 77 -12.70 17.14 62.98
C SER R 77 -12.78 16.98 61.48
N ALA R 78 -13.55 17.82 60.79
CA ALA R 78 -13.73 17.65 59.36
C ALA R 78 -12.45 17.92 58.59
N ASP R 79 -11.73 18.99 58.92
CA ASP R 79 -10.44 19.24 58.28
C ASP R 79 -9.46 18.14 58.62
N ALA R 80 -9.55 17.59 59.83
CA ALA R 80 -8.71 16.46 60.18
C ALA R 80 -8.95 15.28 59.24
N ARG R 81 -10.21 14.97 58.96
CA ARG R 81 -10.49 13.88 58.05
C ARG R 81 -10.03 14.19 56.63
N VAL R 82 -10.21 15.44 56.18
CA VAL R 82 -9.82 15.76 54.82
C VAL R 82 -8.31 15.77 54.68
N LEU R 83 -7.58 15.93 55.78
CA LEU R 83 -6.12 15.82 55.74
C LEU R 83 -5.66 14.38 55.80
N ILE R 84 -6.32 13.55 56.61
CA ILE R 84 -5.98 12.15 56.67
C ILE R 84 -6.21 11.49 55.31
N ASN R 85 -7.28 11.86 54.60
CA ASN R 85 -7.50 11.28 53.29
C ASN R 85 -6.39 11.66 52.31
N LYS R 86 -5.94 12.90 52.33
CA LYS R 86 -4.82 13.30 51.48
C LYS R 86 -3.57 12.51 51.82
N ALA R 87 -3.29 12.31 53.12
CA ALA R 87 -2.12 11.54 53.49
C ALA R 87 -2.20 10.10 53.04
N GLN R 88 -3.38 9.48 53.16
CA GLN R 88 -3.53 8.11 52.70
C GLN R 88 -3.39 7.99 51.19
N LEU R 89 -3.87 8.99 50.44
CA LEU R 89 -3.63 8.99 49.01
C LEU R 89 -2.15 9.14 48.68
N GLU R 90 -1.44 9.98 49.42
CA GLU R 90 -0.01 10.18 49.17
C GLU R 90 0.82 8.95 49.47
N CYS R 91 0.55 8.25 50.57
CA CYS R 91 1.28 7.02 50.84
C CYS R 91 1.16 6.02 49.71
N GLN R 92 -0.04 5.87 49.15
CA GLN R 92 -0.25 4.86 48.12
C GLN R 92 0.26 5.32 46.76
N ARG R 93 0.34 6.62 46.53
CA ARG R 93 1.01 7.08 45.31
C ARG R 93 2.52 6.90 45.41
N PHE R 94 3.08 7.16 46.59
CA PHE R 94 4.51 6.91 46.79
C PHE R 94 4.84 5.45 46.61
N SER R 95 4.10 4.56 47.27
CA SER R 95 4.36 3.13 47.05
C SER R 95 3.70 2.66 45.77
N LEU R 96 3.79 3.50 44.75
CA LEU R 96 3.51 3.20 43.36
C LEU R 96 4.50 3.83 42.42
N ASN R 97 5.16 4.92 42.82
CA ASN R 97 6.22 5.51 42.03
C ASN R 97 7.61 5.11 42.49
N TYR R 98 7.72 4.40 43.61
CA TYR R 98 9.05 3.95 44.06
C TYR R 98 9.07 2.54 44.63
N GLU R 99 7.97 1.81 44.66
CA GLU R 99 7.93 0.41 45.12
C GLU R 99 8.40 0.28 46.57
N ASP R 100 8.71 1.39 47.22
CA ASP R 100 9.23 1.33 48.57
C ASP R 100 8.24 2.01 49.51
N THR R 101 7.99 1.39 50.64
CA THR R 101 7.06 1.93 51.60
C THR R 101 7.52 3.30 52.08
N MET R 102 6.58 4.21 52.24
CA MET R 102 6.90 5.55 52.68
C MET R 102 7.41 5.54 54.11
N ASP R 103 8.55 6.17 54.33
CA ASP R 103 9.01 6.37 55.69
C ASP R 103 8.07 7.30 56.43
N VAL R 104 8.23 7.34 57.74
CA VAL R 104 7.41 8.26 58.54
C VAL R 104 7.75 9.69 58.19
N ASP R 105 9.05 10.01 58.17
CA ASP R 105 9.51 11.39 57.99
C ASP R 105 9.03 12.00 56.69
N MET R 106 9.00 11.23 55.60
CA MET R 106 8.51 11.78 54.34
C MET R 106 7.03 12.10 54.42
N LEU R 107 6.25 11.25 55.08
CA LEU R 107 4.85 11.55 55.27
C LEU R 107 4.63 12.79 56.12
N VAL R 108 5.40 12.95 57.20
CA VAL R 108 5.27 14.17 57.99
C VAL R 108 5.61 15.38 57.14
N ARG R 109 6.64 15.28 56.32
CA ARG R 109 7.02 16.42 55.48
C ARG R 109 5.93 16.76 54.47
N TYR R 110 5.29 15.75 53.88
CA TYR R 110 4.23 16.02 52.92
C TYR R 110 3.01 16.64 53.60
N VAL R 111 2.66 16.14 54.78
CA VAL R 111 1.51 16.70 55.50
C VAL R 111 1.79 18.11 55.94
N ALA R 112 3.02 18.39 56.38
CA ALA R 112 3.37 19.76 56.76
C ALA R 112 3.42 20.67 55.55
N GLY R 113 3.81 20.13 54.40
CA GLY R 113 3.73 20.89 53.17
C GLY R 113 2.32 21.29 52.82
N VAL R 114 1.37 20.36 52.97
CA VAL R 114 -0.03 20.71 52.76
C VAL R 114 -0.49 21.77 53.77
N GLN R 115 -0.21 21.54 55.05
CA GLN R 115 -0.54 22.51 56.08
C GLN R 115 -0.04 23.91 55.72
N GLN R 116 1.22 24.01 55.29
CA GLN R 116 1.77 25.32 54.99
C GLN R 116 1.22 25.91 53.71
N LYS R 117 1.05 25.10 52.66
CA LYS R 117 0.44 25.57 51.43
C LYS R 117 -0.93 26.15 51.68
N SER R 118 -1.65 25.63 52.67
CA SER R 118 -2.93 26.23 53.02
C SER R 118 -2.80 27.69 53.45
N THR R 119 -1.76 28.04 54.19
CA THR R 119 -1.61 29.39 54.69
C THR R 119 -0.98 30.34 53.69
N GLN R 120 -0.82 29.93 52.43
CA GLN R 120 -0.28 30.80 51.40
C GLN R 120 -0.99 30.60 50.08
N SER R 121 -2.27 30.28 50.13
CA SER R 121 -3.09 30.10 48.93
C SER R 121 -4.26 31.06 48.98
N GLY R 122 -4.83 31.31 47.81
CA GLY R 122 -5.90 32.27 47.71
C GLY R 122 -7.26 31.67 47.98
N GLY R 123 -8.04 32.29 48.87
CA GLY R 123 -9.38 31.87 49.14
C GLY R 123 -9.50 30.73 50.12
N SER R 124 -8.39 30.23 50.65
CA SER R 124 -8.40 29.13 51.59
C SER R 124 -7.80 29.57 52.92
N ARG R 125 -8.52 29.30 54.00
CA ARG R 125 -8.05 29.47 55.36
C ARG R 125 -7.20 28.28 55.76
N PRO R 126 -6.33 28.43 56.76
CA PRO R 126 -5.50 27.31 57.18
C PRO R 126 -6.31 26.22 57.86
N PHE R 127 -5.81 25.00 57.72
CA PHE R 127 -6.38 23.88 58.47
C PHE R 127 -6.25 24.13 59.96
N GLY R 128 -7.30 23.84 60.70
CA GLY R 128 -7.23 23.98 62.15
C GLY R 128 -6.87 22.70 62.85
N VAL R 129 -5.81 22.02 62.41
CA VAL R 129 -5.43 20.73 62.97
C VAL R 129 -3.96 20.74 63.33
N ALA R 130 -3.63 20.11 64.45
CA ALA R 130 -2.26 19.78 64.80
C ALA R 130 -2.22 18.28 65.05
N THR R 131 -1.30 17.59 64.39
CA THR R 131 -1.32 16.14 64.39
C THR R 131 -0.03 15.57 64.96
N VAL R 132 -0.14 14.36 65.50
CA VAL R 132 1.00 13.58 65.94
C VAL R 132 1.05 12.34 65.07
N ILE R 133 2.19 12.11 64.43
CA ILE R 133 2.37 11.04 63.48
C ILE R 133 3.45 10.11 64.00
N GLY R 134 3.08 8.86 64.25
CA GLY R 134 4.03 7.91 64.77
C GLY R 134 4.14 6.72 63.83
N GLY R 135 5.30 6.08 63.86
CA GLY R 135 5.46 4.91 63.04
C GLY R 135 6.86 4.35 63.06
N PHE R 136 7.07 3.35 62.22
CA PHE R 136 8.34 2.67 62.08
C PHE R 136 8.78 2.75 60.63
N ASN R 137 10.08 2.92 60.42
CA ASN R 137 10.63 2.77 59.08
C ASN R 137 10.73 1.28 58.78
N GLU R 138 11.28 0.92 57.62
CA GLU R 138 11.45 -0.50 57.32
C GLU R 138 12.68 -1.10 57.97
N ASP R 139 13.30 -0.39 58.91
CA ASP R 139 14.42 -0.94 59.66
C ASP R 139 14.25 -0.61 61.14
N GLY R 140 13.05 -0.84 61.67
CA GLY R 140 12.80 -0.45 63.05
C GLY R 140 12.70 1.05 63.16
N LYS R 141 13.54 1.63 64.03
CA LYS R 141 13.67 3.07 64.16
C LYS R 141 12.32 3.76 64.37
N PRO R 142 11.73 3.65 65.54
CA PRO R 142 10.46 4.35 65.78
C PRO R 142 10.63 5.86 65.72
N HIS R 143 9.70 6.50 65.02
CA HIS R 143 9.71 7.94 64.85
C HIS R 143 8.39 8.51 65.33
N LEU R 144 8.46 9.71 65.90
CA LEU R 144 7.30 10.42 66.41
C LEU R 144 7.44 11.89 66.04
N TRP R 145 6.49 12.40 65.27
CA TRP R 145 6.54 13.76 64.77
C TRP R 145 5.26 14.51 65.11
N LYS R 146 5.33 15.83 65.03
CA LYS R 146 4.22 16.69 65.40
C LYS R 146 4.18 17.87 64.46
N THR R 147 3.01 18.15 63.88
CA THR R 147 2.83 19.29 63.00
C THR R 147 1.91 20.30 63.66
N ASP R 148 1.93 21.52 63.13
CA ASP R 148 1.12 22.63 63.62
C ASP R 148 0.33 23.21 62.47
N PRO R 149 -0.75 23.94 62.77
CA PRO R 149 -1.47 24.64 61.70
C PRO R 149 -0.57 25.59 60.94
N SER R 150 0.51 26.05 61.55
CA SER R 150 1.49 26.88 60.87
C SER R 150 2.33 26.09 59.86
N GLY R 151 2.32 24.77 59.94
CA GLY R 151 3.05 23.95 59.01
C GLY R 151 4.45 23.56 59.43
N MET R 152 4.86 23.88 60.65
CA MET R 152 6.20 23.60 61.13
C MET R 152 6.20 22.24 61.80
N CYS R 153 6.66 21.23 61.08
CA CYS R 153 6.80 19.89 61.63
C CYS R 153 8.09 19.78 62.43
N SER R 154 8.10 18.86 63.39
CA SER R 154 9.26 18.68 64.25
C SER R 154 9.16 17.32 64.91
N ALA R 155 10.30 16.64 65.04
CA ALA R 155 10.35 15.34 65.69
C ALA R 155 10.58 15.50 67.18
N TRP R 156 9.80 14.77 67.97
CA TRP R 156 9.86 14.87 69.41
C TRP R 156 10.27 13.54 70.02
N ARG R 157 10.17 13.48 71.35
CA ARG R 157 10.41 12.27 72.10
C ARG R 157 9.26 11.92 73.03
N ALA R 158 8.48 12.93 73.45
CA ALA R 158 7.21 12.72 74.12
C ALA R 158 6.41 14.01 73.98
N VAL R 159 5.35 13.95 73.19
CA VAL R 159 4.67 15.15 72.75
C VAL R 159 3.22 15.08 73.20
N ALA R 160 2.60 16.24 73.36
CA ALA R 160 1.19 16.34 73.66
C ALA R 160 0.60 17.42 72.78
N ILE R 161 -0.65 17.25 72.37
CA ILE R 161 -1.36 18.26 71.61
C ILE R 161 -2.76 18.37 72.19
N GLY R 162 -3.48 19.38 71.74
CA GLY R 162 -4.80 19.61 72.27
C GLY R 162 -4.77 20.54 73.47
N ARG R 163 -5.86 20.59 74.21
CA ARG R 163 -5.98 21.56 75.29
C ARG R 163 -4.92 21.33 76.37
N HIS R 164 -4.67 22.37 77.16
CA HIS R 164 -3.67 22.36 78.23
C HIS R 164 -2.37 21.72 77.75
N ASP R 165 -1.88 22.22 76.62
CA ASP R 165 -0.74 21.62 75.95
C ASP R 165 0.54 21.81 76.74
N GLN R 166 0.84 23.06 77.08
CA GLN R 166 2.06 23.39 77.81
C GLN R 166 2.12 22.72 79.17
N THR R 167 1.00 22.64 79.87
CA THR R 167 0.96 21.94 81.16
C THR R 167 1.45 20.51 81.04
N VAL R 168 0.85 19.72 80.15
CA VAL R 168 1.26 18.32 79.99
C VAL R 168 2.69 18.23 79.49
N ILE R 169 3.09 19.04 78.52
CA ILE R 169 4.46 18.94 78.02
C ILE R 169 5.47 19.22 79.12
N GLU R 170 5.33 20.36 79.80
CA GLU R 170 6.32 20.70 80.82
C GLU R 170 6.20 19.85 82.06
N TYR R 171 5.09 19.11 82.24
CA TYR R 171 5.05 18.13 83.32
C TYR R 171 5.83 16.88 82.93
N MET R 172 5.52 16.30 81.78
CA MET R 172 6.09 15.01 81.43
C MET R 172 7.44 15.12 80.77
N GLU R 173 7.99 16.31 80.62
CA GLU R 173 9.37 16.46 80.23
C GLU R 173 10.34 16.19 81.37
N LYS R 174 9.91 16.38 82.60
CA LYS R 174 10.75 16.19 83.78
C LYS R 174 10.51 14.82 84.40
N SER R 175 9.79 13.96 83.69
CA SER R 175 9.49 12.63 84.19
C SER R 175 9.61 11.61 83.07
N TYR R 176 10.35 11.94 82.01
CA TYR R 176 10.56 11.03 80.89
C TYR R 176 11.98 10.48 80.99
N LYS R 177 12.08 9.17 81.15
CA LYS R 177 13.37 8.50 81.18
C LYS R 177 13.69 7.91 79.82
N ASP R 178 14.90 8.13 79.34
CA ASP R 178 15.30 7.71 78.01
C ASP R 178 15.40 6.18 77.93
N GLY R 179 14.72 5.61 76.94
CA GLY R 179 14.70 4.18 76.75
C GLY R 179 13.78 3.43 77.71
N MET R 180 12.48 3.67 77.60
CA MET R 180 11.50 2.99 78.42
C MET R 180 11.13 1.63 77.80
N SER R 181 10.48 0.80 78.59
CA SER R 181 10.04 -0.51 78.13
C SER R 181 8.61 -0.43 77.61
N ARG R 182 8.13 -1.53 77.01
CA ARG R 182 6.81 -1.57 76.41
C ARG R 182 5.69 -1.32 77.41
N ASP R 183 5.84 -1.77 78.66
CA ASP R 183 4.85 -1.51 79.68
C ASP R 183 5.13 -0.25 80.49
N GLU R 184 6.34 0.30 80.36
CA GLU R 184 6.59 1.63 80.91
C GLU R 184 5.82 2.69 80.13
N CYS R 185 5.91 2.66 78.80
CA CYS R 185 5.27 3.68 77.97
C CYS R 185 3.78 3.74 78.24
N VAL R 186 3.10 2.60 78.22
CA VAL R 186 1.68 2.59 78.48
C VAL R 186 1.36 3.17 79.85
N HIS R 187 2.27 3.02 80.81
CA HIS R 187 2.07 3.69 82.09
C HIS R 187 2.44 5.16 82.02
N PHE R 188 3.48 5.51 81.25
CA PHE R 188 3.87 6.91 81.17
C PHE R 188 2.94 7.70 80.26
N ALA R 189 2.26 7.04 79.32
CA ALA R 189 1.31 7.74 78.49
C ALA R 189 0.04 8.09 79.27
N ILE R 190 -0.49 7.16 80.06
CA ILE R 190 -1.67 7.46 80.87
C ILE R 190 -1.33 8.50 81.93
N LYS R 191 -0.31 8.23 82.74
CA LYS R 191 0.02 9.09 83.87
C LYS R 191 0.22 10.55 83.45
N SER R 192 0.61 10.80 82.21
CA SER R 192 0.76 12.16 81.74
C SER R 192 -0.53 12.69 81.15
N LEU R 193 -1.23 11.88 80.37
CA LEU R 193 -2.48 12.33 79.76
C LEU R 193 -3.52 12.63 80.82
N LEU R 194 -3.65 11.77 81.82
CA LEU R 194 -4.67 11.91 82.85
C LEU R 194 -4.51 13.19 83.66
N GLU R 195 -3.36 13.86 83.57
CA GLU R 195 -3.18 15.13 84.27
C GLU R 195 -4.08 16.22 83.71
N VAL R 196 -4.75 15.94 82.59
CA VAL R 196 -5.66 16.91 81.99
C VAL R 196 -7.08 16.37 81.86
N VAL R 197 -7.27 15.06 81.76
CA VAL R 197 -8.59 14.48 81.52
C VAL R 197 -9.28 14.29 82.87
N GLU R 198 -10.61 14.19 82.82
CA GLU R 198 -11.38 13.85 84.01
C GLU R 198 -11.12 12.40 84.41
N SER R 199 -11.37 12.10 85.69
CA SER R 199 -11.01 10.80 86.25
C SER R 199 -11.71 9.65 85.55
N GLY R 200 -12.82 9.92 84.88
CA GLY R 200 -13.51 8.92 84.10
C GLY R 200 -12.58 8.09 83.24
N SER R 201 -12.61 6.76 83.42
CA SER R 201 -11.68 5.88 82.73
C SER R 201 -12.17 5.49 81.34
N ARG R 202 -13.37 5.89 80.94
CA ARG R 202 -13.95 5.50 79.66
C ARG R 202 -13.75 6.55 78.58
N ASN R 203 -13.00 7.61 78.88
CA ASN R 203 -12.63 8.60 77.89
C ASN R 203 -11.13 8.58 77.62
N ILE R 204 -10.56 7.40 77.47
CA ILE R 204 -9.16 7.24 77.08
C ILE R 204 -9.11 6.15 76.01
N GLU R 205 -8.34 6.40 74.97
CA GLU R 205 -8.20 5.45 73.88
C GLU R 205 -6.73 5.36 73.54
N LEU R 206 -6.11 4.22 73.80
CA LEU R 206 -4.68 4.08 73.69
C LEU R 206 -4.29 3.12 72.57
N LEU R 207 -3.12 3.36 71.99
CA LEU R 207 -2.55 2.51 70.96
C LEU R 207 -1.07 2.32 71.23
N VAL R 208 -0.61 1.08 71.17
CA VAL R 208 0.81 0.75 71.18
C VAL R 208 1.20 0.32 69.77
N LEU R 209 2.39 0.67 69.34
CA LEU R 209 2.83 0.41 67.99
C LEU R 209 4.25 -0.13 68.01
N GLN R 210 4.40 -1.40 67.65
CA GLN R 210 5.68 -2.08 67.60
C GLN R 210 6.02 -2.38 66.15
N TYR R 211 7.23 -2.89 65.95
CA TYR R 211 7.68 -3.26 64.62
C TYR R 211 6.72 -4.26 63.99
N LYS R 212 6.08 -3.88 62.89
CA LYS R 212 5.18 -4.74 62.15
C LYS R 212 4.01 -5.26 62.98
N GLU R 213 3.61 -4.52 64.03
CA GLU R 213 2.46 -4.91 64.83
C GLU R 213 1.98 -3.70 65.62
N ALA R 214 0.72 -3.32 65.43
CA ALA R 214 0.08 -2.27 66.19
C ALA R 214 -1.29 -2.77 66.65
N ARG R 215 -1.48 -2.85 67.96
CA ARG R 215 -2.72 -3.36 68.53
C ARG R 215 -3.25 -2.36 69.53
N TYR R 216 -4.57 -2.22 69.60
CA TYR R 216 -5.20 -1.29 70.52
C TYR R 216 -5.40 -1.95 71.87
N LEU R 217 -5.25 -1.19 72.95
CA LEU R 217 -5.43 -1.76 74.27
C LEU R 217 -6.89 -1.74 74.69
N THR R 218 -7.39 -2.92 75.07
CA THR R 218 -8.81 -3.08 75.35
C THR R 218 -9.18 -2.43 76.68
N GLU R 219 -10.46 -2.53 77.02
CA GLU R 219 -11.00 -1.82 78.17
C GLU R 219 -10.38 -2.30 79.48
N GLU R 220 -10.42 -3.60 79.73
CA GLU R 220 -9.82 -4.12 80.96
C GLU R 220 -8.30 -3.97 80.96
N GLU R 221 -7.65 -4.12 79.81
CA GLU R 221 -6.22 -3.82 79.74
C GLU R 221 -5.94 -2.40 80.18
N LEU R 222 -6.76 -1.45 79.74
CA LEU R 222 -6.56 -0.06 80.11
C LEU R 222 -6.87 0.16 81.59
N GLN R 223 -7.83 -0.58 82.13
CA GLN R 223 -8.17 -0.42 83.54
C GLN R 223 -7.03 -0.89 84.44
N LYS R 224 -6.40 -2.01 84.07
CA LYS R 224 -5.28 -2.52 84.85
C LYS R 224 -4.22 -1.44 85.04
N PHE R 225 -4.02 -0.60 84.02
CA PHE R 225 -2.99 0.43 84.10
C PHE R 225 -3.51 1.72 84.71
N VAL R 226 -4.78 2.07 84.48
CA VAL R 226 -5.27 3.32 85.04
C VAL R 226 -5.30 3.23 86.56
N VAL R 227 -5.55 2.03 87.10
CA VAL R 227 -5.56 1.92 88.56
C VAL R 227 -4.14 2.09 89.11
N GLU R 228 -3.16 1.47 88.45
CA GLU R 228 -1.76 1.68 88.83
C GLU R 228 -1.37 3.14 88.75
N VAL R 229 -1.83 3.84 87.71
CA VAL R 229 -1.48 5.24 87.53
C VAL R 229 -2.09 6.11 88.62
N GLU R 230 -3.38 5.89 88.92
CA GLU R 230 -4.01 6.70 89.96
C GLU R 230 -3.38 6.43 91.32
N LYS R 231 -3.00 5.18 91.59
CA LYS R 231 -2.29 4.91 92.83
C LYS R 231 -0.96 5.64 92.92
N GLU R 232 -0.16 5.63 91.85
CA GLU R 232 1.10 6.35 91.88
C GLU R 232 0.89 7.85 92.04
N ARG R 233 -0.14 8.40 91.40
CA ARG R 233 -0.41 9.83 91.54
C ARG R 233 -0.82 10.18 92.95
N GLU R 234 -1.68 9.37 93.58
CA GLU R 234 -2.10 9.65 94.95
C GLU R 234 -0.95 9.48 95.91
N GLU R 235 -0.01 8.57 95.59
CA GLU R 235 1.20 8.44 96.41
C GLU R 235 2.08 9.68 96.27
N GLU R 236 2.20 10.20 95.05
CA GLU R 236 2.93 11.44 94.85
C GLU R 236 2.27 12.60 95.60
N ALA R 237 0.93 12.56 95.70
CA ALA R 237 0.22 13.60 96.43
C ALA R 237 0.49 13.50 97.94
N ALA R 238 0.36 12.29 98.49
CA ALA R 238 0.72 12.09 99.88
C ALA R 238 2.17 12.47 100.15
N ALA R 239 3.03 12.37 99.12
CA ALA R 239 4.40 12.86 99.26
C ALA R 239 4.48 14.37 99.16
N LYS R 240 3.60 15.01 98.39
CA LYS R 240 3.55 16.47 98.40
C LYS R 240 3.20 16.99 99.78
N LYS R 241 2.28 16.33 100.46
CA LYS R 241 1.86 16.82 101.76
C LYS R 241 2.38 15.92 102.89
N GLU S 107 -6.78 42.66 59.59
CA GLU S 107 -7.52 43.76 58.99
C GLU S 107 -7.29 43.80 57.50
N TYR S 108 -8.38 44.02 56.74
CA TYR S 108 -8.34 43.94 55.29
C TYR S 108 -8.72 45.22 54.59
N ASP S 109 -8.63 46.39 55.25
CA ASP S 109 -9.04 47.63 54.62
C ASP S 109 -8.20 47.91 53.37
N ARG S 110 -6.89 48.02 53.54
CA ARG S 110 -6.02 48.14 52.38
C ARG S 110 -5.64 46.76 51.86
N GLY S 111 -5.58 46.66 50.53
CA GLY S 111 -5.36 45.38 49.88
C GLY S 111 -3.98 44.82 50.13
N VAL S 112 -3.62 43.83 49.31
CA VAL S 112 -2.31 43.20 49.39
C VAL S 112 -1.27 43.98 48.58
N ASN S 113 -1.70 44.88 47.70
CA ASN S 113 -0.81 45.56 46.78
C ASN S 113 -0.84 47.08 46.98
N THR S 114 -1.43 47.56 48.06
CA THR S 114 -1.51 49.00 48.24
C THR S 114 -0.17 49.57 48.65
N PHE S 115 0.04 50.83 48.29
CA PHE S 115 1.25 51.55 48.64
C PHE S 115 0.98 52.45 49.85
N SER S 116 1.94 52.51 50.75
CA SER S 116 1.90 53.45 51.84
C SER S 116 2.28 54.84 51.34
N PRO S 117 1.82 55.89 52.02
CA PRO S 117 2.21 57.25 51.59
C PRO S 117 3.70 57.48 51.55
N GLU S 118 4.49 56.64 52.22
CA GLU S 118 5.95 56.70 52.15
C GLU S 118 6.53 55.84 51.05
N GLY S 119 5.70 55.15 50.28
CA GLY S 119 6.15 54.44 49.10
C GLY S 119 6.40 52.96 49.26
N ARG S 120 6.56 52.45 50.47
CA ARG S 120 6.85 51.04 50.66
C ARG S 120 5.55 50.26 50.83
N ILE S 121 5.47 49.14 50.12
CA ILE S 121 4.26 48.32 50.12
C ILE S 121 3.98 47.83 51.53
N PHE S 122 2.70 47.82 51.91
CA PHE S 122 2.34 47.48 53.28
C PHE S 122 2.72 46.06 53.63
N GLN S 123 2.40 45.11 52.76
CA GLN S 123 2.65 43.70 53.08
C GLN S 123 4.13 43.41 53.24
N ILE S 124 4.97 43.95 52.37
CA ILE S 124 6.40 43.69 52.49
C ILE S 124 7.00 44.43 53.66
N GLU S 125 6.38 45.55 54.06
CA GLU S 125 6.86 46.24 55.25
C GLU S 125 6.48 45.48 56.51
N TYR S 126 5.35 44.79 56.51
CA TYR S 126 4.97 43.96 57.65
C TYR S 126 5.73 42.65 57.70
N ALA S 127 5.98 42.03 56.55
CA ALA S 127 6.72 40.78 56.52
C ALA S 127 8.16 40.95 56.97
N VAL S 128 8.74 42.13 56.77
CA VAL S 128 10.09 42.39 57.26
C VAL S 128 10.08 42.53 58.77
N GLU S 129 8.99 43.06 59.33
CA GLU S 129 8.86 43.13 60.78
C GLU S 129 8.74 41.76 61.42
N ALA S 130 8.15 40.79 60.73
CA ALA S 130 8.03 39.44 61.27
C ALA S 130 9.37 38.72 61.33
N ILE S 131 10.42 39.27 60.72
CA ILE S 131 11.71 38.60 60.74
C ILE S 131 12.38 38.76 62.10
N LYS S 132 12.24 39.93 62.72
CA LYS S 132 12.85 40.17 64.01
C LYS S 132 12.16 39.42 65.15
N LEU S 133 11.16 38.60 64.85
CA LEU S 133 10.54 37.73 65.83
C LEU S 133 11.13 36.33 65.82
N GLY S 134 12.07 36.04 64.91
CA GLY S 134 12.58 34.70 64.73
C GLY S 134 13.92 34.53 65.42
N SER S 135 14.52 33.36 65.16
CA SER S 135 15.84 33.07 65.69
C SER S 135 16.91 33.83 64.91
N THR S 136 17.96 34.23 65.61
CA THR S 136 19.05 34.91 64.93
C THR S 136 19.86 33.94 64.11
N SER S 137 20.69 34.49 63.23
CA SER S 137 21.56 33.70 62.38
C SER S 137 22.71 34.59 61.93
N LEU S 138 23.77 33.96 61.45
CA LEU S 138 24.96 34.67 61.02
C LEU S 138 25.43 34.15 59.68
N GLY S 139 26.46 34.80 59.17
CA GLY S 139 27.21 34.32 58.04
C GLY S 139 28.44 35.17 57.91
N ILE S 140 29.61 34.54 57.85
CA ILE S 140 30.88 35.26 57.75
C ILE S 140 31.63 34.69 56.56
N ARG S 141 32.02 35.56 55.64
CA ARG S 141 32.79 35.19 54.47
C ARG S 141 34.26 35.48 54.74
N THR S 142 35.13 34.55 54.36
CA THR S 142 36.56 34.64 54.63
C THR S 142 37.31 34.01 53.46
N PRO S 143 38.60 34.29 53.30
CA PRO S 143 39.34 33.70 52.18
C PRO S 143 39.42 32.18 52.23
N GLU S 144 39.29 31.58 53.41
CA GLU S 144 39.37 30.13 53.52
C GLU S 144 38.01 29.49 53.25
N GLY S 145 36.94 30.15 53.68
CA GLY S 145 35.62 29.63 53.44
C GLY S 145 34.57 30.55 54.04
N VAL S 146 33.35 30.04 54.11
CA VAL S 146 32.22 30.78 54.66
C VAL S 146 31.63 29.96 55.80
N VAL S 147 31.07 30.66 56.80
CA VAL S 147 30.52 30.02 58.00
C VAL S 147 29.12 30.54 58.27
N LEU S 148 28.20 29.63 58.59
CA LEU S 148 26.80 29.93 58.88
C LEU S 148 26.50 29.39 60.26
N ALA S 149 26.15 30.27 61.18
CA ALA S 149 25.79 29.84 62.52
C ALA S 149 24.35 30.23 62.85
N ALA S 150 23.70 29.41 63.65
CA ALA S 150 22.30 29.70 63.99
C ALA S 150 21.90 29.04 65.30
N GLU S 151 20.88 29.58 65.94
CA GLU S 151 20.35 29.02 67.19
C GLU S 151 19.04 28.32 66.91
N LYS S 152 18.95 27.04 67.28
CA LYS S 152 17.74 26.29 66.99
C LYS S 152 16.54 26.83 67.76
N ARG S 153 16.75 27.22 69.02
CA ARG S 153 15.71 27.75 69.88
C ARG S 153 14.53 26.79 69.97
N VAL S 154 14.83 25.61 70.51
CA VAL S 154 13.86 24.53 70.63
C VAL S 154 12.70 24.96 71.53
N PRO S 155 11.48 24.49 71.27
CA PRO S 155 10.37 24.82 72.17
C PRO S 155 10.39 24.04 73.47
N SER S 156 11.04 22.88 73.51
CA SER S 156 11.11 22.10 74.72
C SER S 156 12.35 21.24 74.70
N THR S 157 12.69 20.68 75.84
CA THR S 157 13.84 19.81 75.96
C THR S 157 13.59 18.42 75.40
N LEU S 158 12.38 18.13 74.93
CA LEU S 158 12.04 16.81 74.45
C LEU S 158 12.26 16.62 72.96
N VAL S 159 12.21 17.70 72.18
CA VAL S 159 12.36 17.59 70.73
C VAL S 159 13.68 16.92 70.41
N VAL S 160 13.66 15.99 69.46
CA VAL S 160 14.90 15.51 68.86
C VAL S 160 15.41 16.66 68.00
N PRO S 161 16.45 17.37 68.42
CA PRO S 161 16.77 18.64 67.78
C PRO S 161 17.23 18.51 66.33
N SER S 162 17.69 17.33 65.92
CA SER S 162 18.16 17.15 64.56
C SER S 162 17.05 17.19 63.52
N SER S 163 15.82 17.48 63.93
CA SER S 163 14.70 17.61 63.02
C SER S 163 14.35 19.05 62.71
N MET S 164 14.91 20.00 63.45
CA MET S 164 14.61 21.41 63.27
C MET S 164 15.89 22.14 62.86
N SER S 165 16.64 21.50 61.98
CA SER S 165 17.89 22.06 61.49
C SER S 165 17.62 23.36 60.75
N LYS S 166 18.09 24.47 61.30
CA LYS S 166 17.94 25.76 60.65
C LYS S 166 18.87 25.92 59.46
N ILE S 167 19.78 24.98 59.25
CA ILE S 167 20.78 25.09 58.19
C ILE S 167 20.55 23.96 57.20
N MET S 168 20.00 24.29 56.04
CA MET S 168 19.67 23.30 55.03
C MET S 168 20.72 23.32 53.93
N GLU S 169 21.04 22.15 53.41
CA GLU S 169 21.94 22.03 52.28
C GLU S 169 21.15 22.16 50.99
N VAL S 170 21.56 23.09 50.14
CA VAL S 170 20.93 23.25 48.84
C VAL S 170 21.70 22.50 47.77
N ASP S 171 23.02 22.39 47.95
CA ASP S 171 23.85 21.59 47.06
C ASP S 171 25.16 21.30 47.77
N SER S 172 25.95 20.40 47.20
CA SER S 172 27.19 19.98 47.85
C SER S 172 28.13 21.14 48.14
N HIS S 173 27.89 22.30 47.54
CA HIS S 173 28.69 23.48 47.79
C HIS S 173 27.87 24.72 48.15
N ILE S 174 26.56 24.58 48.34
CA ILE S 174 25.69 25.70 48.64
C ILE S 174 24.86 25.36 49.86
N ALA S 175 25.01 26.13 50.92
CA ALA S 175 24.24 25.99 52.14
C ALA S 175 23.35 27.21 52.31
N ALA S 176 22.31 27.06 53.13
CA ALA S 176 21.36 28.14 53.33
C ALA S 176 20.85 28.09 54.77
N VAL S 177 20.96 29.22 55.47
CA VAL S 177 20.42 29.36 56.81
C VAL S 177 19.30 30.39 56.76
N MET S 178 18.22 30.15 57.48
CA MET S 178 17.06 31.02 57.42
C MET S 178 16.68 31.52 58.80
N SER S 179 15.67 32.40 58.81
CA SER S 179 15.14 32.97 60.03
C SER S 179 13.73 33.48 59.76
N GLY S 180 12.98 33.72 60.83
CA GLY S 180 11.59 34.08 60.69
C GLY S 180 10.70 32.88 60.88
N MET S 181 9.73 32.69 60.00
CA MET S 181 8.86 31.52 60.07
C MET S 181 9.43 30.40 59.20
N VAL S 182 9.90 29.35 59.86
CA VAL S 182 10.57 28.27 59.15
C VAL S 182 9.60 27.41 58.35
N ALA S 183 8.31 27.72 58.36
CA ALA S 183 7.36 26.95 57.58
C ALA S 183 7.53 27.23 56.10
N ASP S 184 7.73 28.50 55.73
CA ASP S 184 7.90 28.84 54.32
C ASP S 184 9.30 28.49 53.82
N ALA S 185 10.32 28.83 54.61
CA ALA S 185 11.71 28.68 54.16
C ALA S 185 11.97 27.30 53.58
N ARG S 186 11.24 26.28 54.03
CA ARG S 186 11.42 24.97 53.45
C ARG S 186 11.03 24.95 51.98
N ILE S 187 9.99 25.68 51.59
CA ILE S 187 9.62 25.67 50.18
C ILE S 187 10.60 26.48 49.34
N LEU S 188 11.16 27.56 49.89
CA LEU S 188 12.22 28.26 49.19
C LEU S 188 13.44 27.35 49.00
N VAL S 189 13.75 26.54 50.00
CA VAL S 189 14.88 25.63 49.86
C VAL S 189 14.60 24.54 48.84
N GLU S 190 13.40 23.97 48.80
CA GLU S 190 13.11 23.00 47.75
C GLU S 190 13.18 23.64 46.37
N HIS S 191 12.75 24.89 46.25
CA HIS S 191 12.88 25.59 44.98
C HIS S 191 14.34 25.75 44.57
N ALA S 192 15.18 26.20 45.50
CA ALA S 192 16.59 26.38 45.18
C ALA S 192 17.24 25.04 44.82
N ARG S 193 16.84 23.97 45.49
CA ARG S 193 17.39 22.66 45.17
C ARG S 193 17.00 22.21 43.78
N VAL S 194 15.73 22.39 43.41
CA VAL S 194 15.31 21.99 42.07
C VAL S 194 16.02 22.82 41.02
N GLU S 195 16.13 24.14 41.22
CA GLU S 195 16.81 24.96 40.23
C GLU S 195 18.29 24.64 40.12
N SER S 196 18.96 24.40 41.24
CA SER S 196 20.36 24.01 41.19
C SER S 196 20.57 22.67 40.49
N GLN S 197 19.70 21.69 40.76
CA GLN S 197 19.84 20.42 40.06
C GLN S 197 19.55 20.56 38.59
N ASN S 198 18.62 21.42 38.20
CA ASN S 198 18.43 21.68 36.79
C ASN S 198 19.64 22.34 36.16
N HIS S 199 20.27 23.28 36.85
CA HIS S 199 21.44 23.93 36.29
C HIS S 199 22.61 22.97 36.21
N ARG S 200 22.61 21.93 37.03
CA ARG S 200 23.65 20.92 36.89
C ARG S 200 23.31 19.94 35.77
N PHE S 201 22.02 19.72 35.54
CA PHE S 201 21.61 18.77 34.52
C PHE S 201 21.77 19.35 33.13
N THR S 202 21.53 20.65 32.98
CA THR S 202 21.58 21.30 31.68
C THR S 202 22.98 21.79 31.32
N TYR S 203 23.64 22.49 32.23
CA TYR S 203 24.94 23.08 31.93
C TYR S 203 26.11 22.26 32.47
N ASN S 204 25.85 21.18 33.18
CA ASN S 204 26.90 20.25 33.64
C ASN S 204 28.02 20.98 34.39
N GLU S 205 27.66 21.67 35.45
CA GLU S 205 28.63 22.28 36.35
C GLU S 205 27.87 22.89 37.53
N PRO S 206 28.53 23.07 38.66
CA PRO S 206 27.85 23.62 39.83
C PRO S 206 27.30 25.01 39.56
N MET S 207 26.05 25.23 39.99
CA MET S 207 25.46 26.55 39.86
C MET S 207 26.25 27.57 40.65
N SER S 208 26.12 28.83 40.25
CA SER S 208 26.75 29.90 41.01
C SER S 208 25.79 30.42 42.07
N VAL S 209 26.36 30.77 43.23
CA VAL S 209 25.54 31.16 44.37
C VAL S 209 24.62 32.31 44.04
N GLU S 210 25.14 33.35 43.37
CA GLU S 210 24.29 34.47 43.00
C GLU S 210 23.14 34.02 42.10
N SER S 211 23.37 33.00 41.27
CA SER S 211 22.28 32.49 40.45
C SER S 211 21.24 31.78 41.31
N CYS S 212 21.66 31.05 42.34
CA CYS S 212 20.70 30.46 43.26
C CYS S 212 19.87 31.53 43.96
N THR S 213 20.50 32.62 44.37
CA THR S 213 19.76 33.68 45.03
C THR S 213 18.77 34.34 44.08
N LEU S 214 19.18 34.54 42.83
CA LEU S 214 18.24 35.04 41.82
C LEU S 214 17.06 34.10 41.66
N ALA S 215 17.33 32.80 41.58
CA ALA S 215 16.25 31.83 41.38
C ALA S 215 15.33 31.77 42.59
N THR S 216 15.83 32.11 43.77
CA THR S 216 14.98 32.17 44.96
C THR S 216 14.11 33.42 44.97
N CYS S 217 14.70 34.59 44.77
CA CYS S 217 13.89 35.80 44.69
C CYS S 217 12.88 35.76 43.56
N ASP S 218 13.20 35.07 42.46
CA ASP S 218 12.25 34.96 41.36
C ASP S 218 10.95 34.31 41.78
N LEU S 219 10.99 33.37 42.72
CA LEU S 219 9.76 32.87 43.31
C LEU S 219 9.22 33.84 44.35
N SER S 220 10.11 34.38 45.19
CA SER S 220 9.63 35.15 46.34
C SER S 220 8.87 36.41 45.92
N ILE S 221 9.05 36.87 44.69
CA ILE S 221 8.31 38.05 44.23
C ILE S 221 6.89 37.74 43.79
N GLN S 222 6.58 36.49 43.45
CA GLN S 222 5.34 36.17 42.74
C GLN S 222 4.17 36.07 43.71
N PHE S 223 3.79 37.22 44.27
CA PHE S 223 2.62 37.28 45.14
C PHE S 223 1.67 38.36 44.63
N GLY S 224 0.39 38.14 44.88
CA GLY S 224 -0.67 39.01 44.42
C GLY S 224 -2.00 38.37 44.78
N GLU S 225 -3.12 38.88 44.26
CA GLU S 225 -4.40 38.28 44.61
C GLU S 225 -5.19 37.79 43.40
N SER S 226 -5.19 38.55 42.30
CA SER S 226 -6.00 38.16 41.14
C SER S 226 -5.35 37.00 40.41
N GLY S 227 -6.02 35.87 40.41
CA GLY S 227 -5.45 34.68 39.78
C GLY S 227 -5.39 34.80 38.27
N GLY S 228 -6.55 34.78 37.62
CA GLY S 228 -6.60 34.88 36.18
C GLY S 228 -5.81 33.79 35.49
N ARG S 229 -4.66 34.17 34.93
CA ARG S 229 -3.82 33.23 34.21
C ARG S 229 -3.00 32.35 35.15
N ARG S 230 -2.18 32.95 36.01
CA ARG S 230 -1.30 32.19 36.88
C ARG S 230 -1.71 32.32 38.34
N LYS S 231 -1.52 31.24 39.09
CA LYS S 231 -1.81 31.21 40.51
C LYS S 231 -0.68 31.91 41.24
N LEU S 232 -1.02 32.78 42.18
CA LEU S 232 0.00 33.55 42.90
C LEU S 232 0.03 33.14 44.37
N MET S 233 1.01 33.66 45.08
CA MET S 233 0.99 33.57 46.54
C MET S 233 0.15 34.71 47.08
N SER S 234 -0.65 34.42 48.10
CA SER S 234 -1.52 35.45 48.63
C SER S 234 -0.76 36.40 49.56
N ARG S 235 0.48 36.10 49.87
CA ARG S 235 1.29 36.94 50.74
C ARG S 235 2.75 36.65 50.46
N PRO S 236 3.64 37.57 50.78
CA PRO S 236 5.07 37.31 50.68
C PRO S 236 5.48 36.24 51.68
N PHE S 237 6.67 35.68 51.49
CA PHE S 237 7.22 34.76 52.46
C PHE S 237 7.74 35.55 53.65
N GLY S 238 7.34 35.17 54.85
CA GLY S 238 7.81 35.86 56.02
C GLY S 238 9.17 35.37 56.47
N VAL S 239 10.09 35.15 55.54
CA VAL S 239 11.38 34.57 55.83
C VAL S 239 12.46 35.31 55.06
N SER S 240 13.60 35.53 55.71
CA SER S 240 14.78 36.13 55.07
C SER S 240 15.88 35.08 55.03
N LEU S 241 16.10 34.49 53.86
CA LEU S 241 17.13 33.48 53.72
C LEU S 241 18.51 34.11 53.86
N LEU S 242 19.51 33.23 53.81
CA LEU S 242 20.92 33.61 53.86
C LEU S 242 21.68 32.46 53.19
N ILE S 243 22.07 32.68 51.94
CA ILE S 243 22.72 31.64 51.16
C ILE S 243 24.22 31.86 51.23
N ALA S 244 24.98 30.78 51.28
CA ALA S 244 26.44 30.84 51.31
C ALA S 244 26.99 29.72 50.45
N GLY S 245 28.12 29.97 49.82
CA GLY S 245 28.63 28.93 48.95
C GLY S 245 30.02 29.23 48.46
N VAL S 246 30.57 28.28 47.72
CA VAL S 246 31.89 28.43 47.11
C VAL S 246 31.77 28.08 45.64
N ASP S 247 31.87 29.08 44.78
CA ASP S 247 32.04 28.85 43.35
C ASP S 247 33.32 29.54 42.92
N GLU S 248 33.61 29.56 41.63
CA GLU S 248 34.87 30.09 41.12
C GLU S 248 35.13 31.53 41.54
N LYS S 249 34.10 32.27 41.93
CA LYS S 249 34.28 33.63 42.41
C LYS S 249 34.63 33.68 43.90
N GLY S 250 35.13 32.57 44.44
CA GLY S 250 35.51 32.50 45.83
C GLY S 250 34.32 32.27 46.73
N PRO S 251 34.55 32.18 48.04
CA PRO S 251 33.45 32.02 48.98
C PRO S 251 32.59 33.27 48.98
N GLN S 252 31.27 33.08 48.93
CA GLN S 252 30.32 34.17 48.76
C GLN S 252 29.14 33.98 49.68
N LEU S 253 28.66 35.10 50.23
CA LEU S 253 27.52 35.12 51.12
C LEU S 253 26.49 36.11 50.58
N TRP S 254 25.30 35.62 50.26
CA TRP S 254 24.22 36.44 49.76
C TRP S 254 23.06 36.42 50.74
N GLN S 255 22.28 37.48 50.73
CA GLN S 255 21.15 37.64 51.63
C GLN S 255 19.91 37.93 50.80
N THR S 256 18.75 37.54 51.32
CA THR S 256 17.49 37.70 50.63
C THR S 256 16.42 38.17 51.61
N ASP S 257 15.64 39.15 51.18
CA ASP S 257 14.52 39.62 51.97
C ASP S 257 13.20 39.13 51.38
N PRO S 258 12.07 39.28 52.09
CA PRO S 258 10.78 39.02 51.46
C PRO S 258 10.49 39.97 50.31
N SER S 259 11.26 41.05 50.18
CA SER S 259 11.06 41.99 49.09
C SER S 259 11.24 41.31 47.73
N GLY S 260 12.07 40.29 47.66
CA GLY S 260 12.63 39.83 46.43
C GLY S 260 13.94 40.50 46.09
N THR S 261 14.62 41.08 47.08
CA THR S 261 15.82 41.87 46.87
C THR S 261 17.00 41.10 47.43
N HIS S 262 17.88 40.66 46.55
CA HIS S 262 19.07 39.91 46.94
C HIS S 262 20.27 40.84 47.04
N THR S 263 21.12 40.60 48.02
CA THR S 263 22.23 41.49 48.30
C THR S 263 23.44 40.69 48.76
N ARG S 264 24.57 40.87 48.09
CA ARG S 264 25.80 40.21 48.49
C ARG S 264 26.40 40.95 49.67
N TYR S 265 26.93 40.22 50.64
CA TYR S 265 27.49 40.81 51.83
C TYR S 265 28.89 40.25 52.12
N ASP S 266 29.43 40.66 53.26
CA ASP S 266 30.65 40.08 53.81
C ASP S 266 30.45 39.51 55.21
N ALA S 267 29.54 40.08 55.98
CA ALA S 267 29.18 39.54 57.30
C ALA S 267 27.82 40.14 57.63
N GLN S 268 26.83 39.27 57.81
CA GLN S 268 25.45 39.72 58.02
C GLN S 268 24.82 38.93 59.16
N ALA S 269 23.78 39.51 59.74
CA ALA S 269 22.99 38.85 60.77
C ALA S 269 21.52 39.12 60.52
N ILE S 270 20.71 38.07 60.65
CA ILE S 270 19.27 38.19 60.47
C ILE S 270 18.61 37.74 61.77
N GLY S 271 17.29 37.72 61.80
CA GLY S 271 16.61 37.30 62.99
C GLY S 271 16.62 38.37 64.06
N GLY S 272 16.09 38.00 65.22
CA GLY S 272 15.84 38.95 66.29
C GLY S 272 17.02 39.79 66.73
N GLY S 273 18.02 39.16 67.32
CA GLY S 273 19.16 39.90 67.83
C GLY S 273 20.17 40.24 66.75
N ALA S 274 19.72 40.89 65.69
CA ALA S 274 20.65 41.31 64.63
C ALA S 274 21.12 42.73 64.82
N GLU S 275 20.39 43.53 65.62
CA GLU S 275 20.78 44.91 65.84
C GLU S 275 22.13 45.00 66.55
N ALA S 276 22.23 44.41 67.73
CA ALA S 276 23.52 44.36 68.43
C ALA S 276 24.52 43.50 67.67
N ALA S 277 24.03 42.58 66.84
CA ALA S 277 24.95 41.77 66.04
C ALA S 277 25.70 42.63 65.04
N GLN S 278 25.02 43.59 64.42
CA GLN S 278 25.72 44.51 63.52
C GLN S 278 26.71 45.38 64.29
N SER S 279 26.39 45.70 65.56
CA SER S 279 27.35 46.39 66.40
C SER S 279 28.62 45.58 66.60
N VAL S 280 28.47 44.30 66.96
CA VAL S 280 29.61 43.39 67.05
C VAL S 280 30.31 43.24 65.71
N PHE S 281 29.59 43.41 64.61
CA PHE S 281 30.15 43.33 63.26
C PHE S 281 31.06 44.49 62.89
N THR S 282 30.65 45.72 63.20
CA THR S 282 31.38 46.89 62.72
C THR S 282 32.85 46.84 63.13
N GLU S 283 33.13 46.20 64.26
CA GLU S 283 34.49 45.95 64.70
C GLU S 283 34.72 44.44 64.73
N ARG S 284 35.91 44.03 65.18
CA ARG S 284 36.22 42.62 65.41
C ARG S 284 36.15 41.81 64.12
N TYR S 285 36.26 42.50 62.99
CA TYR S 285 36.16 41.81 61.70
C TYR S 285 36.98 42.54 60.66
N HIS S 286 38.17 42.05 60.37
CA HIS S 286 38.94 42.49 59.22
C HIS S 286 38.57 41.61 58.03
N ARG S 287 39.18 41.89 56.89
CA ARG S 287 38.77 41.22 55.66
C ARG S 287 39.45 39.88 55.44
N ASN S 288 40.64 39.68 56.01
CA ASN S 288 41.45 38.52 55.68
C ASN S 288 41.65 37.64 56.91
N MET S 289 40.58 37.40 57.65
CA MET S 289 40.66 36.57 58.83
C MET S 289 40.92 35.10 58.45
N THR S 290 41.17 34.31 59.48
CA THR S 290 41.29 32.86 59.35
C THR S 290 39.95 32.22 59.71
N LEU S 291 39.70 31.05 59.14
CA LEU S 291 38.45 30.35 59.41
C LEU S 291 38.24 30.13 60.91
N GLU S 292 39.32 29.81 61.64
CA GLU S 292 39.22 29.67 63.08
C GLU S 292 38.79 30.98 63.73
N GLU S 293 39.28 32.10 63.21
CA GLU S 293 38.88 33.39 63.73
C GLU S 293 37.39 33.63 63.49
N GLY S 294 36.90 33.24 62.32
CA GLY S 294 35.47 33.34 62.06
C GLY S 294 34.68 32.47 63.00
N GLU S 295 35.18 31.26 63.29
CA GLU S 295 34.51 30.39 64.25
C GLU S 295 34.36 31.08 65.59
N THR S 296 35.49 31.56 66.13
CA THR S 296 35.47 32.23 67.41
C THR S 296 34.51 33.41 67.40
N LEU S 297 34.55 34.25 66.37
CA LEU S 297 33.71 35.44 66.32
C LEU S 297 32.23 35.08 66.24
N ALA S 298 31.87 34.14 65.40
CA ALA S 298 30.47 33.76 65.25
C ALA S 298 29.93 33.15 66.53
N VAL S 299 30.69 32.24 67.14
CA VAL S 299 30.22 31.61 68.36
C VAL S 299 30.12 32.65 69.48
N ASP S 300 31.02 33.62 69.50
CA ASP S 300 30.90 34.70 70.46
C ASP S 300 29.62 35.48 70.26
N ILE S 301 29.32 35.84 69.01
CA ILE S 301 28.10 36.58 68.72
C ILE S 301 26.90 35.81 69.21
N LEU S 302 26.82 34.52 68.87
CA LEU S 302 25.71 33.69 69.33
C LEU S 302 25.63 33.70 70.85
N LYS S 303 26.79 33.63 71.51
CA LYS S 303 26.85 33.70 72.97
C LYS S 303 26.26 35.00 73.49
N GLN S 304 26.40 36.07 72.70
CA GLN S 304 26.07 37.41 73.20
C GLN S 304 24.58 37.72 73.08
N VAL S 305 23.91 37.17 72.05
CA VAL S 305 22.57 37.66 71.70
C VAL S 305 21.48 36.61 71.86
N MET S 306 21.66 35.68 72.79
CA MET S 306 20.71 34.59 72.98
C MET S 306 20.32 34.49 74.43
N GLU S 307 19.03 34.26 74.69
CA GLU S 307 18.56 34.14 76.06
C GLU S 307 18.94 32.80 76.69
N ASP S 308 19.08 31.76 75.87
CA ASP S 308 19.48 30.45 76.35
C ASP S 308 20.99 30.39 76.55
N GLN S 309 21.45 29.30 77.14
CA GLN S 309 22.88 29.08 77.36
C GLN S 309 23.46 28.28 76.20
N LEU S 310 24.54 28.79 75.62
CA LEU S 310 25.16 28.19 74.45
C LEU S 310 25.67 26.79 74.77
N SER S 311 25.03 25.77 74.18
CA SER S 311 25.40 24.38 74.35
C SER S 311 25.69 23.75 73.00
N PRO S 312 26.57 22.74 72.94
CA PRO S 312 26.87 22.12 71.65
C PRO S 312 25.67 21.53 70.95
N GLU S 313 24.58 21.27 71.66
CA GLU S 313 23.34 20.77 71.07
C GLU S 313 22.33 21.89 70.85
N ASN S 314 22.52 23.03 71.52
CA ASN S 314 21.67 24.20 71.40
C ASN S 314 21.67 24.81 70.00
N ILE S 315 22.84 24.92 69.37
CA ILE S 315 23.00 25.69 68.14
C ILE S 315 23.39 24.76 67.00
N GLU S 316 23.59 25.35 65.84
CA GLU S 316 24.05 24.63 64.66
C GLU S 316 24.99 25.51 63.83
N VAL S 317 26.12 24.94 63.44
CA VAL S 317 27.13 25.64 62.66
C VAL S 317 27.48 24.81 61.44
N ALA S 318 27.54 25.45 60.29
CA ALA S 318 27.98 24.83 59.06
C ALA S 318 29.09 25.65 58.45
N VAL S 319 30.00 24.99 57.76
CA VAL S 319 31.16 25.65 57.18
C VAL S 319 31.37 25.11 55.78
N VAL S 320 31.77 25.97 54.86
CA VAL S 320 32.06 25.60 53.48
C VAL S 320 33.46 26.11 53.17
N ARG S 321 34.41 25.18 53.02
CA ARG S 321 35.81 25.56 52.84
C ARG S 321 36.15 25.72 51.36
N ALA S 322 37.05 26.66 51.07
CA ALA S 322 37.32 27.00 49.68
C ALA S 322 38.04 25.86 48.97
N ASP S 323 39.18 25.42 49.51
CA ASP S 323 39.98 24.41 48.80
C ASP S 323 39.21 23.10 48.65
N ASP S 324 38.62 22.60 49.73
CA ASP S 324 37.79 21.41 49.64
C ASP S 324 36.60 21.67 48.72
N GLY S 325 35.96 22.83 48.87
CA GLY S 325 34.82 23.17 48.06
C GLY S 325 33.57 22.39 48.37
N LYS S 326 33.42 21.88 49.59
CA LYS S 326 32.28 21.09 50.00
C LYS S 326 31.68 21.63 51.28
N LEU S 327 30.39 21.33 51.48
CA LEU S 327 29.69 21.73 52.68
C LEU S 327 29.96 20.72 53.80
N HIS S 328 30.22 21.24 54.99
CA HIS S 328 30.64 20.41 56.13
C HIS S 328 29.88 20.86 57.36
N MET S 329 28.71 20.27 57.59
CA MET S 329 27.91 20.60 58.76
C MET S 329 28.59 20.09 60.02
N TYR S 330 28.59 20.90 61.07
CA TYR S 330 29.25 20.50 62.30
C TYR S 330 28.33 19.70 63.19
N THR S 331 28.89 18.68 63.81
CA THR S 331 28.27 17.86 64.84
C THR S 331 28.54 18.48 66.20
N PRO S 332 27.65 18.26 67.21
CA PRO S 332 27.81 18.93 68.50
C PRO S 332 29.23 18.91 69.06
N THR S 333 29.95 17.80 68.89
CA THR S 333 31.27 17.72 69.48
C THR S 333 32.23 18.73 68.86
N GLU S 334 32.08 18.99 67.56
CA GLU S 334 32.95 19.97 66.92
C GLU S 334 32.64 21.38 67.42
N ILE S 335 31.36 21.65 67.70
CA ILE S 335 30.99 22.94 68.30
C ILE S 335 31.52 23.06 69.71
N LYS S 336 31.53 21.96 70.47
CA LYS S 336 32.19 21.93 71.77
C LYS S 336 33.68 22.23 71.66
N ALA S 337 34.34 21.69 70.64
CA ALA S 337 35.72 22.01 70.36
C ALA S 337 35.94 23.49 70.07
N ILE S 338 34.96 24.18 69.51
CA ILE S 338 35.09 25.61 69.26
C ILE S 338 34.85 26.42 70.52
N MET S 339 33.82 26.05 71.29
CA MET S 339 33.56 26.72 72.56
C MET S 339 34.76 26.61 73.50
N SER S 340 35.50 25.52 73.39
CA SER S 340 36.70 25.31 74.20
C SER S 340 37.89 25.96 73.48
N ARG S 341 37.78 27.27 73.27
CA ARG S 341 38.84 28.05 72.66
C ARG S 341 38.54 29.54 72.82
N ASN T 168 -8.64 60.60 54.54
CA ASN T 168 -8.33 60.28 53.15
C ASN T 168 -8.66 58.82 52.84
N GLU T 169 -9.73 58.61 52.09
CA GLU T 169 -10.21 57.28 51.73
C GLU T 169 -10.16 57.05 50.22
N TYR T 170 -9.45 57.92 49.51
CA TYR T 170 -9.37 57.80 48.06
C TYR T 170 -7.99 57.35 47.59
N ASP T 171 -7.28 56.60 48.43
CA ASP T 171 -6.01 55.98 48.03
C ASP T 171 -6.02 54.50 48.34
N SER T 172 -7.18 53.95 48.67
CA SER T 172 -7.31 52.54 49.00
C SER T 172 -7.05 51.63 47.82
N ASP T 173 -7.30 52.09 46.61
CA ASP T 173 -7.13 51.29 45.41
C ASP T 173 -6.46 52.10 44.31
N ILE T 174 -5.88 51.37 43.36
CA ILE T 174 -5.30 51.98 42.17
C ILE T 174 -6.36 52.32 41.13
N THR T 175 -7.61 51.91 41.35
CA THR T 175 -8.70 52.13 40.41
C THR T 175 -9.75 53.06 41.00
N THR T 176 -9.32 54.14 41.63
CA THR T 176 -10.22 55.09 42.28
C THR T 176 -9.72 56.50 42.03
N TRP T 177 -10.58 57.35 41.50
CA TRP T 177 -10.24 58.73 41.22
C TRP T 177 -10.70 59.62 42.38
N SER T 178 -9.81 60.45 42.86
CA SER T 178 -10.17 61.43 43.87
C SER T 178 -11.02 62.51 43.23
N PRO T 179 -11.86 63.19 44.02
CA PRO T 179 -12.68 64.27 43.46
C PRO T 179 -11.90 65.30 42.67
N THR T 180 -10.57 65.34 42.79
CA THR T 180 -9.73 66.23 42.01
C THR T 180 -9.01 65.53 40.88
N GLY T 181 -9.51 64.36 40.46
CA GLY T 181 -8.95 63.66 39.32
C GLY T 181 -7.53 63.19 39.54
N ARG T 182 -7.23 62.70 40.74
CA ARG T 182 -5.89 62.23 41.07
C ARG T 182 -5.91 60.75 41.36
N LEU T 183 -4.85 60.08 40.93
CA LEU T 183 -4.59 58.68 41.27
C LEU T 183 -3.57 58.69 42.39
N PHE T 184 -4.02 58.37 43.60
CA PHE T 184 -3.14 58.52 44.74
C PHE T 184 -2.16 57.36 44.87
N GLN T 185 -2.53 56.18 44.37
CA GLN T 185 -1.58 55.07 44.41
C GLN T 185 -0.36 55.36 43.55
N ILE T 186 -0.54 56.04 42.43
CA ILE T 186 0.60 56.37 41.58
C ILE T 186 1.40 57.52 42.17
N GLU T 187 0.73 58.48 42.81
CA GLU T 187 1.45 59.54 43.49
C GLU T 187 2.23 58.99 44.69
N TYR T 188 1.80 57.85 45.23
CA TYR T 188 2.61 57.19 46.24
C TYR T 188 3.77 56.43 45.62
N ALA T 189 3.52 55.73 44.51
CA ALA T 189 4.59 55.00 43.84
C ALA T 189 5.72 55.93 43.41
N ASN T 190 5.40 57.18 43.07
CA ASN T 190 6.46 58.14 42.76
C ASN T 190 7.36 58.40 43.96
N GLU T 191 6.83 58.26 45.18
CA GLU T 191 7.67 58.43 46.36
C GLU T 191 8.65 57.28 46.54
N ALA T 192 8.36 56.12 45.93
CA ALA T 192 9.31 55.03 45.96
C ALA T 192 10.54 55.34 45.11
N VAL T 193 10.34 56.01 43.98
CA VAL T 193 11.47 56.43 43.17
C VAL T 193 12.19 57.60 43.84
N ASN T 194 11.45 58.54 44.40
CA ASN T 194 12.07 59.67 45.07
C ASN T 194 12.86 59.30 46.32
N ASN T 195 12.96 58.01 46.64
CA ASN T 195 13.71 57.56 47.81
C ASN T 195 14.73 56.48 47.47
N GLY T 196 15.00 56.23 46.20
CA GLY T 196 16.01 55.27 45.82
C GLY T 196 17.39 55.90 45.70
N SER T 197 18.38 55.06 45.40
CA SER T 197 19.74 55.55 45.26
C SER T 197 19.86 56.45 44.04
N ALA T 198 20.60 57.55 44.19
CA ALA T 198 20.68 58.55 43.14
C ALA T 198 21.47 58.03 41.94
N THR T 199 21.04 58.41 40.75
CA THR T 199 21.69 58.08 39.50
C THR T 199 21.59 59.27 38.57
N VAL T 200 22.60 59.43 37.72
CA VAL T 200 22.65 60.57 36.80
C VAL T 200 23.06 60.08 35.42
N GLY T 201 22.30 60.48 34.41
CA GLY T 201 22.59 60.12 33.03
C GLY T 201 22.90 61.38 32.24
N VAL T 202 23.89 61.29 31.36
CA VAL T 202 24.31 62.41 30.54
C VAL T 202 24.52 61.92 29.12
N LYS T 203 23.86 62.58 28.17
CA LYS T 203 23.87 62.19 26.77
C LYS T 203 24.76 63.14 26.01
N GLY T 204 25.74 62.60 25.30
CA GLY T 204 26.62 63.37 24.46
C GLY T 204 26.22 63.28 23.00
N LYS T 205 27.14 63.66 22.12
CA LYS T 205 26.87 63.59 20.70
C LYS T 205 26.99 62.18 20.16
N ASN T 206 27.98 61.42 20.64
CA ASN T 206 28.16 60.05 20.21
C ASN T 206 28.20 59.04 21.35
N PHE T 207 28.16 59.49 22.60
CA PHE T 207 28.20 58.58 23.74
C PHE T 207 27.15 58.98 24.76
N VAL T 208 26.69 57.97 25.52
CA VAL T 208 25.83 58.17 26.67
C VAL T 208 26.52 57.56 27.88
N VAL T 209 26.48 58.28 29.00
CA VAL T 209 27.18 57.89 30.22
C VAL T 209 26.18 57.88 31.36
N LEU T 210 26.01 56.72 32.00
CA LEU T 210 25.25 56.63 33.24
C LEU T 210 26.22 56.50 34.41
N ALA T 211 25.89 57.16 35.51
CA ALA T 211 26.72 57.09 36.71
C ALA T 211 25.79 56.88 37.89
N ALA T 212 25.93 55.73 38.55
CA ALA T 212 25.06 55.35 39.64
C ALA T 212 25.85 55.31 40.94
N LEU T 213 25.20 55.73 42.03
CA LEU T 213 25.83 55.77 43.34
C LEU T 213 25.31 54.56 44.13
N LYS T 214 26.15 53.54 44.25
CA LYS T 214 25.75 52.36 45.00
C LYS T 214 25.92 52.60 46.50
N ARG T 215 25.86 51.54 47.30
CA ARG T 215 25.90 51.63 48.75
C ARG T 215 27.35 51.52 49.23
N SER T 216 27.68 52.32 50.24
CA SER T 216 29.04 52.44 50.73
C SER T 216 29.38 51.33 51.72
N PRO T 217 30.63 50.90 51.78
CA PRO T 217 31.01 49.83 52.70
C PRO T 217 31.07 50.33 54.13
N VAL T 218 30.66 49.48 55.08
CA VAL T 218 30.65 49.85 56.47
C VAL T 218 32.03 49.51 57.04
N ALA T 219 33.02 50.31 56.66
CA ALA T 219 34.33 50.44 57.29
C ALA T 219 35.16 49.16 57.10
N GLU T 220 34.55 48.00 56.83
CA GLU T 220 35.30 46.81 56.45
C GLU T 220 34.56 45.92 55.48
N LEU T 221 33.24 46.07 55.36
CA LEU T 221 32.38 45.09 54.71
C LEU T 221 31.64 45.76 53.56
N SER T 222 31.49 45.03 52.46
CA SER T 222 31.01 45.59 51.20
C SER T 222 29.72 44.91 50.78
N SER T 223 28.60 45.60 50.96
CA SER T 223 27.35 45.16 50.37
C SER T 223 27.24 45.66 48.93
N TYR T 224 26.92 44.74 48.02
CA TYR T 224 26.97 45.03 46.59
C TYR T 224 25.67 44.57 45.95
N GLN T 225 24.95 45.50 45.34
CA GLN T 225 23.67 45.22 44.69
C GLN T 225 23.69 45.76 43.27
N GLU T 226 23.13 44.99 42.34
CA GLU T 226 23.15 45.35 40.94
C GLU T 226 22.05 46.37 40.63
N LYS T 227 22.46 47.60 40.36
CA LYS T 227 21.56 48.63 39.88
C LYS T 227 21.65 48.85 38.37
N VAL T 228 22.82 48.67 37.77
CA VAL T 228 23.01 48.87 36.34
C VAL T 228 22.87 47.53 35.64
N PHE T 229 22.17 47.52 34.52
CA PHE T 229 21.89 46.32 33.77
C PHE T 229 22.25 46.56 32.31
N GLU T 230 22.64 45.50 31.63
CA GLU T 230 22.81 45.53 30.19
C GLU T 230 21.67 44.75 29.54
N ILE T 231 21.03 45.37 28.54
CA ILE T 231 19.84 44.78 27.94
C ILE T 231 20.20 44.15 26.60
N ASP T 232 21.17 44.72 25.92
CA ASP T 232 21.67 44.19 24.65
C ASP T 232 23.02 44.85 24.38
N GLU T 233 23.55 44.64 23.19
CA GLU T 233 24.84 45.23 22.87
C GLU T 233 24.81 46.74 22.89
N HIS T 234 23.66 47.35 22.57
CA HIS T 234 23.58 48.80 22.42
C HIS T 234 22.71 49.47 23.47
N VAL T 235 22.06 48.71 24.34
CA VAL T 235 21.13 49.28 25.31
C VAL T 235 21.69 49.07 26.69
N GLY T 236 21.01 49.60 27.71
CA GLY T 236 21.40 49.43 29.09
C GLY T 236 20.48 50.24 29.96
N MET T 237 20.39 49.94 31.25
CA MET T 237 19.44 50.67 32.06
C MET T 237 19.89 50.71 33.50
N SER T 238 19.73 51.88 34.12
CA SER T 238 19.99 52.04 35.53
C SER T 238 18.70 52.32 36.27
N ILE T 239 18.35 51.43 37.21
CA ILE T 239 17.08 51.50 37.90
C ILE T 239 17.25 52.25 39.20
N SER T 240 16.13 52.73 39.73
CA SER T 240 16.11 53.39 41.03
C SER T 240 14.76 53.13 41.67
N GLY T 241 14.78 52.83 42.96
CA GLY T 241 13.56 52.48 43.67
C GLY T 241 13.61 51.05 44.15
N LEU T 242 12.52 50.31 43.96
CA LEU T 242 12.47 48.91 44.36
C LEU T 242 13.09 48.05 43.27
N VAL T 243 14.24 47.44 43.56
CA VAL T 243 14.91 46.56 42.61
C VAL T 243 14.08 45.33 42.27
N ALA T 244 13.27 44.84 43.20
CA ALA T 244 12.43 43.69 42.96
C ALA T 244 11.41 43.92 41.87
N ASP T 245 11.31 45.14 41.35
CA ASP T 245 10.55 45.45 40.14
C ASP T 245 11.46 45.71 38.96
N GLY T 246 12.61 46.34 39.21
CA GLY T 246 13.60 46.53 38.18
C GLY T 246 14.02 45.25 37.51
N ARG T 247 14.10 44.15 38.26
CA ARG T 247 14.40 42.88 37.62
C ARG T 247 13.23 42.35 36.80
N VAL T 248 12.00 42.56 37.28
CA VAL T 248 10.82 42.18 36.50
C VAL T 248 10.82 42.89 35.16
N LEU T 249 11.27 44.14 35.13
CA LEU T 249 11.30 44.87 33.86
C LEU T 249 12.53 44.54 33.03
N ALA T 250 13.66 44.26 33.65
CA ALA T 250 14.85 43.92 32.88
C ALA T 250 14.72 42.57 32.20
N ARG T 251 14.08 41.60 32.85
CA ARG T 251 13.80 40.35 32.18
C ARG T 251 12.95 40.56 30.95
N TYR T 252 11.92 41.40 31.05
CA TYR T 252 11.04 41.66 29.92
C TYR T 252 11.76 42.41 28.80
N LEU T 253 12.55 43.41 29.15
CA LEU T 253 13.27 44.16 28.13
C LEU T 253 14.29 43.28 27.41
N ARG T 254 14.98 42.43 28.15
CA ARG T 254 15.92 41.51 27.53
C ARG T 254 15.19 40.54 26.61
N THR T 255 14.09 39.95 27.09
CA THR T 255 13.31 39.06 26.25
C THR T 255 12.85 39.74 24.98
N GLU T 256 12.43 41.00 25.05
CA GLU T 256 11.92 41.67 23.87
C GLU T 256 13.01 42.11 22.91
N CYS T 257 14.13 42.63 23.41
CA CYS T 257 15.24 42.91 22.51
C CYS T 257 15.80 41.65 21.87
N MET T 258 15.66 40.49 22.52
CA MET T 258 16.05 39.25 21.89
C MET T 258 15.04 38.80 20.85
N ASN T 259 13.75 38.91 21.15
CA ASN T 259 12.74 38.56 20.17
C ASN T 259 12.84 39.45 18.94
N TYR T 260 13.30 40.69 19.13
CA TYR T 260 13.48 41.57 17.99
C TYR T 260 14.76 41.25 17.23
N ARG T 261 15.88 41.07 17.91
CA ARG T 261 17.10 40.70 17.21
C ARG T 261 17.00 39.34 16.55
N TYR T 262 16.05 38.51 16.93
CA TYR T 262 15.90 37.23 16.28
C TYR T 262 15.15 37.38 14.97
N MET T 263 14.15 38.25 14.93
CA MET T 263 13.41 38.46 13.69
C MET T 263 14.21 39.29 12.70
N TYR T 264 14.55 40.52 13.07
CA TYR T 264 15.14 41.46 12.13
C TYR T 264 16.66 41.45 12.14
N SER T 265 17.29 40.68 13.01
CA SER T 265 18.74 40.56 13.07
C SER T 265 19.41 41.93 13.14
N ASN T 266 18.88 42.79 13.99
CA ASN T 266 19.49 44.09 14.23
C ASN T 266 18.95 44.66 15.53
N GLY T 267 19.72 45.57 16.11
CA GLY T 267 19.37 46.09 17.43
C GLY T 267 18.08 46.90 17.40
N MET T 268 17.25 46.66 18.41
CA MET T 268 15.96 47.33 18.50
C MET T 268 16.16 48.83 18.69
N PRO T 269 15.48 49.67 17.92
CA PRO T 269 15.66 51.12 18.06
C PRO T 269 15.09 51.62 19.38
N MET T 270 15.71 52.67 19.91
CA MET T 270 15.31 53.19 21.20
C MET T 270 13.90 53.77 21.16
N ASN T 271 13.55 54.41 20.05
CA ASN T 271 12.22 55.02 19.95
C ASN T 271 11.12 53.98 19.99
N GLN T 272 11.47 52.73 19.71
CA GLN T 272 10.50 51.64 19.82
C GLN T 272 10.53 50.97 21.17
N MET T 273 11.69 50.92 21.82
CA MET T 273 11.80 50.28 23.13
C MET T 273 11.21 51.15 24.23
N ALA T 274 11.39 52.47 24.14
CA ALA T 274 10.77 53.36 25.10
C ALA T 274 9.25 53.20 25.10
N ASP T 275 8.66 53.08 23.91
CA ASP T 275 7.22 52.88 23.84
C ASP T 275 6.80 51.56 24.43
N MET T 276 7.62 50.51 24.25
CA MET T 276 7.33 49.21 24.84
C MET T 276 7.32 49.31 26.35
N ILE T 277 8.31 50.00 26.92
CA ILE T 277 8.34 50.17 28.38
C ILE T 277 7.13 50.95 28.84
N GLY T 278 6.76 51.99 28.09
CA GLY T 278 5.60 52.77 28.47
C GLY T 278 4.33 51.94 28.52
N GLU T 279 4.12 51.10 27.49
CA GLU T 279 2.93 50.26 27.48
C GLU T 279 2.98 49.21 28.59
N LYS T 280 4.13 48.60 28.81
CA LYS T 280 4.27 47.61 29.88
C LYS T 280 3.95 48.22 31.23
N HIS T 281 4.36 49.46 31.46
CA HIS T 281 3.97 50.15 32.68
C HIS T 281 2.47 50.40 32.73
N GLN T 282 1.92 51.02 31.69
CA GLN T 282 0.51 51.39 31.71
C GLN T 282 -0.42 50.21 31.90
N ARG T 283 -0.06 49.04 31.38
CA ARG T 283 -0.92 47.87 31.55
C ARG T 283 -1.17 47.54 33.02
N HIS T 284 -0.36 48.07 33.93
CA HIS T 284 -0.41 47.73 35.34
C HIS T 284 -1.01 48.84 36.20
N ILE T 285 -1.63 49.84 35.59
CA ILE T 285 -2.22 50.92 36.37
C ILE T 285 -3.68 51.09 36.01
N GLN T 286 -4.32 50.01 35.57
CA GLN T 286 -5.71 50.15 35.16
C GLN T 286 -6.62 49.03 35.63
N CYS T 287 -6.09 48.00 36.29
CA CYS T 287 -6.90 46.90 36.80
C CYS T 287 -6.86 46.90 38.32
N SER T 288 -7.79 46.15 38.91
CA SER T 288 -7.87 46.09 40.36
C SER T 288 -6.78 45.21 40.96
N GLY T 289 -6.59 44.02 40.42
CA GLY T 289 -5.59 43.11 40.96
C GLY T 289 -4.20 43.32 40.41
N LYS T 290 -3.73 44.56 40.45
CA LYS T 290 -2.39 44.89 39.98
C LYS T 290 -1.85 46.01 40.87
N ARG T 291 -0.63 46.43 40.59
CA ARG T 291 -0.02 47.54 41.29
C ARG T 291 1.08 48.12 40.41
N PRO T 292 1.33 49.42 40.50
CA PRO T 292 2.29 50.04 39.60
C PRO T 292 3.71 49.74 40.02
N PHE T 293 4.58 49.58 39.04
CA PHE T 293 5.98 49.35 39.33
C PHE T 293 6.56 50.55 40.03
N GLY T 294 7.02 50.36 41.27
CA GLY T 294 7.65 51.45 41.99
C GLY T 294 9.12 51.58 41.66
N VAL T 295 9.43 51.64 40.38
CA VAL T 295 10.82 51.68 39.94
C VAL T 295 10.92 52.58 38.72
N GLY T 296 11.93 53.44 38.70
CA GLY T 296 12.19 54.30 37.57
C GLY T 296 13.45 53.85 36.86
N LEU T 297 13.45 53.97 35.54
CA LEU T 297 14.55 53.52 34.72
C LEU T 297 15.29 54.69 34.11
N LEU T 298 16.56 54.48 33.81
CA LEU T 298 17.33 55.38 32.96
C LEU T 298 17.85 54.51 31.82
N LEU T 299 17.20 54.60 30.66
CA LEU T 299 17.59 53.83 29.49
C LEU T 299 18.70 54.57 28.78
N ALA T 300 19.69 53.83 28.29
CA ALA T 300 20.80 54.40 27.56
C ALA T 300 21.04 53.56 26.33
N GLY T 301 20.96 54.18 25.17
CA GLY T 301 21.07 53.41 23.95
C GLY T 301 21.77 54.12 22.82
N TYR T 302 22.11 53.37 21.78
CA TYR T 302 22.68 53.93 20.57
C TYR T 302 22.21 53.10 19.39
N ASP T 303 21.75 53.77 18.35
CA ASP T 303 21.33 53.11 17.13
C ASP T 303 21.63 54.01 15.94
N ARG T 304 21.00 53.75 14.80
CA ARG T 304 21.26 54.54 13.60
C ARG T 304 21.16 56.03 13.86
N GLN T 305 20.21 56.46 14.68
CA GLN T 305 19.96 57.88 14.89
C GLN T 305 20.81 58.48 16.01
N GLY T 306 21.66 57.69 16.64
CA GLY T 306 22.54 58.22 17.64
C GLY T 306 22.06 57.98 19.06
N PRO T 307 22.73 58.58 20.03
CA PRO T 307 22.50 58.24 21.43
C PRO T 307 21.19 58.77 21.95
N HIS T 308 20.52 57.93 22.75
CA HIS T 308 19.22 58.24 23.35
C HIS T 308 19.28 57.97 24.85
N LEU T 309 18.72 58.89 25.62
CA LEU T 309 18.65 58.77 27.07
C LEU T 309 17.24 59.05 27.51
N TYR T 310 16.55 58.02 27.98
CA TYR T 310 15.17 58.14 28.42
C TYR T 310 15.10 58.08 29.93
N GLN T 311 13.90 58.26 30.47
CA GLN T 311 13.67 58.08 31.90
C GLN T 311 12.20 57.74 32.11
N THR T 312 11.94 56.58 32.70
CA THR T 312 10.60 56.11 32.94
C THR T 312 10.21 56.35 34.39
N VAL T 313 8.92 56.62 34.59
CA VAL T 313 8.37 56.84 35.92
C VAL T 313 7.35 55.74 36.20
N PRO T 314 6.87 55.62 37.44
CA PRO T 314 5.84 54.62 37.73
C PRO T 314 4.53 54.86 37.00
N SER T 315 4.15 56.10 36.75
CA SER T 315 2.89 56.40 36.08
C SER T 315 2.85 55.86 34.66
N GLY T 316 4.00 55.58 34.06
CA GLY T 316 4.07 55.05 32.72
C GLY T 316 4.64 55.98 31.69
N ASP T 317 4.92 57.22 32.03
CA ASP T 317 5.47 58.17 31.07
C ASP T 317 6.86 57.76 30.64
N VAL T 318 7.33 58.33 29.53
CA VAL T 318 8.70 58.18 29.08
C VAL T 318 9.15 59.54 28.55
N TYR T 319 10.32 60.00 28.96
CA TYR T 319 10.83 61.31 28.58
C TYR T 319 12.18 61.18 27.89
N ASP T 320 12.25 61.62 26.65
CA ASP T 320 13.54 61.71 25.96
C ASP T 320 14.29 62.91 26.50
N TYR T 321 15.38 62.66 27.22
CA TYR T 321 16.13 63.70 27.92
C TYR T 321 17.44 63.98 27.20
N LYS T 322 18.03 65.13 27.52
CA LYS T 322 19.41 65.44 27.17
C LYS T 322 20.36 65.13 28.31
N ALA T 323 19.89 65.26 29.55
CA ALA T 323 20.67 64.98 30.75
C ALA T 323 19.70 64.99 31.91
N THR T 324 19.81 63.99 32.78
CA THR T 324 18.83 63.85 33.85
C THR T 324 19.48 63.24 35.08
N ALA T 325 18.73 63.26 36.17
CA ALA T 325 19.18 62.69 37.43
C ALA T 325 17.96 62.39 38.27
N MET T 326 17.96 61.24 38.94
CA MET T 326 16.83 60.87 39.76
C MET T 326 17.29 60.11 40.98
N GLY T 327 16.45 60.09 42.01
CA GLY T 327 16.79 59.44 43.26
C GLY T 327 16.74 60.39 44.43
N VAL T 328 17.16 59.92 45.61
CA VAL T 328 17.10 60.77 46.81
C VAL T 328 18.05 61.94 46.66
N ARG T 329 17.54 63.14 46.94
CA ARG T 329 18.33 64.38 46.87
C ARG T 329 18.99 64.55 45.50
N SER T 330 18.28 64.18 44.45
CA SER T 330 18.74 64.39 43.08
C SER T 330 18.44 65.79 42.58
N GLN T 331 17.71 66.58 43.36
CA GLN T 331 17.43 67.95 42.97
C GLN T 331 18.70 68.77 42.82
N ALA T 332 19.70 68.52 43.66
CA ALA T 332 20.98 69.22 43.52
C ALA T 332 21.73 68.77 42.28
N SER T 333 21.68 67.47 41.97
CA SER T 333 22.26 67.00 40.71
C SER T 333 21.63 67.70 39.52
N ARG T 334 20.30 67.83 39.51
CA ARG T 334 19.66 68.56 38.43
C ARG T 334 20.02 70.04 38.44
N THR T 335 20.18 70.65 39.61
CA THR T 335 20.57 72.05 39.67
C THR T 335 21.97 72.27 39.10
N TYR T 336 22.84 71.27 39.25
CA TYR T 336 24.15 71.37 38.60
C TYR T 336 24.02 71.14 37.09
N LEU T 337 23.30 70.09 36.70
CA LEU T 337 23.18 69.74 35.29
C LEU T 337 22.53 70.85 34.48
N GLU T 338 21.66 71.65 35.09
CA GLU T 338 20.96 72.70 34.36
C GLU T 338 21.81 73.94 34.18
N ARG T 339 23.12 73.81 34.27
CA ARG T 339 24.06 74.85 33.90
C ARG T 339 25.01 74.42 32.80
N HIS T 340 25.34 73.14 32.72
CA HIS T 340 26.29 72.62 31.75
C HIS T 340 25.63 71.80 30.63
N PHE T 341 24.30 71.67 30.63
CA PHE T 341 23.67 70.77 29.67
C PHE T 341 23.62 71.36 28.27
N GLU T 342 24.09 72.58 28.07
CA GLU T 342 24.08 73.17 26.74
C GLU T 342 25.34 72.85 25.95
N HIS T 343 26.39 72.36 26.59
CA HIS T 343 27.68 72.15 25.96
C HIS T 343 28.03 70.66 25.83
N PHE T 344 27.07 69.78 26.10
CA PHE T 344 27.32 68.34 26.06
C PHE T 344 27.58 67.81 24.65
N SER T 345 26.95 68.39 23.64
CA SER T 345 27.13 67.94 22.27
C SER T 345 28.56 68.12 21.77
N ASP T 346 29.42 68.76 22.55
CA ASP T 346 30.79 69.04 22.16
C ASP T 346 31.85 68.44 23.08
N CYS T 347 31.57 68.33 24.38
CA CYS T 347 32.51 67.70 25.28
C CYS T 347 32.70 66.24 24.91
N THR T 348 33.93 65.75 25.03
CA THR T 348 34.27 64.40 24.62
C THR T 348 34.03 63.41 25.76
N LEU T 349 34.42 62.16 25.52
CA LEU T 349 34.05 61.07 26.42
C LEU T 349 34.50 61.34 27.85
N ASP T 350 35.80 61.61 28.04
CA ASP T 350 36.29 61.90 29.37
C ASP T 350 35.56 63.07 29.99
N GLU T 351 35.29 64.11 29.18
CA GLU T 351 34.59 65.27 29.71
C GLU T 351 33.15 64.92 30.08
N LEU T 352 32.52 64.02 29.31
CA LEU T 352 31.18 63.57 29.66
C LEU T 352 31.18 62.83 31.00
N VAL T 353 32.12 61.90 31.19
CA VAL T 353 32.10 61.13 32.42
C VAL T 353 32.46 62.02 33.60
N THR T 354 33.28 63.05 33.36
CA THR T 354 33.58 63.98 34.44
C THR T 354 32.37 64.84 34.80
N HIS T 355 31.63 65.33 33.81
CA HIS T 355 30.40 66.05 34.11
C HIS T 355 29.43 65.17 34.88
N ALA T 356 29.25 63.92 34.45
CA ALA T 356 28.34 63.02 35.13
C ALA T 356 28.76 62.74 36.56
N LEU T 357 30.05 62.50 36.81
CA LEU T 357 30.51 62.27 38.16
C LEU T 357 30.38 63.51 39.04
N LYS T 358 30.69 64.69 38.50
CA LYS T 358 30.52 65.91 39.29
C LYS T 358 29.06 66.14 39.63
N ALA T 359 28.16 65.84 38.70
CA ALA T 359 26.74 65.97 39.00
C ALA T 359 26.28 64.95 40.03
N LEU T 360 26.80 63.73 39.95
CA LEU T 360 26.41 62.70 40.91
C LEU T 360 26.92 62.98 42.30
N ALA T 361 28.19 63.34 42.45
CA ALA T 361 28.74 63.62 43.77
C ALA T 361 28.05 64.80 44.45
N SER T 362 27.22 65.54 43.73
CA SER T 362 26.49 66.65 44.29
C SER T 362 25.17 66.21 44.92
N ALA T 363 24.94 64.91 45.03
CA ALA T 363 23.74 64.37 45.63
C ALA T 363 24.02 63.49 46.84
N THR T 364 25.28 63.16 47.09
CA THR T 364 25.65 62.31 48.21
C THR T 364 25.42 63.07 49.51
N SER T 365 25.73 62.42 50.64
CA SER T 365 25.66 63.08 51.93
C SER T 365 26.74 64.15 52.05
N GLU T 366 26.77 64.81 53.21
CA GLU T 366 27.75 65.86 53.45
C GLU T 366 29.19 65.34 53.45
N GLY T 367 29.52 64.50 54.41
CA GLY T 367 30.90 64.09 54.60
C GLY T 367 31.32 62.87 53.80
N ILE T 368 30.64 62.61 52.69
CA ILE T 368 30.94 61.47 51.82
C ILE T 368 31.34 62.02 50.46
N GLU T 369 32.37 61.41 49.87
CA GLU T 369 32.84 61.80 48.54
C GLU T 369 32.90 60.57 47.63
N LEU T 370 32.97 60.83 46.33
CA LEU T 370 33.00 59.75 45.37
C LEU T 370 34.34 59.04 45.37
N ASN T 371 34.29 57.73 45.22
CA ASN T 371 35.47 56.89 45.09
C ASN T 371 35.01 55.57 44.47
N VAL T 372 35.99 54.75 44.07
CA VAL T 372 35.69 53.53 43.33
C VAL T 372 34.78 52.59 44.11
N LYS T 373 34.68 52.73 45.43
CA LYS T 373 33.91 51.78 46.22
C LYS T 373 32.41 51.96 46.07
N ASN T 374 31.94 53.16 45.73
CA ASN T 374 30.52 53.45 45.72
C ASN T 374 30.11 54.19 44.45
N THR T 375 30.54 53.67 43.29
CA THR T 375 30.14 54.28 42.04
C THR T 375 30.25 53.31 40.87
N THR T 376 29.23 53.26 40.04
CA THR T 376 29.23 52.47 38.81
C THR T 376 29.11 53.42 37.62
N ILE T 377 29.89 53.14 36.58
CA ILE T 377 29.89 54.01 35.41
C ILE T 377 29.64 53.16 34.17
N ALA T 378 28.50 53.34 33.54
CA ALA T 378 28.18 52.61 32.32
C ALA T 378 28.27 53.54 31.12
N ILE T 379 28.75 53.00 30.01
CA ILE T 379 28.98 53.81 28.82
C ILE T 379 28.48 53.06 27.60
N VAL T 380 27.84 53.77 26.68
CA VAL T 380 27.40 53.18 25.42
C VAL T 380 27.39 54.22 24.32
N GLY T 381 28.05 53.92 23.21
CA GLY T 381 28.28 54.89 22.16
C GLY T 381 28.28 54.27 20.79
N LYS T 382 28.94 54.95 19.85
CA LYS T 382 28.84 54.56 18.44
C LYS T 382 29.58 53.26 18.17
N ASP T 383 30.87 53.21 18.48
CA ASP T 383 31.69 52.03 18.25
C ASP T 383 31.91 51.26 19.54
N THR T 384 31.15 51.60 20.58
CA THR T 384 31.36 51.07 21.92
C THR T 384 30.11 50.32 22.37
N PRO T 385 30.15 49.01 22.48
CA PRO T 385 29.04 48.30 23.11
C PRO T 385 28.88 48.74 24.55
N PHE T 386 27.76 48.37 25.15
CA PHE T 386 27.46 48.81 26.51
C PHE T 386 28.45 48.19 27.49
N THR T 387 29.27 49.03 28.11
CA THR T 387 30.25 48.54 29.08
C THR T 387 29.96 49.13 30.44
N ILE T 388 29.78 48.27 31.42
CA ILE T 388 29.72 48.67 32.82
C ILE T 388 31.14 48.85 33.33
N PHE T 389 31.31 49.72 34.32
CA PHE T 389 32.60 49.95 34.93
C PHE T 389 32.40 49.95 36.44
N GLU T 390 33.03 48.97 37.10
CA GLU T 390 33.09 48.83 38.54
C GLU T 390 34.52 49.12 38.98
N GLU T 391 34.78 48.89 40.27
CA GLU T 391 36.03 49.26 40.95
C GLU T 391 37.29 49.09 40.11
N GLU T 392 37.38 48.00 39.36
CA GLU T 392 38.58 47.66 38.61
C GLU T 392 39.04 48.77 37.68
N SER T 393 38.23 49.10 36.67
CA SER T 393 38.63 50.13 35.72
C SER T 393 37.88 51.44 35.90
N ALA T 394 37.16 51.63 37.01
CA ALA T 394 36.58 52.93 37.28
C ALA T 394 37.65 53.95 37.61
N ARG T 395 38.83 53.49 38.04
CA ARG T 395 39.89 54.37 38.53
C ARG T 395 40.36 55.34 37.46
N LYS T 396 40.19 54.99 36.18
CA LYS T 396 40.58 55.91 35.13
C LYS T 396 39.74 57.18 35.15
N TYR T 397 38.47 57.06 35.56
CA TYR T 397 37.59 58.20 35.70
C TYR T 397 37.36 58.61 37.15
N LEU T 398 37.71 57.76 38.12
CA LEU T 398 37.37 58.00 39.50
C LEU T 398 38.55 58.33 40.40
N ASP T 399 39.73 57.76 40.17
CA ASP T 399 40.83 57.96 41.11
C ASP T 399 41.31 59.40 41.11
N GLY T 400 41.28 60.07 39.95
CA GLY T 400 41.45 61.51 39.93
C GLY T 400 40.13 62.24 39.81
N PHE T 401 39.61 62.72 40.93
CA PHE T 401 38.30 63.37 40.93
C PHE T 401 38.13 64.15 42.23
N LYS T 402 37.87 65.45 42.11
CA LYS T 402 37.67 66.32 43.26
C LYS T 402 36.44 67.17 43.03
N MET T 403 35.59 67.26 44.05
CA MET T 403 34.39 68.10 43.97
C MET T 403 34.83 69.54 44.22
N ARG T 404 35.36 70.17 43.18
CA ARG T 404 35.85 71.53 43.31
C ARG T 404 34.69 72.52 43.21
N PRO T 405 34.33 73.20 44.30
CA PRO T 405 33.22 74.15 44.27
C PRO T 405 33.58 75.45 43.55
N SER U 6 -20.09 59.18 50.58
CA SER U 6 -20.11 57.87 51.21
C SER U 6 -19.22 56.88 50.46
N GLY U 7 -19.80 55.75 50.09
CA GLY U 7 -19.11 54.76 49.29
C GLY U 7 -19.70 54.65 47.90
N HIS U 8 -20.71 55.46 47.63
CA HIS U 8 -21.41 55.46 46.35
C HIS U 8 -20.61 56.16 45.26
N ASP U 9 -19.37 56.54 45.54
CA ASP U 9 -18.54 57.23 44.56
C ASP U 9 -17.14 56.63 44.55
N GLN U 10 -17.05 55.33 44.80
CA GLN U 10 -15.77 54.62 44.84
C GLN U 10 -15.55 53.69 43.66
N SER U 11 -16.61 53.25 43.01
CA SER U 11 -16.47 52.31 41.90
C SER U 11 -17.33 52.79 40.73
N THR U 12 -16.99 52.31 39.55
CA THR U 12 -17.64 52.74 38.32
C THR U 12 -18.99 52.10 38.11
N ASP U 13 -19.37 51.11 38.93
CA ASP U 13 -20.62 50.40 38.75
C ASP U 13 -21.68 50.83 39.76
N VAL U 14 -21.68 52.09 40.17
CA VAL U 14 -22.56 52.56 41.23
C VAL U 14 -23.19 53.86 40.76
N PHE U 15 -24.48 53.81 40.48
CA PHE U 15 -25.24 55.01 40.20
C PHE U 15 -25.48 55.79 41.49
N SER U 16 -25.24 57.10 41.42
CA SER U 16 -25.56 57.96 42.55
C SER U 16 -27.06 58.01 42.75
N ALA U 17 -27.48 58.69 43.80
CA ALA U 17 -28.91 58.80 44.09
C ALA U 17 -29.65 59.52 42.96
N GLU U 18 -28.95 60.34 42.19
CA GLU U 18 -29.53 61.04 41.06
C GLU U 18 -29.07 60.47 39.73
N GLY U 19 -28.63 59.22 39.70
CA GLY U 19 -28.31 58.58 38.44
C GLY U 19 -27.04 59.06 37.79
N ARG U 20 -26.08 59.54 38.55
CA ARG U 20 -24.79 59.95 38.03
C ARG U 20 -23.73 58.95 38.43
N VAL U 21 -22.82 58.68 37.52
CA VAL U 21 -21.68 57.81 37.78
C VAL U 21 -20.54 58.74 38.19
N PHE U 22 -20.36 58.88 39.51
CA PHE U 22 -19.41 59.86 40.01
C PHE U 22 -18.00 59.63 39.50
N GLN U 23 -17.58 58.38 39.37
CA GLN U 23 -16.19 58.13 39.00
C GLN U 23 -15.86 58.71 37.63
N VAL U 24 -16.82 58.70 36.71
CA VAL U 24 -16.55 59.28 35.40
C VAL U 24 -16.52 60.80 35.45
N GLU U 25 -17.33 61.42 36.32
CA GLU U 25 -17.20 62.86 36.50
C GLU U 25 -15.85 63.23 37.09
N TYR U 26 -15.36 62.44 38.05
CA TYR U 26 -14.02 62.65 38.57
C TYR U 26 -12.96 62.45 37.50
N ALA U 27 -13.14 61.47 36.63
CA ALA U 27 -12.22 61.27 35.52
C ALA U 27 -12.17 62.48 34.61
N GLY U 28 -13.34 62.93 34.14
CA GLY U 28 -13.39 64.13 33.32
C GLY U 28 -12.81 65.36 34.00
N LYS U 29 -12.92 65.43 35.33
CA LYS U 29 -12.26 66.48 36.08
C LYS U 29 -10.74 66.46 35.90
N ALA U 30 -10.15 65.29 35.69
CA ALA U 30 -8.72 65.23 35.46
C ALA U 30 -8.34 65.66 34.06
N VAL U 31 -9.24 65.51 33.09
CA VAL U 31 -8.99 66.04 31.77
C VAL U 31 -9.16 67.56 31.76
N ASP U 32 -10.11 68.09 32.52
CA ASP U 32 -10.29 69.54 32.61
C ASP U 32 -9.04 70.27 33.10
N ASN U 33 -8.05 69.54 33.60
CA ASN U 33 -6.85 70.15 34.16
C ASN U 33 -5.60 69.86 33.35
N SER U 34 -5.74 69.40 32.11
CA SER U 34 -4.59 69.05 31.30
C SER U 34 -4.20 70.20 30.37
N SER U 35 -3.13 69.96 29.62
CA SER U 35 -2.59 70.96 28.69
C SER U 35 -3.58 71.27 27.59
N THR U 36 -3.49 72.46 27.02
CA THR U 36 -4.48 72.93 26.06
C THR U 36 -4.31 72.25 24.73
N ALA U 37 -5.43 71.96 24.08
CA ALA U 37 -5.44 71.48 22.71
C ALA U 37 -6.59 72.15 21.97
N VAL U 38 -6.49 72.22 20.66
CA VAL U 38 -7.51 72.85 19.84
C VAL U 38 -7.48 72.22 18.47
N ALA U 39 -8.59 72.27 17.75
CA ALA U 39 -8.65 71.60 16.47
C ALA U 39 -9.72 72.21 15.60
N ALA U 40 -9.49 72.17 14.29
CA ALA U 40 -10.38 72.77 13.31
C ALA U 40 -10.53 71.86 12.10
N CYS U 41 -11.78 71.62 11.71
CA CYS U 41 -12.12 70.88 10.50
C CYS U 41 -12.45 71.90 9.41
N CYS U 42 -11.52 72.07 8.47
CA CYS U 42 -11.51 73.23 7.60
C CYS U 42 -11.99 72.95 6.18
N LYS U 43 -12.91 72.00 6.01
CA LYS U 43 -13.62 71.61 4.79
C LYS U 43 -12.68 71.11 3.69
N ASP U 44 -11.36 71.15 3.90
CA ASP U 44 -10.41 70.55 2.97
C ASP U 44 -9.25 69.92 3.73
N GLY U 45 -9.46 69.61 5.00
CA GLY U 45 -8.41 69.12 5.86
C GLY U 45 -8.71 69.46 7.30
N VAL U 46 -7.93 68.87 8.20
CA VAL U 46 -8.10 69.06 9.63
C VAL U 46 -6.77 69.52 10.20
N VAL U 47 -6.81 70.33 11.25
CA VAL U 47 -5.61 70.78 11.92
C VAL U 47 -5.81 70.64 13.43
N VAL U 48 -4.92 69.89 14.06
CA VAL U 48 -4.92 69.74 15.50
C VAL U 48 -3.65 70.40 16.02
N ALA U 49 -3.76 71.08 17.15
CA ALA U 49 -2.62 71.76 17.73
C ALA U 49 -2.69 71.62 19.24
N VAL U 50 -1.60 71.17 19.85
CA VAL U 50 -1.60 70.84 21.26
C VAL U 50 -0.52 71.65 21.96
N GLU U 51 -0.77 71.96 23.21
CA GLU U 51 0.20 72.59 24.08
C GLU U 51 0.95 71.52 24.84
N LYS U 52 2.29 71.59 24.83
CA LYS U 52 3.13 70.70 25.61
C LYS U 52 3.78 71.53 26.71
N VAL U 53 3.44 71.22 27.95
CA VAL U 53 3.96 71.95 29.11
C VAL U 53 5.16 71.17 29.63
N HIS U 54 6.36 71.66 29.34
CA HIS U 54 7.55 71.03 29.85
C HIS U 54 7.75 71.38 31.31
N THR U 55 8.00 70.34 32.12
CA THR U 55 8.37 70.51 33.52
C THR U 55 9.87 70.67 33.69
N SER U 56 10.63 70.53 32.60
CA SER U 56 12.07 70.55 32.68
C SER U 56 12.63 71.13 31.40
N ARG U 57 13.66 71.98 31.54
CA ARG U 57 14.27 72.62 30.38
C ARG U 57 15.40 71.82 29.77
N MET U 58 15.60 70.57 30.21
CA MET U 58 16.55 69.67 29.58
C MET U 58 15.87 68.67 28.67
N LEU U 59 14.55 68.77 28.53
CA LEU U 59 13.81 67.82 27.70
C LEU U 59 14.11 68.05 26.22
N GLU U 60 14.49 66.98 25.55
CA GLU U 60 14.73 67.02 24.12
C GLU U 60 13.43 67.32 23.38
N LYS U 61 13.53 68.14 22.33
CA LYS U 61 12.37 68.41 21.51
C LYS U 61 11.97 67.13 20.78
N GLY U 62 10.69 66.79 20.86
CA GLY U 62 10.21 65.51 20.39
C GLY U 62 9.79 64.57 21.50
N SER U 63 10.00 64.95 22.75
CA SER U 63 9.56 64.13 23.87
C SER U 63 8.15 64.52 24.28
N ASN U 64 7.40 63.55 24.79
CA ASN U 64 6.03 63.75 25.21
C ASN U 64 5.19 64.39 24.12
N ASN U 65 5.35 63.90 22.89
CA ASN U 65 4.48 64.35 21.82
C ASN U 65 3.13 63.62 21.95
N ARG U 66 2.06 64.39 21.98
CA ARG U 66 0.75 63.85 22.25
C ARG U 66 -0.01 63.48 20.99
N ILE U 67 0.44 63.91 19.83
CA ILE U 67 -0.24 63.66 18.58
C ILE U 67 0.36 62.41 17.94
N HIS U 68 -0.43 61.36 17.80
CA HIS U 68 0.05 60.08 17.31
C HIS U 68 -0.71 59.68 16.06
N ALA U 69 0.01 59.18 15.07
CA ALA U 69 -0.64 58.70 13.86
C ALA U 69 -1.27 57.34 14.10
N VAL U 70 -2.48 57.15 13.56
CA VAL U 70 -3.23 55.92 13.77
C VAL U 70 -3.37 55.12 12.49
N ASP U 71 -3.64 55.74 11.36
CA ASP U 71 -3.53 55.11 10.06
C ASP U 71 -2.77 56.09 9.18
N ARG U 72 -2.76 55.85 7.87
CA ARG U 72 -2.15 56.83 6.99
C ARG U 72 -2.83 58.18 7.14
N GLN U 73 -4.15 58.20 7.27
CA GLN U 73 -4.91 59.43 7.18
C GLN U 73 -5.53 59.90 8.49
N ALA U 74 -5.49 59.11 9.55
CA ALA U 74 -6.13 59.47 10.79
C ALA U 74 -5.10 59.60 11.91
N GLY U 75 -5.33 60.57 12.78
CA GLY U 75 -4.42 60.84 13.88
C GLY U 75 -5.19 61.15 15.13
N ILE U 76 -4.54 61.01 16.28
CA ILE U 76 -5.19 61.15 17.57
C ILE U 76 -4.37 62.06 18.45
N CYS U 77 -4.99 63.10 18.98
CA CYS U 77 -4.36 63.98 19.96
C CYS U 77 -5.02 63.73 21.31
N ILE U 78 -4.25 63.26 22.26
CA ILE U 78 -4.78 62.84 23.55
C ILE U 78 -4.55 63.95 24.58
N CYS U 79 -5.60 64.68 24.90
CA CYS U 79 -5.56 65.70 25.94
C CYS U 79 -5.93 65.04 27.25
N GLY U 80 -4.99 65.01 28.20
CA GLY U 80 -5.25 64.34 29.45
C GLY U 80 -4.08 63.51 29.92
N LEU U 81 -4.37 62.37 30.55
CA LEU U 81 -3.32 61.48 31.02
C LEU U 81 -2.62 60.83 29.84
N LEU U 82 -1.32 61.05 29.72
CA LEU U 82 -0.58 60.52 28.57
C LEU U 82 -0.52 59.00 28.54
N PRO U 83 -0.23 58.29 29.63
CA PRO U 83 -0.20 56.82 29.54
C PRO U 83 -1.50 56.20 29.09
N ASP U 84 -2.64 56.70 29.59
CA ASP U 84 -3.92 56.14 29.16
C ASP U 84 -4.20 56.46 27.70
N GLY U 85 -3.81 57.66 27.27
CA GLY U 85 -3.90 57.99 25.87
C GLY U 85 -3.08 57.05 25.01
N ARG U 86 -1.95 56.58 25.53
CA ARG U 86 -1.19 55.59 24.78
C ARG U 86 -1.95 54.28 24.60
N ALA U 87 -2.68 53.84 25.63
CA ALA U 87 -3.51 52.65 25.47
C ALA U 87 -4.58 52.85 24.43
N ILE U 88 -5.23 54.00 24.44
CA ILE U 88 -6.27 54.26 23.45
C ILE U 88 -5.68 54.35 22.06
N VAL U 89 -4.49 54.92 21.92
CA VAL U 89 -3.85 55.02 20.62
C VAL U 89 -3.51 53.63 20.09
N SER U 90 -3.00 52.76 20.96
CA SER U 90 -2.74 51.40 20.55
C SER U 90 -4.01 50.64 20.18
N ARG U 91 -5.12 50.89 20.87
CA ARG U 91 -6.36 50.23 20.50
C ARG U 91 -6.89 50.74 19.17
N ALA U 92 -6.80 52.04 18.93
CA ALA U 92 -7.21 52.59 17.65
C ALA U 92 -6.33 52.07 16.52
N ARG U 93 -5.04 51.85 16.81
CA ARG U 93 -4.17 51.26 15.81
C ARG U 93 -4.53 49.82 15.52
N GLN U 94 -4.95 49.07 16.54
CA GLN U 94 -5.43 47.71 16.27
C GLN U 94 -6.75 47.71 15.50
N GLU U 95 -7.58 48.74 15.70
CA GLU U 95 -8.83 48.80 14.95
C GLU U 95 -8.63 49.25 13.51
N ALA U 96 -7.67 50.14 13.26
CA ALA U 96 -7.43 50.61 11.91
C ALA U 96 -6.66 49.62 11.06
N GLU U 97 -5.82 48.78 11.68
CA GLU U 97 -5.09 47.79 10.91
C GLU U 97 -5.99 46.63 10.50
N ASN U 98 -7.06 46.37 11.25
CA ASN U 98 -7.95 45.29 10.89
C ASN U 98 -8.74 45.62 9.63
N SER U 99 -9.32 46.81 9.56
CA SER U 99 -10.03 47.21 8.36
C SER U 99 -9.11 47.28 7.15
N ARG U 100 -7.83 47.57 7.36
CA ARG U 100 -6.88 47.52 6.26
C ARG U 100 -6.47 46.09 5.95
N ASP U 101 -6.69 45.17 6.89
CA ASP U 101 -6.37 43.77 6.68
C ASP U 101 -7.56 42.93 6.30
N ILE U 102 -8.60 42.89 7.13
CA ILE U 102 -9.79 42.13 6.79
C ILE U 102 -10.55 42.70 5.61
N PHE U 103 -10.78 44.01 5.58
CA PHE U 103 -11.71 44.61 4.65
C PHE U 103 -11.06 45.41 3.54
N ALA U 104 -9.74 45.36 3.41
CA ALA U 104 -9.03 45.94 2.27
C ALA U 104 -9.46 47.37 1.98
N THR U 105 -9.61 48.15 3.04
CA THR U 105 -10.10 49.51 2.86
C THR U 105 -9.69 50.39 4.03
N PRO U 106 -9.41 51.67 3.79
CA PRO U 106 -9.07 52.56 4.90
C PRO U 106 -10.29 52.78 5.78
N ILE U 107 -10.06 52.79 7.09
CA ILE U 107 -11.17 52.91 8.02
C ILE U 107 -11.76 54.30 7.92
N ARG U 108 -13.07 54.37 7.78
CA ARG U 108 -13.77 55.65 7.70
C ARG U 108 -13.70 56.35 9.05
N GLY U 109 -13.58 57.68 9.00
CA GLY U 109 -13.30 58.43 10.23
C GLY U 109 -14.34 58.21 11.31
N SER U 110 -15.61 58.31 10.95
CA SER U 110 -16.68 58.13 11.91
C SER U 110 -16.67 56.76 12.55
N VAL U 111 -16.35 55.71 11.77
CA VAL U 111 -16.26 54.38 12.33
C VAL U 111 -15.14 54.30 13.35
N LEU U 112 -13.98 54.89 13.05
CA LEU U 112 -12.91 54.91 14.02
C LEU U 112 -13.31 55.63 15.29
N ALA U 113 -13.99 56.76 15.18
CA ALA U 113 -14.42 57.45 16.39
C ALA U 113 -15.41 56.62 17.18
N ASN U 114 -16.36 55.97 16.51
CA ASN U 114 -17.29 55.08 17.18
C ASN U 114 -16.59 53.97 17.94
N ARG U 115 -15.61 53.33 17.31
CA ARG U 115 -14.89 52.25 17.97
C ARG U 115 -14.06 52.74 19.15
N VAL U 116 -13.39 53.88 19.01
CA VAL U 116 -12.62 54.41 20.13
C VAL U 116 -13.53 54.75 21.30
N GLY U 117 -14.68 55.37 21.04
CA GLY U 117 -15.63 55.59 22.10
C GLY U 117 -16.14 54.32 22.74
N GLU U 118 -16.49 53.31 21.93
CA GLU U 118 -16.92 52.03 22.46
C GLU U 118 -15.87 51.40 23.37
N PHE U 119 -14.60 51.52 23.00
CA PHE U 119 -13.55 50.96 23.85
C PHE U 119 -13.36 51.78 25.12
N MET U 120 -13.52 53.09 25.02
CA MET U 120 -13.41 53.93 26.21
C MET U 120 -14.57 53.69 27.16
N HIS U 121 -15.68 53.19 26.66
CA HIS U 121 -16.85 52.98 27.51
C HIS U 121 -16.87 51.61 28.16
N ALA U 122 -16.13 50.63 27.62
CA ALA U 122 -16.10 49.33 28.27
C ALA U 122 -15.29 49.36 29.56
N TYR U 123 -14.74 50.50 29.93
CA TYR U 123 -14.00 50.67 31.16
C TYR U 123 -14.80 51.41 32.22
N THR U 124 -16.00 51.88 31.89
CA THR U 124 -16.85 52.57 32.84
C THR U 124 -18.11 51.78 33.14
N THR U 125 -18.09 50.47 32.91
CA THR U 125 -19.19 49.60 33.32
C THR U 125 -18.78 48.59 34.36
N HIS U 126 -17.52 48.19 34.41
CA HIS U 126 -17.07 47.09 35.26
C HIS U 126 -16.55 47.64 36.58
N PHE U 127 -16.67 46.82 37.62
CA PHE U 127 -16.20 47.20 38.94
C PHE U 127 -14.69 47.07 39.09
N ALA U 128 -14.01 46.44 38.13
CA ALA U 128 -12.59 46.16 38.26
C ALA U 128 -11.73 47.02 37.37
N TYR U 129 -12.28 48.06 36.75
CA TYR U 129 -11.49 48.97 35.92
C TYR U 129 -11.78 50.40 36.32
N ARG U 130 -10.90 51.30 35.88
CA ARG U 130 -11.11 52.71 36.10
C ARG U 130 -11.20 53.43 34.78
N PRO U 131 -12.03 54.45 34.68
CA PRO U 131 -12.23 55.12 33.39
C PRO U 131 -10.98 55.82 32.90
N PHE U 132 -10.76 55.83 31.59
CA PHE U 132 -9.59 56.48 31.03
C PHE U 132 -9.56 57.94 31.42
N GLY U 133 -8.39 58.41 31.84
CA GLY U 133 -8.26 59.80 32.22
C GLY U 133 -7.78 60.68 31.10
N CYS U 134 -8.31 60.49 29.90
CA CYS U 134 -7.85 61.26 28.75
C CYS U 134 -8.98 61.36 27.73
N SER U 135 -9.10 62.54 27.13
CA SER U 135 -10.05 62.79 26.06
C SER U 135 -9.29 62.79 24.74
N ALA U 136 -9.82 62.08 23.77
CA ALA U 136 -9.15 61.94 22.47
C ALA U 136 -9.76 62.89 21.47
N ILE U 137 -8.92 63.42 20.58
CA ILE U 137 -9.36 64.19 19.43
C ILE U 137 -8.90 63.42 18.20
N ILE U 138 -9.85 62.83 17.47
CA ILE U 138 -9.56 62.03 16.30
C ILE U 138 -9.74 62.91 15.07
N ALA U 139 -8.68 63.06 14.29
CA ALA U 139 -8.72 63.84 13.06
C ALA U 139 -8.46 62.91 11.90
N SER U 140 -9.46 62.69 11.07
CA SER U 140 -9.34 61.74 9.97
C SER U 140 -9.75 62.40 8.66
N TYR U 141 -9.17 61.90 7.57
CA TYR U 141 -9.58 62.32 6.24
C TYR U 141 -9.65 61.09 5.34
N ALA U 142 -10.76 60.39 5.37
CA ALA U 142 -10.97 59.20 4.56
C ALA U 142 -11.66 59.60 3.26
N ASP U 143 -12.24 58.68 2.49
CA ASP U 143 -12.98 59.00 1.28
C ASP U 143 -14.33 59.63 1.56
N ASP U 144 -14.59 60.05 2.80
CA ASP U 144 -15.84 60.69 3.18
C ASP U 144 -15.65 62.14 3.61
N GLY U 145 -14.49 62.73 3.35
CA GLY U 145 -14.25 64.11 3.71
C GLY U 145 -13.54 64.26 5.03
N PRO U 146 -13.17 65.50 5.38
CA PRO U 146 -12.47 65.71 6.64
C PRO U 146 -13.42 65.58 7.82
N GLN U 147 -12.93 64.92 8.88
CA GLN U 147 -13.74 64.59 10.04
C GLN U 147 -12.93 64.85 11.30
N LEU U 148 -13.57 65.50 12.26
CA LEU U 148 -12.96 65.82 13.54
C LEU U 148 -13.91 65.39 14.64
N PHE U 149 -13.51 64.38 15.42
CA PHE U 149 -14.34 63.86 16.48
C PHE U 149 -13.63 64.01 17.82
N VAL U 150 -14.42 63.99 18.88
CA VAL U 150 -13.89 64.09 20.24
C VAL U 150 -14.53 62.99 21.07
N SER U 151 -13.74 62.36 21.92
CA SER U 151 -14.21 61.33 22.85
C SER U 151 -13.82 61.72 24.26
N ASP U 152 -14.79 61.79 25.15
CA ASP U 152 -14.62 62.14 26.55
C ASP U 152 -14.44 60.84 27.34
N PRO U 153 -13.85 60.89 28.54
CA PRO U 153 -13.77 59.67 29.36
C PRO U 153 -15.11 58.98 29.57
N SER U 154 -16.22 59.68 29.37
CA SER U 154 -17.52 59.03 29.45
C SER U 154 -17.74 58.04 28.31
N GLY U 155 -16.93 58.11 27.27
CA GLY U 155 -17.13 57.29 26.10
C GLY U 155 -18.02 57.89 25.04
N THR U 156 -18.36 59.17 25.16
CA THR U 156 -19.26 59.81 24.21
C THR U 156 -18.46 60.54 23.14
N VAL U 157 -18.78 60.24 21.88
CA VAL U 157 -18.11 60.85 20.74
C VAL U 157 -18.99 61.95 20.17
N ALA U 158 -18.37 62.96 19.58
CA ALA U 158 -19.12 64.01 18.91
C ALA U 158 -18.24 64.66 17.86
N GLY U 159 -18.82 64.94 16.69
CA GLY U 159 -18.09 65.59 15.62
C GLY U 159 -18.23 67.10 15.70
N TYR U 160 -17.14 67.79 15.43
CA TYR U 160 -17.08 69.24 15.61
C TYR U 160 -16.61 69.89 14.31
N TYR U 161 -16.71 71.22 14.29
CA TYR U 161 -15.97 72.06 13.36
C TYR U 161 -14.74 72.66 14.02
N GLY U 162 -14.85 73.03 15.28
CA GLY U 162 -13.71 73.53 16.04
C GLY U 162 -13.90 73.23 17.50
N VAL U 163 -12.89 72.59 18.08
CA VAL U 163 -12.99 72.06 19.44
C VAL U 163 -11.81 72.54 20.25
N ALA U 164 -12.04 72.77 21.54
CA ALA U 164 -11.01 73.20 22.48
C ALA U 164 -11.04 72.33 23.72
N LEU U 165 -9.85 71.95 24.19
CA LEU U 165 -9.69 71.13 25.38
C LEU U 165 -8.54 71.67 26.21
N GLY U 166 -8.47 71.24 27.45
CA GLY U 166 -7.37 71.59 28.32
C GLY U 166 -7.84 72.38 29.51
N LYS U 167 -6.88 72.87 30.28
CA LYS U 167 -7.21 73.67 31.46
C LYS U 167 -7.95 74.95 31.06
N ALA U 168 -7.38 75.69 30.11
CA ALA U 168 -8.02 76.90 29.59
C ALA U 168 -8.87 76.56 28.38
N LYS U 169 -10.11 76.17 28.66
CA LYS U 169 -10.98 75.60 27.66
C LYS U 169 -12.09 76.55 27.25
N THR U 170 -12.53 77.42 28.16
CA THR U 170 -13.61 78.34 27.82
C THR U 170 -13.10 79.51 26.99
N VAL U 171 -12.09 80.23 27.49
CA VAL U 171 -11.58 81.38 26.76
C VAL U 171 -10.96 80.94 25.43
N ALA U 172 -10.35 79.76 25.40
CA ALA U 172 -9.80 79.25 24.15
C ALA U 172 -10.87 78.78 23.19
N LYS U 173 -12.06 78.44 23.68
CA LYS U 173 -13.20 78.14 22.82
C LYS U 173 -13.87 79.40 22.31
N SER U 174 -13.91 80.46 23.10
CA SER U 174 -14.45 81.74 22.65
C SER U 174 -13.67 82.31 21.46
N GLU U 175 -12.45 81.84 21.22
CA GLU U 175 -11.72 82.21 20.02
C GLU U 175 -12.25 81.52 18.78
N LEU U 176 -12.70 80.27 18.90
CA LEU U 176 -13.09 79.50 17.74
C LEU U 176 -14.47 79.86 17.21
N GLU U 177 -15.28 80.54 18.01
CA GLU U 177 -16.59 81.00 17.55
C GLU U 177 -16.49 81.97 16.38
N LYS U 178 -15.42 82.78 16.34
CA LYS U 178 -15.34 83.88 15.40
C LYS U 178 -14.58 83.53 14.12
N LEU U 179 -14.02 82.34 14.03
CA LEU U 179 -13.54 81.87 12.74
C LEU U 179 -14.72 81.48 11.87
N ASP U 180 -14.46 81.32 10.58
CA ASP U 180 -15.53 81.11 9.61
C ASP U 180 -15.88 79.64 9.42
N PHE U 181 -14.87 78.78 9.25
CA PHE U 181 -15.02 77.33 9.18
C PHE U 181 -15.78 76.88 7.94
N SER U 182 -16.23 77.82 7.13
CA SER U 182 -16.80 77.50 5.82
C SER U 182 -15.88 77.93 4.69
N SER U 183 -15.09 78.98 4.91
CA SER U 183 -14.06 79.42 3.97
C SER U 183 -12.66 79.27 4.55
N LEU U 184 -12.55 78.87 5.82
CA LEU U 184 -11.25 78.74 6.46
C LEU U 184 -10.45 77.62 5.82
N THR U 185 -9.21 77.94 5.42
CA THR U 185 -8.31 76.98 4.82
C THR U 185 -7.25 76.57 5.83
N CYS U 186 -6.79 75.31 5.71
CA CYS U 186 -5.80 74.80 6.65
C CYS U 186 -4.52 75.65 6.62
N ASP U 187 -4.13 76.11 5.44
CA ASP U 187 -2.89 76.86 5.31
C ASP U 187 -2.87 78.08 6.21
N GLU U 188 -4.03 78.68 6.45
CA GLU U 188 -4.12 79.78 7.40
C GLU U 188 -4.54 79.32 8.78
N ALA U 189 -5.21 78.18 8.90
CA ALA U 189 -5.59 77.67 10.21
C ALA U 189 -4.37 77.27 11.04
N VAL U 190 -3.31 76.77 10.40
CA VAL U 190 -2.10 76.43 11.15
C VAL U 190 -1.50 77.67 11.80
N GLY U 191 -1.85 78.85 11.30
CA GLY U 191 -1.43 80.07 11.96
C GLY U 191 -2.44 80.50 13.00
N LYS U 192 -3.72 80.43 12.64
CA LYS U 192 -4.79 80.90 13.51
C LYS U 192 -4.82 80.14 14.84
N LEU U 193 -4.90 78.81 14.77
CA LEU U 193 -4.99 78.02 16.00
C LEU U 193 -3.71 78.12 16.83
N ALA U 194 -2.55 78.10 16.18
CA ALA U 194 -1.30 78.28 16.87
C ALA U 194 -1.22 79.60 17.62
N SER U 195 -1.73 80.67 17.03
CA SER U 195 -1.79 81.94 17.74
C SER U 195 -2.82 81.93 18.85
N ILE U 196 -3.93 81.23 18.66
CA ILE U 196 -4.94 81.11 19.71
C ILE U 196 -4.34 80.48 20.97
N LEU U 197 -3.55 79.42 20.80
CA LEU U 197 -2.93 78.80 21.98
C LEU U 197 -1.96 79.73 22.68
N HIS U 198 -1.21 80.54 21.95
CA HIS U 198 -0.32 81.48 22.62
C HIS U 198 -1.11 82.56 23.34
N GLU U 199 -2.25 82.97 22.78
CA GLU U 199 -3.06 83.98 23.45
C GLU U 199 -3.70 83.43 24.72
N VAL U 200 -4.09 82.17 24.72
CA VAL U 200 -4.80 81.63 25.87
C VAL U 200 -3.83 81.12 26.93
N HIS U 201 -2.56 80.90 26.56
CA HIS U 201 -1.60 80.30 27.46
C HIS U 201 -1.08 81.31 28.49
N ASP U 202 -1.21 80.94 29.77
CA ASP U 202 -0.67 81.73 30.87
C ASP U 202 0.78 81.32 31.10
N LYS U 203 1.64 82.30 31.37
CA LYS U 203 3.06 82.04 31.45
C LYS U 203 3.67 82.37 32.82
N GLN U 204 2.86 82.70 33.81
CA GLN U 204 3.35 82.85 35.18
C GLN U 204 3.01 81.64 36.03
N LYS U 205 2.72 80.51 35.39
CA LYS U 205 2.58 79.26 36.10
C LYS U 205 3.64 78.29 35.60
N ASP U 206 3.70 78.09 34.30
CA ASP U 206 4.65 77.18 33.68
C ASP U 206 5.64 78.00 32.88
N LYS U 207 6.91 77.94 33.26
CA LYS U 207 7.94 78.71 32.57
C LYS U 207 8.31 78.08 31.24
N LEU U 208 8.05 76.79 31.07
CA LEU U 208 8.40 76.07 29.84
C LEU U 208 7.13 75.54 29.20
N TYR U 209 6.91 75.93 27.95
CA TYR U 209 5.80 75.45 27.15
C TYR U 209 6.19 75.52 25.67
N GLU U 210 5.51 74.73 24.85
CA GLU U 210 5.80 74.69 23.42
C GLU U 210 4.60 74.10 22.68
N VAL U 211 4.33 74.63 21.49
CA VAL U 211 3.15 74.25 20.74
C VAL U 211 3.55 73.28 19.64
N GLU U 212 2.82 72.17 19.54
CA GLU U 212 3.08 71.15 18.54
C GLU U 212 1.81 70.89 17.74
N VAL U 213 1.89 71.03 16.43
CA VAL U 213 0.70 71.02 15.60
C VAL U 213 0.88 70.03 14.46
N ALA U 214 -0.22 69.35 14.12
CA ALA U 214 -0.24 68.40 13.01
C ALA U 214 -1.49 68.66 12.18
N TRP U 215 -1.51 68.06 10.99
CA TRP U 215 -2.57 68.35 10.03
C TRP U 215 -2.62 67.25 8.98
N VAL U 216 -3.80 67.10 8.39
CA VAL U 216 -4.01 66.19 7.27
C VAL U 216 -4.92 66.83 6.26
N CYS U 217 -4.37 67.26 5.13
CA CYS U 217 -5.21 67.78 4.07
C CYS U 217 -4.63 67.33 2.74
N ASP U 218 -5.08 67.97 1.67
CA ASP U 218 -4.69 67.55 0.32
C ASP U 218 -3.21 67.81 0.06
N LYS U 219 -2.65 68.86 0.64
CA LYS U 219 -1.25 69.19 0.38
C LYS U 219 -0.31 68.10 0.85
N SER U 220 -0.65 67.42 1.94
CA SER U 220 0.16 66.33 2.46
C SER U 220 -0.25 64.98 1.91
N ASP U 221 -0.85 64.96 0.71
CA ASP U 221 -1.33 63.73 0.08
C ASP U 221 -2.32 62.99 0.98
N ARG U 222 -3.19 63.75 1.65
CA ARG U 222 -4.19 63.18 2.57
C ARG U 222 -3.55 62.24 3.58
N LYS U 223 -2.46 62.67 4.19
CA LYS U 223 -1.72 61.89 5.15
C LYS U 223 -1.56 62.72 6.43
N PHE U 224 -1.71 62.07 7.57
CA PHE U 224 -1.58 62.76 8.86
C PHE U 224 -0.10 62.87 9.23
N VAL U 225 0.47 64.07 9.09
CA VAL U 225 1.87 64.30 9.39
C VAL U 225 1.98 65.48 10.35
N HIS U 226 3.18 65.65 10.90
CA HIS U 226 3.48 66.81 11.73
C HIS U 226 3.78 68.01 10.83
N VAL U 227 3.42 69.21 11.30
CA VAL U 227 3.57 70.42 10.49
C VAL U 227 5.05 70.61 10.16
N PRO U 228 5.39 71.06 8.95
CA PRO U 228 6.74 71.58 8.71
C PRO U 228 7.14 72.61 9.76
N ALA U 229 8.37 72.51 10.27
CA ALA U 229 8.80 73.31 11.42
C ALA U 229 8.62 74.81 11.20
N ASP U 230 8.92 75.28 9.99
CA ASP U 230 8.85 76.71 9.68
C ASP U 230 7.48 77.05 9.10
N MET U 231 6.43 76.63 9.80
CA MET U 231 5.07 76.96 9.40
C MET U 231 4.25 77.42 10.61
N VAL U 232 4.83 77.26 11.80
CA VAL U 232 4.19 77.77 13.01
C VAL U 232 4.77 79.15 13.32
N PRO U 233 3.92 80.16 13.54
CA PRO U 233 4.45 81.46 13.97
C PRO U 233 5.27 81.33 15.25
N ALA U 234 6.25 82.21 15.40
CA ALA U 234 7.22 82.08 16.49
C ALA U 234 6.55 82.09 17.85
N GLU U 235 5.67 83.06 18.08
CA GLU U 235 4.99 83.18 19.36
C GLU U 235 3.54 83.61 19.15
N THR V 55 -19.80 22.50 -15.06
CA THR V 55 -19.92 23.79 -14.39
C THR V 55 -19.11 24.85 -15.12
N THR V 56 -19.81 25.83 -15.69
CA THR V 56 -19.15 26.94 -16.38
C THR V 56 -19.71 28.24 -15.83
N ILE V 57 -18.82 29.14 -15.45
CA ILE V 57 -19.20 30.45 -14.95
C ILE V 57 -18.26 31.47 -15.57
N LEU V 58 -18.76 32.67 -15.80
CA LEU V 58 -17.92 33.71 -16.34
C LEU V 58 -18.49 35.06 -16.00
N ALA V 59 -17.63 36.08 -16.10
CA ALA V 59 -18.01 37.45 -15.82
C ALA V 59 -17.25 38.33 -16.79
N VAL V 60 -17.93 39.31 -17.36
CA VAL V 60 -17.32 40.21 -18.33
C VAL V 60 -17.67 41.63 -17.91
N SER V 61 -16.67 42.49 -17.92
CA SER V 61 -16.82 43.87 -17.48
C SER V 61 -17.02 44.77 -18.69
N TYR V 62 -17.95 45.72 -18.57
CA TYR V 62 -18.12 46.74 -19.60
C TYR V 62 -18.07 48.11 -18.92
N ASN V 63 -18.45 49.15 -19.67
CA ASN V 63 -18.34 50.52 -19.15
C ASN V 63 -19.10 50.68 -17.85
N GLY V 64 -20.42 50.50 -17.89
CA GLY V 64 -21.26 50.72 -16.73
C GLY V 64 -21.02 49.78 -15.57
N GLY V 65 -21.06 48.48 -15.82
CA GLY V 65 -20.90 47.51 -14.77
C GLY V 65 -20.36 46.19 -15.24
N VAL V 66 -20.97 45.09 -14.78
CA VAL V 66 -20.50 43.76 -15.12
C VAL V 66 -21.69 42.88 -15.51
N VAL V 67 -21.37 41.81 -16.22
CA VAL V 67 -22.33 40.80 -16.64
C VAL V 67 -21.83 39.44 -16.18
N LEU V 68 -22.64 38.76 -15.38
CA LEU V 68 -22.32 37.42 -14.90
C LEU V 68 -23.16 36.42 -15.66
N ALA V 69 -22.54 35.33 -16.09
CA ALA V 69 -23.27 34.26 -16.75
C ALA V 69 -22.80 32.93 -16.20
N ALA V 70 -23.69 31.96 -16.22
CA ALA V 70 -23.34 30.65 -15.70
C ALA V 70 -24.32 29.61 -16.22
N ASP V 71 -23.89 28.35 -16.17
CA ASP V 71 -24.82 27.27 -16.47
C ASP V 71 -25.68 26.99 -15.26
N SER V 72 -26.57 26.00 -15.40
CA SER V 72 -27.36 25.52 -14.28
C SER V 72 -27.43 23.99 -14.32
N ARG V 73 -26.42 23.33 -13.75
CA ARG V 73 -26.48 21.88 -13.63
C ARG V 73 -25.42 21.42 -12.65
N THR V 74 -25.83 20.84 -11.53
CA THR V 74 -24.94 20.18 -10.60
C THR V 74 -25.04 18.68 -10.86
N SER V 75 -23.87 18.05 -11.02
CA SER V 75 -23.77 16.68 -11.47
C SER V 75 -22.97 15.86 -10.47
N SER V 76 -23.34 14.58 -10.33
CA SER V 76 -22.60 13.63 -9.50
C SER V 76 -21.69 12.81 -10.41
N GLY V 77 -20.74 13.49 -11.03
CA GLY V 77 -19.80 12.83 -11.91
C GLY V 77 -20.36 12.52 -13.28
N THR V 78 -21.41 11.68 -13.34
CA THR V 78 -22.02 11.32 -14.61
C THR V 78 -23.53 11.31 -14.52
N TYR V 79 -24.12 11.85 -13.45
CA TYR V 79 -25.55 11.92 -13.30
C TYR V 79 -25.97 13.32 -12.87
N VAL V 80 -26.99 13.84 -13.54
CA VAL V 80 -27.45 15.21 -13.32
C VAL V 80 -28.28 15.24 -12.04
N VAL V 81 -27.64 15.63 -10.95
CA VAL V 81 -28.34 15.72 -9.68
C VAL V 81 -29.39 16.81 -9.72
N ASN V 82 -28.99 18.03 -10.07
CA ASN V 82 -29.92 19.16 -10.12
C ASN V 82 -29.74 19.86 -11.46
N ARG V 83 -30.81 19.94 -12.25
CA ARG V 83 -30.70 20.50 -13.58
C ARG V 83 -31.18 21.94 -13.68
N ALA V 84 -31.48 22.59 -12.58
CA ALA V 84 -31.89 23.99 -12.60
C ALA V 84 -31.25 24.75 -11.46
N SER V 85 -29.99 24.44 -11.17
CA SER V 85 -29.28 25.07 -10.07
C SER V 85 -29.10 26.56 -10.32
N ASN V 86 -28.59 27.25 -9.31
CA ASN V 86 -28.39 28.70 -9.36
C ASN V 86 -27.04 29.01 -8.74
N LYS V 87 -26.03 29.23 -9.56
CA LYS V 87 -24.68 29.45 -9.10
C LYS V 87 -24.35 30.92 -8.89
N LEU V 88 -25.28 31.83 -9.14
CA LEU V 88 -25.07 33.25 -8.91
C LEU V 88 -25.66 33.59 -7.56
N THR V 89 -24.80 33.68 -6.54
CA THR V 89 -25.23 33.97 -5.19
C THR V 89 -25.01 35.44 -4.90
N LYS V 90 -26.05 36.12 -4.44
CA LYS V 90 -25.89 37.53 -4.09
C LYS V 90 -25.25 37.63 -2.71
N LEU V 91 -24.35 38.60 -2.56
CA LEU V 91 -23.80 38.89 -1.24
C LEU V 91 -24.43 40.16 -0.71
N THR V 92 -24.32 41.24 -1.48
CA THR V 92 -24.96 42.51 -1.23
C THR V 92 -25.98 42.74 -2.34
N LYS V 93 -26.60 43.92 -2.38
CA LYS V 93 -27.54 44.20 -3.46
C LYS V 93 -26.84 44.31 -4.81
N LYS V 94 -25.58 44.75 -4.81
CA LYS V 94 -24.87 45.05 -6.04
C LYS V 94 -23.62 44.22 -6.24
N ILE V 95 -23.37 43.23 -5.39
CA ILE V 95 -22.19 42.38 -5.50
C ILE V 95 -22.65 40.94 -5.50
N TYR V 96 -22.23 40.18 -6.50
CA TYR V 96 -22.61 38.78 -6.65
C TYR V 96 -21.36 37.93 -6.76
N CYS V 97 -21.53 36.63 -6.63
CA CYS V 97 -20.44 35.70 -6.79
C CYS V 97 -20.92 34.46 -7.55
N CYS V 98 -20.14 34.04 -8.52
CA CYS V 98 -20.34 32.77 -9.18
C CYS V 98 -19.39 31.76 -8.54
N ARG V 99 -19.93 30.65 -8.08
CA ARG V 99 -19.17 29.68 -7.33
C ARG V 99 -19.08 28.37 -8.09
N SER V 100 -17.91 27.75 -8.07
CA SER V 100 -17.67 26.53 -8.82
C SER V 100 -16.80 25.60 -7.98
N GLY V 101 -16.82 24.33 -8.35
CA GLY V 101 -16.18 23.32 -7.55
C GLY V 101 -17.21 22.58 -6.73
N SER V 102 -16.91 22.32 -5.47
CA SER V 102 -17.88 21.66 -4.61
C SER V 102 -19.03 22.61 -4.30
N ALA V 103 -20.19 22.04 -3.96
CA ALA V 103 -21.35 22.88 -3.71
C ALA V 103 -21.51 23.21 -2.23
N ALA V 104 -21.26 22.25 -1.35
CA ALA V 104 -21.39 22.52 0.08
C ALA V 104 -20.40 23.57 0.54
N ASP V 105 -19.14 23.45 0.14
CA ASP V 105 -18.12 24.39 0.59
C ASP V 105 -18.39 25.80 0.09
N THR V 106 -18.69 25.95 -1.20
CA THR V 106 -18.97 27.27 -1.73
C THR V 106 -20.26 27.86 -1.19
N GLN V 107 -21.27 27.04 -0.90
CA GLN V 107 -22.46 27.60 -0.27
C GLN V 107 -22.18 28.10 1.14
N ALA V 108 -21.47 27.31 1.95
CA ALA V 108 -21.08 27.79 3.28
C ALA V 108 -20.26 29.07 3.20
N LEU V 109 -19.29 29.13 2.30
CA LEU V 109 -18.49 30.34 2.16
C LEU V 109 -19.32 31.53 1.71
N ALA V 110 -20.16 31.36 0.70
CA ALA V 110 -20.95 32.47 0.22
C ALA V 110 -21.85 33.02 1.31
N GLU V 111 -22.52 32.13 2.06
CA GLU V 111 -23.41 32.64 3.10
C GLU V 111 -22.66 33.22 4.29
N ARG V 112 -21.48 32.68 4.63
CA ARG V 112 -20.69 33.29 5.69
C ARG V 112 -20.19 34.67 5.29
N VAL V 113 -19.68 34.81 4.08
CA VAL V 113 -19.19 36.11 3.65
C VAL V 113 -20.33 37.10 3.49
N SER V 114 -21.49 36.68 3.03
CA SER V 114 -22.60 37.61 2.93
C SER V 114 -23.09 38.04 4.30
N ASN V 115 -23.02 37.13 5.28
CA ASN V 115 -23.36 37.52 6.64
C ASN V 115 -22.36 38.52 7.20
N TYR V 116 -21.08 38.38 6.82
CA TYR V 116 -20.12 39.40 7.22
C TYR V 116 -20.40 40.73 6.55
N LEU V 117 -20.66 40.72 5.25
CA LEU V 117 -20.89 41.95 4.49
C LEU V 117 -22.11 42.70 4.96
N GLY V 118 -23.16 41.98 5.37
CA GLY V 118 -24.33 42.67 5.88
C GLY V 118 -24.04 43.46 7.14
N SER V 119 -23.11 42.96 7.96
CA SER V 119 -22.82 43.61 9.23
C SER V 119 -21.88 44.78 9.04
N TYR V 120 -20.90 44.65 8.16
CA TYR V 120 -19.98 45.75 7.90
C TYR V 120 -20.72 46.94 7.31
N GLN V 121 -21.58 46.71 6.33
CA GLN V 121 -22.35 47.76 5.69
C GLN V 121 -23.31 48.45 6.64
N THR V 122 -23.96 47.71 7.53
CA THR V 122 -24.80 48.34 8.55
C THR V 122 -23.96 49.19 9.49
N ASP V 123 -22.77 48.72 9.83
CA ASP V 123 -21.93 49.43 10.78
C ASP V 123 -21.43 50.75 10.20
N ILE V 124 -20.86 50.71 9.01
CA ILE V 124 -20.29 51.93 8.43
C ILE V 124 -21.36 52.83 7.85
N GLY V 125 -22.47 52.26 7.36
CA GLY V 125 -23.58 53.08 6.90
C GLY V 125 -23.48 53.53 5.46
N ALA V 126 -22.54 52.98 4.70
CA ALA V 126 -22.39 53.34 3.29
C ALA V 126 -22.06 52.09 2.51
N GLY V 127 -22.26 52.13 1.20
CA GLY V 127 -22.11 50.96 0.35
C GLY V 127 -20.74 50.34 0.48
N VAL V 128 -20.64 49.10 0.05
CA VAL V 128 -19.42 48.34 0.19
C VAL V 128 -18.74 48.24 -1.17
N ASN V 129 -17.42 48.38 -1.19
CA ASN V 129 -16.70 48.16 -2.42
C ASN V 129 -16.71 46.67 -2.77
N VAL V 130 -16.17 46.35 -3.94
CA VAL V 130 -15.98 44.94 -4.28
C VAL V 130 -14.67 44.41 -3.72
N ALA V 131 -13.69 45.29 -3.52
CA ALA V 131 -12.44 44.86 -2.92
C ALA V 131 -12.65 44.25 -1.54
N THR V 132 -13.55 44.80 -0.75
CA THR V 132 -13.85 44.23 0.55
C THR V 132 -14.29 42.77 0.45
N ALA V 133 -15.32 42.51 -0.36
CA ALA V 133 -15.84 41.15 -0.51
C ALA V 133 -14.80 40.21 -1.10
N ALA V 134 -14.07 40.66 -2.12
CA ALA V 134 -13.02 39.83 -2.68
C ALA V 134 -11.93 39.50 -1.69
N ASN V 135 -11.53 40.44 -0.84
CA ASN V 135 -10.53 40.15 0.17
C ASN V 135 -11.06 39.18 1.22
N LEU V 136 -12.31 39.33 1.64
CA LEU V 136 -12.88 38.39 2.58
C LEU V 136 -12.89 36.98 1.99
N PHE V 137 -13.35 36.85 0.75
CA PHE V 137 -13.34 35.54 0.10
C PHE V 137 -11.93 34.97 0.01
N GLN V 138 -10.96 35.81 -0.38
CA GLN V 138 -9.61 35.30 -0.52
C GLN V 138 -9.08 34.80 0.80
N LYS V 139 -9.30 35.56 1.88
CA LYS V 139 -8.84 35.12 3.20
C LYS V 139 -9.47 33.79 3.59
N MET V 140 -10.79 33.67 3.46
CA MET V 140 -11.43 32.42 3.84
C MET V 140 -10.97 31.26 2.98
N CYS V 141 -11.12 31.36 1.66
CA CYS V 141 -10.67 30.29 0.77
C CYS V 141 -9.17 30.08 0.81
N TYR V 142 -8.43 30.90 1.54
CA TYR V 142 -7.01 30.65 1.72
C TYR V 142 -6.70 29.88 3.00
N MET V 143 -7.38 30.16 4.12
CA MET V 143 -7.09 29.32 5.26
C MET V 143 -7.93 28.05 5.32
N ASN V 144 -8.63 27.70 4.24
CA ASN V 144 -9.23 26.38 4.10
C ASN V 144 -8.78 25.68 2.82
N ARG V 145 -7.62 26.05 2.29
CA ARG V 145 -7.29 25.65 0.92
C ARG V 145 -7.06 24.15 0.81
N TRP V 146 -6.81 23.49 1.94
CA TRP V 146 -6.56 22.05 1.89
C TRP V 146 -7.85 21.26 1.96
N ASN V 147 -8.89 21.84 2.55
CA ASN V 147 -10.11 21.12 2.82
C ASN V 147 -11.21 21.38 1.80
N ILE V 148 -11.18 22.51 1.11
CA ILE V 148 -12.24 22.85 0.16
C ILE V 148 -11.64 22.91 -1.24
N SER V 149 -12.49 22.71 -2.22
CA SER V 149 -12.15 22.90 -3.62
C SER V 149 -13.16 23.91 -4.17
N ALA V 150 -12.81 25.19 -4.11
CA ALA V 150 -13.81 26.24 -4.33
C ALA V 150 -13.21 27.36 -5.16
N GLY V 151 -13.72 27.54 -6.37
CA GLY V 151 -13.27 28.60 -7.25
C GLY V 151 -14.37 29.63 -7.41
N ILE V 152 -14.03 30.87 -7.08
CA ILE V 152 -15.03 31.93 -6.97
C ILE V 152 -14.74 33.03 -7.98
N ILE V 153 -15.79 33.67 -8.44
CA ILE V 153 -15.70 34.85 -9.29
C ILE V 153 -16.59 35.90 -8.67
N VAL V 154 -15.98 36.89 -8.03
CA VAL V 154 -16.72 37.93 -7.31
C VAL V 154 -16.81 39.14 -8.22
N ALA V 155 -18.04 39.51 -8.60
CA ALA V 155 -18.19 40.62 -9.51
C ALA V 155 -19.24 41.57 -8.99
N GLY V 156 -19.04 42.85 -9.20
CA GLY V 156 -20.01 43.80 -8.70
C GLY V 156 -19.74 45.20 -9.21
N TYR V 157 -20.48 46.14 -8.65
CA TYR V 157 -20.39 47.54 -9.02
C TYR V 157 -20.46 48.39 -7.77
N ASP V 158 -19.54 49.34 -7.67
CA ASP V 158 -19.53 50.30 -6.58
C ASP V 158 -19.34 51.68 -7.20
N PRO V 159 -19.93 52.72 -6.63
CA PRO V 159 -19.84 54.05 -7.25
C PRO V 159 -18.43 54.58 -7.35
N ILE V 160 -17.51 54.08 -6.52
CA ILE V 160 -16.15 54.58 -6.53
C ILE V 160 -15.39 54.09 -7.75
N ASN V 161 -15.24 52.77 -7.91
CA ASN V 161 -14.42 52.21 -8.97
C ASN V 161 -15.23 51.59 -10.09
N GLY V 162 -16.52 51.89 -10.20
CA GLY V 162 -17.29 51.37 -11.31
C GLY V 162 -17.56 49.89 -11.16
N GLY V 163 -17.35 49.15 -12.24
CA GLY V 163 -17.57 47.72 -12.26
C GLY V 163 -16.26 46.98 -12.09
N SER V 164 -16.29 45.91 -11.31
CA SER V 164 -15.08 45.19 -10.96
C SER V 164 -15.34 43.69 -10.92
N VAL V 165 -14.32 42.93 -11.33
CA VAL V 165 -14.38 41.47 -11.37
C VAL V 165 -13.09 40.93 -10.78
N TYR V 166 -13.21 40.08 -9.77
CA TYR V 166 -12.09 39.42 -9.12
C TYR V 166 -12.24 37.92 -9.30
N SER V 167 -11.12 37.26 -9.54
CA SER V 167 -11.10 35.81 -9.68
C SER V 167 -10.29 35.20 -8.56
N ILE V 168 -10.89 34.28 -7.83
CA ILE V 168 -10.24 33.58 -6.72
C ILE V 168 -10.20 32.10 -7.07
N PRO V 169 -9.12 31.61 -7.63
CA PRO V 169 -9.09 30.22 -8.09
C PRO V 169 -9.05 29.22 -6.95
N SER V 170 -8.83 27.95 -7.31
CA SER V 170 -8.70 26.90 -6.30
C SER V 170 -7.59 27.22 -5.31
N GLY V 171 -6.45 27.69 -5.80
CA GLY V 171 -5.31 27.88 -4.92
C GLY V 171 -5.56 28.85 -3.79
N GLY V 172 -6.35 29.87 -4.03
CA GLY V 172 -6.66 30.87 -3.05
C GLY V 172 -6.12 32.27 -3.33
N SER V 173 -5.58 32.52 -4.50
CA SER V 173 -5.13 33.86 -4.86
C SER V 173 -6.33 34.76 -5.15
N CYS V 174 -6.06 35.98 -5.58
CA CYS V 174 -7.13 36.90 -5.92
C CYS V 174 -6.62 37.87 -6.97
N VAL V 175 -7.05 37.69 -8.21
CA VAL V 175 -6.58 38.51 -9.32
C VAL V 175 -7.72 39.36 -9.84
N LYS V 176 -7.52 40.67 -9.86
CA LYS V 176 -8.53 41.60 -10.33
C LYS V 176 -8.39 41.76 -11.84
N LEU V 177 -9.39 41.32 -12.58
CA LEU V 177 -9.27 41.19 -14.03
C LEU V 177 -10.30 42.06 -14.74
N ASP V 178 -10.22 42.03 -16.06
CA ASP V 178 -11.21 42.65 -16.93
C ASP V 178 -12.31 41.67 -17.34
N TYR V 179 -12.01 40.38 -17.35
CA TYR V 179 -13.01 39.35 -17.59
C TYR V 179 -12.48 38.05 -17.01
N ALA V 180 -13.35 37.30 -16.36
CA ALA V 180 -12.95 36.10 -15.64
C ALA V 180 -13.76 34.91 -16.10
N LEU V 181 -13.12 33.75 -16.16
CA LEU V 181 -13.75 32.49 -16.48
C LEU V 181 -13.45 31.48 -15.39
N GLY V 182 -14.34 30.51 -15.21
CA GLY V 182 -14.12 29.52 -14.18
C GLY V 182 -15.01 28.31 -14.36
N GLY V 183 -14.65 27.26 -13.66
CA GLY V 183 -15.40 26.03 -13.69
C GLY V 183 -14.73 25.00 -14.58
N SER V 184 -15.26 23.78 -14.50
CA SER V 184 -14.71 22.68 -15.28
C SER V 184 -14.82 22.91 -16.78
N GLY V 185 -15.88 23.56 -17.23
CA GLY V 185 -16.07 23.80 -18.64
C GLY V 185 -15.50 25.11 -19.14
N SER V 186 -14.65 25.77 -18.37
CA SER V 186 -14.08 27.04 -18.76
C SER V 186 -13.05 26.92 -19.86
N ILE V 187 -12.16 25.93 -19.76
CA ILE V 187 -11.01 25.83 -20.67
C ILE V 187 -11.41 25.83 -22.14
N PHE V 188 -12.66 25.57 -22.46
CA PHE V 188 -13.15 25.72 -23.82
C PHE V 188 -13.46 27.16 -24.18
N LEU V 189 -13.39 28.08 -23.22
CA LEU V 189 -13.74 29.46 -23.49
C LEU V 189 -12.56 30.38 -23.71
N TYR V 190 -11.38 30.00 -23.23
CA TYR V 190 -10.22 30.85 -23.41
C TYR V 190 -9.99 31.15 -24.89
N SER V 191 -9.77 30.11 -25.69
CA SER V 191 -9.60 30.31 -27.12
C SER V 191 -10.87 30.78 -27.81
N PHE V 192 -11.98 30.91 -27.09
CA PHE V 192 -13.13 31.60 -27.64
C PHE V 192 -13.07 33.09 -27.37
N PHE V 193 -12.54 33.49 -26.21
CA PHE V 193 -12.40 34.91 -25.89
C PHE V 193 -11.22 35.55 -26.59
N ASP V 194 -10.16 34.79 -26.85
CA ASP V 194 -9.05 35.36 -27.59
C ASP V 194 -9.44 35.73 -29.01
N ALA V 195 -10.50 35.13 -29.54
CA ALA V 195 -10.87 35.36 -30.93
C ALA V 195 -12.02 36.35 -31.08
N ASN V 196 -13.12 36.15 -30.37
CA ASN V 196 -14.37 36.82 -30.65
C ASN V 196 -14.69 37.95 -29.67
N TYR V 197 -13.75 38.32 -28.81
CA TYR V 197 -14.02 39.27 -27.74
C TYR V 197 -13.19 40.52 -27.93
N LYS V 198 -13.81 41.68 -27.84
CA LYS V 198 -13.12 42.96 -27.85
C LYS V 198 -13.62 43.82 -26.70
N PRO V 199 -12.73 44.41 -25.92
CA PRO V 199 -13.17 45.28 -24.82
C PRO V 199 -13.86 46.52 -25.33
N GLY V 200 -14.61 47.16 -24.43
CA GLY V 200 -15.38 48.33 -24.77
C GLY V 200 -16.74 48.05 -25.36
N MET V 201 -17.35 46.92 -25.03
CA MET V 201 -18.65 46.59 -25.57
C MET V 201 -19.75 47.34 -24.82
N SER V 202 -20.95 47.31 -25.39
CA SER V 202 -22.11 47.91 -24.75
C SER V 202 -22.75 46.90 -23.80
N LYS V 203 -23.79 47.33 -23.10
CA LYS V 203 -24.47 46.46 -22.16
C LYS V 203 -25.18 45.30 -22.85
N SER V 204 -25.93 45.56 -23.92
CA SER V 204 -26.66 44.51 -24.60
C SER V 204 -25.75 43.54 -25.34
N GLU V 205 -24.77 44.07 -26.08
CA GLU V 205 -23.83 43.22 -26.77
C GLU V 205 -23.01 42.40 -25.81
N CYS V 206 -22.80 42.91 -24.59
CA CYS V 206 -22.08 42.13 -23.60
C CYS V 206 -22.89 40.93 -23.15
N VAL V 207 -24.18 41.11 -22.86
CA VAL V 207 -24.95 39.95 -22.43
C VAL V 207 -25.12 38.97 -23.58
N ALA V 208 -25.22 39.47 -24.81
CA ALA V 208 -25.27 38.55 -25.95
C ALA V 208 -23.99 37.73 -26.05
N PHE V 209 -22.84 38.38 -25.91
CA PHE V 209 -21.59 37.65 -25.96
C PHE V 209 -21.46 36.66 -24.81
N CYS V 210 -21.92 37.03 -23.62
CA CYS V 210 -21.83 36.11 -22.49
C CYS V 210 -22.71 34.88 -22.68
N GLN V 211 -23.96 35.07 -23.11
CA GLN V 211 -24.80 33.91 -23.38
C GLN V 211 -24.18 33.05 -24.48
N ARG V 212 -23.60 33.67 -25.50
CA ARG V 212 -23.01 32.89 -26.57
C ARG V 212 -21.81 32.08 -26.08
N ALA V 213 -20.99 32.69 -25.22
CA ALA V 213 -19.84 31.98 -24.67
C ALA V 213 -20.28 30.79 -23.83
N VAL V 214 -21.29 30.99 -22.98
CA VAL V 214 -21.74 29.87 -22.15
C VAL V 214 -22.36 28.78 -23.00
N ALA V 215 -23.09 29.14 -24.05
CA ALA V 215 -23.69 28.12 -24.91
C ALA V 215 -22.64 27.37 -25.70
N HIS V 216 -21.51 28.01 -26.02
CA HIS V 216 -20.42 27.29 -26.66
C HIS V 216 -19.62 26.46 -25.68
N ALA V 217 -19.67 26.81 -24.39
CA ALA V 217 -18.96 26.03 -23.39
C ALA V 217 -19.71 24.79 -22.95
N TYR V 218 -21.03 24.88 -22.77
CA TYR V 218 -21.75 23.71 -22.29
C TYR V 218 -22.23 22.82 -23.41
N SER V 219 -22.06 23.22 -24.67
CA SER V 219 -22.37 22.32 -25.76
C SER V 219 -21.36 21.20 -25.89
N ARG V 220 -20.08 21.48 -25.66
CA ARG V 220 -19.03 20.49 -25.78
C ARG V 220 -18.68 19.82 -24.46
N ASP V 221 -18.96 20.45 -23.34
CA ASP V 221 -18.61 19.92 -22.02
C ASP V 221 -19.72 19.00 -21.54
N GLY V 222 -19.35 17.92 -20.88
CA GLY V 222 -20.34 17.01 -20.35
C GLY V 222 -20.86 17.44 -19.00
N SER V 223 -20.01 18.06 -18.19
CA SER V 223 -20.39 18.44 -16.84
C SER V 223 -21.27 19.69 -16.79
N SER V 224 -21.50 20.36 -17.91
CA SER V 224 -22.23 21.62 -17.92
C SER V 224 -23.44 21.50 -18.84
N GLY V 225 -24.40 22.39 -18.64
CA GLY V 225 -25.59 22.38 -19.46
C GLY V 225 -26.74 23.09 -18.78
N GLY V 226 -27.93 22.85 -19.31
CA GLY V 226 -29.13 23.40 -18.72
C GLY V 226 -29.37 24.84 -19.07
N LEU V 227 -30.09 25.55 -18.20
CA LEU V 227 -30.39 26.96 -18.38
C LEU V 227 -29.13 27.79 -18.42
N ILE V 228 -29.19 28.92 -19.12
CA ILE V 228 -28.15 29.92 -19.06
C ILE V 228 -28.66 31.07 -18.21
N ARG V 229 -28.03 31.28 -17.06
CA ARG V 229 -28.46 32.31 -16.14
C ARG V 229 -27.46 33.45 -16.15
N THR V 230 -27.92 34.63 -16.55
CA THR V 230 -27.09 35.83 -16.55
C THR V 230 -27.73 36.88 -15.66
N ILE V 231 -26.91 37.79 -15.19
CA ILE V 231 -27.35 38.93 -14.40
C ILE V 231 -26.44 40.11 -14.71
N THR V 232 -27.02 41.28 -14.86
CA THR V 232 -26.28 42.50 -15.14
C THR V 232 -26.34 43.41 -13.91
N LEU V 233 -25.16 43.83 -13.46
CA LEU V 233 -25.02 44.69 -12.29
C LEU V 233 -24.41 46.01 -12.75
N ASP V 234 -25.15 47.09 -12.59
CA ASP V 234 -24.66 48.41 -12.95
C ASP V 234 -25.44 49.44 -12.13
N ALA V 235 -25.33 50.71 -12.52
CA ALA V 235 -25.94 51.80 -11.77
C ALA V 235 -27.44 51.61 -11.55
N ASP V 236 -28.15 51.05 -12.51
CA ASP V 236 -29.58 50.85 -12.40
C ASP V 236 -29.82 49.63 -11.50
N GLU V 237 -31.05 49.15 -11.45
CA GLU V 237 -31.34 47.94 -10.68
C GLU V 237 -30.63 46.75 -11.31
N PRO V 238 -30.14 45.81 -10.49
CA PRO V 238 -29.55 44.59 -11.06
C PRO V 238 -30.62 43.72 -11.70
N GLU V 239 -30.40 43.36 -12.96
CA GLU V 239 -31.42 42.67 -13.73
C GLU V 239 -30.99 41.26 -14.08
N ASP V 240 -31.92 40.32 -14.01
CA ASP V 240 -31.65 38.90 -14.19
C ASP V 240 -32.26 38.40 -15.48
N GLN V 241 -31.80 37.24 -15.92
CA GLN V 241 -32.32 36.64 -17.15
C GLN V 241 -31.89 35.19 -17.19
N THR V 242 -32.81 34.32 -17.64
CA THR V 242 -32.54 32.89 -17.70
C THR V 242 -33.07 32.37 -19.04
N ILE V 243 -32.19 32.15 -20.00
CA ILE V 243 -32.67 31.62 -21.26
C ILE V 243 -32.57 30.10 -21.21
N PRO V 244 -33.61 29.39 -21.61
CA PRO V 244 -33.60 27.93 -21.52
C PRO V 244 -32.64 27.33 -22.53
N TRP V 245 -32.64 25.99 -22.57
CA TRP V 245 -31.83 25.29 -23.55
C TRP V 245 -32.48 25.27 -24.92
N ASN V 246 -33.81 25.23 -24.99
CA ASN V 246 -34.48 25.21 -26.28
C ASN V 246 -34.55 26.59 -26.93
N ARG V 247 -33.78 27.56 -26.45
CA ARG V 247 -33.64 28.86 -27.09
C ARG V 247 -32.20 29.35 -27.09
N SER V 248 -31.25 28.46 -26.82
CA SER V 248 -29.87 28.87 -26.64
C SER V 248 -29.29 29.40 -27.94
N PRO V 249 -28.36 30.36 -27.87
CA PRO V 249 -27.78 30.91 -29.09
C PRO V 249 -26.80 29.98 -29.78
N TYR V 250 -26.65 28.75 -29.32
CA TYR V 250 -25.85 27.75 -30.02
C TYR V 250 -26.11 26.36 -29.44
N CYS V 251 -26.05 25.34 -30.29
CA CYS V 251 -26.18 23.95 -29.85
C CYS V 251 -25.76 23.03 -30.98
N MET V 252 -25.00 22.00 -30.63
CA MET V 252 -24.38 21.14 -31.62
C MET V 252 -25.39 20.26 -32.35
N GLU V 253 -26.66 20.30 -31.98
CA GLU V 253 -27.66 19.58 -32.76
C GLU V 253 -28.20 20.43 -33.90
N LYS V 254 -28.29 21.74 -33.72
CA LYS V 254 -28.79 22.65 -34.76
C LYS V 254 -27.66 23.32 -35.52
N ASP V 255 -26.43 22.85 -35.37
CA ASP V 255 -25.30 23.39 -36.11
C ASP V 255 -25.16 22.64 -37.41
N PRO V 256 -25.39 23.27 -38.57
CA PRO V 256 -25.52 22.51 -39.82
C PRO V 256 -24.25 21.82 -40.28
N LYS V 257 -23.11 22.03 -39.65
CA LYS V 257 -21.91 21.28 -40.00
C LYS V 257 -21.86 19.93 -39.32
N TYR V 258 -22.73 19.68 -38.35
CA TYR V 258 -22.84 18.38 -37.68
C TYR V 258 -24.15 17.69 -38.06
N VAL V 259 -24.62 17.92 -39.28
CA VAL V 259 -25.83 17.26 -39.74
C VAL V 259 -25.52 16.00 -40.53
N THR V 260 -24.55 16.06 -41.44
CA THR V 260 -24.14 14.89 -42.22
C THR V 260 -23.25 14.00 -41.39
N GLN V 261 -23.56 12.71 -41.39
CA GLN V 261 -22.95 11.78 -40.45
C GLN V 261 -21.66 11.19 -40.98
N ALA V 262 -20.85 10.67 -40.06
CA ALA V 262 -19.60 10.02 -40.45
C ALA V 262 -19.88 8.70 -41.14
N THR V 263 -19.22 8.48 -42.27
CA THR V 263 -19.40 7.26 -43.04
C THR V 263 -18.65 6.12 -42.36
N GLN V 264 -19.32 5.48 -41.39
CA GLN V 264 -18.72 4.43 -40.59
C GLN V 264 -19.15 3.03 -40.98
N ASN V 265 -20.44 2.81 -41.23
CA ASN V 265 -20.98 1.50 -41.53
C ASN V 265 -21.03 1.34 -43.05
N GLN V 266 -19.89 1.01 -43.61
CA GLN V 266 -19.83 0.80 -45.05
C GLN V 266 -20.60 -0.45 -45.44
N PRO V 267 -21.43 -0.35 -46.48
CA PRO V 267 -22.06 -1.56 -47.02
C PRO V 267 -20.99 -2.50 -47.58
N PHE V 268 -21.25 -3.79 -47.44
CA PHE V 268 -20.35 -4.77 -48.04
C PHE V 268 -20.40 -4.63 -49.55
N SER V 269 -19.36 -4.06 -50.13
CA SER V 269 -19.39 -3.65 -51.52
C SER V 269 -18.22 -4.28 -52.27
N SER V 270 -18.18 -4.00 -53.58
CA SER V 270 -17.19 -4.56 -54.47
C SER V 270 -16.08 -3.58 -54.84
N SER V 271 -16.31 -2.29 -54.68
CA SER V 271 -15.31 -1.28 -55.01
C SER V 271 -14.85 -0.60 -53.74
N ALA V 272 -13.76 0.16 -53.86
CA ALA V 272 -13.22 0.90 -52.72
C ALA V 272 -13.74 2.32 -52.66
N LYS V 273 -14.82 2.64 -53.37
CA LYS V 273 -15.42 3.96 -53.28
C LYS V 273 -16.29 4.05 -52.03
N ILE V 274 -16.05 5.06 -51.21
CA ILE V 274 -16.87 5.31 -50.03
C ILE V 274 -18.12 6.05 -50.44
N THR V 275 -19.28 5.58 -49.96
CA THR V 275 -20.56 6.11 -50.42
C THR V 275 -21.55 6.27 -49.27
N GLY V 276 -21.07 6.47 -48.05
CA GLY V 276 -21.96 6.68 -46.93
C GLY V 276 -22.31 5.39 -46.23
N ASN V 277 -23.13 5.52 -45.18
CA ASN V 277 -23.45 4.39 -44.31
C ASN V 277 -24.42 3.43 -44.97
N ARG V 278 -24.66 2.32 -44.28
CA ARG V 278 -25.70 1.38 -44.65
C ARG V 278 -26.90 1.62 -43.75
N MET V 279 -27.98 2.14 -44.33
CA MET V 279 -29.13 2.61 -43.55
C MET V 279 -30.34 1.70 -43.61
N SER V 280 -30.21 0.49 -44.14
CA SER V 280 -31.31 -0.46 -44.17
C SER V 280 -30.79 -1.84 -44.51
N SER V 281 -31.61 -2.86 -44.23
CA SER V 281 -31.19 -4.24 -44.48
C SER V 281 -31.22 -4.55 -45.96
N THR V 282 -32.25 -4.07 -46.67
CA THR V 282 -32.32 -4.27 -48.11
C THR V 282 -31.15 -3.61 -48.81
N GLY V 283 -30.72 -2.46 -48.32
CA GLY V 283 -29.58 -1.76 -48.89
C GLY V 283 -28.32 -1.87 -48.06
N THR W 30 -34.16 2.91 0.27
CA THR W 30 -34.98 4.06 0.59
C THR W 30 -35.22 4.89 -0.66
N THR W 31 -36.46 5.34 -0.84
CA THR W 31 -36.85 6.17 -1.97
C THR W 31 -37.86 7.20 -1.49
N ILE W 32 -37.45 8.46 -1.45
CA ILE W 32 -38.30 9.54 -0.98
C ILE W 32 -38.48 10.53 -2.12
N VAL W 33 -39.72 10.95 -2.35
CA VAL W 33 -40.03 11.91 -3.39
C VAL W 33 -40.86 13.03 -2.80
N GLY W 34 -40.76 14.20 -3.39
CA GLY W 34 -41.55 15.34 -2.97
C GLY W 34 -41.93 16.16 -4.18
N VAL W 35 -43.21 16.53 -4.23
CA VAL W 35 -43.80 17.23 -5.36
C VAL W 35 -44.55 18.44 -4.84
N VAL W 36 -44.22 19.61 -5.37
CA VAL W 36 -44.95 20.84 -5.05
C VAL W 36 -46.15 20.93 -5.97
N TYR W 37 -47.35 20.96 -5.39
CA TYR W 37 -48.56 21.03 -6.18
C TYR W 37 -49.22 22.39 -5.98
N ARG W 38 -50.44 22.53 -6.49
CA ARG W 38 -51.13 23.81 -6.55
C ARG W 38 -51.03 24.62 -5.27
N ASP W 39 -51.35 24.01 -4.13
CA ASP W 39 -51.32 24.69 -2.84
C ASP W 39 -50.87 23.70 -1.77
N GLY W 40 -49.58 23.68 -1.49
CA GLY W 40 -49.03 22.77 -0.52
C GLY W 40 -47.96 21.91 -1.16
N VAL W 41 -47.64 20.80 -0.50
CA VAL W 41 -46.67 19.85 -1.01
C VAL W 41 -47.15 18.44 -0.72
N VAL W 42 -46.62 17.48 -1.46
CA VAL W 42 -46.93 16.07 -1.28
C VAL W 42 -45.64 15.30 -1.19
N LEU W 43 -45.42 14.62 -0.07
CA LEU W 43 -44.22 13.83 0.14
C LEU W 43 -44.59 12.35 0.16
N GLY W 44 -43.68 11.53 -0.32
CA GLY W 44 -43.90 10.11 -0.37
C GLY W 44 -42.62 9.36 -0.10
N ALA W 45 -42.76 8.15 0.40
CA ALA W 45 -41.61 7.32 0.71
C ALA W 45 -42.02 5.85 0.69
N ASP W 46 -41.04 4.97 0.74
CA ASP W 46 -41.26 3.55 0.86
C ASP W 46 -41.40 3.19 2.33
N THR W 47 -41.36 1.90 2.66
CA THR W 47 -41.39 1.49 4.05
C THR W 47 -40.37 0.43 4.40
N ARG W 48 -39.76 -0.24 3.43
CA ARG W 48 -38.83 -1.32 3.71
C ARG W 48 -37.53 -0.75 4.25
N ALA W 49 -37.05 -1.31 5.36
CA ALA W 49 -35.76 -0.94 5.92
C ALA W 49 -34.89 -2.19 5.99
N THR W 50 -33.75 -2.16 5.31
CA THR W 50 -32.85 -3.30 5.21
C THR W 50 -31.62 -3.04 6.06
N GLU W 51 -31.28 -4.00 6.92
CA GLU W 51 -30.05 -3.95 7.70
C GLU W 51 -29.01 -4.90 7.09
N GLY W 52 -28.30 -4.39 6.09
CA GLY W 52 -27.22 -5.12 5.47
C GLY W 52 -27.67 -6.29 4.64
N SER W 53 -28.37 -6.03 3.54
CA SER W 53 -28.84 -7.00 2.57
C SER W 53 -29.90 -7.94 3.13
N ILE W 54 -30.57 -7.57 4.21
CA ILE W 54 -31.67 -8.37 4.76
C ILE W 54 -32.76 -7.42 5.23
N VAL W 55 -34.00 -7.69 4.85
CA VAL W 55 -35.13 -6.86 5.24
C VAL W 55 -35.35 -7.01 6.74
N ALA W 56 -34.98 -5.98 7.51
CA ALA W 56 -35.19 -6.03 8.95
C ALA W 56 -36.65 -5.79 9.29
N ASP W 57 -37.18 -4.62 8.93
CA ASP W 57 -38.58 -4.31 9.17
C ASP W 57 -39.27 -4.02 7.85
N LYS W 58 -40.55 -4.41 7.77
CA LYS W 58 -41.32 -4.26 6.55
C LYS W 58 -42.23 -3.05 6.56
N ARG W 59 -42.34 -2.35 7.68
CA ARG W 59 -43.25 -1.21 7.73
C ARG W 59 -42.63 -0.07 8.52
N CYS W 60 -41.35 0.20 8.29
CA CYS W 60 -40.74 1.35 8.93
C CYS W 60 -41.31 2.65 8.35
N ARG W 61 -41.27 3.71 9.15
CA ARG W 61 -41.85 5.00 8.80
C ARG W 61 -40.72 5.99 8.62
N LYS W 62 -40.59 6.54 7.41
CA LYS W 62 -39.51 7.45 7.08
C LYS W 62 -39.97 8.88 6.86
N ILE W 63 -41.24 9.19 7.07
CA ILE W 63 -41.72 10.56 7.02
C ILE W 63 -41.84 11.05 8.45
N HIS W 64 -40.80 11.70 8.94
CA HIS W 64 -40.79 12.22 10.29
C HIS W 64 -41.62 13.48 10.39
N TYR W 65 -41.68 14.02 11.60
CA TYR W 65 -42.44 15.22 11.89
C TYR W 65 -41.49 16.30 12.39
N MET W 66 -41.71 17.51 11.93
CA MET W 66 -40.85 18.65 12.25
C MET W 66 -41.61 19.80 12.89
N ALA W 67 -42.82 20.02 12.45
CA ALA W 67 -43.65 21.12 12.91
C ALA W 67 -45.08 20.84 12.49
N PRO W 68 -46.06 21.61 12.96
CA PRO W 68 -47.41 21.39 12.45
C PRO W 68 -47.54 21.56 10.94
N ASN W 69 -46.52 22.10 10.27
CA ASN W 69 -46.59 22.35 8.84
C ASN W 69 -45.28 22.07 8.12
N ILE W 70 -44.42 21.22 8.66
CA ILE W 70 -43.12 20.91 8.07
C ILE W 70 -42.87 19.43 8.26
N MET W 71 -42.78 18.69 7.17
CA MET W 71 -42.42 17.28 7.25
C MET W 71 -41.08 17.05 6.59
N CYS W 72 -40.45 15.92 6.90
CA CYS W 72 -39.06 15.72 6.53
C CYS W 72 -38.84 14.24 6.30
N CYS W 73 -38.79 13.84 5.04
CA CYS W 73 -38.41 12.47 4.72
C CYS W 73 -36.89 12.33 4.78
N GLY W 74 -36.43 11.12 5.08
CA GLY W 74 -35.00 10.91 5.20
C GLY W 74 -34.53 9.62 4.56
N ALA W 75 -33.35 9.65 3.97
CA ALA W 75 -32.76 8.49 3.31
C ALA W 75 -31.32 8.35 3.76
N GLY W 76 -30.80 7.13 3.66
CA GLY W 76 -29.47 6.83 4.13
C GLY W 76 -29.49 6.13 5.46
N THR W 77 -28.45 6.35 6.28
CA THR W 77 -28.40 5.71 7.59
C THR W 77 -29.53 6.20 8.47
N SER W 78 -30.35 5.27 8.95
CA SER W 78 -31.51 5.65 9.75
C SER W 78 -31.10 6.33 11.04
N ALA W 79 -29.94 5.98 11.58
CA ALA W 79 -29.49 6.59 12.84
C ALA W 79 -29.44 8.10 12.71
N ASP W 80 -28.61 8.61 11.79
CA ASP W 80 -28.44 10.04 11.62
C ASP W 80 -29.70 10.72 11.12
N THR W 81 -30.40 10.13 10.18
CA THR W 81 -31.68 10.66 9.73
C THR W 81 -32.65 10.90 10.87
N GLU W 82 -32.72 10.00 11.84
CA GLU W 82 -33.58 10.25 12.99
C GLU W 82 -32.98 11.21 13.98
N ALA W 83 -31.66 11.15 14.20
CA ALA W 83 -31.02 11.99 15.20
C ALA W 83 -31.12 13.46 14.84
N VAL W 84 -30.66 13.84 13.65
CA VAL W 84 -30.65 15.25 13.29
C VAL W 84 -32.08 15.77 13.15
N THR W 85 -32.99 14.96 12.64
CA THR W 85 -34.37 15.40 12.53
C THR W 85 -34.98 15.66 13.89
N ASN W 86 -34.77 14.76 14.86
CA ASN W 86 -35.31 15.01 16.20
C ASN W 86 -34.66 16.23 16.83
N MET W 87 -33.35 16.40 16.63
CA MET W 87 -32.66 17.54 17.20
C MET W 87 -33.27 18.85 16.73
N VAL W 88 -33.32 19.05 15.41
CA VAL W 88 -33.87 20.31 14.91
C VAL W 88 -35.38 20.40 15.09
N SER W 89 -36.08 19.28 15.23
CA SER W 89 -37.50 19.35 15.52
C SER W 89 -37.78 19.82 16.92
N SER W 90 -36.93 19.49 17.88
CA SER W 90 -37.06 20.06 19.20
C SER W 90 -36.64 21.52 19.23
N HIS W 91 -35.60 21.85 18.46
CA HIS W 91 -35.17 23.24 18.41
C HIS W 91 -36.24 24.14 17.84
N LEU W 92 -36.92 23.71 16.77
CA LEU W 92 -37.98 24.52 16.19
C LEU W 92 -39.13 24.71 17.16
N ALA W 93 -39.42 23.68 17.98
CA ALA W 93 -40.51 23.82 18.94
C ALA W 93 -40.15 24.80 20.03
N LEU W 94 -38.94 24.69 20.57
CA LEU W 94 -38.44 25.69 21.50
C LEU W 94 -38.57 27.09 20.91
N HIS W 95 -38.17 27.25 19.65
CA HIS W 95 -38.19 28.55 19.01
C HIS W 95 -39.60 29.09 18.85
N ARG W 96 -40.53 28.28 18.34
CA ARG W 96 -41.87 28.81 18.13
C ARG W 96 -42.62 29.00 19.44
N LEU W 97 -42.18 28.37 20.52
CA LEU W 97 -42.70 28.77 21.82
C LEU W 97 -42.14 30.13 22.21
N GLU W 98 -40.88 30.38 21.89
CA GLU W 98 -40.32 31.71 22.15
C GLU W 98 -41.08 32.79 21.38
N THR W 99 -41.01 32.75 20.05
CA THR W 99 -41.61 33.81 19.24
C THR W 99 -43.13 33.82 19.29
N GLY W 100 -43.76 32.66 19.18
CA GLY W 100 -45.20 32.57 19.15
C GLY W 100 -45.80 32.40 17.78
N LYS W 101 -45.01 32.54 16.72
CA LYS W 101 -45.47 32.39 15.35
C LYS W 101 -45.21 30.96 14.88
N GLN W 102 -45.87 30.59 13.79
CA GLN W 102 -45.54 29.32 13.15
C GLN W 102 -44.12 29.38 12.62
N SER W 103 -43.51 28.21 12.48
CA SER W 103 -42.10 28.15 12.10
C SER W 103 -41.93 28.11 10.59
N ARG W 104 -40.88 28.75 10.10
CA ARG W 104 -40.61 28.86 8.68
C ARG W 104 -39.72 27.73 8.21
N VAL W 105 -39.92 27.28 6.97
CA VAL W 105 -39.14 26.17 6.47
C VAL W 105 -37.70 26.57 6.20
N LEU W 106 -37.43 27.85 5.95
CA LEU W 106 -36.05 28.28 5.78
C LEU W 106 -35.25 28.14 7.07
N GLU W 107 -35.87 28.31 8.23
CA GLU W 107 -35.19 28.07 9.48
C GLU W 107 -34.81 26.61 9.68
N ALA W 108 -35.75 25.70 9.44
CA ALA W 108 -35.41 24.28 9.52
C ALA W 108 -34.33 23.91 8.54
N LEU W 109 -34.43 24.41 7.30
CA LEU W 109 -33.43 24.11 6.29
C LEU W 109 -32.06 24.63 6.68
N THR W 110 -31.99 25.84 7.22
CA THR W 110 -30.71 26.38 7.66
C THR W 110 -30.12 25.59 8.81
N LEU W 111 -30.93 25.25 9.82
CA LEU W 111 -30.42 24.45 10.93
C LEU W 111 -29.89 23.12 10.45
N LEU W 112 -30.66 22.41 9.62
CA LEU W 112 -30.24 21.11 9.11
C LEU W 112 -28.93 21.23 8.33
N LYS W 113 -28.84 22.20 7.43
CA LYS W 113 -27.64 22.29 6.60
C LYS W 113 -26.43 22.71 7.41
N ARG W 114 -26.59 23.57 8.41
CA ARG W 114 -25.47 23.90 9.28
C ARG W 114 -24.96 22.65 9.99
N HIS W 115 -25.86 21.93 10.64
CA HIS W 115 -25.44 20.75 11.39
C HIS W 115 -24.76 19.74 10.47
N LEU W 116 -25.32 19.52 9.28
CA LEU W 116 -24.77 18.51 8.40
C LEU W 116 -23.40 18.92 7.88
N TYR W 117 -23.23 20.20 7.53
CA TYR W 117 -21.94 20.61 6.99
C TYR W 117 -20.87 20.66 8.06
N ARG W 118 -21.27 20.84 9.33
CA ARG W 118 -20.27 20.85 10.39
C ARG W 118 -19.56 19.52 10.56
N TYR W 119 -20.13 18.42 10.06
CA TYR W 119 -19.57 17.08 10.27
C TYR W 119 -18.97 16.48 9.00
N GLN W 120 -18.87 17.25 7.93
CA GLN W 120 -18.23 16.82 6.69
C GLN W 120 -18.84 15.54 6.13
N GLY W 121 -20.15 15.39 6.24
CA GLY W 121 -20.82 14.27 5.63
C GLY W 121 -20.75 12.96 6.38
N HIS W 122 -20.06 12.92 7.52
CA HIS W 122 -20.11 11.71 8.35
C HIS W 122 -21.50 11.46 8.87
N VAL W 123 -22.32 12.50 9.00
CA VAL W 123 -23.71 12.34 9.37
C VAL W 123 -24.47 12.12 8.08
N SER W 124 -24.48 10.86 7.60
CA SER W 124 -24.94 10.58 6.26
C SER W 124 -26.46 10.44 6.19
N ALA W 125 -27.16 11.56 6.08
CA ALA W 125 -28.62 11.56 5.99
C ALA W 125 -29.03 12.53 4.89
N ALA W 126 -29.53 12.00 3.78
CA ALA W 126 -30.04 12.83 2.70
C ALA W 126 -31.51 13.11 2.97
N LEU W 127 -31.86 14.37 3.12
CA LEU W 127 -33.17 14.73 3.62
C LEU W 127 -33.97 15.46 2.56
N VAL W 128 -35.29 15.28 2.61
CA VAL W 128 -36.23 16.01 1.78
C VAL W 128 -37.17 16.74 2.71
N LEU W 129 -37.03 18.06 2.77
CA LEU W 129 -37.71 18.88 3.77
C LEU W 129 -38.76 19.72 3.07
N GLY W 130 -40.01 19.56 3.47
CA GLY W 130 -41.08 20.25 2.78
C GLY W 130 -42.15 20.78 3.69
N GLY W 131 -42.57 22.02 3.47
CA GLY W 131 -43.57 22.64 4.30
C GLY W 131 -44.33 23.70 3.56
N VAL W 132 -45.23 24.37 4.28
CA VAL W 132 -46.04 25.45 3.75
C VAL W 132 -45.89 26.66 4.65
N ASP W 133 -45.70 27.83 4.06
CA ASP W 133 -45.51 29.05 4.82
C ASP W 133 -46.49 30.13 4.39
N VAL W 134 -46.28 31.35 4.86
CA VAL W 134 -46.98 32.49 4.28
C VAL W 134 -46.45 32.79 2.88
N GLU W 135 -45.28 32.27 2.53
CA GLU W 135 -44.69 32.47 1.22
C GLU W 135 -45.08 31.39 0.23
N GLY W 136 -46.06 30.56 0.56
CA GLY W 136 -46.43 29.45 -0.29
C GLY W 136 -45.64 28.21 0.06
N PRO W 137 -45.85 27.13 -0.67
CA PRO W 137 -45.13 25.89 -0.39
C PRO W 137 -43.63 26.05 -0.53
N PHE W 138 -42.90 25.08 0.00
CA PHE W 138 -41.44 25.10 0.01
C PHE W 138 -40.98 23.65 0.07
N LEU W 139 -40.12 23.25 -0.85
CA LEU W 139 -39.64 21.88 -0.90
C LEU W 139 -38.17 21.87 -1.28
N ALA W 140 -37.31 21.47 -0.35
CA ALA W 140 -35.88 21.50 -0.58
C ALA W 140 -35.30 20.15 -0.23
N THR W 141 -34.06 19.94 -0.65
CA THR W 141 -33.35 18.69 -0.43
C THR W 141 -31.93 18.97 0.06
N ILE W 142 -31.52 18.23 1.08
CA ILE W 142 -30.19 18.39 1.66
C ILE W 142 -29.41 17.12 1.37
N ALA W 143 -28.30 17.27 0.65
CA ALA W 143 -27.36 16.19 0.48
C ALA W 143 -26.63 15.95 1.79
N PRO W 144 -26.01 14.77 1.96
CA PRO W 144 -25.32 14.49 3.24
C PRO W 144 -24.16 15.42 3.51
N HIS W 145 -23.62 16.11 2.51
CA HIS W 145 -22.51 17.02 2.70
C HIS W 145 -22.95 18.40 3.16
N GLY W 146 -24.22 18.75 3.01
CA GLY W 146 -24.72 20.04 3.45
C GLY W 146 -25.32 20.89 2.36
N SER W 147 -25.18 20.53 1.10
CA SER W 147 -25.69 21.35 0.01
C SER W 147 -27.20 21.22 -0.10
N THR W 148 -27.85 22.33 -0.41
CA THR W 148 -29.30 22.38 -0.53
C THR W 148 -29.71 22.86 -1.91
N ASP W 149 -30.87 22.39 -2.36
CA ASP W 149 -31.48 22.81 -3.61
C ASP W 149 -32.96 23.00 -3.37
N ARG W 150 -33.54 24.06 -3.90
CA ARG W 150 -34.98 24.28 -3.85
C ARG W 150 -35.55 24.05 -5.24
N LEU W 151 -36.40 23.04 -5.38
CA LEU W 151 -36.89 22.61 -6.67
C LEU W 151 -38.39 22.41 -6.63
N PRO W 152 -39.03 22.32 -7.80
CA PRO W 152 -40.45 21.91 -7.81
C PRO W 152 -40.66 20.49 -7.36
N PHE W 153 -39.77 19.57 -7.71
CA PHE W 153 -39.86 18.19 -7.24
C PHE W 153 -38.46 17.68 -6.97
N VAL W 154 -38.33 16.86 -5.92
CA VAL W 154 -37.03 16.29 -5.56
C VAL W 154 -37.20 14.83 -5.21
N THR W 155 -36.15 14.06 -5.41
CA THR W 155 -36.12 12.65 -5.05
C THR W 155 -34.77 12.30 -4.48
N MET W 156 -34.75 11.55 -3.39
CA MET W 156 -33.50 11.09 -2.81
C MET W 156 -33.62 9.62 -2.45
N GLY W 157 -32.47 8.99 -2.26
CA GLY W 157 -32.39 7.59 -1.91
C GLY W 157 -31.69 6.79 -2.99
N SER W 158 -31.72 5.47 -2.80
CA SER W 158 -31.16 4.56 -3.78
C SER W 158 -31.98 4.51 -5.06
N GLY W 159 -33.29 4.40 -4.96
CA GLY W 159 -34.17 4.47 -6.12
C GLY W 159 -34.58 5.89 -6.39
N SER W 160 -33.64 6.82 -6.30
CA SER W 160 -33.90 8.20 -6.66
C SER W 160 -33.76 8.44 -8.15
N ILE W 161 -33.03 7.58 -8.85
CA ILE W 161 -32.90 7.71 -10.30
C ILE W 161 -34.08 7.10 -11.02
N ALA W 162 -34.62 6.00 -10.50
CA ALA W 162 -35.76 5.37 -11.13
C ALA W 162 -37.06 6.08 -10.82
N ALA W 163 -37.12 6.83 -9.72
CA ALA W 163 -38.34 7.57 -9.38
C ALA W 163 -38.35 8.92 -10.09
N MET W 164 -37.21 9.60 -10.14
CA MET W 164 -37.13 10.87 -10.86
C MET W 164 -37.52 10.69 -12.31
N ALA W 165 -37.11 9.57 -12.92
CA ALA W 165 -37.48 9.29 -14.29
C ALA W 165 -38.97 9.42 -14.50
N GLN W 166 -39.77 9.09 -13.49
CA GLN W 166 -41.21 9.25 -13.66
C GLN W 166 -41.64 10.69 -13.54
N LEU W 167 -41.12 11.42 -12.56
CA LEU W 167 -41.57 12.79 -12.34
C LEU W 167 -41.25 13.67 -13.53
N GLU W 168 -40.09 13.47 -14.15
CA GLU W 168 -39.76 14.24 -15.34
C GLU W 168 -40.75 13.97 -16.46
N ALA W 169 -41.29 12.76 -16.50
CA ALA W 169 -42.18 12.38 -17.59
C ALA W 169 -43.63 12.74 -17.33
N ALA W 170 -43.98 13.17 -16.12
CA ALA W 170 -45.39 13.37 -15.81
C ALA W 170 -45.68 14.61 -14.98
N TYR W 171 -44.71 15.44 -14.66
CA TYR W 171 -44.97 16.61 -13.85
C TYR W 171 -45.41 17.78 -14.72
N LYS W 172 -46.66 18.20 -14.53
CA LYS W 172 -47.15 19.44 -15.12
C LYS W 172 -47.39 20.42 -14.00
N ASP W 173 -47.43 21.70 -14.35
CA ASP W 173 -47.50 22.72 -13.32
C ASP W 173 -48.93 22.86 -12.80
N ASN W 174 -49.04 23.22 -11.53
CA ASN W 174 -50.31 23.50 -10.88
C ASN W 174 -51.24 22.30 -10.92
N MET W 175 -50.73 21.18 -10.43
CA MET W 175 -51.55 19.98 -10.34
C MET W 175 -52.45 20.04 -9.11
N THR W 176 -53.59 19.38 -9.22
CA THR W 176 -54.51 19.28 -8.08
C THR W 176 -54.00 18.23 -7.12
N CYS W 177 -54.59 18.18 -5.93
CA CYS W 177 -54.12 17.25 -4.91
C CYS W 177 -54.22 15.81 -5.38
N GLU W 178 -55.34 15.45 -6.02
CA GLU W 178 -55.49 14.08 -6.49
C GLU W 178 -54.42 13.73 -7.51
N GLU W 179 -54.08 14.67 -8.39
CA GLU W 179 -53.05 14.41 -9.38
C GLU W 179 -51.67 14.31 -8.74
N ALA W 180 -51.39 15.15 -7.75
CA ALA W 180 -50.12 15.04 -7.06
C ALA W 180 -50.00 13.71 -6.33
N LYS W 181 -51.08 13.21 -5.76
CA LYS W 181 -51.00 11.95 -5.04
C LYS W 181 -50.86 10.77 -6.00
N GLU W 182 -51.61 10.76 -7.10
CA GLU W 182 -51.36 9.76 -8.14
C GLU W 182 -49.92 9.80 -8.62
N LEU W 183 -49.37 11.00 -8.82
CA LEU W 183 -48.02 11.11 -9.34
C LEU W 183 -46.98 10.63 -8.33
N VAL W 184 -47.19 10.92 -7.05
CA VAL W 184 -46.24 10.46 -6.05
C VAL W 184 -46.33 8.95 -5.87
N ALA W 185 -47.54 8.41 -5.84
CA ALA W 185 -47.68 6.96 -5.77
C ALA W 185 -47.01 6.27 -6.96
N SER W 186 -47.21 6.80 -8.17
CA SER W 186 -46.57 6.20 -9.33
C SER W 186 -45.06 6.33 -9.28
N ALA W 187 -44.55 7.49 -8.85
CA ALA W 187 -43.11 7.66 -8.76
C ALA W 187 -42.48 6.78 -7.70
N ILE W 188 -43.23 6.41 -6.66
CA ILE W 188 -42.70 5.47 -5.69
C ILE W 188 -42.76 4.05 -6.22
N ARG W 189 -43.86 3.66 -6.87
CA ARG W 189 -43.97 2.30 -7.38
C ARG W 189 -42.92 2.02 -8.44
N LYS W 190 -42.17 3.03 -8.88
CA LYS W 190 -41.07 2.77 -9.80
C LYS W 190 -39.81 2.37 -9.06
N GLY W 191 -39.65 2.85 -7.83
CA GLY W 191 -38.51 2.46 -7.03
C GLY W 191 -38.81 1.18 -6.29
N ILE W 192 -40.09 0.95 -6.02
CA ILE W 192 -40.51 -0.26 -5.31
C ILE W 192 -40.15 -1.50 -6.13
N PHE W 193 -40.46 -1.46 -7.42
CA PHE W 193 -40.34 -2.65 -8.26
C PHE W 193 -38.96 -2.77 -8.89
N ASN W 194 -38.26 -1.66 -9.10
CA ASN W 194 -36.99 -1.69 -9.80
C ASN W 194 -35.79 -1.43 -8.91
N ASP W 195 -35.99 -1.30 -7.62
CA ASP W 195 -34.87 -1.19 -6.72
C ASP W 195 -34.95 -2.26 -5.64
N PRO W 196 -33.83 -2.89 -5.28
CA PRO W 196 -33.87 -3.91 -4.23
C PRO W 196 -33.99 -3.33 -2.83
N TYR W 197 -33.48 -2.14 -2.59
CA TYR W 197 -33.47 -1.58 -1.24
C TYR W 197 -34.69 -0.73 -0.93
N SER W 198 -35.82 -0.98 -1.58
CA SER W 198 -37.03 -0.22 -1.36
C SER W 198 -38.25 -1.08 -1.62
N GLY W 199 -39.36 -0.76 -0.97
CA GLY W 199 -40.62 -1.33 -1.40
C GLY W 199 -41.57 -1.64 -0.27
N THR W 200 -42.55 -2.47 -0.61
CA THR W 200 -43.58 -3.06 0.24
C THR W 200 -44.72 -2.13 0.62
N GLN W 201 -44.63 -0.83 0.34
CA GLN W 201 -45.68 0.13 0.64
C GLN W 201 -45.33 1.52 0.12
N VAL W 202 -46.29 2.42 0.25
CA VAL W 202 -46.16 3.81 -0.18
C VAL W 202 -46.75 4.71 0.91
N ASP W 203 -45.90 5.50 1.54
CA ASP W 203 -46.33 6.52 2.49
C ASP W 203 -46.50 7.84 1.77
N VAL W 204 -47.66 8.46 1.90
CA VAL W 204 -47.96 9.71 1.22
C VAL W 204 -48.57 10.68 2.22
N CYS W 205 -47.86 11.77 2.51
CA CYS W 205 -48.37 12.84 3.35
C CYS W 205 -48.60 14.07 2.50
N VAL W 206 -49.73 14.74 2.72
CA VAL W 206 -50.09 15.96 2.02
C VAL W 206 -50.10 17.10 3.02
N ILE W 207 -49.38 18.17 2.71
CA ILE W 207 -49.34 19.35 3.56
C ILE W 207 -50.00 20.48 2.80
N THR W 208 -50.92 21.18 3.47
CA THR W 208 -51.58 22.36 2.98
C THR W 208 -51.23 23.53 3.90
N LYS W 209 -51.92 24.65 3.74
CA LYS W 209 -51.68 25.77 4.63
C LYS W 209 -52.26 25.50 6.02
N ASP W 210 -53.46 24.96 6.09
CA ASP W 210 -54.07 24.66 7.38
C ASP W 210 -53.63 23.29 7.89
N LYS W 211 -53.99 22.25 7.15
CA LYS W 211 -53.93 20.90 7.67
C LYS W 211 -52.65 20.19 7.22
N THR W 212 -52.51 18.95 7.68
CA THR W 212 -51.45 18.05 7.23
C THR W 212 -51.91 16.63 7.49
N GLU W 213 -52.35 15.94 6.44
CA GLU W 213 -52.93 14.60 6.56
C GLU W 213 -51.92 13.57 6.06
N LEU W 214 -51.60 12.60 6.91
CA LEU W 214 -50.58 11.59 6.63
C LEU W 214 -51.23 10.23 6.51
N THR W 215 -51.48 9.79 5.28
CA THR W 215 -52.02 8.45 5.02
C THR W 215 -50.86 7.47 4.90
N ILE W 216 -50.94 6.38 5.66
CA ILE W 216 -49.80 5.47 5.73
C ILE W 216 -49.83 4.46 4.59
N GLY W 217 -50.96 3.79 4.39
CA GLY W 217 -51.02 2.72 3.42
C GLY W 217 -51.66 3.13 2.11
N TYR W 218 -51.28 4.30 1.61
CA TYR W 218 -51.94 4.86 0.43
C TYR W 218 -52.02 3.86 -0.71
N ASP W 219 -50.98 3.07 -0.89
CA ASP W 219 -50.99 1.99 -1.87
C ASP W 219 -50.08 0.87 -1.39
N LYS W 220 -50.58 -0.36 -1.45
CA LYS W 220 -49.84 -1.56 -1.08
C LYS W 220 -49.90 -2.52 -2.25
N PRO W 221 -48.99 -2.37 -3.23
CA PRO W 221 -49.07 -3.22 -4.42
C PRO W 221 -48.72 -4.68 -4.14
N ASN W 222 -47.61 -4.91 -3.45
CA ASN W 222 -47.16 -6.28 -3.19
C ASN W 222 -48.06 -6.88 -2.13
N GLU W 223 -49.13 -7.55 -2.56
CA GLU W 223 -50.11 -8.06 -1.61
C GLU W 223 -49.72 -9.43 -1.07
N ARG W 224 -50.41 -9.85 -0.02
CA ARG W 224 -50.01 -10.99 0.82
C ARG W 224 -50.47 -12.28 0.16
N MET W 225 -49.58 -12.85 -0.66
CA MET W 225 -49.91 -14.02 -1.47
C MET W 225 -49.41 -15.29 -0.82
N TYR W 226 -49.93 -16.43 -1.29
CA TYR W 226 -49.60 -17.76 -0.77
C TYR W 226 -49.74 -17.81 0.75
N PRO W 227 -50.96 -17.88 1.27
CA PRO W 227 -51.16 -17.76 2.71
C PRO W 227 -50.36 -18.76 3.52
N ARG W 228 -50.08 -18.39 4.77
CA ARG W 228 -49.29 -19.21 5.68
C ARG W 228 -49.94 -20.56 5.91
N GLN W 229 -49.14 -21.56 6.28
CA GLN W 229 -49.66 -22.90 6.57
C GLN W 229 -49.81 -23.19 8.05
N GLU W 230 -49.29 -22.32 8.92
CA GLU W 230 -49.38 -22.43 10.38
C GLU W 230 -49.06 -23.85 10.86
N VAL W 231 -47.78 -24.20 10.69
CA VAL W 231 -47.28 -25.48 11.19
C VAL W 231 -47.64 -25.60 12.66
N LEU W 232 -48.16 -26.76 13.04
CA LEU W 232 -48.72 -26.98 14.37
C LEU W 232 -47.74 -27.78 15.22
N LEU W 233 -47.43 -27.26 16.41
CA LEU W 233 -46.53 -27.89 17.37
C LEU W 233 -47.22 -27.93 18.73
N PRO W 234 -47.81 -29.04 19.13
CA PRO W 234 -48.62 -29.07 20.36
C PRO W 234 -47.75 -28.88 21.59
N PRO W 235 -47.99 -27.80 22.35
CA PRO W 235 -47.05 -27.36 23.39
C PRO W 235 -46.45 -28.45 24.27
N GLY W 236 -45.12 -28.50 24.27
CA GLY W 236 -44.37 -29.47 25.05
C GLY W 236 -43.28 -30.17 24.25
N THR W 237 -43.32 -30.02 22.92
CA THR W 237 -42.40 -30.75 22.06
C THR W 237 -40.95 -30.33 22.23
N THR W 238 -40.71 -29.12 22.75
CA THR W 238 -39.37 -28.62 22.99
C THR W 238 -38.98 -28.90 24.43
N PRO W 239 -38.10 -29.86 24.69
CA PRO W 239 -37.83 -30.26 26.08
C PRO W 239 -37.26 -29.13 26.91
N VAL W 240 -37.63 -29.11 28.18
CA VAL W 240 -37.20 -28.09 29.14
C VAL W 240 -36.54 -28.78 30.32
N LEU W 241 -35.45 -28.20 30.81
CA LEU W 241 -34.74 -28.78 31.94
C LEU W 241 -35.32 -28.34 33.28
N LYS W 242 -35.38 -27.04 33.53
CA LYS W 242 -35.84 -26.56 34.83
C LYS W 242 -36.41 -25.16 34.66
N GLU W 243 -37.50 -24.90 35.36
CA GLU W 243 -38.29 -23.69 35.13
C GLU W 243 -38.62 -23.04 36.46
N GLU W 244 -38.45 -21.71 36.51
CA GLU W 244 -38.87 -20.90 37.63
C GLU W 244 -39.89 -19.88 37.14
N ILE W 245 -41.14 -20.05 37.56
CA ILE W 245 -42.20 -19.11 37.23
C ILE W 245 -42.27 -18.09 38.35
N ARG W 246 -42.50 -16.83 38.00
CA ARG W 246 -42.58 -15.74 38.98
C ARG W 246 -43.88 -14.98 38.80
N GLN W 247 -44.77 -15.13 39.78
CA GLN W 247 -46.02 -14.38 39.80
C GLN W 247 -45.76 -12.96 40.28
N LEU W 248 -46.63 -12.04 39.92
CA LEU W 248 -46.36 -10.62 40.13
C LEU W 248 -47.44 -9.94 40.97
N SER X 2 -15.25 -10.35 12.05
CA SER X 2 -14.97 -8.95 12.32
C SER X 2 -14.76 -8.71 13.80
N ILE X 3 -15.50 -7.74 14.36
CA ILE X 3 -15.45 -7.47 15.79
C ILE X 3 -16.79 -7.75 16.47
N MET X 4 -17.90 -7.67 15.75
CA MET X 4 -19.20 -7.96 16.32
C MET X 4 -19.46 -9.45 16.47
N ALA X 5 -18.78 -10.30 15.72
CA ALA X 5 -18.93 -11.75 15.83
C ALA X 5 -17.84 -12.38 16.68
N TYR X 6 -17.13 -11.56 17.45
CA TYR X 6 -16.06 -12.08 18.30
C TYR X 6 -16.60 -13.03 19.36
N SER X 7 -17.53 -12.56 20.19
CA SER X 7 -17.99 -13.34 21.33
C SER X 7 -19.18 -14.22 21.03
N GLY X 8 -19.69 -14.23 19.81
CA GLY X 8 -20.82 -15.07 19.50
C GLY X 8 -22.08 -14.56 20.16
N GLY X 9 -23.11 -15.40 20.23
CA GLY X 9 -24.31 -15.02 20.94
C GLY X 9 -25.44 -14.65 20.01
N SER X 10 -26.68 -14.94 20.42
CA SER X 10 -27.84 -14.55 19.64
C SER X 10 -29.06 -14.47 20.54
N VAL X 11 -29.87 -13.44 20.30
CA VAL X 11 -31.06 -13.14 21.09
C VAL X 11 -32.22 -12.96 20.12
N MET X 12 -33.42 -13.30 20.57
CA MET X 12 -34.58 -13.21 19.70
C MET X 12 -35.83 -13.04 20.54
N ALA X 13 -36.67 -12.09 20.15
CA ALA X 13 -37.88 -11.78 20.88
C ALA X 13 -39.08 -11.92 19.96
N MET X 14 -40.17 -12.45 20.49
CA MET X 14 -41.40 -12.67 19.77
C MET X 14 -42.55 -12.16 20.59
N ALA X 15 -43.55 -11.59 19.92
CA ALA X 15 -44.71 -11.03 20.57
C ALA X 15 -45.91 -11.95 20.42
N GLY X 16 -46.60 -12.20 21.53
CA GLY X 16 -47.80 -12.99 21.49
C GLY X 16 -49.03 -12.12 21.51
N LYS X 17 -50.11 -12.56 22.16
CA LYS X 17 -51.25 -11.67 22.23
C LYS X 17 -51.08 -10.69 23.38
N GLU X 18 -51.25 -11.17 24.61
CA GLU X 18 -50.91 -10.37 25.80
C GLU X 18 -49.63 -10.87 26.46
N CYS X 19 -48.52 -10.96 25.74
CA CYS X 19 -47.32 -11.54 26.29
C CYS X 19 -46.21 -11.46 25.26
N PHE X 20 -45.02 -11.85 25.66
CA PHE X 20 -43.93 -12.00 24.70
C PHE X 20 -42.84 -12.84 25.32
N VAL X 21 -42.04 -13.46 24.44
CA VAL X 21 -40.96 -14.35 24.87
C VAL X 21 -39.65 -13.84 24.29
N ILE X 22 -38.64 -13.74 25.13
CA ILE X 22 -37.31 -13.36 24.70
C ILE X 22 -36.35 -14.47 25.08
N ILE X 23 -35.56 -14.95 24.11
CA ILE X 23 -34.74 -16.13 24.30
C ILE X 23 -33.34 -15.84 23.80
N SER X 24 -32.34 -16.38 24.48
CA SER X 24 -30.96 -16.16 24.10
C SER X 24 -30.20 -17.47 24.18
N ASP X 25 -29.05 -17.51 23.50
CA ASP X 25 -28.20 -18.68 23.58
C ASP X 25 -27.36 -18.62 24.86
N ASN X 26 -26.35 -19.48 24.97
CA ASN X 26 -25.57 -19.58 26.19
C ASN X 26 -24.07 -19.43 25.97
N ARG X 27 -23.58 -19.48 24.74
CA ARG X 27 -22.16 -19.64 24.48
C ARG X 27 -21.42 -18.33 24.66
N LEU X 28 -20.25 -18.41 25.29
CA LEU X 28 -19.30 -17.31 25.34
C LEU X 28 -17.93 -17.86 24.96
N GLY X 29 -17.36 -17.31 23.89
CA GLY X 29 -16.07 -17.79 23.43
C GLY X 29 -15.19 -16.66 22.98
N GLU X 30 -14.08 -17.01 22.36
CA GLU X 30 -13.16 -16.05 21.77
C GLU X 30 -12.97 -16.47 20.32
N GLN X 31 -13.96 -16.13 19.50
CA GLN X 31 -13.93 -16.16 18.05
C GLN X 31 -13.89 -17.57 17.46
N LEU X 32 -13.47 -18.56 18.25
CA LEU X 32 -13.74 -19.96 17.92
C LEU X 32 -13.92 -20.84 19.14
N LYS X 33 -13.31 -20.47 20.27
CA LYS X 33 -13.08 -21.39 21.37
C LYS X 33 -13.93 -21.02 22.56
N THR X 34 -14.83 -21.92 22.94
CA THR X 34 -15.77 -21.66 24.01
C THR X 34 -15.03 -21.36 25.31
N ILE X 35 -15.15 -20.13 25.79
CA ILE X 35 -14.65 -19.79 27.12
C ILE X 35 -15.53 -20.39 28.19
N SER X 36 -16.83 -20.18 28.09
CA SER X 36 -17.80 -20.76 29.00
C SER X 36 -19.08 -21.06 28.25
N THR X 37 -19.83 -22.01 28.80
CA THR X 37 -21.05 -22.48 28.19
C THR X 37 -22.31 -22.18 28.99
N GLU X 38 -22.23 -21.31 29.99
CA GLU X 38 -23.37 -21.07 30.86
C GLU X 38 -23.53 -19.58 31.13
N VAL X 39 -23.51 -18.77 30.08
CA VAL X 39 -23.79 -17.35 30.24
C VAL X 39 -24.98 -16.94 29.38
N PRO X 40 -26.11 -16.62 30.00
CA PRO X 40 -27.23 -16.05 29.24
C PRO X 40 -26.99 -14.59 28.91
N LYS X 41 -27.85 -14.06 28.06
CA LYS X 41 -27.72 -12.71 27.52
C LYS X 41 -28.80 -11.77 28.05
N LEU X 42 -29.67 -12.26 28.92
CA LEU X 42 -30.87 -11.53 29.29
C LEU X 42 -30.64 -10.71 30.56
N HIS X 43 -31.31 -9.57 30.61
CA HIS X 43 -31.30 -8.70 31.78
C HIS X 43 -32.71 -8.20 32.00
N VAL X 44 -33.20 -8.32 33.22
CA VAL X 44 -34.55 -7.87 33.56
C VAL X 44 -34.42 -6.59 34.36
N VAL X 45 -35.14 -5.55 33.93
CA VAL X 45 -35.09 -4.29 34.66
C VAL X 45 -36.30 -4.11 35.57
N ASN X 46 -37.48 -4.54 35.15
CA ASN X 46 -38.62 -4.61 36.06
C ASN X 46 -39.61 -5.62 35.51
N ASP X 47 -40.76 -5.75 36.17
CA ASP X 47 -41.70 -6.83 35.91
C ASP X 47 -42.39 -6.74 34.56
N SER X 48 -42.02 -5.77 33.72
CA SER X 48 -42.63 -5.64 32.41
C SER X 48 -41.64 -5.38 31.28
N ILE X 49 -40.37 -5.12 31.58
CA ILE X 49 -39.34 -4.93 30.57
C ILE X 49 -38.31 -6.03 30.74
N VAL X 50 -37.69 -6.43 29.64
CA VAL X 50 -36.50 -7.28 29.67
C VAL X 50 -35.77 -7.09 28.36
N TYR X 51 -34.46 -6.89 28.43
CA TYR X 51 -33.67 -6.67 27.24
C TYR X 51 -32.45 -7.58 27.26
N GLY X 52 -31.91 -7.81 26.09
CA GLY X 52 -30.74 -8.65 25.93
C GLY X 52 -29.77 -8.01 24.96
N LEU X 53 -28.51 -7.97 25.35
CA LEU X 53 -27.48 -7.32 24.55
C LEU X 53 -26.77 -8.36 23.70
N THR X 54 -26.04 -7.90 22.70
CA THR X 54 -25.26 -8.78 21.85
C THR X 54 -24.20 -7.99 21.12
N GLY X 55 -22.99 -8.55 21.06
CA GLY X 55 -21.87 -7.94 20.39
C GLY X 55 -20.59 -8.40 21.04
N LEU X 56 -19.63 -7.50 21.12
CA LEU X 56 -18.46 -7.77 21.93
C LEU X 56 -18.90 -7.96 23.38
N ARG X 57 -18.23 -8.85 24.10
CA ARG X 57 -18.69 -9.16 25.44
C ARG X 57 -18.31 -8.08 26.44
N THR X 58 -17.12 -7.49 26.31
CA THR X 58 -16.74 -6.40 27.19
C THR X 58 -17.69 -5.22 27.04
N ASP X 59 -18.12 -4.94 25.81
CA ASP X 59 -19.06 -3.85 25.60
C ASP X 59 -20.47 -4.24 26.02
N GLN X 60 -20.85 -5.51 25.90
CA GLN X 60 -22.08 -5.96 26.52
C GLN X 60 -22.09 -5.65 28.01
N GLN X 61 -21.02 -5.99 28.72
CA GLN X 61 -21.02 -5.75 30.16
C GLN X 61 -20.96 -4.27 30.51
N THR X 62 -20.13 -3.50 29.80
CA THR X 62 -20.07 -2.06 30.06
C THR X 62 -21.43 -1.41 29.82
N PHE X 63 -22.06 -1.73 28.70
CA PHE X 63 -23.35 -1.13 28.41
C PHE X 63 -24.41 -1.59 29.39
N ALA X 64 -24.36 -2.84 29.85
CA ALA X 64 -25.34 -3.27 30.84
C ALA X 64 -25.16 -2.54 32.15
N ASN X 65 -23.91 -2.28 32.56
CA ASN X 65 -23.70 -1.48 33.76
C ASN X 65 -24.24 -0.07 33.58
N LYS X 66 -23.98 0.55 32.43
CA LYS X 66 -24.48 1.90 32.21
C LYS X 66 -26.00 1.94 32.22
N VAL X 67 -26.64 0.98 31.56
CA VAL X 67 -28.09 0.94 31.53
C VAL X 67 -28.67 0.70 32.92
N GLN X 68 -28.02 -0.12 33.75
CA GLN X 68 -28.54 -0.33 35.09
C GLN X 68 -28.37 0.90 35.96
N PHE X 69 -27.19 1.53 35.92
CA PHE X 69 -26.98 2.84 36.53
C PHE X 69 -28.11 3.78 36.18
N ARG X 70 -28.41 3.91 34.88
CA ARG X 70 -29.38 4.89 34.43
C ARG X 70 -30.80 4.52 34.84
N THR X 71 -31.14 3.24 34.81
CA THR X 71 -32.48 2.84 35.22
C THR X 71 -32.70 3.06 36.70
N GLU X 72 -31.74 2.67 37.54
CA GLU X 72 -31.89 2.93 38.97
C GLU X 72 -31.93 4.42 39.25
N MET X 73 -31.16 5.22 38.52
CA MET X 73 -31.24 6.67 38.67
C MET X 73 -32.60 7.20 38.29
N TYR X 74 -33.20 6.65 37.25
CA TYR X 74 -34.52 7.10 36.82
C TYR X 74 -35.57 6.77 37.87
N LYS X 75 -35.55 5.54 38.40
CA LYS X 75 -36.55 5.18 39.38
C LYS X 75 -36.42 5.97 40.67
N LEU X 76 -35.26 6.58 40.92
CA LEU X 76 -35.09 7.39 42.11
C LEU X 76 -35.62 8.81 41.88
N ARG X 77 -35.12 9.49 40.85
CA ARG X 77 -35.57 10.84 40.55
C ARG X 77 -37.07 10.85 40.30
N GLU X 78 -37.54 10.04 39.37
CA GLU X 78 -38.96 9.91 39.10
C GLU X 78 -39.48 8.69 39.83
N GLU X 79 -40.44 8.90 40.72
CA GLU X 79 -40.90 7.78 41.52
C GLU X 79 -41.82 6.88 40.71
N ARG X 80 -41.26 6.13 39.76
CA ARG X 80 -42.06 5.20 38.98
C ARG X 80 -41.21 4.28 38.12
N ASP X 81 -41.78 3.15 37.71
CA ASP X 81 -41.10 2.20 36.85
C ASP X 81 -40.98 2.75 35.44
N ILE X 82 -39.75 2.77 34.92
CA ILE X 82 -39.51 3.24 33.57
C ILE X 82 -40.22 2.32 32.58
N THR X 83 -41.03 2.92 31.71
CA THR X 83 -41.80 2.16 30.74
C THR X 83 -40.92 1.66 29.61
N GLY X 84 -41.53 0.93 28.68
CA GLY X 84 -40.76 0.34 27.61
C GLY X 84 -40.24 1.36 26.62
N LYS X 85 -41.13 2.20 26.09
CA LYS X 85 -40.74 3.14 25.04
C LYS X 85 -39.70 4.13 25.54
N ALA X 86 -39.88 4.64 26.75
CA ALA X 86 -38.89 5.53 27.33
C ALA X 86 -37.55 4.84 27.50
N PHE X 87 -37.57 3.55 27.85
CA PHE X 87 -36.32 2.81 27.98
C PHE X 87 -35.62 2.66 26.64
N ALA X 88 -36.37 2.31 25.60
CA ALA X 88 -35.77 2.14 24.28
C ALA X 88 -35.21 3.46 23.76
N ALA X 89 -35.96 4.56 23.90
CA ALA X 89 -35.44 5.85 23.47
C ALA X 89 -34.22 6.26 24.29
N MET X 90 -34.21 5.92 25.58
CA MET X 90 -33.06 6.24 26.41
C MET X 90 -31.82 5.53 25.92
N ILE X 91 -31.89 4.22 25.69
CA ILE X 91 -30.69 3.53 25.24
C ILE X 91 -30.34 3.91 23.82
N THR X 92 -31.31 4.34 23.00
CA THR X 92 -30.97 4.87 21.69
C THR X 92 -30.13 6.13 21.78
N SER X 93 -30.52 7.06 22.65
CA SER X 93 -29.70 8.25 22.85
C SER X 93 -28.33 7.88 23.41
N MET X 94 -28.29 6.95 24.37
CA MET X 94 -27.01 6.50 24.92
C MET X 94 -26.10 5.96 23.83
N LEU X 95 -26.66 5.19 22.90
CA LEU X 95 -25.83 4.61 21.85
C LEU X 95 -25.36 5.67 20.86
N TYR X 96 -26.23 6.63 20.52
CA TYR X 96 -25.84 7.60 19.52
C TYR X 96 -24.88 8.64 20.07
N GLU X 97 -24.84 8.81 21.40
CA GLU X 97 -23.87 9.75 21.96
C GLU X 97 -22.47 9.46 21.46
N ALA X 98 -21.92 8.28 21.78
CA ALA X 98 -20.66 7.85 21.22
C ALA X 98 -20.90 7.26 19.84
N ARG X 99 -21.03 8.16 18.87
CA ARG X 99 -21.32 7.77 17.50
C ARG X 99 -20.08 7.47 16.69
N PHE X 100 -18.96 8.09 17.02
CA PHE X 100 -17.69 7.79 16.37
C PHE X 100 -16.73 7.04 17.27
N GLY X 101 -17.12 6.76 18.51
CA GLY X 101 -16.43 5.84 19.39
C GLY X 101 -17.32 4.68 19.74
N PRO X 102 -17.98 4.11 18.74
CA PRO X 102 -19.24 3.40 18.97
C PRO X 102 -19.08 2.22 19.92
N TRP X 103 -20.13 1.99 20.70
CA TRP X 103 -20.27 0.72 21.38
C TRP X 103 -20.49 -0.37 20.36
N PHE X 104 -20.04 -1.58 20.69
CA PHE X 104 -20.22 -2.73 19.81
C PHE X 104 -21.32 -3.64 20.33
N VAL X 105 -22.40 -3.07 20.84
CA VAL X 105 -23.56 -3.84 21.25
C VAL X 105 -24.65 -3.66 20.22
N GLU X 106 -25.68 -4.49 20.33
CA GLU X 106 -26.86 -4.41 19.47
C GLU X 106 -28.05 -4.88 20.29
N PRO X 107 -28.59 -4.02 21.15
CA PRO X 107 -29.56 -4.47 22.14
C PRO X 107 -30.88 -4.90 21.52
N VAL X 108 -31.64 -5.64 22.30
CA VAL X 108 -32.93 -6.19 21.90
C VAL X 108 -33.86 -6.05 23.08
N ILE X 109 -34.82 -5.15 22.99
CA ILE X 109 -35.69 -4.79 24.09
C ILE X 109 -37.06 -5.40 23.85
N GLY X 110 -37.65 -5.97 24.90
CA GLY X 110 -39.05 -6.36 24.85
C GLY X 110 -39.73 -5.85 26.08
N SER X 111 -40.98 -5.43 25.93
CA SER X 111 -41.70 -4.84 27.05
C SER X 111 -43.19 -5.00 26.85
N ILE X 112 -43.94 -4.82 27.93
CA ILE X 112 -45.39 -4.94 27.90
C ILE X 112 -45.97 -3.94 28.88
N ASP X 113 -47.14 -3.40 28.53
CA ASP X 113 -47.85 -2.52 29.45
C ASP X 113 -48.61 -3.35 30.48
N LYS X 114 -48.41 -3.03 31.76
CA LYS X 114 -48.92 -3.87 32.83
C LYS X 114 -50.44 -3.99 32.78
N SER X 115 -51.14 -2.86 32.78
CA SER X 115 -52.60 -2.87 32.76
C SER X 115 -53.16 -2.75 31.35
N THR X 116 -52.48 -2.04 30.45
CA THR X 116 -53.02 -1.82 29.12
C THR X 116 -52.97 -3.09 28.29
N GLY X 117 -51.89 -3.84 28.38
CA GLY X 117 -51.74 -5.07 27.64
C GLY X 117 -51.03 -4.97 26.31
N GLU X 118 -50.39 -3.85 26.02
CA GLU X 118 -49.74 -3.68 24.73
C GLU X 118 -48.28 -4.11 24.81
N VAL X 119 -47.88 -4.93 23.85
CA VAL X 119 -46.52 -5.44 23.75
C VAL X 119 -45.73 -4.46 22.88
N TYR X 120 -44.41 -4.43 23.08
CA TYR X 120 -43.54 -3.48 22.41
C TYR X 120 -42.16 -4.09 22.28
N LEU X 121 -41.72 -4.30 21.05
CA LEU X 121 -40.40 -4.85 20.77
C LEU X 121 -39.55 -3.80 20.09
N CYS X 122 -38.23 -3.91 20.26
CA CYS X 122 -37.33 -2.97 19.61
C CYS X 122 -35.97 -3.61 19.49
N ALA X 123 -35.20 -3.20 18.48
CA ALA X 123 -33.88 -3.76 18.25
C ALA X 123 -33.04 -2.74 17.51
N THR X 124 -32.20 -2.01 18.25
CA THR X 124 -31.42 -0.94 17.64
C THR X 124 -30.18 -1.52 16.96
N ASP X 125 -29.62 -0.74 16.05
CA ASP X 125 -28.33 -1.04 15.45
C ASP X 125 -27.25 -0.65 16.46
N LEU X 126 -25.98 -0.79 16.10
CA LEU X 126 -24.94 -0.43 17.04
C LEU X 126 -24.71 1.07 17.09
N ILE X 127 -25.28 1.84 16.17
CA ILE X 127 -25.14 3.29 16.16
C ILE X 127 -26.46 3.98 16.46
N GLY X 128 -27.46 3.24 16.94
CA GLY X 128 -28.64 3.84 17.53
C GLY X 128 -29.90 3.79 16.69
N ALA X 129 -29.85 3.26 15.48
CA ALA X 129 -31.03 3.23 14.63
C ALA X 129 -32.13 2.33 15.19
N PRO X 130 -33.23 2.89 15.68
CA PRO X 130 -34.28 2.05 16.28
C PRO X 130 -35.21 1.46 15.23
N CYS X 131 -35.67 0.25 15.52
CA CYS X 131 -36.41 -0.53 14.52
C CYS X 131 -37.44 -1.38 15.27
N GLU X 132 -38.67 -0.88 15.35
CA GLU X 132 -39.71 -1.51 16.16
C GLU X 132 -40.73 -2.21 15.27
N PRO X 133 -40.65 -3.52 15.11
CA PRO X 133 -41.70 -4.24 14.38
C PRO X 133 -42.83 -4.69 15.28
N GLU X 134 -43.80 -5.40 14.71
CA GLU X 134 -44.98 -5.84 15.42
C GLU X 134 -44.98 -7.33 15.71
N ASP X 135 -44.04 -8.08 15.16
CA ASP X 135 -44.03 -9.54 15.26
C ASP X 135 -42.84 -10.04 16.08
N TYR X 136 -41.62 -9.73 15.67
CA TYR X 136 -40.45 -10.29 16.33
C TYR X 136 -39.22 -9.54 15.91
N VAL X 137 -38.20 -9.62 16.75
CA VAL X 137 -36.88 -9.08 16.46
C VAL X 137 -35.86 -10.17 16.75
N CYS X 138 -34.65 -9.98 16.22
CA CYS X 138 -33.58 -10.94 16.46
C CYS X 138 -32.26 -10.25 16.18
N ALA X 139 -31.23 -10.59 16.94
CA ALA X 139 -29.91 -10.04 16.73
C ALA X 139 -28.85 -11.08 17.11
N GLY X 140 -27.66 -10.89 16.57
CA GLY X 140 -26.54 -11.74 16.89
C GLY X 140 -25.95 -12.39 15.67
N THR X 141 -25.09 -13.38 15.91
CA THR X 141 -24.47 -14.11 14.82
C THR X 141 -25.47 -14.88 13.99
N ALA X 142 -26.55 -15.34 14.62
CA ALA X 142 -27.58 -16.13 13.95
C ALA X 142 -28.76 -15.28 13.52
N ALA X 143 -28.49 -14.06 13.06
CA ALA X 143 -29.59 -13.16 12.69
C ALA X 143 -30.38 -13.71 11.51
N GLU X 144 -29.70 -13.99 10.40
CA GLU X 144 -30.40 -14.38 9.18
C GLU X 144 -31.17 -15.68 9.39
N SER X 145 -30.55 -16.66 10.05
CA SER X 145 -31.22 -17.93 10.27
C SER X 145 -32.44 -17.76 11.16
N LEU X 146 -32.34 -16.94 12.19
CA LEU X 146 -33.49 -16.67 13.04
C LEU X 146 -34.60 -15.98 12.28
N HIS X 147 -34.25 -14.98 11.47
CA HIS X 147 -35.24 -14.35 10.60
C HIS X 147 -35.97 -15.39 9.76
N GLY X 148 -35.21 -16.29 9.15
CA GLY X 148 -35.83 -17.28 8.28
C GLY X 148 -36.78 -18.19 9.03
N MET X 149 -36.35 -18.69 10.19
CA MET X 149 -37.23 -19.56 10.98
C MET X 149 -38.46 -18.83 11.45
N CYS X 150 -38.32 -17.57 11.87
CA CYS X 150 -39.44 -16.86 12.47
C CYS X 150 -40.46 -16.44 11.44
N GLU X 151 -40.00 -15.89 10.30
CA GLU X 151 -40.93 -15.48 9.26
C GLU X 151 -41.76 -16.63 8.74
N ALA X 152 -41.40 -17.86 9.07
CA ALA X 152 -42.18 -19.03 8.69
C ALA X 152 -42.99 -19.61 9.83
N LEU X 153 -42.48 -19.52 11.07
CA LEU X 153 -43.14 -20.14 12.21
C LEU X 153 -44.12 -19.24 12.94
N TRP X 154 -43.93 -17.93 12.91
CA TRP X 154 -44.72 -17.01 13.71
C TRP X 154 -46.02 -16.66 13.01
N ARG X 155 -47.09 -16.49 13.80
CA ARG X 155 -48.36 -16.05 13.25
C ARG X 155 -49.03 -15.12 14.26
N PRO X 156 -49.92 -14.22 13.82
CA PRO X 156 -50.31 -13.07 14.66
C PRO X 156 -50.67 -13.35 16.11
N GLY X 157 -51.66 -14.19 16.37
CA GLY X 157 -52.29 -14.21 17.67
C GLY X 157 -51.88 -15.32 18.60
N MET X 158 -50.60 -15.64 18.68
CA MET X 158 -50.17 -16.79 19.43
C MET X 158 -50.35 -16.57 20.93
N SER X 159 -50.61 -17.67 21.63
CA SER X 159 -50.79 -17.66 23.08
C SER X 159 -49.44 -18.01 23.72
N PRO X 160 -49.31 -17.82 25.04
CA PRO X 160 -47.99 -18.03 25.66
C PRO X 160 -47.45 -19.44 25.52
N GLU X 161 -48.21 -20.45 25.95
CA GLU X 161 -47.71 -21.81 25.93
C GLU X 161 -47.44 -22.28 24.50
N GLU X 162 -48.05 -21.63 23.52
CA GLU X 162 -47.72 -21.92 22.13
C GLU X 162 -46.58 -21.07 21.60
N LEU X 163 -46.49 -19.81 22.03
CA LEU X 163 -45.42 -18.95 21.58
C LEU X 163 -44.07 -19.45 22.06
N PHE X 164 -44.01 -20.03 23.25
CA PHE X 164 -42.76 -20.58 23.75
C PHE X 164 -42.26 -21.69 22.85
N GLU X 165 -43.18 -22.48 22.30
CA GLU X 165 -42.80 -23.57 21.40
C GLU X 165 -42.08 -23.03 20.17
N ILE X 166 -42.71 -22.07 19.48
CA ILE X 166 -42.12 -21.49 18.28
C ILE X 166 -40.80 -20.83 18.61
N ALA X 167 -40.71 -20.14 19.74
CA ALA X 167 -39.48 -19.47 20.10
C ALA X 167 -38.35 -20.47 20.30
N ALA X 168 -38.62 -21.53 21.06
CA ALA X 168 -37.60 -22.54 21.32
C ALA X 168 -37.16 -23.21 20.03
N GLN X 169 -38.12 -23.61 19.19
CA GLN X 169 -37.79 -24.29 17.94
C GLN X 169 -36.97 -23.40 17.02
N ALA X 170 -37.36 -22.14 16.88
CA ALA X 170 -36.58 -21.23 16.05
C ALA X 170 -35.17 -21.07 16.56
N MET X 171 -34.99 -20.84 17.86
CA MET X 171 -33.64 -20.64 18.37
C MET X 171 -32.79 -21.88 18.18
N LEU X 172 -33.35 -23.07 18.45
CA LEU X 172 -32.55 -24.27 18.30
C LEU X 172 -32.17 -24.51 16.84
N SER X 173 -33.15 -24.49 15.94
CA SER X 173 -32.86 -24.76 14.54
C SER X 173 -31.96 -23.70 13.94
N ALA X 174 -31.96 -22.49 14.49
CA ALA X 174 -31.10 -21.44 13.95
C ALA X 174 -29.68 -21.52 14.49
N CYS X 175 -29.51 -21.88 15.76
CA CYS X 175 -28.17 -22.07 16.31
C CYS X 175 -27.51 -23.36 15.84
N ASP X 176 -28.29 -24.31 15.35
CA ASP X 176 -27.72 -25.52 14.79
C ASP X 176 -26.89 -25.24 13.54
N ARG X 177 -27.30 -24.28 12.72
CA ARG X 177 -26.55 -23.92 11.51
C ARG X 177 -25.55 -22.81 11.76
N ASP X 178 -25.13 -22.58 12.98
CA ASP X 178 -24.20 -21.52 13.33
C ASP X 178 -23.12 -22.06 14.25
N SER X 179 -21.88 -21.70 13.99
CA SER X 179 -20.76 -22.21 14.76
C SER X 179 -20.45 -21.39 15.99
N LEU X 180 -20.97 -20.16 16.08
CA LEU X 180 -20.69 -19.28 17.20
C LEU X 180 -21.86 -19.15 18.16
N SER X 181 -22.78 -20.10 18.18
CA SER X 181 -23.88 -20.11 19.12
C SER X 181 -24.22 -21.55 19.48
N GLY X 182 -24.95 -21.72 20.56
CA GLY X 182 -25.47 -23.03 20.89
C GLY X 182 -25.40 -23.27 22.38
N TYR X 183 -25.23 -24.54 22.73
CA TYR X 183 -25.12 -24.96 24.12
C TYR X 183 -26.38 -24.67 24.90
N GLY X 184 -27.51 -25.12 24.37
CA GLY X 184 -28.77 -24.88 25.04
C GLY X 184 -29.25 -23.46 24.83
N ALA X 185 -30.28 -23.09 25.58
CA ALA X 185 -30.76 -21.72 25.50
C ALA X 185 -31.50 -21.39 26.77
N VAL X 186 -31.76 -20.11 26.98
CA VAL X 186 -32.55 -19.66 28.11
C VAL X 186 -33.63 -18.71 27.59
N ALA X 187 -34.87 -18.97 27.98
CA ALA X 187 -36.01 -18.22 27.48
C ALA X 187 -36.76 -17.62 28.65
N MET X 188 -37.34 -16.45 28.42
CA MET X 188 -38.15 -15.78 29.42
C MET X 188 -39.45 -15.37 28.75
N ILE X 189 -40.54 -15.98 29.19
CA ILE X 189 -41.86 -15.68 28.67
C ILE X 189 -42.55 -14.82 29.72
N VAL X 190 -42.83 -13.57 29.37
CA VAL X 190 -43.38 -12.62 30.32
C VAL X 190 -44.73 -12.15 29.80
N THR X 191 -45.71 -12.11 30.70
CA THR X 191 -47.08 -11.75 30.42
C THR X 191 -47.43 -10.53 31.28
N LYS X 192 -48.72 -10.17 31.27
CA LYS X 192 -49.17 -9.08 32.13
C LYS X 192 -49.08 -9.46 33.60
N ASP X 193 -49.35 -10.73 33.93
CA ASP X 193 -49.49 -11.16 35.31
C ASP X 193 -48.23 -11.81 35.87
N LYS X 194 -47.41 -12.45 35.04
CA LYS X 194 -46.31 -13.23 35.57
C LYS X 194 -45.16 -13.27 34.57
N VAL X 195 -43.98 -13.60 35.06
CA VAL X 195 -42.78 -13.78 34.24
C VAL X 195 -42.20 -15.15 34.55
N THR X 196 -41.87 -15.90 33.50
CA THR X 196 -41.42 -17.28 33.64
C THR X 196 -40.08 -17.46 32.95
N THR X 197 -39.16 -18.17 33.60
CA THR X 197 -37.88 -18.47 33.02
C THR X 197 -37.78 -19.97 32.76
N ARG X 198 -37.21 -20.34 31.62
CA ARG X 198 -37.14 -21.74 31.23
C ARG X 198 -35.81 -21.99 30.55
N LEU X 199 -35.08 -23.00 31.01
CA LEU X 199 -33.88 -23.40 30.30
C LEU X 199 -34.22 -24.51 29.32
N ILE X 200 -33.70 -24.39 28.11
CA ILE X 200 -34.09 -25.23 26.98
C ILE X 200 -32.89 -26.08 26.58
N LYS X 201 -33.09 -27.39 26.60
CA LYS X 201 -32.03 -28.33 26.24
C LYS X 201 -31.67 -28.21 24.77
N GLY X 202 -30.42 -27.86 24.52
CA GLY X 202 -29.92 -27.79 23.16
C GLY X 202 -28.76 -28.74 22.95
N ARG X 203 -28.25 -28.80 21.73
CA ARG X 203 -27.10 -29.65 21.45
C ARG X 203 -25.88 -29.14 22.21
N LYS X 204 -25.12 -30.07 22.76
CA LYS X 204 -23.86 -29.74 23.42
C LYS X 204 -22.71 -29.62 22.43
N ASP X 205 -23.02 -29.30 21.19
CA ASP X 205 -22.07 -29.33 20.10
C ASP X 205 -21.07 -28.19 20.24
N MET Y 1 0.88 -14.56 25.60
CA MET Y 1 0.40 -15.76 24.91
C MET Y 1 1.36 -16.93 25.07
N ALA Y 2 2.64 -16.62 25.29
CA ALA Y 2 3.61 -17.68 25.50
C ALA Y 2 3.44 -18.32 26.87
N GLU Y 3 3.30 -17.50 27.91
CA GLU Y 3 3.25 -17.98 29.29
C GLU Y 3 1.82 -18.34 29.65
N THR Y 4 1.63 -19.58 30.08
CA THR Y 4 0.31 -20.12 30.36
C THR Y 4 -0.01 -19.98 31.84
N ALA Y 5 -1.24 -19.60 32.15
CA ALA Y 5 -1.72 -19.56 33.52
C ALA Y 5 -2.88 -20.53 33.65
N ILE Y 6 -2.70 -21.54 34.50
CA ILE Y 6 -3.73 -22.53 34.75
C ILE Y 6 -4.37 -22.19 36.08
N ALA Y 7 -5.67 -22.38 36.19
CA ALA Y 7 -6.30 -22.14 37.47
C ALA Y 7 -7.57 -22.95 37.54
N PHE Y 8 -7.78 -23.61 38.66
CA PHE Y 8 -9.04 -24.34 38.81
C PHE Y 8 -9.51 -24.31 40.24
N ARG Y 9 -10.82 -24.23 40.40
CA ARG Y 9 -11.46 -24.18 41.70
C ARG Y 9 -11.93 -25.56 42.10
N CYS Y 10 -11.74 -25.90 43.36
CA CYS Y 10 -12.31 -27.10 43.97
C CYS Y 10 -13.21 -26.68 45.10
N LYS Y 11 -13.64 -27.63 45.93
CA LYS Y 11 -14.59 -27.30 47.00
C LYS Y 11 -14.01 -26.28 47.97
N ASP Y 12 -12.81 -26.54 48.48
CA ASP Y 12 -12.32 -25.74 49.60
C ASP Y 12 -10.95 -25.13 49.28
N TYR Y 13 -10.69 -24.87 48.00
CA TYR Y 13 -9.48 -24.17 47.60
C TYR Y 13 -9.56 -23.81 46.13
N VAL Y 14 -8.76 -22.83 45.75
CA VAL Y 14 -8.46 -22.54 44.36
C VAL Y 14 -6.98 -22.82 44.16
N MET Y 15 -6.61 -23.32 42.99
CA MET Y 15 -5.21 -23.45 42.62
C MET Y 15 -4.94 -22.61 41.40
N VAL Y 16 -3.80 -21.92 41.39
CA VAL Y 16 -3.30 -21.27 40.20
C VAL Y 16 -1.87 -21.70 39.98
N ALA Y 17 -1.42 -21.61 38.74
CA ALA Y 17 -0.09 -22.04 38.36
C ALA Y 17 0.38 -21.23 37.18
N ALA Y 18 1.47 -20.51 37.36
CA ALA Y 18 1.88 -19.57 36.33
C ALA Y 18 3.30 -19.86 35.86
N ALA Y 19 3.42 -20.13 34.56
CA ALA Y 19 4.74 -20.37 33.98
C ALA Y 19 5.63 -19.15 34.15
N GLY Y 20 6.73 -19.32 34.85
CA GLY Y 20 7.61 -18.21 35.20
C GLY Y 20 8.55 -17.81 34.09
N LEU Y 21 8.21 -18.17 32.86
CA LEU Y 21 9.05 -17.84 31.72
C LEU Y 21 9.13 -16.34 31.50
N ASN Y 22 10.29 -15.87 31.04
CA ASN Y 22 10.50 -14.47 30.72
C ASN Y 22 11.52 -14.42 29.59
N ALA Y 23 11.15 -13.82 28.46
CA ALA Y 23 11.90 -14.00 27.24
C ALA Y 23 12.17 -12.66 26.56
N PHE Y 24 13.20 -12.65 25.72
CA PHE Y 24 13.48 -11.53 24.83
C PHE Y 24 13.65 -12.06 23.41
N TYR Y 25 12.54 -12.12 22.68
CA TYR Y 25 12.42 -12.39 21.27
C TYR Y 25 12.70 -13.83 20.87
N TYR Y 26 13.67 -14.46 21.52
CA TYR Y 26 13.74 -15.90 21.68
C TYR Y 26 14.68 -16.31 22.80
N ILE Y 27 15.31 -15.35 23.45
CA ILE Y 27 16.35 -15.63 24.44
C ILE Y 27 15.70 -15.66 25.81
N LYS Y 28 15.81 -16.79 26.49
CA LYS Y 28 15.22 -16.93 27.81
C LYS Y 28 15.93 -16.00 28.77
N ILE Y 29 15.28 -14.90 29.13
CA ILE Y 29 15.84 -14.02 30.15
C ILE Y 29 15.90 -14.74 31.48
N THR Y 30 14.85 -15.48 31.81
CA THR Y 30 14.77 -16.19 33.07
C THR Y 30 13.74 -17.30 32.96
N ASP Y 31 13.93 -18.35 33.74
CA ASP Y 31 12.94 -19.41 33.84
C ASP Y 31 12.29 -19.48 35.20
N ALA Y 32 12.46 -18.47 36.05
CA ALA Y 32 11.84 -18.38 37.36
C ALA Y 32 11.58 -16.91 37.67
N GLU Y 33 10.35 -16.47 37.41
CA GLU Y 33 9.87 -15.15 37.78
C GLU Y 33 8.43 -15.29 38.24
N ASP Y 34 8.14 -14.81 39.45
CA ASP Y 34 6.81 -15.03 40.03
C ASP Y 34 5.77 -14.15 39.35
N LYS Y 35 4.90 -14.80 38.56
CA LYS Y 35 3.85 -14.10 37.83
C LYS Y 35 2.54 -14.05 38.58
N ILE Y 36 2.46 -14.68 39.75
CA ILE Y 36 1.24 -14.68 40.56
C ILE Y 36 1.38 -13.61 41.62
N THR Y 37 0.70 -12.49 41.43
CA THR Y 37 0.80 -11.37 42.36
C THR Y 37 -0.36 -11.39 43.33
N GLN Y 38 -0.05 -11.37 44.62
CA GLN Y 38 -1.05 -11.40 45.67
C GLN Y 38 -1.57 -9.99 45.89
N LEU Y 39 -2.89 -9.83 45.91
CA LEU Y 39 -3.48 -8.52 46.15
C LEU Y 39 -3.82 -8.31 47.61
N ASP Y 40 -4.74 -9.12 48.14
CA ASP Y 40 -5.08 -9.07 49.55
C ASP Y 40 -4.74 -10.41 50.18
N THR Y 41 -5.02 -10.57 51.47
CA THR Y 41 -4.61 -11.77 52.16
C THR Y 41 -5.32 -13.03 51.68
N HIS Y 42 -6.43 -12.90 50.93
CA HIS Y 42 -7.17 -14.06 50.48
C HIS Y 42 -7.37 -14.05 48.97
N GLN Y 43 -6.71 -13.14 48.28
CA GLN Y 43 -6.92 -13.00 46.84
C GLN Y 43 -5.58 -12.94 46.14
N LEU Y 44 -5.52 -13.50 44.93
CA LEU Y 44 -4.35 -13.37 44.11
C LEU Y 44 -4.75 -13.29 42.65
N VAL Y 45 -3.82 -12.83 41.82
CA VAL Y 45 -4.07 -12.62 40.41
C VAL Y 45 -2.94 -13.23 39.62
N ALA Y 46 -3.27 -14.05 38.64
CA ALA Y 46 -2.30 -14.60 37.72
C ALA Y 46 -2.40 -13.84 36.40
N CYS Y 47 -1.41 -12.98 36.14
CA CYS Y 47 -1.38 -12.20 34.91
C CYS Y 47 -0.40 -12.80 33.93
N THR Y 48 -0.73 -12.68 32.65
CA THR Y 48 0.15 -13.10 31.57
C THR Y 48 0.20 -11.99 30.54
N GLY Y 49 1.40 -11.67 30.09
CA GLY Y 49 1.60 -10.63 29.11
C GLY Y 49 3.01 -10.12 29.17
N GLU Y 50 3.26 -9.03 28.45
CA GLU Y 50 4.57 -8.39 28.54
C GLU Y 50 4.81 -7.92 29.96
N ASN Y 51 6.06 -7.67 30.30
CA ASN Y 51 6.41 -7.36 31.68
C ASN Y 51 5.99 -5.95 32.06
N GLY Y 52 6.14 -5.01 31.14
CA GLY Y 52 5.77 -3.65 31.39
C GLY Y 52 4.31 -3.51 31.81
N PRO Y 53 3.40 -3.87 30.91
CA PRO Y 53 1.97 -3.80 31.26
C PRO Y 53 1.61 -4.65 32.46
N ARG Y 54 2.16 -5.86 32.56
CA ARG Y 54 1.82 -6.72 33.68
C ARG Y 54 2.16 -6.05 35.01
N VAL Y 55 3.41 -5.60 35.17
CA VAL Y 55 3.82 -5.03 36.44
C VAL Y 55 3.08 -3.73 36.71
N ASN Y 56 2.94 -2.87 35.70
CA ASN Y 56 2.24 -1.60 35.95
C ASN Y 56 0.79 -1.83 36.35
N PHE Y 57 0.07 -2.68 35.62
CA PHE Y 57 -1.33 -2.92 35.93
C PHE Y 57 -1.48 -3.55 37.31
N THR Y 58 -0.66 -4.54 37.63
CA THR Y 58 -0.80 -5.18 38.93
C THR Y 58 -0.47 -4.25 40.08
N GLU Y 59 0.57 -3.44 39.94
CA GLU Y 59 0.89 -2.48 40.99
C GLU Y 59 -0.22 -1.45 41.15
N TYR Y 60 -0.80 -0.99 40.05
CA TYR Y 60 -1.92 -0.05 40.13
C TYR Y 60 -3.11 -0.66 40.88
N ILE Y 61 -3.51 -1.87 40.50
CA ILE Y 61 -4.61 -2.54 41.17
C ILE Y 61 -4.32 -2.74 42.66
N LYS Y 62 -3.12 -3.20 42.99
CA LYS Y 62 -2.78 -3.45 44.39
C LYS Y 62 -2.81 -2.17 45.21
N CYS Y 63 -2.24 -1.08 44.70
CA CYS Y 63 -2.28 0.19 45.41
C CYS Y 63 -3.70 0.69 45.60
N ASN Y 64 -4.57 0.54 44.60
CA ASN Y 64 -5.93 1.02 44.77
C ASN Y 64 -6.73 0.19 45.78
N LEU Y 65 -6.58 -1.15 45.76
CA LEU Y 65 -7.23 -1.95 46.80
C LEU Y 65 -6.71 -1.59 48.18
N ALA Y 66 -5.40 -1.39 48.32
CA ALA Y 66 -4.84 -1.04 49.62
C ALA Y 66 -5.38 0.29 50.11
N LEU Y 67 -5.42 1.29 49.24
CA LEU Y 67 -5.97 2.59 49.62
C LEU Y 67 -7.42 2.46 50.04
N ASN Y 68 -8.23 1.72 49.27
CA ASN Y 68 -9.62 1.53 49.67
C ASN Y 68 -9.74 0.88 51.04
N ARG Y 69 -8.89 -0.10 51.33
CA ARG Y 69 -8.94 -0.71 52.65
C ARG Y 69 -8.55 0.29 53.74
N MET Y 70 -7.65 1.22 53.44
CA MET Y 70 -7.30 2.25 54.41
C MET Y 70 -8.48 3.17 54.65
N ARG Y 71 -9.19 3.54 53.58
CA ARG Y 71 -10.33 4.45 53.69
C ARG Y 71 -11.54 3.81 54.33
N GLN Y 72 -11.46 2.57 54.79
CA GLN Y 72 -12.61 1.89 55.37
C GLN Y 72 -12.23 1.20 56.68
N HIS Y 73 -11.06 1.54 57.22
CA HIS Y 73 -10.61 1.07 58.52
C HIS Y 73 -10.59 -0.45 58.60
N GLY Y 74 -9.79 -1.04 57.71
CA GLY Y 74 -9.60 -2.49 57.74
C GLY Y 74 -10.80 -3.29 57.29
N ARG Y 75 -11.55 -2.80 56.31
CA ARG Y 75 -12.68 -3.53 55.76
C ARG Y 75 -12.23 -4.20 54.46
N HIS Y 76 -12.10 -5.53 54.48
CA HIS Y 76 -11.74 -6.25 53.28
C HIS Y 76 -12.88 -6.22 52.27
N SER Y 77 -12.52 -6.14 51.00
CA SER Y 77 -13.51 -6.17 49.93
C SER Y 77 -13.68 -7.60 49.44
N SER Y 78 -14.91 -7.91 49.02
CA SER Y 78 -15.18 -9.24 48.50
C SER Y 78 -14.53 -9.40 47.13
N CYS Y 79 -14.65 -10.61 46.58
CA CYS Y 79 -13.96 -10.90 45.33
C CYS Y 79 -14.75 -10.40 44.13
N GLU Y 80 -16.06 -10.32 44.22
CA GLU Y 80 -16.82 -9.73 43.13
C GLU Y 80 -16.44 -8.26 42.94
N SER Y 81 -16.21 -7.55 44.03
CA SER Y 81 -15.84 -6.14 43.92
C SER Y 81 -14.47 -5.98 43.28
N THR Y 82 -13.48 -6.73 43.75
CA THR Y 82 -12.15 -6.64 43.16
C THR Y 82 -12.16 -7.06 41.70
N ALA Y 83 -12.94 -8.09 41.37
CA ALA Y 83 -13.02 -8.54 39.99
C ALA Y 83 -13.61 -7.47 39.10
N ASN Y 84 -14.75 -6.91 39.51
CA ASN Y 84 -15.39 -5.86 38.71
C ASN Y 84 -14.51 -4.63 38.61
N PHE Y 85 -13.75 -4.32 39.66
CA PHE Y 85 -12.91 -3.13 39.63
C PHE Y 85 -11.69 -3.33 38.75
N MET Y 86 -11.15 -4.54 38.71
CA MET Y 86 -10.10 -4.84 37.73
C MET Y 86 -10.65 -4.74 36.32
N ARG Y 87 -11.80 -5.35 36.09
CA ARG Y 87 -12.44 -5.34 34.79
C ARG Y 87 -12.72 -3.92 34.32
N ASN Y 88 -13.03 -3.02 35.23
CA ASN Y 88 -13.35 -1.65 34.84
C ASN Y 88 -12.13 -0.92 34.31
N CYS Y 89 -10.96 -1.10 34.93
CA CYS Y 89 -9.75 -0.51 34.38
C CYS Y 89 -9.36 -1.14 33.06
N LEU Y 90 -9.41 -2.48 32.99
CA LEU Y 90 -9.10 -3.17 31.74
C LEU Y 90 -9.99 -2.69 30.61
N ALA Y 91 -11.26 -2.39 30.91
CA ALA Y 91 -12.19 -2.02 29.86
C ALA Y 91 -12.07 -0.55 29.48
N SER Y 92 -11.91 0.33 30.46
CA SER Y 92 -11.75 1.74 30.13
C SER Y 92 -10.41 2.03 29.47
N ALA Y 93 -9.44 1.12 29.57
CA ALA Y 93 -8.17 1.32 28.88
C ALA Y 93 -8.30 1.23 27.36
N ILE Y 94 -9.20 0.40 26.83
CA ILE Y 94 -9.29 0.20 25.39
C ILE Y 94 -9.99 1.35 24.67
N ARG Y 95 -10.46 2.35 25.40
CA ARG Y 95 -11.02 3.55 24.79
C ARG Y 95 -10.33 4.78 25.35
N SER Y 96 -9.04 4.64 25.64
CA SER Y 96 -8.21 5.76 26.06
C SER Y 96 -7.13 5.98 25.01
N ARG Y 97 -6.27 6.96 25.27
CA ARG Y 97 -5.20 7.25 24.32
C ARG Y 97 -4.10 6.22 24.42
N GLU Y 98 -3.73 5.82 25.64
CA GLU Y 98 -2.63 4.89 25.82
C GLU Y 98 -2.98 3.49 25.35
N GLY Y 99 -4.25 3.16 25.24
CA GLY Y 99 -4.65 1.89 24.66
C GLY Y 99 -4.84 0.80 25.70
N ALA Y 100 -4.91 -0.42 25.21
CA ALA Y 100 -5.28 -1.56 26.04
C ALA Y 100 -4.12 -2.01 26.92
N TYR Y 101 -4.47 -2.50 28.10
CA TYR Y 101 -3.54 -3.27 28.91
C TYR Y 101 -3.43 -4.66 28.31
N GLN Y 102 -2.37 -4.91 27.54
CA GLN Y 102 -2.28 -6.17 26.81
C GLN Y 102 -1.87 -7.29 27.77
N VAL Y 103 -2.74 -7.57 28.72
CA VAL Y 103 -2.47 -8.56 29.76
C VAL Y 103 -3.77 -9.28 30.12
N ASN Y 104 -3.71 -10.61 30.21
CA ASN Y 104 -4.87 -11.43 30.55
C ASN Y 104 -4.68 -11.99 31.94
N CYS Y 105 -5.74 -12.04 32.73
CA CYS Y 105 -5.59 -12.41 34.12
C CYS Y 105 -6.62 -13.43 34.56
N LEU Y 106 -6.27 -14.15 35.61
CA LEU Y 106 -7.17 -15.05 36.33
C LEU Y 106 -7.19 -14.59 37.78
N PHE Y 107 -8.34 -14.14 38.25
CA PHE Y 107 -8.46 -13.65 39.61
C PHE Y 107 -9.00 -14.75 40.48
N ALA Y 108 -8.27 -15.13 41.52
CA ALA Y 108 -8.68 -16.19 42.41
C ALA Y 108 -8.80 -15.66 43.82
N GLY Y 109 -9.75 -16.18 44.57
CA GLY Y 109 -9.92 -15.73 45.93
C GLY Y 109 -10.80 -16.68 46.72
N TYR Y 110 -10.84 -16.46 48.02
CA TYR Y 110 -11.68 -17.22 48.93
C TYR Y 110 -12.44 -16.24 49.81
N ASP Y 111 -13.76 -16.22 49.69
CA ASP Y 111 -14.57 -15.22 50.36
C ASP Y 111 -14.89 -15.69 51.77
N THR Y 112 -14.53 -14.86 52.75
CA THR Y 112 -14.72 -15.16 54.16
C THR Y 112 -15.79 -14.26 54.75
N PRO Y 113 -16.72 -14.80 55.54
CA PRO Y 113 -17.74 -13.97 56.18
C PRO Y 113 -17.11 -12.91 57.07
N VAL Y 114 -17.32 -11.65 56.69
CA VAL Y 114 -16.60 -10.55 57.33
C VAL Y 114 -17.19 -10.19 58.70
N SER Y 115 -18.47 -10.48 58.94
CA SER Y 115 -19.09 -10.15 60.20
C SER Y 115 -20.16 -11.18 60.51
N GLU Y 116 -20.88 -10.96 61.61
CA GLU Y 116 -22.00 -11.81 61.97
C GLU Y 116 -23.23 -11.57 61.10
N ASP Y 117 -23.44 -10.32 60.68
CA ASP Y 117 -24.55 -10.00 59.78
C ASP Y 117 -24.26 -10.44 58.35
N ASP Y 118 -22.99 -10.64 58.00
CA ASP Y 118 -22.61 -11.01 56.65
C ASP Y 118 -23.34 -12.27 56.22
N ASP Y 119 -23.89 -12.24 55.01
CA ASP Y 119 -24.57 -13.39 54.43
C ASP Y 119 -24.19 -13.55 52.97
N GLY Y 120 -22.92 -13.30 52.66
CA GLY Y 120 -22.41 -13.38 51.31
C GLY Y 120 -21.89 -14.76 50.96
N VAL Y 121 -21.11 -14.83 49.89
CA VAL Y 121 -20.53 -16.09 49.48
C VAL Y 121 -19.44 -16.51 50.46
N VAL Y 122 -19.32 -17.82 50.67
CA VAL Y 122 -18.32 -18.33 51.61
C VAL Y 122 -17.30 -19.15 50.84
N GLY Y 123 -17.65 -19.57 49.63
CA GLY Y 123 -16.80 -20.46 48.88
C GLY Y 123 -15.74 -19.74 48.09
N PRO Y 124 -14.89 -20.50 47.42
CA PRO Y 124 -13.85 -19.91 46.57
C PRO Y 124 -14.42 -19.38 45.27
N GLN Y 125 -13.71 -18.42 44.70
CA GLN Y 125 -14.12 -17.76 43.48
C GLN Y 125 -12.96 -17.70 42.51
N LEU Y 126 -13.24 -18.02 41.24
CA LEU Y 126 -12.29 -17.87 40.15
C LEU Y 126 -12.95 -17.07 39.06
N PHE Y 127 -12.22 -16.10 38.50
CA PHE Y 127 -12.74 -15.19 37.50
C PHE Y 127 -11.76 -15.13 36.33
N TYR Y 128 -12.21 -15.54 35.16
CA TYR Y 128 -11.43 -15.43 33.94
C TYR Y 128 -11.60 -14.01 33.41
N MET Y 129 -10.49 -13.35 33.06
CA MET Y 129 -10.54 -11.98 32.59
C MET Y 129 -9.64 -11.81 31.39
N ASP Y 130 -10.23 -11.43 30.27
CA ASP Y 130 -9.53 -11.17 29.02
C ASP Y 130 -8.92 -9.78 29.08
N TYR Y 131 -8.13 -9.45 28.06
CA TYR Y 131 -7.50 -8.14 28.03
C TYR Y 131 -8.46 -7.06 27.56
N LEU Y 132 -9.52 -7.42 26.86
CA LEU Y 132 -10.49 -6.44 26.40
C LEU Y 132 -11.46 -6.03 27.49
N GLY Y 133 -11.50 -6.78 28.58
CA GLY Y 133 -12.40 -6.44 29.67
C GLY Y 133 -13.46 -7.48 29.90
N THR Y 134 -13.36 -8.62 29.23
CA THR Y 134 -14.28 -9.71 29.49
C THR Y 134 -14.08 -10.19 30.92
N LEU Y 135 -15.15 -10.65 31.55
CA LEU Y 135 -15.12 -11.12 32.93
C LEU Y 135 -16.12 -12.23 33.10
N GLN Y 136 -15.66 -13.40 33.50
CA GLN Y 136 -16.59 -14.52 33.62
C GLN Y 136 -16.19 -15.42 34.77
N ALA Y 137 -17.14 -15.71 35.65
CA ALA Y 137 -16.90 -16.65 36.72
C ALA Y 137 -16.87 -18.07 36.17
N VAL Y 138 -15.72 -18.71 36.24
CA VAL Y 138 -15.54 -20.04 35.64
C VAL Y 138 -15.16 -21.04 36.71
N PRO Y 139 -15.33 -22.33 36.43
CA PRO Y 139 -14.83 -23.35 37.35
C PRO Y 139 -13.34 -23.59 37.18
N TYR Y 140 -12.85 -23.39 35.97
CA TYR Y 140 -11.44 -23.51 35.68
C TYR Y 140 -11.14 -22.74 34.42
N GLY Y 141 -10.00 -22.07 34.41
CA GLY Y 141 -9.63 -21.26 33.27
C GLY Y 141 -8.15 -21.42 33.00
N CYS Y 142 -7.77 -21.07 31.78
CA CYS Y 142 -6.39 -21.19 31.37
C CYS Y 142 -6.09 -20.14 30.31
N HIS Y 143 -4.89 -19.59 30.38
CA HIS Y 143 -4.48 -18.52 29.48
C HIS Y 143 -3.15 -18.87 28.83
N GLY Y 144 -3.01 -18.43 27.60
CA GLY Y 144 -1.78 -18.58 26.86
C GLY Y 144 -1.89 -19.65 25.80
N TYR Y 145 -0.71 -20.14 25.39
CA TYR Y 145 -0.64 -21.21 24.40
C TYR Y 145 -1.18 -22.53 24.90
N GLY Y 146 -0.67 -23.03 26.01
CA GLY Y 146 -1.15 -24.28 26.55
C GLY Y 146 -2.56 -24.23 27.06
N ALA Y 147 -3.16 -23.05 27.11
CA ALA Y 147 -4.50 -22.87 27.65
C ALA Y 147 -5.49 -23.87 27.10
N CYS Y 148 -5.38 -24.19 25.82
CA CYS Y 148 -6.29 -25.16 25.24
C CYS Y 148 -6.00 -26.57 25.73
N PHE Y 149 -4.74 -27.00 25.63
CA PHE Y 149 -4.39 -28.37 25.97
C PHE Y 149 -4.90 -28.74 27.34
N VAL Y 150 -4.65 -27.90 28.34
CA VAL Y 150 -5.10 -28.20 29.69
C VAL Y 150 -6.60 -28.05 29.87
N THR Y 151 -7.23 -27.12 29.15
CA THR Y 151 -8.67 -26.96 29.31
C THR Y 151 -9.41 -28.25 29.02
N ALA Y 152 -9.20 -28.80 27.82
CA ALA Y 152 -9.71 -30.14 27.53
C ALA Y 152 -9.29 -31.13 28.60
N LEU Y 153 -8.02 -31.10 28.99
CA LEU Y 153 -7.54 -32.02 30.02
C LEU Y 153 -8.37 -31.90 31.28
N LEU Y 154 -8.78 -30.68 31.63
CA LEU Y 154 -9.54 -30.52 32.86
C LEU Y 154 -10.97 -31.02 32.70
N ASP Y 155 -11.54 -30.91 31.50
CA ASP Y 155 -12.90 -31.40 31.31
C ASP Y 155 -12.99 -32.88 31.59
N ARG Y 156 -11.94 -33.62 31.26
CA ARG Y 156 -11.96 -35.07 31.41
C ARG Y 156 -11.78 -35.48 32.87
N LEU Y 157 -11.07 -34.67 33.67
CA LEU Y 157 -10.63 -35.12 34.98
C LEU Y 157 -11.12 -34.28 36.15
N TRP Y 158 -11.62 -33.08 35.91
CA TRP Y 158 -12.01 -32.21 37.02
C TRP Y 158 -13.34 -32.67 37.62
N ARG Y 159 -13.42 -32.64 38.94
CA ARG Y 159 -14.61 -33.01 39.67
C ARG Y 159 -14.88 -31.91 40.69
N PRO Y 160 -16.15 -31.66 41.03
CA PRO Y 160 -16.45 -30.54 41.93
C PRO Y 160 -15.81 -30.66 43.30
N ASP Y 161 -15.53 -31.87 43.78
CA ASP Y 161 -15.10 -32.10 45.15
C ASP Y 161 -13.77 -32.85 45.23
N LEU Y 162 -12.78 -32.40 44.48
CA LEU Y 162 -11.43 -32.91 44.63
C LEU Y 162 -10.83 -32.42 45.94
N SER Y 163 -10.07 -33.28 46.60
CA SER Y 163 -9.39 -32.87 47.82
C SER Y 163 -8.11 -32.11 47.49
N GLN Y 164 -7.34 -31.82 48.53
CA GLN Y 164 -6.08 -31.11 48.33
C GLN Y 164 -5.08 -31.95 47.53
N GLN Y 165 -4.94 -33.23 47.87
CA GLN Y 165 -3.91 -34.04 47.22
C GLN Y 165 -4.29 -34.38 45.79
N GLU Y 166 -5.57 -34.65 45.54
CA GLU Y 166 -5.96 -34.88 44.16
C GLU Y 166 -5.84 -33.60 43.34
N GLY Y 167 -6.02 -32.44 43.97
CA GLY Y 167 -5.68 -31.21 43.29
C GLY Y 167 -4.21 -31.10 42.95
N LEU Y 168 -3.34 -31.49 43.89
CA LEU Y 168 -1.92 -31.53 43.59
C LEU Y 168 -1.62 -32.41 42.37
N GLU Y 169 -2.14 -33.62 42.36
CA GLU Y 169 -1.83 -34.53 41.26
C GLU Y 169 -2.44 -34.08 39.94
N LEU Y 170 -3.63 -33.49 39.96
CA LEU Y 170 -4.21 -32.94 38.74
C LEU Y 170 -3.38 -31.78 38.21
N MET Y 171 -2.90 -30.91 39.09
CA MET Y 171 -2.02 -29.85 38.64
C MET Y 171 -0.71 -30.38 38.08
N GLN Y 172 -0.16 -31.43 38.68
CA GLN Y 172 1.01 -32.07 38.10
C GLN Y 172 0.74 -32.56 36.68
N LYS Y 173 -0.40 -33.23 36.48
CA LYS Y 173 -0.77 -33.70 35.16
C LYS Y 173 -0.89 -32.57 34.15
N CYS Y 174 -1.62 -31.50 34.48
CA CYS Y 174 -1.78 -30.38 33.55
C CYS Y 174 -0.45 -29.71 33.24
N CYS Y 175 0.39 -29.50 34.26
CA CYS Y 175 1.68 -28.87 34.03
C CYS Y 175 2.56 -29.71 33.12
N ASP Y 176 2.65 -31.02 33.37
CA ASP Y 176 3.48 -31.85 32.50
C ASP Y 176 2.91 -31.89 31.09
N GLU Y 177 1.58 -31.84 30.96
CA GLU Y 177 1.00 -31.78 29.62
C GLU Y 177 1.44 -30.53 28.87
N VAL Y 178 1.34 -29.38 29.53
CA VAL Y 178 1.81 -28.15 28.90
C VAL Y 178 3.26 -28.25 28.50
N LYS Y 179 4.09 -28.85 29.36
CA LYS Y 179 5.49 -29.01 29.00
C LYS Y 179 5.68 -29.94 27.81
N ARG Y 180 4.80 -30.93 27.65
CA ARG Y 180 5.05 -31.96 26.65
C ARG Y 180 4.50 -31.58 25.28
N ARG Y 181 3.50 -30.69 25.21
CA ARG Y 181 2.87 -30.42 23.92
C ARG Y 181 3.07 -29.02 23.39
N VAL Y 182 3.69 -28.11 24.13
CA VAL Y 182 3.90 -26.75 23.66
C VAL Y 182 5.36 -26.59 23.27
N ILE Y 183 5.61 -25.85 22.19
CA ILE Y 183 6.97 -25.67 21.71
C ILE Y 183 7.74 -24.73 22.62
N ILE Y 184 7.02 -23.93 23.40
CA ILE Y 184 7.66 -22.92 24.24
C ILE Y 184 8.20 -23.57 25.51
N SER Y 185 9.35 -23.11 25.96
CA SER Y 185 10.01 -23.73 27.11
C SER Y 185 9.36 -23.25 28.41
N ASN Y 186 8.33 -23.97 28.86
CA ASN Y 186 7.67 -23.70 30.13
C ASN Y 186 8.01 -24.80 31.12
N SER Y 187 9.11 -24.61 31.84
CA SER Y 187 9.62 -25.69 32.69
C SER Y 187 9.20 -25.52 34.15
N TYR Y 188 9.25 -24.30 34.67
CA TYR Y 188 8.95 -24.04 36.07
C TYR Y 188 7.62 -23.30 36.16
N PHE Y 189 6.75 -23.73 37.08
CA PHE Y 189 5.35 -23.39 36.96
C PHE Y 189 4.72 -22.66 38.14
N PHE Y 190 5.39 -22.54 39.30
CA PHE Y 190 4.91 -21.59 40.29
C PHE Y 190 3.46 -21.80 40.67
N VAL Y 191 3.18 -22.86 41.43
CA VAL Y 191 1.83 -23.19 41.89
C VAL Y 191 1.56 -22.54 43.23
N LYS Y 192 0.42 -21.87 43.33
CA LYS Y 192 -0.05 -21.28 44.57
C LYS Y 192 -1.50 -21.71 44.79
N ALA Y 193 -1.91 -21.72 46.05
CA ALA Y 193 -3.24 -22.19 46.40
C ALA Y 193 -3.88 -21.26 47.41
N VAL Y 194 -5.15 -20.95 47.20
CA VAL Y 194 -5.93 -20.09 48.06
C VAL Y 194 -6.92 -20.94 48.84
N THR Y 195 -6.88 -20.84 50.16
CA THR Y 195 -7.79 -21.58 51.03
C THR Y 195 -8.18 -20.66 52.17
N LYS Y 196 -9.11 -21.08 53.03
CA LYS Y 196 -9.59 -20.24 54.12
C LYS Y 196 -8.47 -19.72 55.02
N ASN Y 197 -7.27 -20.28 54.91
CA ASN Y 197 -6.14 -19.84 55.71
C ASN Y 197 -5.33 -18.75 55.03
N GLY Y 198 -5.63 -18.47 53.76
CA GLY Y 198 -4.85 -17.53 52.98
C GLY Y 198 -4.22 -18.19 51.78
N VAL Y 199 -3.14 -17.59 51.31
CA VAL Y 199 -2.43 -18.09 50.15
C VAL Y 199 -1.21 -18.89 50.59
N GLU Y 200 -0.97 -19.99 49.91
CA GLU Y 200 0.09 -20.93 50.25
C GLU Y 200 0.86 -21.30 49.00
N VAL Y 201 2.18 -21.17 49.06
CA VAL Y 201 3.03 -21.46 47.91
C VAL Y 201 3.28 -22.96 47.89
N ILE Y 202 2.64 -23.66 46.96
CA ILE Y 202 2.81 -25.09 46.86
C ILE Y 202 4.15 -25.37 46.17
N THR Y 203 5.02 -26.11 46.83
CA THR Y 203 6.38 -26.31 46.35
C THR Y 203 6.57 -27.62 45.61
N ALA Y 204 5.78 -28.64 45.93
CA ALA Y 204 6.00 -29.97 45.36
C ALA Y 204 5.93 -29.95 43.85
N VAL Y 205 4.75 -29.62 43.30
CA VAL Y 205 4.57 -29.68 41.86
C VAL Y 205 5.18 -28.45 41.20
N HIS Y 206 5.63 -28.61 39.97
CA HIS Y 206 6.20 -27.52 39.18
C HIS Y 206 6.38 -27.96 37.73
N THR Z 100 26.86 -3.35 20.22
CA THR Z 100 26.74 -3.14 21.64
C THR Z 100 26.73 -4.47 22.38
N THR Z 101 27.60 -4.60 23.37
CA THR Z 101 27.58 -5.73 24.28
C THR Z 101 27.80 -5.22 25.68
N THR Z 102 26.90 -5.59 26.58
CA THR Z 102 26.91 -5.10 27.96
C THR Z 102 26.53 -6.25 28.85
N LEU Z 103 27.28 -6.48 29.91
CA LEU Z 103 26.88 -7.56 30.80
C LEU Z 103 27.13 -7.15 32.24
N ALA Z 104 26.41 -7.80 33.13
CA ALA Z 104 26.55 -7.53 34.56
C ALA Z 104 26.04 -8.74 35.30
N PHE Z 105 26.87 -9.26 36.20
CA PHE Z 105 26.45 -10.42 36.95
C PHE Z 105 26.82 -10.24 38.42
N ARG Z 106 26.01 -10.87 39.27
CA ARG Z 106 26.08 -10.72 40.71
C ARG Z 106 26.78 -11.95 41.29
N PHE Z 107 27.62 -11.75 42.29
CA PHE Z 107 28.21 -12.88 42.98
C PHE Z 107 28.46 -12.55 44.45
N ASN Z 108 29.13 -13.45 45.16
CA ASN Z 108 29.47 -13.20 46.56
C ASN Z 108 30.72 -12.35 46.60
N GLY Z 109 30.51 -11.05 46.72
CA GLY Z 109 31.59 -10.08 46.67
C GLY Z 109 31.18 -8.84 45.91
N GLY Z 110 29.99 -8.86 45.33
CA GLY Z 110 29.46 -7.68 44.68
C GLY Z 110 28.82 -7.92 43.33
N ILE Z 111 28.91 -6.91 42.48
CA ILE Z 111 28.37 -6.98 41.13
C ILE Z 111 29.50 -6.61 40.19
N ILE Z 112 29.54 -7.24 39.01
CA ILE Z 112 30.55 -6.91 38.01
C ILE Z 112 29.86 -6.50 36.73
N VAL Z 113 30.21 -5.34 36.23
CA VAL Z 113 29.72 -4.81 34.97
C VAL Z 113 30.87 -4.86 33.98
N ALA Z 114 30.56 -5.06 32.71
CA ALA Z 114 31.58 -5.10 31.67
C ALA Z 114 30.95 -4.67 30.37
N VAL Z 115 31.69 -3.88 29.59
CA VAL Z 115 31.17 -3.31 28.36
C VAL Z 115 32.26 -3.26 27.30
N ASP Z 116 31.82 -3.18 26.05
CA ASP Z 116 32.66 -2.80 24.93
C ASP Z 116 32.50 -1.29 24.71
N SER Z 117 33.19 -0.77 23.71
CA SER Z 117 33.20 0.67 23.48
C SER Z 117 33.06 1.02 22.00
N ARG Z 118 32.10 0.44 21.31
CA ARG Z 118 31.94 0.74 19.89
C ARG Z 118 30.49 1.06 19.57
N ALA Z 119 30.28 2.08 18.74
CA ALA Z 119 28.95 2.52 18.33
C ALA Z 119 28.90 2.58 16.82
N SER Z 120 28.28 1.59 16.20
CA SER Z 120 28.19 1.48 14.75
C SER Z 120 26.87 2.07 14.29
N THR Z 121 26.93 3.01 13.35
CA THR Z 121 25.72 3.57 12.76
C THR Z 121 25.32 2.69 11.58
N GLY Z 122 24.93 1.47 11.89
CA GLY Z 122 24.55 0.53 10.83
C GLY Z 122 25.76 -0.25 10.31
N GLN Z 123 26.33 0.25 9.21
CA GLN Z 123 27.50 -0.36 8.59
C GLN Z 123 28.79 0.37 8.87
N TYR Z 124 28.74 1.64 9.24
CA TYR Z 124 29.92 2.46 9.45
C TYR Z 124 30.17 2.65 10.93
N ILE Z 125 31.41 2.48 11.36
CA ILE Z 125 31.79 2.61 12.77
C ILE Z 125 31.95 4.10 13.08
N ALA Z 126 31.03 4.64 13.87
CA ALA Z 126 31.13 6.05 14.24
C ALA Z 126 32.37 6.29 15.10
N SER Z 127 32.52 5.51 16.16
CA SER Z 127 33.58 5.73 17.13
C SER Z 127 33.94 4.41 17.80
N GLN Z 128 35.16 4.36 18.32
CA GLN Z 128 35.65 3.18 19.04
C GLN Z 128 35.91 3.49 20.51
N THR Z 129 35.34 4.57 21.04
CA THR Z 129 35.60 4.98 22.42
C THR Z 129 34.35 5.44 23.15
N VAL Z 130 33.17 5.09 22.67
CA VAL Z 130 31.95 5.40 23.39
C VAL Z 130 32.03 4.83 24.81
N MET Z 131 31.48 5.55 25.77
CA MET Z 131 31.50 5.12 27.16
C MET Z 131 30.12 4.60 27.51
N LYS Z 132 30.00 3.27 27.58
CA LYS Z 132 28.72 2.63 27.80
C LYS Z 132 28.25 2.65 29.25
N VAL Z 133 29.16 2.68 30.22
CA VAL Z 133 28.79 2.68 31.63
C VAL Z 133 28.68 4.12 32.09
N LEU Z 134 27.47 4.56 32.33
CA LEU Z 134 27.19 5.92 32.79
C LEU Z 134 27.03 5.85 34.29
N GLU Z 135 28.07 6.25 35.01
CA GLU Z 135 27.99 6.25 36.46
C GLU Z 135 26.96 7.29 36.90
N ILE Z 136 25.79 6.80 37.31
CA ILE Z 136 24.73 7.70 37.74
C ILE Z 136 25.18 8.50 38.94
N ASN Z 137 25.70 7.82 39.96
CA ASN Z 137 26.16 8.50 41.17
C ASN Z 137 27.34 7.73 41.74
N ASP Z 138 27.70 8.00 42.99
CA ASP Z 138 28.81 7.31 43.62
C ASP Z 138 28.45 5.89 44.04
N TYR Z 139 27.21 5.46 43.85
CA TYR Z 139 26.74 4.19 44.37
C TYR Z 139 25.95 3.37 43.36
N LEU Z 140 25.50 3.95 42.26
CA LEU Z 140 24.71 3.25 41.25
C LEU Z 140 25.45 3.26 39.93
N LEU Z 141 25.29 2.20 39.16
CA LEU Z 141 25.84 2.13 37.83
C LEU Z 141 24.76 1.79 36.83
N GLY Z 142 24.64 2.61 35.81
CA GLY Z 142 23.71 2.35 34.73
C GLY Z 142 24.48 2.16 33.44
N THR Z 143 23.97 1.27 32.60
CA THR Z 143 24.62 0.94 31.36
C THR Z 143 23.80 1.43 30.18
N LEU Z 144 24.49 1.67 29.08
CA LEU Z 144 23.92 2.31 27.90
C LEU Z 144 23.84 1.26 26.79
N ALA Z 145 22.63 0.96 26.36
CA ALA Z 145 22.42 0.02 25.27
C ALA Z 145 21.20 0.44 24.48
N GLY Z 146 21.32 0.40 23.15
CA GLY Z 146 20.25 0.85 22.30
C GLY Z 146 20.54 2.23 21.74
N GLY Z 147 19.56 3.12 21.84
CA GLY Z 147 19.79 4.50 21.42
C GLY Z 147 20.66 5.25 22.40
N ALA Z 148 21.82 5.70 21.94
CA ALA Z 148 22.73 6.40 22.85
C ALA Z 148 22.13 7.70 23.35
N ALA Z 149 21.41 8.42 22.50
CA ALA Z 149 20.73 9.63 22.93
C ALA Z 149 19.73 9.36 24.04
N ASP Z 150 18.84 8.38 23.83
CA ASP Z 150 17.80 8.09 24.80
C ASP Z 150 18.40 7.64 26.12
N CYS Z 151 19.37 6.73 26.07
CA CYS Z 151 19.98 6.22 27.29
C CYS Z 151 20.70 7.33 28.04
N GLN Z 152 21.55 8.09 27.34
CA GLN Z 152 22.24 9.19 27.99
C GLN Z 152 21.26 10.14 28.66
N TYR Z 153 20.24 10.58 27.92
CA TYR Z 153 19.32 11.57 28.46
C TYR Z 153 18.57 11.03 29.67
N TRP Z 154 17.94 9.87 29.54
CA TRP Z 154 17.12 9.39 30.62
C TRP Z 154 17.92 8.96 31.83
N GLU Z 155 19.13 8.43 31.65
CA GLU Z 155 19.94 8.14 32.81
C GLU Z 155 20.49 9.39 33.48
N ARG Z 156 20.73 10.46 32.73
CA ARG Z 156 21.06 11.73 33.37
C ARG Z 156 19.87 12.27 34.16
N VAL Z 157 18.66 12.13 33.63
CA VAL Z 157 17.47 12.53 34.39
C VAL Z 157 17.36 11.69 35.66
N LEU Z 158 17.64 10.39 35.57
CA LEU Z 158 17.59 9.55 36.75
C LEU Z 158 18.65 9.93 37.77
N GLY Z 159 19.85 10.31 37.32
CA GLY Z 159 20.86 10.78 38.23
C GLY Z 159 20.56 12.12 38.85
N MET Z 160 19.71 12.92 38.21
CA MET Z 160 19.19 14.12 38.86
C MET Z 160 18.15 13.77 39.91
N GLU Z 161 17.26 12.83 39.60
CA GLU Z 161 16.22 12.44 40.54
C GLU Z 161 16.75 11.75 41.77
N CYS Z 162 17.75 10.88 41.63
CA CYS Z 162 18.37 10.26 42.80
C CYS Z 162 19.05 11.28 43.70
N ARG Z 163 19.75 12.25 43.12
CA ARG Z 163 20.38 13.28 43.94
C ARG Z 163 19.35 14.14 44.65
N LEU Z 164 18.24 14.48 43.98
CA LEU Z 164 17.17 15.18 44.66
C LEU Z 164 16.60 14.37 45.81
N TRP Z 165 16.32 13.09 45.58
CA TRP Z 165 15.87 12.22 46.66
C TRP Z 165 16.81 12.30 47.85
N GLU Z 166 18.11 12.12 47.61
CA GLU Z 166 19.06 12.17 48.71
C GLU Z 166 19.03 13.51 49.42
N LEU Z 167 18.89 14.61 48.68
CA LEU Z 167 18.86 15.92 49.33
C LEU Z 167 17.66 16.05 50.24
N ARG Z 168 16.48 15.65 49.77
CA ARG Z 168 15.27 15.83 50.55
C ARG Z 168 15.29 14.99 51.83
N ASN Z 169 15.36 13.66 51.67
CA ASN Z 169 15.23 12.78 52.81
C ASN Z 169 16.50 12.65 53.64
N GLY Z 170 17.65 12.95 53.05
CA GLY Z 170 18.90 12.81 53.76
C GLY Z 170 19.50 11.42 53.74
N SER Z 171 18.95 10.50 52.95
CA SER Z 171 19.50 9.16 52.83
C SER Z 171 19.62 8.81 51.35
N ARG Z 172 20.57 7.94 51.05
CA ARG Z 172 20.77 7.51 49.67
C ARG Z 172 19.52 6.80 49.16
N ILE Z 173 19.29 6.90 47.86
CA ILE Z 173 18.20 6.15 47.25
C ILE Z 173 18.60 4.69 47.11
N THR Z 174 17.60 3.82 47.11
CA THR Z 174 17.86 2.40 46.96
C THR Z 174 17.78 1.99 45.49
N VAL Z 175 18.32 0.82 45.18
CA VAL Z 175 18.31 0.37 43.79
C VAL Z 175 16.91 0.01 43.36
N ALA Z 176 16.11 -0.57 44.26
CA ALA Z 176 14.76 -0.97 43.88
C ALA Z 176 13.91 0.24 43.53
N ALA Z 177 14.17 1.37 44.17
CA ALA Z 177 13.42 2.59 43.86
C ALA Z 177 14.09 3.39 42.75
N ALA Z 178 15.42 3.29 42.63
CA ALA Z 178 16.10 3.98 41.54
C ALA Z 178 15.75 3.37 40.20
N SER Z 179 15.48 2.07 40.17
CA SER Z 179 15.08 1.42 38.95
C SER Z 179 13.61 1.64 38.64
N LYS Z 180 12.78 1.87 39.64
CA LYS Z 180 11.37 2.10 39.38
C LYS Z 180 11.12 3.46 38.76
N ILE Z 181 11.91 4.47 39.13
CA ILE Z 181 11.83 5.75 38.46
C ILE Z 181 12.04 5.58 36.97
N LEU Z 182 13.09 4.86 36.59
CA LEU Z 182 13.39 4.68 35.17
C LEU Z 182 12.32 3.85 34.49
N ALA Z 183 11.78 2.85 35.17
CA ALA Z 183 10.69 2.07 34.60
C ALA Z 183 9.46 2.90 34.34
N ASN Z 184 9.10 3.82 35.24
CA ASN Z 184 7.97 4.68 34.97
C ASN Z 184 8.26 5.66 33.83
N ILE Z 185 9.44 6.28 33.85
CA ILE Z 185 9.85 7.16 32.76
C ILE Z 185 9.69 6.46 31.42
N THR Z 186 10.16 5.21 31.35
CA THR Z 186 10.13 4.47 30.09
C THR Z 186 8.72 4.01 29.74
N TYR Z 187 7.94 3.63 30.74
CA TYR Z 187 6.61 3.12 30.46
C TYR Z 187 5.67 4.22 30.00
N ALA Z 188 5.87 5.44 30.48
CA ALA Z 188 5.03 6.54 30.00
C ALA Z 188 5.21 6.79 28.52
N TYR Z 189 6.42 6.57 28.00
CA TYR Z 189 6.72 6.79 26.59
C TYR Z 189 6.75 5.49 25.81
N ARG Z 190 5.92 4.52 26.16
CA ARG Z 190 6.01 3.23 25.48
C ARG Z 190 5.50 3.32 24.05
N ASN Z 191 4.80 4.40 23.70
CA ASN Z 191 4.27 4.57 22.36
C ASN Z 191 4.87 5.78 21.65
N HIS Z 192 6.11 6.15 21.98
CA HIS Z 192 6.81 7.23 21.30
C HIS Z 192 8.09 6.75 20.64
N GLY Z 193 8.38 5.46 20.69
CA GLY Z 193 9.50 4.91 19.95
C GLY Z 193 10.86 5.05 20.61
N LEU Z 194 10.92 4.95 21.92
CA LEU Z 194 12.22 4.87 22.57
C LEU Z 194 12.88 3.54 22.23
N SER Z 195 14.21 3.52 22.31
CA SER Z 195 14.98 2.30 22.11
C SER Z 195 16.10 2.31 23.13
N MET Z 196 15.84 1.73 24.29
CA MET Z 196 16.83 1.67 25.36
C MET Z 196 16.58 0.47 26.25
N GLY Z 197 17.65 -0.28 26.50
CA GLY Z 197 17.62 -1.29 27.53
C GLY Z 197 18.82 -1.10 28.42
N THR Z 198 18.60 -0.77 29.68
CA THR Z 198 19.68 -0.44 30.58
C THR Z 198 19.68 -1.38 31.78
N MET Z 199 20.77 -1.34 32.52
CA MET Z 199 20.93 -2.15 33.71
C MET Z 199 21.36 -1.25 34.85
N VAL Z 200 20.57 -1.22 35.91
CA VAL Z 200 20.91 -0.46 37.11
C VAL Z 200 21.46 -1.43 38.13
N ALA Z 201 22.69 -1.21 38.55
CA ALA Z 201 23.38 -2.09 39.48
C ALA Z 201 23.90 -1.28 40.64
N GLY Z 202 23.51 -1.66 41.85
CA GLY Z 202 23.91 -0.86 42.99
C GLY Z 202 24.05 -1.71 44.22
N TRP Z 203 24.52 -1.07 45.29
CA TRP Z 203 24.71 -1.72 46.58
C TRP Z 203 24.04 -0.85 47.64
N ASP Z 204 22.74 -1.05 47.83
CA ASP Z 204 22.00 -0.31 48.85
C ASP Z 204 22.12 -0.99 50.20
N GLN Z 205 21.29 -0.60 51.16
CA GLN Z 205 21.31 -1.16 52.51
C GLN Z 205 20.65 -2.53 52.59
N PHE Z 206 20.34 -3.15 51.44
CA PHE Z 206 19.85 -4.52 51.39
C PHE Z 206 20.77 -5.40 50.56
N GLY Z 207 22.06 -5.10 50.55
CA GLY Z 207 22.99 -5.81 49.71
C GLY Z 207 22.87 -5.39 48.27
N PRO Z 208 23.60 -6.03 47.38
CA PRO Z 208 23.62 -5.61 45.98
C PRO Z 208 22.37 -6.04 45.23
N SER Z 209 21.95 -5.18 44.31
CA SER Z 209 20.78 -5.45 43.50
C SER Z 209 21.10 -5.06 42.07
N LEU Z 210 20.50 -5.79 41.13
CA LEU Z 210 20.78 -5.62 39.72
C LEU Z 210 19.49 -5.77 38.93
N TYR Z 211 19.03 -4.69 38.33
CA TYR Z 211 17.77 -4.68 37.60
C TYR Z 211 18.04 -4.36 36.14
N TYR Z 212 17.17 -4.88 35.28
CA TYR Z 212 17.16 -4.59 33.86
C TYR Z 212 15.88 -3.84 33.55
N VAL Z 213 16.01 -2.68 32.90
CA VAL Z 213 14.88 -1.83 32.56
C VAL Z 213 14.86 -1.63 31.05
N ASP Z 214 13.75 -1.99 30.43
CA ASP Z 214 13.66 -2.09 28.98
C ASP Z 214 13.16 -0.77 28.40
N ASP Z 215 12.83 -0.78 27.11
CA ASP Z 215 12.34 0.40 26.40
C ASP Z 215 10.82 0.48 26.40
N LYS Z 216 10.15 -0.57 26.86
CA LYS Z 216 8.72 -0.65 26.92
C LYS Z 216 8.20 -0.69 28.35
N GLY Z 217 9.06 -0.49 29.34
CA GLY Z 217 8.67 -0.49 30.72
C GLY Z 217 9.06 -1.73 31.49
N SER Z 218 9.57 -2.76 30.83
CA SER Z 218 9.91 -3.99 31.52
C SER Z 218 10.97 -3.73 32.57
N ARG Z 219 10.88 -4.45 33.68
CA ARG Z 219 11.80 -4.25 34.80
C ARG Z 219 11.93 -5.57 35.53
N VAL Z 220 13.07 -6.23 35.34
CA VAL Z 220 13.30 -7.55 35.93
C VAL Z 220 14.47 -7.45 36.89
N LYS Z 221 14.52 -8.39 37.83
CA LYS Z 221 15.61 -8.48 38.80
C LYS Z 221 16.19 -9.89 38.76
N GLN Z 222 17.32 -10.04 38.09
CA GLN Z 222 18.07 -11.29 38.07
C GLN Z 222 19.52 -11.00 38.41
N ASP Z 223 20.31 -12.06 38.56
CA ASP Z 223 21.70 -11.91 38.93
C ASP Z 223 22.64 -12.12 37.75
N LEU Z 224 22.13 -12.11 36.53
CA LEU Z 224 22.96 -12.38 35.36
C LEU Z 224 22.30 -11.79 34.15
N PHE Z 225 22.87 -10.72 33.60
CA PHE Z 225 22.31 -10.10 32.41
C PHE Z 225 23.42 -9.83 31.41
N SER Z 226 23.04 -9.85 30.14
CA SER Z 226 23.91 -9.38 29.07
C SER Z 226 23.01 -8.89 27.95
N VAL Z 227 22.91 -7.57 27.83
CA VAL Z 227 22.10 -6.93 26.81
C VAL Z 227 23.01 -6.52 25.68
N GLY Z 228 22.41 -6.30 24.52
CA GLY Z 228 23.14 -5.86 23.35
C GLY Z 228 22.94 -6.82 22.19
N SER Z 229 23.59 -6.47 21.07
CA SER Z 229 23.48 -7.27 19.86
C SER Z 229 24.43 -8.47 19.89
N GLY Z 230 25.55 -8.34 20.58
CA GLY Z 230 26.46 -9.46 20.73
C GLY Z 230 26.18 -10.23 21.99
N SER Z 231 25.07 -9.90 22.65
CA SER Z 231 24.70 -10.56 23.89
C SER Z 231 24.63 -12.08 23.73
N ILE Z 232 24.14 -12.53 22.58
CA ILE Z 232 23.98 -13.96 22.34
C ILE Z 232 25.31 -14.69 22.38
N TYR Z 233 26.41 -13.96 22.28
CA TYR Z 233 27.72 -14.57 22.40
C TYR Z 233 28.27 -14.48 23.81
N ALA Z 234 27.74 -13.58 24.63
CA ALA Z 234 28.17 -13.54 26.02
C ALA Z 234 27.60 -14.69 26.81
N TYR Z 235 26.27 -14.86 26.75
CA TYR Z 235 25.60 -15.94 27.50
C TYR Z 235 26.32 -17.26 27.35
N GLY Z 236 26.70 -17.63 26.13
CA GLY Z 236 27.35 -18.91 25.91
C GLY Z 236 28.58 -19.08 26.79
N VAL Z 237 29.44 -18.07 26.82
CA VAL Z 237 30.64 -18.16 27.65
C VAL Z 237 30.37 -17.69 29.06
N LEU Z 238 29.20 -17.11 29.33
CA LEU Z 238 28.86 -16.64 30.66
C LEU Z 238 28.15 -17.71 31.48
N ASP Z 239 27.22 -18.43 30.87
CA ASP Z 239 26.44 -19.42 31.61
C ASP Z 239 27.27 -20.62 32.03
N THR Z 240 28.33 -20.94 31.32
CA THR Z 240 29.08 -22.16 31.58
C THR Z 240 30.25 -21.95 32.54
N GLY Z 241 30.52 -20.73 32.96
CA GLY Z 241 31.59 -20.49 33.90
C GLY Z 241 31.12 -19.78 35.13
N TYR Z 242 29.87 -19.33 35.13
CA TYR Z 242 29.33 -18.54 36.22
C TYR Z 242 28.90 -19.43 37.37
N ARG Z 243 29.31 -19.06 38.57
CA ARG Z 243 28.85 -19.69 39.81
C ARG Z 243 28.95 -18.64 40.89
N LYS Z 244 28.18 -18.81 41.96
CA LYS Z 244 28.08 -17.77 42.98
C LYS Z 244 29.44 -17.46 43.59
N ASP Z 245 30.16 -18.48 44.03
CA ASP Z 245 31.38 -18.29 44.81
C ASP Z 245 32.61 -18.07 43.93
N LEU Z 246 32.65 -16.92 43.26
CA LEU Z 246 33.82 -16.56 42.49
C LEU Z 246 34.62 -15.50 43.23
N SER Z 247 35.94 -15.65 43.20
CA SER Z 247 36.80 -14.59 43.71
C SER Z 247 36.67 -13.37 42.82
N VAL Z 248 36.89 -12.20 43.42
CA VAL Z 248 36.68 -10.95 42.70
C VAL Z 248 37.51 -10.92 41.42
N GLU Z 249 38.77 -11.35 41.49
CA GLU Z 249 39.59 -11.41 40.27
C GLU Z 249 39.13 -12.50 39.32
N ASP Z 250 38.78 -13.68 39.82
CA ASP Z 250 38.25 -14.72 38.95
C ASP Z 250 36.96 -14.30 38.25
N ALA Z 251 36.07 -13.62 38.95
CA ALA Z 251 34.84 -13.18 38.31
C ALA Z 251 35.09 -12.04 37.34
N CYS Z 252 35.97 -11.10 37.69
CA CYS Z 252 36.35 -10.08 36.72
C CYS Z 252 36.94 -10.69 35.46
N ASP Z 253 37.76 -11.73 35.60
CA ASP Z 253 38.31 -12.39 34.43
C ASP Z 253 37.22 -13.08 33.63
N LEU Z 254 36.26 -13.69 34.31
CA LEU Z 254 35.15 -14.28 33.58
C LEU Z 254 34.42 -13.24 32.76
N ALA Z 255 34.15 -12.07 33.34
CA ALA Z 255 33.46 -11.03 32.58
C ALA Z 255 34.29 -10.50 31.43
N ARG Z 256 35.59 -10.32 31.64
CA ARG Z 256 36.44 -9.81 30.57
C ARG Z 256 36.55 -10.81 29.43
N ARG Z 257 36.82 -12.08 29.74
CA ARG Z 257 36.87 -13.13 28.75
C ARG Z 257 35.53 -13.42 28.11
N SER Z 258 34.43 -13.01 28.74
CA SER Z 258 33.12 -13.16 28.12
C SER Z 258 32.76 -12.03 27.19
N ILE Z 259 33.15 -10.80 27.51
CA ILE Z 259 32.95 -9.72 26.56
C ILE Z 259 33.87 -9.90 25.36
N PHE Z 260 35.10 -10.37 25.59
CA PHE Z 260 36.04 -10.49 24.49
C PHE Z 260 35.53 -11.46 23.43
N HIS Z 261 34.77 -12.47 23.84
CA HIS Z 261 34.26 -13.43 22.86
C HIS Z 261 33.04 -12.87 22.14
N ALA Z 262 32.38 -11.88 22.71
CA ALA Z 262 31.30 -11.21 21.99
C ALA Z 262 31.84 -10.21 21.00
N THR Z 263 32.95 -9.54 21.33
CA THR Z 263 33.54 -8.60 20.39
C THR Z 263 34.13 -9.30 19.18
N TYR Z 264 34.47 -10.57 19.32
CA TYR Z 264 35.21 -11.27 18.27
C TYR Z 264 34.31 -11.89 17.22
N ARG Z 265 33.10 -12.31 17.59
CA ARG Z 265 32.19 -12.92 16.63
C ARG Z 265 31.15 -11.96 16.09
N ASP Z 266 30.99 -10.80 16.69
CA ASP Z 266 29.93 -9.88 16.30
C ASP Z 266 30.54 -8.66 15.61
N GLY Z 267 29.84 -8.16 14.58
CA GLY Z 267 30.30 -6.99 13.88
C GLY Z 267 29.86 -5.69 14.51
N ALA Z 268 28.92 -5.74 15.44
CA ALA Z 268 28.43 -4.53 16.09
C ALA Z 268 29.06 -4.27 17.45
N SER Z 269 30.10 -5.02 17.82
CA SER Z 269 30.75 -4.86 19.10
C SER Z 269 32.26 -4.96 18.96
N GLY Z 270 32.95 -4.29 19.87
CA GLY Z 270 34.40 -4.32 19.88
C GLY Z 270 34.95 -3.03 20.45
N GLY Z 271 36.27 -2.91 20.40
CA GLY Z 271 36.91 -1.70 20.85
C GLY Z 271 37.74 -1.89 22.09
N ILE Z 272 37.32 -1.29 23.20
CA ILE Z 272 38.01 -1.42 24.48
C ILE Z 272 37.06 -2.05 25.49
N VAL Z 273 37.48 -3.17 26.06
CA VAL Z 273 36.69 -3.88 27.05
C VAL Z 273 36.99 -3.27 28.41
N THR Z 274 35.94 -2.89 29.12
CA THR Z 274 36.09 -2.22 30.40
C THR Z 274 35.26 -2.94 31.46
N VAL Z 275 35.83 -3.11 32.65
CA VAL Z 275 35.22 -3.89 33.71
C VAL Z 275 35.12 -3.06 34.97
N TYR Z 276 33.91 -2.93 35.50
CA TYR Z 276 33.63 -2.18 36.70
C TYR Z 276 33.18 -3.13 37.80
N HIS Z 277 33.46 -2.77 39.04
CA HIS Z 277 33.16 -3.58 40.21
C HIS Z 277 32.34 -2.76 41.19
N VAL Z 278 31.26 -3.34 41.69
CA VAL Z 278 30.35 -2.67 42.61
C VAL Z 278 30.39 -3.43 43.92
N HIS Z 279 30.90 -2.79 44.96
CA HIS Z 279 30.93 -3.33 46.31
C HIS Z 279 30.25 -2.36 47.26
N GLU Z 280 30.26 -2.68 48.56
CA GLU Z 280 29.49 -1.92 49.53
C GLU Z 280 29.99 -0.49 49.68
N LYS Z 281 31.24 -0.23 49.32
CA LYS Z 281 31.80 1.11 49.49
C LYS Z 281 31.60 2.01 48.28
N GLY Z 282 31.00 1.50 47.21
CA GLY Z 282 30.84 2.28 46.00
C GLY Z 282 31.10 1.45 44.76
N TRP Z 283 31.95 1.95 43.87
CA TRP Z 283 32.33 1.20 42.68
C TRP Z 283 33.67 1.71 42.19
N THR Z 284 34.45 0.81 41.60
CA THR Z 284 35.79 1.13 41.09
C THR Z 284 35.98 0.50 39.73
N LYS Z 285 36.49 1.27 38.77
CA LYS Z 285 36.83 0.72 37.46
C LYS Z 285 38.01 -0.23 37.61
N ILE Z 286 37.76 -1.52 37.42
CA ILE Z 286 38.81 -2.52 37.59
C ILE Z 286 39.87 -2.35 36.50
N SER Z 287 39.47 -2.47 35.25
CA SER Z 287 40.43 -2.48 34.16
C SER Z 287 39.77 -1.96 32.89
N ARG Z 288 40.60 -1.54 31.94
CA ARG Z 288 40.17 -0.97 30.68
C ARG Z 288 41.20 -1.26 29.59
N ASP Z 289 40.98 -2.30 28.80
CA ASP Z 289 42.02 -2.82 27.92
C ASP Z 289 41.51 -2.99 26.49
N ASP Z 290 42.42 -2.80 25.54
CA ASP Z 290 42.07 -2.92 24.13
C ASP Z 290 41.66 -4.35 23.81
N GLN Z 291 40.78 -4.49 22.82
CA GLN Z 291 40.21 -5.80 22.51
C GLN Z 291 41.20 -6.71 21.80
N THR Z 292 42.19 -6.16 21.12
CA THR Z 292 43.17 -7.00 20.43
C THR Z 292 44.32 -7.41 21.33
N LYS Z 293 44.78 -6.52 22.21
CA LYS Z 293 45.78 -6.92 23.20
C LYS Z 293 45.28 -8.06 24.08
N LEU Z 294 43.95 -8.20 24.17
CA LEU Z 294 43.37 -9.34 24.86
C LEU Z 294 43.49 -10.60 24.03
N TYR Z 295 43.41 -10.48 22.70
CA TYR Z 295 43.43 -11.66 21.85
C TYR Z 295 44.72 -12.43 21.99
N HIS Z 296 45.86 -11.75 21.92
CA HIS Z 296 47.12 -12.43 22.09
C HIS Z 296 47.41 -12.76 23.55
N ARG Z 297 46.53 -12.37 24.46
CA ARG Z 297 46.66 -12.75 25.86
C ARG Z 297 45.85 -13.99 26.20
N TYR Z 298 44.77 -14.24 25.48
CA TYR Z 298 43.95 -15.42 25.73
C TYR Z 298 44.31 -16.58 24.82
N PHE Z 299 44.69 -16.29 23.57
CA PHE Z 299 45.15 -17.31 22.63
C PHE Z 299 46.57 -16.97 22.21
N PRO Z 300 47.54 -17.17 23.09
CA PRO Z 300 48.92 -16.81 22.76
C PRO Z 300 49.56 -17.85 21.85
N SER Z 301 50.62 -17.43 21.14
CA SER Z 301 51.11 -18.16 19.95
C SER Z 301 50.11 -18.19 18.80
N TRP AA 126 6.08 17.15 -1.00
CA TRP AA 126 6.78 18.10 -0.15
C TRP AA 126 7.12 17.48 1.20
N SER AA 127 8.42 17.41 1.48
CA SER AA 127 8.91 16.98 2.77
C SER AA 127 9.70 18.10 3.41
N PRO AA 128 9.53 18.31 4.72
CA PRO AA 128 10.14 19.50 5.33
C PRO AA 128 11.64 19.37 5.53
N TYR AA 129 12.24 18.32 4.96
CA TYR AA 129 13.66 18.07 5.13
C TYR AA 129 14.37 18.22 3.79
N GLN AA 130 15.69 18.36 3.88
CA GLN AA 130 16.55 18.58 2.73
C GLN AA 130 18.00 18.50 3.23
N ASP AA 131 18.89 18.00 2.38
CA ASP AA 131 20.30 17.92 2.72
C ASP AA 131 21.09 18.87 1.83
N ASN AA 132 21.69 19.90 2.43
CA ASN AA 132 22.47 20.87 1.68
C ASN AA 132 23.96 20.54 1.68
N GLY AA 133 24.30 19.26 1.72
CA GLY AA 133 25.68 18.83 1.55
C GLY AA 133 26.63 19.49 2.53
N GLY AA 134 27.82 19.76 2.04
CA GLY AA 134 28.86 20.37 2.84
C GLY AA 134 29.53 19.38 3.76
N THR AA 135 30.58 19.85 4.42
CA THR AA 135 31.30 19.04 5.38
C THR AA 135 32.10 19.94 6.31
N THR AA 136 32.39 19.40 7.49
CA THR AA 136 33.24 20.07 8.46
C THR AA 136 34.13 19.04 9.13
N ALA AA 137 35.21 19.53 9.74
CA ALA AA 137 36.21 18.66 10.32
C ALA AA 137 37.08 19.47 11.27
N ALA AA 138 37.33 18.92 12.45
CA ALA AA 138 38.15 19.60 13.43
C ALA AA 138 39.22 18.67 13.94
N ILE AA 139 40.33 19.27 14.37
CA ILE AA 139 41.41 18.55 15.04
C ILE AA 139 41.79 19.37 16.26
N ALA AA 140 41.70 18.77 17.44
CA ALA AA 140 42.12 19.45 18.64
C ALA AA 140 43.59 19.15 18.92
N GLY AA 141 44.32 20.15 19.36
CA GLY AA 141 45.73 20.01 19.66
C GLY AA 141 46.01 20.08 21.14
N LYS AA 142 47.17 20.61 21.47
CA LYS AA 142 47.55 20.80 22.87
C LYS AA 142 47.00 22.09 23.45
N ASP AA 143 47.09 23.19 22.71
CA ASP AA 143 46.56 24.46 23.18
C ASP AA 143 45.89 25.21 22.05
N PHE AA 144 45.16 24.49 21.20
CA PHE AA 144 44.52 25.07 20.04
C PHE AA 144 43.52 24.07 19.50
N VAL AA 145 42.65 24.52 18.62
CA VAL AA 145 41.83 23.63 17.82
C VAL AA 145 41.72 24.19 16.41
N ILE AA 146 41.86 23.33 15.42
CA ILE AA 146 41.71 23.71 14.03
C ILE AA 146 40.34 23.23 13.57
N LEU AA 147 39.45 24.18 13.31
CA LEU AA 147 38.12 23.86 12.80
C LEU AA 147 38.09 24.19 11.32
N ALA AA 148 37.36 23.41 10.54
CA ALA AA 148 37.32 23.64 9.10
C ALA AA 148 35.95 23.32 8.56
N GLY AA 149 35.45 24.18 7.69
CA GLY AA 149 34.18 23.92 7.06
C GLY AA 149 34.20 24.33 5.61
N ASP AA 150 33.63 23.53 4.71
CA ASP AA 150 33.65 23.91 3.30
C ASP AA 150 32.51 24.87 3.00
N THR AA 151 32.82 25.93 2.26
CA THR AA 151 31.85 26.96 1.93
C THR AA 151 31.24 26.62 0.57
N ARG AA 152 30.14 25.89 0.62
CA ARG AA 152 29.44 25.47 -0.60
C ARG AA 152 28.03 25.09 -0.21
N LEU AA 153 27.05 25.64 -0.90
CA LEU AA 153 25.65 25.39 -0.61
C LEU AA 153 24.95 24.94 -1.88
N ASN AA 154 24.39 23.73 -1.85
CA ASN AA 154 23.70 23.19 -3.01
C ASN AA 154 22.31 22.78 -2.62
N GLY AA 155 21.36 23.02 -3.52
CA GLY AA 155 19.96 22.74 -3.32
C GLY AA 155 19.58 21.36 -3.80
N ASP AA 156 18.44 21.29 -4.51
CA ASP AA 156 17.96 20.01 -5.00
C ASP AA 156 18.92 19.39 -6.01
N PHE AA 157 19.09 20.05 -7.14
CA PHE AA 157 20.04 19.58 -8.14
C PHE AA 157 21.00 20.67 -8.62
N CYS AA 158 20.70 21.93 -8.36
CA CYS AA 158 21.56 23.02 -8.76
C CYS AA 158 22.57 23.31 -7.65
N LEU AA 159 23.28 24.43 -7.77
CA LEU AA 159 24.27 24.85 -6.78
C LEU AA 159 23.93 26.28 -6.38
N HIS AA 160 23.38 26.44 -5.19
CA HIS AA 160 22.92 27.75 -4.76
C HIS AA 160 24.09 28.73 -4.66
N SER AA 161 25.08 28.44 -3.83
CA SER AA 161 26.15 29.38 -3.59
C SER AA 161 27.48 28.66 -3.43
N ARG AA 162 28.55 29.41 -3.64
CA ARG AA 162 29.89 28.94 -3.33
C ARG AA 162 30.53 29.73 -2.20
N HIS AA 163 29.80 30.65 -1.57
CA HIS AA 163 30.33 31.50 -0.52
C HIS AA 163 29.48 31.39 0.73
N ASP AA 164 28.99 30.19 1.01
CA ASP AA 164 28.13 29.94 2.16
C ASP AA 164 28.98 29.92 3.42
N GLN AA 165 28.78 30.90 4.31
CA GLN AA 165 29.51 30.98 5.56
C GLN AA 165 28.63 30.61 6.76
N SER AA 166 27.55 29.88 6.53
CA SER AA 166 26.59 29.56 7.58
C SER AA 166 26.83 28.19 8.18
N LYS AA 167 28.07 27.75 8.23
CA LYS AA 167 28.43 26.49 8.87
C LYS AA 167 29.04 26.67 10.23
N ILE AA 168 30.05 27.53 10.34
CA ILE AA 168 30.80 27.72 11.57
C ILE AA 168 30.32 28.98 12.26
N PHE AA 169 29.71 28.81 13.43
CA PHE AA 169 29.11 29.93 14.16
C PHE AA 169 29.78 30.07 15.51
N GLN AA 170 30.24 31.27 15.81
CA GLN AA 170 31.01 31.53 17.02
C GLN AA 170 30.06 31.86 18.17
N LEU AA 171 30.05 31.00 19.19
CA LEU AA 171 29.19 31.25 20.35
C LEU AA 171 29.89 32.14 21.37
N THR AA 172 31.04 31.70 21.85
CA THR AA 172 31.82 32.47 22.81
C THR AA 172 33.22 32.61 22.26
N PRO AA 173 34.03 33.55 22.77
CA PRO AA 173 35.36 33.78 22.17
C PRO AA 173 36.23 32.54 22.06
N TYR AA 174 35.94 31.47 22.81
CA TYR AA 174 36.70 30.24 22.73
C TYR AA 174 35.87 29.04 22.34
N THR AA 175 34.68 29.22 21.77
CA THR AA 175 33.80 28.11 21.44
C THR AA 175 33.11 28.36 20.12
N TYR AA 176 33.00 27.34 19.29
CA TYR AA 176 32.34 27.42 18.01
C TYR AA 176 31.43 26.21 17.85
N MET AA 177 30.42 26.33 17.01
CA MET AA 177 29.64 25.19 16.60
C MET AA 177 29.65 25.10 15.09
N ALA AA 178 30.04 23.94 14.58
CA ALA AA 178 30.06 23.71 13.15
C ALA AA 178 29.09 22.58 12.84
N SER AA 179 28.10 22.86 12.00
CA SER AA 179 27.00 21.94 11.79
C SER AA 179 26.78 21.76 10.29
N ASN AA 180 26.33 20.56 9.92
CA ASN AA 180 26.03 20.24 8.53
C ASN AA 180 24.63 19.65 8.46
N GLY AA 181 24.13 19.51 7.23
CA GLY AA 181 22.83 18.94 7.03
C GLY AA 181 21.88 19.91 6.38
N MET AA 182 20.72 20.14 6.99
CA MET AA 182 19.78 21.09 6.44
C MET AA 182 20.17 22.50 6.90
N GLN AA 183 20.04 23.46 5.99
CA GLN AA 183 20.57 24.80 6.27
C GLN AA 183 19.62 25.60 7.14
N ALA AA 184 18.32 25.49 6.93
CA ALA AA 184 17.36 26.21 7.76
C ALA AA 184 17.44 25.74 9.21
N ASP AA 185 17.58 24.43 9.42
CA ASP AA 185 17.66 23.91 10.77
C ASP AA 185 18.90 24.39 11.50
N ARG AA 186 20.03 24.51 10.81
CA ARG AA 186 21.20 25.01 11.52
C ARG AA 186 21.14 26.52 11.71
N LEU AA 187 20.50 27.25 10.79
CA LEU AA 187 20.30 28.68 11.03
C LEU AA 187 19.35 28.91 12.20
N GLN AA 188 18.47 27.95 12.48
CA GLN AA 188 17.58 28.07 13.62
C GLN AA 188 18.29 27.68 14.91
N LEU AA 189 19.00 26.56 14.88
CA LEU AA 189 19.70 26.08 16.06
C LEU AA 189 20.79 27.04 16.50
N GLN AA 190 21.44 27.72 15.56
CA GLN AA 190 22.45 28.70 15.94
C GLN AA 190 21.84 29.82 16.76
N GLN AA 191 20.67 30.33 16.37
CA GLN AA 191 20.03 31.38 17.14
C GLN AA 191 19.54 30.87 18.48
N MET AA 192 19.00 29.66 18.54
CA MET AA 192 18.59 29.12 19.83
C MET AA 192 19.76 29.01 20.79
N LEU AA 193 20.90 28.49 20.31
CA LEU AA 193 22.08 28.38 21.16
C LEU AA 193 22.64 29.75 21.54
N LYS AA 194 22.61 30.71 20.61
CA LYS AA 194 23.11 32.03 20.94
C LYS AA 194 22.27 32.70 22.01
N TYR AA 195 20.96 32.52 21.96
CA TYR AA 195 20.13 33.09 23.02
C TYR AA 195 20.27 32.36 24.34
N ARG AA 196 20.44 31.04 24.33
CA ARG AA 196 20.71 30.35 25.59
C ARG AA 196 22.01 30.82 26.20
N VAL AA 197 23.05 31.01 25.38
CA VAL AA 197 24.31 31.54 25.89
C VAL AA 197 24.12 32.93 26.45
N LYS AA 198 23.29 33.75 25.82
CA LYS AA 198 23.09 35.10 26.35
C LYS AA 198 22.34 35.08 27.67
N TRP AA 199 21.35 34.20 27.82
CA TRP AA 199 20.70 34.07 29.11
C TRP AA 199 21.68 33.64 30.19
N TYR AA 200 22.50 32.62 29.88
CA TYR AA 200 23.49 32.17 30.85
C TYR AA 200 24.44 33.31 31.23
N LYS AA 201 24.75 34.17 30.27
CA LYS AA 201 25.66 35.27 30.57
C LYS AA 201 25.00 36.33 31.43
N TYR AA 202 23.70 36.54 31.25
CA TYR AA 202 23.00 37.57 32.02
C TYR AA 202 22.68 37.12 33.43
N ASN AA 203 22.36 35.84 33.63
CA ASN AA 203 22.06 35.33 34.95
C ASN AA 203 23.28 35.15 35.83
N ASN AA 204 24.46 34.93 35.25
CA ASN AA 204 25.67 34.62 36.01
C ASN AA 204 26.61 35.80 36.09
N GLY AA 205 26.09 37.02 36.01
CA GLY AA 205 26.91 38.20 36.22
C GLY AA 205 28.05 38.37 35.25
N GLY AA 206 27.83 38.13 33.97
CA GLY AA 206 28.86 38.32 32.97
C GLY AA 206 29.81 37.16 32.81
N LYS AA 207 29.48 35.98 33.30
CA LYS AA 207 30.37 34.85 33.19
C LYS AA 207 30.08 34.06 31.93
N VAL AA 208 30.97 34.16 30.95
CA VAL AA 208 30.83 33.46 29.68
C VAL AA 208 30.96 31.96 29.91
N PRO AA 209 30.00 31.15 29.45
CA PRO AA 209 30.03 29.72 29.77
C PRO AA 209 31.25 29.03 29.17
N SER AA 210 31.52 27.83 29.67
CA SER AA 210 32.65 27.04 29.21
C SER AA 210 32.22 26.14 28.05
N THR AA 211 33.20 25.49 27.42
CA THR AA 211 32.89 24.59 26.33
C THR AA 211 32.08 23.40 26.80
N LYS AA 212 32.42 22.87 27.97
CA LYS AA 212 31.70 21.73 28.51
C LYS AA 212 30.24 22.05 28.74
N ALA AA 213 29.96 23.23 29.31
CA ALA AA 213 28.59 23.64 29.55
C ALA AA 213 27.83 23.82 28.25
N ILE AA 214 28.49 24.41 27.24
CA ILE AA 214 27.83 24.62 25.97
C ILE AA 214 27.51 23.29 25.30
N ALA AA 215 28.42 22.32 25.40
CA ALA AA 215 28.18 21.03 24.77
C ALA AA 215 27.03 20.30 25.44
N GLN AA 216 26.99 20.28 26.78
CA GLN AA 216 25.88 19.65 27.45
C GLN AA 216 24.56 20.36 27.16
N LEU AA 217 24.60 21.69 27.11
CA LEU AA 217 23.40 22.45 26.77
C LEU AA 217 22.91 22.09 25.39
N MET AA 218 23.83 21.91 24.44
CA MET AA 218 23.41 21.61 23.08
C MET AA 218 22.82 20.22 22.99
N SER AA 219 23.37 19.26 23.73
CA SER AA 219 22.75 17.94 23.76
C SER AA 219 21.33 18.02 24.29
N THR AA 220 21.15 18.70 25.43
CA THR AA 220 19.82 18.88 25.98
C THR AA 220 18.87 19.56 25.01
N MET AA 221 19.36 20.55 24.24
CA MET AA 221 18.49 21.22 23.28
C MET AA 221 18.13 20.30 22.13
N LEU AA 222 19.09 19.49 21.67
CA LEU AA 222 18.84 18.61 20.54
C LEU AA 222 17.83 17.53 20.91
N TYR AA 223 17.81 17.11 22.17
CA TYR AA 223 16.90 16.03 22.53
C TYR AA 223 15.49 16.53 22.81
N HIS AA 224 15.31 17.81 23.09
CA HIS AA 224 13.94 18.29 23.34
C HIS AA 224 13.10 18.22 22.08
N ARG AA 225 13.68 18.59 20.94
CA ARG AA 225 13.02 18.42 19.65
C ARG AA 225 13.32 17.02 19.12
N ARG AA 226 12.89 16.02 19.89
CA ARG AA 226 13.20 14.64 19.55
C ARG AA 226 12.21 14.03 18.59
N PHE AA 227 10.99 14.55 18.55
CA PHE AA 227 9.94 13.94 17.74
C PHE AA 227 9.74 14.63 16.41
N PHE AA 228 10.21 15.87 16.27
CA PHE AA 228 10.30 16.56 14.98
C PHE AA 228 11.69 17.14 14.90
N PRO AA 229 12.69 16.32 14.63
CA PRO AA 229 14.07 16.68 15.00
C PRO AA 229 14.65 17.76 14.10
N TYR AA 230 15.86 18.19 14.49
CA TYR AA 230 16.70 18.99 13.63
C TYR AA 230 17.47 18.07 12.70
N TYR AA 231 17.60 18.46 11.44
CA TYR AA 231 18.35 17.66 10.49
C TYR AA 231 19.78 18.21 10.38
N THR AA 232 20.46 18.23 11.51
CA THR AA 232 21.84 18.70 11.54
C THR AA 232 22.73 17.68 12.24
N PHE AA 233 23.99 17.68 11.85
CA PHE AA 233 25.05 16.94 12.52
C PHE AA 233 26.10 17.94 12.96
N ASN AA 234 26.36 17.99 14.26
CA ASN AA 234 26.98 19.14 14.90
C ASN AA 234 28.33 18.76 15.50
N MET AA 235 29.14 19.79 15.72
CA MET AA 235 30.38 19.65 16.46
C MET AA 235 30.57 20.92 17.28
N VAL AA 236 30.70 20.78 18.59
CA VAL AA 236 31.01 21.93 19.42
C VAL AA 236 32.50 21.93 19.72
N VAL AA 237 33.22 22.82 19.06
CA VAL AA 237 34.67 22.84 19.12
C VAL AA 237 35.12 24.01 19.99
N GLY AA 238 35.86 23.73 21.04
CA GLY AA 238 36.30 24.79 21.92
C GLY AA 238 37.44 24.35 22.78
N LEU AA 239 37.86 25.25 23.67
CA LEU AA 239 38.96 25.02 24.59
C LEU AA 239 38.43 24.71 25.98
N ASP AA 240 39.09 23.78 26.65
CA ASP AA 240 38.74 23.40 28.01
C ASP AA 240 39.30 24.43 28.99
N GLU AA 241 39.26 24.10 30.27
CA GLU AA 241 39.65 25.03 31.31
C GLU AA 241 41.15 25.02 31.54
N GLU AA 242 41.79 23.85 31.48
CA GLU AA 242 43.23 23.77 31.65
C GLU AA 242 43.99 24.26 30.43
N GLY AA 243 43.30 24.69 29.38
CA GLY AA 243 43.91 25.17 28.18
C GLY AA 243 43.85 24.19 27.03
N HIS AA 244 43.73 22.90 27.32
CA HIS AA 244 43.69 21.90 26.26
C HIS AA 244 42.44 22.07 25.42
N GLY AA 245 42.56 21.77 24.13
CA GLY AA 245 41.43 21.86 23.22
C GLY AA 245 40.75 20.52 23.05
N VAL AA 246 39.42 20.55 22.95
CA VAL AA 246 38.62 19.33 22.87
C VAL AA 246 37.52 19.55 21.85
N CYS AA 247 37.12 18.48 21.17
CA CYS AA 247 36.00 18.57 20.25
C CYS AA 247 34.87 17.67 20.72
N TYR AA 248 33.66 18.01 20.33
CA TYR AA 248 32.51 17.17 20.61
C TYR AA 248 31.83 16.82 19.31
N SER AA 249 31.10 15.72 19.31
CA SER AA 249 30.39 15.27 18.11
C SER AA 249 29.03 14.75 18.51
N TYR AA 250 28.02 15.13 17.74
CA TYR AA 250 26.64 14.82 18.02
C TYR AA 250 26.03 14.05 16.86
N ASP AA 251 24.99 13.30 17.18
CA ASP AA 251 24.12 12.69 16.19
C ASP AA 251 22.98 13.66 15.92
N ALA AA 252 21.93 13.19 15.26
CA ALA AA 252 20.80 14.06 14.98
C ALA AA 252 19.96 14.33 16.21
N VAL AA 253 20.03 13.47 17.22
CA VAL AA 253 19.17 13.56 18.39
C VAL AA 253 19.93 13.95 19.65
N GLY AA 254 21.26 13.82 19.66
CA GLY AA 254 22.06 14.36 20.73
C GLY AA 254 22.99 13.39 21.41
N SER AA 255 23.45 12.35 20.75
CA SER AA 255 24.42 11.45 21.37
C SER AA 255 25.81 12.05 21.32
N THR AA 256 26.17 12.86 22.30
CA THR AA 256 27.44 13.55 22.31
C THR AA 256 28.57 12.60 22.70
N GLU AA 257 29.75 12.84 22.12
CA GLU AA 257 30.93 12.14 22.63
C GLU AA 257 32.17 13.00 22.49
N PRO AA 258 32.87 13.29 23.58
CA PRO AA 258 34.08 14.11 23.48
C PRO AA 258 35.21 13.33 22.85
N PHE AA 259 36.00 14.02 22.04
CA PHE AA 259 37.07 13.36 21.31
C PHE AA 259 38.07 14.41 20.87
N LEU AA 260 39.17 13.95 20.26
CA LEU AA 260 40.28 14.82 19.93
C LEU AA 260 40.28 15.28 18.48
N TYR AA 261 39.68 14.52 17.57
CA TYR AA 261 39.44 15.05 16.24
C TYR AA 261 38.03 14.67 15.81
N GLY AA 262 37.72 14.89 14.54
CA GLY AA 262 36.44 14.42 14.06
C GLY AA 262 35.85 15.18 12.90
N THR AA 263 35.27 14.46 11.94
CA THR AA 263 34.69 15.06 10.76
C THR AA 263 33.23 14.65 10.66
N ARG AA 264 32.42 15.54 10.10
CA ARG AA 264 31.02 15.28 9.83
C ARG AA 264 30.66 15.79 8.45
N GLY AA 265 29.62 15.21 7.88
CA GLY AA 265 29.12 15.62 6.59
C GLY AA 265 29.23 14.49 5.61
N SER AA 266 28.91 14.81 4.35
CA SER AA 266 28.96 13.81 3.29
C SER AA 266 30.36 13.26 3.07
N ALA AA 267 31.39 14.03 3.38
CA ALA AA 267 32.78 13.60 3.23
C ALA AA 267 33.35 13.04 4.52
N ALA AA 268 32.52 12.42 5.36
CA ALA AA 268 33.01 11.88 6.62
C ALA AA 268 33.84 10.63 6.40
N SER AA 269 33.30 9.66 5.68
CA SER AA 269 33.98 8.39 5.48
C SER AA 269 35.21 8.50 4.60
N PHE AA 270 35.49 9.67 4.05
CA PHE AA 270 36.76 9.92 3.39
C PHE AA 270 37.82 10.44 4.34
N VAL AA 271 37.50 11.47 5.11
CA VAL AA 271 38.48 12.16 5.93
C VAL AA 271 38.77 11.41 7.22
N GLU AA 272 37.75 10.75 7.80
CA GLU AA 272 37.93 10.13 9.11
C GLU AA 272 39.02 9.05 9.10
N PRO AA 273 39.01 8.09 8.17
CA PRO AA 273 40.05 7.07 8.19
C PRO AA 273 41.43 7.61 7.88
N LEU AA 274 41.54 8.71 7.14
CA LEU AA 274 42.84 9.30 6.92
C LEU AA 274 43.41 9.90 8.19
N LEU AA 275 42.61 10.67 8.92
CA LEU AA 275 43.07 11.23 10.19
C LEU AA 275 43.35 10.13 11.20
N ASP AA 276 42.50 9.09 11.22
CA ASP AA 276 42.72 7.95 12.09
C ASP AA 276 44.10 7.35 11.92
N CYS AA 277 44.67 7.49 10.73
CA CYS AA 277 45.91 6.81 10.39
C CYS AA 277 47.15 7.67 10.60
N LEU AA 278 47.00 9.00 10.60
CA LEU AA 278 48.14 9.89 10.80
C LEU AA 278 48.21 10.47 12.20
N ILE AA 279 47.13 10.35 12.97
CA ILE AA 279 47.11 10.88 14.33
C ILE AA 279 47.30 9.78 15.35
N ASN AA 280 46.43 8.77 15.33
CA ASN AA 280 46.53 7.66 16.27
C ASN AA 280 47.76 6.81 16.02
N ARG AA 281 48.26 6.80 14.79
CA ARG AA 281 49.49 6.11 14.44
C ARG AA 281 49.45 4.64 14.85
N GLN AA 282 48.28 4.03 14.69
CA GLN AA 282 48.16 2.60 14.85
C GLN AA 282 48.62 1.90 13.58
N HIS AA 283 48.87 0.60 13.69
CA HIS AA 283 49.27 -0.24 12.56
C HIS AA 283 50.53 0.29 11.88
N MET AA 284 51.46 0.84 12.66
CA MET AA 284 52.76 1.25 12.13
C MET AA 284 53.82 1.00 13.18
N THR AA 285 54.72 0.06 12.91
CA THR AA 285 55.80 -0.26 13.83
C THR AA 285 56.90 0.79 13.71
N SER AA 286 56.56 2.00 14.13
CA SER AA 286 57.48 3.14 14.11
C SER AA 286 57.12 4.01 15.31
N GLN AA 287 58.10 4.28 16.17
CA GLN AA 287 57.88 5.03 17.40
C GLN AA 287 57.10 6.32 17.13
N ALA AA 288 56.22 6.68 18.05
CA ALA AA 288 55.29 7.78 17.83
C ALA AA 288 56.05 9.08 17.52
N PRO AA 289 55.64 9.83 16.51
CA PRO AA 289 56.32 11.08 16.17
C PRO AA 289 56.10 12.12 17.26
N PRO AA 290 56.73 13.30 17.15
CA PRO AA 290 56.46 14.36 18.14
C PRO AA 290 55.05 14.88 18.05
N GLU AA 291 54.64 15.68 19.05
CA GLU AA 291 53.30 16.21 19.06
C GLU AA 291 53.13 17.28 17.98
N MET AA 292 52.04 17.17 17.22
CA MET AA 292 51.83 18.05 16.08
C MET AA 292 51.42 19.44 16.54
N THR AA 293 51.99 20.45 15.89
CA THR AA 293 51.72 21.84 16.23
C THR AA 293 50.63 22.41 15.31
N LYS AA 294 50.45 23.73 15.37
CA LYS AA 294 49.41 24.39 14.60
C LYS AA 294 49.66 24.24 13.10
N GLU AA 295 50.88 24.55 12.65
CA GLU AA 295 51.18 24.52 11.22
C GLU AA 295 51.07 23.10 10.66
N GLU AA 296 51.60 22.12 11.38
CA GLU AA 296 51.56 20.75 10.88
C GLU AA 296 50.13 20.25 10.79
N THR AA 297 49.32 20.50 11.82
CA THR AA 297 47.93 20.09 11.79
C THR AA 297 47.17 20.79 10.68
N LEU AA 298 47.44 22.07 10.47
CA LEU AA 298 46.81 22.80 9.38
C LEU AA 298 47.12 22.15 8.05
N ALA AA 299 48.39 21.79 7.84
CA ALA AA 299 48.79 21.17 6.58
C ALA AA 299 48.13 19.81 6.40
N MET AA 300 48.04 19.03 7.48
CA MET AA 300 47.39 17.73 7.40
C MET AA 300 45.92 17.87 7.02
N LEU AA 301 45.22 18.81 7.64
CA LEU AA 301 43.82 19.01 7.34
C LEU AA 301 43.62 19.53 5.91
N LYS AA 302 44.54 20.38 5.44
CA LYS AA 302 44.50 20.80 4.05
C LYS AA 302 44.66 19.62 3.11
N ASN AA 303 45.60 18.71 3.41
CA ASN AA 303 45.71 17.48 2.63
C ASN AA 303 44.38 16.74 2.58
N ALA AA 304 43.77 16.54 3.74
CA ALA AA 304 42.53 15.78 3.80
C ALA AA 304 41.45 16.43 2.94
N PHE AA 305 41.36 17.76 2.97
CA PHE AA 305 40.30 18.41 2.21
C PHE AA 305 40.60 18.44 0.72
N THR AA 306 41.86 18.61 0.34
CA THR AA 306 42.20 18.52 -1.08
C THR AA 306 41.99 17.11 -1.62
N GLY AA 307 42.12 16.10 -0.78
CA GLY AA 307 41.80 14.76 -1.21
C GLY AA 307 40.33 14.46 -1.26
N ALA AA 308 39.53 15.04 -0.37
CA ALA AA 308 38.10 14.83 -0.37
C ALA AA 308 37.36 15.68 -1.39
N ALA AA 309 37.95 16.74 -1.89
CA ALA AA 309 37.33 17.58 -2.91
C ALA AA 309 37.45 16.97 -4.29
N GLU AA 310 38.20 15.88 -4.42
CA GLU AA 310 38.44 15.26 -5.71
C GLU AA 310 37.68 13.96 -5.87
N ARG AA 311 37.05 13.44 -4.81
CA ARG AA 311 36.26 12.22 -4.93
C ARG AA 311 34.83 12.38 -4.47
N ASP AA 312 34.46 13.45 -3.78
CA ASP AA 312 33.06 13.69 -3.43
C ASP AA 312 32.49 14.76 -4.35
N ILE AA 313 31.30 14.49 -4.90
CA ILE AA 313 30.69 15.42 -5.83
C ILE AA 313 30.11 16.65 -5.16
N TYR AA 314 29.68 16.54 -3.90
CA TYR AA 314 29.02 17.64 -3.21
C TYR AA 314 29.95 18.47 -2.34
N THR AA 315 31.24 18.19 -2.34
CA THR AA 315 32.16 18.80 -1.39
C THR AA 315 33.18 19.67 -2.11
N GLY AA 316 33.36 20.89 -1.61
CA GLY AA 316 34.53 21.66 -1.91
C GLY AA 316 34.40 22.71 -2.98
N ASP AA 317 34.27 23.97 -2.59
CA ASP AA 317 34.48 25.09 -3.49
C ASP AA 317 35.48 26.04 -2.87
N SER AA 318 35.45 26.13 -1.54
CA SER AA 318 36.45 26.83 -0.75
C SER AA 318 36.23 26.51 0.72
N VAL AA 319 37.28 26.15 1.44
CA VAL AA 319 37.17 25.78 2.84
C VAL AA 319 37.68 26.91 3.71
N SER AA 320 37.10 27.05 4.89
CA SER AA 320 37.49 28.06 5.85
C SER AA 320 38.01 27.38 7.11
N PHE AA 321 39.21 27.78 7.53
CA PHE AA 321 39.86 27.26 8.72
C PHE AA 321 39.81 28.31 9.83
N PHE AA 322 39.56 27.83 11.04
CA PHE AA 322 39.55 28.66 12.24
C PHE AA 322 40.51 28.07 13.24
N ILE AA 323 41.58 28.80 13.51
CA ILE AA 323 42.60 28.39 14.47
C ILE AA 323 42.24 29.04 15.79
N ILE AA 324 41.66 28.26 16.71
CA ILE AA 324 41.29 28.76 18.02
C ILE AA 324 42.46 28.53 18.96
N THR AA 325 43.03 29.61 19.46
CA THR AA 325 44.09 29.58 20.46
C THR AA 325 43.64 30.40 21.67
N LYS AA 326 44.56 30.58 22.61
CA LYS AA 326 44.18 31.27 23.84
C LYS AA 326 44.13 32.79 23.64
N ASP AA 327 45.00 33.34 22.81
CA ASP AA 327 45.03 34.78 22.57
C ASP AA 327 44.12 35.10 21.40
N GLY AA 328 42.89 34.61 21.48
CA GLY AA 328 41.92 34.82 20.43
C GLY AA 328 41.98 33.76 19.35
N VAL AA 329 41.31 34.05 18.24
CA VAL AA 329 41.13 33.11 17.14
C VAL AA 329 41.59 33.79 15.86
N GLN AA 330 42.23 33.04 14.98
CA GLN AA 330 42.47 33.56 13.64
C GLN AA 330 41.75 32.71 12.61
N GLN AA 331 41.72 33.21 11.38
CA GLN AA 331 40.87 32.69 10.32
C GLN AA 331 41.60 32.71 8.99
N GLU AA 332 41.45 31.64 8.23
CA GLU AA 332 42.11 31.54 6.94
C GLU AA 332 41.19 30.85 5.94
N SER AA 333 41.46 31.05 4.65
CA SER AA 333 40.69 30.44 3.60
C SER AA 333 41.61 29.62 2.70
N PHE AA 334 41.01 28.66 2.00
CA PHE AA 334 41.78 27.77 1.14
C PHE AA 334 40.88 27.35 -0.01
N GLU AA 335 41.41 27.41 -1.23
CA GLU AA 335 40.59 27.28 -2.42
C GLU AA 335 40.73 25.90 -3.05
N LEU AA 336 39.60 25.31 -3.43
CA LEU AA 336 39.54 23.98 -4.00
C LEU AA 336 39.09 24.04 -5.46
N ARG AA 337 38.86 22.86 -6.04
CA ARG AA 337 38.31 22.79 -7.38
C ARG AA 337 36.84 23.18 -7.37
N LYS AA 338 36.44 23.94 -8.39
CA LYS AA 338 35.08 24.44 -8.50
C LYS AA 338 34.20 23.55 -9.38
N ASP AA 339 34.47 22.25 -9.46
CA ASP AA 339 33.65 21.36 -10.27
C ASP AA 339 32.85 20.41 -9.39
N ALA BA 2 -2.74 28.50 -9.16
CA ALA BA 2 -1.93 29.41 -9.93
C ALA BA 2 -0.49 29.32 -9.48
N SER BA 3 0.45 29.68 -10.35
CA SER BA 3 1.86 29.59 -10.03
C SER BA 3 2.67 30.41 -11.02
N GLY BA 4 3.61 31.17 -10.49
CA GLY BA 4 4.47 32.00 -11.31
C GLY BA 4 5.50 31.18 -12.06
N GLY BA 5 6.32 31.86 -12.84
CA GLY BA 5 7.35 31.19 -13.60
C GLY BA 5 8.70 31.22 -12.93
N SER BA 6 9.72 31.64 -13.66
CA SER BA 6 11.06 31.75 -13.14
C SER BA 6 11.44 33.21 -12.93
N VAL BA 7 12.41 33.42 -12.07
CA VAL BA 7 12.93 34.75 -11.75
C VAL BA 7 14.44 34.70 -11.88
N ILE BA 8 15.03 35.77 -12.41
CA ILE BA 8 16.48 35.86 -12.40
C ILE BA 8 16.86 37.26 -11.93
N ALA BA 9 18.07 37.37 -11.38
CA ALA BA 9 18.49 38.65 -10.81
C ALA BA 9 20.00 38.69 -10.78
N ILE BA 10 20.54 39.88 -10.95
CA ILE BA 10 21.99 40.06 -11.05
C ILE BA 10 22.37 41.43 -10.52
N LYS BA 11 23.53 41.50 -9.86
CA LYS BA 11 24.07 42.75 -9.35
C LYS BA 11 25.06 43.33 -10.35
N TYR BA 12 24.92 44.60 -10.67
CA TYR BA 12 25.88 45.29 -11.51
C TYR BA 12 26.55 46.38 -10.69
N LYS BA 13 27.36 47.20 -11.35
CA LYS BA 13 28.11 48.24 -10.65
C LYS BA 13 27.15 49.35 -10.24
N GLY BA 14 26.59 49.21 -9.04
CA GLY BA 14 25.78 50.28 -8.49
C GLY BA 14 24.35 49.90 -8.16
N GLY BA 15 23.90 48.74 -8.60
CA GLY BA 15 22.51 48.39 -8.39
C GLY BA 15 22.23 46.94 -8.71
N VAL BA 16 20.94 46.62 -8.69
CA VAL BA 16 20.45 45.26 -8.88
C VAL BA 16 19.42 45.27 -10.01
N LEU BA 17 19.30 44.15 -10.70
CA LEU BA 17 18.29 43.98 -11.75
C LEU BA 17 17.59 42.64 -11.55
N MET BA 18 16.27 42.66 -11.51
CA MET BA 18 15.49 41.44 -11.34
C MET BA 18 14.46 41.34 -12.44
N ALA BA 19 14.55 40.29 -13.25
CA ALA BA 19 13.65 40.09 -14.37
C ALA BA 19 12.75 38.89 -14.11
N ALA BA 20 11.50 39.02 -14.54
CA ALA BA 20 10.49 37.99 -14.34
C ALA BA 20 9.43 38.11 -15.42
N ASP BA 21 8.92 36.98 -15.87
CA ASP BA 21 7.85 36.98 -16.86
C ASP BA 21 6.53 37.28 -16.19
N THR BA 22 5.63 37.93 -16.93
CA THR BA 22 4.36 38.37 -16.38
C THR BA 22 3.23 37.39 -16.74
N LEU BA 23 3.27 36.21 -16.14
CA LEU BA 23 2.32 35.17 -16.48
C LEU BA 23 2.06 34.29 -15.28
N LEU BA 24 0.80 33.92 -15.09
CA LEU BA 24 0.39 32.95 -14.08
C LEU BA 24 -0.30 31.78 -14.76
N SER BA 25 0.17 30.58 -14.46
CA SER BA 25 -0.29 29.34 -15.06
C SER BA 25 -1.10 28.55 -14.05
N TYR BA 26 -1.98 27.69 -14.58
CA TYR BA 26 -2.74 26.76 -13.77
C TYR BA 26 -2.38 25.37 -14.26
N GLY BA 27 -1.28 24.84 -13.77
CA GLY BA 27 -0.78 23.57 -14.27
C GLY BA 27 -0.09 23.75 -15.61
N SER BA 28 -0.74 23.29 -16.67
CA SER BA 28 -0.21 23.44 -18.02
C SER BA 28 -0.84 24.58 -18.79
N LEU BA 29 -1.92 25.16 -18.27
CA LEU BA 29 -2.65 26.20 -18.97
C LEU BA 29 -2.10 27.57 -18.61
N ALA BA 30 -1.75 28.36 -19.61
CA ALA BA 30 -1.35 29.75 -19.40
C ALA BA 30 -2.60 30.56 -19.11
N LYS BA 31 -2.86 30.82 -17.83
CA LYS BA 31 -4.13 31.44 -17.48
C LYS BA 31 -4.10 32.94 -17.69
N TRP BA 32 -3.24 33.65 -16.96
CA TRP BA 32 -3.26 35.11 -16.99
C TRP BA 32 -1.93 35.66 -17.45
N PRO BA 33 -1.82 36.18 -18.66
CA PRO BA 33 -0.54 36.66 -19.19
C PRO BA 33 -0.26 38.13 -18.96
N ASN BA 34 -1.03 38.84 -18.16
CA ASN BA 34 -0.87 40.28 -18.02
C ASN BA 34 -0.97 40.70 -16.58
N ILE BA 35 -0.34 39.99 -15.67
CA ILE BA 35 -0.37 40.34 -14.25
C ILE BA 35 1.06 40.65 -13.80
N PRO BA 36 1.25 41.56 -12.85
CA PRO BA 36 2.59 41.89 -12.39
C PRO BA 36 3.04 40.96 -11.27
N ARG BA 37 4.21 40.36 -11.45
CA ARG BA 37 4.72 39.44 -10.44
C ARG BA 37 5.77 40.08 -9.55
N ILE BA 38 6.33 41.21 -9.95
CA ILE BA 38 7.32 41.91 -9.13
C ILE BA 38 6.56 42.76 -8.13
N ARG BA 39 6.69 42.48 -6.84
CA ARG BA 39 6.20 43.42 -5.84
C ARG BA 39 7.37 44.21 -5.31
N LEU BA 40 7.09 45.34 -4.70
CA LEU BA 40 8.13 46.11 -4.06
C LEU BA 40 7.68 46.59 -2.68
N LEU BA 41 8.55 46.38 -1.70
CA LEU BA 41 8.23 46.53 -0.29
C LEU BA 41 8.99 47.74 0.25
N GLY BA 42 8.30 48.57 1.02
CA GLY BA 42 8.98 49.74 1.52
C GLY BA 42 9.41 50.64 0.39
N SER BA 43 10.48 51.40 0.63
CA SER BA 43 11.01 52.31 -0.37
C SER BA 43 12.44 51.99 -0.77
N HIS BA 44 12.90 50.76 -0.54
CA HIS BA 44 14.23 50.37 -0.94
C HIS BA 44 14.32 48.98 -1.55
N SER BA 45 13.29 48.14 -1.43
CA SER BA 45 13.45 46.73 -1.70
C SER BA 45 12.29 46.23 -2.56
N ALA BA 46 12.50 45.07 -3.16
CA ALA BA 46 11.54 44.45 -4.04
C ALA BA 46 11.68 42.94 -3.93
N VAL BA 47 10.62 42.22 -4.31
CA VAL BA 47 10.58 40.77 -4.16
C VAL BA 47 9.83 40.17 -5.34
N CYS BA 48 10.17 38.92 -5.65
CA CYS BA 48 9.47 38.18 -6.69
C CYS BA 48 9.56 36.69 -6.43
N ALA BA 49 8.44 35.99 -6.54
CA ALA BA 49 8.38 34.60 -6.10
C ALA BA 49 8.04 33.66 -7.25
N THR BA 50 8.52 32.44 -7.13
CA THR BA 50 8.28 31.36 -8.07
C THR BA 50 7.37 30.33 -7.40
N GLY BA 51 6.47 29.74 -8.17
CA GLY BA 51 5.60 28.74 -7.59
C GLY BA 51 4.28 29.35 -7.21
N SER BA 52 3.57 28.71 -6.28
CA SER BA 52 2.21 29.09 -5.93
C SER BA 52 2.11 30.59 -5.72
N TYR BA 53 1.00 31.17 -6.16
CA TYR BA 53 0.83 32.61 -6.07
C TYR BA 53 0.11 33.01 -4.80
N ALA BA 54 -0.78 32.17 -4.29
CA ALA BA 54 -1.46 32.49 -3.05
C ALA BA 54 -0.48 32.68 -1.92
N ASP BA 55 0.49 31.79 -1.80
CA ASP BA 55 1.45 31.87 -0.70
C ASP BA 55 2.30 33.12 -0.81
N PHE BA 56 2.78 33.44 -2.01
CA PHE BA 56 3.53 34.67 -2.19
C PHE BA 56 2.65 35.88 -1.93
N GLN BA 57 1.39 35.84 -2.37
CA GLN BA 57 0.48 36.96 -2.16
C GLN BA 57 0.21 37.22 -0.69
N MET BA 58 0.08 36.17 0.10
CA MET BA 58 -0.11 36.31 1.54
C MET BA 58 1.17 36.75 2.25
N MET BA 59 2.30 36.14 1.90
CA MET BA 59 3.54 36.47 2.59
C MET BA 59 3.99 37.88 2.30
N ALA BA 60 3.92 38.32 1.03
CA ALA BA 60 4.29 39.68 0.70
C ALA BA 60 3.36 40.69 1.36
N LYS BA 61 2.07 40.37 1.48
CA LYS BA 61 1.18 41.25 2.19
C LYS BA 61 1.53 41.33 3.67
N GLN BA 62 1.82 40.19 4.28
CA GLN BA 62 2.17 40.17 5.69
C GLN BA 62 3.49 40.87 5.99
N VAL BA 63 4.44 40.87 5.06
CA VAL BA 63 5.68 41.61 5.28
C VAL BA 63 5.62 43.03 4.75
N GLU BA 64 4.55 43.40 4.03
CA GLU BA 64 4.39 44.81 3.69
C GLU BA 64 3.56 45.54 4.74
N ASP BA 65 2.69 44.83 5.46
CA ASP BA 65 2.02 45.46 6.59
C ASP BA 65 3.01 45.78 7.70
N ASN BA 66 3.99 44.89 7.91
CA ASN BA 66 4.92 45.07 9.01
C ASN BA 66 5.82 46.27 8.79
N ILE BA 67 6.24 46.52 7.55
CA ILE BA 67 7.16 47.63 7.30
C ILE BA 67 6.47 48.96 7.54
N GLU BA 68 5.30 49.17 6.94
CA GLU BA 68 4.66 50.48 7.02
C GLU BA 68 4.19 50.79 8.43
N ARG BA 69 3.64 49.80 9.13
CA ARG BA 69 3.24 50.03 10.51
C ARG BA 69 4.42 50.45 11.37
N GLN BA 70 5.49 49.67 11.35
CA GLN BA 70 6.68 49.98 12.15
C GLN BA 70 7.13 51.42 11.92
N LYS BA 71 7.10 51.88 10.67
CA LYS BA 71 7.56 53.22 10.36
C LYS BA 71 6.56 54.28 10.75
N MET BA 72 5.27 53.97 10.69
CA MET BA 72 4.21 54.92 10.98
C MET BA 72 3.93 55.08 12.47
N TYR BA 73 3.93 53.97 13.21
CA TYR BA 73 3.67 54.05 14.64
C TYR BA 73 4.77 54.81 15.36
N HIS BA 74 5.99 54.32 15.30
CA HIS BA 74 7.13 54.91 15.98
C HIS BA 74 7.94 55.77 15.03
N ASN BA 75 8.65 56.74 15.61
CA ASN BA 75 9.58 57.58 14.85
C ASN BA 75 10.91 56.84 14.70
N VAL BA 76 10.93 55.92 13.74
CA VAL BA 76 12.11 55.13 13.45
C VAL BA 76 12.35 55.15 11.95
N ASP BA 77 13.57 54.81 11.56
CA ASP BA 77 13.91 54.65 10.16
C ASP BA 77 13.30 53.37 9.62
N GLU BA 78 12.93 53.39 8.35
CA GLU BA 78 12.37 52.19 7.75
C GLU BA 78 13.43 51.10 7.66
N LEU BA 79 12.96 49.85 7.71
CA LEU BA 79 13.85 48.70 7.73
C LEU BA 79 14.72 48.65 6.48
N SER BA 80 16.00 48.36 6.69
CA SER BA 80 16.94 48.14 5.60
C SER BA 80 16.55 46.88 4.82
N PRO BA 81 17.05 46.73 3.60
CA PRO BA 81 16.79 45.50 2.85
C PRO BA 81 17.12 44.23 3.61
N SER BA 82 18.32 44.14 4.18
CA SER BA 82 18.71 42.91 4.85
C SER BA 82 17.81 42.56 6.02
N GLU BA 83 17.26 43.54 6.72
CA GLU BA 83 16.41 43.24 7.85
C GLU BA 83 15.01 42.82 7.45
N VAL BA 84 14.42 43.45 6.45
CA VAL BA 84 13.14 42.95 5.98
C VAL BA 84 13.28 41.58 5.33
N PHE BA 85 14.42 41.30 4.70
CA PHE BA 85 14.62 39.95 4.21
C PHE BA 85 14.77 38.96 5.35
N SER BA 86 15.48 39.35 6.42
CA SER BA 86 15.59 38.48 7.59
C SER BA 86 14.22 38.15 8.15
N TYR BA 87 13.35 39.15 8.27
CA TYR BA 87 12.00 38.89 8.76
C TYR BA 87 11.24 37.97 7.82
N LEU BA 88 11.41 38.15 6.51
CA LEU BA 88 10.80 37.26 5.54
C LEU BA 88 11.24 35.82 5.75
N HIS BA 89 12.54 35.62 5.93
CA HIS BA 89 13.08 34.28 6.13
C HIS BA 89 12.58 33.65 7.41
N ARG BA 90 12.59 34.39 8.51
CA ARG BA 90 12.08 33.85 9.76
C ARG BA 90 10.61 33.48 9.66
N SER BA 91 9.80 34.28 8.98
CA SER BA 91 8.40 33.92 8.84
C SER BA 91 8.19 32.71 7.96
N ILE BA 92 8.96 32.58 6.88
CA ILE BA 92 8.84 31.37 6.07
C ILE BA 92 9.22 30.13 6.87
N TYR BA 93 10.33 30.20 7.61
CA TYR BA 93 10.71 29.05 8.43
C TYR BA 93 9.64 28.73 9.46
N GLN BA 94 9.05 29.75 10.08
CA GLN BA 94 8.04 29.49 11.09
C GLN BA 94 6.79 28.86 10.49
N LYS BA 95 6.41 29.27 9.27
CA LYS BA 95 5.31 28.59 8.61
C LYS BA 95 5.65 27.17 8.24
N ARG BA 96 6.92 26.88 7.95
CA ARG BA 96 7.30 25.51 7.60
C ARG BA 96 7.26 24.58 8.80
N CYS BA 97 7.64 25.04 9.98
CA CYS BA 97 7.59 24.20 11.18
C CYS BA 97 6.17 23.79 11.53
N ASP BA 98 5.17 24.53 11.08
CA ASP BA 98 3.77 24.21 11.34
C ASP BA 98 3.18 23.30 10.29
N PHE BA 99 4.01 22.68 9.45
CA PHE BA 99 3.56 21.94 8.28
C PHE BA 99 2.53 22.75 7.49
N ASP BA 100 2.81 24.04 7.37
CA ASP BA 100 1.94 24.94 6.63
C ASP BA 100 2.85 25.72 5.70
N PRO BA 101 3.50 25.05 4.76
CA PRO BA 101 4.61 25.65 4.04
C PRO BA 101 4.18 26.82 3.15
N CYS BA 102 5.10 27.73 2.94
CA CYS BA 102 4.91 28.87 2.04
C CYS BA 102 5.62 28.50 0.75
N LEU BA 103 4.93 27.73 -0.09
CA LEU BA 103 5.57 26.96 -1.15
C LEU BA 103 6.04 27.81 -2.31
N CYS BA 104 6.95 28.74 -2.06
CA CYS BA 104 7.41 29.60 -3.13
C CYS BA 104 8.83 30.08 -2.83
N GLN BA 105 9.71 29.90 -3.82
CA GLN BA 105 11.07 30.38 -3.76
C GLN BA 105 11.08 31.84 -4.17
N MET BA 106 11.57 32.70 -3.28
CA MET BA 106 11.56 34.13 -3.50
C MET BA 106 12.95 34.64 -3.81
N VAL BA 107 13.02 35.67 -4.63
CA VAL BA 107 14.22 36.44 -4.88
C VAL BA 107 13.96 37.85 -4.38
N PHE BA 108 14.89 38.37 -3.59
CA PHE BA 108 14.70 39.64 -2.89
C PHE BA 108 15.86 40.56 -3.24
N ILE BA 109 15.55 41.75 -3.73
CA ILE BA 109 16.58 42.72 -4.07
C ILE BA 109 16.34 43.98 -3.26
N GLY BA 110 17.38 44.79 -3.13
CA GLY BA 110 17.23 46.04 -2.42
C GLY BA 110 18.50 46.84 -2.46
N VAL BA 111 18.34 48.15 -2.38
CA VAL BA 111 19.48 49.06 -2.30
C VAL BA 111 19.15 50.14 -1.29
N ARG BA 112 20.09 50.40 -0.38
CA ARG BA 112 19.99 51.51 0.55
C ARG BA 112 21.36 52.16 0.62
N ASP BA 113 21.47 53.39 0.12
CA ASP BA 113 22.65 54.26 0.16
C ASP BA 113 23.98 53.51 0.04
N GLY BA 114 24.17 52.80 -1.06
CA GLY BA 114 25.43 52.11 -1.29
C GLY BA 114 25.48 50.62 -0.99
N GLU BA 115 25.00 50.20 0.17
CA GLU BA 115 25.01 48.77 0.47
C GLU BA 115 23.90 48.05 -0.28
N THR BA 116 24.24 47.53 -1.46
CA THR BA 116 23.31 46.81 -2.32
C THR BA 116 23.21 45.37 -1.88
N PHE BA 117 21.98 44.85 -1.86
CA PHE BA 117 21.67 43.57 -1.28
C PHE BA 117 20.83 42.74 -2.25
N LEU BA 118 21.20 41.49 -2.42
CA LEU BA 118 20.47 40.55 -3.27
C LEU BA 118 20.51 39.18 -2.63
N ALA BA 119 19.35 38.66 -2.24
CA ALA BA 119 19.29 37.39 -1.56
C ALA BA 119 18.18 36.56 -2.16
N GLY BA 120 18.16 35.30 -1.77
CA GLY BA 120 17.11 34.40 -2.19
C GLY BA 120 16.75 33.48 -1.06
N VAL BA 121 15.48 33.08 -1.01
CA VAL BA 121 15.02 32.20 0.04
C VAL BA 121 14.15 31.12 -0.57
N ASP BA 122 14.36 29.90 -0.12
CA ASP BA 122 13.53 28.79 -0.56
C ASP BA 122 12.25 28.79 0.26
N ASP BA 123 11.50 27.70 0.18
CA ASP BA 123 10.30 27.56 0.99
C ASP BA 123 10.52 26.68 2.21
N VAL BA 124 11.54 25.82 2.18
CA VAL BA 124 11.86 25.00 3.33
C VAL BA 124 12.61 25.81 4.39
N GLY BA 125 12.96 27.05 4.10
CA GLY BA 125 13.69 27.88 5.02
C GLY BA 125 15.10 28.21 4.60
N THR BA 126 15.64 27.56 3.59
CA THR BA 126 17.00 27.85 3.15
C THR BA 126 17.08 29.26 2.60
N ARG BA 127 18.15 29.97 2.96
CA ARG BA 127 18.39 31.31 2.45
C ARG BA 127 19.83 31.39 1.97
N TRP BA 128 20.07 32.20 0.95
CA TRP BA 128 21.42 32.42 0.46
C TRP BA 128 21.52 33.81 -0.14
N GLU BA 129 22.74 34.18 -0.51
CA GLU BA 129 23.04 35.48 -1.08
C GLU BA 129 24.21 35.33 -2.05
N ASP BA 130 24.12 35.98 -3.20
CA ASP BA 130 25.17 35.88 -4.22
C ASP BA 130 25.28 37.22 -4.95
N ASP BA 131 25.94 37.18 -6.10
CA ASP BA 131 25.89 38.23 -7.11
C ASP BA 131 24.98 37.87 -8.26
N CYS BA 132 24.26 36.75 -8.17
CA CYS BA 132 23.35 36.32 -9.21
C CYS BA 132 22.44 35.24 -8.63
N ILE BA 133 21.14 35.43 -8.74
CA ILE BA 133 20.17 34.52 -8.18
C ILE BA 133 19.20 34.14 -9.29
N ALA BA 134 18.57 32.98 -9.15
CA ALA BA 134 17.58 32.55 -10.11
C ALA BA 134 16.80 31.39 -9.53
N THR BA 135 15.49 31.42 -9.71
CA THR BA 135 14.61 30.41 -9.17
C THR BA 135 13.87 29.73 -10.29
N GLY BA 136 13.03 28.77 -9.92
CA GLY BA 136 12.31 28.02 -10.94
C GLY BA 136 13.30 27.27 -11.79
N TYR BA 137 13.06 27.28 -13.10
CA TYR BA 137 14.02 26.68 -14.03
C TYR BA 137 15.17 27.61 -14.36
N GLY BA 138 15.07 28.89 -14.01
CA GLY BA 138 16.19 29.79 -14.22
C GLY BA 138 17.44 29.40 -13.48
N ALA BA 139 17.31 28.54 -12.46
CA ALA BA 139 18.48 28.09 -11.72
C ALA BA 139 19.32 27.14 -12.53
N TYR BA 140 18.73 26.46 -13.50
CA TYR BA 140 19.44 25.53 -14.38
C TYR BA 140 19.82 26.15 -15.70
N ILE BA 141 18.88 26.83 -16.36
CA ILE BA 141 19.12 27.36 -17.69
C ILE BA 141 19.83 28.70 -17.59
N ALA BA 142 19.27 29.62 -16.81
CA ALA BA 142 19.78 30.98 -16.79
C ALA BA 142 21.04 31.13 -15.96
N LEU BA 143 21.05 30.54 -14.77
CA LEU BA 143 22.13 30.80 -13.81
C LEU BA 143 23.54 30.54 -14.34
N PRO BA 144 23.82 29.47 -15.09
CA PRO BA 144 25.16 29.31 -15.65
C PRO BA 144 25.63 30.47 -16.51
N LEU BA 145 24.73 31.01 -17.34
CA LEU BA 145 25.10 32.14 -18.17
C LEU BA 145 25.44 33.37 -17.34
N LEU BA 146 24.63 33.65 -16.32
CA LEU BA 146 24.95 34.77 -15.44
C LEU BA 146 26.27 34.57 -14.73
N ARG BA 147 26.54 33.34 -14.28
CA ARG BA 147 27.80 33.11 -13.59
C ARG BA 147 28.99 33.30 -14.50
N GLN BA 148 28.91 32.82 -15.74
CA GLN BA 148 30.03 33.07 -16.65
C GLN BA 148 30.16 34.54 -16.97
N ALA BA 149 29.05 35.26 -17.14
CA ALA BA 149 29.15 36.67 -17.46
C ALA BA 149 29.67 37.47 -16.27
N LEU BA 150 29.53 36.94 -15.07
CA LEU BA 150 30.15 37.55 -13.92
C LEU BA 150 31.65 37.30 -13.89
N GLU BA 151 32.06 36.05 -14.08
CA GLU BA 151 33.47 35.70 -13.91
C GLU BA 151 34.34 36.15 -15.09
N LYS BA 152 33.77 36.35 -16.28
CA LYS BA 152 34.54 36.89 -17.40
C LYS BA 152 35.00 38.31 -17.17
N ASN BA 153 34.48 38.99 -16.15
CA ASN BA 153 34.91 40.31 -15.74
C ASN BA 153 34.49 40.55 -14.30
N PRO BA 154 35.31 40.16 -13.33
CA PRO BA 154 34.91 40.24 -11.92
C PRO BA 154 34.96 41.64 -11.35
N ASP BA 155 35.41 42.64 -12.12
CA ASP BA 155 35.49 44.00 -11.61
C ASP BA 155 34.09 44.57 -11.36
N GLY BA 156 33.11 44.12 -12.12
CA GLY BA 156 31.74 44.57 -11.97
C GLY BA 156 31.21 44.93 -13.35
N LEU BA 157 30.03 44.42 -13.66
CA LEU BA 157 29.40 44.72 -14.94
C LEU BA 157 28.91 46.15 -14.95
N SER BA 158 28.62 46.66 -16.13
CA SER BA 158 27.93 47.93 -16.27
C SER BA 158 26.43 47.69 -16.29
N ARG BA 159 25.66 48.78 -16.30
CA ARG BA 159 24.21 48.64 -16.33
C ARG BA 159 23.74 48.12 -17.69
N GLY BA 160 24.24 48.72 -18.77
CA GLY BA 160 23.89 48.22 -20.09
C GLY BA 160 24.50 46.87 -20.37
N GLU BA 161 25.74 46.66 -19.93
CA GLU BA 161 26.41 45.39 -20.14
C GLU BA 161 25.79 44.26 -19.32
N ALA BA 162 25.01 44.59 -18.29
CA ALA BA 162 24.25 43.57 -17.57
C ALA BA 162 22.85 43.41 -18.09
N MET BA 163 22.21 44.49 -18.53
CA MET BA 163 20.92 44.36 -19.20
C MET BA 163 21.05 43.50 -20.46
N ARG BA 164 22.17 43.61 -21.16
CA ARG BA 164 22.40 42.75 -22.32
C ARG BA 164 22.31 41.28 -21.95
N ILE BA 165 23.04 40.87 -20.92
CA ILE BA 165 23.05 39.45 -20.57
C ILE BA 165 21.73 39.05 -19.95
N LEU BA 166 21.02 39.98 -19.30
CA LEU BA 166 19.68 39.63 -18.83
C LEU BA 166 18.76 39.32 -20.00
N THR BA 167 18.85 40.10 -21.07
CA THR BA 167 18.08 39.77 -22.27
C THR BA 167 18.52 38.44 -22.86
N ASP BA 168 19.83 38.19 -22.87
CA ASP BA 168 20.32 36.96 -23.48
C ASP BA 168 19.93 35.71 -22.70
N CYS BA 169 19.76 35.82 -21.38
CA CYS BA 169 19.25 34.70 -20.62
C CYS BA 169 17.73 34.59 -20.64
N LEU BA 170 17.02 35.71 -20.67
CA LEU BA 170 15.58 35.65 -20.83
C LEU BA 170 15.20 35.00 -22.14
N ARG BA 171 15.98 35.24 -23.18
CA ARG BA 171 15.72 34.60 -24.47
C ARG BA 171 15.78 33.08 -24.35
N VAL BA 172 16.83 32.56 -23.73
CA VAL BA 172 16.96 31.12 -23.60
C VAL BA 172 15.88 30.56 -22.69
N LEU BA 173 15.52 31.29 -21.63
CA LEU BA 173 14.44 30.84 -20.77
C LEU BA 173 13.14 30.72 -21.55
N PHE BA 174 12.91 31.65 -22.47
CA PHE BA 174 11.74 31.54 -23.32
C PHE BA 174 11.83 30.33 -24.23
N TYR BA 175 12.99 30.11 -24.85
CA TYR BA 175 13.17 28.97 -25.74
C TYR BA 175 12.86 27.66 -25.04
N ARG BA 176 13.47 27.43 -23.88
CA ARG BA 176 13.59 26.10 -23.30
C ARG BA 176 12.70 25.83 -22.11
N GLU BA 177 11.85 26.76 -21.71
CA GLU BA 177 10.91 26.51 -20.63
C GLU BA 177 9.50 26.44 -21.20
N CYS BA 178 8.79 25.36 -20.91
CA CYS BA 178 7.44 25.18 -21.44
C CYS BA 178 6.53 26.31 -20.98
N ARG BA 179 6.31 26.41 -19.67
CA ARG BA 179 5.34 27.36 -19.13
C ARG BA 179 5.99 28.73 -18.99
N ALA BA 180 6.17 29.39 -20.13
CA ALA BA 180 6.72 30.74 -20.17
C ALA BA 180 6.23 31.42 -21.45
N ILE BA 181 6.17 32.76 -21.40
CA ILE BA 181 5.77 33.56 -22.53
C ILE BA 181 6.77 34.69 -22.71
N ASN BA 182 6.69 35.34 -23.86
CA ASN BA 182 7.67 36.35 -24.25
C ASN BA 182 7.17 37.76 -23.91
N LYS BA 183 6.99 38.02 -22.62
CA LYS BA 183 6.66 39.36 -22.15
C LYS BA 183 7.14 39.51 -20.72
N PHE BA 184 8.31 40.12 -20.55
CA PHE BA 184 8.99 40.14 -19.26
C PHE BA 184 8.94 41.54 -18.65
N GLN BA 185 9.45 41.63 -17.42
CA GLN BA 185 9.57 42.88 -16.69
C GLN BA 185 10.88 42.89 -15.93
N VAL BA 186 11.52 44.05 -15.87
CA VAL BA 186 12.83 44.22 -15.25
C VAL BA 186 12.73 45.31 -14.19
N ALA BA 187 12.82 44.92 -12.93
CA ALA BA 187 12.87 45.87 -11.85
C ALA BA 187 14.31 46.22 -11.53
N ASP BA 188 14.65 47.50 -11.67
CA ASP BA 188 16.01 47.99 -11.53
C ASP BA 188 16.10 48.78 -10.22
N ALA BA 189 16.97 48.35 -9.32
CA ALA BA 189 17.09 48.98 -8.01
C ALA BA 189 18.44 49.69 -7.93
N ALA BA 190 18.40 51.02 -7.92
CA ALA BA 190 19.60 51.84 -7.73
C ALA BA 190 19.45 52.65 -6.46
N SER BA 191 20.36 53.61 -6.24
CA SER BA 191 20.38 54.32 -4.97
C SER BA 191 19.09 55.08 -4.71
N ASP BA 192 18.53 55.71 -5.75
CA ASP BA 192 17.26 56.42 -5.58
C ASP BA 192 16.17 55.46 -5.09
N GLY BA 193 16.08 54.29 -5.70
CA GLY BA 193 15.08 53.32 -5.30
C GLY BA 193 14.64 52.41 -6.42
N VAL BA 194 13.94 51.34 -6.07
CA VAL BA 194 13.49 50.35 -7.04
C VAL BA 194 12.60 51.02 -8.08
N ARG BA 195 12.69 50.55 -9.32
CA ARG BA 195 11.91 51.11 -10.42
C ARG BA 195 11.58 49.99 -11.39
N ILE BA 196 10.31 49.67 -11.51
CA ILE BA 196 9.88 48.59 -12.37
C ILE BA 196 9.66 49.13 -13.78
N SER BA 197 10.14 48.40 -14.77
CA SER BA 197 10.03 48.85 -16.15
C SER BA 197 8.72 48.37 -16.76
N GLU BA 198 8.37 48.99 -17.87
CA GLU BA 198 7.22 48.54 -18.63
C GLU BA 198 7.52 47.21 -19.28
N PRO BA 199 6.51 46.36 -19.48
CA PRO BA 199 6.76 45.08 -20.12
C PRO BA 199 7.44 45.27 -21.47
N PHE BA 200 8.39 44.39 -21.76
CA PHE BA 200 9.08 44.40 -23.03
C PHE BA 200 9.23 42.97 -23.52
N ASP BA 201 9.58 42.84 -24.79
CA ASP BA 201 9.74 41.54 -25.42
C ASP BA 201 11.14 41.44 -25.98
N VAL BA 202 11.74 40.27 -25.81
CA VAL BA 202 13.04 39.99 -26.38
C VAL BA 202 12.84 39.28 -27.70
N GLU BA 203 13.64 39.66 -28.69
CA GLU BA 203 13.52 39.11 -30.02
C GLU BA 203 14.09 37.69 -30.04
N THR BA 204 13.61 36.88 -30.97
CA THR BA 204 14.01 35.48 -31.06
C THR BA 204 14.51 35.16 -32.47
N HIS BA 205 14.90 33.90 -32.65
CA HIS BA 205 15.39 33.41 -33.93
C HIS BA 205 14.91 31.98 -34.11
N TRP BA 206 14.14 31.73 -35.17
CA TRP BA 206 13.61 30.41 -35.46
C TRP BA 206 13.90 30.00 -36.90
N GLU BA 207 14.93 30.57 -37.50
CA GLU BA 207 15.20 30.36 -38.92
C GLU BA 207 16.54 29.68 -39.18
N TYR BA 208 16.97 28.81 -38.27
CA TYR BA 208 18.11 27.96 -38.58
C TYR BA 208 17.79 27.12 -39.79
N GLU BA 209 18.80 26.78 -40.59
CA GLU BA 209 18.54 25.92 -41.73
C GLU BA 209 18.26 24.49 -41.30
N GLY BA 210 18.76 24.08 -40.15
CA GLY BA 210 18.57 22.73 -39.69
C GLY BA 210 17.18 22.40 -39.23
N TYR BA 211 16.28 23.37 -39.26
CA TYR BA 211 14.89 23.15 -38.87
C TYR BA 211 13.98 22.93 -40.08
N CYS BA 212 14.54 22.91 -41.28
CA CYS BA 212 13.75 22.77 -42.47
C CYS BA 212 12.96 21.45 -42.45
N PHE BA 213 11.83 21.46 -43.14
CA PHE BA 213 10.91 20.33 -43.09
C PHE BA 213 11.58 19.05 -43.55
N GLU BA 214 12.38 19.13 -44.61
CA GLU BA 214 12.99 17.92 -45.15
C GLU BA 214 14.00 17.31 -44.18
N LYS BA 215 14.76 18.15 -43.48
CA LYS BA 215 15.83 17.66 -42.62
C LYS BA 215 15.32 17.03 -41.34
N THR BA 216 14.37 17.66 -40.65
CA THR BA 216 13.85 17.14 -39.40
C THR BA 216 12.91 15.97 -39.61
N ALA BA 217 12.86 15.42 -40.81
CA ALA BA 217 11.89 14.40 -41.16
C ALA BA 217 12.38 13.02 -40.76
N ILE BA 218 11.50 12.26 -40.12
CA ILE BA 218 11.73 10.85 -39.83
C ILE BA 218 10.78 10.07 -40.72
N ILE BA 219 11.24 9.71 -41.91
CA ILE BA 219 10.35 9.15 -42.93
C ILE BA 219 10.02 7.70 -42.63
C1 N2E CA . -9.75 -25.12 9.58
C2 N2E CA . -8.55 -25.00 8.99
C11 N2E CA . -3.98 -28.62 9.66
C12 N2E CA . -2.73 -29.19 9.45
C13 N2E CA . -2.13 -29.04 8.20
C14 N2E CA . -2.76 -28.32 7.20
C15 N2E CA . -4.02 -27.75 7.43
C18 N2E CA . -2.10 -29.65 11.77
C19 N2E CA . -1.33 -30.52 12.69
C21 N2E CA . -1.29 -30.42 14.02
C23 N2E CA . -0.02 -32.08 13.22
C25 N2E CA . 0.90 -33.24 13.07
C26 N2E CA . -1.93 -29.54 15.05
C27 N2E CA . -10.76 -24.01 9.47
C29 N2E CA . -12.90 -23.44 8.69
C30 N2E CA . -12.75 -22.14 9.14
C10 N2E CA . -4.62 -27.89 8.67
C31 N2E CA . -11.57 -21.78 9.77
C32 N2E CA . -10.54 -22.70 9.95
C33 N2E CA . -9.26 -22.25 10.64
C5 N2E CA . -5.96 -27.29 8.95
C7 N2E CA . -7.97 -27.06 9.72
C9 N2E CA . -10.10 -26.34 10.32
F16 N2E CA . -4.63 -27.06 6.48
N17 N2E CA . -2.06 -29.93 10.46
N22 N2E CA . -0.40 -31.51 14.27
N28 N2E CA . -11.91 -24.33 8.87
N3 N2E CA . -7.69 -25.97 9.09
N4 N2E CA . -6.42 -26.15 8.62
N6 N2E CA . -7.02 -27.87 9.68
N8 N2E CA . -9.23 -27.25 10.35
O20 N2E CA . -2.74 -28.73 12.24
O24 N2E CA . -0.58 -31.49 12.16
C1 N2E DA . 22.25 -2.47 17.84
C2 N2E DA . 20.98 -2.38 18.27
C11 N2E DA . 18.88 -4.42 23.34
C12 N2E DA . 17.98 -4.64 24.39
C13 N2E DA . 16.96 -3.73 24.61
C14 N2E DA . 16.83 -2.61 23.78
C15 N2E DA . 17.73 -2.41 22.73
C18 N2E DA . 18.50 -7.00 24.86
C19 N2E DA . 18.53 -8.06 25.86
C21 N2E DA . 18.96 -9.32 25.68
C23 N2E DA . 18.27 -8.93 27.78
C25 N2E DA . 17.90 -9.04 29.22
C26 N2E DA . 19.50 -10.10 24.54
C27 N2E DA . 22.60 -2.07 16.43
C29 N2E DA . 23.89 -0.60 15.13
C30 N2E DA . 23.40 -1.17 13.95
C10 N2E DA . 18.75 -3.32 22.52
C31 N2E DA . 22.49 -2.21 14.04
C32 N2E DA . 22.07 -2.69 15.29
C33 N2E DA . 21.07 -3.84 15.33
C5 N2E DA . 19.73 -3.12 21.40
C7 N2E DA . 21.60 -3.11 20.32
C9 N2E DA . 23.32 -2.93 18.75
F16 N2E DA . 17.61 -1.35 21.94
N17 N2E DA . 18.09 -5.78 25.25
N22 N2E DA . 18.73 -9.80 27.00
N28 N2E DA . 23.48 -1.07 16.31
N3 N2E DA . 20.70 -2.71 19.48
N4 N2E DA . 19.54 -2.74 20.20
N6 N2E DA . 21.13 -3.37 21.43
N8 N2E DA . 22.97 -3.22 19.92
O20 N2E DA . 18.82 -7.27 23.72
O24 N2E DA . 18.11 -7.78 27.11
#